data_8VS8
#
_entry.id   8VS8
#
_cell.length_a   95.069
_cell.length_b   149.981
_cell.length_c   164.430
_cell.angle_alpha   83.98
_cell.angle_beta   89.90
_cell.angle_gamma   74.61
#
_symmetry.space_group_name_H-M   'P 1'
#
loop_
_entity.id
_entity.type
_entity.pdbx_description
1 polymer 'ADI-19425 Heavy Chain'
2 polymer 'ADI-19425 Light Chain'
3 polymer '1D3 Light Chain'
4 polymer '1D3 Heavy Chain'
5 water water
#
loop_
_entity_poly.entity_id
_entity_poly.type
_entity_poly.pdbx_seq_one_letter_code
_entity_poly.pdbx_strand_id
1 'polypeptide(L)'
;EVQLVESGGGLVKPGGSLRLSCAASGFTFSSYSMNWVRQAPGKGLEWVSSISSSSSYIYYADSVKGRFTISRDNAKNSLY
LQMNSLRAEDTAVYYCARLGYCSGGSCHFDYWGQGTLVTVSSASTKGPSVFPLAPSSKSTSGGTAALGCLVKDYFPEPVT
VSWNSGALTSGVHTFPAVLQSSGLYSLSSVVTVPSSSLGTQTYICNVNHKPSNTKVDKRVEPKSCDK
;
A,E,I,M,Q,U,Y,c
2 'polypeptide(L)'
;(PCA)PVLTQPPSVSGAPGQRVTISCTGSSSNIGAGYDVHWYQQLPGTAPKLLIYGNSNRPSGVPDRFSGSKSGTSASLA
ITGLQAEDEADYYCQSYDSSLSGFYVFGTGTKLTVLGQPKAAPSVTLFPPSSEELQANKATLVCLISDFYPGAVTVAWKA
DSSPVKAGVETTTPSKQSNNKYAASSYLSLTPEQWKSHRSYSCQVTHEGSTVEKTVAPTECS
;
B,F,J,N,R,V,Z,d
3 'polypeptide(L)'
;DILLTQSPAILSVSPGERVSFSCRASQNIDTHIHWYQQRTNGSPRLLIKYASESISGIPSRFSGSGSGTDFTLTINSVES
EDIADYYCQQSNSWPFTFGSGTKLEIKRTVAAPSVFIFPPSDEQLKSGTASVVCLLNNFYPREAKVQWKVDNALQSGNSQ
ESVTEQDSKDSTYSLSSTLTLSKADYEKHKVYACEVTHQGLSSPVTKSFNRGEC
;
C,G,K,O,S,W,a,e
4 'polypeptide(L)'
;(PCA)VQIQQSGAELMRPGASVKLSCKATGYTFTGYWIEWVKQRPGHGLEWIGEILSGRGTTNYNEKFKGKATFTADTYS
NTAYMQLSSLTTGDSAIYYCARGGFLYGDGPFDYWGQGTTLTVSSASTKGPSVFPLAPSSKSTSGGTAALGCLVKDYFPE
PVTVSWNSGALTSGVHTFPAVLQSSGLYSLSSVVTVPSSSLGTQTYICNVNHKPSNTKVDKRVEPKSCDK
;
D,H,L,P,T,X,b,f
#
# COMPACT_ATOMS: atom_id res chain seq x y z
N GLU A 1 -26.15 4.82 -6.43
CA GLU A 1 -24.73 4.55 -6.21
C GLU A 1 -24.54 3.27 -5.41
N VAL A 2 -23.29 2.81 -5.34
CA VAL A 2 -22.98 1.60 -4.58
C VAL A 2 -23.25 1.84 -3.09
N GLN A 3 -23.89 0.86 -2.46
CA GLN A 3 -24.28 0.98 -1.06
C GLN A 3 -24.14 -0.37 -0.37
N LEU A 4 -23.45 -0.39 0.77
CA LEU A 4 -23.31 -1.58 1.60
C LEU A 4 -23.61 -1.19 3.04
N VAL A 5 -24.60 -1.83 3.65
CA VAL A 5 -25.02 -1.51 5.02
C VAL A 5 -24.90 -2.79 5.85
N GLU A 6 -23.92 -2.82 6.74
CA GLU A 6 -23.72 -3.94 7.64
C GLU A 6 -24.60 -3.81 8.87
N SER A 7 -24.98 -4.95 9.43
CA SER A 7 -25.81 -4.98 10.63
C SER A 7 -25.63 -6.33 11.30
N GLY A 8 -26.13 -6.43 12.54
CA GLY A 8 -26.07 -7.66 13.30
C GLY A 8 -25.01 -7.68 14.38
N GLY A 9 -24.20 -6.65 14.49
CA GLY A 9 -23.21 -6.58 15.54
C GLY A 9 -23.85 -6.30 16.90
N GLY A 10 -23.00 -6.21 17.90
CA GLY A 10 -23.46 -5.90 19.23
C GLY A 10 -22.48 -6.38 20.28
N LEU A 11 -22.96 -6.41 21.52
CA LEU A 11 -22.17 -6.86 22.65
C LEU A 11 -22.42 -8.34 22.89
N VAL A 12 -21.33 -9.08 23.12
CA VAL A 12 -21.39 -10.52 23.31
C VAL A 12 -20.32 -10.92 24.30
N LYS A 13 -20.51 -12.06 24.91
CA LYS A 13 -19.65 -12.64 25.93
C LYS A 13 -18.68 -13.65 25.30
N PRO A 14 -17.45 -13.73 25.84
CA PRO A 14 -16.44 -14.65 25.26
C PRO A 14 -16.94 -16.08 25.11
N GLY A 15 -17.14 -16.50 23.87
CA GLY A 15 -17.72 -17.79 23.55
C GLY A 15 -19.08 -17.72 22.89
N GLY A 16 -19.63 -16.52 22.69
CA GLY A 16 -20.94 -16.36 22.10
C GLY A 16 -20.89 -16.30 20.58
N SER A 17 -22.06 -16.11 20.00
CA SER A 17 -22.22 -16.11 18.56
C SER A 17 -22.92 -14.83 18.10
N LEU A 18 -22.51 -14.34 16.93
CA LEU A 18 -23.21 -13.28 16.22
C LEU A 18 -23.33 -13.68 14.76
N ARG A 19 -24.24 -13.02 14.05
CA ARG A 19 -24.40 -13.26 12.61
C ARG A 19 -24.55 -11.91 11.92
N LEU A 20 -23.53 -11.52 11.16
CA LEU A 20 -23.57 -10.25 10.46
C LEU A 20 -24.28 -10.38 9.13
N SER A 21 -24.91 -9.29 8.70
CA SER A 21 -25.57 -9.22 7.41
C SER A 21 -25.12 -7.94 6.72
N CYS A 22 -24.79 -8.05 5.43
CA CYS A 22 -24.41 -6.92 4.62
C CYS A 22 -25.46 -6.76 3.52
N ALA A 23 -26.13 -5.61 3.50
CA ALA A 23 -27.17 -5.33 2.51
C ALA A 23 -26.56 -4.50 1.40
N ALA A 24 -26.56 -5.05 0.18
CA ALA A 24 -25.96 -4.38 -0.97
C ALA A 24 -27.04 -3.78 -1.85
N SER A 25 -26.65 -2.73 -2.57
CA SER A 25 -27.54 -2.07 -3.52
C SER A 25 -26.71 -1.17 -4.42
N GLY A 26 -27.26 -0.83 -5.58
CA GLY A 26 -26.61 0.06 -6.50
C GLY A 26 -25.68 -0.60 -7.48
N PHE A 27 -25.58 -1.92 -7.49
CA PHE A 27 -24.72 -2.63 -8.42
C PHE A 27 -25.24 -4.05 -8.57
N THR A 28 -24.79 -4.72 -9.63
CA THR A 28 -25.14 -6.12 -9.86
C THR A 28 -24.41 -6.97 -8.85
N PHE A 29 -25.11 -7.34 -7.77
CA PHE A 29 -24.46 -7.98 -6.63
C PHE A 29 -23.86 -9.33 -7.01
N SER A 30 -24.58 -10.11 -7.82
CA SER A 30 -24.16 -11.47 -8.13
C SER A 30 -22.90 -11.53 -8.98
N SER A 31 -22.42 -10.39 -9.50
CA SER A 31 -21.26 -10.36 -10.38
C SER A 31 -19.98 -9.93 -9.69
N TYR A 32 -19.97 -9.89 -8.35
CA TYR A 32 -18.80 -9.44 -7.61
C TYR A 32 -18.50 -10.40 -6.47
N SER A 33 -17.22 -10.49 -6.11
CA SER A 33 -16.79 -11.19 -4.92
C SER A 33 -16.84 -10.24 -3.73
N MET A 34 -17.30 -10.75 -2.59
CA MET A 34 -17.42 -9.95 -1.38
C MET A 34 -16.38 -10.39 -0.36
N ASN A 35 -16.07 -9.47 0.56
CA ASN A 35 -15.08 -9.71 1.60
C ASN A 35 -15.56 -9.09 2.90
N TRP A 36 -14.97 -9.56 3.99
CA TRP A 36 -15.14 -8.97 5.31
C TRP A 36 -13.77 -8.51 5.80
N VAL A 37 -13.69 -7.25 6.24
CA VAL A 37 -12.47 -6.68 6.81
C VAL A 37 -12.83 -6.04 8.13
N ARG A 38 -12.02 -6.29 9.15
CA ARG A 38 -12.30 -5.79 10.50
C ARG A 38 -11.19 -4.87 10.96
N GLN A 39 -11.55 -3.96 11.88
CA GLN A 39 -10.63 -2.98 12.42
C GLN A 39 -10.85 -2.88 13.93
N ALA A 40 -9.90 -3.39 14.71
CA ALA A 40 -9.98 -3.29 16.14
C ALA A 40 -9.82 -1.82 16.57
N PRO A 41 -10.47 -1.42 17.67
CA PRO A 41 -10.44 -0.01 18.09
C PRO A 41 -9.04 0.55 18.21
N GLY A 42 -8.77 1.62 17.47
CA GLY A 42 -7.46 2.24 17.46
C GLY A 42 -6.37 1.44 16.79
N LYS A 43 -6.72 0.43 16.00
CA LYS A 43 -5.76 -0.43 15.33
C LYS A 43 -6.01 -0.40 13.82
N GLY A 44 -5.34 -1.30 13.09
CA GLY A 44 -5.39 -1.32 11.65
C GLY A 44 -6.47 -2.23 11.11
N LEU A 45 -6.36 -2.51 9.81
CA LEU A 45 -7.34 -3.32 9.09
C LEU A 45 -6.84 -4.75 8.95
N GLU A 46 -7.76 -5.71 9.09
CA GLU A 46 -7.44 -7.13 8.97
C GLU A 46 -8.50 -7.79 8.09
N TRP A 47 -8.05 -8.45 7.02
CA TRP A 47 -8.96 -9.20 6.17
C TRP A 47 -9.42 -10.46 6.90
N VAL A 48 -10.72 -10.70 6.88
CA VAL A 48 -11.32 -11.82 7.63
C VAL A 48 -11.71 -12.96 6.70
N SER A 49 -12.63 -12.72 5.78
CA SER A 49 -13.13 -13.77 4.89
C SER A 49 -13.44 -13.17 3.53
N SER A 50 -13.60 -14.05 2.55
CA SER A 50 -13.93 -13.67 1.18
C SER A 50 -14.73 -14.79 0.53
N ILE A 51 -15.65 -14.42 -0.35
CA ILE A 51 -16.52 -15.38 -1.01
C ILE A 51 -16.70 -14.96 -2.47
N SER A 52 -16.64 -15.93 -3.37
CA SER A 52 -16.72 -15.66 -4.79
C SER A 52 -18.15 -15.34 -5.19
N SER A 53 -18.33 -15.03 -6.48
CA SER A 53 -19.65 -14.63 -6.97
C SER A 53 -20.65 -15.78 -6.96
N SER A 54 -20.18 -17.00 -7.19
CA SER A 54 -21.05 -18.18 -7.17
C SER A 54 -20.98 -18.94 -5.86
N SER A 55 -20.21 -18.45 -4.89
CA SER A 55 -20.02 -19.01 -3.54
C SER A 55 -19.22 -20.31 -3.55
N SER A 56 -18.77 -20.80 -4.71
CA SER A 56 -18.02 -22.03 -4.77
C SER A 56 -16.58 -21.89 -4.27
N TYR A 57 -16.09 -20.66 -4.11
CA TYR A 57 -14.72 -20.40 -3.68
C TYR A 57 -14.76 -19.51 -2.47
N ILE A 58 -14.25 -20.02 -1.34
CA ILE A 58 -14.36 -19.34 -0.06
C ILE A 58 -13.01 -19.42 0.65
N TYR A 59 -12.60 -18.29 1.24
CA TYR A 59 -11.33 -18.19 1.96
C TYR A 59 -11.56 -17.57 3.32
N TYR A 60 -10.69 -17.91 4.27
CA TYR A 60 -10.71 -17.33 5.60
C TYR A 60 -9.29 -16.95 6.01
N ALA A 61 -9.20 -16.05 6.97
CA ALA A 61 -7.95 -15.82 7.65
C ALA A 61 -7.67 -16.96 8.63
N ASP A 62 -6.40 -17.23 8.88
CA ASP A 62 -6.03 -18.38 9.70
C ASP A 62 -6.55 -18.24 11.13
N SER A 63 -6.77 -17.02 11.60
CA SER A 63 -7.19 -16.81 12.98
C SER A 63 -8.68 -17.07 13.19
N VAL A 64 -9.49 -17.00 12.13
CA VAL A 64 -10.92 -17.23 12.22
C VAL A 64 -11.36 -18.44 11.40
N LYS A 65 -10.41 -19.21 10.88
CA LYS A 65 -10.73 -20.25 9.91
C LYS A 65 -11.66 -21.31 10.50
N GLY A 66 -11.43 -21.68 11.76
CA GLY A 66 -12.22 -22.73 12.38
C GLY A 66 -13.52 -22.31 13.02
N ARG A 67 -13.76 -21.02 13.17
CA ARG A 67 -14.95 -20.53 13.84
C ARG A 67 -15.91 -19.77 12.94
N PHE A 68 -15.45 -19.26 11.80
CA PHE A 68 -16.22 -18.35 10.98
C PHE A 68 -16.74 -19.04 9.73
N THR A 69 -17.90 -18.61 9.27
CA THR A 69 -18.51 -19.14 8.05
C THR A 69 -19.11 -17.99 7.25
N ILE A 70 -18.58 -17.75 6.05
CA ILE A 70 -19.08 -16.72 5.15
C ILE A 70 -20.10 -17.34 4.21
N SER A 71 -21.11 -16.56 3.84
CA SER A 71 -22.14 -17.02 2.91
C SER A 71 -22.79 -15.80 2.28
N ARG A 72 -23.53 -16.04 1.20
CA ARG A 72 -24.18 -14.97 0.46
C ARG A 72 -25.47 -15.50 -0.16
N ASP A 73 -26.42 -14.60 -0.39
CA ASP A 73 -27.68 -14.91 -1.05
C ASP A 73 -27.89 -13.86 -2.14
N ASN A 74 -27.59 -14.23 -3.39
CA ASN A 74 -27.68 -13.27 -4.49
C ASN A 74 -29.11 -12.80 -4.72
N ALA A 75 -30.10 -13.65 -4.42
CA ALA A 75 -31.50 -13.22 -4.58
C ALA A 75 -31.89 -12.17 -3.55
N LYS A 76 -31.27 -12.20 -2.37
CA LYS A 76 -31.51 -11.21 -1.33
C LYS A 76 -30.46 -10.10 -1.32
N ASN A 77 -29.47 -10.16 -2.21
CA ASN A 77 -28.40 -9.16 -2.28
C ASN A 77 -27.68 -9.02 -0.94
N SER A 78 -27.55 -10.13 -0.21
CA SER A 78 -27.04 -10.11 1.15
C SER A 78 -25.78 -10.96 1.27
N LEU A 79 -24.88 -10.52 2.15
CA LEU A 79 -23.68 -11.25 2.51
C LEU A 79 -23.71 -11.49 4.02
N TYR A 80 -23.29 -12.69 4.43
CA TYR A 80 -23.41 -13.09 5.82
C TYR A 80 -22.05 -13.52 6.38
N LEU A 81 -21.90 -13.40 7.68
CA LEU A 81 -20.69 -13.82 8.38
C LEU A 81 -21.10 -14.42 9.72
N GLN A 82 -20.94 -15.73 9.86
CA GLN A 82 -21.22 -16.43 11.11
C GLN A 82 -19.96 -16.52 11.94
N MET A 83 -20.02 -16.08 13.19
CA MET A 83 -18.89 -16.15 14.10
C MET A 83 -19.32 -16.87 15.37
N ASN A 84 -18.59 -17.93 15.72
CA ASN A 84 -18.78 -18.67 16.95
C ASN A 84 -17.52 -18.59 17.78
N SER A 85 -17.66 -18.91 19.07
CA SER A 85 -16.52 -18.96 20.00
C SER A 85 -15.71 -17.67 19.95
N LEU A 86 -16.42 -16.55 20.05
CA LEU A 86 -15.77 -15.24 19.94
C LEU A 86 -14.83 -14.99 21.11
N ARG A 87 -13.61 -14.55 20.81
CA ARG A 87 -12.64 -14.16 21.82
C ARG A 87 -12.62 -12.64 21.95
N ALA A 88 -11.80 -12.16 22.88
CA ALA A 88 -11.69 -10.72 23.11
C ALA A 88 -11.05 -10.02 21.91
N GLU A 89 -10.07 -10.67 21.27
CA GLU A 89 -9.40 -10.07 20.13
C GLU A 89 -10.24 -10.05 18.87
N ASP A 90 -11.49 -10.53 18.92
CA ASP A 90 -12.42 -10.37 17.82
C ASP A 90 -13.21 -9.08 17.91
N THR A 91 -12.98 -8.27 18.95
CA THR A 91 -13.61 -6.97 19.08
C THR A 91 -13.08 -6.06 17.98
N ALA A 92 -13.97 -5.60 17.10
CA ALA A 92 -13.57 -4.76 15.98
C ALA A 92 -14.84 -4.24 15.30
N VAL A 93 -14.64 -3.24 14.44
CA VAL A 93 -15.65 -2.83 13.48
C VAL A 93 -15.49 -3.72 12.25
N TYR A 94 -16.54 -4.43 11.87
CA TYR A 94 -16.50 -5.35 10.74
C TYR A 94 -17.07 -4.64 9.51
N TYR A 95 -16.25 -4.51 8.48
CA TYR A 95 -16.62 -3.81 7.27
C TYR A 95 -17.00 -4.79 6.16
N CYS A 96 -18.01 -4.41 5.39
CA CYS A 96 -18.35 -5.08 4.15
C CYS A 96 -17.58 -4.41 3.01
N ALA A 97 -16.85 -5.19 2.22
CA ALA A 97 -15.99 -4.64 1.18
C ALA A 97 -16.19 -5.42 -0.11
N ARG A 98 -16.51 -4.70 -1.18
CA ARG A 98 -16.65 -5.30 -2.50
C ARG A 98 -15.29 -5.40 -3.17
N LEU A 99 -15.05 -6.53 -3.84
CA LEU A 99 -13.83 -6.74 -4.61
C LEU A 99 -14.05 -6.16 -6.00
N GLY A 100 -13.34 -5.06 -6.29
CA GLY A 100 -13.51 -4.40 -7.57
C GLY A 100 -12.82 -5.12 -8.71
N TYR A 101 -13.21 -4.73 -9.93
CA TYR A 101 -12.59 -5.26 -11.13
C TYR A 101 -11.22 -4.62 -11.35
N CYS A 102 -10.24 -5.44 -11.73
CA CYS A 102 -8.92 -4.95 -12.07
C CYS A 102 -8.32 -5.87 -13.13
N SER A 103 -7.19 -5.44 -13.69
CA SER A 103 -6.52 -6.23 -14.73
C SER A 103 -5.94 -7.50 -14.14
N GLY A 104 -4.91 -7.37 -13.31
CA GLY A 104 -4.30 -8.52 -12.68
C GLY A 104 -3.48 -8.10 -11.47
N GLY A 105 -2.82 -9.09 -10.87
CA GLY A 105 -2.00 -8.84 -9.70
C GLY A 105 -2.77 -8.56 -8.43
N SER A 106 -3.89 -9.26 -8.23
CA SER A 106 -4.77 -9.10 -7.07
C SER A 106 -5.45 -7.74 -7.08
N CYS A 107 -6.77 -7.73 -7.01
CA CYS A 107 -7.54 -6.50 -7.13
C CYS A 107 -7.72 -5.82 -5.77
N HIS A 108 -8.36 -4.66 -5.81
CA HIS A 108 -8.55 -3.81 -4.65
C HIS A 108 -9.97 -3.95 -4.11
N PHE A 109 -10.21 -3.35 -2.95
CA PHE A 109 -11.55 -3.26 -2.35
C PHE A 109 -12.11 -1.89 -2.72
N ASP A 110 -13.00 -1.85 -3.71
CA ASP A 110 -13.39 -0.58 -4.31
C ASP A 110 -14.46 0.15 -3.52
N TYR A 111 -15.30 -0.56 -2.78
CA TYR A 111 -16.37 0.07 -2.00
C TYR A 111 -16.50 -0.61 -0.66
N TRP A 112 -16.69 0.19 0.39
CA TRP A 112 -16.80 -0.29 1.75
C TRP A 112 -18.10 0.18 2.38
N GLY A 113 -18.71 -0.67 3.21
CA GLY A 113 -19.81 -0.24 4.04
C GLY A 113 -19.32 0.56 5.23
N GLN A 114 -20.26 1.17 5.95
CA GLN A 114 -19.90 2.02 7.07
C GLN A 114 -19.48 1.24 8.32
N GLY A 115 -19.83 -0.04 8.40
CA GLY A 115 -19.33 -0.88 9.46
C GLY A 115 -20.38 -1.19 10.50
N THR A 116 -20.19 -2.31 11.19
CA THR A 116 -21.02 -2.70 12.33
C THR A 116 -20.11 -3.11 13.48
N LEU A 117 -20.41 -2.60 14.67
CA LEU A 117 -19.52 -2.79 15.81
C LEU A 117 -19.77 -4.14 16.48
N VAL A 118 -18.69 -4.77 16.92
CA VAL A 118 -18.74 -6.05 17.61
C VAL A 118 -17.82 -5.96 18.82
N THR A 119 -18.39 -6.17 20.01
CA THR A 119 -17.64 -6.08 21.26
C THR A 119 -17.75 -7.40 22.01
N VAL A 120 -16.60 -7.96 22.38
CA VAL A 120 -16.51 -9.21 23.14
C VAL A 120 -15.69 -8.89 24.38
N SER A 121 -16.36 -8.75 25.53
CA SER A 121 -15.67 -8.22 26.71
C SER A 121 -15.92 -8.99 27.99
N SER A 122 -17.09 -9.63 28.11
CA SER A 122 -17.59 -10.13 29.40
C SER A 122 -17.69 -8.92 30.34
N ALA A 123 -17.43 -9.14 31.63
CA ALA A 123 -17.34 -8.07 32.62
C ALA A 123 -18.65 -7.29 32.75
N SER A 124 -19.35 -7.46 33.87
CA SER A 124 -20.62 -6.79 34.09
C SER A 124 -20.39 -5.38 34.62
N THR A 125 -21.50 -4.68 34.89
CA THR A 125 -21.43 -3.33 35.44
C THR A 125 -20.69 -3.35 36.77
N LYS A 126 -19.79 -2.38 36.96
CA LYS A 126 -18.93 -2.35 38.14
C LYS A 126 -18.64 -0.90 38.50
N GLY A 127 -18.65 -0.61 39.79
CA GLY A 127 -18.43 0.73 40.28
C GLY A 127 -16.97 1.12 40.34
N PRO A 128 -16.67 2.38 40.05
CA PRO A 128 -15.27 2.81 39.97
C PRO A 128 -14.63 2.92 41.35
N SER A 129 -13.37 2.51 41.42
CA SER A 129 -12.55 2.67 42.62
C SER A 129 -11.68 3.90 42.45
N VAL A 130 -11.73 4.81 43.42
CA VAL A 130 -11.11 6.12 43.30
C VAL A 130 -9.97 6.22 44.31
N PHE A 131 -8.80 6.62 43.82
CA PHE A 131 -7.62 6.84 44.63
C PHE A 131 -7.05 8.22 44.34
N PRO A 132 -6.40 8.86 45.33
CA PRO A 132 -5.93 10.22 45.11
C PRO A 132 -4.48 10.30 44.64
N LEU A 133 -4.24 11.05 43.56
CA LEU A 133 -2.88 11.31 43.10
C LEU A 133 -2.36 12.53 43.86
N ALA A 134 -1.41 12.29 44.75
CA ALA A 134 -0.89 13.33 45.63
C ALA A 134 0.15 14.18 44.91
N PRO A 135 0.17 15.50 45.16
CA PRO A 135 1.14 16.42 44.58
C PRO A 135 2.56 16.19 45.08
N THR A 144 3.52 26.09 40.28
CA THR A 144 2.24 25.38 40.34
C THR A 144 2.45 23.87 40.28
N ALA A 145 1.82 23.15 41.21
CA ALA A 145 1.92 21.70 41.27
C ALA A 145 0.71 21.06 40.61
N ALA A 146 0.76 19.73 40.48
CA ALA A 146 -0.28 18.96 39.82
C ALA A 146 -0.80 17.89 40.77
N LEU A 147 -2.13 17.80 40.89
CA LEU A 147 -2.78 16.81 41.73
C LEU A 147 -4.07 16.36 41.05
N GLY A 148 -4.46 15.12 41.30
CA GLY A 148 -5.62 14.58 40.63
C GLY A 148 -6.20 13.37 41.33
N CYS A 149 -7.16 12.74 40.66
CA CYS A 149 -7.85 11.56 41.16
C CYS A 149 -7.81 10.46 40.12
N LEU A 150 -7.69 9.21 40.59
CA LEU A 150 -7.57 8.04 39.73
C LEU A 150 -8.85 7.22 39.82
N VAL A 151 -9.49 7.01 38.68
CA VAL A 151 -10.72 6.24 38.58
C VAL A 151 -10.34 4.85 38.08
N LYS A 152 -10.35 3.88 38.99
CA LYS A 152 -9.77 2.56 38.74
C LYS A 152 -10.87 1.51 38.56
N ASP A 153 -10.78 0.77 37.46
CA ASP A 153 -11.58 -0.44 37.22
C ASP A 153 -13.08 -0.22 37.35
N TYR A 154 -13.72 0.26 36.28
CA TYR A 154 -15.17 0.44 36.25
C TYR A 154 -15.70 -0.11 34.93
N PHE A 155 -17.02 -0.05 34.77
CA PHE A 155 -17.73 -0.60 33.62
C PHE A 155 -19.19 -0.14 33.69
N PRO A 156 -19.70 0.54 32.65
CA PRO A 156 -19.01 1.02 31.44
C PRO A 156 -18.76 2.53 31.42
N GLU A 157 -18.45 3.09 30.25
CA GLU A 157 -18.47 4.55 30.10
C GLU A 157 -19.92 5.03 30.16
N PRO A 158 -20.14 6.29 30.55
CA PRO A 158 -19.10 7.26 30.89
C PRO A 158 -18.93 7.49 32.39
N VAL A 159 -17.74 7.94 32.78
CA VAL A 159 -17.48 8.42 34.14
C VAL A 159 -17.17 9.92 34.05
N THR A 160 -17.88 10.72 34.83
CA THR A 160 -17.69 12.15 34.86
C THR A 160 -17.01 12.55 36.17
N VAL A 161 -16.08 13.50 36.09
CA VAL A 161 -15.34 13.99 37.25
C VAL A 161 -15.30 15.51 37.20
N SER A 162 -15.54 16.13 38.35
CA SER A 162 -15.38 17.57 38.51
C SER A 162 -14.59 17.82 39.79
N TRP A 163 -14.23 19.08 40.02
CA TRP A 163 -13.42 19.47 41.16
C TRP A 163 -14.11 20.58 41.93
N ASN A 164 -14.23 20.38 43.25
CA ASN A 164 -14.85 21.35 44.15
C ASN A 164 -16.28 21.69 43.72
N SER A 165 -17.03 20.64 43.36
CA SER A 165 -18.46 20.75 43.04
C SER A 165 -18.71 21.69 41.87
N GLY A 166 -17.90 21.57 40.82
CA GLY A 166 -18.09 22.35 39.62
C GLY A 166 -17.60 23.77 39.67
N ALA A 167 -17.02 24.21 40.80
CA ALA A 167 -16.51 25.57 40.90
C ALA A 167 -15.13 25.69 40.25
N LEU A 168 -14.19 24.86 40.67
CA LEU A 168 -12.82 24.89 40.14
C LEU A 168 -12.80 24.32 38.73
N THR A 169 -12.62 25.19 37.73
CA THR A 169 -12.54 24.78 36.34
C THR A 169 -11.26 25.19 35.65
N SER A 170 -10.45 26.05 36.25
CA SER A 170 -9.23 26.56 35.63
C SER A 170 -8.09 25.59 35.90
N GLY A 171 -7.66 24.89 34.85
CA GLY A 171 -6.51 24.00 34.94
C GLY A 171 -6.82 22.54 35.12
N VAL A 172 -8.08 22.13 35.01
CA VAL A 172 -8.45 20.73 35.17
C VAL A 172 -8.38 20.04 33.81
N HIS A 173 -7.73 18.87 33.78
CA HIS A 173 -7.59 18.07 32.57
C HIS A 173 -7.96 16.63 32.90
N THR A 174 -9.13 16.19 32.40
CA THR A 174 -9.58 14.82 32.59
C THR A 174 -9.17 14.00 31.38
N PHE A 175 -8.23 13.07 31.57
CA PHE A 175 -7.70 12.28 30.48
C PHE A 175 -8.68 11.16 30.11
N PRO A 176 -8.77 10.82 28.83
CA PRO A 176 -9.65 9.72 28.42
C PRO A 176 -9.20 8.38 29.00
N ALA A 177 -10.12 7.43 29.02
CA ALA A 177 -9.95 6.19 29.76
C ALA A 177 -9.23 5.13 28.92
N VAL A 178 -8.61 4.19 29.63
CA VAL A 178 -8.00 3.01 29.02
C VAL A 178 -8.89 1.81 29.33
N LEU A 179 -9.01 0.90 28.36
CA LEU A 179 -9.62 -0.41 28.58
C LEU A 179 -8.53 -1.45 28.78
N GLN A 180 -8.50 -2.04 29.97
CA GLN A 180 -7.47 -3.00 30.33
C GLN A 180 -7.78 -4.35 29.70
N SER A 181 -6.97 -5.36 30.03
CA SER A 181 -7.23 -6.71 29.56
C SER A 181 -8.46 -7.32 30.22
N SER A 182 -8.75 -6.89 31.45
CA SER A 182 -9.93 -7.38 32.16
C SER A 182 -11.23 -6.80 31.65
N GLY A 183 -11.20 -5.99 30.58
CA GLY A 183 -12.42 -5.38 30.10
C GLY A 183 -12.94 -4.25 30.95
N LEU A 184 -12.15 -3.75 31.90
CA LEU A 184 -12.59 -2.69 32.80
C LEU A 184 -11.89 -1.39 32.44
N TYR A 185 -12.65 -0.31 32.40
CA TYR A 185 -12.15 1.01 32.07
C TYR A 185 -11.45 1.65 33.27
N SER A 186 -10.55 2.60 32.97
CA SER A 186 -9.88 3.37 34.01
C SER A 186 -9.36 4.66 33.39
N LEU A 187 -9.67 5.79 34.02
CA LEU A 187 -9.17 7.08 33.58
C LEU A 187 -8.60 7.84 34.78
N SER A 188 -8.10 9.03 34.52
CA SER A 188 -7.55 9.91 35.54
C SER A 188 -7.87 11.35 35.19
N SER A 189 -8.16 12.15 36.21
CA SER A 189 -8.33 13.59 36.07
C SER A 189 -7.23 14.28 36.86
N VAL A 190 -6.71 15.38 36.30
CA VAL A 190 -5.62 16.11 36.93
C VAL A 190 -5.95 17.59 36.91
N VAL A 191 -5.37 18.33 37.86
CA VAL A 191 -5.53 19.77 37.95
C VAL A 191 -4.19 20.39 38.31
N THR A 192 -3.99 21.62 37.84
CA THR A 192 -2.78 22.39 38.13
C THR A 192 -3.19 23.67 38.83
N VAL A 193 -2.60 23.91 39.99
CA VAL A 193 -3.01 25.04 40.82
C VAL A 193 -1.82 25.88 41.26
N TYR A 203 -8.13 19.74 48.15
CA TYR A 203 -8.87 19.71 46.89
C TYR A 203 -9.75 18.46 46.79
N ILE A 204 -10.98 18.65 46.32
CA ILE A 204 -12.00 17.60 46.29
C ILE A 204 -12.36 17.32 44.84
N CYS A 205 -12.36 16.05 44.47
CA CYS A 205 -12.79 15.61 43.15
C CYS A 205 -14.11 14.85 43.27
N ASN A 206 -15.01 15.09 42.33
CA ASN A 206 -16.38 14.55 42.38
C ASN A 206 -16.55 13.56 41.23
N VAL A 207 -16.20 12.30 41.49
CA VAL A 207 -16.37 11.24 40.51
C VAL A 207 -17.81 10.73 40.56
N ASN A 208 -18.36 10.41 39.39
CA ASN A 208 -19.74 9.95 39.30
C ASN A 208 -19.85 8.93 38.17
N HIS A 209 -20.52 7.80 38.46
CA HIS A 209 -20.73 6.72 37.51
C HIS A 209 -22.19 6.30 37.59
N LYS A 210 -22.97 6.63 36.57
CA LYS A 210 -24.43 6.54 36.69
C LYS A 210 -24.95 5.14 36.37
N PRO A 211 -24.39 4.43 35.41
CA PRO A 211 -24.74 3.00 35.26
C PRO A 211 -24.65 2.20 36.55
N SER A 212 -23.71 2.53 37.44
CA SER A 212 -23.56 1.84 38.71
C SER A 212 -24.09 2.65 39.89
N ASN A 213 -24.54 3.88 39.67
CA ASN A 213 -25.14 4.72 40.72
C ASN A 213 -24.17 4.92 41.89
N THR A 214 -22.89 5.09 41.58
CA THR A 214 -21.86 5.31 42.57
C THR A 214 -21.32 6.73 42.44
N LYS A 215 -21.26 7.45 43.57
CA LYS A 215 -20.71 8.79 43.62
C LYS A 215 -19.71 8.85 44.75
N VAL A 216 -18.45 9.12 44.42
CA VAL A 216 -17.38 9.18 45.40
C VAL A 216 -16.82 10.60 45.42
N ASP A 217 -16.24 10.98 46.57
CA ASP A 217 -15.60 12.28 46.73
C ASP A 217 -14.33 12.07 47.53
N LYS A 218 -13.19 12.40 46.93
CA LYS A 218 -11.89 12.13 47.52
C LYS A 218 -11.12 13.43 47.72
N ARG A 219 -10.41 13.52 48.85
CA ARG A 219 -9.61 14.68 49.20
C ARG A 219 -8.13 14.39 48.96
N VAL A 220 -7.45 15.35 48.34
CA VAL A 220 -6.03 15.22 48.08
C VAL A 220 -5.30 16.49 48.50
N PRO B 2 1.22 -11.38 9.67
CA PRO B 2 2.14 -10.51 8.92
C PRO B 2 1.41 -9.31 8.35
N VAL B 3 2.13 -8.19 8.29
CA VAL B 3 1.59 -6.92 7.82
C VAL B 3 2.62 -6.25 6.92
N LEU B 4 2.19 -5.15 6.31
CA LEU B 4 3.09 -4.25 5.60
C LEU B 4 3.47 -3.10 6.54
N THR B 5 4.75 -2.76 6.56
CA THR B 5 5.26 -1.77 7.50
C THR B 5 4.97 -0.36 6.99
N GLN B 6 4.33 0.45 7.85
CA GLN B 6 4.03 1.83 7.55
C GLN B 6 4.48 2.70 8.72
N PRO B 7 4.98 3.90 8.46
CA PRO B 7 5.35 4.82 9.54
C PRO B 7 4.12 5.20 10.35
N PRO B 8 4.23 5.25 11.68
CA PRO B 8 3.06 5.63 12.49
C PRO B 8 2.52 7.01 12.18
N SER B 9 3.40 8.00 12.01
CA SER B 9 2.96 9.36 11.75
C SER B 9 3.79 9.99 10.65
N VAL B 10 3.15 10.86 9.87
CA VAL B 10 3.80 11.64 8.81
C VAL B 10 3.14 13.01 8.80
N SER B 11 3.96 14.06 8.86
CA SER B 11 3.46 15.42 8.98
C SER B 11 4.11 16.33 7.95
N GLY B 12 3.35 17.34 7.51
CA GLY B 12 3.85 18.31 6.57
C GLY B 12 2.98 19.54 6.57
N ALA B 13 3.60 20.69 6.27
CA ALA B 13 2.88 21.95 6.27
C ALA B 13 1.91 22.00 5.09
N PRO B 14 0.85 22.82 5.19
CA PRO B 14 -0.09 22.93 4.07
C PRO B 14 0.60 23.43 2.81
N GLY B 15 0.27 22.79 1.69
CA GLY B 15 0.88 23.09 0.42
C GLY B 15 2.17 22.35 0.12
N GLN B 16 2.82 21.79 1.14
CA GLN B 16 4.09 21.09 0.95
C GLN B 16 3.83 19.66 0.50
N ARG B 17 4.87 18.83 0.51
CA ARG B 17 4.81 17.47 -0.01
C ARG B 17 5.32 16.49 1.03
N VAL B 18 4.58 15.39 1.21
CA VAL B 18 4.98 14.30 2.10
C VAL B 18 4.85 12.99 1.36
N THR B 19 5.58 11.98 1.83
CA THR B 19 5.49 10.63 1.30
C THR B 19 5.22 9.65 2.42
N ILE B 20 4.47 8.60 2.10
CA ILE B 20 4.13 7.55 3.05
C ILE B 20 4.71 6.24 2.52
N SER B 21 5.64 5.66 3.27
CA SER B 21 6.31 4.44 2.84
C SER B 21 5.45 3.21 3.17
N CYS B 22 5.74 2.11 2.49
CA CYS B 22 5.02 0.85 2.69
C CYS B 22 5.93 -0.27 2.22
N THR B 23 6.39 -1.11 3.15
CA THR B 23 7.33 -2.17 2.84
C THR B 23 6.75 -3.52 3.25
N GLY B 24 7.09 -4.55 2.48
CA GLY B 24 6.56 -5.88 2.72
C GLY B 24 7.62 -6.96 2.77
N SER B 25 7.39 -8.04 2.02
CA SER B 25 8.30 -9.19 2.03
C SER B 25 8.37 -9.77 0.62
N SER B 26 9.15 -10.84 0.47
CA SER B 26 9.30 -11.50 -0.82
C SER B 26 8.04 -12.25 -1.24
N SER B 27 7.07 -12.42 -0.36
CA SER B 27 5.87 -13.18 -0.65
C SER B 27 4.65 -12.31 -0.91
N ASN B 28 4.76 -10.99 -0.77
CA ASN B 28 3.66 -10.10 -1.14
C ASN B 28 4.09 -9.10 -2.20
N ILE B 29 4.53 -7.91 -1.77
CA ILE B 29 4.97 -6.89 -2.74
C ILE B 29 6.16 -7.40 -3.54
N GLY B 30 7.09 -8.10 -2.86
CA GLY B 30 8.23 -8.66 -3.55
C GLY B 30 7.89 -9.76 -4.53
N ALA B 31 6.74 -10.41 -4.35
CA ALA B 31 6.32 -11.49 -5.25
C ALA B 31 5.65 -10.98 -6.52
N GLY B 32 5.45 -9.67 -6.65
CA GLY B 32 4.84 -9.10 -7.83
C GLY B 32 3.39 -8.73 -7.69
N TYR B 33 2.82 -8.80 -6.50
CA TYR B 33 1.42 -8.43 -6.31
C TYR B 33 1.28 -6.91 -6.27
N ASP B 34 0.15 -6.43 -6.76
CA ASP B 34 -0.10 -5.00 -6.83
C ASP B 34 -0.44 -4.43 -5.46
N VAL B 35 -0.11 -3.16 -5.26
CA VAL B 35 -0.35 -2.46 -4.00
C VAL B 35 -1.47 -1.45 -4.22
N HIS B 36 -2.37 -1.34 -3.24
CA HIS B 36 -3.45 -0.38 -3.28
C HIS B 36 -3.42 0.45 -2.01
N TRP B 37 -4.04 1.63 -2.07
CA TRP B 37 -4.05 2.55 -0.95
C TRP B 37 -5.48 2.96 -0.62
N TYR B 38 -5.77 3.03 0.69
CA TYR B 38 -7.07 3.43 1.20
C TYR B 38 -6.90 4.59 2.16
N GLN B 39 -7.80 5.57 2.07
CA GLN B 39 -7.82 6.70 2.99
C GLN B 39 -9.02 6.56 3.91
N GLN B 40 -8.79 6.77 5.21
CA GLN B 40 -9.83 6.60 6.21
C GLN B 40 -9.90 7.85 7.08
N LEU B 41 -11.01 8.56 7.01
CA LEU B 41 -11.22 9.73 7.85
C LEU B 41 -11.74 9.30 9.22
N PRO B 42 -11.52 10.13 10.25
CA PRO B 42 -12.04 9.81 11.59
C PRO B 42 -13.52 9.49 11.58
N GLY B 43 -13.88 8.31 12.07
CA GLY B 43 -15.28 7.91 12.16
C GLY B 43 -15.90 7.42 10.87
N THR B 44 -15.11 7.24 9.81
CA THR B 44 -15.62 6.77 8.53
C THR B 44 -14.90 5.49 8.11
N ALA B 45 -15.48 4.83 7.13
CA ALA B 45 -14.90 3.61 6.59
C ALA B 45 -13.71 3.93 5.68
N PRO B 46 -12.80 2.98 5.49
CA PRO B 46 -11.72 3.19 4.51
C PRO B 46 -12.29 3.44 3.12
N LYS B 47 -11.76 4.46 2.46
CA LYS B 47 -12.22 4.86 1.13
C LYS B 47 -11.09 4.65 0.14
N LEU B 48 -11.42 4.06 -1.02
CA LEU B 48 -10.40 3.76 -2.02
C LEU B 48 -9.71 5.03 -2.49
N LEU B 49 -8.38 5.04 -2.41
CA LEU B 49 -7.56 6.18 -2.78
C LEU B 49 -6.68 5.91 -3.98
N ILE B 50 -5.99 4.76 -4.01
CA ILE B 50 -5.10 4.37 -5.10
C ILE B 50 -5.30 2.89 -5.37
N TYR B 51 -5.55 2.53 -6.62
CA TYR B 51 -5.71 1.14 -7.02
C TYR B 51 -4.72 0.81 -8.13
N GLY B 52 -4.24 -0.43 -8.10
CA GLY B 52 -3.29 -0.89 -9.11
C GLY B 52 -1.99 -0.10 -9.10
N ASN B 53 -1.34 -0.05 -7.94
CA ASN B 53 -0.04 0.59 -7.74
C ASN B 53 -0.09 2.12 -7.87
N SER B 54 -0.59 2.62 -9.00
CA SER B 54 -0.46 4.04 -9.31
C SER B 54 -1.73 4.71 -9.80
N ASN B 55 -2.80 3.97 -10.06
CA ASN B 55 -3.97 4.58 -10.68
C ASN B 55 -4.83 5.29 -9.64
N ARG B 56 -5.70 6.17 -10.14
CA ARG B 56 -6.45 7.10 -9.31
C ARG B 56 -7.93 6.96 -9.62
N PRO B 57 -8.75 6.49 -8.68
CA PRO B 57 -10.19 6.41 -8.95
C PRO B 57 -10.80 7.79 -9.15
N SER B 58 -11.90 7.83 -9.88
CA SER B 58 -12.58 9.10 -10.15
C SER B 58 -12.96 9.78 -8.84
N GLY B 59 -12.56 11.03 -8.70
CA GLY B 59 -12.80 11.81 -7.51
C GLY B 59 -11.56 12.16 -6.72
N VAL B 60 -10.48 11.41 -6.91
CA VAL B 60 -9.23 11.64 -6.17
C VAL B 60 -8.36 12.61 -6.97
N PRO B 61 -7.89 13.69 -6.35
CA PRO B 61 -7.11 14.69 -7.09
C PRO B 61 -5.72 14.17 -7.44
N ASP B 62 -5.13 14.80 -8.46
CA ASP B 62 -3.82 14.41 -8.96
C ASP B 62 -2.70 14.65 -7.96
N ARG B 63 -2.97 15.32 -6.85
CA ARG B 63 -1.98 15.48 -5.80
C ARG B 63 -1.60 14.15 -5.18
N PHE B 64 -2.47 13.15 -5.29
CA PHE B 64 -2.18 11.80 -4.82
C PHE B 64 -1.56 10.99 -5.95
N SER B 65 -0.41 10.37 -5.67
CA SER B 65 0.25 9.49 -6.63
C SER B 65 0.87 8.32 -5.88
N GLY B 66 1.12 7.24 -6.60
CA GLY B 66 1.64 6.02 -5.99
C GLY B 66 2.68 5.36 -6.88
N SER B 67 3.64 4.70 -6.22
CA SER B 67 4.69 3.98 -6.91
C SER B 67 5.06 2.74 -6.10
N LYS B 68 5.68 1.78 -6.78
CA LYS B 68 6.06 0.52 -6.14
C LYS B 68 7.30 -0.04 -6.83
N SER B 69 8.23 -0.55 -6.03
CA SER B 69 9.45 -1.13 -6.56
C SER B 69 10.00 -2.13 -5.56
N GLY B 70 10.50 -3.25 -6.05
CA GLY B 70 11.13 -4.22 -5.17
C GLY B 70 10.08 -4.83 -4.26
N THR B 71 10.30 -4.71 -2.96
CA THR B 71 9.31 -5.09 -1.95
C THR B 71 8.70 -3.87 -1.26
N SER B 72 8.82 -2.69 -1.88
CA SER B 72 8.42 -1.44 -1.27
C SER B 72 7.40 -0.71 -2.14
N ALA B 73 6.54 0.07 -1.48
CA ALA B 73 5.60 0.95 -2.16
C ALA B 73 5.61 2.29 -1.45
N SER B 74 5.07 3.31 -2.11
CA SER B 74 5.06 4.65 -1.53
C SER B 74 3.87 5.44 -2.06
N LEU B 75 3.30 6.26 -1.19
CA LEU B 75 2.20 7.16 -1.54
C LEU B 75 2.70 8.59 -1.34
N ALA B 76 2.72 9.37 -2.42
CA ALA B 76 3.19 10.75 -2.39
C ALA B 76 2.00 11.70 -2.49
N ILE B 77 2.00 12.71 -1.64
CA ILE B 77 0.93 13.70 -1.59
C ILE B 77 1.57 15.08 -1.72
N THR B 78 1.17 15.83 -2.75
CA THR B 78 1.62 17.20 -2.95
C THR B 78 0.49 18.17 -2.63
N GLY B 79 0.85 19.44 -2.47
CA GLY B 79 -0.10 20.49 -2.17
C GLY B 79 -0.99 20.15 -0.99
N LEU B 80 -0.37 19.89 0.17
CA LEU B 80 -1.08 19.40 1.33
C LEU B 80 -2.23 20.33 1.70
N GLN B 81 -3.37 19.73 2.02
CA GLN B 81 -4.56 20.46 2.43
C GLN B 81 -5.05 19.91 3.76
N ALA B 82 -5.79 20.75 4.49
CA ALA B 82 -6.34 20.32 5.77
C ALA B 82 -7.23 19.09 5.62
N GLU B 83 -7.94 18.99 4.49
CA GLU B 83 -8.84 17.86 4.27
C GLU B 83 -8.10 16.54 4.14
N ASP B 84 -6.79 16.57 3.91
CA ASP B 84 -6.00 15.36 3.78
C ASP B 84 -5.73 14.65 5.09
N GLU B 85 -6.02 15.31 6.23
CA GLU B 85 -5.78 14.71 7.55
C GLU B 85 -6.62 13.46 7.74
N ALA B 86 -5.99 12.29 7.68
CA ALA B 86 -6.70 11.02 7.78
C ALA B 86 -5.68 9.92 8.05
N ASP B 87 -6.17 8.69 8.07
CA ASP B 87 -5.33 7.50 8.15
C ASP B 87 -5.23 6.87 6.78
N TYR B 88 -4.01 6.51 6.38
CA TYR B 88 -3.75 5.98 5.05
C TYR B 88 -3.18 4.57 5.17
N TYR B 89 -3.80 3.63 4.45
CA TYR B 89 -3.45 2.22 4.51
C TYR B 89 -3.03 1.73 3.14
N CYS B 90 -1.89 1.03 3.08
CA CYS B 90 -1.51 0.28 1.90
C CYS B 90 -1.95 -1.17 2.05
N GLN B 91 -2.11 -1.85 0.92
CA GLN B 91 -2.67 -3.20 0.92
C GLN B 91 -2.20 -3.95 -0.31
N SER B 92 -1.96 -5.25 -0.14
CA SER B 92 -1.53 -6.12 -1.23
C SER B 92 -2.05 -7.52 -0.93
N TYR B 93 -1.46 -8.52 -1.58
CA TYR B 93 -1.79 -9.92 -1.35
C TYR B 93 -0.53 -10.68 -1.03
N ASP B 94 -0.64 -11.64 -0.11
CA ASP B 94 0.50 -12.41 0.38
C ASP B 94 0.23 -13.89 0.12
N SER B 95 1.17 -14.54 -0.59
CA SER B 95 1.02 -15.96 -0.91
C SER B 95 1.41 -16.88 0.24
N SER B 96 2.06 -16.35 1.28
CA SER B 96 2.44 -17.18 2.42
C SER B 96 1.20 -17.62 3.19
N LEU B 97 1.41 -18.53 4.14
CA LEU B 97 0.33 -19.17 4.91
C LEU B 97 -0.61 -19.82 3.89
N SER B 98 -1.93 -19.67 4.06
CA SER B 98 -2.90 -20.19 3.10
C SER B 98 -3.30 -19.14 2.06
N GLY B 99 -2.53 -18.07 1.91
CA GLY B 99 -2.89 -16.99 1.03
C GLY B 99 -3.89 -16.05 1.67
N PHE B 100 -3.58 -14.75 1.68
CA PHE B 100 -4.41 -13.79 2.39
C PHE B 100 -4.10 -12.38 1.90
N TYR B 101 -5.12 -11.54 1.91
CA TYR B 101 -4.89 -10.11 1.74
C TYR B 101 -4.16 -9.56 2.96
N VAL B 102 -3.17 -8.72 2.71
CA VAL B 102 -2.33 -8.17 3.76
C VAL B 102 -2.42 -6.65 3.74
N PHE B 103 -2.55 -6.06 4.92
CA PHE B 103 -2.73 -4.63 5.07
C PHE B 103 -1.51 -4.01 5.72
N GLY B 104 -1.33 -2.71 5.47
CA GLY B 104 -0.32 -1.96 6.18
C GLY B 104 -0.80 -1.52 7.56
N THR B 105 0.16 -1.26 8.43
CA THR B 105 -0.17 -0.90 9.81
C THR B 105 -0.93 0.42 9.88
N GLY B 106 -0.74 1.29 8.90
CA GLY B 106 -1.44 2.55 8.87
C GLY B 106 -0.52 3.72 9.20
N THR B 107 -0.93 4.90 8.73
CA THR B 107 -0.15 6.11 8.89
C THR B 107 -1.09 7.27 9.18
N LYS B 108 -0.81 8.03 10.24
CA LYS B 108 -1.57 9.22 10.54
C LYS B 108 -0.94 10.41 9.84
N LEU B 109 -1.68 11.02 8.93
CA LEU B 109 -1.20 12.18 8.19
C LEU B 109 -1.69 13.45 8.87
N THR B 110 -0.76 14.26 9.35
CA THR B 110 -1.06 15.51 10.03
C THR B 110 -0.61 16.68 9.16
N VAL B 111 -1.54 17.58 8.85
CA VAL B 111 -1.22 18.81 8.13
C VAL B 111 -0.99 19.89 9.18
N LEU B 112 0.27 20.32 9.32
CA LEU B 112 0.67 21.20 10.41
C LEU B 112 -0.02 22.56 10.36
N GLY B 113 -1.08 22.72 11.15
CA GLY B 113 -1.71 24.02 11.29
C GLY B 113 -1.37 24.65 12.63
N GLN B 114 -0.18 24.32 13.14
CA GLN B 114 0.26 24.66 14.48
C GLN B 114 1.74 24.28 14.59
N PRO B 115 2.56 25.03 15.32
CA PRO B 115 3.94 24.59 15.52
C PRO B 115 4.01 23.31 16.33
N LYS B 116 4.98 22.46 15.98
CA LYS B 116 5.14 21.19 16.67
C LYS B 116 5.39 21.40 18.16
N ALA B 117 4.82 20.53 18.98
CA ALA B 117 4.87 20.67 20.43
C ALA B 117 5.32 19.36 21.07
N ALA B 118 6.33 19.45 21.93
CA ALA B 118 6.76 18.28 22.68
C ALA B 118 5.77 17.98 23.79
N PRO B 119 5.59 16.70 24.14
CA PRO B 119 4.62 16.34 25.17
C PRO B 119 5.12 16.65 26.58
N SER B 120 4.20 17.14 27.41
CA SER B 120 4.47 17.38 28.82
C SER B 120 4.08 16.15 29.62
N VAL B 121 5.07 15.52 30.26
CA VAL B 121 4.86 14.27 30.98
C VAL B 121 4.73 14.56 32.47
N THR B 122 3.62 14.11 33.05
CA THR B 122 3.38 14.21 34.49
C THR B 122 3.12 12.80 35.02
N LEU B 123 4.04 12.30 35.84
CA LEU B 123 3.98 10.94 36.37
C LEU B 123 3.58 10.97 37.84
N PHE B 124 2.77 10.00 38.24
CA PHE B 124 2.26 9.88 39.60
C PHE B 124 2.62 8.52 40.19
N PRO B 125 2.72 8.42 41.51
CA PRO B 125 3.08 7.14 42.13
C PRO B 125 1.83 6.38 42.55
N PRO B 126 1.98 5.17 43.10
CA PRO B 126 0.83 4.54 43.78
C PRO B 126 0.50 5.29 45.05
N SER B 127 -0.78 5.61 45.24
CA SER B 127 -1.20 6.34 46.41
C SER B 127 -0.97 5.52 47.68
N SER B 128 -0.89 6.21 48.82
CA SER B 128 -0.76 5.52 50.09
C SER B 128 -1.95 4.62 50.37
N GLU B 129 -3.15 5.05 49.96
CA GLU B 129 -4.34 4.23 50.15
C GLU B 129 -4.38 3.02 49.23
N GLU B 130 -3.63 3.03 48.13
CA GLU B 130 -3.67 1.92 47.19
C GLU B 130 -2.77 0.77 47.61
N LEU B 131 -1.64 1.07 48.25
CA LEU B 131 -0.79 0.00 48.77
C LEU B 131 -1.47 -0.72 49.93
N GLN B 132 -2.36 -0.04 50.65
CA GLN B 132 -3.14 -0.70 51.70
C GLN B 132 -4.16 -1.66 51.11
N ALA B 133 -4.59 -1.42 49.87
CA ALA B 133 -5.43 -2.37 49.13
C ALA B 133 -4.60 -3.43 48.40
N ASN B 134 -3.30 -3.50 48.68
CA ASN B 134 -2.39 -4.48 48.07
C ASN B 134 -2.30 -4.30 46.56
N LYS B 135 -2.30 -3.04 46.11
CA LYS B 135 -2.18 -2.70 44.70
C LYS B 135 -1.17 -1.58 44.53
N ALA B 136 -0.79 -1.34 43.28
CA ALA B 136 0.16 -0.27 42.94
C ALA B 136 0.01 0.04 41.46
N THR B 137 -0.39 1.27 41.15
CA THR B 137 -0.62 1.69 39.76
C THR B 137 0.11 3.00 39.50
N LEU B 138 0.94 3.00 38.45
CA LEU B 138 1.69 4.19 38.05
C LEU B 138 0.94 4.91 36.94
N VAL B 139 0.68 6.19 37.14
CA VAL B 139 -0.11 7.01 36.21
C VAL B 139 0.84 7.96 35.49
N CYS B 140 0.93 7.79 34.16
CA CYS B 140 1.73 8.66 33.30
C CYS B 140 0.77 9.45 32.42
N LEU B 141 0.61 10.75 32.71
CA LEU B 141 -0.27 11.61 31.95
C LEU B 141 0.56 12.40 30.94
N ILE B 142 0.18 12.29 29.66
CA ILE B 142 0.93 12.88 28.55
C ILE B 142 0.01 13.86 27.85
N SER B 143 0.35 15.15 27.88
CA SER B 143 -0.50 16.19 27.35
C SER B 143 0.31 17.18 26.53
N ASP B 144 -0.39 17.89 25.65
CA ASP B 144 0.13 19.08 24.94
C ASP B 144 1.22 18.72 23.92
N PHE B 145 0.95 17.71 23.11
CA PHE B 145 1.85 17.37 22.01
C PHE B 145 1.11 17.45 20.67
N TYR B 146 1.88 17.72 19.62
CA TYR B 146 1.36 17.88 18.28
C TYR B 146 2.48 17.66 17.27
N PRO B 147 2.29 16.80 16.25
CA PRO B 147 1.09 16.02 15.91
C PRO B 147 0.74 14.95 16.94
N GLY B 148 -0.49 14.42 16.84
CA GLY B 148 -0.98 13.48 17.83
C GLY B 148 -0.50 12.05 17.63
N ALA B 149 0.71 11.76 18.07
CA ALA B 149 1.29 10.43 17.96
C ALA B 149 2.46 10.34 18.92
N VAL B 150 2.43 9.33 19.79
CA VAL B 150 3.46 9.15 20.82
C VAL B 150 3.75 7.66 20.94
N THR B 151 4.72 7.34 21.80
CA THR B 151 5.10 5.96 22.07
C THR B 151 5.68 5.89 23.48
N VAL B 152 5.11 5.03 24.31
CA VAL B 152 5.41 5.00 25.74
C VAL B 152 6.19 3.73 26.06
N ALA B 153 7.20 3.87 26.92
CA ALA B 153 7.95 2.75 27.46
C ALA B 153 8.24 3.02 28.93
N TRP B 154 8.14 1.98 29.75
CA TRP B 154 8.38 2.08 31.18
C TRP B 154 9.69 1.39 31.55
N LYS B 155 10.45 2.01 32.44
CA LYS B 155 11.77 1.53 32.82
C LYS B 155 11.82 1.35 34.34
N ALA B 156 12.07 0.11 34.77
CA ALA B 156 12.37 -0.17 36.17
C ALA B 156 13.87 -0.16 36.33
N ASP B 157 14.39 0.85 37.03
CA ASP B 157 15.83 1.14 37.11
C ASP B 157 16.33 1.37 35.69
N SER B 158 17.22 0.53 35.14
CA SER B 158 17.65 0.68 33.77
C SER B 158 17.01 -0.34 32.83
N SER B 159 16.48 -1.44 33.37
CA SER B 159 15.82 -2.44 32.56
C SER B 159 14.47 -1.94 32.07
N PRO B 160 13.90 -2.56 31.03
CA PRO B 160 12.55 -2.16 30.59
C PRO B 160 11.47 -2.93 31.31
N VAL B 161 10.21 -2.57 31.06
CA VAL B 161 9.06 -3.24 31.66
C VAL B 161 8.04 -3.49 30.55
N LYS B 162 7.82 -4.75 30.20
CA LYS B 162 6.86 -5.11 29.17
C LYS B 162 5.54 -5.64 29.71
N ALA B 163 5.51 -6.11 30.95
CA ALA B 163 4.31 -6.67 31.54
C ALA B 163 3.52 -5.60 32.28
N GLY B 164 2.19 -5.68 32.19
CA GLY B 164 1.34 -4.79 32.94
C GLY B 164 1.31 -3.36 32.46
N VAL B 165 1.54 -3.13 31.17
CA VAL B 165 1.52 -1.80 30.59
C VAL B 165 0.40 -1.71 29.57
N GLU B 166 -0.49 -0.73 29.75
CA GLU B 166 -1.56 -0.44 28.80
C GLU B 166 -1.61 1.06 28.58
N THR B 167 -1.66 1.47 27.31
CA THR B 167 -1.58 2.87 26.95
C THR B 167 -2.76 3.22 26.04
N THR B 168 -3.43 4.33 26.34
CA THR B 168 -4.54 4.79 25.51
C THR B 168 -4.02 5.31 24.18
N THR B 169 -4.97 5.55 23.27
CA THR B 169 -4.63 6.21 22.01
C THR B 169 -4.65 7.73 22.20
N PRO B 170 -3.89 8.47 21.39
CA PRO B 170 -3.89 9.92 21.50
C PRO B 170 -5.29 10.51 21.34
N SER B 171 -5.58 11.53 22.14
CA SER B 171 -6.90 12.16 22.13
C SER B 171 -6.76 13.65 21.90
N LYS B 172 -7.66 14.19 21.08
CA LYS B 172 -7.62 15.59 20.66
C LYS B 172 -8.04 16.48 21.82
N GLN B 173 -7.15 17.36 22.25
CA GLN B 173 -7.47 18.30 23.33
C GLN B 173 -8.34 19.43 22.79
N SER B 174 -8.60 20.44 23.62
CA SER B 174 -9.41 21.57 23.18
C SER B 174 -8.60 22.56 22.35
N ASN B 175 -7.30 22.70 22.65
CA ASN B 175 -6.42 23.58 21.91
C ASN B 175 -5.83 22.92 20.67
N ASN B 176 -6.47 21.84 20.18
CA ASN B 176 -6.08 21.04 19.02
C ASN B 176 -4.76 20.30 19.23
N LYS B 177 -4.10 20.45 20.38
CA LYS B 177 -3.03 19.55 20.74
C LYS B 177 -3.63 18.21 21.17
N TYR B 178 -2.78 17.26 21.54
CA TYR B 178 -3.24 15.92 21.82
C TYR B 178 -2.78 15.47 23.19
N ALA B 179 -3.55 14.54 23.78
CA ALA B 179 -3.27 14.01 25.10
C ALA B 179 -3.39 12.49 25.08
N ALA B 180 -2.57 11.85 25.91
CA ALA B 180 -2.58 10.40 26.05
C ALA B 180 -2.21 10.05 27.48
N SER B 181 -2.31 8.77 27.81
CA SER B 181 -1.99 8.30 29.15
C SER B 181 -1.57 6.84 29.10
N SER B 182 -0.66 6.48 30.00
CA SER B 182 -0.17 5.12 30.12
C SER B 182 -0.21 4.68 31.58
N TYR B 183 -0.43 3.39 31.78
CA TYR B 183 -0.61 2.83 33.11
C TYR B 183 0.30 1.62 33.31
N LEU B 184 0.89 1.52 34.50
CA LEU B 184 1.72 0.39 34.86
C LEU B 184 1.15 -0.24 36.13
N SER B 185 0.57 -1.42 36.00
CA SER B 185 0.04 -2.18 37.12
C SER B 185 1.17 -2.98 37.75
N LEU B 186 1.52 -2.65 38.99
CA LEU B 186 2.61 -3.30 39.70
C LEU B 186 2.10 -3.80 41.06
N THR B 187 2.91 -4.63 41.70
CA THR B 187 2.63 -5.14 43.03
C THR B 187 3.38 -4.31 44.07
N PRO B 188 2.80 -4.14 45.26
CA PRO B 188 3.47 -3.33 46.30
C PRO B 188 4.88 -3.77 46.60
N GLU B 189 5.19 -5.06 46.47
CA GLU B 189 6.56 -5.51 46.67
C GLU B 189 7.43 -5.13 45.48
N GLN B 190 6.90 -5.26 44.25
CA GLN B 190 7.65 -4.86 43.06
C GLN B 190 7.82 -3.35 42.98
N TRP B 191 6.96 -2.58 43.66
CA TRP B 191 7.15 -1.13 43.70
C TRP B 191 8.31 -0.75 44.60
N LYS B 192 8.56 -1.51 45.66
CA LYS B 192 9.67 -1.23 46.57
C LYS B 192 10.93 -2.00 46.23
N SER B 193 10.82 -3.12 45.50
CA SER B 193 11.99 -3.93 45.16
C SER B 193 12.91 -3.26 44.15
N HIS B 194 12.52 -2.13 43.59
CA HIS B 194 13.34 -1.38 42.65
C HIS B 194 13.67 -0.02 43.23
N ARG B 195 14.75 0.57 42.73
CA ARG B 195 15.19 1.87 43.24
C ARG B 195 14.38 3.02 42.65
N SER B 196 13.94 2.90 41.40
CA SER B 196 13.17 3.96 40.76
C SER B 196 12.43 3.38 39.57
N TYR B 197 11.40 4.11 39.14
CA TYR B 197 10.61 3.78 37.96
C TYR B 197 10.52 5.00 37.06
N SER B 198 10.57 4.79 35.75
CA SER B 198 10.59 5.88 34.79
C SER B 198 9.60 5.61 33.65
N CYS B 199 8.91 6.66 33.23
CA CYS B 199 7.99 6.62 32.10
C CYS B 199 8.56 7.45 30.96
N GLN B 200 8.83 6.80 29.84
CA GLN B 200 9.51 7.44 28.70
C GLN B 200 8.56 7.50 27.52
N VAL B 201 8.15 8.71 27.16
CA VAL B 201 7.31 8.94 25.99
C VAL B 201 8.20 9.36 24.82
N THR B 202 7.80 8.99 23.62
CA THR B 202 8.56 9.27 22.41
C THR B 202 7.67 10.04 21.44
N HIS B 203 8.13 11.22 21.04
CA HIS B 203 7.40 12.07 20.10
C HIS B 203 8.36 12.52 19.01
N GLU B 204 8.16 12.02 17.80
CA GLU B 204 9.06 12.27 16.68
C GLU B 204 10.48 11.86 17.03
N GLY B 205 11.37 12.82 17.21
CA GLY B 205 12.75 12.52 17.53
C GLY B 205 13.05 12.53 19.02
N SER B 206 12.51 13.52 19.73
CA SER B 206 12.83 13.71 21.14
C SER B 206 12.09 12.72 22.03
N THR B 207 12.55 12.61 23.27
CA THR B 207 11.94 11.73 24.27
C THR B 207 11.91 12.46 25.59
N VAL B 208 10.71 12.64 26.14
CA VAL B 208 10.52 13.24 27.46
C VAL B 208 10.38 12.13 28.48
N GLU B 209 11.02 12.30 29.64
CA GLU B 209 11.09 11.25 30.64
C GLU B 209 10.83 11.82 32.02
N LYS B 210 10.07 11.09 32.83
CA LYS B 210 9.79 11.45 34.21
C LYS B 210 10.01 10.23 35.09
N THR B 211 10.55 10.47 36.29
CA THR B 211 10.88 9.35 37.19
C THR B 211 10.12 9.49 38.52
N VAL B 212 9.84 8.37 39.18
CA VAL B 212 9.18 8.40 40.51
C VAL B 212 9.87 7.34 41.37
N ALA B 213 10.01 7.58 42.67
CA ALA B 213 10.78 6.64 43.50
C ALA B 213 10.10 6.41 44.87
N PRO B 214 10.15 5.22 45.53
CA PRO B 214 9.59 5.07 46.88
C PRO B 214 10.30 5.94 47.92
N ASP C 1 -25.65 -31.42 -14.95
CA ASP C 1 -24.96 -30.23 -15.45
C ASP C 1 -25.95 -29.20 -15.95
N ILE C 2 -25.47 -27.97 -16.10
CA ILE C 2 -26.28 -26.89 -16.66
C ILE C 2 -26.05 -26.86 -18.17
N LEU C 3 -27.15 -26.83 -18.93
CA LEU C 3 -27.09 -26.84 -20.38
C LEU C 3 -27.28 -25.43 -20.93
N LEU C 4 -26.36 -25.02 -21.80
CA LEU C 4 -26.45 -23.73 -22.49
C LEU C 4 -26.68 -23.99 -23.97
N THR C 5 -27.85 -23.59 -24.47
CA THR C 5 -28.20 -23.75 -25.87
C THR C 5 -28.18 -22.39 -26.54
N GLN C 6 -27.36 -22.26 -27.58
CA GLN C 6 -27.25 -21.03 -28.36
C GLN C 6 -28.17 -21.14 -29.57
N SER C 7 -29.16 -20.25 -29.65
CA SER C 7 -30.30 -20.51 -30.55
C SER C 7 -29.91 -20.44 -32.03
N PRO C 8 -29.23 -19.39 -32.53
CA PRO C 8 -28.88 -19.41 -33.95
C PRO C 8 -27.56 -20.10 -34.18
N ALA C 9 -27.60 -21.39 -34.53
CA ALA C 9 -26.38 -22.15 -34.74
C ALA C 9 -25.50 -21.48 -35.80
N ILE C 10 -26.10 -21.06 -36.91
CA ILE C 10 -25.43 -20.31 -37.95
C ILE C 10 -26.22 -19.04 -38.21
N LEU C 11 -25.52 -17.91 -38.31
CA LEU C 11 -26.14 -16.62 -38.59
C LEU C 11 -25.34 -15.92 -39.68
N SER C 12 -26.05 -15.38 -40.67
CA SER C 12 -25.43 -14.70 -41.80
C SER C 12 -25.50 -13.19 -41.58
N VAL C 13 -24.35 -12.53 -41.62
CA VAL C 13 -24.25 -11.10 -41.37
C VAL C 13 -23.73 -10.40 -42.63
N SER C 14 -23.80 -9.08 -42.61
CA SER C 14 -23.20 -8.22 -43.60
C SER C 14 -22.44 -7.11 -42.90
N PRO C 15 -21.32 -6.66 -43.46
CA PRO C 15 -20.53 -5.61 -42.80
C PRO C 15 -21.34 -4.35 -42.51
N GLY C 16 -21.63 -4.12 -41.24
CA GLY C 16 -22.42 -2.99 -40.81
C GLY C 16 -23.73 -3.36 -40.14
N GLU C 17 -24.18 -4.61 -40.25
CA GLU C 17 -25.43 -5.03 -39.64
C GLU C 17 -25.35 -5.01 -38.12
N ARG C 18 -26.49 -4.76 -37.49
CA ARG C 18 -26.62 -4.90 -36.05
C ARG C 18 -27.08 -6.33 -35.78
N VAL C 19 -26.22 -7.12 -35.15
CA VAL C 19 -26.43 -8.56 -35.01
C VAL C 19 -26.49 -8.92 -33.54
N SER C 20 -27.19 -10.03 -33.26
CA SER C 20 -27.29 -10.56 -31.90
C SER C 20 -27.61 -12.03 -31.96
N PHE C 21 -27.01 -12.80 -31.06
CA PHE C 21 -27.34 -14.21 -30.86
C PHE C 21 -27.59 -14.45 -29.39
N SER C 22 -28.21 -15.60 -29.09
CA SER C 22 -28.70 -15.87 -27.75
C SER C 22 -27.99 -17.06 -27.12
N CYS C 23 -28.08 -17.13 -25.79
CA CYS C 23 -27.56 -18.25 -25.01
C CYS C 23 -28.53 -18.48 -23.85
N ARG C 24 -29.14 -19.67 -23.82
CA ARG C 24 -30.20 -19.97 -22.86
C ARG C 24 -29.71 -21.03 -21.89
N ALA C 25 -29.98 -20.81 -20.60
CA ALA C 25 -29.54 -21.71 -19.55
C ALA C 25 -30.67 -22.66 -19.16
N SER C 26 -30.29 -23.86 -18.69
CA SER C 26 -31.29 -24.84 -18.27
C SER C 26 -31.92 -24.45 -16.95
N GLN C 27 -31.19 -23.73 -16.10
CA GLN C 27 -31.70 -23.27 -14.81
C GLN C 27 -31.24 -21.84 -14.59
N ASN C 28 -31.66 -21.27 -13.46
CA ASN C 28 -31.22 -19.93 -13.11
C ASN C 28 -29.72 -19.93 -12.84
N ILE C 29 -29.06 -18.83 -13.20
CA ILE C 29 -27.61 -18.77 -13.25
C ILE C 29 -27.16 -17.39 -12.81
N ASP C 30 -28.12 -16.51 -12.55
CA ASP C 30 -27.84 -15.13 -12.14
C ASP C 30 -27.16 -14.42 -13.30
N THR C 31 -25.95 -13.91 -13.11
CA THR C 31 -25.23 -13.25 -14.20
C THR C 31 -23.92 -13.96 -14.54
N HIS C 32 -23.73 -15.19 -14.06
CA HIS C 32 -22.46 -15.91 -14.26
C HIS C 32 -22.39 -16.47 -15.69
N ILE C 33 -22.18 -15.56 -16.64
CA ILE C 33 -22.05 -15.90 -18.05
C ILE C 33 -20.91 -15.08 -18.63
N HIS C 34 -20.00 -15.76 -19.32
CA HIS C 34 -18.93 -15.11 -20.06
C HIS C 34 -19.01 -15.50 -21.52
N TRP C 35 -18.52 -14.62 -22.40
CA TRP C 35 -18.57 -14.83 -23.84
C TRP C 35 -17.17 -14.89 -24.41
N TYR C 36 -16.96 -15.81 -25.35
CA TYR C 36 -15.67 -16.00 -25.99
C TYR C 36 -15.85 -16.01 -27.50
N GLN C 37 -14.89 -15.42 -28.21
CA GLN C 37 -14.84 -15.43 -29.67
C GLN C 37 -13.69 -16.32 -30.12
N GLN C 38 -13.94 -17.11 -31.17
CA GLN C 38 -12.92 -18.02 -31.70
C GLN C 38 -12.92 -17.93 -33.22
N ARG C 39 -11.92 -17.23 -33.76
CA ARG C 39 -11.73 -17.24 -35.20
C ARG C 39 -11.14 -18.58 -35.64
N THR C 40 -11.21 -18.83 -36.95
CA THR C 40 -10.70 -20.09 -37.49
C THR C 40 -9.20 -20.20 -37.22
N ASN C 41 -8.79 -21.40 -36.80
CA ASN C 41 -7.39 -21.72 -36.45
C ASN C 41 -6.87 -20.86 -35.30
N GLY C 42 -7.77 -20.29 -34.49
CA GLY C 42 -7.39 -19.45 -33.39
C GLY C 42 -7.92 -19.98 -32.06
N SER C 43 -7.45 -19.35 -30.99
CA SER C 43 -7.87 -19.69 -29.63
C SER C 43 -9.07 -18.87 -29.22
N PRO C 44 -9.87 -19.36 -28.27
CA PRO C 44 -10.97 -18.55 -27.76
C PRO C 44 -10.44 -17.26 -27.13
N ARG C 45 -11.22 -16.19 -27.29
CA ARG C 45 -10.83 -14.87 -26.80
C ARG C 45 -11.96 -14.30 -25.95
N LEU C 46 -11.64 -13.90 -24.73
CA LEU C 46 -12.65 -13.37 -23.82
C LEU C 46 -13.22 -12.07 -24.35
N LEU C 47 -14.55 -12.00 -24.46
CA LEU C 47 -15.25 -10.83 -24.97
C LEU C 47 -15.98 -10.07 -23.86
N ILE C 48 -16.88 -10.75 -23.15
CA ILE C 48 -17.70 -10.14 -22.12
C ILE C 48 -17.69 -11.05 -20.90
N LYS C 49 -17.54 -10.45 -19.72
CA LYS C 49 -17.57 -11.20 -18.47
C LYS C 49 -18.79 -10.80 -17.65
N TYR C 50 -19.32 -11.76 -16.91
CA TYR C 50 -20.48 -11.56 -16.03
C TYR C 50 -21.63 -10.91 -16.78
N ALA C 51 -22.01 -11.53 -17.90
CA ALA C 51 -23.19 -11.18 -18.69
C ALA C 51 -23.06 -9.87 -19.44
N SER C 52 -22.57 -8.81 -18.78
CA SER C 52 -22.61 -7.48 -19.39
C SER C 52 -21.36 -6.63 -19.22
N GLU C 53 -20.42 -7.00 -18.37
CA GLU C 53 -19.24 -6.17 -18.17
C GLU C 53 -18.26 -6.34 -19.32
N SER C 54 -17.69 -5.22 -19.78
CA SER C 54 -16.80 -5.23 -20.93
C SER C 54 -15.37 -5.59 -20.51
N ILE C 55 -14.57 -5.94 -21.52
CA ILE C 55 -13.18 -6.36 -21.33
C ILE C 55 -12.28 -5.34 -22.01
N SER C 56 -11.21 -4.95 -21.33
CA SER C 56 -10.25 -4.04 -21.95
C SER C 56 -9.60 -4.72 -23.14
N GLY C 57 -9.46 -3.97 -24.23
CA GLY C 57 -8.91 -4.48 -25.47
C GLY C 57 -9.93 -4.97 -26.46
N ILE C 58 -11.22 -4.91 -26.14
CA ILE C 58 -12.28 -5.37 -27.03
C ILE C 58 -12.97 -4.13 -27.60
N PRO C 59 -13.27 -4.11 -28.90
CA PRO C 59 -14.00 -2.96 -29.46
C PRO C 59 -15.33 -2.73 -28.75
N SER C 60 -15.78 -1.48 -28.79
CA SER C 60 -16.99 -1.09 -28.07
C SER C 60 -18.27 -1.68 -28.67
N ARG C 61 -18.20 -2.23 -29.88
CA ARG C 61 -19.41 -2.76 -30.52
C ARG C 61 -19.93 -4.01 -29.80
N PHE C 62 -19.05 -4.74 -29.12
CA PHE C 62 -19.47 -5.94 -28.40
C PHE C 62 -20.09 -5.55 -27.06
N SER C 63 -21.21 -6.19 -26.73
CA SER C 63 -21.88 -5.94 -25.46
C SER C 63 -22.88 -7.05 -25.18
N GLY C 64 -22.97 -7.44 -23.91
CA GLY C 64 -23.93 -8.44 -23.46
C GLY C 64 -24.95 -7.83 -22.51
N SER C 65 -26.07 -8.51 -22.27
CA SER C 65 -27.16 -7.87 -21.54
C SER C 65 -27.98 -8.83 -20.67
N GLY C 66 -27.96 -10.12 -20.97
CA GLY C 66 -28.89 -11.04 -20.36
C GLY C 66 -28.71 -11.19 -18.85
N SER C 67 -29.72 -11.84 -18.24
CA SER C 67 -29.70 -12.18 -16.83
C SER C 67 -30.76 -13.24 -16.57
N GLY C 68 -30.48 -14.12 -15.61
CA GLY C 68 -31.40 -15.19 -15.27
C GLY C 68 -31.15 -16.47 -16.04
N THR C 69 -31.88 -16.66 -17.15
CA THR C 69 -31.66 -17.79 -18.04
C THR C 69 -31.41 -17.39 -19.49
N ASP C 70 -31.87 -16.22 -19.93
CA ASP C 70 -31.65 -15.74 -21.28
C ASP C 70 -30.46 -14.78 -21.29
N PHE C 71 -29.61 -14.92 -22.31
CA PHE C 71 -28.44 -14.07 -22.46
C PHE C 71 -28.25 -13.76 -23.94
N THR C 72 -27.72 -12.57 -24.21
CA THR C 72 -27.58 -12.09 -25.58
C THR C 72 -26.29 -11.30 -25.72
N LEU C 73 -25.51 -11.63 -26.75
CA LEU C 73 -24.36 -10.84 -27.17
C LEU C 73 -24.71 -10.12 -28.45
N THR C 74 -24.40 -8.82 -28.52
CA THR C 74 -24.72 -8.02 -29.69
C THR C 74 -23.48 -7.33 -30.22
N ILE C 75 -23.32 -7.35 -31.54
CA ILE C 75 -22.32 -6.55 -32.24
C ILE C 75 -23.08 -5.47 -33.00
N ASN C 76 -22.96 -4.22 -32.53
CA ASN C 76 -23.82 -3.16 -33.05
C ASN C 76 -23.52 -2.86 -34.52
N SER C 77 -22.29 -3.09 -34.97
CA SER C 77 -21.94 -2.87 -36.38
C SER C 77 -20.86 -3.88 -36.75
N VAL C 78 -21.25 -4.93 -37.47
CA VAL C 78 -20.35 -6.04 -37.75
C VAL C 78 -19.20 -5.57 -38.64
N GLU C 79 -17.98 -5.91 -38.24
CA GLU C 79 -16.81 -5.76 -39.08
C GLU C 79 -16.37 -7.12 -39.59
N SER C 80 -15.43 -7.12 -40.55
CA SER C 80 -15.01 -8.37 -41.17
C SER C 80 -14.28 -9.26 -40.18
N GLU C 81 -13.51 -8.67 -39.27
CA GLU C 81 -12.78 -9.46 -38.28
C GLU C 81 -13.69 -10.08 -37.23
N ASP C 82 -14.99 -9.76 -37.23
CA ASP C 82 -15.94 -10.37 -36.30
C ASP C 82 -16.48 -11.70 -36.81
N ILE C 83 -16.09 -12.13 -38.01
CA ILE C 83 -16.50 -13.42 -38.55
C ILE C 83 -15.76 -14.51 -37.78
N ALA C 84 -16.45 -15.16 -36.85
CA ALA C 84 -15.83 -16.17 -36.02
C ALA C 84 -16.93 -16.99 -35.35
N ASP C 85 -16.51 -17.94 -34.52
CA ASP C 85 -17.43 -18.66 -33.66
C ASP C 85 -17.55 -17.92 -32.33
N TYR C 86 -18.73 -18.04 -31.71
CA TYR C 86 -19.01 -17.34 -30.46
C TYR C 86 -19.59 -18.34 -29.47
N TYR C 87 -18.94 -18.47 -28.32
CA TYR C 87 -19.34 -19.41 -27.29
C TYR C 87 -19.67 -18.68 -26.00
N CYS C 88 -20.77 -19.07 -25.37
CA CYS C 88 -21.09 -18.63 -24.02
C CYS C 88 -20.65 -19.70 -23.02
N GLN C 89 -20.24 -19.25 -21.83
CA GLN C 89 -19.75 -20.13 -20.79
C GLN C 89 -20.38 -19.74 -19.46
N GLN C 90 -20.83 -20.74 -18.72
CA GLN C 90 -21.42 -20.52 -17.40
C GLN C 90 -20.39 -20.82 -16.31
N SER C 91 -20.43 -20.04 -15.23
CA SER C 91 -19.53 -20.21 -14.11
C SER C 91 -20.32 -20.28 -12.80
N ASN C 92 -21.58 -20.69 -12.88
CA ASN C 92 -22.43 -20.73 -11.70
C ASN C 92 -22.23 -22.01 -10.88
N SER C 93 -22.09 -23.15 -11.55
CA SER C 93 -21.97 -24.42 -10.84
C SER C 93 -21.02 -25.35 -11.60
N TRP C 94 -20.40 -26.27 -10.87
CA TRP C 94 -19.54 -27.25 -11.50
C TRP C 94 -20.38 -28.40 -12.07
N PRO C 95 -20.02 -28.92 -13.24
CA PRO C 95 -18.88 -28.43 -14.04
C PRO C 95 -19.23 -27.19 -14.87
N PHE C 96 -18.23 -26.37 -15.14
CA PHE C 96 -18.40 -25.28 -16.10
C PHE C 96 -18.76 -25.87 -17.46
N THR C 97 -19.73 -25.24 -18.13
CA THR C 97 -20.18 -25.72 -19.42
C THR C 97 -20.24 -24.57 -20.42
N PHE C 98 -20.08 -24.92 -21.69
CA PHE C 98 -20.15 -23.98 -22.79
C PHE C 98 -21.41 -24.21 -23.61
N GLY C 99 -21.83 -23.18 -24.33
CA GLY C 99 -22.88 -23.34 -25.30
C GLY C 99 -22.39 -24.09 -26.53
N SER C 100 -23.34 -24.51 -27.36
CA SER C 100 -23.01 -25.24 -28.57
C SER C 100 -22.32 -24.37 -29.62
N GLY C 101 -22.35 -23.05 -29.46
CA GLY C 101 -21.64 -22.16 -30.36
C GLY C 101 -22.57 -21.54 -31.38
N THR C 102 -22.20 -20.34 -31.84
CA THR C 102 -22.90 -19.63 -32.90
C THR C 102 -21.88 -19.18 -33.92
N LYS C 103 -22.05 -19.58 -35.17
CA LYS C 103 -21.11 -19.26 -36.24
C LYS C 103 -21.63 -18.08 -37.05
N LEU C 104 -20.76 -17.10 -37.27
CA LEU C 104 -21.04 -15.98 -38.15
C LEU C 104 -20.43 -16.22 -39.51
N GLU C 105 -21.16 -15.89 -40.56
CA GLU C 105 -20.63 -15.92 -41.92
C GLU C 105 -20.93 -14.59 -42.61
N ILE C 106 -20.66 -14.51 -43.91
CA ILE C 106 -20.94 -13.31 -44.70
C ILE C 106 -22.06 -13.64 -45.66
N LYS C 107 -23.09 -12.80 -45.69
CA LYS C 107 -24.19 -12.96 -46.63
C LYS C 107 -23.81 -12.37 -47.99
N ARG C 108 -24.16 -13.08 -49.05
CA ARG C 108 -23.95 -12.60 -50.41
C ARG C 108 -25.08 -13.10 -51.30
N THR C 109 -25.09 -12.63 -52.54
CA THR C 109 -26.11 -13.06 -53.49
C THR C 109 -26.00 -14.57 -53.73
N VAL C 110 -27.16 -15.22 -53.87
CA VAL C 110 -27.18 -16.67 -54.04
C VAL C 110 -26.46 -17.05 -55.33
N ALA C 111 -25.59 -18.06 -55.23
CA ALA C 111 -24.79 -18.51 -56.36
C ALA C 111 -24.92 -20.03 -56.50
N ALA C 112 -25.09 -20.48 -57.74
CA ALA C 112 -25.26 -21.89 -58.03
C ALA C 112 -23.90 -22.59 -58.12
N PRO C 113 -23.84 -23.88 -57.78
CA PRO C 113 -22.55 -24.59 -57.82
C PRO C 113 -22.22 -25.06 -59.23
N SER C 114 -20.96 -24.84 -59.64
CA SER C 114 -20.43 -25.44 -60.85
C SER C 114 -20.03 -26.87 -60.53
N VAL C 115 -20.74 -27.84 -61.09
CA VAL C 115 -20.58 -29.25 -60.75
C VAL C 115 -19.62 -29.92 -61.71
N PHE C 116 -18.73 -30.76 -61.16
CA PHE C 116 -17.77 -31.51 -61.97
C PHE C 116 -17.70 -32.94 -61.43
N ILE C 117 -17.30 -33.85 -62.31
CA ILE C 117 -17.18 -35.27 -62.00
C ILE C 117 -15.80 -35.74 -62.45
N PHE C 118 -15.20 -36.63 -61.67
CA PHE C 118 -13.85 -37.13 -61.95
C PHE C 118 -13.83 -38.65 -61.81
N PRO C 119 -13.62 -39.38 -62.90
CA PRO C 119 -13.49 -40.84 -62.80
C PRO C 119 -12.19 -41.21 -62.10
N PRO C 120 -12.09 -42.40 -61.52
CA PRO C 120 -10.82 -42.82 -60.92
C PRO C 120 -9.75 -42.98 -61.99
N SER C 121 -8.54 -42.55 -61.65
CA SER C 121 -7.41 -42.69 -62.55
C SER C 121 -7.05 -44.16 -62.75
N ASP C 122 -6.53 -44.48 -63.93
CA ASP C 122 -6.12 -45.84 -64.21
C ASP C 122 -4.99 -46.28 -63.29
N GLU C 123 -4.16 -45.34 -62.84
CA GLU C 123 -3.10 -45.67 -61.89
C GLU C 123 -3.69 -46.16 -60.57
N GLN C 124 -4.70 -45.45 -60.05
CA GLN C 124 -5.34 -45.89 -58.83
C GLN C 124 -6.09 -47.21 -59.02
N LEU C 125 -6.60 -47.45 -60.23
CA LEU C 125 -7.30 -48.70 -60.50
C LEU C 125 -6.37 -49.90 -60.36
N LYS C 126 -5.11 -49.74 -60.75
CA LYS C 126 -4.13 -50.83 -60.69
C LYS C 126 -3.76 -51.21 -59.26
N SER C 127 -4.17 -50.43 -58.26
CA SER C 127 -3.84 -50.72 -56.87
C SER C 127 -4.95 -51.46 -56.14
N GLY C 128 -6.16 -51.49 -56.67
CA GLY C 128 -7.25 -52.23 -56.08
C GLY C 128 -8.36 -51.39 -55.46
N THR C 129 -8.41 -50.10 -55.74
CA THR C 129 -9.43 -49.23 -55.16
C THR C 129 -9.71 -48.09 -56.13
N ALA C 130 -10.99 -47.79 -56.33
CA ALA C 130 -11.43 -46.72 -57.21
C ALA C 130 -12.06 -45.60 -56.40
N SER C 131 -11.73 -44.36 -56.74
CA SER C 131 -12.28 -43.18 -56.10
C SER C 131 -12.89 -42.27 -57.16
N VAL C 132 -14.20 -42.05 -57.06
CA VAL C 132 -14.91 -41.12 -57.94
C VAL C 132 -15.17 -39.85 -57.15
N VAL C 133 -14.82 -38.71 -57.73
CA VAL C 133 -14.84 -37.42 -57.04
C VAL C 133 -15.83 -36.50 -57.74
N CYS C 134 -16.84 -36.07 -57.01
CA CYS C 134 -17.80 -35.07 -57.48
C CYS C 134 -17.47 -33.75 -56.78
N LEU C 135 -17.29 -32.68 -57.58
CA LEU C 135 -16.83 -31.40 -57.07
C LEU C 135 -17.89 -30.33 -57.28
N LEU C 136 -18.22 -29.62 -56.20
CA LEU C 136 -19.10 -28.46 -56.24
C LEU C 136 -18.26 -27.22 -55.97
N ASN C 137 -18.35 -26.23 -56.85
CA ASN C 137 -17.42 -25.11 -56.85
C ASN C 137 -18.15 -23.77 -56.73
N ASN C 138 -17.74 -22.99 -55.74
CA ASN C 138 -18.12 -21.58 -55.60
C ASN C 138 -19.63 -21.39 -55.63
N PHE C 139 -20.27 -21.83 -54.55
CA PHE C 139 -21.71 -21.70 -54.37
C PHE C 139 -22.02 -21.02 -53.05
N TYR C 140 -23.28 -20.60 -52.91
CA TYR C 140 -23.79 -20.00 -51.67
C TYR C 140 -25.30 -20.13 -51.69
N PRO C 141 -25.94 -20.49 -50.57
CA PRO C 141 -25.32 -20.78 -49.27
C PRO C 141 -24.63 -22.15 -49.18
N ARG C 142 -24.15 -22.48 -47.98
CA ARG C 142 -23.35 -23.68 -47.80
C ARG C 142 -24.19 -24.94 -47.95
N GLU C 143 -25.49 -24.86 -47.69
CA GLU C 143 -26.34 -26.04 -47.70
C GLU C 143 -26.41 -26.64 -49.09
N ALA C 144 -26.08 -27.92 -49.21
CA ALA C 144 -26.13 -28.62 -50.47
C ALA C 144 -26.23 -30.11 -50.20
N LYS C 145 -26.91 -30.82 -51.11
CA LYS C 145 -27.11 -32.26 -51.01
C LYS C 145 -26.48 -32.93 -52.22
N VAL C 146 -25.68 -33.95 -51.98
CA VAL C 146 -24.99 -34.70 -53.03
C VAL C 146 -25.40 -36.16 -52.91
N GLN C 147 -26.08 -36.66 -53.93
CA GLN C 147 -26.54 -38.05 -53.97
C GLN C 147 -25.73 -38.82 -55.00
N TRP C 148 -25.23 -39.99 -54.63
CA TRP C 148 -24.41 -40.83 -55.48
C TRP C 148 -25.26 -41.95 -56.07
N LYS C 149 -25.35 -42.00 -57.39
CA LYS C 149 -26.15 -43.01 -58.09
C LYS C 149 -25.23 -43.81 -59.01
N VAL C 150 -25.15 -45.12 -58.76
CA VAL C 150 -24.35 -46.03 -59.57
C VAL C 150 -25.31 -47.01 -60.23
N ASP C 151 -25.44 -46.91 -61.55
CA ASP C 151 -26.43 -47.68 -62.31
C ASP C 151 -27.83 -47.46 -61.74
N ASN C 152 -28.15 -46.19 -61.51
CA ASN C 152 -29.43 -45.75 -60.96
C ASN C 152 -29.68 -46.28 -59.55
N ALA C 153 -28.62 -46.68 -58.84
CA ALA C 153 -28.74 -47.20 -57.48
C ALA C 153 -28.11 -46.20 -56.51
N LEU C 154 -28.90 -45.74 -55.55
CA LEU C 154 -28.40 -44.82 -54.54
C LEU C 154 -27.43 -45.53 -53.61
N GLN C 155 -26.30 -44.90 -53.35
CA GLN C 155 -25.28 -45.45 -52.47
C GLN C 155 -25.31 -44.76 -51.11
N SER C 156 -24.97 -45.53 -50.07
CA SER C 156 -24.96 -45.03 -48.70
C SER C 156 -23.78 -45.63 -47.97
N GLY C 157 -23.14 -44.81 -47.13
CA GLY C 157 -22.03 -45.29 -46.32
C GLY C 157 -20.77 -45.59 -47.07
N ASN C 158 -20.57 -44.98 -48.25
CA ASN C 158 -19.34 -45.19 -49.00
C ASN C 158 -18.79 -43.89 -49.57
N SER C 159 -19.29 -42.73 -49.14
CA SER C 159 -18.82 -41.45 -49.63
C SER C 159 -18.57 -40.52 -48.44
N GLN C 160 -17.55 -39.68 -48.55
CA GLN C 160 -17.22 -38.68 -47.56
C GLN C 160 -17.16 -37.31 -48.22
N GLU C 161 -17.65 -36.30 -47.51
CA GLU C 161 -17.68 -34.94 -48.02
C GLU C 161 -16.69 -34.06 -47.27
N SER C 162 -16.38 -32.92 -47.88
CA SER C 162 -15.46 -31.95 -47.29
C SER C 162 -15.78 -30.58 -47.85
N VAL C 163 -15.85 -29.58 -46.97
CA VAL C 163 -16.21 -28.22 -47.36
C VAL C 163 -15.08 -27.28 -46.94
N THR C 164 -14.68 -26.41 -47.86
CA THR C 164 -13.68 -25.41 -47.53
C THR C 164 -14.28 -24.32 -46.65
N GLU C 165 -13.42 -23.45 -46.15
CA GLU C 165 -13.88 -22.26 -45.43
C GLU C 165 -14.38 -21.23 -46.43
N GLN C 166 -15.24 -20.33 -45.94
CA GLN C 166 -15.79 -19.29 -46.80
C GLN C 166 -14.68 -18.44 -47.39
N ASP C 167 -14.71 -18.27 -48.71
CA ASP C 167 -13.67 -17.52 -49.39
C ASP C 167 -13.66 -16.07 -48.94
N SER C 168 -12.47 -15.54 -48.67
CA SER C 168 -12.37 -14.16 -48.22
C SER C 168 -12.67 -13.16 -49.33
N LYS C 169 -12.64 -13.60 -50.59
CA LYS C 169 -12.79 -12.69 -51.72
C LYS C 169 -14.20 -12.63 -52.28
N ASP C 170 -14.84 -13.78 -52.49
CA ASP C 170 -16.20 -13.82 -53.03
C ASP C 170 -17.21 -14.47 -52.10
N SER C 171 -16.81 -14.89 -50.91
CA SER C 171 -17.72 -15.39 -49.88
C SER C 171 -18.49 -16.64 -50.32
N THR C 172 -17.87 -17.46 -51.17
CA THR C 172 -18.48 -18.70 -51.62
C THR C 172 -17.85 -19.89 -50.92
N TYR C 173 -18.49 -21.05 -51.08
CA TYR C 173 -18.00 -22.31 -50.52
C TYR C 173 -17.71 -23.29 -51.65
N SER C 174 -17.01 -24.37 -51.30
CA SER C 174 -16.73 -25.45 -52.23
C SER C 174 -16.83 -26.78 -51.50
N LEU C 175 -17.34 -27.79 -52.19
CA LEU C 175 -17.58 -29.10 -51.61
C LEU C 175 -17.00 -30.18 -52.50
N SER C 176 -16.59 -31.29 -51.87
CA SER C 176 -16.03 -32.43 -52.59
C SER C 176 -16.54 -33.71 -51.95
N SER C 177 -17.24 -34.52 -52.74
CA SER C 177 -17.73 -35.83 -52.32
C SER C 177 -16.93 -36.91 -53.03
N THR C 178 -16.39 -37.85 -52.25
CA THR C 178 -15.51 -38.89 -52.78
C THR C 178 -16.17 -40.25 -52.56
N LEU C 179 -16.68 -40.84 -53.64
CA LEU C 179 -17.24 -42.18 -53.59
C LEU C 179 -16.12 -43.20 -53.75
N THR C 180 -16.05 -44.16 -52.82
CA THR C 180 -14.95 -45.12 -52.77
C THR C 180 -15.50 -46.53 -52.95
N LEU C 181 -15.05 -47.21 -54.01
CA LEU C 181 -15.40 -48.59 -54.28
C LEU C 181 -14.14 -49.37 -54.62
N SER C 182 -14.20 -50.69 -54.41
CA SER C 182 -13.10 -51.55 -54.80
C SER C 182 -13.02 -51.63 -56.32
N LYS C 183 -11.84 -52.04 -56.81
CA LYS C 183 -11.65 -52.20 -58.25
C LYS C 183 -12.63 -53.23 -58.81
N ALA C 184 -12.92 -54.28 -58.05
CA ALA C 184 -13.88 -55.29 -58.50
C ALA C 184 -15.29 -54.69 -58.59
N ASP C 185 -15.73 -54.02 -57.53
CA ASP C 185 -17.06 -53.41 -57.54
C ASP C 185 -17.15 -52.28 -58.57
N TYR C 186 -16.02 -51.62 -58.85
CA TYR C 186 -16.08 -50.47 -59.78
C TYR C 186 -16.34 -50.96 -61.20
N GLU C 187 -15.74 -52.08 -61.55
CA GLU C 187 -15.86 -52.54 -62.95
C GLU C 187 -17.16 -53.31 -63.17
N LYS C 188 -17.93 -53.54 -62.11
CA LYS C 188 -19.18 -54.34 -62.25
C LYS C 188 -20.29 -53.44 -62.78
N HIS C 189 -20.11 -52.12 -62.71
CA HIS C 189 -21.18 -51.19 -63.12
C HIS C 189 -20.67 -50.24 -64.20
N LYS C 190 -21.54 -49.39 -64.73
CA LYS C 190 -21.15 -48.51 -65.87
C LYS C 190 -21.50 -47.05 -65.61
N VAL C 191 -22.73 -46.75 -65.22
CA VAL C 191 -23.13 -45.32 -65.09
C VAL C 191 -22.80 -44.82 -63.69
N TYR C 192 -21.95 -43.78 -63.62
CA TYR C 192 -21.58 -43.19 -62.32
C TYR C 192 -22.03 -41.72 -62.33
N ALA C 193 -23.01 -41.36 -61.50
CA ALA C 193 -23.57 -40.02 -61.50
C ALA C 193 -23.67 -39.48 -60.08
N CYS C 194 -23.39 -38.20 -59.92
CA CYS C 194 -23.59 -37.50 -58.66
C CYS C 194 -24.67 -36.44 -58.86
N GLU C 195 -25.68 -36.44 -57.97
CA GLU C 195 -26.81 -35.54 -58.06
C GLU C 195 -26.64 -34.41 -57.04
N VAL C 196 -26.80 -33.17 -57.50
CA VAL C 196 -26.52 -31.99 -56.69
C VAL C 196 -27.77 -31.12 -56.66
N THR C 197 -28.34 -30.96 -55.47
CA THR C 197 -29.50 -30.09 -55.26
C THR C 197 -29.06 -28.91 -54.40
N HIS C 198 -29.26 -27.70 -54.92
CA HIS C 198 -28.83 -26.48 -54.25
C HIS C 198 -29.86 -25.39 -54.48
N GLN C 199 -29.87 -24.40 -53.58
CA GLN C 199 -30.86 -23.34 -53.65
C GLN C 199 -30.74 -22.53 -54.94
N GLY C 200 -29.54 -22.46 -55.51
CA GLY C 200 -29.34 -21.72 -56.74
C GLY C 200 -29.66 -22.52 -57.98
N LEU C 201 -30.38 -23.63 -57.80
CA LEU C 201 -30.72 -24.54 -58.88
C LEU C 201 -32.23 -24.71 -58.92
N SER C 202 -32.83 -24.43 -60.09
CA SER C 202 -34.27 -24.65 -60.25
C SER C 202 -34.63 -26.12 -60.08
N SER C 203 -33.71 -27.02 -60.43
CA SER C 203 -33.89 -28.45 -60.25
C SER C 203 -32.51 -29.07 -60.06
N PRO C 204 -32.44 -30.27 -59.49
CA PRO C 204 -31.13 -30.91 -59.33
C PRO C 204 -30.39 -31.06 -60.64
N VAL C 205 -29.07 -30.95 -60.58
CA VAL C 205 -28.18 -31.16 -61.72
C VAL C 205 -27.43 -32.47 -61.51
N THR C 206 -27.29 -33.23 -62.59
CA THR C 206 -26.61 -34.52 -62.54
C THR C 206 -25.38 -34.46 -63.44
N LYS C 207 -24.26 -34.96 -62.92
CA LYS C 207 -23.02 -35.09 -63.69
C LYS C 207 -22.64 -36.56 -63.70
N SER C 208 -22.50 -37.13 -64.89
CA SER C 208 -22.37 -38.57 -65.05
C SER C 208 -21.30 -38.91 -66.08
N PHE C 209 -20.81 -40.15 -66.00
CA PHE C 209 -19.87 -40.68 -66.97
C PHE C 209 -19.99 -42.19 -67.00
N ASN C 210 -19.76 -42.77 -68.17
CA ASN C 210 -19.77 -44.22 -68.34
C ASN C 210 -18.35 -44.77 -68.20
N ARG C 211 -18.24 -45.88 -67.48
CA ARG C 211 -16.92 -46.44 -67.18
C ARG C 211 -16.24 -46.93 -68.45
N GLY C 212 -14.96 -46.62 -68.59
CA GLY C 212 -14.17 -47.06 -69.72
C GLY C 212 -14.54 -46.44 -71.05
N GLU C 213 -15.47 -45.50 -71.07
CA GLU C 213 -15.93 -44.84 -72.29
C GLU C 213 -15.49 -43.38 -72.21
N CYS C 214 -14.27 -43.11 -72.64
CA CYS C 214 -13.72 -41.76 -72.60
C CYS C 214 -14.38 -40.88 -73.68
N VAL D 2 1.41 -10.79 -20.54
CA VAL D 2 0.96 -12.14 -20.14
C VAL D 2 1.02 -13.08 -21.35
N GLN D 3 1.88 -14.09 -21.27
CA GLN D 3 1.98 -15.10 -22.30
C GLN D 3 1.66 -16.47 -21.72
N ILE D 4 0.91 -17.27 -22.48
CA ILE D 4 0.55 -18.63 -22.10
C ILE D 4 0.97 -19.53 -23.25
N GLN D 5 2.12 -20.18 -23.12
CA GLN D 5 2.66 -21.04 -24.17
C GLN D 5 2.48 -22.50 -23.78
N GLN D 6 1.90 -23.28 -24.68
CA GLN D 6 1.61 -24.70 -24.46
C GLN D 6 2.62 -25.57 -25.21
N SER D 7 2.57 -26.87 -24.90
CA SER D 7 3.45 -27.83 -25.55
C SER D 7 3.05 -28.01 -27.01
N GLY D 8 3.93 -28.68 -27.76
CA GLY D 8 3.70 -28.92 -29.17
C GLY D 8 2.71 -30.03 -29.41
N ALA D 9 2.52 -30.33 -30.69
CA ALA D 9 1.60 -31.39 -31.08
C ALA D 9 2.10 -32.75 -30.60
N GLU D 10 1.17 -33.64 -30.29
CA GLU D 10 1.47 -34.97 -29.78
C GLU D 10 0.78 -36.02 -30.63
N LEU D 11 1.56 -37.00 -31.08
CA LEU D 11 1.06 -38.14 -31.85
C LEU D 11 1.29 -39.40 -31.01
N MET D 12 0.22 -39.97 -30.48
CA MET D 12 0.30 -41.08 -29.55
C MET D 12 -0.48 -42.27 -30.07
N ARG D 13 -0.15 -43.43 -29.54
CA ARG D 13 -0.78 -44.71 -29.79
C ARG D 13 -1.82 -45.00 -28.71
N PRO D 14 -2.89 -45.74 -29.03
CA PRO D 14 -3.88 -46.07 -28.02
C PRO D 14 -3.27 -46.87 -26.87
N GLY D 15 -3.69 -46.54 -25.65
CA GLY D 15 -3.22 -47.21 -24.45
C GLY D 15 -2.14 -46.45 -23.71
N ALA D 16 -1.37 -45.61 -24.39
CA ALA D 16 -0.30 -44.86 -23.76
C ALA D 16 -0.87 -43.61 -23.10
N SER D 17 0.02 -42.82 -22.50
CA SER D 17 -0.36 -41.58 -21.83
C SER D 17 0.60 -40.48 -22.24
N VAL D 18 0.11 -39.24 -22.19
CA VAL D 18 0.87 -38.08 -22.62
C VAL D 18 0.67 -36.95 -21.61
N LYS D 19 1.73 -36.15 -21.43
CA LYS D 19 1.72 -35.04 -20.47
C LYS D 19 1.76 -33.73 -21.23
N LEU D 20 0.68 -32.97 -21.14
CA LEU D 20 0.58 -31.66 -21.79
C LEU D 20 0.99 -30.57 -20.83
N SER D 21 1.77 -29.62 -21.32
CA SER D 21 2.34 -28.56 -20.49
C SER D 21 1.74 -27.21 -20.86
N CYS D 22 1.79 -26.29 -19.90
CA CYS D 22 1.16 -24.97 -20.04
C CYS D 22 1.95 -23.98 -19.17
N LYS D 23 2.96 -23.36 -19.78
CA LYS D 23 3.81 -22.40 -19.09
C LYS D 23 3.17 -21.01 -19.13
N ALA D 24 3.09 -20.36 -17.98
CA ALA D 24 2.45 -19.06 -17.85
C ALA D 24 3.43 -18.06 -17.28
N THR D 25 3.69 -16.99 -18.04
CA THR D 25 4.63 -15.95 -17.65
C THR D 25 3.96 -14.59 -17.76
N GLY D 26 4.64 -13.58 -17.23
CA GLY D 26 4.15 -12.21 -17.29
C GLY D 26 3.30 -11.78 -16.13
N TYR D 27 3.16 -12.60 -15.09
CA TYR D 27 2.35 -12.26 -13.93
C TYR D 27 2.76 -13.17 -12.78
N THR D 28 2.20 -12.88 -11.60
CA THR D 28 2.48 -13.67 -10.41
C THR D 28 1.73 -15.00 -10.51
N PHE D 29 2.47 -16.10 -10.64
CA PHE D 29 1.87 -17.41 -10.87
C PHE D 29 0.90 -17.78 -9.74
N THR D 30 1.40 -17.76 -8.50
CA THR D 30 0.60 -18.25 -7.37
C THR D 30 -0.66 -17.41 -7.19
N GLY D 31 -1.81 -18.10 -7.17
CA GLY D 31 -3.08 -17.47 -6.88
C GLY D 31 -4.10 -17.58 -8.00
N TYR D 32 -3.67 -17.79 -9.24
CA TYR D 32 -4.57 -17.87 -10.37
C TYR D 32 -4.98 -19.31 -10.63
N TRP D 33 -6.26 -19.51 -10.92
CA TRP D 33 -6.72 -20.79 -11.42
C TRP D 33 -6.31 -20.95 -12.88
N ILE D 34 -5.95 -22.17 -13.26
CA ILE D 34 -5.59 -22.49 -14.63
C ILE D 34 -6.58 -23.53 -15.13
N GLU D 35 -7.27 -23.20 -16.22
CA GLU D 35 -8.36 -24.03 -16.74
C GLU D 35 -7.89 -24.84 -17.95
N TRP D 36 -8.56 -25.96 -18.17
CA TRP D 36 -8.24 -26.85 -19.28
C TRP D 36 -9.52 -27.14 -20.05
N VAL D 37 -9.47 -26.92 -21.37
CA VAL D 37 -10.63 -27.03 -22.24
C VAL D 37 -10.28 -27.96 -23.39
N LYS D 38 -11.23 -28.82 -23.76
CA LYS D 38 -11.07 -29.76 -24.86
C LYS D 38 -11.97 -29.33 -26.01
N GLN D 39 -11.45 -29.41 -27.24
CA GLN D 39 -12.22 -29.07 -28.43
C GLN D 39 -11.93 -30.10 -29.52
N ARG D 40 -12.92 -30.93 -29.84
CA ARG D 40 -12.79 -31.85 -30.96
C ARG D 40 -12.97 -31.10 -32.27
N PRO D 41 -12.31 -31.55 -33.34
CA PRO D 41 -12.38 -30.81 -34.61
C PRO D 41 -13.80 -30.71 -35.13
N GLY D 42 -14.22 -29.49 -35.46
CA GLY D 42 -15.57 -29.25 -35.92
C GLY D 42 -16.63 -29.22 -34.84
N HIS D 43 -16.24 -29.32 -33.58
CA HIS D 43 -17.17 -29.34 -32.46
C HIS D 43 -16.91 -28.12 -31.57
N GLY D 44 -17.62 -28.08 -30.43
CA GLY D 44 -17.55 -26.95 -29.52
C GLY D 44 -16.54 -27.15 -28.41
N LEU D 45 -16.55 -26.22 -27.47
CA LEU D 45 -15.64 -26.25 -26.34
C LEU D 45 -16.21 -27.13 -25.23
N GLU D 46 -15.31 -27.67 -24.41
CA GLU D 46 -15.68 -28.63 -23.37
C GLU D 46 -14.72 -28.47 -22.21
N TRP D 47 -15.26 -28.17 -21.02
CA TRP D 47 -14.42 -27.88 -19.86
C TRP D 47 -13.95 -29.18 -19.23
N ILE D 48 -12.63 -29.31 -19.06
CA ILE D 48 -12.05 -30.49 -18.44
C ILE D 48 -11.95 -30.31 -16.93
N GLY D 49 -11.39 -29.19 -16.49
CA GLY D 49 -11.22 -28.96 -15.07
C GLY D 49 -10.29 -27.77 -14.83
N GLU D 50 -9.96 -27.58 -13.56
CA GLU D 50 -9.14 -26.45 -13.14
C GLU D 50 -8.17 -26.88 -12.05
N ILE D 51 -7.16 -26.04 -11.83
CA ILE D 51 -6.17 -26.28 -10.78
C ILE D 51 -5.68 -24.93 -10.28
N LEU D 52 -5.54 -24.81 -8.96
CA LEU D 52 -5.00 -23.60 -8.36
C LEU D 52 -3.48 -23.58 -8.53
N SER D 53 -2.95 -22.43 -8.96
CA SER D 53 -1.53 -22.36 -9.31
C SER D 53 -0.64 -22.61 -8.10
N GLY D 54 -0.90 -21.91 -7.00
CA GLY D 54 -0.03 -21.99 -5.85
C GLY D 54 -0.30 -23.17 -4.93
N ARG D 55 -1.56 -23.56 -4.78
CA ARG D 55 -1.94 -24.56 -3.80
C ARG D 55 -2.24 -25.94 -4.41
N GLY D 56 -2.41 -26.01 -5.72
CA GLY D 56 -2.56 -27.29 -6.41
C GLY D 56 -3.90 -27.98 -6.23
N THR D 57 -4.88 -27.35 -5.59
CA THR D 57 -6.19 -27.97 -5.48
C THR D 57 -6.83 -28.08 -6.86
N THR D 58 -7.53 -29.18 -7.10
CA THR D 58 -8.05 -29.51 -8.42
C THR D 58 -9.55 -29.74 -8.36
N ASN D 59 -10.22 -29.37 -9.45
CA ASN D 59 -11.65 -29.61 -9.63
C ASN D 59 -11.83 -30.21 -11.02
N TYR D 60 -12.42 -31.40 -11.10
CA TYR D 60 -12.52 -32.14 -12.34
C TYR D 60 -13.96 -32.23 -12.82
N ASN D 61 -14.14 -32.18 -14.13
CA ASN D 61 -15.42 -32.52 -14.73
C ASN D 61 -15.73 -33.99 -14.50
N GLU D 62 -17.02 -34.28 -14.30
CA GLU D 62 -17.45 -35.68 -14.16
C GLU D 62 -17.05 -36.50 -15.37
N LYS D 63 -16.99 -35.87 -16.56
CA LYS D 63 -16.65 -36.58 -17.78
C LYS D 63 -15.17 -36.94 -17.87
N PHE D 64 -14.31 -36.26 -17.11
CA PHE D 64 -12.87 -36.38 -17.30
C PHE D 64 -12.10 -36.88 -16.09
N LYS D 65 -12.77 -37.12 -14.97
CA LYS D 65 -12.06 -37.66 -13.81
C LYS D 65 -11.59 -39.07 -14.12
N GLY D 66 -10.36 -39.39 -13.71
CA GLY D 66 -9.72 -40.63 -14.05
C GLY D 66 -8.98 -40.63 -15.38
N LYS D 67 -9.28 -39.68 -16.25
CA LYS D 67 -8.58 -39.52 -17.52
C LYS D 67 -7.61 -38.35 -17.53
N ALA D 68 -8.01 -37.21 -16.98
CA ALA D 68 -7.16 -36.04 -16.88
C ALA D 68 -6.60 -35.92 -15.46
N THR D 69 -5.35 -35.50 -15.37
CA THR D 69 -4.69 -35.31 -14.07
C THR D 69 -3.92 -34.00 -14.11
N PHE D 70 -4.31 -33.07 -13.24
CA PHE D 70 -3.70 -31.74 -13.22
C PHE D 70 -2.57 -31.68 -12.20
N THR D 71 -1.47 -31.07 -12.61
CA THR D 71 -0.36 -30.77 -11.71
C THR D 71 0.19 -29.40 -12.07
N ALA D 72 0.87 -28.79 -11.12
CA ALA D 72 1.47 -27.47 -11.36
C ALA D 72 2.74 -27.36 -10.54
N ASP D 73 3.71 -26.66 -11.12
CA ASP D 73 5.00 -26.40 -10.44
C ASP D 73 5.17 -24.89 -10.30
N THR D 74 5.03 -24.38 -9.09
CA THR D 74 5.16 -22.93 -8.81
C THR D 74 6.54 -22.46 -9.24
N TYR D 75 7.54 -23.32 -9.13
CA TYR D 75 8.94 -22.93 -9.42
C TYR D 75 9.15 -22.63 -10.90
N SER D 76 8.46 -23.33 -11.80
CA SER D 76 8.67 -23.13 -13.25
C SER D 76 7.48 -22.39 -13.84
N ASN D 77 6.53 -21.98 -13.01
CA ASN D 77 5.31 -21.31 -13.47
C ASN D 77 4.63 -22.10 -14.58
N THR D 78 4.53 -23.41 -14.40
CA THR D 78 4.01 -24.31 -15.43
C THR D 78 2.93 -25.20 -14.85
N ALA D 79 1.80 -25.27 -15.56
CA ALA D 79 0.75 -26.23 -15.25
C ALA D 79 0.83 -27.40 -16.24
N TYR D 80 0.46 -28.59 -15.75
CA TYR D 80 0.51 -29.79 -16.56
C TYR D 80 -0.86 -30.46 -16.57
N MET D 81 -1.07 -31.29 -17.60
CA MET D 81 -2.25 -32.15 -17.69
C MET D 81 -1.83 -33.49 -18.26
N GLN D 82 -2.04 -34.55 -17.49
CA GLN D 82 -1.72 -35.91 -17.92
C GLN D 82 -3.00 -36.60 -18.39
N LEU D 83 -3.01 -37.02 -19.65
CA LEU D 83 -4.13 -37.76 -20.23
C LEU D 83 -3.76 -39.23 -20.29
N SER D 84 -4.43 -40.04 -19.47
CA SER D 84 -4.11 -41.46 -19.35
C SER D 84 -4.90 -42.27 -20.38
N SER D 85 -4.64 -43.58 -20.40
CA SER D 85 -5.29 -44.58 -21.24
C SER D 85 -5.87 -44.00 -22.53
N LEU D 86 -5.01 -43.60 -23.45
CA LEU D 86 -5.43 -42.76 -24.56
C LEU D 86 -6.33 -43.52 -25.53
N THR D 87 -7.43 -42.88 -25.90
CA THR D 87 -8.40 -43.37 -26.85
C THR D 87 -8.35 -42.49 -28.10
N THR D 88 -8.75 -43.06 -29.24
CA THR D 88 -8.93 -42.24 -30.44
C THR D 88 -9.91 -41.11 -30.18
N GLY D 89 -10.89 -41.33 -29.29
CA GLY D 89 -11.82 -40.28 -28.93
C GLY D 89 -11.18 -39.12 -28.20
N ASP D 90 -10.01 -39.33 -27.61
CA ASP D 90 -9.28 -38.25 -26.97
C ASP D 90 -8.60 -37.31 -27.96
N SER D 91 -8.60 -37.66 -29.25
CA SER D 91 -8.00 -36.81 -30.26
C SER D 91 -8.76 -35.49 -30.37
N ALA D 92 -8.13 -34.40 -29.96
CA ALA D 92 -8.75 -33.09 -29.97
C ALA D 92 -7.66 -32.05 -29.78
N ILE D 93 -8.05 -30.77 -29.81
CA ILE D 93 -7.18 -29.67 -29.45
C ILE D 93 -7.47 -29.31 -28.00
N TYR D 94 -6.41 -29.24 -27.19
CA TYR D 94 -6.54 -28.99 -25.76
C TYR D 94 -6.01 -27.60 -25.43
N TYR D 95 -6.86 -26.78 -24.82
CA TYR D 95 -6.49 -25.43 -24.44
C TYR D 95 -6.25 -25.36 -22.95
N CYS D 96 -5.27 -24.55 -22.56
CA CYS D 96 -5.14 -24.10 -21.19
C CYS D 96 -5.31 -22.59 -21.17
N ALA D 97 -5.91 -22.09 -20.10
CA ALA D 97 -6.17 -20.66 -20.00
C ALA D 97 -6.10 -20.23 -18.55
N ARG D 98 -5.55 -19.03 -18.33
CA ARG D 98 -5.55 -18.46 -17.00
C ARG D 98 -6.98 -18.11 -16.59
N GLY D 99 -7.39 -18.60 -15.44
CA GLY D 99 -8.71 -18.31 -14.90
C GLY D 99 -8.67 -17.13 -13.97
N GLY D 100 -9.65 -17.10 -13.07
CA GLY D 100 -9.71 -16.02 -12.10
C GLY D 100 -8.66 -16.15 -11.03
N PHE D 101 -8.26 -15.01 -10.48
CA PHE D 101 -7.35 -14.99 -9.34
C PHE D 101 -8.13 -15.36 -8.08
N LEU D 102 -7.69 -16.42 -7.40
CA LEU D 102 -8.32 -16.97 -6.21
C LEU D 102 -9.70 -17.60 -6.49
N TYR D 103 -10.47 -17.01 -7.40
CA TYR D 103 -11.84 -17.45 -7.65
C TYR D 103 -11.95 -17.95 -9.08
N GLY D 104 -12.12 -19.27 -9.23
CA GLY D 104 -12.34 -19.85 -10.54
C GLY D 104 -13.68 -19.52 -11.15
N ASP D 105 -14.47 -18.69 -10.48
CA ASP D 105 -15.73 -18.22 -11.04
C ASP D 105 -15.54 -17.16 -12.12
N GLY D 106 -14.33 -16.61 -12.26
CA GLY D 106 -14.09 -15.54 -13.19
C GLY D 106 -13.99 -16.03 -14.62
N PRO D 107 -13.86 -15.08 -15.55
CA PRO D 107 -13.73 -15.43 -16.96
C PRO D 107 -12.36 -16.02 -17.26
N PHE D 108 -12.29 -16.71 -18.40
CA PHE D 108 -11.02 -17.26 -18.86
C PHE D 108 -10.27 -16.14 -19.56
N ASP D 109 -9.24 -15.61 -18.87
CA ASP D 109 -8.69 -14.31 -19.20
C ASP D 109 -7.67 -14.38 -20.34
N TYR D 110 -6.74 -15.32 -20.26
CA TYR D 110 -5.63 -15.41 -21.21
C TYR D 110 -5.51 -16.87 -21.65
N TRP D 111 -5.81 -17.13 -22.91
CA TRP D 111 -5.80 -18.49 -23.44
C TRP D 111 -4.45 -18.82 -24.07
N GLY D 112 -4.08 -20.09 -24.02
CA GLY D 112 -2.93 -20.57 -24.75
C GLY D 112 -3.27 -20.81 -26.20
N GLN D 113 -2.23 -21.16 -26.97
CA GLN D 113 -2.42 -21.41 -28.39
C GLN D 113 -3.05 -22.76 -28.69
N GLY D 114 -3.13 -23.64 -27.70
CA GLY D 114 -3.70 -24.96 -27.89
C GLY D 114 -2.64 -26.00 -28.21
N THR D 115 -2.98 -27.26 -27.90
CA THR D 115 -2.11 -28.40 -28.14
C THR D 115 -2.92 -29.47 -28.86
N THR D 116 -2.56 -29.74 -30.11
CA THR D 116 -3.26 -30.74 -30.91
C THR D 116 -2.73 -32.14 -30.57
N LEU D 117 -3.61 -32.99 -30.08
CA LEU D 117 -3.28 -34.37 -29.74
C LEU D 117 -4.02 -35.30 -30.68
N THR D 118 -3.29 -36.17 -31.36
CA THR D 118 -3.87 -37.18 -32.23
C THR D 118 -3.52 -38.55 -31.70
N VAL D 119 -4.54 -39.37 -31.44
CA VAL D 119 -4.36 -40.74 -30.95
C VAL D 119 -4.87 -41.68 -32.03
N SER D 120 -3.99 -42.58 -32.49
CA SER D 120 -4.35 -43.47 -33.59
C SER D 120 -3.40 -44.66 -33.59
N SER D 121 -3.90 -45.80 -34.05
CA SER D 121 -3.08 -46.99 -34.19
C SER D 121 -2.32 -47.03 -35.52
N ALA D 122 -2.65 -46.15 -36.46
CA ALA D 122 -2.04 -46.17 -37.77
C ALA D 122 -0.56 -45.77 -37.70
N SER D 123 0.22 -46.31 -38.62
CA SER D 123 1.61 -45.93 -38.78
C SER D 123 1.72 -44.85 -39.85
N THR D 124 2.69 -43.95 -39.67
CA THR D 124 2.84 -42.85 -40.62
C THR D 124 3.24 -43.38 -41.99
N LYS D 125 2.61 -42.82 -43.02
CA LYS D 125 2.79 -43.31 -44.38
C LYS D 125 2.62 -42.15 -45.35
N GLY D 126 3.46 -42.12 -46.38
CA GLY D 126 3.38 -41.11 -47.40
C GLY D 126 2.16 -41.31 -48.29
N PRO D 127 1.62 -40.22 -48.81
CA PRO D 127 0.39 -40.30 -49.59
C PRO D 127 0.63 -40.75 -51.03
N SER D 128 -0.41 -41.35 -51.60
CA SER D 128 -0.45 -41.68 -53.02
C SER D 128 -1.26 -40.61 -53.74
N VAL D 129 -0.65 -39.94 -54.70
CA VAL D 129 -1.29 -38.85 -55.43
C VAL D 129 -1.76 -39.38 -56.78
N PHE D 130 -3.06 -39.24 -57.05
CA PHE D 130 -3.64 -39.64 -58.31
C PHE D 130 -4.26 -38.43 -59.01
N PRO D 131 -4.17 -38.36 -60.33
CA PRO D 131 -4.71 -37.18 -61.03
C PRO D 131 -6.22 -37.19 -61.12
N LEU D 132 -6.78 -35.98 -61.10
CA LEU D 132 -8.19 -35.74 -61.39
C LEU D 132 -8.23 -35.04 -62.74
N ALA D 133 -8.17 -35.84 -63.81
CA ALA D 133 -8.00 -35.32 -65.15
C ALA D 133 -9.18 -34.42 -65.54
N PRO D 134 -8.93 -33.37 -66.31
CA PRO D 134 -10.03 -32.55 -66.83
C PRO D 134 -10.86 -33.34 -67.83
N SER D 135 -12.17 -33.11 -67.79
CA SER D 135 -13.08 -33.88 -68.63
C SER D 135 -12.82 -33.59 -70.11
N SER D 136 -13.10 -34.60 -70.94
CA SER D 136 -13.02 -34.40 -72.39
C SER D 136 -13.98 -33.32 -72.84
N LYS D 137 -15.19 -33.30 -72.26
CA LYS D 137 -16.15 -32.22 -72.49
C LYS D 137 -15.89 -31.17 -71.42
N SER D 138 -15.12 -30.14 -71.77
CA SER D 138 -14.65 -29.16 -70.81
C SER D 138 -15.19 -27.76 -71.05
N THR D 139 -16.24 -27.60 -71.88
CA THR D 139 -16.82 -26.29 -72.12
C THR D 139 -17.84 -25.89 -71.05
N SER D 140 -17.74 -26.56 -69.89
CA SER D 140 -18.65 -26.28 -68.74
C SER D 140 -18.30 -24.90 -68.18
N GLY D 141 -18.75 -23.85 -68.86
CA GLY D 141 -18.42 -22.48 -68.42
C GLY D 141 -17.17 -21.96 -69.12
N GLY D 142 -16.77 -22.58 -70.23
CA GLY D 142 -15.50 -22.17 -70.86
C GLY D 142 -14.42 -22.36 -69.82
N THR D 143 -14.75 -23.14 -68.79
CA THR D 143 -13.81 -23.38 -67.70
C THR D 143 -13.69 -24.87 -67.45
N ALA D 144 -12.45 -25.36 -67.31
CA ALA D 144 -12.21 -26.74 -66.97
C ALA D 144 -11.91 -26.87 -65.48
N ALA D 145 -11.93 -28.11 -64.99
CA ALA D 145 -11.61 -28.41 -63.61
C ALA D 145 -10.66 -29.59 -63.57
N LEU D 146 -9.59 -29.47 -62.80
CA LEU D 146 -8.60 -30.52 -62.64
C LEU D 146 -8.13 -30.51 -61.18
N GLY D 147 -7.27 -31.47 -60.84
CA GLY D 147 -6.71 -31.50 -59.51
C GLY D 147 -6.02 -32.82 -59.23
N CYS D 148 -5.66 -32.99 -57.96
CA CYS D 148 -5.00 -34.19 -57.49
C CYS D 148 -5.76 -34.76 -56.31
N LEU D 149 -5.76 -36.09 -56.20
CA LEU D 149 -6.36 -36.79 -55.08
C LEU D 149 -5.23 -37.33 -54.21
N VAL D 150 -5.04 -36.70 -53.04
CA VAL D 150 -4.00 -37.10 -52.10
C VAL D 150 -4.63 -38.11 -51.14
N LYS D 151 -4.37 -39.38 -51.37
CA LYS D 151 -5.08 -40.47 -50.71
C LYS D 151 -4.17 -41.26 -49.79
N ASP D 152 -4.72 -41.70 -48.65
CA ASP D 152 -4.06 -42.61 -47.73
C ASP D 152 -2.74 -42.06 -47.20
N TYR D 153 -2.81 -41.12 -46.25
CA TYR D 153 -1.61 -40.62 -45.60
C TYR D 153 -1.91 -40.39 -44.12
N PHE D 154 -0.87 -40.53 -43.30
CA PHE D 154 -0.95 -40.35 -41.87
C PHE D 154 0.42 -39.92 -41.38
N PRO D 155 0.50 -38.96 -40.43
CA PRO D 155 -0.63 -38.18 -39.93
C PRO D 155 -0.78 -36.87 -40.68
N GLU D 156 -1.56 -35.95 -40.12
CA GLU D 156 -1.69 -34.63 -40.71
C GLU D 156 -0.39 -33.83 -40.52
N PRO D 157 -0.13 -32.85 -41.40
CA PRO D 157 -0.90 -32.49 -42.58
C PRO D 157 -0.14 -32.73 -43.88
N VAL D 158 -0.77 -32.34 -44.99
CA VAL D 158 -0.10 -32.26 -46.28
C VAL D 158 -0.22 -30.84 -46.79
N THR D 159 0.80 -30.39 -47.52
CA THR D 159 0.77 -29.11 -48.20
C THR D 159 0.72 -29.36 -49.70
N VAL D 160 -0.19 -28.68 -50.39
CA VAL D 160 -0.39 -28.84 -51.81
C VAL D 160 -0.27 -27.48 -52.48
N SER D 161 0.71 -27.33 -53.36
CA SER D 161 0.87 -26.16 -54.19
C SER D 161 0.74 -26.58 -55.65
N TRP D 162 0.48 -25.60 -56.51
CA TRP D 162 0.29 -25.85 -57.94
C TRP D 162 1.33 -25.08 -58.74
N ASN D 163 2.04 -25.81 -59.61
CA ASN D 163 3.09 -25.23 -60.45
C ASN D 163 4.17 -24.55 -59.60
N SER D 164 4.57 -25.22 -58.52
CA SER D 164 5.61 -24.74 -57.62
C SER D 164 5.28 -23.32 -57.10
N GLY D 165 4.00 -23.10 -56.81
CA GLY D 165 3.54 -21.83 -56.30
C GLY D 165 3.12 -20.83 -57.36
N ALA D 166 3.37 -21.11 -58.64
CA ALA D 166 2.99 -20.18 -59.70
C ALA D 166 1.49 -20.14 -59.93
N LEU D 167 0.76 -21.19 -59.55
CA LEU D 167 -0.68 -21.26 -59.73
C LEU D 167 -1.33 -21.25 -58.35
N THR D 168 -1.99 -20.15 -58.02
CA THR D 168 -2.66 -20.01 -56.72
C THR D 168 -4.14 -19.65 -56.90
N SER D 169 -4.45 -18.89 -57.96
CA SER D 169 -5.82 -18.43 -58.15
C SER D 169 -6.72 -19.56 -58.62
N GLY D 170 -7.91 -19.65 -58.02
CA GLY D 170 -8.86 -20.70 -58.31
C GLY D 170 -8.54 -22.04 -57.69
N VAL D 171 -7.53 -22.12 -56.84
CA VAL D 171 -7.13 -23.38 -56.22
C VAL D 171 -7.94 -23.59 -54.96
N HIS D 172 -8.52 -24.79 -54.81
CA HIS D 172 -9.25 -25.19 -53.62
C HIS D 172 -8.63 -26.48 -53.10
N THR D 173 -7.97 -26.40 -51.95
CA THR D 173 -7.45 -27.58 -51.26
C THR D 173 -8.39 -27.90 -50.11
N PHE D 174 -9.14 -28.99 -50.24
CA PHE D 174 -10.19 -29.29 -49.29
C PHE D 174 -9.60 -29.78 -47.97
N PRO D 175 -10.25 -29.49 -46.85
CA PRO D 175 -9.80 -30.05 -45.57
C PRO D 175 -9.82 -31.56 -45.61
N ALA D 176 -8.82 -32.17 -44.96
CA ALA D 176 -8.68 -33.61 -44.99
C ALA D 176 -9.79 -34.29 -44.20
N VAL D 177 -10.12 -35.51 -44.61
CA VAL D 177 -11.08 -36.35 -43.92
C VAL D 177 -10.36 -37.63 -43.49
N LEU D 178 -10.90 -38.25 -42.44
CA LEU D 178 -10.35 -39.50 -41.90
C LEU D 178 -11.14 -40.66 -42.46
N GLN D 179 -10.53 -41.41 -43.37
CA GLN D 179 -11.19 -42.59 -43.93
C GLN D 179 -11.36 -43.67 -42.87
N SER D 180 -12.15 -44.69 -43.21
CA SER D 180 -12.41 -45.77 -42.25
C SER D 180 -11.14 -46.53 -41.89
N SER D 181 -10.15 -46.54 -42.78
CA SER D 181 -8.90 -47.25 -42.55
C SER D 181 -7.96 -46.53 -41.59
N GLY D 182 -8.37 -45.38 -41.05
CA GLY D 182 -7.51 -44.59 -40.18
C GLY D 182 -6.53 -43.69 -40.89
N LEU D 183 -6.54 -43.69 -42.22
CA LEU D 183 -5.62 -42.87 -43.01
C LEU D 183 -6.39 -41.68 -43.57
N TYR D 184 -5.71 -40.53 -43.63
CA TYR D 184 -6.34 -39.31 -44.11
C TYR D 184 -6.32 -39.25 -45.64
N SER D 185 -7.35 -38.60 -46.19
CA SER D 185 -7.44 -38.38 -47.62
C SER D 185 -7.82 -36.93 -47.89
N LEU D 186 -7.40 -36.42 -49.05
CA LEU D 186 -7.56 -35.01 -49.35
C LEU D 186 -7.58 -34.84 -50.87
N SER D 187 -8.27 -33.79 -51.32
CA SER D 187 -8.31 -33.42 -52.72
C SER D 187 -8.01 -31.94 -52.87
N SER D 188 -7.28 -31.60 -53.93
CA SER D 188 -6.94 -30.20 -54.25
C SER D 188 -7.32 -29.96 -55.70
N VAL D 189 -8.33 -29.12 -55.93
CA VAL D 189 -8.85 -28.87 -57.26
C VAL D 189 -8.58 -27.42 -57.64
N VAL D 190 -8.67 -27.15 -58.95
CA VAL D 190 -8.46 -25.81 -59.48
C VAL D 190 -9.18 -25.73 -60.81
N THR D 191 -9.71 -24.54 -61.11
CA THR D 191 -10.40 -24.28 -62.36
C THR D 191 -9.54 -23.40 -63.24
N VAL D 192 -9.39 -23.79 -64.51
CA VAL D 192 -8.50 -23.12 -65.45
C VAL D 192 -9.27 -22.88 -66.74
N PRO D 193 -8.80 -21.97 -67.60
CA PRO D 193 -9.48 -21.75 -68.88
C PRO D 193 -9.49 -23.02 -69.74
N SER D 194 -10.66 -23.31 -70.30
CA SER D 194 -10.81 -24.50 -71.13
C SER D 194 -9.97 -24.44 -72.40
N SER D 195 -9.49 -23.26 -72.77
CA SER D 195 -8.65 -23.09 -73.96
C SER D 195 -7.18 -23.35 -73.68
N SER D 196 -6.81 -23.68 -72.44
CA SER D 196 -5.42 -23.83 -72.05
C SER D 196 -5.06 -25.26 -71.67
N LEU D 197 -5.93 -26.24 -71.95
CA LEU D 197 -5.61 -27.61 -71.60
C LEU D 197 -4.49 -28.18 -72.47
N GLY D 198 -4.40 -27.75 -73.73
CA GLY D 198 -3.37 -28.24 -74.61
C GLY D 198 -2.04 -27.52 -74.43
N THR D 199 -2.11 -26.21 -74.14
CA THR D 199 -0.89 -25.42 -74.03
C THR D 199 -0.28 -25.53 -72.64
N GLN D 200 -1.08 -25.30 -71.60
CA GLN D 200 -0.54 -25.21 -70.25
C GLN D 200 -0.30 -26.59 -69.65
N THR D 201 0.63 -26.65 -68.70
CA THR D 201 1.02 -27.87 -68.03
C THR D 201 0.82 -27.69 -66.53
N TYR D 202 0.10 -28.63 -65.91
CA TYR D 202 -0.33 -28.50 -64.52
C TYR D 202 0.27 -29.62 -63.69
N ILE D 203 1.02 -29.24 -62.65
CA ILE D 203 1.60 -30.17 -61.69
C ILE D 203 1.19 -29.75 -60.30
N CYS D 204 0.75 -30.71 -59.49
CA CYS D 204 0.49 -30.48 -58.08
C CYS D 204 1.69 -30.95 -57.27
N ASN D 205 2.18 -30.08 -56.39
CA ASN D 205 3.34 -30.38 -55.54
C ASN D 205 2.82 -30.75 -54.16
N VAL D 206 2.86 -32.04 -53.84
CA VAL D 206 2.32 -32.58 -52.61
C VAL D 206 3.46 -32.92 -51.68
N ASN D 207 3.44 -32.32 -50.49
CA ASN D 207 4.48 -32.53 -49.48
C ASN D 207 3.84 -33.09 -48.21
N HIS D 208 4.47 -34.11 -47.63
CA HIS D 208 4.03 -34.74 -46.38
C HIS D 208 5.26 -34.87 -45.49
N LYS D 209 5.56 -33.81 -44.74
CA LYS D 209 6.78 -33.79 -43.93
C LYS D 209 6.87 -34.93 -42.91
N PRO D 210 5.82 -35.31 -42.19
CA PRO D 210 5.98 -36.39 -41.19
C PRO D 210 6.44 -37.72 -41.79
N SER D 211 6.36 -37.90 -43.10
CA SER D 211 6.87 -39.09 -43.76
C SER D 211 8.07 -38.82 -44.64
N ASN D 212 8.53 -37.56 -44.72
CA ASN D 212 9.67 -37.17 -45.57
C ASN D 212 9.40 -37.53 -47.02
N THR D 213 8.15 -37.39 -47.45
CA THR D 213 7.71 -37.73 -48.80
C THR D 213 7.31 -36.47 -49.56
N LYS D 214 7.76 -36.38 -50.80
CA LYS D 214 7.36 -35.31 -51.71
C LYS D 214 7.01 -35.93 -53.05
N VAL D 215 5.89 -35.50 -53.63
CA VAL D 215 5.38 -36.10 -54.86
C VAL D 215 4.90 -34.99 -55.79
N ASP D 216 5.40 -34.99 -57.02
CA ASP D 216 4.85 -34.17 -58.09
C ASP D 216 4.06 -35.06 -59.03
N LYS D 217 2.83 -34.65 -59.33
CA LYS D 217 1.95 -35.42 -60.20
C LYS D 217 1.43 -34.50 -61.30
N ARG D 218 1.66 -34.90 -62.55
CA ARG D 218 1.17 -34.16 -63.70
C ARG D 218 -0.22 -34.67 -64.08
N VAL D 219 -1.16 -33.76 -64.26
CA VAL D 219 -2.51 -34.08 -64.68
C VAL D 219 -2.72 -33.55 -66.09
N GLU D 220 -3.42 -34.31 -66.91
CA GLU D 220 -3.60 -33.97 -68.31
C GLU D 220 -4.75 -34.79 -68.87
N PRO D 221 -5.50 -34.27 -69.85
CA PRO D 221 -6.59 -35.01 -70.49
C PRO D 221 -6.12 -36.25 -71.24
N GLU E 1 49.11 -5.05 5.62
CA GLU E 1 47.69 -4.66 5.55
C GLU E 1 47.10 -4.57 6.95
N VAL E 2 45.83 -4.17 7.02
CA VAL E 2 45.14 -4.08 8.31
C VAL E 2 44.84 -5.46 8.84
N GLN E 3 45.13 -5.70 10.11
CA GLN E 3 44.90 -6.99 10.73
C GLN E 3 44.33 -6.79 12.14
N LEU E 4 43.29 -7.55 12.47
CA LEU E 4 42.70 -7.57 13.79
C LEU E 4 42.58 -9.01 14.24
N VAL E 5 43.13 -9.32 15.41
CA VAL E 5 43.17 -10.68 15.94
C VAL E 5 42.52 -10.68 17.31
N GLU E 6 41.37 -11.34 17.41
CA GLU E 6 40.66 -11.44 18.68
C GLU E 6 41.19 -12.62 19.49
N SER E 7 40.99 -12.53 20.81
CA SER E 7 41.41 -13.59 21.73
C SER E 7 40.67 -13.39 23.05
N GLY E 8 40.74 -14.41 23.89
CA GLY E 8 40.15 -14.36 25.22
C GLY E 8 38.85 -15.13 25.36
N GLY E 9 38.21 -15.49 24.25
CA GLY E 9 36.98 -16.23 24.30
C GLY E 9 37.21 -17.68 24.71
N GLY E 10 36.10 -18.39 24.90
CA GLY E 10 36.18 -19.79 25.26
C GLY E 10 34.91 -20.23 25.96
N LEU E 11 35.05 -21.29 26.75
CA LEU E 11 33.93 -21.85 27.51
C LEU E 11 33.85 -21.19 28.87
N VAL E 12 32.63 -20.92 29.31
CA VAL E 12 32.39 -20.31 30.61
C VAL E 12 30.99 -20.69 31.05
N LYS E 13 30.83 -20.92 32.36
CA LYS E 13 29.53 -21.27 32.89
C LYS E 13 28.66 -20.02 33.06
N PRO E 14 27.33 -20.18 33.00
CA PRO E 14 26.42 -19.03 33.15
C PRO E 14 26.67 -18.22 34.41
N GLY E 15 27.07 -16.97 34.25
CA GLY E 15 27.39 -16.09 35.37
C GLY E 15 28.85 -15.77 35.50
N GLY E 16 29.71 -16.43 34.73
CA GLY E 16 31.13 -16.18 34.78
C GLY E 16 31.52 -14.92 34.04
N SER E 17 32.84 -14.76 33.86
CA SER E 17 33.39 -13.56 33.24
C SER E 17 34.45 -13.93 32.22
N LEU E 18 34.53 -13.12 31.16
CA LEU E 18 35.59 -13.21 30.17
C LEU E 18 36.04 -11.80 29.83
N ARG E 19 37.28 -11.69 29.36
CA ARG E 19 37.87 -10.42 28.95
C ARG E 19 38.51 -10.62 27.59
N LEU E 20 37.84 -10.16 26.54
CA LEU E 20 38.36 -10.31 25.18
C LEU E 20 39.47 -9.30 24.91
N SER E 21 40.36 -9.70 24.02
CA SER E 21 41.42 -8.82 23.52
C SER E 21 41.38 -8.85 22.00
N CYS E 22 41.53 -7.68 21.38
CA CYS E 22 41.67 -7.58 19.94
C CYS E 22 43.01 -6.90 19.66
N ALA E 23 43.97 -7.67 19.16
CA ALA E 23 45.26 -7.11 18.78
C ALA E 23 45.18 -6.54 17.37
N ALA E 24 45.61 -5.28 17.22
CA ALA E 24 45.52 -4.56 15.96
C ALA E 24 46.90 -4.17 15.47
N SER E 25 47.05 -4.16 14.14
CA SER E 25 48.29 -3.75 13.50
C SER E 25 48.00 -3.41 12.05
N GLY E 26 49.00 -2.85 11.39
CA GLY E 26 48.87 -2.49 9.99
C GLY E 26 48.22 -1.15 9.72
N PHE E 27 47.77 -0.44 10.75
CA PHE E 27 47.18 0.88 10.58
C PHE E 27 47.47 1.68 11.84
N THR E 28 47.08 2.96 11.82
CA THR E 28 47.26 3.84 12.97
C THR E 28 46.09 3.61 13.91
N PHE E 29 46.32 2.81 14.95
CA PHE E 29 45.23 2.39 15.83
C PHE E 29 44.63 3.57 16.58
N SER E 30 45.47 4.49 17.05
CA SER E 30 45.00 5.62 17.86
C SER E 30 44.07 6.55 17.08
N SER E 31 43.98 6.42 15.76
CA SER E 31 43.21 7.33 14.94
C SER E 31 41.84 6.81 14.53
N TYR E 32 41.45 5.64 15.03
CA TYR E 32 40.19 5.02 14.63
C TYR E 32 39.37 4.64 15.85
N SER E 33 38.05 4.69 15.67
CA SER E 33 37.11 4.17 16.66
C SER E 33 36.89 2.68 16.41
N MET E 34 36.90 1.90 17.50
CA MET E 34 36.77 0.46 17.41
C MET E 34 35.43 0.00 17.97
N ASN E 35 34.95 -1.14 17.47
CA ASN E 35 33.65 -1.68 17.85
C ASN E 35 33.78 -3.18 18.09
N TRP E 36 32.86 -3.70 18.90
CA TRP E 36 32.68 -5.14 19.07
C TRP E 36 31.34 -5.53 18.45
N VAL E 37 31.37 -6.50 17.54
CA VAL E 37 30.18 -7.02 16.89
C VAL E 37 30.14 -8.52 17.09
N ARG E 38 29.00 -9.05 17.53
CA ARG E 38 28.86 -10.46 17.84
C ARG E 38 27.82 -11.10 16.94
N GLN E 39 27.93 -12.42 16.78
CA GLN E 39 27.05 -13.21 15.93
C GLN E 39 26.78 -14.54 16.61
N ALA E 40 25.53 -14.78 16.99
CA ALA E 40 25.15 -16.04 17.57
C ALA E 40 25.28 -17.16 16.53
N PRO E 41 25.53 -18.40 16.97
CA PRO E 41 25.64 -19.52 16.01
C PRO E 41 24.41 -19.67 15.13
N GLY E 42 24.56 -19.43 13.84
CA GLY E 42 23.45 -19.55 12.90
C GLY E 42 22.49 -18.39 12.91
N LYS E 43 22.86 -17.26 13.50
CA LYS E 43 22.01 -16.07 13.57
C LYS E 43 22.71 -14.90 12.89
N GLY E 44 22.14 -13.70 13.08
CA GLY E 44 22.62 -12.52 12.41
C GLY E 44 23.67 -11.76 13.22
N LEU E 45 24.05 -10.61 12.69
CA LEU E 45 25.05 -9.74 13.30
C LEU E 45 24.37 -8.75 14.24
N GLU E 46 24.94 -8.57 15.42
CA GLU E 46 24.43 -7.65 16.42
C GLU E 46 25.58 -6.82 16.97
N TRP E 47 25.44 -5.49 16.89
CA TRP E 47 26.46 -4.60 17.42
C TRP E 47 26.42 -4.59 18.95
N VAL E 48 27.59 -4.60 19.58
CA VAL E 48 27.73 -4.78 21.02
C VAL E 48 28.15 -3.50 21.71
N SER E 49 29.32 -2.96 21.34
CA SER E 49 29.86 -1.79 22.03
C SER E 49 30.86 -1.10 21.12
N SER E 50 31.09 0.18 21.39
CA SER E 50 32.02 0.98 20.60
C SER E 50 32.75 1.97 21.50
N ILE E 51 33.99 2.26 21.15
CA ILE E 51 34.84 3.18 21.88
C ILE E 51 35.44 4.16 20.88
N SER E 52 35.54 5.43 21.29
CA SER E 52 36.09 6.45 20.41
C SER E 52 37.62 6.37 20.40
N SER E 53 38.23 7.25 19.60
CA SER E 53 39.69 7.21 19.45
C SER E 53 40.40 7.59 20.74
N SER E 54 39.80 8.45 21.56
CA SER E 54 40.39 8.91 22.81
C SER E 54 39.76 8.24 24.04
N SER E 55 38.90 7.25 23.84
CA SER E 55 38.21 6.51 24.90
C SER E 55 37.31 7.38 25.75
N SER E 56 37.07 8.63 25.34
CA SER E 56 36.20 9.52 26.10
C SER E 56 34.74 9.41 25.68
N TYR E 57 34.44 8.67 24.62
CA TYR E 57 33.08 8.50 24.11
C TYR E 57 32.84 7.01 23.90
N ILE E 58 31.95 6.44 24.71
CA ILE E 58 31.76 5.00 24.78
C ILE E 58 30.27 4.70 24.70
N TYR E 59 29.91 3.67 23.93
CA TYR E 59 28.53 3.24 23.78
C TYR E 59 28.41 1.74 23.98
N TYR E 60 27.26 1.32 24.47
CA TYR E 60 26.94 -0.11 24.63
C TYR E 60 25.56 -0.37 24.04
N ALA E 61 25.37 -1.61 23.57
CA ALA E 61 24.04 -2.06 23.23
C ALA E 61 23.20 -2.23 24.49
N ASP E 62 21.88 -2.16 24.33
CA ASP E 62 20.99 -2.19 25.49
C ASP E 62 21.06 -3.52 26.22
N SER E 63 21.25 -4.63 25.49
CA SER E 63 21.28 -5.95 26.10
C SER E 63 22.55 -6.21 26.91
N VAL E 64 23.61 -5.44 26.69
CA VAL E 64 24.87 -5.63 27.41
C VAL E 64 25.24 -4.44 28.27
N LYS E 65 24.53 -3.32 28.16
CA LYS E 65 24.76 -2.20 29.06
C LYS E 65 24.55 -2.63 30.50
N GLY E 66 25.56 -2.41 31.34
CA GLY E 66 25.50 -2.80 32.73
C GLY E 66 26.24 -4.07 33.05
N ARG E 67 26.55 -4.88 32.05
CA ARG E 67 27.36 -6.09 32.24
C ARG E 67 28.71 -6.01 31.55
N PHE E 68 28.84 -5.21 30.50
CA PHE E 68 30.04 -5.18 29.67
C PHE E 68 30.79 -3.87 29.86
N THR E 69 32.11 -3.93 29.68
CA THR E 69 32.95 -2.74 29.76
C THR E 69 33.96 -2.79 28.61
N ILE E 70 33.95 -1.76 27.78
CA ILE E 70 34.88 -1.66 26.67
C ILE E 70 35.99 -0.70 27.05
N SER E 71 37.19 -0.97 26.53
CA SER E 71 38.35 -0.11 26.77
C SER E 71 39.39 -0.42 25.70
N ARG E 72 40.43 0.41 25.67
CA ARG E 72 41.50 0.23 24.70
C ARG E 72 42.81 0.72 25.31
N ASP E 73 43.91 0.21 24.77
CA ASP E 73 45.25 0.67 25.11
C ASP E 73 45.95 1.02 23.80
N ASN E 74 46.02 2.32 23.49
CA ASN E 74 46.62 2.75 22.24
C ASN E 74 48.09 2.37 22.16
N ALA E 75 48.80 2.40 23.29
CA ALA E 75 50.22 2.04 23.28
C ALA E 75 50.41 0.59 22.87
N LYS E 76 49.51 -0.29 23.28
CA LYS E 76 49.59 -1.71 22.93
C LYS E 76 48.69 -2.08 21.76
N ASN E 77 48.10 -1.10 21.09
CA ASN E 77 47.28 -1.32 19.89
C ASN E 77 46.17 -2.34 20.15
N SER E 78 45.64 -2.35 21.37
CA SER E 78 44.72 -3.39 21.81
C SER E 78 43.35 -2.81 22.14
N LEU E 79 42.33 -3.64 22.02
CA LEU E 79 40.95 -3.29 22.36
C LEU E 79 40.38 -4.40 23.22
N TYR E 80 39.70 -4.03 24.30
CA TYR E 80 39.25 -4.98 25.30
C TYR E 80 37.73 -4.91 25.46
N LEU E 81 37.16 -6.02 25.92
CA LEU E 81 35.74 -6.10 26.25
C LEU E 81 35.60 -7.00 27.47
N GLN E 82 35.39 -6.38 28.64
CA GLN E 82 35.08 -7.11 29.85
C GLN E 82 33.62 -7.55 29.79
N MET E 83 33.37 -8.84 30.05
CA MET E 83 32.01 -9.35 30.14
C MET E 83 31.81 -10.02 31.48
N ASN E 84 30.77 -9.62 32.20
CA ASN E 84 30.41 -10.19 33.48
C ASN E 84 28.99 -10.72 33.43
N SER E 85 28.69 -11.65 34.33
CA SER E 85 27.35 -12.22 34.47
C SER E 85 26.86 -12.79 33.13
N LEU E 86 27.75 -13.49 32.43
CA LEU E 86 27.42 -14.01 31.10
C LEU E 86 26.29 -15.02 31.20
N ARG E 87 25.30 -14.87 30.32
CA ARG E 87 24.19 -15.81 30.20
C ARG E 87 24.24 -16.48 28.84
N ALA E 88 23.31 -17.42 28.62
CA ALA E 88 23.36 -18.26 27.43
C ALA E 88 23.11 -17.46 26.15
N GLU E 89 22.33 -16.39 26.23
CA GLU E 89 22.09 -15.57 25.05
C GLU E 89 23.34 -14.81 24.60
N ASP E 90 24.40 -14.82 25.38
CA ASP E 90 25.66 -14.20 25.00
C ASP E 90 26.56 -15.13 24.21
N THR E 91 26.12 -16.37 23.94
CA THR E 91 26.90 -17.29 23.14
C THR E 91 26.98 -16.77 21.71
N ALA E 92 28.19 -16.46 21.25
CA ALA E 92 28.37 -15.87 19.94
C ALA E 92 29.86 -15.82 19.61
N VAL E 93 30.14 -15.61 18.33
CA VAL E 93 31.49 -15.25 17.90
C VAL E 93 31.58 -13.74 17.98
N TYR E 94 32.56 -13.23 18.72
CA TYR E 94 32.70 -11.80 18.96
C TYR E 94 33.76 -11.23 18.03
N TYR E 95 33.33 -10.42 17.07
CA TYR E 95 34.21 -9.79 16.11
C TYR E 95 34.65 -8.42 16.63
N CYS E 96 35.91 -8.08 16.34
CA CYS E 96 36.45 -6.75 16.60
C CYS E 96 36.54 -6.02 15.27
N ALA E 97 35.81 -4.91 15.14
CA ALA E 97 35.58 -4.25 13.86
C ALA E 97 36.01 -2.80 13.91
N ARG E 98 36.78 -2.37 12.91
CA ARG E 98 37.22 -0.99 12.82
C ARG E 98 36.18 -0.14 12.11
N LEU E 99 35.95 1.05 12.63
CA LEU E 99 35.04 2.00 12.02
C LEU E 99 35.83 2.85 11.03
N GLY E 100 35.57 2.65 9.74
CA GLY E 100 36.31 3.37 8.73
C GLY E 100 35.88 4.83 8.61
N TYR E 101 36.70 5.59 7.90
CA TYR E 101 36.38 6.97 7.60
C TYR E 101 35.36 7.05 6.47
N CYS E 102 34.57 8.12 6.48
CA CYS E 102 33.59 8.37 5.43
C CYS E 102 33.22 9.85 5.47
N SER E 103 32.22 10.22 4.68
CA SER E 103 31.73 11.61 4.66
C SER E 103 30.68 11.82 5.73
N GLY E 104 29.48 11.27 5.51
CA GLY E 104 28.40 11.40 6.47
C GLY E 104 27.43 10.24 6.49
N GLY E 105 26.33 10.38 7.23
CA GLY E 105 25.33 9.35 7.32
C GLY E 105 25.76 8.12 8.12
N SER E 106 26.66 8.31 9.09
CA SER E 106 27.26 7.23 9.86
C SER E 106 28.14 6.35 8.98
N CYS E 107 29.36 6.08 9.44
CA CYS E 107 30.32 5.33 8.63
C CYS E 107 30.07 3.83 8.75
N HIS E 108 30.94 3.05 8.11
CA HIS E 108 30.83 1.62 8.00
C HIS E 108 31.95 0.93 8.78
N PHE E 109 31.84 -0.39 8.90
CA PHE E 109 32.87 -1.21 9.52
C PHE E 109 33.69 -1.82 8.38
N ASP E 110 34.84 -1.20 8.08
CA ASP E 110 35.60 -1.56 6.89
C ASP E 110 36.52 -2.75 7.08
N TYR E 111 36.88 -3.09 8.31
CA TYR E 111 37.81 -4.20 8.54
C TYR E 111 37.42 -4.96 9.79
N TRP E 112 37.29 -6.28 9.65
CA TRP E 112 36.87 -7.16 10.73
C TRP E 112 37.94 -8.21 10.99
N GLY E 113 38.11 -8.59 12.26
CA GLY E 113 38.90 -9.74 12.60
C GLY E 113 38.11 -11.02 12.42
N GLN E 114 38.81 -12.15 12.49
CA GLN E 114 38.14 -13.43 12.28
C GLN E 114 37.26 -13.83 13.46
N GLY E 115 37.43 -13.19 14.62
CA GLY E 115 36.53 -13.39 15.74
C GLY E 115 36.99 -14.50 16.67
N THR E 116 36.57 -14.38 17.93
CA THR E 116 36.80 -15.40 18.94
C THR E 116 35.45 -15.91 19.44
N LEU E 117 35.39 -17.21 19.71
CA LEU E 117 34.14 -17.87 20.10
C LEU E 117 33.97 -17.81 21.62
N VAL E 118 32.77 -17.44 22.06
CA VAL E 118 32.40 -17.43 23.47
C VAL E 118 31.17 -18.30 23.64
N THR E 119 31.31 -19.38 24.39
CA THR E 119 30.21 -20.30 24.66
C THR E 119 29.88 -20.24 26.16
N VAL E 120 28.62 -19.95 26.46
CA VAL E 120 28.13 -19.89 27.83
C VAL E 120 27.20 -21.07 28.01
N SER E 121 27.67 -22.11 28.72
CA SER E 121 26.87 -23.33 28.95
C SER E 121 27.18 -23.97 30.30
N SER E 122 26.16 -24.52 30.95
CA SER E 122 26.34 -25.25 32.22
C SER E 122 26.06 -26.72 31.92
N ALA E 123 26.49 -27.20 30.77
CA ALA E 123 26.16 -28.57 30.35
C ALA E 123 27.29 -29.52 30.67
N SER E 124 26.95 -30.71 31.16
CA SER E 124 27.97 -31.71 31.52
C SER E 124 27.69 -33.00 30.77
N THR E 125 28.63 -33.94 30.81
CA THR E 125 28.44 -35.23 30.12
C THR E 125 27.15 -35.89 30.61
N LYS E 126 26.20 -36.11 29.71
CA LYS E 126 24.92 -36.68 30.09
C LYS E 126 24.40 -37.50 28.92
N GLY E 127 23.90 -38.70 29.22
CA GLY E 127 23.43 -39.62 28.20
C GLY E 127 22.04 -39.31 27.70
N PRO E 128 21.74 -39.73 26.49
CA PRO E 128 20.44 -39.41 25.89
C PRO E 128 19.31 -40.26 26.44
N SER E 129 18.10 -39.75 26.29
CA SER E 129 16.86 -40.45 26.63
C SER E 129 16.10 -40.68 25.34
N VAL E 130 16.00 -41.94 24.92
CA VAL E 130 15.44 -42.29 23.61
C VAL E 130 13.96 -42.59 23.77
N PHE E 131 13.21 -42.36 22.68
CA PHE E 131 11.78 -42.60 22.66
C PHE E 131 11.39 -43.07 21.26
N PRO E 132 10.37 -43.90 21.15
CA PRO E 132 9.98 -44.40 19.82
C PRO E 132 9.07 -43.42 19.11
N LEU E 133 9.24 -43.33 17.79
CA LEU E 133 8.37 -42.52 16.93
C LEU E 133 7.48 -43.49 16.16
N ALA E 134 6.27 -43.71 16.67
CA ALA E 134 5.39 -44.71 16.09
C ALA E 134 4.89 -44.25 14.72
N PRO E 135 4.83 -45.15 13.73
CA PRO E 135 4.29 -44.78 12.41
C PRO E 135 2.78 -44.82 12.38
N SER E 136 2.20 -44.82 11.19
CA SER E 136 0.75 -44.89 11.03
C SER E 136 0.38 -45.40 9.63
N THR E 144 3.89 -46.90 1.57
CA THR E 144 5.07 -46.59 2.37
C THR E 144 4.68 -45.92 3.69
N ALA E 145 5.56 -46.01 4.69
CA ALA E 145 5.32 -45.43 6.00
C ALA E 145 6.60 -44.85 6.55
N ALA E 146 6.46 -43.92 7.50
CA ALA E 146 7.58 -43.23 8.11
C ALA E 146 7.58 -43.52 9.61
N LEU E 147 8.72 -43.97 10.12
CA LEU E 147 8.89 -44.24 11.54
C LEU E 147 10.29 -43.82 11.96
N GLY E 148 10.45 -43.50 13.23
CA GLY E 148 11.72 -43.00 13.70
C GLY E 148 12.06 -43.24 15.17
N CYS E 149 13.02 -42.48 15.68
CA CYS E 149 13.45 -42.62 17.07
C CYS E 149 13.92 -41.26 17.56
N LEU E 150 13.27 -40.75 18.60
CA LEU E 150 13.67 -39.48 19.20
C LEU E 150 14.80 -39.69 20.18
N VAL E 151 15.82 -38.83 20.09
CA VAL E 151 17.01 -38.89 20.94
C VAL E 151 17.05 -37.59 21.71
N LYS E 152 16.64 -37.63 22.98
CA LYS E 152 16.38 -36.43 23.76
C LYS E 152 17.51 -36.16 24.76
N ASP E 153 17.89 -34.89 24.84
CA ASP E 153 18.71 -34.36 25.93
C ASP E 153 20.01 -35.14 26.12
N TYR E 154 21.01 -34.85 25.31
CA TYR E 154 22.32 -35.44 25.48
C TYR E 154 23.39 -34.38 25.31
N PHE E 155 24.55 -34.63 25.91
CA PHE E 155 25.71 -33.75 25.77
C PHE E 155 26.99 -34.53 26.00
N PRO E 156 28.01 -34.37 25.14
CA PRO E 156 27.95 -33.53 23.94
C PRO E 156 27.74 -34.36 22.67
N GLU E 157 28.08 -33.76 21.53
CA GLU E 157 28.10 -34.50 20.28
C GLU E 157 29.30 -35.45 20.27
N PRO E 158 29.26 -36.51 19.45
CA PRO E 158 28.17 -36.92 18.56
C PRO E 158 27.41 -38.15 19.04
N VAL E 159 26.21 -38.34 18.51
CA VAL E 159 25.42 -39.53 18.72
C VAL E 159 25.24 -40.20 17.36
N THR E 160 25.75 -41.41 17.22
CA THR E 160 25.53 -42.21 16.03
C THR E 160 24.32 -43.11 16.23
N VAL E 161 23.70 -43.50 15.11
CA VAL E 161 22.50 -44.31 15.16
C VAL E 161 22.50 -45.28 13.99
N SER E 162 21.94 -46.47 14.22
CA SER E 162 21.77 -47.48 13.19
C SER E 162 20.39 -48.09 13.35
N TRP E 163 19.92 -48.76 12.29
CA TRP E 163 18.61 -49.38 12.29
C TRP E 163 18.74 -50.86 11.98
N ASN E 164 18.17 -51.70 12.85
CA ASN E 164 18.27 -53.16 12.73
C ASN E 164 19.72 -53.62 12.73
N SER E 165 20.53 -52.99 13.59
CA SER E 165 21.95 -53.35 13.77
C SER E 165 22.74 -53.23 12.47
N GLY E 166 22.38 -52.24 11.64
CA GLY E 166 23.06 -52.03 10.38
C GLY E 166 22.46 -52.75 9.18
N ALA E 167 21.51 -53.66 9.41
CA ALA E 167 20.91 -54.38 8.29
C ALA E 167 20.00 -53.47 7.47
N LEU E 168 19.48 -52.41 8.06
CA LEU E 168 18.55 -51.49 7.40
C LEU E 168 19.23 -50.13 7.24
N THR E 169 19.63 -49.82 6.01
CA THR E 169 20.26 -48.53 5.70
C THR E 169 19.50 -47.72 4.66
N SER E 170 18.81 -48.37 3.73
CA SER E 170 18.07 -47.64 2.71
C SER E 170 16.84 -46.97 3.31
N GLY E 171 16.71 -45.67 3.09
CA GLY E 171 15.62 -44.90 3.66
C GLY E 171 15.89 -44.32 5.04
N VAL E 172 17.09 -44.54 5.58
CA VAL E 172 17.45 -44.05 6.90
C VAL E 172 18.03 -42.65 6.76
N HIS E 173 17.42 -41.68 7.43
CA HIS E 173 17.90 -40.30 7.45
C HIS E 173 18.09 -39.87 8.89
N THR E 174 19.33 -39.61 9.29
CA THR E 174 19.66 -39.13 10.62
C THR E 174 19.83 -37.61 10.56
N PHE E 175 18.89 -36.88 11.16
CA PHE E 175 18.93 -35.44 11.11
C PHE E 175 20.04 -34.89 12.00
N PRO E 176 20.55 -33.70 11.70
CA PRO E 176 21.47 -33.04 12.62
C PRO E 176 20.78 -32.69 13.93
N ALA E 177 21.61 -32.50 14.96
CA ALA E 177 21.08 -32.27 16.29
C ALA E 177 20.69 -30.81 16.50
N VAL E 178 19.68 -30.60 17.34
CA VAL E 178 19.30 -29.27 17.78
C VAL E 178 19.98 -29.00 19.11
N LEU E 179 20.36 -27.75 19.33
CA LEU E 179 20.98 -27.30 20.58
C LEU E 179 19.96 -26.44 21.32
N GLN E 180 19.24 -27.04 22.25
CA GLN E 180 18.18 -26.34 22.96
C GLN E 180 18.77 -25.35 23.96
N SER E 181 17.89 -24.61 24.64
CA SER E 181 18.33 -23.60 25.58
C SER E 181 19.00 -24.20 26.81
N SER E 182 18.71 -25.45 27.14
CA SER E 182 19.30 -26.11 28.30
C SER E 182 20.75 -26.52 28.07
N GLY E 183 21.30 -26.27 26.89
CA GLY E 183 22.66 -26.67 26.58
C GLY E 183 22.81 -28.10 26.12
N LEU E 184 21.77 -28.91 26.24
CA LEU E 184 21.82 -30.30 25.79
C LEU E 184 21.41 -30.40 24.33
N TYR E 185 21.75 -31.52 23.72
CA TYR E 185 21.47 -31.76 22.31
C TYR E 185 20.29 -32.72 22.16
N SER E 186 19.69 -32.69 20.97
CA SER E 186 18.58 -33.57 20.65
C SER E 186 18.48 -33.71 19.14
N LEU E 187 18.39 -34.95 18.66
CA LEU E 187 18.20 -35.21 17.24
C LEU E 187 17.15 -36.30 17.07
N SER E 188 16.82 -36.58 15.81
CA SER E 188 15.92 -37.68 15.47
C SER E 188 16.48 -38.41 14.28
N SER E 189 16.21 -39.72 14.23
CA SER E 189 16.56 -40.55 13.10
C SER E 189 15.29 -41.25 12.62
N VAL E 190 15.03 -41.18 11.32
CA VAL E 190 13.78 -41.66 10.74
C VAL E 190 14.08 -42.52 9.52
N VAL E 191 13.41 -43.66 9.43
CA VAL E 191 13.55 -44.60 8.33
C VAL E 191 12.21 -44.74 7.64
N THR E 192 12.22 -44.79 6.30
CA THR E 192 11.02 -44.96 5.50
C THR E 192 10.94 -46.39 5.00
N VAL E 193 9.77 -47.00 5.14
CA VAL E 193 9.58 -48.38 4.72
C VAL E 193 8.28 -48.52 3.94
N TYR E 203 11.20 -53.19 13.80
CA TYR E 203 12.34 -52.32 13.52
C TYR E 203 13.00 -51.85 14.81
N ILE E 204 14.33 -51.80 14.80
CA ILE E 204 15.12 -51.42 15.97
C ILE E 204 15.97 -50.22 15.60
N CYS E 205 15.97 -49.20 16.45
CA CYS E 205 16.92 -48.11 16.36
C CYS E 205 17.98 -48.28 17.44
N ASN E 206 19.25 -48.14 17.05
CA ASN E 206 20.37 -48.32 17.97
C ASN E 206 21.09 -46.99 18.10
N VAL E 207 21.01 -46.38 19.27
CA VAL E 207 21.66 -45.10 19.55
C VAL E 207 22.89 -45.35 20.40
N ASN E 208 24.04 -44.88 19.93
CA ASN E 208 25.30 -45.05 20.63
C ASN E 208 25.88 -43.67 20.94
N HIS E 209 26.02 -43.37 22.24
CA HIS E 209 26.57 -42.10 22.70
C HIS E 209 27.90 -42.41 23.37
N LYS E 210 28.99 -42.14 22.67
CA LYS E 210 30.32 -42.51 23.15
C LYS E 210 30.73 -41.80 24.44
N PRO E 211 30.64 -40.47 24.56
CA PRO E 211 31.23 -39.82 25.76
C PRO E 211 30.61 -40.26 27.07
N SER E 212 29.33 -40.61 27.04
CA SER E 212 28.65 -41.10 28.27
C SER E 212 28.56 -42.62 28.27
N ASN E 213 29.15 -43.27 27.28
CA ASN E 213 29.08 -44.75 27.17
C ASN E 213 27.61 -45.19 27.27
N THR E 214 26.73 -44.52 26.52
CA THR E 214 25.31 -44.91 26.53
C THR E 214 24.96 -45.63 25.23
N LYS E 215 24.59 -46.90 25.34
CA LYS E 215 24.13 -47.65 24.18
C LYS E 215 22.71 -48.12 24.49
N VAL E 216 21.77 -47.77 23.62
CA VAL E 216 20.35 -48.04 23.83
C VAL E 216 19.75 -48.53 22.52
N ASP E 217 18.91 -49.56 22.60
CA ASP E 217 18.09 -50.00 21.48
C ASP E 217 16.62 -49.79 21.83
N LYS E 218 15.80 -49.59 20.79
CA LYS E 218 14.41 -49.22 21.00
C LYS E 218 13.51 -49.91 19.98
N ARG E 219 12.56 -50.68 20.47
CA ARG E 219 11.49 -51.19 19.62
C ARG E 219 10.58 -50.05 19.18
N VAL E 220 10.13 -50.10 17.94
CA VAL E 220 9.15 -49.16 17.41
C VAL E 220 8.02 -49.97 16.79
N GLU E 221 6.82 -49.86 17.36
CA GLU E 221 5.68 -50.63 16.89
C GLU E 221 4.47 -49.74 16.72
N PRO E 222 3.61 -50.05 15.73
CA PRO E 222 2.35 -49.32 15.51
C PRO E 222 1.42 -49.41 16.72
N PRO F 2 15.08 -3.16 17.26
CA PRO F 2 14.80 -2.91 15.84
C PRO F 2 15.86 -3.49 14.90
N VAL F 3 15.44 -4.09 13.79
CA VAL F 3 16.39 -4.63 12.82
C VAL F 3 15.99 -4.13 11.44
N LEU F 4 16.86 -4.38 10.47
CA LEU F 4 16.54 -4.14 9.07
C LEU F 4 16.01 -5.42 8.46
N THR F 5 14.87 -5.32 7.77
CA THR F 5 14.24 -6.50 7.20
C THR F 5 14.95 -6.93 5.93
N GLN F 6 15.29 -8.22 5.85
CA GLN F 6 15.89 -8.82 4.68
C GLN F 6 15.14 -10.09 4.34
N PRO F 7 15.05 -10.44 3.06
CA PRO F 7 14.51 -11.74 2.66
C PRO F 7 15.44 -12.85 3.10
N PRO F 8 14.95 -13.81 3.89
CA PRO F 8 15.82 -14.91 4.34
C PRO F 8 16.51 -15.63 3.20
N SER F 9 15.80 -15.93 2.12
CA SER F 9 16.35 -16.62 0.97
C SER F 9 16.23 -15.73 -0.27
N VAL F 10 17.26 -15.75 -1.09
CA VAL F 10 17.27 -15.05 -2.38
C VAL F 10 18.01 -15.94 -3.37
N SER F 11 17.38 -16.22 -4.50
CA SER F 11 17.83 -17.28 -5.40
C SER F 11 17.87 -16.79 -6.84
N GLY F 12 18.78 -17.38 -7.62
CA GLY F 12 18.93 -17.04 -9.01
C GLY F 12 19.94 -17.95 -9.71
N ALA F 13 19.68 -18.28 -10.97
CA ALA F 13 20.58 -19.14 -11.72
C ALA F 13 21.86 -18.39 -12.05
N PRO F 14 22.97 -19.11 -12.27
CA PRO F 14 24.21 -18.45 -12.68
C PRO F 14 23.99 -17.62 -13.95
N GLY F 15 24.55 -16.40 -13.93
CA GLY F 15 24.39 -15.48 -15.02
C GLY F 15 23.19 -14.56 -14.91
N GLN F 16 22.29 -14.81 -13.98
CA GLN F 16 21.10 -13.98 -13.81
C GLN F 16 21.39 -12.81 -12.88
N ARG F 17 20.47 -11.86 -12.86
CA ARG F 17 20.54 -10.69 -11.99
C ARG F 17 19.54 -10.84 -10.86
N VAL F 18 20.01 -10.74 -9.62
CA VAL F 18 19.16 -10.82 -8.44
C VAL F 18 19.39 -9.58 -7.59
N THR F 19 18.40 -9.26 -6.76
CA THR F 19 18.46 -8.11 -5.87
C THR F 19 18.09 -8.54 -4.46
N ILE F 20 18.89 -8.12 -3.49
CA ILE F 20 18.61 -8.32 -2.07
C ILE F 20 18.09 -7.01 -1.50
N SER F 21 16.86 -7.04 -0.99
CA SER F 21 16.24 -5.84 -0.44
C SER F 21 16.57 -5.67 1.05
N CYS F 22 16.41 -4.45 1.54
CA CYS F 22 16.76 -4.11 2.92
C CYS F 22 15.88 -2.92 3.34
N THR F 23 14.75 -3.23 3.97
CA THR F 23 13.82 -2.21 4.41
C THR F 23 14.03 -1.90 5.90
N GLY F 24 13.74 -0.65 6.27
CA GLY F 24 13.90 -0.22 7.64
C GLY F 24 12.70 0.52 8.19
N SER F 25 12.95 1.66 8.84
CA SER F 25 11.90 2.46 9.44
C SER F 25 12.25 3.93 9.29
N SER F 26 11.37 4.80 9.79
CA SER F 26 11.60 6.24 9.72
C SER F 26 12.72 6.70 10.64
N SER F 27 13.26 5.82 11.48
CA SER F 27 14.32 6.18 12.41
C SER F 27 15.71 5.73 11.94
N ASN F 28 15.80 4.92 10.90
CA ASN F 28 17.11 4.51 10.38
C ASN F 28 17.29 4.96 8.93
N ILE F 29 16.93 4.10 7.98
CA ILE F 29 17.14 4.43 6.56
C ILE F 29 16.33 5.66 6.17
N GLY F 30 15.06 5.70 6.58
CA GLY F 30 14.21 6.83 6.28
C GLY F 30 14.58 8.10 7.02
N ALA F 31 15.53 8.04 7.95
CA ALA F 31 15.98 9.22 8.66
C ALA F 31 17.10 9.94 7.96
N GLY F 32 17.77 9.30 7.01
CA GLY F 32 18.88 9.89 6.28
C GLY F 32 20.20 9.17 6.48
N TYR F 33 20.32 8.26 7.44
CA TYR F 33 21.56 7.53 7.63
C TYR F 33 21.85 6.64 6.44
N ASP F 34 23.14 6.44 6.17
CA ASP F 34 23.55 5.65 5.02
C ASP F 34 23.40 4.16 5.31
N VAL F 35 23.43 3.37 4.24
CA VAL F 35 23.31 1.92 4.32
C VAL F 35 24.60 1.30 3.80
N HIS F 36 25.09 0.28 4.51
CA HIS F 36 26.29 -0.42 4.14
C HIS F 36 26.00 -1.92 4.06
N TRP F 37 26.79 -2.62 3.25
CA TRP F 37 26.56 -4.04 2.99
C TRP F 37 27.82 -4.84 3.31
N TYR F 38 27.62 -6.09 3.69
CA TYR F 38 28.71 -6.99 4.02
C TYR F 38 28.44 -8.36 3.43
N GLN F 39 29.52 -9.04 3.03
CA GLN F 39 29.45 -10.40 2.52
C GLN F 39 30.14 -11.32 3.53
N GLN F 40 29.48 -12.43 3.85
CA GLN F 40 30.01 -13.39 4.83
C GLN F 40 30.02 -14.78 4.19
N LEU F 41 31.20 -15.24 3.80
CA LEU F 41 31.36 -16.63 3.39
C LEU F 41 31.24 -17.54 4.61
N PRO F 42 30.84 -18.79 4.42
CA PRO F 42 30.66 -19.68 5.58
C PRO F 42 31.97 -19.86 6.36
N GLY F 43 31.87 -19.69 7.68
CA GLY F 43 33.00 -19.86 8.55
C GLY F 43 33.96 -18.70 8.63
N THR F 44 33.70 -17.60 7.91
CA THR F 44 34.59 -16.46 7.87
C THR F 44 33.89 -15.23 8.42
N ALA F 45 34.69 -14.20 8.68
CA ALA F 45 34.19 -12.94 9.16
C ALA F 45 33.55 -12.14 8.02
N PRO F 46 32.56 -11.29 8.34
CA PRO F 46 31.96 -10.46 7.29
C PRO F 46 33.00 -9.54 6.66
N LYS F 47 32.95 -9.45 5.34
CA LYS F 47 33.81 -8.55 4.58
C LYS F 47 32.98 -7.39 4.04
N LEU F 48 33.60 -6.22 3.97
CA LEU F 48 32.91 -5.03 3.51
C LEU F 48 32.62 -5.13 2.01
N LEU F 49 31.34 -5.09 1.65
CA LEU F 49 30.92 -5.22 0.25
C LEU F 49 30.52 -3.89 -0.38
N ILE F 50 29.76 -3.07 0.34
CA ILE F 50 29.28 -1.79 -0.18
C ILE F 50 29.22 -0.81 0.99
N TYR F 51 29.80 0.38 0.80
CA TYR F 51 29.78 1.43 1.81
C TYR F 51 29.18 2.69 1.21
N GLY F 52 28.58 3.52 2.08
CA GLY F 52 27.97 4.75 1.66
C GLY F 52 26.90 4.57 0.59
N ASN F 53 25.90 3.73 0.89
CA ASN F 53 24.79 3.43 -0.01
C ASN F 53 25.23 2.71 -1.28
N SER F 54 26.08 3.35 -2.09
CA SER F 54 26.38 2.85 -3.42
C SER F 54 27.86 2.81 -3.78
N ASN F 55 28.75 3.13 -2.85
CA ASN F 55 30.18 3.11 -3.16
C ASN F 55 30.72 1.70 -2.97
N ARG F 56 31.39 1.18 -4.00
CA ARG F 56 31.96 -0.15 -3.94
C ARG F 56 33.47 -0.07 -3.76
N PRO F 57 34.06 -0.75 -2.78
CA PRO F 57 35.52 -0.69 -2.61
C PRO F 57 36.22 -1.53 -3.66
N SER F 58 37.39 -1.05 -4.09
CA SER F 58 38.20 -1.81 -5.02
C SER F 58 38.55 -3.16 -4.40
N GLY F 59 38.57 -4.19 -5.24
CA GLY F 59 38.65 -5.56 -4.77
C GLY F 59 37.32 -6.28 -4.76
N VAL F 60 36.23 -5.58 -4.99
CA VAL F 60 34.90 -6.15 -5.11
C VAL F 60 34.51 -6.10 -6.57
N PRO F 61 34.02 -7.20 -7.16
CA PRO F 61 33.66 -7.17 -8.58
C PRO F 61 32.57 -6.15 -8.86
N ASP F 62 32.64 -5.56 -10.05
CA ASP F 62 31.66 -4.55 -10.44
C ASP F 62 30.26 -5.13 -10.66
N ARG F 63 30.10 -6.45 -10.56
CA ARG F 63 28.77 -7.06 -10.61
C ARG F 63 27.94 -6.72 -9.37
N PHE F 64 28.55 -6.19 -8.32
CA PHE F 64 27.85 -5.79 -7.11
C PHE F 64 27.57 -4.29 -7.15
N SER F 65 26.34 -3.90 -6.85
CA SER F 65 25.99 -2.49 -6.75
C SER F 65 24.90 -2.33 -5.69
N GLY F 66 24.78 -1.10 -5.19
CA GLY F 66 23.81 -0.80 -4.16
C GLY F 66 23.15 0.54 -4.40
N SER F 67 22.03 0.75 -3.71
CA SER F 67 21.26 1.97 -3.81
C SER F 67 20.34 2.08 -2.60
N LYS F 68 19.74 3.25 -2.44
CA LYS F 68 18.84 3.50 -1.33
C LYS F 68 17.88 4.62 -1.69
N SER F 69 16.59 4.42 -1.38
CA SER F 69 15.60 5.47 -1.57
C SER F 69 14.51 5.31 -0.52
N GLY F 70 14.24 6.39 0.20
CA GLY F 70 13.21 6.34 1.24
C GLY F 70 13.67 5.50 2.42
N THR F 71 12.85 4.51 2.79
CA THR F 71 13.17 3.59 3.88
C THR F 71 13.75 2.28 3.38
N SER F 72 14.12 2.19 2.10
CA SER F 72 14.53 0.93 1.50
C SER F 72 15.96 1.04 0.96
N ALA F 73 16.59 -0.12 0.83
CA ALA F 73 17.90 -0.23 0.21
C ALA F 73 17.97 -1.58 -0.50
N SER F 74 18.78 -1.64 -1.56
CA SER F 74 18.83 -2.84 -2.37
C SER F 74 20.25 -3.11 -2.84
N LEU F 75 20.63 -4.39 -2.79
CA LEU F 75 21.90 -4.86 -3.32
C LEU F 75 21.65 -5.60 -4.62
N ALA F 76 22.24 -5.12 -5.72
CA ALA F 76 22.06 -5.73 -7.03
C ALA F 76 23.31 -6.53 -7.39
N ILE F 77 23.10 -7.79 -7.79
CA ILE F 77 24.17 -8.69 -8.21
C ILE F 77 23.83 -9.17 -9.61
N THR F 78 24.43 -8.56 -10.62
CA THR F 78 24.27 -9.01 -11.99
C THR F 78 25.29 -10.09 -12.32
N GLY F 79 24.94 -10.94 -13.29
CA GLY F 79 25.82 -12.01 -13.72
C GLY F 79 26.28 -12.89 -12.59
N LEU F 80 25.37 -13.69 -12.04
CA LEU F 80 25.65 -14.49 -10.85
C LEU F 80 26.75 -15.51 -11.13
N GLN F 81 27.65 -15.67 -10.18
CA GLN F 81 28.68 -16.68 -10.22
C GLN F 81 28.57 -17.57 -8.98
N ALA F 82 29.14 -18.76 -9.07
CA ALA F 82 29.01 -19.73 -7.97
C ALA F 82 29.68 -19.24 -6.70
N GLU F 83 30.74 -18.42 -6.82
CA GLU F 83 31.42 -17.90 -5.64
C GLU F 83 30.61 -16.84 -4.92
N ASP F 84 29.51 -16.36 -5.49
CA ASP F 84 28.69 -15.34 -4.85
C ASP F 84 27.80 -15.90 -3.74
N GLU F 85 27.73 -17.22 -3.59
CA GLU F 85 26.90 -17.83 -2.56
C GLU F 85 27.48 -17.51 -1.19
N ALA F 86 26.73 -16.74 -0.40
CA ALA F 86 27.16 -16.34 0.94
C ALA F 86 25.97 -15.70 1.63
N ASP F 87 26.20 -15.28 2.87
CA ASP F 87 25.22 -14.49 3.61
C ASP F 87 25.50 -13.01 3.38
N TYR F 88 24.43 -12.24 3.16
CA TYR F 88 24.53 -10.83 2.86
C TYR F 88 23.74 -10.04 3.88
N TYR F 89 24.43 -9.19 4.64
CA TYR F 89 23.82 -8.34 5.65
C TYR F 89 23.90 -6.88 5.23
N CYS F 90 22.81 -6.15 5.42
CA CYS F 90 22.82 -4.70 5.31
C CYS F 90 22.91 -4.09 6.71
N GLN F 91 23.38 -2.86 6.77
CA GLN F 91 23.67 -2.21 8.04
C GLN F 91 23.53 -0.71 7.91
N SER F 92 23.05 -0.08 8.97
CA SER F 92 22.87 1.37 9.02
C SER F 92 22.90 1.80 10.49
N TYR F 93 22.43 3.01 10.77
CA TYR F 93 22.33 3.52 12.13
C TYR F 93 20.88 3.89 12.42
N ASP F 94 20.45 3.66 13.66
CA ASP F 94 19.09 3.88 14.09
C ASP F 94 19.08 4.85 15.26
N SER F 95 18.37 5.97 15.11
CA SER F 95 18.37 7.04 16.10
C SER F 95 17.37 6.80 17.23
N SER F 96 16.68 5.68 17.25
CA SER F 96 15.75 5.37 18.32
C SER F 96 16.46 4.62 19.46
N LEU F 97 15.81 4.61 20.63
CA LEU F 97 16.26 3.81 21.77
C LEU F 97 17.70 4.12 22.16
N SER F 98 17.99 5.40 22.34
CA SER F 98 19.31 5.90 22.74
C SER F 98 20.40 5.56 21.74
N GLY F 99 20.05 5.29 20.49
CA GLY F 99 21.03 5.15 19.43
C GLY F 99 21.78 3.83 19.39
N PHE F 100 21.87 3.23 18.20
CA PHE F 100 22.60 2.00 18.02
C PHE F 100 22.83 1.76 16.53
N TYR F 101 23.88 1.00 16.22
CA TYR F 101 24.05 0.47 14.88
C TYR F 101 23.06 -0.67 14.65
N VAL F 102 22.35 -0.62 13.52
CA VAL F 102 21.35 -1.61 13.19
C VAL F 102 21.85 -2.46 12.03
N PHE F 103 21.63 -3.77 12.12
CA PHE F 103 21.97 -4.70 11.06
C PHE F 103 20.69 -5.23 10.43
N GLY F 104 20.85 -5.88 9.28
CA GLY F 104 19.76 -6.61 8.70
C GLY F 104 19.72 -8.04 9.22
N THR F 105 18.54 -8.66 9.09
CA THR F 105 18.41 -10.06 9.52
C THR F 105 19.29 -10.99 8.71
N GLY F 106 19.77 -10.55 7.55
CA GLY F 106 20.66 -11.36 6.74
C GLY F 106 19.95 -12.11 5.63
N THR F 107 20.61 -12.24 4.48
CA THR F 107 20.04 -12.93 3.33
C THR F 107 21.05 -13.94 2.81
N LYS F 108 20.60 -15.17 2.62
CA LYS F 108 21.44 -16.21 2.03
C LYS F 108 21.20 -16.23 0.52
N LEU F 109 22.22 -15.87 -0.24
CA LEU F 109 22.16 -15.90 -1.70
C LEU F 109 22.58 -17.29 -2.17
N THR F 110 21.70 -17.97 -2.88
CA THR F 110 21.96 -19.31 -3.41
C THR F 110 22.04 -19.25 -4.92
N VAL F 111 23.18 -19.65 -5.47
CA VAL F 111 23.35 -19.80 -6.91
C VAL F 111 22.99 -21.24 -7.25
N LEU F 112 21.80 -21.44 -7.81
CA LEU F 112 21.22 -22.77 -7.91
C LEU F 112 21.97 -23.63 -8.92
N GLY F 113 22.36 -24.83 -8.47
CA GLY F 113 22.91 -25.84 -9.33
C GLY F 113 21.95 -26.98 -9.65
N GLN F 114 20.68 -26.86 -9.27
CA GLN F 114 19.68 -27.88 -9.48
C GLN F 114 18.30 -27.24 -9.34
N PRO F 115 17.25 -27.89 -9.83
CA PRO F 115 15.91 -27.31 -9.70
C PRO F 115 15.49 -27.15 -8.24
N LYS F 116 14.61 -26.19 -8.00
CA LYS F 116 14.13 -25.94 -6.64
C LYS F 116 13.25 -27.08 -6.17
N ALA F 117 13.46 -27.48 -4.92
CA ALA F 117 12.74 -28.59 -4.31
C ALA F 117 11.88 -28.09 -3.16
N ALA F 118 10.62 -28.52 -3.14
CA ALA F 118 9.72 -28.24 -2.04
C ALA F 118 10.02 -29.17 -0.87
N PRO F 119 9.84 -28.71 0.36
CA PRO F 119 10.21 -29.54 1.52
C PRO F 119 9.22 -30.66 1.77
N SER F 120 9.74 -31.76 2.30
CA SER F 120 8.95 -32.90 2.74
C SER F 120 8.91 -32.88 4.26
N VAL F 121 7.72 -32.71 4.83
CA VAL F 121 7.54 -32.46 6.25
C VAL F 121 6.85 -33.66 6.89
N THR F 122 7.43 -34.16 7.97
CA THR F 122 6.85 -35.22 8.79
C THR F 122 6.71 -34.72 10.21
N LEU F 123 5.51 -34.82 10.77
CA LEU F 123 5.23 -34.37 12.13
C LEU F 123 4.84 -35.58 12.97
N PHE F 124 5.42 -35.66 14.16
CA PHE F 124 5.23 -36.80 15.04
C PHE F 124 4.61 -36.37 16.37
N PRO F 125 3.56 -37.04 16.83
CA PRO F 125 3.01 -36.74 18.16
C PRO F 125 3.93 -37.23 19.25
N PRO F 126 3.74 -36.77 20.48
CA PRO F 126 4.57 -37.28 21.58
C PRO F 126 4.37 -38.79 21.76
N SER F 127 5.48 -39.49 21.97
CA SER F 127 5.39 -40.93 22.16
C SER F 127 4.65 -41.26 23.45
N SER F 128 4.00 -42.43 23.46
CA SER F 128 3.35 -42.90 24.67
C SER F 128 4.37 -43.10 25.79
N GLU F 129 5.62 -43.41 25.44
CA GLU F 129 6.66 -43.59 26.43
C GLU F 129 7.06 -42.26 27.06
N GLU F 130 7.19 -41.21 26.23
CA GLU F 130 7.55 -39.90 26.76
C GLU F 130 6.43 -39.33 27.63
N LEU F 131 5.19 -39.55 27.24
CA LEU F 131 4.06 -39.12 28.05
C LEU F 131 4.03 -39.82 29.41
N GLN F 132 4.62 -41.01 29.50
CA GLN F 132 4.71 -41.68 30.79
C GLN F 132 5.70 -41.00 31.72
N ALA F 133 6.70 -40.31 31.16
CA ALA F 133 7.70 -39.59 31.93
C ALA F 133 7.33 -38.12 32.16
N ASN F 134 6.05 -37.78 32.05
CA ASN F 134 5.54 -36.43 32.31
C ASN F 134 6.15 -35.39 31.37
N LYS F 135 6.53 -35.81 30.16
CA LYS F 135 7.04 -34.92 29.14
C LYS F 135 6.32 -35.18 27.83
N ALA F 136 6.45 -34.25 26.89
CA ALA F 136 5.81 -34.37 25.59
C ALA F 136 6.55 -33.49 24.59
N THR F 137 7.10 -34.10 23.54
CA THR F 137 7.84 -33.39 22.51
C THR F 137 7.23 -33.66 21.16
N LEU F 138 6.91 -32.59 20.42
CA LEU F 138 6.44 -32.70 19.05
C LEU F 138 7.62 -32.61 18.10
N VAL F 139 7.77 -33.60 17.24
CA VAL F 139 8.93 -33.73 16.35
C VAL F 139 8.45 -33.43 14.93
N CYS F 140 8.89 -32.29 14.39
CA CYS F 140 8.58 -31.90 13.02
C CYS F 140 9.88 -31.84 12.22
N LEU F 141 10.01 -32.74 11.24
CA LEU F 141 11.21 -32.87 10.44
C LEU F 141 10.96 -32.34 9.04
N ILE F 142 11.88 -31.51 8.55
CA ILE F 142 11.78 -30.90 7.23
C ILE F 142 12.95 -31.40 6.39
N SER F 143 12.66 -31.95 5.22
CA SER F 143 13.68 -32.61 4.42
C SER F 143 13.45 -32.34 2.93
N ASP F 144 14.55 -32.44 2.18
CA ASP F 144 14.51 -32.46 0.71
C ASP F 144 13.98 -31.13 0.13
N PHE F 145 14.57 -30.03 0.58
CA PHE F 145 14.21 -28.71 0.06
C PHE F 145 15.45 -27.97 -0.42
N TYR F 146 15.27 -27.18 -1.47
CA TYR F 146 16.33 -26.41 -2.08
C TYR F 146 15.72 -25.12 -2.63
N PRO F 147 16.32 -23.95 -2.39
CA PRO F 147 17.55 -23.72 -1.60
C PRO F 147 17.33 -23.93 -0.10
N GLY F 148 18.41 -23.81 0.68
CA GLY F 148 18.36 -24.11 2.09
C GLY F 148 17.92 -22.96 2.99
N ALA F 149 16.61 -22.74 3.08
CA ALA F 149 16.06 -21.70 3.95
C ALA F 149 14.58 -21.98 4.16
N VAL F 150 14.18 -22.21 5.41
CA VAL F 150 12.78 -22.37 5.77
C VAL F 150 12.51 -21.56 7.03
N THR F 151 11.28 -21.09 7.16
CA THR F 151 10.79 -20.47 8.38
C THR F 151 9.72 -21.38 8.98
N VAL F 152 9.89 -21.72 10.26
CA VAL F 152 9.01 -22.67 10.93
C VAL F 152 8.23 -21.95 12.01
N ALA F 153 6.91 -22.09 11.97
CA ALA F 153 6.03 -21.60 13.02
C ALA F 153 5.19 -22.75 13.54
N TRP F 154 4.76 -22.64 14.79
CA TRP F 154 3.94 -23.66 15.42
C TRP F 154 2.61 -23.06 15.84
N LYS F 155 1.63 -23.94 16.08
CA LYS F 155 0.27 -23.52 16.39
C LYS F 155 -0.34 -24.44 17.42
N ALA F 156 -1.13 -23.86 18.33
CA ALA F 156 -2.02 -24.59 19.21
C ALA F 156 -3.45 -24.33 18.72
N ASP F 157 -4.09 -25.36 18.17
CA ASP F 157 -5.33 -25.21 17.43
C ASP F 157 -5.12 -24.24 16.27
N SER F 158 -5.46 -22.97 16.49
CA SER F 158 -5.26 -21.93 15.48
C SER F 158 -4.43 -20.76 15.99
N SER F 159 -3.96 -20.81 17.24
CA SER F 159 -3.20 -19.73 17.85
C SER F 159 -1.70 -20.00 17.77
N PRO F 160 -0.89 -18.99 17.53
CA PRO F 160 0.56 -19.19 17.46
C PRO F 160 1.12 -19.53 18.82
N VAL F 161 2.06 -20.48 18.84
CA VAL F 161 2.84 -20.78 20.03
C VAL F 161 4.31 -20.54 19.67
N LYS F 162 4.94 -19.60 20.38
CA LYS F 162 6.32 -19.22 20.13
C LYS F 162 7.26 -19.66 21.23
N ALA F 163 6.73 -20.14 22.36
CA ALA F 163 7.54 -20.60 23.47
C ALA F 163 7.68 -22.12 23.42
N GLY F 164 8.85 -22.62 23.77
CA GLY F 164 9.10 -24.04 23.74
C GLY F 164 9.48 -24.58 22.39
N VAL F 165 9.93 -23.73 21.47
CA VAL F 165 10.26 -24.13 20.10
C VAL F 165 11.77 -24.17 19.95
N GLU F 166 12.27 -25.25 19.32
CA GLU F 166 13.69 -25.39 19.01
C GLU F 166 13.81 -25.87 17.57
N THR F 167 14.34 -25.02 16.70
CA THR F 167 14.53 -25.32 15.29
C THR F 167 16.02 -25.30 14.97
N THR F 168 16.44 -26.22 14.10
CA THR F 168 17.83 -26.30 13.67
C THR F 168 18.05 -25.42 12.44
N THR F 169 19.30 -25.00 12.27
CA THR F 169 19.68 -24.33 11.03
C THR F 169 19.71 -25.35 9.89
N PRO F 170 19.35 -24.93 8.68
CA PRO F 170 19.40 -25.86 7.54
C PRO F 170 20.79 -26.44 7.35
N SER F 171 20.84 -27.74 7.07
CA SER F 171 22.09 -28.45 6.90
C SER F 171 22.07 -29.19 5.57
N LYS F 172 23.22 -29.25 4.91
CA LYS F 172 23.29 -29.84 3.58
C LYS F 172 23.23 -31.36 3.66
N GLN F 173 22.35 -31.96 2.87
CA GLN F 173 22.23 -33.41 2.81
C GLN F 173 23.27 -33.98 1.84
N SER F 174 23.20 -35.30 1.61
CA SER F 174 24.14 -35.95 0.71
C SER F 174 23.87 -35.54 -0.74
N ASN F 175 22.60 -35.41 -1.13
CA ASN F 175 22.23 -35.06 -2.50
C ASN F 175 22.12 -33.55 -2.70
N ASN F 176 22.88 -32.76 -1.93
CA ASN F 176 23.00 -31.31 -2.02
C ASN F 176 21.71 -30.55 -1.69
N LYS F 177 20.60 -31.24 -1.44
CA LYS F 177 19.43 -30.58 -0.90
C LYS F 177 19.57 -30.46 0.63
N TYR F 178 18.59 -29.86 1.28
CA TYR F 178 18.76 -29.43 2.66
C TYR F 178 17.74 -30.07 3.58
N ALA F 179 18.11 -30.18 4.86
CA ALA F 179 17.26 -30.76 5.89
C ALA F 179 17.32 -29.89 7.14
N ALA F 180 16.27 -29.99 7.94
CA ALA F 180 16.15 -29.23 9.18
C ALA F 180 15.02 -29.83 10.00
N SER F 181 15.09 -29.66 11.32
CA SER F 181 14.08 -30.18 12.22
C SER F 181 13.67 -29.12 13.22
N SER F 182 12.44 -29.23 13.72
CA SER F 182 11.89 -28.32 14.71
C SER F 182 11.21 -29.13 15.81
N TYR F 183 11.45 -28.74 17.06
CA TYR F 183 10.91 -29.44 18.22
C TYR F 183 10.09 -28.47 19.05
N LEU F 184 8.89 -28.92 19.44
CA LEU F 184 8.03 -28.19 20.37
C LEU F 184 7.89 -29.01 21.63
N SER F 185 8.36 -28.47 22.76
CA SER F 185 8.31 -29.15 24.05
C SER F 185 7.09 -28.68 24.83
N LEU F 186 6.33 -29.65 25.36
CA LEU F 186 5.11 -29.35 26.07
C LEU F 186 4.98 -30.28 27.27
N THR F 187 4.13 -29.87 28.20
CA THR F 187 3.73 -30.80 29.25
C THR F 187 2.59 -31.68 28.74
N PRO F 188 2.51 -32.93 29.20
CA PRO F 188 1.43 -33.82 28.72
C PRO F 188 0.04 -33.26 28.92
N GLU F 189 -0.15 -32.29 29.82
CA GLU F 189 -1.45 -31.63 29.96
C GLU F 189 -1.65 -30.57 28.89
N GLN F 190 -0.61 -29.78 28.60
CA GLN F 190 -0.66 -28.88 27.45
C GLN F 190 -0.92 -29.64 26.16
N TRP F 191 -0.48 -30.91 26.10
CA TRP F 191 -0.70 -31.73 24.92
C TRP F 191 -2.14 -32.18 24.80
N LYS F 192 -2.82 -32.43 25.92
CA LYS F 192 -4.19 -32.93 25.90
C LYS F 192 -5.24 -31.83 25.84
N SER F 193 -4.92 -30.63 26.35
CA SER F 193 -5.94 -29.59 26.50
C SER F 193 -6.38 -29.02 25.15
N HIS F 194 -5.49 -28.99 24.17
CA HIS F 194 -5.82 -28.40 22.88
C HIS F 194 -6.31 -29.47 21.90
N ARG F 195 -7.06 -29.00 20.90
CA ARG F 195 -7.61 -29.92 19.90
C ARG F 195 -6.56 -30.41 18.92
N SER F 196 -5.59 -29.55 18.57
CA SER F 196 -4.59 -29.92 17.58
C SER F 196 -3.37 -29.02 17.74
N TYR F 197 -2.24 -29.53 17.27
CA TYR F 197 -1.01 -28.75 17.13
C TYR F 197 -0.53 -28.86 15.69
N SER F 198 0.00 -27.76 15.17
CA SER F 198 0.38 -27.69 13.77
C SER F 198 1.82 -27.24 13.62
N CYS F 199 2.55 -27.92 12.73
CA CYS F 199 3.87 -27.50 12.32
C CYS F 199 3.77 -26.80 10.98
N GLN F 200 4.13 -25.51 10.95
CA GLN F 200 3.98 -24.67 9.77
C GLN F 200 5.37 -24.40 9.20
N VAL F 201 5.62 -24.91 7.98
CA VAL F 201 6.91 -24.77 7.32
C VAL F 201 6.70 -23.96 6.05
N THR F 202 7.42 -22.85 5.94
CA THR F 202 7.34 -21.96 4.78
C THR F 202 8.65 -22.02 4.01
N HIS F 203 8.57 -22.43 2.75
CA HIS F 203 9.73 -22.48 1.86
C HIS F 203 9.42 -21.63 0.63
N GLU F 204 10.39 -20.80 0.23
CA GLU F 204 10.19 -19.81 -0.82
C GLU F 204 9.04 -18.89 -0.46
N GLY F 205 7.86 -19.13 -1.03
CA GLY F 205 6.68 -18.38 -0.67
C GLY F 205 5.52 -19.26 -0.29
N SER F 206 5.72 -20.57 -0.35
CA SER F 206 4.67 -21.55 -0.08
C SER F 206 4.80 -22.06 1.36
N THR F 207 3.65 -22.24 2.00
CA THR F 207 3.58 -22.69 3.40
C THR F 207 2.92 -24.06 3.45
N VAL F 208 3.63 -25.03 4.02
CA VAL F 208 3.13 -26.40 4.17
C VAL F 208 2.83 -26.62 5.65
N GLU F 209 1.65 -27.16 5.95
CA GLU F 209 1.19 -27.33 7.32
C GLU F 209 0.90 -28.80 7.59
N LYS F 210 1.49 -29.33 8.65
CA LYS F 210 1.20 -30.67 9.15
C LYS F 210 0.60 -30.55 10.54
N THR F 211 -0.39 -31.38 10.84
CA THR F 211 -1.10 -31.31 12.11
C THR F 211 -1.15 -32.67 12.77
N VAL F 212 -1.31 -32.65 14.09
CA VAL F 212 -1.48 -33.86 14.89
C VAL F 212 -2.59 -33.60 15.91
N ALA F 213 -3.24 -34.67 16.35
CA ALA F 213 -4.37 -34.57 17.28
C ALA F 213 -4.12 -35.48 18.47
N PRO F 214 -4.35 -35.00 19.71
CA PRO F 214 -4.22 -35.79 20.94
C PRO F 214 -5.03 -37.07 20.92
N ASP G 1 44.67 21.17 31.75
CA ASP G 1 44.55 21.43 30.33
C ASP G 1 45.83 21.07 29.60
N ILE G 2 45.69 20.58 28.38
CA ILE G 2 46.85 20.24 27.55
C ILE G 2 47.25 21.49 26.77
N LEU G 3 48.52 21.87 26.88
CA LEU G 3 49.06 23.05 26.21
C LEU G 3 49.56 22.70 24.82
N LEU G 4 49.21 23.53 23.84
CA LEU G 4 49.67 23.37 22.46
C LEU G 4 50.33 24.68 22.04
N THR G 5 51.63 24.63 21.80
CA THR G 5 52.41 25.79 21.38
C THR G 5 52.83 25.61 19.93
N GLN G 6 52.59 26.64 19.11
CA GLN G 6 52.88 26.60 17.69
C GLN G 6 54.07 27.50 17.39
N SER G 7 55.08 26.95 16.73
CA SER G 7 56.26 27.69 16.35
C SER G 7 56.48 27.60 14.84
N PRO G 8 56.78 28.73 14.17
CA PRO G 8 56.83 30.05 14.80
C PRO G 8 55.46 30.73 14.79
N ALA G 9 55.34 31.86 15.50
CA ALA G 9 54.08 32.59 15.48
C ALA G 9 53.82 33.20 14.11
N ILE G 10 54.86 33.72 13.46
CA ILE G 10 54.75 34.33 12.14
C ILE G 10 55.75 33.65 11.21
N LEU G 11 55.35 33.45 9.96
CA LEU G 11 56.20 32.84 8.95
C LEU G 11 56.04 33.58 7.64
N SER G 12 57.16 34.03 7.06
CA SER G 12 57.16 34.74 5.80
C SER G 12 57.49 33.79 4.67
N VAL G 13 56.64 33.77 3.64
CA VAL G 13 56.76 32.83 2.54
C VAL G 13 56.61 33.57 1.21
N SER G 14 57.16 32.95 0.16
CA SER G 14 56.97 33.37 -1.22
C SER G 14 56.28 32.26 -1.99
N PRO G 15 55.42 32.61 -2.96
CA PRO G 15 54.62 31.58 -3.65
C PRO G 15 55.52 30.55 -4.34
N GLY G 16 55.25 29.28 -4.05
CA GLY G 16 55.99 28.17 -4.60
C GLY G 16 56.90 27.47 -3.61
N GLU G 17 57.18 28.08 -2.47
CA GLU G 17 58.07 27.49 -1.47
C GLU G 17 57.40 26.29 -0.80
N ARG G 18 58.25 25.41 -0.26
CA ARG G 18 57.80 24.29 0.57
C ARG G 18 58.00 24.70 2.03
N VAL G 19 56.90 24.91 2.74
CA VAL G 19 56.93 25.47 4.09
C VAL G 19 56.27 24.49 5.05
N SER G 20 56.63 24.62 6.32
CA SER G 20 56.08 23.80 7.39
C SER G 20 56.13 24.56 8.69
N PHE G 21 55.23 24.21 9.61
CA PHE G 21 55.23 24.79 10.94
C PHE G 21 54.86 23.69 11.95
N SER G 22 55.30 23.89 13.19
CA SER G 22 55.21 22.88 14.23
C SER G 22 54.10 23.21 15.22
N CYS G 23 53.58 22.15 15.85
CA CYS G 23 52.61 22.27 16.95
C CYS G 23 53.05 21.27 18.01
N ARG G 24 53.65 21.76 19.08
CA ARG G 24 54.17 20.90 20.14
C ARG G 24 53.13 20.75 21.26
N ALA G 25 53.09 19.55 21.85
CA ALA G 25 52.07 19.20 22.83
C ALA G 25 52.67 19.11 24.22
N SER G 26 51.87 19.49 25.21
CA SER G 26 52.32 19.46 26.60
C SER G 26 52.47 18.04 27.14
N GLN G 27 51.86 17.05 26.48
CA GLN G 27 51.96 15.66 26.94
C GLN G 27 51.65 14.75 25.75
N ASN G 28 51.76 13.44 25.99
CA ASN G 28 51.41 12.46 24.96
C ASN G 28 49.97 12.64 24.51
N ILE G 29 49.74 12.49 23.21
CA ILE G 29 48.43 12.81 22.63
C ILE G 29 48.09 11.77 21.57
N ASP G 30 49.07 10.94 21.23
CA ASP G 30 48.98 9.92 20.17
C ASP G 30 48.84 10.66 18.84
N THR G 31 47.75 10.49 18.10
CA THR G 31 47.51 11.15 16.82
C THR G 31 46.27 12.03 16.87
N HIS G 32 45.86 12.46 18.06
CA HIS G 32 44.62 13.20 18.25
C HIS G 32 44.84 14.70 18.06
N ILE G 33 45.43 15.06 16.92
CA ILE G 33 45.64 16.44 16.54
C ILE G 33 44.90 16.70 15.24
N HIS G 34 44.17 17.82 15.19
CA HIS G 34 43.52 18.29 13.97
C HIS G 34 44.05 19.67 13.62
N TRP G 35 44.02 19.98 12.33
CA TRP G 35 44.57 21.23 11.82
C TRP G 35 43.45 22.04 11.15
N TYR G 36 43.51 23.37 11.34
CA TYR G 36 42.49 24.25 10.80
C TYR G 36 43.16 25.49 10.20
N GLN G 37 42.65 25.91 9.04
CA GLN G 37 43.08 27.14 8.40
C GLN G 37 41.99 28.19 8.58
N GLN G 38 42.39 29.43 8.84
CA GLN G 38 41.46 30.54 8.96
C GLN G 38 41.99 31.74 8.19
N ARG G 39 41.36 32.05 7.05
CA ARG G 39 41.65 33.28 6.34
C ARG G 39 41.04 34.47 7.08
N THR G 40 41.59 35.65 6.80
CA THR G 40 41.10 36.85 7.46
C THR G 40 39.64 37.09 7.11
N ASN G 41 38.85 37.44 8.14
CA ASN G 41 37.40 37.61 8.04
C ASN G 41 36.68 36.31 7.70
N GLY G 42 37.35 35.17 7.85
CA GLY G 42 36.74 33.89 7.56
C GLY G 42 36.71 32.96 8.74
N SER G 43 35.88 31.93 8.67
CA SER G 43 35.84 30.98 9.75
C SER G 43 36.88 29.89 9.55
N PRO G 44 37.33 29.25 10.63
CA PRO G 44 38.32 28.16 10.48
C PRO G 44 37.75 27.02 9.64
N ARG G 45 38.63 26.37 8.88
CA ARG G 45 38.26 25.28 8.00
C ARG G 45 39.18 24.10 8.24
N LEU G 46 38.60 22.90 8.36
CA LEU G 46 39.36 21.70 8.69
C LEU G 46 40.35 21.37 7.56
N LEU G 47 41.62 21.28 7.91
CA LEU G 47 42.69 20.99 6.95
C LEU G 47 43.13 19.54 7.00
N ILE G 48 43.50 19.04 8.17
CA ILE G 48 43.94 17.66 8.36
C ILE G 48 43.28 17.13 9.63
N LYS G 49 42.88 15.87 9.59
CA LYS G 49 42.32 15.20 10.76
C LYS G 49 43.25 14.08 11.20
N TYR G 50 43.36 13.92 12.52
CA TYR G 50 44.18 12.88 13.13
C TYR G 50 45.63 12.94 12.61
N ALA G 51 46.24 14.10 12.82
CA ALA G 51 47.66 14.33 12.58
C ALA G 51 48.04 14.27 11.10
N SER G 52 47.55 13.26 10.36
CA SER G 52 48.04 13.01 9.01
C SER G 52 46.97 12.70 7.98
N GLU G 53 45.72 12.45 8.36
CA GLU G 53 44.72 12.00 7.40
C GLU G 53 44.11 13.18 6.67
N SER G 54 44.13 13.12 5.34
CA SER G 54 43.58 14.19 4.51
C SER G 54 42.05 14.12 4.50
N ILE G 55 41.44 15.26 4.17
CA ILE G 55 39.98 15.38 4.17
C ILE G 55 39.55 15.92 2.81
N SER G 56 38.29 15.65 2.48
CA SER G 56 37.78 15.96 1.14
C SER G 56 37.68 17.46 0.93
N GLY G 57 38.06 17.90 -0.27
CA GLY G 57 37.98 19.29 -0.65
C GLY G 57 39.24 20.10 -0.43
N ILE G 58 40.27 19.51 0.18
CA ILE G 58 41.51 20.23 0.45
C ILE G 58 42.53 19.88 -0.62
N PRO G 59 43.28 20.85 -1.14
CA PRO G 59 44.32 20.54 -2.13
C PRO G 59 45.34 19.55 -1.58
N SER G 60 45.98 18.83 -2.49
CA SER G 60 46.92 17.78 -2.11
C SER G 60 48.22 18.33 -1.52
N ARG G 61 48.48 19.63 -1.67
CA ARG G 61 49.72 20.19 -1.14
C ARG G 61 49.76 20.15 0.38
N PHE G 62 48.59 20.14 1.03
CA PHE G 62 48.51 20.11 2.48
C PHE G 62 48.70 18.68 2.98
N SER G 63 49.71 18.49 3.84
CA SER G 63 50.00 17.19 4.42
C SER G 63 50.38 17.39 5.89
N GLY G 64 50.05 16.40 6.72
CA GLY G 64 50.36 16.46 8.12
C GLY G 64 51.12 15.24 8.58
N SER G 65 51.85 15.41 9.68
CA SER G 65 52.67 14.33 10.23
C SER G 65 52.85 14.56 11.73
N GLY G 66 53.36 13.53 12.40
CA GLY G 66 53.65 13.63 13.82
C GLY G 66 52.82 12.72 14.69
N SER G 67 53.30 12.45 15.90
CA SER G 67 52.59 11.64 16.89
C SER G 67 53.28 11.78 18.23
N GLY G 68 52.50 11.71 19.30
CA GLY G 68 53.03 11.88 20.64
C GLY G 68 52.96 13.30 21.14
N THR G 69 54.02 14.07 20.89
CA THR G 69 54.07 15.47 21.30
C THR G 69 54.45 16.44 20.18
N ASP G 70 55.11 15.98 19.12
CA ASP G 70 55.57 16.85 18.05
C ASP G 70 54.74 16.59 16.81
N PHE G 71 54.14 17.65 16.26
CA PHE G 71 53.30 17.56 15.08
C PHE G 71 53.69 18.66 14.10
N THR G 72 53.48 18.39 12.81
CA THR G 72 53.91 19.30 11.76
C THR G 72 52.87 19.32 10.65
N LEU G 73 52.53 20.52 10.18
CA LEU G 73 51.69 20.71 9.00
C LEU G 73 52.53 21.40 7.94
N THR G 74 52.64 20.77 6.77
CA THR G 74 53.50 21.26 5.70
C THR G 74 52.66 21.58 4.47
N ILE G 75 53.12 22.56 3.70
CA ILE G 75 52.52 22.95 2.43
C ILE G 75 53.53 22.67 1.33
N ASN G 76 53.12 21.88 0.34
CA ASN G 76 54.04 21.47 -0.71
C ASN G 76 54.52 22.66 -1.54
N SER G 77 53.59 23.41 -2.12
CA SER G 77 53.92 24.60 -2.89
C SER G 77 52.85 25.65 -2.59
N VAL G 78 53.21 26.68 -1.82
CA VAL G 78 52.21 27.60 -1.31
C VAL G 78 51.66 28.46 -2.45
N GLU G 79 50.38 28.78 -2.37
CA GLU G 79 49.73 29.71 -3.28
C GLU G 79 49.22 30.90 -2.49
N SER G 80 48.73 31.91 -3.22
CA SER G 80 48.30 33.15 -2.57
C SER G 80 47.15 32.90 -1.59
N GLU G 81 46.28 31.93 -1.88
CA GLU G 81 45.14 31.63 -1.02
C GLU G 81 45.54 30.87 0.24
N ASP G 82 46.82 30.58 0.44
CA ASP G 82 47.29 29.93 1.65
C ASP G 82 47.69 30.90 2.74
N ILE G 83 47.79 32.19 2.41
CA ILE G 83 48.09 33.22 3.41
C ILE G 83 46.92 33.30 4.38
N ALA G 84 47.08 32.69 5.55
CA ALA G 84 46.01 32.62 6.54
C ALA G 84 46.63 32.20 7.87
N ASP G 85 45.79 32.13 8.90
CA ASP G 85 46.18 31.60 10.19
C ASP G 85 45.93 30.09 10.25
N TYR G 86 46.80 29.39 10.97
CA TYR G 86 46.72 27.93 11.08
C TYR G 86 46.74 27.55 12.54
N TYR G 87 45.68 26.91 13.00
CA TYR G 87 45.55 26.45 14.37
C TYR G 87 45.54 24.93 14.43
N CYS G 88 46.29 24.37 15.37
CA CYS G 88 46.23 22.95 15.68
C CYS G 88 45.32 22.75 16.88
N GLN G 89 44.55 21.66 16.85
CA GLN G 89 43.61 21.36 17.93
C GLN G 89 43.83 19.94 18.41
N GLN G 90 43.81 19.75 19.73
CA GLN G 90 43.91 18.43 20.33
C GLN G 90 42.52 17.95 20.73
N SER G 91 42.28 16.65 20.52
CA SER G 91 41.03 16.01 20.92
C SER G 91 41.28 14.79 21.81
N ASN G 92 42.42 14.78 22.52
CA ASN G 92 42.79 13.62 23.32
C ASN G 92 42.10 13.62 24.67
N SER G 93 41.94 14.80 25.27
CA SER G 93 41.36 14.89 26.61
C SER G 93 40.66 16.23 26.77
N TRP G 94 39.61 16.24 27.59
CA TRP G 94 38.85 17.45 27.86
C TRP G 94 39.62 18.35 28.84
N PRO G 95 39.57 19.67 28.65
CA PRO G 95 38.87 20.32 27.55
C PRO G 95 39.70 20.36 26.27
N PHE G 96 39.04 20.36 25.12
CA PHE G 96 39.75 20.54 23.86
C PHE G 96 40.43 21.90 23.85
N THR G 97 41.63 21.96 23.28
CA THR G 97 42.39 23.20 23.25
C THR G 97 43.00 23.39 21.87
N PHE G 98 43.27 24.65 21.55
CA PHE G 98 43.90 25.04 20.29
C PHE G 98 45.29 25.59 20.57
N GLY G 99 46.18 25.45 19.59
CA GLY G 99 47.47 26.09 19.66
C GLY G 99 47.35 27.59 19.54
N SER G 100 48.47 28.27 19.81
CA SER G 100 48.48 29.73 19.76
C SER G 100 48.31 30.24 18.33
N GLY G 101 48.54 29.40 17.33
CA GLY G 101 48.33 29.78 15.95
C GLY G 101 49.61 30.23 15.27
N THR G 102 49.71 29.92 13.98
CA THR G 102 50.82 30.37 13.13
C THR G 102 50.24 31.20 11.99
N LYS G 103 50.84 32.37 11.75
CA LYS G 103 50.40 33.29 10.71
C LYS G 103 51.39 33.28 9.56
N LEU G 104 50.89 33.18 8.33
CA LEU G 104 51.71 33.22 7.13
C LEU G 104 51.61 34.60 6.49
N GLU G 105 52.74 35.13 6.06
CA GLU G 105 52.80 36.40 5.36
C GLU G 105 53.65 36.26 4.11
N ILE G 106 53.51 37.22 3.20
CA ILE G 106 54.26 37.21 1.94
C ILE G 106 55.63 37.81 2.18
N LYS G 107 56.68 37.07 1.82
CA LYS G 107 58.03 37.59 1.93
C LYS G 107 58.26 38.68 0.88
N ARG G 108 59.01 39.71 1.26
CA ARG G 108 59.21 40.87 0.43
C ARG G 108 60.54 41.52 0.82
N THR G 109 61.10 42.29 -0.12
CA THR G 109 62.29 43.07 0.22
C THR G 109 61.95 44.09 1.30
N VAL G 110 62.98 44.48 2.05
CA VAL G 110 62.78 45.44 3.13
C VAL G 110 62.42 46.80 2.54
N ALA G 111 61.36 47.40 3.07
CA ALA G 111 60.88 48.71 2.61
C ALA G 111 60.75 49.63 3.81
N ALA G 112 61.31 50.83 3.70
CA ALA G 112 61.24 51.78 4.80
C ALA G 112 59.95 52.60 4.72
N PRO G 113 59.34 52.90 5.87
CA PRO G 113 58.08 53.65 5.85
C PRO G 113 58.30 55.13 5.56
N SER G 114 57.29 55.73 4.92
CA SER G 114 57.26 57.17 4.72
C SER G 114 56.50 57.77 5.90
N VAL G 115 57.22 58.41 6.81
CA VAL G 115 56.63 58.91 8.04
C VAL G 115 55.97 60.26 7.78
N PHE G 116 54.74 60.42 8.24
CA PHE G 116 54.02 61.68 8.17
C PHE G 116 53.43 61.99 9.53
N ILE G 117 53.39 63.27 9.86
CA ILE G 117 52.85 63.74 11.14
C ILE G 117 51.71 64.70 10.86
N PHE G 118 50.66 64.63 11.67
CA PHE G 118 49.46 65.44 11.47
C PHE G 118 49.14 66.18 12.76
N PRO G 119 49.05 67.51 12.73
CA PRO G 119 48.66 68.25 13.92
C PRO G 119 47.15 68.19 14.12
N PRO G 120 46.68 68.39 15.34
CA PRO G 120 45.23 68.34 15.57
C PRO G 120 44.50 69.39 14.76
N SER G 121 43.35 69.02 14.22
CA SER G 121 42.49 69.98 13.54
C SER G 121 42.01 71.03 14.53
N ASP G 122 41.73 72.23 14.03
CA ASP G 122 41.19 73.27 14.89
C ASP G 122 39.89 72.83 15.53
N GLU G 123 38.89 72.51 14.70
CA GLU G 123 37.57 72.14 15.19
C GLU G 123 37.62 71.13 16.33
N GLN G 124 38.60 70.21 16.30
CA GLN G 124 38.77 69.29 17.41
C GLN G 124 39.27 70.01 18.66
N LEU G 125 40.13 71.01 18.49
CA LEU G 125 40.64 71.74 19.64
C LEU G 125 39.57 72.57 20.33
N LYS G 126 38.58 73.08 19.56
CA LYS G 126 37.53 73.88 20.18
C LYS G 126 36.56 73.04 21.00
N SER G 127 36.68 71.71 20.94
CA SER G 127 35.89 70.81 21.76
C SER G 127 36.68 70.25 22.94
N GLY G 128 37.93 70.67 23.11
CA GLY G 128 38.70 70.31 24.29
C GLY G 128 39.53 69.05 24.19
N THR G 129 39.91 68.63 22.98
CA THR G 129 40.70 67.42 22.81
C THR G 129 41.61 67.59 21.60
N ALA G 130 42.85 67.10 21.73
CA ALA G 130 43.84 67.19 20.67
C ALA G 130 44.33 65.79 20.31
N SER G 131 44.24 65.44 19.01
CA SER G 131 44.70 64.17 18.50
C SER G 131 45.84 64.40 17.53
N VAL G 132 46.99 63.79 17.82
CA VAL G 132 48.17 63.89 16.97
C VAL G 132 48.39 62.54 16.32
N VAL G 133 48.40 62.52 14.99
CA VAL G 133 48.45 61.27 14.22
C VAL G 133 49.80 61.19 13.50
N CYS G 134 50.52 60.10 13.75
CA CYS G 134 51.76 59.78 13.06
C CYS G 134 51.49 58.60 12.15
N LEU G 135 51.78 58.76 10.86
CA LEU G 135 51.47 57.76 9.85
C LEU G 135 52.75 57.13 9.33
N LEU G 136 52.78 55.80 9.28
CA LEU G 136 53.87 55.03 8.70
C LEU G 136 53.31 54.32 7.47
N ASN G 137 53.77 54.73 6.29
CA ASN G 137 53.13 54.36 5.03
C ASN G 137 53.97 53.34 4.28
N ASN G 138 53.36 52.18 4.00
CA ASN G 138 53.89 51.19 3.07
C ASN G 138 55.30 50.76 3.41
N PHE G 139 55.45 49.87 4.40
CA PHE G 139 56.76 49.41 4.83
C PHE G 139 56.74 47.89 4.97
N TYR G 140 57.93 47.30 5.02
CA TYR G 140 58.12 45.89 5.26
C TYR G 140 59.50 45.73 5.90
N PRO G 141 59.63 44.88 6.93
CA PRO G 141 58.57 44.03 7.48
C PRO G 141 57.64 44.77 8.45
N ARG G 142 56.80 44.00 9.13
CA ARG G 142 55.74 44.59 9.93
C ARG G 142 56.24 45.21 11.23
N GLU G 143 57.39 44.77 11.74
CA GLU G 143 57.88 45.25 13.03
C GLU G 143 58.38 46.69 12.91
N ALA G 144 57.89 47.55 13.80
CA ALA G 144 58.26 48.96 13.80
C ALA G 144 57.93 49.55 15.16
N LYS G 145 58.80 50.42 15.66
CA LYS G 145 58.62 51.08 16.94
C LYS G 145 58.33 52.56 16.71
N VAL G 146 57.29 53.06 17.36
CA VAL G 146 56.88 54.46 17.25
C VAL G 146 56.85 55.06 18.65
N GLN G 147 57.55 56.17 18.84
CA GLN G 147 57.63 56.84 20.13
C GLN G 147 57.27 58.31 19.97
N TRP G 148 56.43 58.80 20.88
CA TRP G 148 56.01 60.19 20.89
C TRP G 148 56.90 60.99 21.83
N LYS G 149 57.46 62.09 21.34
CA LYS G 149 58.33 62.96 22.11
C LYS G 149 57.72 64.36 22.14
N VAL G 150 57.13 64.72 23.27
CA VAL G 150 56.57 66.06 23.49
C VAL G 150 57.62 66.86 24.25
N ASP G 151 58.26 67.80 23.55
CA ASP G 151 59.41 68.55 24.09
C ASP G 151 60.51 67.58 24.53
N ASN G 152 60.77 66.57 23.71
CA ASN G 152 61.76 65.52 23.99
C ASN G 152 61.51 64.88 25.36
N ALA G 153 60.24 64.60 25.65
CA ALA G 153 59.84 63.87 26.84
C ALA G 153 59.06 62.64 26.40
N LEU G 154 59.57 61.46 26.74
CA LEU G 154 58.95 60.21 26.33
C LEU G 154 57.54 60.10 26.88
N GLN G 155 56.56 59.97 25.99
CA GLN G 155 55.17 59.79 26.38
C GLN G 155 54.85 58.31 26.49
N SER G 156 53.95 57.98 27.43
CA SER G 156 53.58 56.59 27.66
C SER G 156 52.15 56.53 28.16
N GLY G 157 51.39 55.56 27.65
CA GLY G 157 50.03 55.33 28.10
C GLY G 157 48.98 56.24 27.52
N ASN G 158 49.36 57.15 26.60
CA ASN G 158 48.40 58.06 25.98
C ASN G 158 48.39 57.93 24.46
N SER G 159 48.80 56.79 23.93
CA SER G 159 48.89 56.59 22.49
C SER G 159 48.35 55.22 22.12
N GLN G 160 47.53 55.17 21.07
CA GLN G 160 47.00 53.93 20.53
C GLN G 160 47.53 53.74 19.11
N GLU G 161 47.62 52.49 18.69
CA GLU G 161 48.22 52.13 17.41
C GLU G 161 47.33 51.19 16.64
N SER G 162 47.43 51.27 15.32
CA SER G 162 46.66 50.42 14.41
C SER G 162 47.52 50.09 13.20
N VAL G 163 47.34 48.87 12.68
CA VAL G 163 48.09 48.40 11.53
C VAL G 163 47.11 47.81 10.52
N THR G 164 47.29 48.16 9.25
CA THR G 164 46.51 47.55 8.20
C THR G 164 47.02 46.14 7.90
N GLU G 165 46.17 45.35 7.25
CA GLU G 165 46.60 44.03 6.83
C GLU G 165 47.57 44.16 5.66
N GLN G 166 48.34 43.08 5.42
CA GLN G 166 49.32 43.11 4.35
C GLN G 166 48.66 43.39 3.02
N ASP G 167 49.19 44.36 2.28
CA ASP G 167 48.59 44.77 1.03
C ASP G 167 48.61 43.63 0.02
N SER G 168 47.56 43.54 -0.80
CA SER G 168 47.46 42.48 -1.78
C SER G 168 48.46 42.65 -2.91
N LYS G 169 48.85 43.89 -3.21
CA LYS G 169 49.71 44.17 -4.37
C LYS G 169 51.18 44.24 -3.99
N ASP G 170 51.57 45.26 -3.23
CA ASP G 170 52.97 45.48 -2.89
C ASP G 170 53.39 44.81 -1.59
N SER G 171 52.48 44.08 -0.93
CA SER G 171 52.80 43.26 0.24
C SER G 171 53.42 44.06 1.37
N THR G 172 53.08 45.34 1.47
CA THR G 172 53.56 46.18 2.56
C THR G 172 52.49 46.29 3.65
N TYR G 173 52.89 46.88 4.77
CA TYR G 173 51.99 47.19 5.86
C TYR G 173 51.94 48.70 6.06
N SER G 174 50.88 49.16 6.71
CA SER G 174 50.73 50.57 7.05
C SER G 174 50.33 50.67 8.52
N LEU G 175 51.06 51.49 9.26
CA LEU G 175 50.85 51.67 10.69
C LEU G 175 50.48 53.12 10.97
N SER G 176 49.61 53.32 11.95
CA SER G 176 49.22 54.67 12.37
C SER G 176 49.19 54.71 13.89
N SER G 177 49.72 55.79 14.45
CA SER G 177 49.73 56.01 15.89
C SER G 177 49.03 57.33 16.20
N THR G 178 48.19 57.33 17.23
CA THR G 178 47.41 58.51 17.60
C THR G 178 47.75 58.91 19.02
N LEU G 179 48.22 60.15 19.19
CA LEU G 179 48.51 60.72 20.49
C LEU G 179 47.36 61.63 20.90
N THR G 180 46.67 61.27 21.98
CA THR G 180 45.49 61.99 22.43
C THR G 180 45.84 62.79 23.69
N LEU G 181 45.58 64.10 23.63
CA LEU G 181 45.77 64.99 24.77
C LEU G 181 44.60 65.95 24.85
N SER G 182 44.32 66.45 26.06
CA SER G 182 43.30 67.46 26.22
C SER G 182 43.82 68.81 25.71
N LYS G 183 42.88 69.72 25.46
CA LYS G 183 43.25 71.02 24.88
C LYS G 183 44.19 71.79 25.80
N ALA G 184 43.91 71.79 27.11
CA ALA G 184 44.77 72.49 28.05
C ALA G 184 46.16 71.84 28.11
N ASP G 185 46.20 70.52 28.26
CA ASP G 185 47.48 69.82 28.29
C ASP G 185 48.24 69.99 26.97
N TYR G 186 47.52 70.13 25.86
CA TYR G 186 48.17 70.25 24.55
C TYR G 186 48.79 71.63 24.36
N GLU G 187 48.26 72.65 25.04
CA GLU G 187 48.72 74.02 24.85
C GLU G 187 49.84 74.42 25.81
N LYS G 188 50.33 73.49 26.63
CA LYS G 188 51.45 73.77 27.52
C LYS G 188 52.78 73.35 26.92
N HIS G 189 52.80 72.90 25.67
CA HIS G 189 54.01 72.40 25.03
C HIS G 189 54.07 72.94 23.61
N LYS G 190 55.25 72.83 23.00
CA LYS G 190 55.52 73.44 21.70
C LYS G 190 55.84 72.43 20.61
N VAL G 191 56.75 71.49 20.88
CA VAL G 191 57.24 70.56 19.86
C VAL G 191 56.61 69.20 20.10
N TYR G 192 55.90 68.69 19.09
CA TYR G 192 55.32 67.36 19.10
C TYR G 192 55.95 66.54 17.99
N ALA G 193 56.47 65.36 18.33
CA ALA G 193 57.21 64.55 17.38
C ALA G 193 56.92 63.07 17.60
N CYS G 194 57.01 62.30 16.52
CA CYS G 194 56.97 60.85 16.57
C CYS G 194 58.27 60.31 16.00
N GLU G 195 58.87 59.35 16.70
CA GLU G 195 60.13 58.73 16.32
C GLU G 195 59.86 57.33 15.81
N VAL G 196 60.36 57.02 14.61
CA VAL G 196 60.10 55.77 13.93
C VAL G 196 61.41 55.02 13.78
N THR G 197 61.47 53.81 14.33
CA THR G 197 62.60 52.91 14.16
C THR G 197 62.15 51.71 13.35
N HIS G 198 62.93 51.35 12.32
CA HIS G 198 62.57 50.27 11.43
C HIS G 198 63.82 49.75 10.75
N GLN G 199 63.76 48.48 10.33
CA GLN G 199 64.89 47.86 9.67
C GLN G 199 65.28 48.61 8.39
N GLY G 200 64.31 49.20 7.70
CA GLY G 200 64.60 49.95 6.50
C GLY G 200 65.19 51.33 6.73
N LEU G 201 65.30 51.75 7.99
CA LEU G 201 65.87 53.05 8.34
C LEU G 201 67.17 52.81 9.09
N SER G 202 68.27 53.37 8.56
CA SER G 202 69.57 53.22 9.20
C SER G 202 69.62 53.97 10.53
N SER G 203 68.82 55.01 10.68
CA SER G 203 68.70 55.78 11.93
C SER G 203 67.25 56.12 12.15
N PRO G 204 66.82 56.26 13.41
CA PRO G 204 65.42 56.59 13.70
C PRO G 204 65.00 57.90 13.05
N VAL G 205 63.95 57.84 12.24
CA VAL G 205 63.43 59.02 11.57
C VAL G 205 62.50 59.76 12.52
N THR G 206 62.70 61.08 12.63
CA THR G 206 61.88 61.92 13.49
C THR G 206 61.14 62.93 12.62
N LYS G 207 59.82 62.97 12.74
CA LYS G 207 58.98 63.94 12.07
C LYS G 207 58.22 64.73 13.13
N SER G 208 58.32 66.05 13.09
CA SER G 208 57.80 66.90 14.15
C SER G 208 57.10 68.11 13.56
N PHE G 209 56.41 68.83 14.44
CA PHE G 209 55.79 70.10 14.10
C PHE G 209 55.73 70.96 15.35
N ASN G 210 55.90 72.27 15.18
CA ASN G 210 55.78 73.21 16.27
C ASN G 210 54.36 73.76 16.33
N ARG G 211 53.78 73.77 17.52
CA ARG G 211 52.38 74.16 17.68
C ARG G 211 52.16 75.58 17.17
N GLY G 212 51.09 75.76 16.39
CA GLY G 212 50.71 77.05 15.87
C GLY G 212 51.33 77.39 14.53
N GLU G 213 52.55 76.94 14.27
CA GLU G 213 53.23 77.26 13.02
C GLU G 213 52.51 76.61 11.84
N CYS G 214 52.02 77.44 10.91
CA CYS G 214 51.33 76.95 9.74
C CYS G 214 52.30 76.38 8.71
N VAL H 2 25.87 20.33 3.25
CA VAL H 2 25.83 20.64 4.71
C VAL H 2 25.89 22.16 4.90
N GLN H 3 24.92 22.70 5.63
CA GLN H 3 24.86 24.16 5.84
C GLN H 3 24.73 24.48 7.32
N ILE H 4 25.70 25.21 7.86
CA ILE H 4 25.71 25.58 9.26
C ILE H 4 25.54 27.09 9.33
N GLN H 5 24.34 27.55 9.69
CA GLN H 5 23.99 28.96 9.65
C GLN H 5 23.76 29.47 11.07
N GLN H 6 24.52 30.49 11.45
CA GLN H 6 24.45 31.06 12.78
C GLN H 6 23.62 32.34 12.80
N SER H 7 23.23 32.75 14.00
CA SER H 7 22.37 33.92 14.17
C SER H 7 23.17 35.20 13.94
N GLY H 8 22.43 36.30 13.79
CA GLY H 8 23.02 37.58 13.46
C GLY H 8 23.84 38.18 14.59
N ALA H 9 24.42 39.34 14.29
CA ALA H 9 25.29 40.03 15.24
C ALA H 9 24.48 40.57 16.41
N GLU H 10 25.07 40.53 17.60
CA GLU H 10 24.40 40.91 18.84
C GLU H 10 25.12 42.09 19.49
N LEU H 11 24.33 43.03 20.02
CA LEU H 11 24.84 44.18 20.75
C LEU H 11 24.07 44.28 22.06
N MET H 12 24.75 44.00 23.17
CA MET H 12 24.10 43.86 24.46
C MET H 12 24.76 44.76 25.50
N ARG H 13 23.99 45.09 26.54
CA ARG H 13 24.49 45.81 27.70
C ARG H 13 25.05 44.83 28.72
N PRO H 14 25.98 45.27 29.58
CA PRO H 14 26.52 44.37 30.60
C PRO H 14 25.44 43.91 31.57
N GLY H 15 25.51 42.64 31.95
CA GLY H 15 24.53 42.04 32.83
C GLY H 15 23.35 41.40 32.14
N ALA H 16 23.24 41.51 30.82
CA ALA H 16 22.13 40.94 30.08
C ALA H 16 22.48 39.52 29.63
N SER H 17 21.54 38.88 28.95
CA SER H 17 21.72 37.54 28.42
C SER H 17 21.37 37.52 26.95
N VAL H 18 21.94 36.56 26.23
CA VAL H 18 21.68 36.40 24.79
C VAL H 18 21.75 34.92 24.46
N LYS H 19 20.85 34.48 23.59
CA LYS H 19 20.80 33.11 23.10
C LYS H 19 21.29 33.09 21.65
N LEU H 20 22.45 32.49 21.44
CA LEU H 20 23.01 32.32 20.09
C LEU H 20 22.48 31.03 19.50
N SER H 21 21.99 31.10 18.26
CA SER H 21 21.42 29.94 17.59
C SER H 21 22.35 29.45 16.49
N CYS H 22 22.15 28.19 16.09
CA CYS H 22 23.03 27.51 15.13
C CYS H 22 22.19 26.47 14.40
N LYS H 23 21.62 26.88 13.27
CA LYS H 23 20.78 25.99 12.47
C LYS H 23 21.68 25.11 11.60
N ALA H 24 21.53 23.80 11.73
CA ALA H 24 22.36 22.83 11.03
C ALA H 24 21.46 22.05 10.08
N THR H 25 21.65 22.25 8.78
CA THR H 25 20.84 21.62 7.74
C THR H 25 21.73 20.83 6.79
N GLY H 26 21.09 20.06 5.92
CA GLY H 26 21.79 19.33 4.88
C GLY H 26 22.29 17.96 5.28
N TYR H 27 21.89 17.45 6.44
CA TYR H 27 22.33 16.15 6.93
C TYR H 27 21.41 15.73 8.07
N THR H 28 21.59 14.51 8.54
CA THR H 28 20.78 13.98 9.64
C THR H 28 21.23 14.61 10.95
N PHE H 29 20.30 15.28 11.64
CA PHE H 29 20.64 16.04 12.84
C PHE H 29 21.10 15.12 13.97
N THR H 30 20.27 14.16 14.34
CA THR H 30 20.53 13.37 15.53
C THR H 30 21.78 12.51 15.36
N GLY H 31 22.72 12.64 16.29
CA GLY H 31 23.91 11.83 16.34
C GLY H 31 25.21 12.61 16.31
N TYR H 32 25.17 13.86 15.88
CA TYR H 32 26.37 14.68 15.72
C TYR H 32 26.56 15.61 16.91
N TRP H 33 27.82 15.76 17.32
CA TRP H 33 28.16 16.77 18.33
C TRP H 33 28.29 18.13 17.66
N ILE H 34 27.78 19.16 18.34
CA ILE H 34 27.89 20.53 17.88
C ILE H 34 28.82 21.26 18.85
N GLU H 35 29.94 21.78 18.32
CA GLU H 35 30.97 22.41 19.12
C GLU H 35 30.83 23.93 19.06
N TRP H 36 31.28 24.58 20.13
CA TRP H 36 31.21 26.03 20.25
C TRP H 36 32.59 26.57 20.57
N VAL H 37 33.00 27.61 19.84
CA VAL H 37 34.35 28.15 19.91
C VAL H 37 34.26 29.66 20.07
N LYS H 38 35.09 30.21 20.94
CA LYS H 38 35.20 31.65 21.14
C LYS H 38 36.48 32.17 20.52
N GLN H 39 36.39 33.33 19.85
CA GLN H 39 37.54 33.97 19.25
C GLN H 39 37.45 35.47 19.51
N ARG H 40 38.23 35.96 20.47
CA ARG H 40 38.36 37.39 20.67
C ARG H 40 39.04 38.01 19.45
N PRO H 41 38.63 39.22 19.04
CA PRO H 41 39.19 39.81 17.82
C PRO H 41 40.70 40.00 17.89
N GLY H 42 41.43 39.28 17.06
CA GLY H 42 42.87 39.33 17.05
C GLY H 42 43.58 38.29 17.89
N HIS H 43 42.85 37.33 18.47
CA HIS H 43 43.47 36.30 19.30
C HIS H 43 43.20 34.91 18.73
N GLY H 44 43.40 33.88 19.54
CA GLY H 44 43.28 32.50 19.10
C GLY H 44 41.87 31.95 19.27
N LEU H 45 41.76 30.64 19.07
CA LEU H 45 40.49 29.94 19.19
C LEU H 45 40.41 29.26 20.56
N GLU H 46 39.25 29.39 21.20
CA GLU H 46 39.02 28.86 22.54
C GLU H 46 37.81 27.94 22.52
N TRP H 47 37.98 26.72 23.03
CA TRP H 47 36.90 25.75 23.06
C TRP H 47 35.98 26.02 24.24
N ILE H 48 34.68 26.17 23.96
CA ILE H 48 33.69 26.41 25.01
C ILE H 48 33.06 25.10 25.48
N GLY H 49 32.70 24.24 24.55
CA GLY H 49 32.09 22.98 24.90
C GLY H 49 31.40 22.37 23.70
N GLU H 50 30.66 21.30 23.96
CA GLU H 50 29.96 20.57 22.92
C GLU H 50 28.62 20.08 23.47
N ILE H 51 27.69 19.82 22.54
CA ILE H 51 26.41 19.22 22.86
C ILE H 51 26.05 18.22 21.77
N LEU H 52 25.63 17.03 22.18
CA LEU H 52 25.22 16.00 21.23
C LEU H 52 23.82 16.36 20.73
N SER H 53 23.72 16.76 19.46
CA SER H 53 22.43 17.06 18.87
C SER H 53 21.56 15.80 18.86
N GLY H 54 20.43 15.88 19.56
CA GLY H 54 19.53 14.75 19.62
C GLY H 54 19.46 14.12 21.00
N ARG H 55 20.61 13.84 21.59
CA ARG H 55 20.64 13.23 22.91
C ARG H 55 20.72 14.26 24.03
N GLY H 56 21.28 15.43 23.74
CA GLY H 56 21.30 16.52 24.69
C GLY H 56 22.48 16.55 25.65
N THR H 57 23.26 15.47 25.71
CA THR H 57 24.39 15.44 26.65
C THR H 57 25.41 16.51 26.29
N THR H 58 26.02 17.10 27.31
CA THR H 58 26.90 18.24 27.14
C THR H 58 28.20 18.05 27.91
N ASN H 59 29.27 18.63 27.38
CA ASN H 59 30.56 18.71 28.05
C ASN H 59 31.06 20.15 27.94
N TYR H 60 31.32 20.79 29.07
CA TYR H 60 31.69 22.19 29.11
C TYR H 60 33.16 22.34 29.48
N ASN H 61 33.78 23.40 28.95
CA ASN H 61 35.07 23.83 29.44
C ASN H 61 34.90 24.48 30.81
N GLU H 62 35.82 24.17 31.73
CA GLU H 62 35.72 24.74 33.07
C GLU H 62 35.83 26.26 33.05
N LYS H 63 36.44 26.83 32.01
CA LYS H 63 36.52 28.28 31.89
C LYS H 63 35.18 28.91 31.53
N PHE H 64 34.24 28.12 31.00
CA PHE H 64 32.94 28.63 30.60
C PHE H 64 31.79 27.98 31.36
N LYS H 65 32.09 27.12 32.34
CA LYS H 65 31.03 26.48 33.12
C LYS H 65 30.22 27.52 33.88
N GLY H 66 28.91 27.49 33.67
CA GLY H 66 28.01 28.46 34.26
C GLY H 66 27.76 29.69 33.42
N LYS H 67 28.66 30.01 32.50
CA LYS H 67 28.48 31.15 31.60
C LYS H 67 27.76 30.74 30.32
N ALA H 68 28.21 29.66 29.68
CA ALA H 68 27.57 29.14 28.48
C ALA H 68 26.64 27.99 28.85
N THR H 69 25.51 27.92 28.14
CA THR H 69 24.53 26.86 28.35
C THR H 69 24.05 26.38 26.98
N PHE H 70 24.33 25.11 26.68
CA PHE H 70 23.95 24.53 25.39
C PHE H 70 22.58 23.88 25.48
N THR H 71 21.77 24.12 24.45
CA THR H 71 20.54 23.38 24.22
C THR H 71 20.44 23.06 22.73
N ALA H 72 19.73 21.99 22.40
CA ALA H 72 19.56 21.59 21.01
C ALA H 72 18.12 21.17 20.79
N ASP H 73 17.50 21.71 19.74
CA ASP H 73 16.11 21.44 19.41
C ASP H 73 16.08 20.53 18.18
N THR H 74 15.63 19.29 18.37
CA THR H 74 15.54 18.35 17.25
C THR H 74 14.42 18.72 16.30
N TYR H 75 13.36 19.39 16.79
CA TYR H 75 12.24 19.77 15.94
C TYR H 75 12.63 20.81 14.88
N SER H 76 13.73 21.54 15.09
CA SER H 76 14.10 22.62 14.19
C SER H 76 15.57 22.55 13.74
N ASN H 77 16.28 21.48 14.08
CA ASN H 77 17.69 21.31 13.70
C ASN H 77 18.53 22.50 14.13
N THR H 78 18.34 22.94 15.38
CA THR H 78 19.00 24.12 15.89
C THR H 78 19.64 23.83 17.24
N ALA H 79 20.92 24.13 17.36
CA ALA H 79 21.62 24.14 18.64
C ALA H 79 21.73 25.58 19.11
N TYR H 80 21.53 25.78 20.41
CA TYR H 80 21.57 27.11 21.00
C TYR H 80 22.65 27.19 22.07
N MET H 81 23.23 28.38 22.19
CA MET H 81 24.18 28.68 23.26
C MET H 81 23.78 30.00 23.91
N GLN H 82 23.63 29.97 25.24
CA GLN H 82 23.17 31.13 25.99
C GLN H 82 24.28 31.62 26.90
N LEU H 83 24.64 32.89 26.76
CA LEU H 83 25.57 33.56 27.66
C LEU H 83 24.75 34.39 28.64
N SER H 84 24.85 34.08 29.93
CA SER H 84 23.88 34.55 30.92
C SER H 84 24.26 35.88 31.56
N SER H 85 25.49 36.01 32.05
CA SER H 85 25.93 37.21 32.77
C SER H 85 26.97 37.92 31.91
N LEU H 86 26.48 38.69 30.94
CA LEU H 86 27.35 39.26 29.92
C LEU H 86 28.24 40.34 30.49
N THR H 87 29.55 40.17 30.32
CA THR H 87 30.55 41.20 30.62
C THR H 87 31.24 41.60 29.32
N THR H 88 31.96 42.72 29.38
CA THR H 88 32.69 43.19 28.21
C THR H 88 33.75 42.20 27.76
N GLY H 89 34.26 41.37 28.67
CA GLY H 89 35.22 40.35 28.29
C GLY H 89 34.63 39.24 27.45
N ASP H 90 33.30 39.11 27.42
CA ASP H 90 32.64 38.14 26.57
C ASP H 90 32.40 38.66 25.16
N SER H 91 32.85 39.88 24.86
CA SER H 91 32.75 40.41 23.51
C SER H 91 33.75 39.69 22.61
N ALA H 92 33.24 38.91 21.66
CA ALA H 92 34.08 38.12 20.76
C ALA H 92 33.20 37.63 19.61
N ILE H 93 33.84 36.97 18.65
CA ILE H 93 33.15 36.27 17.57
C ILE H 93 33.02 34.81 17.99
N TYR H 94 31.79 34.30 18.00
CA TYR H 94 31.52 32.94 18.43
C TYR H 94 31.14 32.08 17.24
N TYR H 95 31.69 30.87 17.20
CA TYR H 95 31.41 29.91 16.14
C TYR H 95 30.71 28.69 16.71
N CYS H 96 29.86 28.08 15.89
CA CYS H 96 29.42 26.72 16.10
C CYS H 96 29.93 25.86 14.95
N ALA H 97 30.26 24.60 15.23
CA ALA H 97 30.84 23.74 14.23
C ALA H 97 30.26 22.34 14.35
N ARG H 98 29.98 21.74 13.19
CA ARG H 98 29.56 20.35 13.14
C ARG H 98 30.74 19.46 13.55
N GLY H 99 30.60 18.75 14.66
CA GLY H 99 31.63 17.89 15.16
C GLY H 99 31.47 16.45 14.73
N GLY H 100 32.14 15.56 15.44
CA GLY H 100 32.10 14.15 15.09
C GLY H 100 30.74 13.54 15.29
N PHE H 101 30.50 12.46 14.54
CA PHE H 101 29.29 11.67 14.70
C PHE H 101 29.49 10.69 15.85
N LEU H 102 28.65 10.80 16.88
CA LEU H 102 28.68 9.97 18.09
C LEU H 102 29.91 10.25 18.95
N TYR H 103 31.05 10.54 18.34
CA TYR H 103 32.31 10.70 19.04
C TYR H 103 32.79 12.14 18.88
N GLY H 104 32.83 12.87 20.00
CA GLY H 104 33.24 14.26 19.98
C GLY H 104 34.72 14.51 19.88
N ASP H 105 35.54 13.46 19.97
CA ASP H 105 36.98 13.61 19.77
C ASP H 105 37.37 13.61 18.30
N GLY H 106 36.39 13.73 17.41
CA GLY H 106 36.65 13.86 16.00
C GLY H 106 36.78 15.31 15.60
N PRO H 107 37.20 15.56 14.37
CA PRO H 107 37.45 16.94 13.93
C PRO H 107 36.15 17.70 13.73
N PHE H 108 36.29 19.02 13.65
CA PHE H 108 35.15 19.90 13.46
C PHE H 108 34.95 20.06 11.96
N ASP H 109 34.01 19.30 11.41
CA ASP H 109 33.83 19.14 9.97
C ASP H 109 33.45 20.44 9.27
N TYR H 110 32.26 20.95 9.55
CA TYR H 110 31.72 22.12 8.87
C TYR H 110 31.48 23.21 9.91
N TRP H 111 32.10 24.37 9.70
CA TRP H 111 31.99 25.49 10.62
C TRP H 111 30.94 26.48 10.13
N GLY H 112 30.35 27.20 11.07
CA GLY H 112 29.41 28.25 10.73
C GLY H 112 30.12 29.54 10.38
N GLN H 113 29.32 30.53 9.96
CA GLN H 113 29.87 31.83 9.59
C GLN H 113 30.30 32.66 10.79
N GLY H 114 29.94 32.23 12.00
CA GLY H 114 30.29 32.98 13.20
C GLY H 114 29.26 34.04 13.54
N THR H 115 29.23 34.39 14.82
CA THR H 115 28.33 35.42 15.33
C THR H 115 29.14 36.38 16.19
N THR H 116 29.10 37.66 15.82
CA THR H 116 29.76 38.70 16.60
C THR H 116 28.86 39.13 17.75
N LEU H 117 29.42 39.14 18.95
CA LEU H 117 28.73 39.62 20.15
C LEU H 117 29.56 40.74 20.76
N THR H 118 28.94 41.90 20.94
CA THR H 118 29.59 43.07 21.52
C THR H 118 28.85 43.49 22.77
N VAL H 119 29.51 43.39 23.91
CA VAL H 119 28.95 43.82 25.19
C VAL H 119 29.58 45.16 25.56
N SER H 120 28.73 46.14 25.86
CA SER H 120 29.19 47.48 26.20
C SER H 120 28.02 48.26 26.77
N SER H 121 28.33 49.17 27.69
CA SER H 121 27.32 50.08 28.23
C SER H 121 27.19 51.35 27.40
N ALA H 122 27.99 51.50 26.36
CA ALA H 122 27.91 52.66 25.49
C ALA H 122 26.60 52.65 24.70
N SER H 123 26.07 53.84 24.46
CA SER H 123 24.92 54.01 23.57
C SER H 123 25.41 54.47 22.21
N THR H 124 24.70 54.05 21.16
CA THR H 124 25.15 54.31 19.80
C THR H 124 25.29 55.81 19.56
N LYS H 125 26.37 56.18 18.87
CA LYS H 125 26.71 57.59 18.68
C LYS H 125 27.44 57.74 17.36
N GLY H 126 27.04 58.75 16.58
CA GLY H 126 27.68 59.04 15.32
C GLY H 126 29.08 59.58 15.51
N PRO H 127 29.92 59.44 14.51
CA PRO H 127 31.32 59.86 14.62
C PRO H 127 31.51 61.34 14.30
N SER H 128 32.60 61.88 14.83
CA SER H 128 33.06 63.22 14.49
C SER H 128 34.29 63.09 13.59
N VAL H 129 34.24 63.75 12.43
CA VAL H 129 35.29 63.65 11.42
C VAL H 129 36.08 64.95 11.42
N PHE H 130 37.40 64.83 11.54
CA PHE H 130 38.33 65.96 11.52
C PHE H 130 39.38 65.75 10.45
N PRO H 131 39.79 66.80 9.75
CA PRO H 131 40.71 66.62 8.62
C PRO H 131 42.15 66.44 9.06
N LEU H 132 42.84 65.52 8.37
CA LEU H 132 44.27 65.31 8.54
C LEU H 132 44.95 66.01 7.37
N ALA H 133 45.33 67.26 7.57
CA ALA H 133 45.78 68.14 6.50
C ALA H 133 47.21 67.85 6.09
N PRO H 134 47.53 68.04 4.80
CA PRO H 134 48.94 68.06 4.39
C PRO H 134 49.62 69.33 4.87
N SER H 135 50.94 69.26 4.99
CA SER H 135 51.72 70.35 5.54
C SER H 135 52.66 70.91 4.47
N SER H 136 53.61 71.74 4.91
CA SER H 136 54.63 72.29 4.02
C SER H 136 55.66 71.25 3.61
N LYS H 137 55.84 70.20 4.39
CA LYS H 137 56.79 69.14 4.09
C LYS H 137 56.49 68.48 2.75
N THR H 139 56.09 68.38 -0.47
CA THR H 139 56.82 67.56 -1.43
C THR H 139 57.76 66.59 -0.70
N SER H 140 57.20 65.73 0.14
CA SER H 140 57.95 64.70 0.85
C SER H 140 58.24 63.55 -0.10
N GLY H 141 59.08 63.84 -1.10
CA GLY H 141 59.31 62.90 -2.18
C GLY H 141 58.28 62.99 -3.29
N GLY H 142 57.71 64.17 -3.53
CA GLY H 142 56.64 64.34 -4.48
C GLY H 142 55.29 63.82 -4.03
N THR H 143 55.23 63.12 -2.91
CA THR H 143 54.00 62.46 -2.44
C THR H 143 53.54 63.13 -1.15
N ALA H 144 52.35 63.71 -1.17
CA ALA H 144 51.73 64.25 0.02
C ALA H 144 50.81 63.20 0.65
N ALA H 145 50.51 63.39 1.93
CA ALA H 145 49.66 62.49 2.68
C ALA H 145 48.60 63.29 3.41
N LEU H 146 47.34 63.04 3.07
CA LEU H 146 46.20 63.63 3.76
C LEU H 146 45.29 62.51 4.25
N GLY H 147 44.31 62.88 5.05
CA GLY H 147 43.39 61.88 5.56
C GLY H 147 42.29 62.50 6.40
N CYS H 148 41.51 61.63 7.04
CA CYS H 148 40.44 62.02 7.92
C CYS H 148 40.56 61.26 9.23
N LEU H 149 40.10 61.89 10.32
CA LEU H 149 40.09 61.28 11.64
C LEU H 149 38.65 61.04 12.05
N VAL H 150 38.26 59.77 12.06
CA VAL H 150 36.91 59.35 12.47
C VAL H 150 36.98 58.97 13.93
N LYS H 151 36.46 59.83 14.80
CA LYS H 151 36.65 59.70 16.24
C LYS H 151 35.30 59.65 16.97
N ASP H 152 35.28 58.86 18.05
CA ASP H 152 34.16 58.81 19.00
C ASP H 152 32.87 58.38 18.31
N TYR H 153 32.81 57.07 18.02
CA TYR H 153 31.61 56.47 17.47
C TYR H 153 31.42 55.08 18.07
N PHE H 154 30.16 54.64 18.10
CA PHE H 154 29.81 53.34 18.65
C PHE H 154 28.48 52.93 18.05
N PRO H 155 28.30 51.66 17.64
CA PRO H 155 29.35 50.66 17.62
C PRO H 155 30.02 50.56 16.26
N GLU H 156 30.75 49.46 16.03
CA GLU H 156 31.29 49.20 14.72
C GLU H 156 30.16 48.80 13.77
N PRO H 157 30.32 49.02 12.45
CA PRO H 157 31.50 49.60 11.79
C PRO H 157 31.24 50.99 11.22
N VAL H 158 32.23 51.49 10.48
CA VAL H 158 32.08 52.69 9.68
C VAL H 158 32.68 52.41 8.31
N THR H 159 32.01 52.87 7.27
CA THR H 159 32.53 52.79 5.90
C THR H 159 33.11 54.15 5.55
N VAL H 160 34.33 54.16 5.00
CA VAL H 160 35.02 55.38 4.62
C VAL H 160 35.41 55.26 3.15
N SER H 161 34.80 56.08 2.30
CA SER H 161 35.18 56.22 0.91
C SER H 161 35.73 57.62 0.67
N TRP H 162 36.54 57.74 -0.38
CA TRP H 162 37.22 58.98 -0.71
C TRP H 162 36.72 59.51 -2.04
N ASN H 163 36.28 60.77 -2.05
CA ASN H 163 35.77 61.44 -3.24
C ASN H 163 34.61 60.66 -3.85
N SER H 164 33.75 60.12 -3.00
CA SER H 164 32.56 59.36 -3.38
C SER H 164 32.89 58.15 -4.25
N GLY H 165 34.13 57.65 -4.16
CA GLY H 165 34.54 56.46 -4.89
C GLY H 165 35.54 56.70 -5.99
N ALA H 166 35.83 57.96 -6.33
CA ALA H 166 36.76 58.24 -7.42
C ALA H 166 38.20 57.93 -7.01
N LEU H 167 38.57 58.27 -5.79
CA LEU H 167 39.93 58.08 -5.29
C LEU H 167 39.97 56.83 -4.42
N THR H 168 40.62 55.78 -4.92
CA THR H 168 40.78 54.54 -4.17
C THR H 168 42.22 54.04 -4.12
N SER H 169 43.12 54.57 -4.94
CA SER H 169 44.49 54.11 -4.94
C SER H 169 45.28 54.78 -3.82
N GLY H 170 46.11 53.98 -3.14
CA GLY H 170 46.90 54.47 -2.02
C GLY H 170 46.13 54.76 -0.76
N VAL H 171 44.83 54.48 -0.72
CA VAL H 171 44.02 54.72 0.45
C VAL H 171 44.29 53.63 1.49
N HIS H 172 44.53 54.03 2.72
CA HIS H 172 44.73 53.12 3.84
C HIS H 172 43.73 53.50 4.93
N THR H 173 42.67 52.70 5.08
CA THR H 173 41.71 52.87 6.17
C THR H 173 42.08 51.88 7.27
N PHE H 174 42.51 52.39 8.39
CA PHE H 174 43.03 51.53 9.44
C PHE H 174 41.90 50.89 10.24
N PRO H 175 42.13 49.70 10.79
CA PRO H 175 41.16 49.10 11.71
C PRO H 175 40.95 50.01 12.91
N ALA H 176 39.71 50.04 13.39
CA ALA H 176 39.37 50.89 14.53
C ALA H 176 40.06 50.40 15.79
N VAL H 177 40.14 51.30 16.77
CA VAL H 177 40.67 50.98 18.10
C VAL H 177 39.65 51.47 19.13
N LEU H 178 39.57 50.73 20.24
CA LEU H 178 38.64 51.07 21.31
C LEU H 178 39.34 52.00 22.29
N GLN H 179 38.89 53.25 22.33
CA GLN H 179 39.39 54.19 23.31
C GLN H 179 38.86 53.86 24.70
N SER H 180 39.49 54.41 25.72
CA SER H 180 39.13 54.10 27.09
C SER H 180 37.73 54.55 27.44
N SER H 181 37.16 55.49 26.68
CA SER H 181 35.80 55.96 26.94
C SER H 181 34.73 54.97 26.49
N GLY H 182 35.11 53.92 25.77
CA GLY H 182 34.15 52.97 25.24
C GLY H 182 33.76 53.20 23.79
N LEU H 183 34.25 54.28 23.17
CA LEU H 183 33.96 54.60 21.79
C LEU H 183 35.14 54.24 20.91
N TYR H 184 34.86 53.97 19.64
CA TYR H 184 35.89 53.57 18.68
C TYR H 184 36.47 54.79 17.97
N SER H 185 37.68 54.63 17.47
CA SER H 185 38.36 55.68 16.73
C SER H 185 39.09 55.05 15.55
N LEU H 186 39.03 55.72 14.40
CA LEU H 186 39.54 55.16 13.16
C LEU H 186 40.09 56.29 12.30
N SER H 187 41.12 55.97 11.51
CA SER H 187 41.75 56.94 10.62
C SER H 187 41.83 56.36 9.21
N SER H 188 41.56 57.21 8.22
CA SER H 188 41.68 56.86 6.82
C SER H 188 42.58 57.87 6.15
N VAL H 189 43.67 57.38 5.52
CA VAL H 189 44.66 58.24 4.90
C VAL H 189 44.86 57.81 3.46
N VAL H 190 45.46 58.70 2.68
CA VAL H 190 45.70 58.45 1.26
C VAL H 190 46.92 59.27 0.82
N THR H 191 47.80 58.63 0.05
CA THR H 191 48.95 59.31 -0.52
C THR H 191 48.62 59.80 -1.92
N VAL H 192 48.84 61.10 -2.15
CA VAL H 192 48.53 61.72 -3.44
C VAL H 192 49.77 62.49 -3.88
N PRO H 193 49.85 62.81 -5.17
CA PRO H 193 50.91 63.72 -5.63
C PRO H 193 50.74 65.10 -5.01
N SER H 194 51.85 65.64 -4.49
CA SER H 194 51.82 66.99 -3.94
C SER H 194 51.44 68.03 -4.98
N SER H 195 51.56 67.68 -6.28
CA SER H 195 51.21 68.60 -7.35
C SER H 195 49.70 68.85 -7.43
N SER H 196 48.89 68.02 -6.78
CA SER H 196 47.43 68.11 -6.88
C SER H 196 46.79 68.78 -5.67
N LEU H 197 47.57 69.21 -4.69
CA LEU H 197 46.99 69.81 -3.49
C LEU H 197 46.34 71.16 -3.76
N GLY H 198 46.67 71.81 -4.87
CA GLY H 198 46.10 73.10 -5.19
C GLY H 198 44.97 73.06 -6.19
N THR H 199 44.85 71.94 -6.91
CA THR H 199 43.85 71.79 -7.96
C THR H 199 42.73 70.85 -7.51
N GLN H 200 43.01 69.55 -7.41
CA GLN H 200 41.97 68.58 -7.08
C GLN H 200 41.61 68.66 -5.59
N THR H 201 40.31 68.72 -5.30
CA THR H 201 39.83 68.74 -3.93
C THR H 201 39.64 67.30 -3.43
N TYR H 202 39.90 67.11 -2.13
CA TYR H 202 39.82 65.80 -1.51
C TYR H 202 38.76 65.84 -0.42
N ILE H 203 37.78 64.94 -0.51
CA ILE H 203 36.71 64.82 0.47
C ILE H 203 36.62 63.37 0.90
N CYS H 204 36.51 63.14 2.21
CA CYS H 204 36.28 61.81 2.75
C CYS H 204 34.81 61.66 3.10
N ASN H 205 34.22 60.54 2.72
CA ASN H 205 32.81 60.25 2.97
C ASN H 205 32.72 59.14 4.00
N VAL H 206 32.30 59.49 5.21
CA VAL H 206 32.20 58.56 6.33
C VAL H 206 30.73 58.25 6.58
N ASN H 207 30.40 56.97 6.58
CA ASN H 207 29.03 56.52 6.84
C ASN H 207 29.05 55.59 8.05
N HIS H 208 28.24 55.91 9.05
CA HIS H 208 28.07 55.09 10.24
C HIS H 208 26.64 54.59 10.23
N LYS H 209 26.44 53.40 9.64
CA LYS H 209 25.09 52.90 9.42
C LYS H 209 24.29 52.70 10.71
N PRO H 210 24.84 52.17 11.81
CA PRO H 210 24.01 52.03 13.03
C PRO H 210 23.52 53.34 13.60
N SER H 211 24.12 54.48 13.23
CA SER H 211 23.66 55.77 13.72
C SER H 211 22.85 56.55 12.68
N ASN H 212 22.76 56.05 11.45
CA ASN H 212 22.05 56.74 10.37
C ASN H 212 22.61 58.14 10.14
N THR H 213 23.92 58.28 10.29
CA THR H 213 24.61 59.54 10.05
C THR H 213 25.61 59.38 8.91
N LYS H 214 25.87 60.49 8.23
CA LYS H 214 26.85 60.52 7.14
C LYS H 214 27.52 61.88 7.15
N VAL H 215 28.85 61.89 7.23
CA VAL H 215 29.62 63.12 7.30
C VAL H 215 30.61 63.13 6.15
N ASP H 216 30.50 64.15 5.30
CA ASP H 216 31.49 64.43 4.27
C ASP H 216 32.39 65.56 4.77
N LYS H 217 33.69 65.30 4.84
CA LYS H 217 34.66 66.27 5.35
C LYS H 217 35.61 66.66 4.24
N ARG H 218 35.69 67.96 3.96
CA ARG H 218 36.62 68.49 2.99
C ARG H 218 37.92 68.86 3.70
N VAL H 219 39.05 68.46 3.12
CA VAL H 219 40.35 68.62 3.74
C VAL H 219 41.28 69.38 2.79
N GLU H 220 41.87 70.46 3.28
CA GLU H 220 42.85 71.24 2.53
C GLU H 220 44.16 71.31 3.31
N PRO H 221 45.27 71.73 2.66
CA PRO H 221 46.47 72.09 3.43
C PRO H 221 46.30 73.43 4.15
N GLU I 1 -45.67 -52.56 -9.82
CA GLU I 1 -44.57 -53.22 -9.11
C GLU I 1 -43.25 -52.49 -9.32
N VAL I 2 -42.22 -52.93 -8.61
CA VAL I 2 -40.91 -52.27 -8.68
C VAL I 2 -40.26 -52.62 -10.01
N GLN I 3 -39.84 -51.60 -10.75
CA GLN I 3 -39.19 -51.77 -12.04
C GLN I 3 -37.86 -51.03 -12.05
N LEU I 4 -36.82 -51.69 -12.55
CA LEU I 4 -35.49 -51.10 -12.66
C LEU I 4 -34.95 -51.47 -14.03
N VAL I 5 -34.81 -50.48 -14.91
CA VAL I 5 -34.41 -50.70 -16.29
C VAL I 5 -33.06 -50.03 -16.50
N GLU I 6 -32.01 -50.85 -16.62
CA GLU I 6 -30.70 -50.32 -16.94
C GLU I 6 -30.65 -49.90 -18.41
N SER I 7 -29.72 -49.00 -18.71
CA SER I 7 -29.60 -48.46 -20.07
C SER I 7 -28.24 -47.80 -20.21
N GLY I 8 -27.86 -47.54 -21.46
CA GLY I 8 -26.63 -46.82 -21.74
C GLY I 8 -25.38 -47.67 -21.85
N GLY I 9 -25.51 -48.99 -21.89
CA GLY I 9 -24.37 -49.86 -22.06
C GLY I 9 -23.97 -50.00 -23.52
N GLY I 10 -23.08 -50.95 -23.76
CA GLY I 10 -22.66 -51.26 -25.11
C GLY I 10 -21.19 -51.55 -25.26
N LEU I 11 -20.66 -51.28 -26.45
CA LEU I 11 -19.26 -51.53 -26.78
C LEU I 11 -18.45 -50.27 -26.56
N VAL I 12 -17.24 -50.43 -26.02
CA VAL I 12 -16.37 -49.30 -25.72
C VAL I 12 -14.92 -49.75 -25.84
N LYS I 13 -14.04 -48.80 -26.18
CA LYS I 13 -12.61 -48.99 -26.37
C LYS I 13 -11.87 -48.76 -25.05
N PRO I 14 -10.82 -49.55 -24.76
CA PRO I 14 -10.04 -49.34 -23.53
C PRO I 14 -9.55 -47.91 -23.39
N GLY I 15 -9.97 -47.25 -22.31
CA GLY I 15 -9.73 -45.84 -22.11
C GLY I 15 -10.93 -44.96 -22.42
N GLY I 16 -11.95 -45.51 -23.07
CA GLY I 16 -13.14 -44.75 -23.39
C GLY I 16 -14.08 -44.60 -22.20
N SER I 17 -15.22 -43.97 -22.47
CA SER I 17 -16.17 -43.63 -21.42
C SER I 17 -17.58 -44.08 -21.79
N LEU I 18 -18.38 -44.35 -20.75
CA LEU I 18 -19.78 -44.72 -20.91
C LEU I 18 -20.57 -44.10 -19.77
N ARG I 19 -21.85 -43.81 -20.05
CA ARG I 19 -22.77 -43.25 -19.06
C ARG I 19 -23.99 -44.15 -18.94
N LEU I 20 -24.08 -44.88 -17.84
CA LEU I 20 -25.20 -45.78 -17.60
C LEU I 20 -26.36 -45.04 -16.97
N SER I 21 -27.58 -45.43 -17.35
CA SER I 21 -28.81 -44.89 -16.78
C SER I 21 -29.67 -46.02 -16.26
N CYS I 22 -30.35 -45.78 -15.14
CA CYS I 22 -31.27 -46.74 -14.55
C CYS I 22 -32.57 -46.03 -14.23
N ALA I 23 -33.61 -46.32 -15.00
CA ALA I 23 -34.92 -45.71 -14.80
C ALA I 23 -35.73 -46.56 -13.83
N ALA I 24 -36.30 -45.92 -12.81
CA ALA I 24 -37.05 -46.60 -11.78
C ALA I 24 -38.52 -46.23 -11.88
N SER I 25 -39.38 -47.17 -11.48
CA SER I 25 -40.82 -46.93 -11.45
C SER I 25 -41.44 -47.94 -10.50
N GLY I 26 -42.64 -47.60 -10.01
CA GLY I 26 -43.37 -48.47 -9.11
C GLY I 26 -43.05 -48.29 -7.65
N PHE I 27 -42.28 -47.27 -7.28
CA PHE I 27 -41.97 -47.00 -5.88
C PHE I 27 -41.45 -45.58 -5.77
N THR I 28 -41.43 -45.07 -4.54
CA THR I 28 -40.92 -43.72 -4.27
C THR I 28 -39.40 -43.78 -4.31
N PHE I 29 -38.83 -43.31 -5.43
CA PHE I 29 -37.39 -43.43 -5.67
C PHE I 29 -36.58 -42.43 -4.88
N SER I 30 -37.19 -41.34 -4.41
CA SER I 30 -36.50 -40.37 -3.59
C SER I 30 -36.30 -40.86 -2.16
N SER I 31 -36.73 -42.07 -1.82
CA SER I 31 -36.73 -42.55 -0.44
C SER I 31 -35.79 -43.72 -0.21
N TYR I 32 -35.06 -44.18 -1.22
CA TYR I 32 -34.17 -45.32 -1.08
C TYR I 32 -32.76 -44.95 -1.52
N SER I 33 -31.78 -45.61 -0.92
CA SER I 33 -30.41 -45.55 -1.42
C SER I 33 -30.25 -46.54 -2.56
N MET I 34 -29.53 -46.12 -3.60
CA MET I 34 -29.39 -46.90 -4.82
C MET I 34 -27.94 -47.29 -5.03
N ASN I 35 -27.73 -48.40 -5.73
CA ASN I 35 -26.41 -49.01 -5.86
C ASN I 35 -26.17 -49.41 -7.31
N TRP I 36 -24.90 -49.69 -7.61
CA TRP I 36 -24.50 -50.32 -8.86
C TRP I 36 -23.69 -51.56 -8.52
N VAL I 37 -24.12 -52.71 -9.03
CA VAL I 37 -23.40 -53.97 -8.84
C VAL I 37 -23.14 -54.55 -10.23
N ARG I 38 -21.90 -55.00 -10.44
CA ARG I 38 -21.51 -55.56 -11.73
C ARG I 38 -21.11 -57.02 -11.56
N GLN I 39 -20.98 -57.70 -12.70
CA GLN I 39 -20.67 -59.13 -12.71
C GLN I 39 -19.93 -59.43 -14.01
N ALA I 40 -18.65 -59.75 -13.90
CA ALA I 40 -17.90 -60.17 -15.07
C ALA I 40 -18.47 -61.49 -15.60
N PRO I 41 -18.50 -61.67 -16.92
CA PRO I 41 -19.05 -62.92 -17.49
C PRO I 41 -18.46 -64.17 -16.86
N GLY I 42 -19.31 -64.97 -16.23
CA GLY I 42 -18.89 -66.20 -15.59
C GLY I 42 -18.26 -66.03 -14.23
N LYS I 43 -18.15 -64.80 -13.73
CA LYS I 43 -17.55 -64.53 -12.43
C LYS I 43 -18.63 -64.09 -11.44
N GLY I 44 -18.20 -63.80 -10.22
CA GLY I 44 -19.10 -63.48 -9.13
C GLY I 44 -19.67 -62.07 -9.21
N LEU I 45 -20.18 -61.61 -8.08
CA LEU I 45 -20.78 -60.30 -7.96
C LEU I 45 -19.81 -59.36 -7.24
N GLU I 46 -19.75 -58.11 -7.71
CA GLU I 46 -18.90 -57.10 -7.12
C GLU I 46 -19.68 -55.80 -6.99
N TRP I 47 -19.64 -55.20 -5.81
CA TRP I 47 -20.27 -53.91 -5.58
C TRP I 47 -19.41 -52.80 -6.16
N VAL I 48 -20.05 -51.86 -6.86
CA VAL I 48 -19.34 -50.78 -7.53
C VAL I 48 -19.46 -49.50 -6.73
N SER I 49 -20.68 -48.97 -6.61
CA SER I 49 -20.88 -47.68 -5.97
C SER I 49 -22.30 -47.59 -5.44
N SER I 50 -22.52 -46.66 -4.52
CA SER I 50 -23.84 -46.43 -3.96
C SER I 50 -24.03 -44.93 -3.72
N ILE I 51 -25.30 -44.50 -3.76
CA ILE I 51 -25.65 -43.10 -3.54
C ILE I 51 -26.87 -43.05 -2.63
N SER I 52 -26.85 -42.13 -1.66
CA SER I 52 -27.95 -42.02 -0.71
C SER I 52 -29.16 -41.36 -1.36
N SER I 53 -30.25 -41.28 -0.60
CA SER I 53 -31.50 -40.74 -1.13
C SER I 53 -31.41 -39.27 -1.48
N SER I 54 -30.44 -38.54 -0.90
CA SER I 54 -30.26 -37.13 -1.16
C SER I 54 -28.94 -36.81 -1.86
N SER I 55 -28.22 -37.83 -2.32
CA SER I 55 -26.94 -37.67 -3.02
C SER I 55 -25.86 -37.12 -2.10
N SER I 56 -26.19 -36.81 -0.85
CA SER I 56 -25.20 -36.22 0.04
C SER I 56 -24.15 -37.23 0.51
N TYR I 57 -24.42 -38.52 0.38
CA TYR I 57 -23.52 -39.56 0.87
C TYR I 57 -23.28 -40.55 -0.25
N ILE I 58 -22.01 -40.67 -0.66
CA ILE I 58 -21.64 -41.41 -1.86
C ILE I 58 -20.41 -42.26 -1.55
N TYR I 59 -20.46 -43.54 -1.94
CA TYR I 59 -19.36 -44.46 -1.73
C TYR I 59 -18.97 -45.11 -3.05
N TYR I 60 -17.67 -45.41 -3.19
CA TYR I 60 -17.14 -46.12 -4.35
C TYR I 60 -16.27 -47.27 -3.88
N ALA I 61 -16.30 -48.38 -4.63
CA ALA I 61 -15.33 -49.44 -4.41
C ALA I 61 -13.94 -48.94 -4.82
N ASP I 62 -12.91 -49.57 -4.25
CA ASP I 62 -11.55 -49.14 -4.53
C ASP I 62 -11.15 -49.40 -5.98
N SER I 63 -11.75 -50.40 -6.61
CA SER I 63 -11.41 -50.73 -7.98
C SER I 63 -12.07 -49.80 -8.99
N VAL I 64 -12.98 -48.93 -8.55
CA VAL I 64 -13.62 -47.98 -9.46
C VAL I 64 -13.51 -46.54 -8.98
N LYS I 65 -13.21 -46.28 -7.71
CA LYS I 65 -13.04 -44.93 -7.22
C LYS I 65 -11.88 -44.26 -7.93
N GLY I 66 -12.10 -43.04 -8.41
CA GLY I 66 -11.13 -42.30 -9.19
C GLY I 66 -11.48 -42.21 -10.66
N ARG I 67 -12.24 -43.18 -11.17
CA ARG I 67 -12.70 -43.15 -12.55
C ARG I 67 -14.22 -43.12 -12.70
N PHE I 68 -14.96 -43.52 -11.66
CA PHE I 68 -16.41 -43.64 -11.74
C PHE I 68 -17.07 -42.54 -10.92
N THR I 69 -18.22 -42.08 -11.39
CA THR I 69 -18.99 -41.05 -10.71
C THR I 69 -20.46 -41.45 -10.69
N ILE I 70 -21.02 -41.60 -9.51
CA ILE I 70 -22.43 -41.94 -9.35
C ILE I 70 -23.21 -40.65 -9.13
N SER I 71 -24.41 -40.58 -9.73
CA SER I 71 -25.28 -39.43 -9.57
C SER I 71 -26.72 -39.89 -9.80
N ARG I 72 -27.66 -39.11 -9.31
CA ARG I 72 -29.06 -39.49 -9.40
C ARG I 72 -29.92 -38.25 -9.54
N ASP I 73 -31.08 -38.44 -10.18
CA ASP I 73 -32.10 -37.41 -10.29
C ASP I 73 -33.39 -38.00 -9.74
N ASN I 74 -33.94 -37.37 -8.71
CA ASN I 74 -35.17 -37.86 -8.10
C ASN I 74 -36.42 -37.37 -8.84
N ALA I 75 -36.31 -36.29 -9.61
CA ALA I 75 -37.47 -35.82 -10.36
C ALA I 75 -37.71 -36.70 -11.58
N LYS I 76 -36.63 -37.18 -12.22
CA LYS I 76 -36.73 -38.05 -13.37
C LYS I 76 -36.58 -39.53 -13.01
N ASN I 77 -36.55 -39.85 -11.72
CA ASN I 77 -36.57 -41.23 -11.23
C ASN I 77 -35.43 -42.05 -11.83
N SER I 78 -34.27 -41.44 -11.97
CA SER I 78 -33.16 -42.05 -12.70
C SER I 78 -31.91 -42.10 -11.82
N LEU I 79 -31.03 -43.04 -12.15
CA LEU I 79 -29.75 -43.22 -11.50
C LEU I 79 -28.68 -43.35 -12.56
N TYR I 80 -27.52 -42.76 -12.31
CA TYR I 80 -26.48 -42.64 -13.33
C TYR I 80 -25.14 -43.13 -12.79
N LEU I 81 -24.30 -43.61 -13.70
CA LEU I 81 -22.93 -44.01 -13.39
C LEU I 81 -22.04 -43.61 -14.56
N GLN I 82 -21.17 -42.63 -14.33
CA GLN I 82 -20.20 -42.21 -15.34
C GLN I 82 -18.91 -42.99 -15.15
N MET I 83 -18.47 -43.65 -16.22
CA MET I 83 -17.27 -44.49 -16.18
C MET I 83 -16.27 -43.95 -17.18
N ASN I 84 -15.06 -43.66 -16.71
CA ASN I 84 -13.99 -43.15 -17.56
C ASN I 84 -12.77 -44.05 -17.46
N SER I 85 -11.91 -43.97 -18.48
CA SER I 85 -10.67 -44.74 -18.55
C SER I 85 -10.94 -46.23 -18.35
N LEU I 86 -11.90 -46.74 -19.10
CA LEU I 86 -12.35 -48.11 -18.91
C LEU I 86 -11.25 -49.11 -19.30
N ARG I 87 -11.14 -50.18 -18.54
CA ARG I 87 -10.14 -51.22 -18.74
C ARG I 87 -10.83 -52.53 -19.10
N ALA I 88 -10.01 -53.56 -19.35
CA ALA I 88 -10.56 -54.86 -19.71
C ALA I 88 -11.36 -55.46 -18.56
N GLU I 89 -10.84 -55.36 -17.34
CA GLU I 89 -11.52 -55.90 -16.15
C GLU I 89 -12.78 -55.13 -15.79
N ASP I 90 -13.14 -54.10 -16.54
CA ASP I 90 -14.42 -53.43 -16.36
C ASP I 90 -15.53 -54.05 -17.20
N THR I 91 -15.19 -54.98 -18.08
CA THR I 91 -16.21 -55.70 -18.85
C THR I 91 -17.07 -56.52 -17.90
N ALA I 92 -18.34 -56.19 -17.82
CA ALA I 92 -19.26 -56.84 -16.91
C ALA I 92 -20.69 -56.41 -17.26
N VAL I 93 -21.65 -57.15 -16.71
CA VAL I 93 -23.05 -56.74 -16.78
C VAL I 93 -23.35 -55.93 -15.53
N TYR I 94 -23.79 -54.68 -15.73
CA TYR I 94 -23.94 -53.72 -14.66
C TYR I 94 -25.39 -53.70 -14.20
N TYR I 95 -25.63 -54.14 -12.96
CA TYR I 95 -26.96 -54.20 -12.40
C TYR I 95 -27.24 -52.94 -11.59
N CYS I 96 -28.49 -52.48 -11.65
CA CYS I 96 -28.97 -51.35 -10.87
C CYS I 96 -29.83 -51.89 -9.73
N ALA I 97 -29.35 -51.78 -8.50
CA ALA I 97 -29.98 -52.41 -7.35
C ALA I 97 -30.43 -51.37 -6.34
N ARG I 98 -31.58 -51.61 -5.73
CA ARG I 98 -32.13 -50.75 -4.70
C ARG I 98 -31.83 -51.35 -3.32
N LEU I 99 -31.48 -50.48 -2.38
CA LEU I 99 -31.24 -50.89 -1.00
C LEU I 99 -32.57 -50.85 -0.25
N GLY I 100 -33.10 -52.02 0.08
CA GLY I 100 -34.37 -52.10 0.78
C GLY I 100 -34.25 -51.66 2.22
N TYR I 101 -35.42 -51.42 2.81
CA TYR I 101 -35.48 -51.00 4.21
C TYR I 101 -35.23 -52.17 5.13
N CYS I 102 -34.50 -51.91 6.21
CA CYS I 102 -34.25 -52.91 7.25
C CYS I 102 -34.07 -52.17 8.57
N SER I 103 -33.98 -52.94 9.65
CA SER I 103 -33.82 -52.34 10.97
C SER I 103 -32.40 -51.84 11.18
N GLY I 104 -31.44 -52.75 11.18
CA GLY I 104 -30.05 -52.36 11.35
C GLY I 104 -29.12 -53.49 10.97
N GLY I 105 -27.83 -53.28 11.26
CA GLY I 105 -26.82 -54.26 10.95
C GLY I 105 -26.57 -54.45 9.47
N SER I 106 -26.62 -53.36 8.69
CA SER I 106 -26.42 -53.35 7.24
C SER I 106 -27.55 -54.04 6.51
N CYS I 107 -28.23 -53.32 5.61
CA CYS I 107 -29.40 -53.84 4.91
C CYS I 107 -28.97 -54.67 3.71
N HIS I 108 -29.94 -54.98 2.84
CA HIS I 108 -29.77 -55.87 1.71
C HIS I 108 -30.28 -55.18 0.44
N PHE I 109 -29.91 -55.74 -0.70
CA PHE I 109 -30.44 -55.31 -1.99
C PHE I 109 -31.73 -56.07 -2.25
N ASP I 110 -32.87 -55.38 -2.13
CA ASP I 110 -34.16 -56.06 -2.20
C ASP I 110 -34.70 -56.17 -3.62
N TYR I 111 -34.32 -55.27 -4.52
CA TYR I 111 -34.80 -55.30 -5.89
C TYR I 111 -33.67 -54.95 -6.85
N TRP I 112 -33.60 -55.69 -7.96
CA TRP I 112 -32.55 -55.51 -8.96
C TRP I 112 -33.19 -55.32 -10.33
N GLY I 113 -32.41 -54.74 -11.24
CA GLY I 113 -32.79 -54.66 -12.63
C GLY I 113 -32.12 -55.76 -13.44
N GLN I 114 -32.63 -55.96 -14.66
CA GLN I 114 -32.11 -57.04 -15.49
C GLN I 114 -30.63 -56.85 -15.82
N GLY I 115 -30.19 -55.62 -15.98
CA GLY I 115 -28.79 -55.32 -16.20
C GLY I 115 -28.53 -54.84 -17.62
N THR I 116 -27.33 -54.29 -17.78
CA THR I 116 -26.85 -53.83 -19.08
C THR I 116 -25.45 -54.35 -19.30
N LEU I 117 -25.12 -54.66 -20.54
CA LEU I 117 -23.86 -55.29 -20.90
C LEU I 117 -22.86 -54.22 -21.32
N VAL I 118 -21.74 -54.15 -20.61
CA VAL I 118 -20.64 -53.26 -20.95
C VAL I 118 -19.47 -54.14 -21.36
N THR I 119 -19.05 -54.01 -22.62
CA THR I 119 -17.93 -54.77 -23.16
C THR I 119 -16.83 -53.80 -23.54
N VAL I 120 -15.65 -53.99 -22.99
CA VAL I 120 -14.50 -53.12 -23.22
C VAL I 120 -13.51 -53.89 -24.09
N SER I 121 -13.44 -53.52 -25.37
CA SER I 121 -12.51 -54.15 -26.31
C SER I 121 -11.88 -53.13 -27.25
N PRO J 2 -10.90 -58.52 -1.00
CA PRO J 2 -11.40 -59.47 0.00
C PRO J 2 -12.82 -59.94 -0.30
N VAL J 3 -13.09 -61.23 -0.07
CA VAL J 3 -14.38 -61.84 -0.38
C VAL J 3 -14.81 -62.74 0.77
N LEU J 4 -16.09 -63.10 0.76
CA LEU J 4 -16.59 -64.19 1.57
C LEU J 4 -16.42 -65.48 0.78
N THR J 5 -15.82 -66.49 1.42
CA THR J 5 -15.44 -67.71 0.72
C THR J 5 -16.61 -68.68 0.68
N GLN J 6 -17.08 -69.00 -0.53
CA GLN J 6 -18.05 -70.03 -0.84
C GLN J 6 -17.39 -71.13 -1.66
N PRO J 7 -17.82 -72.38 -1.49
CA PRO J 7 -17.32 -73.45 -2.37
C PRO J 7 -17.80 -73.22 -3.79
N PRO J 8 -17.00 -73.59 -4.79
CA PRO J 8 -17.41 -73.38 -6.19
C PRO J 8 -18.70 -74.11 -6.55
N SER J 9 -18.72 -75.42 -6.33
CA SER J 9 -19.85 -76.25 -6.71
C SER J 9 -20.38 -77.01 -5.50
N VAL J 10 -21.67 -77.29 -5.53
CA VAL J 10 -22.32 -78.14 -4.53
C VAL J 10 -23.52 -78.80 -5.21
N SER J 11 -23.78 -80.06 -4.86
CA SER J 11 -24.73 -80.87 -5.60
C SER J 11 -25.53 -81.76 -4.67
N GLY J 12 -26.67 -82.22 -5.17
CA GLY J 12 -27.54 -83.10 -4.42
C GLY J 12 -28.64 -83.66 -5.30
N ALA J 13 -29.27 -84.74 -4.81
CA ALA J 13 -30.36 -85.40 -5.53
C ALA J 13 -31.69 -84.76 -5.16
N PRO J 14 -32.65 -84.75 -6.09
CA PRO J 14 -33.96 -84.15 -5.81
C PRO J 14 -34.58 -84.73 -4.55
N GLY J 15 -35.26 -83.85 -3.79
CA GLY J 15 -35.87 -84.24 -2.53
C GLY J 15 -34.93 -84.24 -1.34
N GLN J 16 -33.62 -84.12 -1.55
CA GLN J 16 -32.66 -84.16 -0.48
C GLN J 16 -32.37 -82.74 0.02
N ARG J 17 -31.44 -82.64 0.96
CA ARG J 17 -31.08 -81.37 1.59
C ARG J 17 -29.59 -81.10 1.36
N VAL J 18 -29.27 -79.84 1.07
CA VAL J 18 -27.89 -79.41 0.85
C VAL J 18 -27.68 -78.10 1.57
N THR J 19 -26.44 -77.89 2.03
CA THR J 19 -26.06 -76.68 2.77
C THR J 19 -24.93 -75.98 2.03
N ILE J 20 -25.04 -74.67 1.87
CA ILE J 20 -24.04 -73.84 1.22
C ILE J 20 -23.39 -72.96 2.28
N SER J 21 -22.08 -73.10 2.45
CA SER J 21 -21.35 -72.39 3.48
C SER J 21 -20.82 -71.05 2.97
N CYS J 22 -20.67 -70.10 3.89
CA CYS J 22 -20.19 -68.75 3.57
C CYS J 22 -19.27 -68.30 4.68
N THR J 23 -17.97 -68.30 4.41
CA THR J 23 -16.95 -68.03 5.42
C THR J 23 -16.40 -66.62 5.25
N GLY J 24 -16.40 -65.85 6.35
CA GLY J 24 -15.87 -64.50 6.33
C GLY J 24 -14.70 -64.32 7.28
N SER J 25 -14.61 -63.15 7.91
CA SER J 25 -13.50 -62.83 8.81
C SER J 25 -14.07 -62.09 10.02
N SER J 26 -13.17 -61.58 10.86
CA SER J 26 -13.57 -60.82 12.03
C SER J 26 -13.97 -59.39 11.71
N SER J 27 -13.83 -58.96 10.45
CA SER J 27 -14.17 -57.60 10.06
C SER J 27 -15.47 -57.51 9.28
N ASN J 28 -16.14 -58.65 9.01
CA ASN J 28 -17.42 -58.61 8.32
C ASN J 28 -18.47 -59.40 9.09
N ILE J 29 -18.57 -60.72 8.85
CA ILE J 29 -19.57 -61.53 9.53
C ILE J 29 -19.26 -61.59 11.02
N GLY J 30 -18.00 -61.89 11.38
CA GLY J 30 -17.61 -61.90 12.76
C GLY J 30 -17.69 -60.55 13.44
N ALA J 31 -17.68 -59.47 12.66
CA ALA J 31 -17.79 -58.14 13.22
C ALA J 31 -19.21 -57.80 13.68
N GLY J 32 -20.19 -58.63 13.33
CA GLY J 32 -21.57 -58.41 13.72
C GLY J 32 -22.50 -57.99 12.59
N TYR J 33 -22.00 -57.84 11.38
CA TYR J 33 -22.84 -57.41 10.27
C TYR J 33 -23.73 -58.56 9.79
N ASP J 34 -24.88 -58.20 9.26
CA ASP J 34 -25.85 -59.19 8.80
C ASP J 34 -25.44 -59.79 7.47
N VAL J 35 -25.90 -61.01 7.23
CA VAL J 35 -25.61 -61.75 6.01
C VAL J 35 -26.91 -61.93 5.23
N HIS J 36 -26.85 -61.71 3.93
CA HIS J 36 -27.98 -61.92 3.04
C HIS J 36 -27.57 -62.86 1.92
N TRP J 37 -28.57 -63.50 1.32
CA TRP J 37 -28.36 -64.47 0.26
C TRP J 37 -29.15 -64.06 -0.98
N TYR J 38 -28.56 -64.32 -2.15
CA TYR J 38 -29.19 -64.02 -3.42
C TYR J 38 -29.13 -65.26 -4.32
N GLN J 39 -30.16 -65.41 -5.16
CA GLN J 39 -30.25 -66.51 -6.09
C GLN J 39 -30.21 -65.97 -7.52
N GLN J 40 -29.34 -66.55 -8.35
CA GLN J 40 -29.17 -66.14 -9.73
C GLN J 40 -29.40 -67.35 -10.63
N LEU J 41 -30.63 -67.48 -11.14
CA LEU J 41 -30.91 -68.49 -12.14
C LEU J 41 -30.11 -68.19 -13.40
N PRO J 42 -29.81 -69.21 -14.23
CA PRO J 42 -28.98 -68.99 -15.42
C PRO J 42 -29.50 -67.89 -16.34
N GLY J 43 -28.66 -66.89 -16.60
CA GLY J 43 -28.99 -65.85 -17.55
C GLY J 43 -29.97 -64.80 -17.06
N THR J 44 -30.11 -64.63 -15.76
CA THR J 44 -31.03 -63.64 -15.19
C THR J 44 -30.34 -62.89 -14.07
N ALA J 45 -30.92 -61.74 -13.72
CA ALA J 45 -30.37 -60.91 -12.66
C ALA J 45 -30.56 -61.60 -11.30
N PRO J 46 -29.65 -61.36 -10.36
CA PRO J 46 -29.81 -61.93 -9.03
C PRO J 46 -31.12 -61.51 -8.39
N LYS J 47 -31.63 -62.35 -7.50
CA LYS J 47 -32.90 -62.13 -6.83
C LYS J 47 -32.73 -62.34 -5.34
N LEU J 48 -33.45 -61.56 -4.53
CA LEU J 48 -33.38 -61.70 -3.09
C LEU J 48 -33.90 -63.06 -2.66
N LEU J 49 -33.11 -63.76 -1.84
CA LEU J 49 -33.48 -65.07 -1.31
C LEU J 49 -33.62 -65.06 0.20
N ILE J 50 -32.60 -64.59 0.92
CA ILE J 50 -32.61 -64.51 2.38
C ILE J 50 -32.10 -63.14 2.79
N TYR J 51 -32.85 -62.45 3.65
CA TYR J 51 -32.45 -61.16 4.17
C TYR J 51 -32.49 -61.19 5.70
N GLY J 52 -31.67 -60.35 6.32
CA GLY J 52 -31.59 -60.29 7.76
C GLY J 52 -31.19 -61.61 8.38
N ASN J 53 -30.14 -62.23 7.80
CA ASN J 53 -29.54 -63.47 8.29
C ASN J 53 -30.42 -64.70 8.03
N SER J 54 -31.74 -64.59 8.24
CA SER J 54 -32.57 -65.79 8.21
C SER J 54 -33.98 -65.55 7.70
N ASN J 55 -34.38 -64.30 7.51
CA ASN J 55 -35.76 -64.03 7.11
C ASN J 55 -35.98 -64.39 5.65
N ARG J 56 -37.24 -64.51 5.27
CA ARG J 56 -37.64 -64.91 3.93
C ARG J 56 -38.63 -63.90 3.36
N PRO J 57 -38.45 -63.48 2.11
CA PRO J 57 -39.43 -62.59 1.49
C PRO J 57 -40.63 -63.36 0.95
N SER J 58 -41.73 -62.65 0.76
CA SER J 58 -42.97 -63.25 0.30
C SER J 58 -42.80 -63.80 -1.11
N GLY J 59 -42.46 -65.08 -1.22
CA GLY J 59 -42.25 -65.71 -2.51
C GLY J 59 -41.22 -66.81 -2.46
N VAL J 60 -40.60 -66.99 -1.29
CA VAL J 60 -39.57 -68.00 -1.07
C VAL J 60 -40.14 -69.03 -0.12
N PRO J 61 -40.15 -70.32 -0.48
CA PRO J 61 -40.79 -71.34 0.36
C PRO J 61 -39.95 -71.66 1.59
N ASP J 62 -40.57 -72.42 2.51
CA ASP J 62 -39.92 -72.85 3.73
C ASP J 62 -38.67 -73.69 3.48
N ARG J 63 -38.48 -74.19 2.26
CA ARG J 63 -37.31 -75.01 1.96
C ARG J 63 -36.02 -74.26 2.22
N PHE J 64 -35.99 -72.97 1.89
CA PHE J 64 -34.80 -72.15 2.06
C PHE J 64 -34.75 -71.59 3.48
N SER J 65 -33.58 -71.72 4.12
CA SER J 65 -33.40 -71.21 5.48
C SER J 65 -31.95 -70.80 5.65
N GLY J 66 -31.73 -69.73 6.42
CA GLY J 66 -30.39 -69.23 6.66
C GLY J 66 -30.02 -69.17 8.12
N SER J 67 -28.72 -69.20 8.41
CA SER J 67 -28.23 -69.12 9.78
C SER J 67 -26.82 -68.56 9.75
N LYS J 68 -26.36 -68.11 10.92
CA LYS J 68 -25.06 -67.48 11.02
C LYS J 68 -24.55 -67.62 12.44
N SER J 69 -23.24 -67.87 12.57
CA SER J 69 -22.61 -67.99 13.88
C SER J 69 -21.12 -67.74 13.72
N GLY J 70 -20.58 -66.81 14.52
CA GLY J 70 -19.17 -66.49 14.46
C GLY J 70 -18.79 -65.74 13.20
N THR J 71 -17.86 -66.31 12.44
CA THR J 71 -17.41 -65.73 11.17
C THR J 71 -17.93 -66.51 9.98
N SER J 72 -19.08 -67.17 10.13
CA SER J 72 -19.60 -68.04 9.08
C SER J 72 -21.12 -67.98 9.05
N ALA J 73 -21.68 -68.06 7.84
CA ALA J 73 -23.11 -68.18 7.62
C ALA J 73 -23.37 -69.40 6.74
N SER J 74 -24.63 -69.80 6.63
CA SER J 74 -24.96 -71.00 5.89
C SER J 74 -26.37 -70.90 5.31
N LEU J 75 -26.50 -71.29 4.04
CA LEU J 75 -27.79 -71.43 3.38
C LEU J 75 -28.11 -72.91 3.26
N ALA J 76 -29.31 -73.28 3.70
CA ALA J 76 -29.77 -74.67 3.65
C ALA J 76 -31.02 -74.75 2.77
N ILE J 77 -31.05 -75.72 1.88
CA ILE J 77 -32.17 -75.96 0.98
C ILE J 77 -32.65 -77.40 1.19
N THR J 78 -33.80 -77.55 1.84
CA THR J 78 -34.40 -78.85 2.07
C THR J 78 -35.42 -79.16 0.98
N GLY J 79 -35.60 -80.44 0.70
CA GLY J 79 -36.50 -80.85 -0.36
C GLY J 79 -36.10 -80.27 -1.71
N LEU J 80 -34.95 -80.69 -2.21
CA LEU J 80 -34.37 -80.10 -3.41
C LEU J 80 -35.31 -80.24 -4.60
N GLN J 81 -35.23 -79.27 -5.50
CA GLN J 81 -36.03 -79.24 -6.71
C GLN J 81 -35.12 -79.06 -7.92
N ALA J 82 -35.67 -79.29 -9.10
CA ALA J 82 -34.92 -79.05 -10.33
C ALA J 82 -34.78 -77.57 -10.64
N GLU J 83 -35.81 -76.78 -10.30
CA GLU J 83 -35.76 -75.34 -10.52
C GLU J 83 -34.84 -74.62 -9.53
N ASP J 84 -34.31 -75.32 -8.53
CA ASP J 84 -33.34 -74.75 -7.61
C ASP J 84 -31.93 -74.73 -8.19
N GLU J 85 -31.78 -75.03 -9.49
CA GLU J 85 -30.50 -74.98 -10.16
C GLU J 85 -30.15 -73.53 -10.46
N ALA J 86 -29.20 -72.97 -9.70
CA ALA J 86 -28.83 -71.56 -9.84
C ALA J 86 -27.51 -71.32 -9.15
N ASP J 87 -27.03 -70.09 -9.26
CA ASP J 87 -25.89 -69.62 -8.48
C ASP J 87 -26.38 -68.98 -7.20
N TYR J 88 -25.65 -69.20 -6.11
CA TYR J 88 -26.07 -68.73 -4.80
C TYR J 88 -24.94 -67.91 -4.18
N TYR J 89 -25.23 -66.65 -3.90
CA TYR J 89 -24.26 -65.73 -3.32
C TYR J 89 -24.70 -65.31 -1.93
N CYS J 90 -23.74 -65.25 -1.01
CA CYS J 90 -23.95 -64.59 0.28
C CYS J 90 -23.36 -63.18 0.21
N GLN J 91 -23.87 -62.30 1.06
CA GLN J 91 -23.48 -60.91 1.02
C GLN J 91 -23.57 -60.31 2.43
N SER J 92 -22.60 -59.47 2.76
CA SER J 92 -22.57 -58.79 4.05
C SER J 92 -21.87 -57.45 3.86
N TYR J 93 -21.30 -56.92 4.93
CA TYR J 93 -20.53 -55.68 4.88
C TYR J 93 -19.24 -55.87 5.65
N ASP J 94 -18.15 -55.34 5.09
CA ASP J 94 -16.83 -55.42 5.69
C ASP J 94 -16.36 -54.02 6.03
N SER J 95 -15.86 -53.83 7.25
CA SER J 95 -15.39 -52.54 7.70
C SER J 95 -13.95 -52.25 7.32
N SER J 96 -13.29 -53.16 6.60
CA SER J 96 -11.90 -52.96 6.21
C SER J 96 -11.82 -52.14 4.93
N LEU J 97 -10.61 -51.66 4.64
CA LEU J 97 -10.32 -50.84 3.45
C LEU J 97 -11.23 -49.61 3.50
N SER J 98 -11.92 -49.27 2.42
CA SER J 98 -12.83 -48.13 2.40
C SER J 98 -14.22 -48.46 2.93
N GLY J 99 -14.41 -49.65 3.50
CA GLY J 99 -15.74 -50.07 3.92
C GLY J 99 -16.61 -50.38 2.72
N PHE J 100 -16.85 -51.66 2.47
CA PHE J 100 -17.49 -52.08 1.23
C PHE J 100 -18.50 -53.19 1.50
N TYR J 101 -19.57 -53.17 0.72
CA TYR J 101 -20.43 -54.35 0.62
C TYR J 101 -19.60 -55.49 0.05
N VAL J 102 -19.45 -56.56 0.83
CA VAL J 102 -18.64 -57.71 0.44
C VAL J 102 -19.55 -58.82 -0.05
N PHE J 103 -19.15 -59.47 -1.13
CA PHE J 103 -19.92 -60.53 -1.76
C PHE J 103 -19.19 -61.86 -1.63
N GLY J 104 -19.95 -62.94 -1.67
CA GLY J 104 -19.36 -64.26 -1.69
C GLY J 104 -18.97 -64.69 -3.09
N THR J 105 -17.97 -65.59 -3.16
CA THR J 105 -17.48 -66.04 -4.46
C THR J 105 -18.56 -66.72 -5.29
N GLY J 106 -19.60 -67.26 -4.65
CA GLY J 106 -20.68 -67.89 -5.37
C GLY J 106 -20.59 -69.41 -5.31
N THR J 107 -21.76 -70.05 -5.49
CA THR J 107 -21.86 -71.50 -5.48
C THR J 107 -22.86 -71.93 -6.54
N LYS J 108 -22.44 -72.82 -7.43
CA LYS J 108 -23.34 -73.38 -8.44
C LYS J 108 -23.97 -74.66 -7.89
N LEU J 109 -25.29 -74.70 -7.88
CA LEU J 109 -26.04 -75.83 -7.35
C LEU J 109 -26.49 -76.72 -8.51
N THR J 110 -25.98 -77.95 -8.54
CA THR J 110 -26.38 -78.94 -9.53
C THR J 110 -27.36 -79.92 -8.90
N VAL J 111 -28.40 -80.27 -9.65
CA VAL J 111 -29.45 -81.15 -9.13
C VAL J 111 -29.45 -82.49 -9.87
N ASP K 1 -30.24 -22.38 4.88
CA ASP K 1 -30.92 -23.37 5.71
C ASP K 1 -32.37 -23.55 5.28
N ILE K 2 -32.81 -24.79 5.21
CA ILE K 2 -34.19 -25.11 4.83
C ILE K 2 -35.07 -24.93 6.06
N LEU K 3 -36.04 -24.02 5.97
CA LEU K 3 -36.94 -23.74 7.07
C LEU K 3 -38.15 -24.66 7.02
N LEU K 4 -38.50 -25.24 8.17
CA LEU K 4 -39.67 -26.10 8.30
C LEU K 4 -40.59 -25.47 9.34
N THR K 5 -41.74 -24.98 8.89
CA THR K 5 -42.75 -24.39 9.77
C THR K 5 -43.84 -25.41 10.04
N GLN K 6 -44.15 -25.61 11.32
CA GLN K 6 -45.18 -26.55 11.75
C GLN K 6 -46.40 -25.76 12.20
N SER K 7 -47.55 -26.04 11.59
CA SER K 7 -48.79 -25.35 11.90
C SER K 7 -49.85 -26.37 12.27
N PRO K 8 -50.61 -26.16 13.35
CA PRO K 8 -50.42 -25.00 14.23
C PRO K 8 -49.42 -25.32 15.34
N ALA K 9 -49.03 -24.31 16.10
CA ALA K 9 -48.09 -24.54 17.20
C ALA K 9 -48.70 -25.38 18.30
N ILE K 10 -50.03 -25.34 18.44
CA ILE K 10 -50.75 -26.08 19.46
C ILE K 10 -51.95 -26.76 18.80
N LEU K 11 -52.38 -27.87 19.38
CA LEU K 11 -53.51 -28.61 18.82
C LEU K 11 -54.13 -29.46 19.90
N SER K 12 -55.41 -29.23 20.19
CA SER K 12 -56.11 -29.85 21.31
C SER K 12 -57.00 -30.97 20.79
N VAL K 13 -56.97 -32.12 21.45
CA VAL K 13 -57.69 -33.31 21.02
C VAL K 13 -58.33 -34.00 22.22
N SER K 14 -59.16 -35.00 21.93
CA SER K 14 -59.76 -35.89 22.90
C SER K 14 -59.35 -37.33 22.59
N PRO K 15 -59.18 -38.17 23.61
CA PRO K 15 -58.74 -39.56 23.36
C PRO K 15 -59.71 -40.29 22.44
N GLY K 16 -59.20 -40.69 21.27
CA GLY K 16 -59.98 -41.35 20.25
C GLY K 16 -60.25 -40.51 19.03
N GLU K 17 -59.78 -39.27 19.00
CA GLU K 17 -60.05 -38.36 17.89
C GLU K 17 -59.06 -38.58 16.74
N ARG K 18 -59.51 -38.27 15.53
CA ARG K 18 -58.63 -38.26 14.36
C ARG K 18 -57.79 -36.98 14.38
N VAL K 19 -56.47 -37.14 14.34
CA VAL K 19 -55.55 -36.02 14.50
C VAL K 19 -54.57 -36.00 13.34
N SER K 20 -54.16 -34.79 12.95
CA SER K 20 -53.13 -34.61 11.95
C SER K 20 -52.56 -33.20 12.07
N PHE K 21 -51.25 -33.08 11.85
CA PHE K 21 -50.58 -31.79 11.89
C PHE K 21 -49.60 -31.70 10.73
N SER K 22 -49.25 -30.47 10.37
CA SER K 22 -48.55 -30.20 9.12
C SER K 22 -47.09 -29.83 9.36
N CYS K 23 -46.32 -29.91 8.27
CA CYS K 23 -44.92 -29.51 8.25
C CYS K 23 -44.62 -28.99 6.86
N ARG K 24 -44.48 -27.67 6.72
CA ARG K 24 -44.28 -27.03 5.43
C ARG K 24 -42.82 -26.64 5.27
N ALA K 25 -42.22 -27.06 4.16
CA ALA K 25 -40.81 -26.80 3.88
C ALA K 25 -40.67 -25.57 3.00
N SER K 26 -39.56 -24.84 3.22
CA SER K 26 -39.33 -23.61 2.47
C SER K 26 -38.91 -23.86 1.03
N GLN K 27 -38.48 -25.08 0.70
CA GLN K 27 -38.18 -25.45 -0.68
C GLN K 27 -38.51 -26.92 -0.87
N ASN K 28 -38.32 -27.40 -2.09
CA ASN K 28 -38.62 -28.79 -2.40
C ASN K 28 -37.71 -29.73 -1.61
N ILE K 29 -38.29 -30.78 -1.07
CA ILE K 29 -37.64 -31.65 -0.10
C ILE K 29 -37.78 -33.10 -0.56
N ASP K 30 -38.60 -33.31 -1.60
CA ASP K 30 -38.95 -34.65 -2.08
C ASP K 30 -39.67 -35.40 -0.97
N THR K 31 -39.16 -36.57 -0.57
CA THR K 31 -39.73 -37.29 0.55
C THR K 31 -38.78 -37.32 1.76
N HIS K 32 -37.87 -36.35 1.85
CA HIS K 32 -36.82 -36.39 2.86
C HIS K 32 -37.28 -35.68 4.14
N ILE K 33 -38.26 -36.32 4.78
CA ILE K 33 -38.83 -35.82 6.03
C ILE K 33 -38.99 -37.01 6.98
N HIS K 34 -38.51 -36.84 8.22
CA HIS K 34 -38.72 -37.81 9.28
C HIS K 34 -39.44 -37.14 10.44
N TRP K 35 -40.25 -37.93 11.15
CA TRP K 35 -41.06 -37.42 12.25
C TRP K 35 -40.56 -37.99 13.57
N TYR K 36 -40.63 -37.15 14.62
CA TYR K 36 -40.17 -37.54 15.94
C TYR K 36 -41.19 -37.09 16.98
N GLN K 37 -41.30 -37.90 18.04
CA GLN K 37 -42.19 -37.60 19.16
C GLN K 37 -41.35 -37.47 20.43
N GLN K 38 -41.68 -36.47 21.25
CA GLN K 38 -40.97 -36.24 22.50
C GLN K 38 -41.97 -35.90 23.59
N ARG K 39 -42.16 -36.82 24.53
CA ARG K 39 -42.95 -36.54 25.71
C ARG K 39 -42.12 -35.73 26.71
N THR K 40 -42.80 -35.15 27.70
CA THR K 40 -42.12 -34.33 28.68
C THR K 40 -41.08 -35.15 29.44
N ASN K 41 -39.91 -34.55 29.67
CA ASN K 41 -38.76 -35.17 30.30
C ASN K 41 -38.22 -36.35 29.52
N GLY K 42 -38.64 -36.53 28.26
CA GLY K 42 -38.19 -37.63 27.44
C GLY K 42 -37.36 -37.19 26.26
N SER K 43 -36.89 -38.20 25.51
CA SER K 43 -36.08 -38.05 24.32
C SER K 43 -36.93 -38.17 23.06
N PRO K 44 -36.52 -37.56 21.96
CA PRO K 44 -37.25 -37.73 20.71
C PRO K 44 -37.31 -39.20 20.30
N ARG K 45 -38.45 -39.60 19.76
CA ARG K 45 -38.70 -40.98 19.36
C ARG K 45 -39.13 -41.01 17.90
N LEU K 46 -38.44 -41.82 17.10
CA LEU K 46 -38.72 -41.88 15.67
C LEU K 46 -40.08 -42.51 15.42
N LEU K 47 -40.93 -41.81 14.68
CA LEU K 47 -42.27 -42.27 14.34
C LEU K 47 -42.40 -42.68 12.88
N ILE K 48 -42.05 -41.79 11.96
CA ILE K 48 -42.16 -42.03 10.53
C ILE K 48 -40.87 -41.57 9.88
N LYS K 49 -40.36 -42.36 8.95
CA LYS K 49 -39.19 -42.01 8.15
C LYS K 49 -39.59 -41.83 6.70
N TYR K 50 -38.87 -40.97 6.00
CA TYR K 50 -39.08 -40.71 4.57
C TYR K 50 -40.55 -40.42 4.27
N ALA K 51 -41.08 -39.42 5.00
CA ALA K 51 -42.42 -38.88 4.79
C ALA K 51 -43.54 -39.83 5.22
N SER K 52 -43.48 -41.10 4.82
CA SER K 52 -44.63 -41.98 5.00
C SER K 52 -44.31 -43.42 5.37
N GLU K 53 -43.03 -43.78 5.53
CA GLU K 53 -42.68 -45.16 5.82
C GLU K 53 -42.85 -45.47 7.30
N SER K 54 -43.51 -46.59 7.60
CA SER K 54 -43.72 -47.02 8.97
C SER K 54 -42.42 -47.54 9.58
N ILE K 55 -42.42 -47.72 10.90
CA ILE K 55 -41.24 -48.11 11.65
C ILE K 55 -41.64 -49.12 12.71
N SER K 56 -40.82 -50.16 12.86
CA SER K 56 -41.11 -51.21 13.82
C SER K 56 -41.17 -50.63 15.24
N GLY K 57 -42.05 -51.22 16.05
CA GLY K 57 -42.27 -50.77 17.41
C GLY K 57 -43.21 -49.59 17.55
N ILE K 58 -43.53 -48.89 16.47
CA ILE K 58 -44.42 -47.75 16.53
C ILE K 58 -45.84 -48.21 16.26
N PRO K 59 -46.83 -47.80 17.07
CA PRO K 59 -48.23 -48.20 16.82
C PRO K 59 -48.71 -47.89 15.41
N SER K 60 -49.76 -48.60 14.98
CA SER K 60 -50.31 -48.41 13.65
C SER K 60 -51.14 -47.12 13.53
N ARG K 61 -51.27 -46.34 14.60
CA ARG K 61 -52.05 -45.12 14.53
C ARG K 61 -51.30 -44.02 13.78
N PHE K 62 -49.98 -44.08 13.76
CA PHE K 62 -49.15 -43.03 13.17
C PHE K 62 -48.89 -43.30 11.70
N SER K 63 -48.92 -42.24 10.89
CA SER K 63 -48.73 -42.35 9.45
C SER K 63 -48.37 -40.99 8.88
N GLY K 64 -47.72 -41.03 7.71
CA GLY K 64 -47.40 -39.83 6.97
C GLY K 64 -47.90 -39.93 5.54
N SER K 65 -47.80 -38.82 4.81
CA SER K 65 -48.40 -38.78 3.48
C SER K 65 -47.76 -37.77 2.53
N GLY K 66 -47.07 -36.76 3.09
CA GLY K 66 -46.62 -35.64 2.29
C GLY K 66 -45.57 -36.00 1.24
N SER K 67 -45.27 -35.02 0.39
CA SER K 67 -44.22 -35.11 -0.60
C SER K 67 -43.94 -33.74 -1.21
N GLY K 68 -42.66 -33.36 -1.26
CA GLY K 68 -42.28 -32.09 -1.85
C GLY K 68 -42.16 -30.96 -0.85
N THR K 69 -43.27 -30.29 -0.55
CA THR K 69 -43.27 -29.14 0.34
C THR K 69 -44.21 -29.31 1.53
N ASP K 70 -45.41 -29.85 1.33
CA ASP K 70 -46.38 -30.03 2.39
C ASP K 70 -46.32 -31.47 2.91
N PHE K 71 -46.17 -31.62 4.22
CA PHE K 71 -46.11 -32.93 4.85
C PHE K 71 -47.09 -32.99 6.01
N THR K 72 -47.52 -34.20 6.34
CA THR K 72 -48.52 -34.40 7.38
C THR K 72 -48.22 -35.68 8.15
N LEU K 73 -48.33 -35.60 9.47
CA LEU K 73 -48.32 -36.77 10.33
C LEU K 73 -49.70 -36.92 10.96
N THR K 74 -50.25 -38.12 10.87
CA THR K 74 -51.64 -38.36 11.26
C THR K 74 -51.70 -39.46 12.31
N ILE K 75 -52.45 -39.21 13.39
CA ILE K 75 -52.74 -40.21 14.41
C ILE K 75 -54.20 -40.60 14.25
N ASN K 76 -54.45 -41.90 14.09
CA ASN K 76 -55.80 -42.40 13.84
C ASN K 76 -56.71 -42.18 15.04
N SER K 77 -56.60 -43.03 16.05
CA SER K 77 -57.35 -42.89 17.30
C SER K 77 -56.36 -42.51 18.39
N VAL K 78 -56.28 -41.21 18.68
CA VAL K 78 -55.22 -40.72 19.56
C VAL K 78 -55.42 -41.24 20.97
N GLU K 79 -54.32 -41.60 21.62
CA GLU K 79 -54.34 -42.13 22.98
C GLU K 79 -53.70 -41.11 23.93
N SER K 80 -53.94 -41.31 25.23
CA SER K 80 -53.45 -40.38 26.22
C SER K 80 -51.93 -40.28 26.21
N GLU K 81 -51.24 -41.39 25.93
CA GLU K 81 -49.78 -41.36 25.90
C GLU K 81 -49.24 -40.65 24.66
N ASP K 82 -50.10 -40.34 23.68
CA ASP K 82 -49.67 -39.58 22.52
C ASP K 82 -49.65 -38.08 22.76
N ILE K 83 -49.91 -37.64 23.99
CA ILE K 83 -49.81 -36.22 24.34
C ILE K 83 -48.33 -35.90 24.54
N ALA K 84 -47.75 -35.20 23.58
CA ALA K 84 -46.31 -34.92 23.58
C ALA K 84 -46.06 -33.83 22.54
N ASP K 85 -44.79 -33.57 22.27
CA ASP K 85 -44.38 -32.67 21.20
C ASP K 85 -44.00 -33.49 19.98
N TYR K 86 -44.22 -32.90 18.80
CA TYR K 86 -43.99 -33.59 17.54
C TYR K 86 -43.16 -32.71 16.62
N TYR K 87 -42.05 -33.25 16.13
CA TYR K 87 -41.11 -32.52 15.30
C TYR K 87 -40.91 -33.25 13.97
N CYS K 88 -40.93 -32.51 12.88
CA CYS K 88 -40.46 -33.00 11.60
C CYS K 88 -39.00 -32.59 11.42
N GLN K 89 -38.29 -33.32 10.57
CA GLN K 89 -36.88 -33.06 10.31
C GLN K 89 -36.58 -33.35 8.86
N GLN K 90 -36.02 -32.38 8.16
CA GLN K 90 -35.63 -32.56 6.77
C GLN K 90 -34.23 -33.14 6.70
N SER K 91 -33.99 -33.99 5.70
CA SER K 91 -32.69 -34.59 5.45
C SER K 91 -32.30 -34.43 3.99
N ASN K 92 -32.79 -33.37 3.35
CA ASN K 92 -32.49 -33.14 1.94
C ASN K 92 -31.13 -32.50 1.74
N SER K 93 -30.71 -31.62 2.66
CA SER K 93 -29.43 -30.94 2.54
C SER K 93 -28.98 -30.50 3.92
N TRP K 94 -27.69 -30.16 4.03
CA TRP K 94 -27.10 -29.69 5.27
C TRP K 94 -27.28 -28.18 5.41
N PRO K 95 -27.50 -27.68 6.64
CA PRO K 95 -27.61 -28.52 7.83
C PRO K 95 -29.00 -29.13 7.97
N PHE K 96 -29.09 -30.29 8.63
CA PHE K 96 -30.39 -30.82 8.98
C PHE K 96 -31.11 -29.86 9.91
N THR K 97 -32.40 -29.65 9.67
CA THR K 97 -33.18 -28.69 10.43
C THR K 97 -34.47 -29.33 10.90
N PHE K 98 -34.91 -28.93 12.09
CA PHE K 98 -36.15 -29.42 12.67
C PHE K 98 -37.24 -28.36 12.59
N GLY K 99 -38.48 -28.81 12.44
CA GLY K 99 -39.61 -27.92 12.52
C GLY K 99 -39.74 -27.28 13.90
N SER K 100 -40.61 -26.27 13.96
CA SER K 100 -40.77 -25.53 15.21
C SER K 100 -41.43 -26.38 16.30
N GLY K 101 -42.25 -27.34 15.91
CA GLY K 101 -42.86 -28.25 16.87
C GLY K 101 -44.36 -28.01 17.01
N THR K 102 -45.11 -29.11 17.07
CA THR K 102 -46.54 -29.09 17.32
C THR K 102 -46.81 -29.79 18.65
N LYS K 103 -47.50 -29.09 19.55
CA LYS K 103 -47.80 -29.62 20.88
C LYS K 103 -49.23 -30.14 20.91
N LEU K 104 -49.39 -31.40 21.28
CA LEU K 104 -50.70 -31.98 21.52
C LEU K 104 -51.10 -31.80 22.97
N GLU K 105 -52.36 -31.39 23.18
CA GLU K 105 -52.91 -31.29 24.52
C GLU K 105 -54.34 -31.79 24.51
N ILE K 106 -54.88 -32.03 25.71
CA ILE K 106 -56.22 -32.59 25.85
C ILE K 106 -57.24 -31.46 25.71
N LYS K 107 -58.29 -31.72 24.93
CA LYS K 107 -59.39 -30.77 24.81
C LYS K 107 -60.19 -30.71 26.11
N ARG K 108 -60.84 -29.56 26.32
CA ARG K 108 -61.58 -29.31 27.55
C ARG K 108 -62.49 -28.12 27.32
N THR K 109 -63.55 -28.05 28.12
CA THR K 109 -64.37 -26.84 28.12
C THR K 109 -63.59 -25.69 28.75
N VAL K 110 -64.03 -24.47 28.45
CA VAL K 110 -63.37 -23.29 28.99
C VAL K 110 -63.57 -23.24 30.50
N ALA K 111 -62.48 -22.97 31.22
CA ALA K 111 -62.50 -22.88 32.67
C ALA K 111 -61.80 -21.60 33.08
N ALA K 112 -62.50 -20.74 33.84
CA ALA K 112 -61.91 -19.49 34.27
C ALA K 112 -60.96 -19.73 35.44
N PRO K 113 -59.85 -18.99 35.51
CA PRO K 113 -58.89 -19.20 36.61
C PRO K 113 -59.37 -18.57 37.90
N SER K 114 -59.14 -19.30 39.00
CA SER K 114 -59.27 -18.72 40.33
C SER K 114 -58.02 -17.91 40.63
N VAL K 115 -58.19 -16.62 40.92
CA VAL K 115 -57.09 -15.69 41.07
C VAL K 115 -56.84 -15.42 42.55
N PHE K 116 -55.58 -15.42 42.94
CA PHE K 116 -55.17 -15.12 44.31
C PHE K 116 -53.91 -14.26 44.25
N ILE K 117 -53.85 -13.27 45.13
CA ILE K 117 -52.70 -12.38 45.23
C ILE K 117 -52.09 -12.55 46.61
N PHE K 118 -50.76 -12.54 46.68
CA PHE K 118 -50.04 -12.81 47.93
C PHE K 118 -49.06 -11.67 48.19
N PRO K 119 -49.17 -10.98 49.32
CA PRO K 119 -48.19 -9.95 49.67
C PRO K 119 -46.88 -10.58 50.10
N PRO K 120 -45.79 -9.82 50.14
CA PRO K 120 -44.52 -10.38 50.60
C PRO K 120 -44.55 -10.64 52.10
N SER K 121 -43.92 -11.75 52.51
CA SER K 121 -43.80 -12.05 53.92
C SER K 121 -42.89 -11.03 54.60
N ASP K 122 -43.09 -10.87 55.92
CA ASP K 122 -42.34 -9.88 56.67
C ASP K 122 -40.85 -10.20 56.69
N GLU K 123 -40.50 -11.49 56.82
CA GLU K 123 -39.09 -11.85 56.94
C GLU K 123 -38.34 -11.66 55.63
N GLN K 124 -39.03 -11.74 54.49
CA GLN K 124 -38.36 -11.42 53.23
C GLN K 124 -38.09 -9.93 53.13
N LEU K 125 -39.01 -9.10 53.64
CA LEU K 125 -38.76 -7.67 53.72
C LEU K 125 -37.62 -7.34 54.66
N LYS K 126 -37.30 -8.24 55.59
CA LYS K 126 -36.16 -8.05 56.48
C LYS K 126 -34.84 -8.09 55.73
N SER K 127 -34.80 -8.71 54.56
CA SER K 127 -33.56 -8.90 53.80
C SER K 127 -33.45 -7.97 52.60
N GLY K 128 -34.36 -7.01 52.46
CA GLY K 128 -34.24 -6.01 51.42
C GLY K 128 -34.86 -6.35 50.08
N THR K 129 -35.63 -7.43 49.99
CA THR K 129 -36.27 -7.83 48.75
C THR K 129 -37.74 -8.12 49.03
N ALA K 130 -38.60 -7.77 48.08
CA ALA K 130 -40.04 -7.98 48.20
C ALA K 130 -40.54 -8.73 46.97
N SER K 131 -41.14 -9.89 47.20
CA SER K 131 -41.72 -10.71 46.13
C SER K 131 -43.24 -10.74 46.30
N VAL K 132 -43.95 -10.36 45.25
CA VAL K 132 -45.40 -10.44 45.20
C VAL K 132 -45.79 -11.50 44.17
N VAL K 133 -46.75 -12.34 44.52
CA VAL K 133 -47.12 -13.50 43.72
C VAL K 133 -48.60 -13.43 43.38
N CYS K 134 -48.93 -13.59 42.10
CA CYS K 134 -50.29 -13.72 41.63
C CYS K 134 -50.47 -15.14 41.09
N LEU K 135 -51.57 -15.80 41.49
CA LEU K 135 -51.79 -17.21 41.20
C LEU K 135 -53.06 -17.38 40.37
N LEU K 136 -52.93 -18.09 39.25
CA LEU K 136 -54.07 -18.45 38.40
C LEU K 136 -54.23 -19.96 38.48
N ASN K 137 -55.36 -20.43 39.01
CA ASN K 137 -55.53 -21.82 39.40
C ASN K 137 -56.56 -22.51 38.52
N ASN K 138 -56.15 -23.61 37.89
CA ASN K 138 -57.04 -24.56 37.22
C ASN K 138 -57.89 -23.89 36.15
N PHE K 139 -57.23 -23.40 35.11
CA PHE K 139 -57.91 -22.74 34.00
C PHE K 139 -57.58 -23.44 32.70
N TYR K 140 -58.41 -23.18 31.68
CA TYR K 140 -58.26 -23.71 30.33
C TYR K 140 -59.01 -22.77 29.40
N PRO K 141 -58.43 -22.41 28.23
CA PRO K 141 -57.12 -22.85 27.72
C PRO K 141 -55.94 -22.19 28.42
N ARG K 142 -54.72 -22.54 27.97
CA ARG K 142 -53.51 -22.08 28.63
C ARG K 142 -53.30 -20.58 28.44
N GLU K 143 -53.77 -20.03 27.33
CA GLU K 143 -53.50 -18.63 26.99
C GLU K 143 -54.11 -17.70 28.02
N ALA K 144 -53.25 -16.94 28.72
CA ALA K 144 -53.68 -15.97 29.70
C ALA K 144 -52.71 -14.80 29.70
N LYS K 145 -53.15 -13.68 30.29
CA LYS K 145 -52.33 -12.48 30.38
C LYS K 145 -52.44 -11.92 31.79
N VAL K 146 -51.30 -11.74 32.45
CA VAL K 146 -51.24 -11.22 33.82
C VAL K 146 -50.61 -9.84 33.78
N GLN K 147 -51.27 -8.87 34.41
CA GLN K 147 -50.87 -7.47 34.36
C GLN K 147 -50.60 -6.99 35.78
N TRP K 148 -49.34 -6.76 36.11
CA TRP K 148 -48.98 -6.18 37.39
C TRP K 148 -49.07 -4.66 37.32
N LYS K 149 -49.74 -4.05 38.28
CA LYS K 149 -49.89 -2.60 38.32
C LYS K 149 -49.82 -2.12 39.76
N VAL K 150 -48.82 -1.30 40.06
CA VAL K 150 -48.60 -0.75 41.39
C VAL K 150 -49.12 0.68 41.43
N ASP K 151 -50.10 0.93 42.29
CA ASP K 151 -50.78 2.22 42.36
C ASP K 151 -51.26 2.64 40.97
N ASN K 152 -51.85 1.68 40.25
CA ASN K 152 -52.38 1.83 38.90
C ASN K 152 -51.29 2.09 37.86
N ALA K 153 -50.03 1.90 38.20
CA ALA K 153 -48.93 2.08 37.26
C ALA K 153 -48.48 0.72 36.74
N LEU K 154 -48.61 0.52 35.43
CA LEU K 154 -48.27 -0.77 34.83
C LEU K 154 -46.77 -1.02 34.92
N GLN K 155 -46.42 -2.24 35.32
CA GLN K 155 -45.03 -2.65 35.48
C GLN K 155 -44.52 -3.35 34.23
N SER K 156 -43.20 -3.40 34.10
CA SER K 156 -42.56 -4.06 32.96
C SER K 156 -41.17 -4.51 33.37
N GLY K 157 -40.76 -5.67 32.85
CA GLY K 157 -39.41 -6.18 33.03
C GLY K 157 -39.03 -6.51 34.45
N ASN K 158 -40.03 -6.63 35.34
CA ASN K 158 -39.80 -6.96 36.73
C ASN K 158 -40.66 -8.12 37.20
N SER K 159 -41.21 -8.90 36.26
CA SER K 159 -42.10 -10.00 36.61
C SER K 159 -41.74 -11.22 35.77
N GLN K 160 -41.69 -12.38 36.42
CA GLN K 160 -41.44 -13.66 35.76
C GLN K 160 -42.65 -14.57 35.94
N GLU K 161 -42.87 -15.44 34.97
CA GLU K 161 -44.03 -16.32 34.96
C GLU K 161 -43.59 -17.79 34.95
N SER K 162 -44.53 -18.66 35.29
CA SER K 162 -44.28 -20.10 35.30
C SER K 162 -45.62 -20.81 35.21
N VAL K 163 -45.68 -21.84 34.37
CA VAL K 163 -46.91 -22.57 34.11
C VAL K 163 -46.66 -24.04 34.40
N THR K 164 -47.64 -24.69 35.02
CA THR K 164 -47.58 -26.12 35.25
C THR K 164 -48.02 -26.89 34.01
N GLU K 165 -47.56 -28.13 33.90
CA GLU K 165 -48.04 -29.00 32.84
C GLU K 165 -49.52 -29.28 33.03
N GLN K 166 -50.19 -29.63 31.94
CA GLN K 166 -51.62 -29.88 31.98
C GLN K 166 -51.93 -31.03 32.94
N ASP K 167 -52.87 -30.79 33.85
CA ASP K 167 -53.23 -31.78 34.85
C ASP K 167 -53.81 -33.02 34.19
N SER K 168 -53.45 -34.19 34.72
CA SER K 168 -53.94 -35.45 34.16
C SER K 168 -55.40 -35.73 34.51
N LYS K 169 -56.01 -34.94 35.40
CA LYS K 169 -57.37 -35.20 35.83
C LYS K 169 -58.36 -34.23 35.18
N ASP K 170 -58.41 -32.98 35.67
CA ASP K 170 -59.34 -32.01 35.12
C ASP K 170 -58.82 -31.34 33.84
N SER K 171 -57.58 -31.63 33.44
CA SER K 171 -57.01 -31.13 32.18
C SER K 171 -56.99 -29.59 32.15
N THR K 172 -56.50 -29.00 33.23
CA THR K 172 -56.39 -27.55 33.34
C THR K 172 -54.93 -27.16 33.59
N TYR K 173 -54.69 -25.85 33.56
CA TYR K 173 -53.37 -25.30 33.78
C TYR K 173 -53.38 -24.39 35.01
N SER K 174 -52.19 -24.17 35.56
CA SER K 174 -52.00 -23.26 36.68
C SER K 174 -50.77 -22.41 36.41
N LEU K 175 -50.88 -21.11 36.70
CA LEU K 175 -49.84 -20.14 36.40
C LEU K 175 -49.55 -19.30 37.62
N SER K 176 -48.28 -18.91 37.77
CA SER K 176 -47.85 -18.03 38.85
C SER K 176 -46.98 -16.93 38.26
N SER K 177 -47.25 -15.69 38.66
CA SER K 177 -46.47 -14.53 38.24
C SER K 177 -45.85 -13.88 39.48
N THR K 178 -44.53 -13.74 39.47
CA THR K 178 -43.81 -13.18 40.61
C THR K 178 -43.27 -11.80 40.23
N LEU K 179 -43.76 -10.78 40.93
CA LEU K 179 -43.25 -9.42 40.79
C LEU K 179 -42.22 -9.18 41.87
N THR K 180 -40.99 -8.84 41.46
CA THR K 180 -39.86 -8.69 42.37
C THR K 180 -39.37 -7.25 42.34
N LEU K 181 -39.41 -6.60 43.50
CA LEU K 181 -38.91 -5.24 43.66
C LEU K 181 -38.02 -5.17 44.90
N SER K 182 -37.25 -4.10 45.00
CA SER K 182 -36.50 -3.84 46.22
C SER K 182 -37.44 -3.38 47.33
N LYS K 183 -37.01 -3.62 48.57
CA LYS K 183 -37.84 -3.19 49.71
C LYS K 183 -38.07 -1.69 49.69
N ALA K 184 -37.06 -0.92 49.27
CA ALA K 184 -37.22 0.52 49.16
C ALA K 184 -38.28 0.89 48.14
N ASP K 185 -38.29 0.20 47.00
CA ASP K 185 -39.32 0.47 45.99
C ASP K 185 -40.69 -0.07 46.41
N TYR K 186 -40.70 -1.18 47.16
CA TYR K 186 -41.97 -1.76 47.60
C TYR K 186 -42.68 -0.84 48.59
N GLU K 187 -41.94 -0.16 49.45
CA GLU K 187 -42.51 0.71 50.46
C GLU K 187 -42.80 2.13 49.94
N LYS K 188 -42.35 2.45 48.73
CA LYS K 188 -42.66 3.75 48.14
C LYS K 188 -44.09 3.84 47.62
N HIS K 189 -44.78 2.70 47.45
CA HIS K 189 -46.11 2.66 46.87
C HIS K 189 -47.04 1.90 47.80
N LYS K 190 -48.32 1.85 47.44
CA LYS K 190 -49.34 1.33 48.36
C LYS K 190 -50.22 0.26 47.74
N VAL K 191 -50.79 0.53 46.57
CA VAL K 191 -51.75 -0.39 45.94
C VAL K 191 -51.00 -1.37 45.06
N TYR K 192 -51.26 -2.67 45.26
CA TYR K 192 -50.64 -3.73 44.48
C TYR K 192 -51.72 -4.64 43.94
N ALA K 193 -51.71 -4.86 42.63
CA ALA K 193 -52.76 -5.62 41.97
C ALA K 193 -52.22 -6.35 40.75
N CYS K 194 -52.80 -7.52 40.48
CA CYS K 194 -52.55 -8.25 39.24
C CYS K 194 -53.86 -8.35 38.47
N GLU K 195 -53.80 -8.07 37.17
CA GLU K 195 -54.97 -8.10 36.30
C GLU K 195 -54.89 -9.32 35.40
N VAL K 196 -55.90 -10.17 35.48
CA VAL K 196 -55.94 -11.43 34.74
C VAL K 196 -56.98 -11.30 33.63
N THR K 197 -56.52 -11.43 32.39
CA THR K 197 -57.40 -11.46 31.23
C THR K 197 -57.34 -12.85 30.62
N HIS K 198 -58.48 -13.53 30.56
CA HIS K 198 -58.55 -14.92 30.13
C HIS K 198 -59.89 -15.16 29.47
N GLN K 199 -59.93 -16.17 28.59
CA GLN K 199 -61.13 -16.43 27.79
C GLN K 199 -62.34 -16.73 28.67
N GLY K 200 -62.13 -17.39 29.81
CA GLY K 200 -63.19 -17.74 30.74
C GLY K 200 -63.76 -16.59 31.54
N LEU K 201 -63.33 -15.36 31.28
CA LEU K 201 -63.79 -14.20 32.04
C LEU K 201 -64.52 -13.25 31.11
N SER K 202 -65.71 -12.82 31.51
CA SER K 202 -66.43 -11.80 30.74
C SER K 202 -65.66 -10.50 30.70
N SER K 203 -64.94 -10.18 31.78
CA SER K 203 -64.07 -9.01 31.85
C SER K 203 -62.88 -9.36 32.72
N PRO K 204 -61.74 -8.71 32.51
CA PRO K 204 -60.56 -8.99 33.34
C PRO K 204 -60.88 -8.87 34.83
N VAL K 205 -60.32 -9.79 35.62
CA VAL K 205 -60.53 -9.83 37.06
C VAL K 205 -59.27 -9.31 37.73
N THR K 206 -59.44 -8.45 38.73
CA THR K 206 -58.33 -7.83 39.45
C THR K 206 -58.33 -8.31 40.89
N LYS K 207 -57.15 -8.69 41.37
CA LYS K 207 -56.94 -9.06 42.76
C LYS K 207 -55.91 -8.11 43.36
N SER K 208 -56.31 -7.39 44.40
CA SER K 208 -55.47 -6.33 44.95
C SER K 208 -55.45 -6.39 46.47
N PHE K 209 -54.35 -5.89 47.04
CA PHE K 209 -54.23 -5.69 48.47
C PHE K 209 -53.58 -4.33 48.70
N ASN K 210 -53.64 -3.85 49.94
CA ASN K 210 -53.04 -2.59 50.33
C ASN K 210 -51.89 -2.87 51.30
N ARG K 211 -50.73 -2.29 51.02
CA ARG K 211 -49.55 -2.51 51.85
C ARG K 211 -49.80 -2.02 53.27
N GLY K 212 -49.72 -2.93 54.23
CA GLY K 212 -49.96 -2.59 55.62
C GLY K 212 -51.43 -2.37 55.93
N VAL L 2 -30.50 -51.97 21.13
CA VAL L 2 -29.52 -50.90 20.79
C VAL L 2 -29.62 -49.91 21.94
N GLN L 3 -28.56 -49.78 22.72
CA GLN L 3 -28.60 -48.89 23.91
C GLN L 3 -27.70 -47.68 23.67
N ILE L 4 -28.25 -46.48 23.87
CA ILE L 4 -27.50 -45.24 23.72
C ILE L 4 -27.43 -44.60 25.10
N GLN L 5 -26.23 -44.57 25.69
CA GLN L 5 -26.03 -44.08 27.05
C GLN L 5 -25.12 -42.86 27.01
N GLN L 6 -25.63 -41.74 27.49
CA GLN L 6 -24.90 -40.49 27.54
C GLN L 6 -24.34 -40.24 28.93
N SER L 7 -23.38 -39.31 29.00
CA SER L 7 -22.76 -38.96 30.27
C SER L 7 -23.77 -38.21 31.17
N GLY L 8 -23.42 -38.12 32.44
CA GLY L 8 -24.29 -37.48 33.41
C GLY L 8 -24.33 -35.98 33.22
N ALA L 9 -25.17 -35.34 34.04
CA ALA L 9 -25.33 -33.90 33.96
C ALA L 9 -24.01 -33.21 34.31
N GLU L 10 -23.83 -32.02 33.75
CA GLU L 10 -22.59 -31.26 33.93
C GLU L 10 -22.91 -29.84 34.35
N LEU L 11 -22.15 -29.34 35.34
CA LEU L 11 -22.22 -27.95 35.78
C LEU L 11 -20.87 -27.31 35.49
N MET L 12 -20.87 -26.26 34.67
CA MET L 12 -19.64 -25.62 34.25
C MET L 12 -19.73 -24.12 34.44
N ARG L 13 -18.59 -23.50 34.46
CA ARG L 13 -18.45 -22.06 34.55
C ARG L 13 -18.12 -21.47 33.18
N PRO L 14 -18.54 -20.24 32.91
CA PRO L 14 -18.24 -19.63 31.61
C PRO L 14 -16.75 -19.60 31.33
N GLY L 15 -16.39 -19.90 30.08
CA GLY L 15 -15.00 -19.93 29.67
C GLY L 15 -14.30 -21.25 29.80
N ALA L 16 -15.00 -22.31 30.20
CA ALA L 16 -14.43 -23.62 30.37
C ALA L 16 -14.81 -24.51 29.20
N SER L 17 -14.46 -25.80 29.27
CA SER L 17 -14.76 -26.77 28.24
C SER L 17 -15.18 -28.08 28.87
N VAL L 18 -16.13 -28.77 28.24
CA VAL L 18 -16.65 -30.03 28.74
C VAL L 18 -16.73 -31.01 27.57
N LYS L 19 -16.43 -32.28 27.84
CA LYS L 19 -16.49 -33.35 26.84
C LYS L 19 -17.65 -34.27 27.18
N LEU L 20 -18.66 -34.31 26.31
CA LEU L 20 -19.83 -35.14 26.49
C LEU L 20 -19.63 -36.47 25.79
N SER L 21 -20.05 -37.55 26.43
CA SER L 21 -19.83 -38.90 25.93
C SER L 21 -21.14 -39.54 25.48
N CYS L 22 -21.03 -40.46 24.52
CA CYS L 22 -22.17 -41.16 23.92
C CYS L 22 -21.75 -42.60 23.65
N LYS L 23 -22.03 -43.49 24.59
CA LYS L 23 -21.68 -44.90 24.48
C LYS L 23 -22.82 -45.64 23.79
N ALA L 24 -22.55 -46.18 22.60
CA ALA L 24 -23.55 -46.86 21.79
C ALA L 24 -23.21 -48.34 21.71
N THR L 25 -24.09 -49.18 22.25
CA THR L 25 -23.87 -50.62 22.31
C THR L 25 -25.05 -51.34 21.68
N GLY L 26 -24.93 -52.66 21.60
CA GLY L 26 -25.99 -53.50 21.06
C GLY L 26 -25.98 -53.67 19.56
N TYR L 27 -24.94 -53.21 18.88
CA TYR L 27 -24.85 -53.29 17.43
C TYR L 27 -23.40 -53.08 17.04
N THR L 28 -23.12 -53.20 15.73
CA THR L 28 -21.78 -53.01 15.22
C THR L 28 -21.50 -51.52 15.08
N PHE L 29 -20.47 -51.04 15.79
CA PHE L 29 -20.21 -49.61 15.88
C PHE L 29 -19.85 -49.02 14.50
N THR L 30 -18.84 -49.58 13.85
CA THR L 30 -18.30 -48.98 12.63
C THR L 30 -19.33 -48.97 11.51
N GLY L 31 -19.49 -47.81 10.88
CA GLY L 31 -20.35 -47.63 9.74
C GLY L 31 -21.56 -46.74 9.98
N TYR L 32 -21.94 -46.52 11.22
CA TYR L 32 -23.14 -45.76 11.56
C TYR L 32 -22.77 -44.30 11.83
N TRP L 33 -23.66 -43.40 11.41
CA TRP L 33 -23.53 -42.00 11.79
C TRP L 33 -24.13 -41.78 13.16
N ILE L 34 -23.47 -40.95 13.97
CA ILE L 34 -23.98 -40.57 15.28
C ILE L 34 -24.31 -39.07 15.23
N GLU L 35 -25.58 -38.75 15.39
CA GLU L 35 -26.04 -37.37 15.31
C GLU L 35 -26.05 -36.74 16.70
N TRP L 36 -25.81 -35.43 16.73
CA TRP L 36 -25.87 -34.64 17.95
C TRP L 36 -26.88 -33.52 17.78
N VAL L 37 -27.66 -33.28 18.83
CA VAL L 37 -28.77 -32.33 18.78
C VAL L 37 -28.83 -31.56 20.09
N LYS L 38 -28.97 -30.25 19.99
CA LYS L 38 -29.09 -29.37 21.15
C LYS L 38 -30.53 -28.90 21.30
N GLN L 39 -31.02 -28.87 22.54
CA GLN L 39 -32.38 -28.43 22.83
C GLN L 39 -32.37 -27.60 24.10
N ARG L 40 -32.59 -26.29 23.97
CA ARG L 40 -32.74 -25.45 25.14
C ARG L 40 -34.13 -25.66 25.76
N PRO L 41 -34.23 -25.64 27.08
CA PRO L 41 -35.52 -25.90 27.73
C PRO L 41 -36.58 -24.91 27.28
N GLY L 42 -37.73 -25.43 26.86
CA GLY L 42 -38.81 -24.62 26.35
C GLY L 42 -38.77 -24.33 24.87
N HIS L 43 -37.74 -24.78 24.17
CA HIS L 43 -37.55 -24.53 22.74
C HIS L 43 -37.43 -25.86 22.00
N GLY L 44 -37.24 -25.76 20.69
CA GLY L 44 -37.23 -26.92 19.82
C GLY L 44 -35.85 -27.55 19.69
N LEU L 45 -35.75 -28.44 18.69
CA LEU L 45 -34.52 -29.18 18.46
C LEU L 45 -33.64 -28.45 17.45
N GLU L 46 -32.33 -28.59 17.64
CA GLU L 46 -31.33 -27.98 16.77
C GLU L 46 -30.23 -28.99 16.48
N TRP L 47 -29.90 -29.17 15.21
CA TRP L 47 -28.92 -30.16 14.80
C TRP L 47 -27.52 -29.56 14.89
N ILE L 48 -26.66 -30.21 15.67
CA ILE L 48 -25.28 -29.76 15.81
C ILE L 48 -24.39 -30.32 14.70
N GLY L 49 -24.48 -31.62 14.46
CA GLY L 49 -23.67 -32.24 13.44
C GLY L 49 -23.70 -33.74 13.57
N GLU L 50 -22.78 -34.39 12.86
CA GLU L 50 -22.69 -35.85 12.84
C GLU L 50 -21.25 -36.27 12.67
N ILE L 51 -20.93 -37.45 13.21
CA ILE L 51 -19.63 -38.09 13.03
C ILE L 51 -19.86 -39.49 12.51
N LEU L 52 -18.98 -39.95 11.62
CA LEU L 52 -19.07 -41.31 11.09
C LEU L 52 -18.35 -42.24 12.05
N SER L 53 -19.12 -42.88 12.93
CA SER L 53 -18.54 -43.76 13.93
C SER L 53 -17.78 -44.89 13.27
N GLY L 54 -16.49 -45.01 13.59
CA GLY L 54 -15.62 -45.99 12.98
C GLY L 54 -14.61 -45.39 12.01
N ARG L 55 -14.91 -44.21 11.46
CA ARG L 55 -13.98 -43.52 10.56
C ARG L 55 -13.50 -42.20 11.15
N GLY L 56 -14.42 -41.29 11.47
CA GLY L 56 -14.06 -39.98 11.97
C GLY L 56 -14.52 -38.83 11.10
N THR L 57 -15.16 -39.10 9.96
CA THR L 57 -15.69 -38.03 9.12
C THR L 57 -16.74 -37.24 9.88
N THR L 58 -16.69 -35.92 9.77
CA THR L 58 -17.55 -35.04 10.54
C THR L 58 -18.22 -34.03 9.63
N ASN L 59 -19.48 -33.72 9.95
CA ASN L 59 -20.24 -32.66 9.30
C ASN L 59 -20.84 -31.78 10.37
N TYR L 60 -20.68 -30.46 10.23
CA TYR L 60 -21.06 -29.52 11.26
C TYR L 60 -22.07 -28.51 10.73
N ASN L 61 -23.05 -28.19 11.57
CA ASN L 61 -23.87 -27.01 11.34
C ASN L 61 -23.01 -25.77 11.49
N GLU L 62 -23.18 -24.81 10.56
CA GLU L 62 -22.41 -23.58 10.63
C GLU L 62 -22.63 -22.84 11.95
N LYS L 63 -23.78 -23.04 12.58
CA LYS L 63 -24.07 -22.39 13.87
C LYS L 63 -23.25 -22.96 15.02
N PHE L 64 -22.70 -24.17 14.87
CA PHE L 64 -21.89 -24.78 15.91
C PHE L 64 -20.44 -25.01 15.49
N LYS L 65 -20.06 -24.56 14.29
CA LYS L 65 -18.69 -24.69 13.84
C LYS L 65 -17.75 -23.91 14.74
N GLY L 66 -16.74 -24.59 15.28
CA GLY L 66 -15.82 -23.99 16.22
C GLY L 66 -16.23 -24.08 17.67
N LYS L 67 -17.48 -24.44 17.94
CA LYS L 67 -17.97 -24.66 19.31
C LYS L 67 -18.01 -26.12 19.69
N ALA L 68 -18.50 -26.98 18.82
CA ALA L 68 -18.56 -28.42 19.07
C ALA L 68 -17.49 -29.14 18.26
N THR L 69 -16.92 -30.19 18.85
CA THR L 69 -15.88 -30.98 18.20
C THR L 69 -16.17 -32.45 18.44
N PHE L 70 -16.42 -33.20 17.36
CA PHE L 70 -16.81 -34.60 17.46
C PHE L 70 -15.58 -35.49 17.38
N THR L 71 -15.52 -36.47 18.28
CA THR L 71 -14.51 -37.53 18.23
C THR L 71 -15.19 -38.84 18.61
N ALA L 72 -14.64 -39.94 18.10
CA ALA L 72 -15.23 -41.25 18.33
C ALA L 72 -14.13 -42.28 18.54
N ASP L 73 -14.28 -43.10 19.57
CA ASP L 73 -13.37 -44.21 19.85
C ASP L 73 -14.04 -45.52 19.44
N THR L 74 -13.43 -46.22 18.48
CA THR L 74 -14.01 -47.47 18.01
C THR L 74 -13.85 -48.61 19.01
N TYR L 75 -12.85 -48.53 19.89
CA TYR L 75 -12.59 -49.64 20.81
C TYR L 75 -13.67 -49.73 21.88
N SER L 76 -14.17 -48.61 22.37
CA SER L 76 -15.16 -48.59 23.44
C SER L 76 -16.56 -48.21 22.95
N ASN L 77 -16.77 -48.17 21.63
CA ASN L 77 -18.08 -47.89 21.04
C ASN L 77 -18.67 -46.58 21.54
N THR L 78 -17.81 -45.59 21.80
CA THR L 78 -18.21 -44.35 22.43
C THR L 78 -17.91 -43.17 21.52
N ALA L 79 -18.88 -42.27 21.37
CA ALA L 79 -18.70 -41.02 20.66
C ALA L 79 -18.61 -39.88 21.66
N TYR L 80 -17.90 -38.82 21.27
CA TYR L 80 -17.63 -37.69 22.15
C TYR L 80 -17.95 -36.38 21.43
N MET L 81 -18.35 -35.39 22.22
CA MET L 81 -18.52 -34.02 21.74
C MET L 81 -17.92 -33.06 22.74
N GLN L 82 -17.04 -32.19 22.28
CA GLN L 82 -16.39 -31.21 23.13
C GLN L 82 -16.96 -29.83 22.82
N LEU L 83 -17.52 -29.18 23.84
CA LEU L 83 -17.95 -27.79 23.75
C LEU L 83 -16.83 -26.92 24.32
N SER L 84 -16.28 -26.04 23.47
CA SER L 84 -14.97 -25.45 23.71
C SER L 84 -15.02 -24.23 24.61
N SER L 85 -15.71 -23.18 24.18
CA SER L 85 -15.74 -21.89 24.91
C SER L 85 -17.15 -21.72 25.47
N LEU L 86 -17.33 -22.18 26.70
CA LEU L 86 -18.68 -22.26 27.27
C LEU L 86 -19.21 -20.89 27.66
N THR L 87 -20.49 -20.67 27.35
CA THR L 87 -21.23 -19.48 27.76
C THR L 87 -22.56 -19.93 28.33
N THR L 88 -23.30 -18.97 28.90
CA THR L 88 -24.62 -19.30 29.44
C THR L 88 -25.55 -19.82 28.36
N GLY L 89 -25.42 -19.27 27.14
CA GLY L 89 -26.26 -19.73 26.03
C GLY L 89 -26.03 -21.17 25.64
N ASP L 90 -24.89 -21.74 26.01
CA ASP L 90 -24.64 -23.16 25.75
C ASP L 90 -25.43 -24.07 26.68
N SER L 91 -26.03 -23.54 27.73
CA SER L 91 -26.83 -24.35 28.65
C SER L 91 -28.07 -24.86 27.91
N ALA L 92 -28.20 -26.18 27.84
CA ALA L 92 -29.31 -26.83 27.16
C ALA L 92 -29.22 -28.32 27.46
N ILE L 93 -30.15 -29.08 26.87
CA ILE L 93 -30.11 -30.53 26.86
C ILE L 93 -29.45 -30.96 25.55
N TYR L 94 -28.55 -31.94 25.63
CA TYR L 94 -27.77 -32.37 24.49
C TYR L 94 -28.01 -33.86 24.25
N TYR L 95 -28.63 -34.18 23.12
CA TYR L 95 -28.88 -35.56 22.74
C TYR L 95 -27.86 -36.02 21.71
N CYS L 96 -27.46 -37.28 21.82
CA CYS L 96 -26.81 -37.99 20.74
C CYS L 96 -27.76 -39.08 20.26
N ALA L 97 -27.80 -39.31 18.96
CA ALA L 97 -28.74 -40.27 18.39
C ALA L 97 -28.03 -41.13 17.37
N ARG L 98 -28.51 -42.36 17.22
CA ARG L 98 -28.00 -43.28 16.22
C ARG L 98 -28.58 -42.89 14.87
N GLY L 99 -27.73 -42.44 13.95
CA GLY L 99 -28.15 -42.09 12.61
C GLY L 99 -28.14 -43.28 11.69
N GLY L 100 -28.34 -43.01 10.41
CA GLY L 100 -28.41 -44.07 9.43
C GLY L 100 -27.07 -44.78 9.26
N PHE L 101 -27.16 -46.06 8.89
CA PHE L 101 -25.96 -46.81 8.55
C PHE L 101 -25.41 -46.31 7.22
N LEU L 102 -24.16 -45.84 7.24
CA LEU L 102 -23.44 -45.37 6.06
C LEU L 102 -23.97 -44.03 5.53
N TYR L 103 -25.27 -43.78 5.65
CA TYR L 103 -25.89 -42.60 5.07
C TYR L 103 -26.54 -41.76 6.17
N GLY L 104 -26.04 -40.54 6.36
CA GLY L 104 -26.57 -39.65 7.37
C GLY L 104 -27.90 -39.03 7.02
N ASP L 105 -28.34 -39.13 5.77
CA ASP L 105 -29.61 -38.58 5.33
C ASP L 105 -30.78 -39.53 5.56
N GLY L 106 -30.54 -40.65 6.23
CA GLY L 106 -31.61 -41.57 6.58
C GLY L 106 -32.40 -41.06 7.76
N PRO L 107 -33.01 -41.97 8.51
CA PRO L 107 -33.74 -41.55 9.71
C PRO L 107 -32.81 -41.31 10.89
N PHE L 108 -33.38 -41.09 12.08
CA PHE L 108 -32.64 -41.06 13.34
C PHE L 108 -33.19 -42.20 14.17
N ASP L 109 -32.51 -43.35 14.14
CA ASP L 109 -33.03 -44.58 14.74
C ASP L 109 -33.24 -44.47 16.24
N TYR L 110 -32.18 -44.68 17.02
CA TYR L 110 -32.27 -44.74 18.47
C TYR L 110 -31.58 -43.52 19.08
N TRP L 111 -32.24 -42.89 20.04
CA TRP L 111 -31.75 -41.70 20.71
C TRP L 111 -31.25 -42.06 22.12
N GLY L 112 -30.41 -41.17 22.66
CA GLY L 112 -29.97 -41.28 24.04
C GLY L 112 -30.92 -40.57 24.99
N GLN L 113 -30.61 -40.68 26.28
CA GLN L 113 -31.44 -40.07 27.31
C GLN L 113 -31.19 -38.58 27.47
N GLY L 114 -30.13 -38.04 26.84
CA GLY L 114 -29.84 -36.62 26.92
C GLY L 114 -28.90 -36.27 28.05
N THR L 115 -28.02 -35.30 27.81
CA THR L 115 -27.12 -34.77 28.83
C THR L 115 -27.47 -33.30 29.07
N THR L 116 -27.69 -32.95 30.33
CA THR L 116 -28.05 -31.59 30.70
C THR L 116 -26.80 -30.82 31.07
N LEU L 117 -26.50 -29.77 30.30
CA LEU L 117 -25.36 -28.90 30.58
C LEU L 117 -25.88 -27.57 31.10
N THR L 118 -25.33 -27.13 32.23
CA THR L 118 -25.65 -25.83 32.80
C THR L 118 -24.35 -25.06 32.95
N VAL L 119 -24.30 -23.87 32.35
CA VAL L 119 -23.14 -23.00 32.41
C VAL L 119 -23.55 -21.73 33.14
N SER L 120 -22.93 -21.49 34.29
CA SER L 120 -23.28 -20.32 35.10
C SER L 120 -22.13 -20.04 36.06
N SER L 121 -21.97 -18.76 36.39
CA SER L 121 -20.96 -18.32 37.33
C SER L 121 -21.47 -18.28 38.77
N ALA L 122 -22.66 -18.82 39.02
CA ALA L 122 -23.24 -18.81 40.35
C ALA L 122 -22.57 -19.85 41.23
N SER L 123 -22.55 -19.57 42.54
CA SER L 123 -22.04 -20.50 43.53
C SER L 123 -23.22 -21.19 44.22
N THR L 124 -22.98 -22.43 44.65
CA THR L 124 -24.03 -23.20 45.29
C THR L 124 -24.53 -22.49 46.56
N LYS L 125 -25.84 -22.55 46.77
CA LYS L 125 -26.47 -21.82 47.87
C LYS L 125 -27.87 -22.36 48.15
N GLY L 126 -28.19 -22.58 49.43
CA GLY L 126 -29.49 -23.08 49.82
C GLY L 126 -30.57 -22.03 49.65
N PRO L 127 -31.83 -22.47 49.53
CA PRO L 127 -32.92 -21.52 49.30
C PRO L 127 -33.42 -20.90 50.60
N SER L 128 -34.08 -19.75 50.43
CA SER L 128 -34.80 -19.08 51.51
C SER L 128 -36.29 -19.30 51.29
N VAL L 129 -36.95 -19.96 52.23
CA VAL L 129 -38.35 -20.33 52.09
C VAL L 129 -39.21 -19.27 52.78
N PHE L 130 -40.19 -18.75 52.06
CA PHE L 130 -41.07 -17.71 52.56
C PHE L 130 -42.53 -18.12 52.40
N PRO L 131 -43.39 -17.78 53.36
CA PRO L 131 -44.78 -18.20 53.28
C PRO L 131 -45.59 -17.37 52.30
N LEU L 132 -46.58 -18.02 51.69
CA LEU L 132 -47.58 -17.36 50.86
C LEU L 132 -48.88 -17.42 51.67
N ALA L 133 -49.13 -16.38 52.46
CA ALA L 133 -50.19 -16.44 53.46
C ALA L 133 -51.56 -16.31 52.81
N PRO L 134 -52.54 -17.11 53.23
CA PRO L 134 -53.90 -16.94 52.72
C PRO L 134 -54.52 -15.65 53.25
N SER L 135 -55.40 -15.07 52.44
CA SER L 135 -56.03 -13.80 52.78
C SER L 135 -57.30 -14.01 53.60
N SER L 136 -57.87 -12.91 54.07
CA SER L 136 -59.11 -12.97 54.85
C SER L 136 -60.31 -13.25 53.96
N LYS L 137 -60.38 -12.57 52.82
CA LYS L 137 -61.48 -12.77 51.87
C LYS L 137 -61.34 -14.16 51.25
N SER L 138 -62.30 -15.04 51.55
CA SER L 138 -62.27 -16.40 51.05
C SER L 138 -63.68 -16.90 50.73
N GLY L 142 -65.63 -20.84 49.14
CA GLY L 142 -65.18 -21.73 50.19
C GLY L 142 -63.85 -22.39 49.88
N THR L 143 -63.05 -21.74 49.03
CA THR L 143 -61.74 -22.23 48.65
C THR L 143 -60.69 -21.18 48.96
N ALA L 144 -59.67 -21.57 49.72
CA ALA L 144 -58.56 -20.70 50.07
C ALA L 144 -57.29 -21.21 49.39
N ALA L 145 -56.33 -20.29 49.24
CA ALA L 145 -55.06 -20.60 48.59
C ALA L 145 -53.91 -20.14 49.47
N LEU L 146 -52.92 -21.01 49.63
CA LEU L 146 -51.70 -20.70 50.34
C LEU L 146 -50.54 -21.41 49.66
N GLY L 147 -49.33 -21.07 50.05
CA GLY L 147 -48.17 -21.68 49.42
C GLY L 147 -46.89 -21.30 50.10
N CYS L 148 -45.79 -21.71 49.45
CA CYS L 148 -44.43 -21.43 49.92
C CYS L 148 -43.62 -20.88 48.75
N LEU L 149 -42.73 -19.93 49.06
CA LEU L 149 -41.86 -19.32 48.05
C LEU L 149 -40.44 -19.81 48.29
N VAL L 150 -39.93 -20.63 47.38
CA VAL L 150 -38.58 -21.16 47.46
C VAL L 150 -37.70 -20.23 46.62
N LYS L 151 -37.00 -19.32 47.30
CA LYS L 151 -36.35 -18.18 46.65
C LYS L 151 -34.84 -18.25 46.79
N ASP L 152 -34.15 -17.86 45.71
CA ASP L 152 -32.70 -17.68 45.69
C ASP L 152 -31.94 -18.93 46.10
N TYR L 153 -31.78 -19.87 45.17
CA TYR L 153 -31.00 -21.07 45.42
C TYR L 153 -30.26 -21.46 44.14
N PHE L 154 -29.25 -22.31 44.32
CA PHE L 154 -28.46 -22.80 43.19
C PHE L 154 -27.72 -24.05 43.61
N PRO L 155 -27.69 -25.10 42.78
CA PRO L 155 -28.41 -25.15 41.50
C PRO L 155 -29.73 -25.91 41.61
N GLU L 156 -30.27 -26.31 40.46
CA GLU L 156 -31.40 -27.21 40.45
C GLU L 156 -30.97 -28.59 40.92
N PRO L 157 -31.90 -29.41 41.45
CA PRO L 157 -33.32 -29.12 41.66
C PRO L 157 -33.68 -28.86 43.12
N VAL L 158 -34.97 -28.66 43.38
CA VAL L 158 -35.49 -28.53 44.73
C VAL L 158 -36.79 -29.32 44.80
N THR L 159 -36.88 -30.21 45.79
CA THR L 159 -38.08 -31.01 46.01
C THR L 159 -38.92 -30.35 47.09
N VAL L 160 -40.22 -30.23 46.85
CA VAL L 160 -41.16 -29.62 47.78
C VAL L 160 -42.35 -30.54 47.98
N SER L 161 -42.68 -30.82 49.24
CA SER L 161 -43.86 -31.59 49.61
C SER L 161 -44.60 -30.85 50.70
N TRP L 162 -45.82 -31.31 51.01
CA TRP L 162 -46.68 -30.67 52.00
C TRP L 162 -47.06 -31.68 53.07
N ASN L 163 -46.98 -31.24 54.33
CA ASN L 163 -47.36 -32.06 55.48
C ASN L 163 -46.65 -33.42 55.45
N SER L 164 -45.39 -33.41 55.03
CA SER L 164 -44.54 -34.59 54.95
C SER L 164 -45.11 -35.65 54.00
N GLY L 165 -46.02 -35.27 53.11
CA GLY L 165 -46.60 -36.16 52.13
C GLY L 165 -48.10 -36.36 52.28
N ALA L 166 -48.67 -36.02 53.43
CA ALA L 166 -50.08 -36.29 53.66
C ALA L 166 -50.99 -35.37 52.85
N LEU L 167 -50.45 -34.29 52.29
CA LEU L 167 -51.22 -33.32 51.52
C LEU L 167 -50.72 -33.34 50.09
N THR L 168 -51.54 -33.86 49.18
CA THR L 168 -51.16 -33.94 47.77
C THR L 168 -52.27 -33.50 46.81
N SER L 169 -53.50 -33.34 47.27
CA SER L 169 -54.59 -32.90 46.42
C SER L 169 -54.61 -31.38 46.33
N GLY L 170 -54.78 -30.88 45.11
CA GLY L 170 -54.79 -29.44 44.87
C GLY L 170 -53.44 -28.78 44.95
N VAL L 171 -52.36 -29.53 45.16
CA VAL L 171 -51.03 -28.95 45.24
C VAL L 171 -50.53 -28.63 43.83
N HIS L 172 -49.80 -27.52 43.72
CA HIS L 172 -49.23 -27.09 42.45
C HIS L 172 -47.83 -26.56 42.71
N THR L 173 -46.82 -27.32 42.29
CA THR L 173 -45.43 -26.89 42.39
C THR L 173 -44.98 -26.43 41.00
N PHE L 174 -44.69 -25.14 40.87
CA PHE L 174 -44.42 -24.58 39.56
C PHE L 174 -42.97 -24.85 39.14
N PRO L 175 -42.73 -24.98 37.84
CA PRO L 175 -41.34 -25.13 37.37
C PRO L 175 -40.51 -23.92 37.77
N ALA L 176 -39.29 -24.21 38.23
CA ALA L 176 -38.40 -23.14 38.67
C ALA L 176 -38.04 -22.22 37.50
N VAL L 177 -37.78 -20.96 37.82
CA VAL L 177 -37.34 -19.98 36.84
C VAL L 177 -35.95 -19.51 37.25
N LEU L 178 -35.19 -19.04 36.26
CA LEU L 178 -33.84 -18.52 36.47
C LEU L 178 -33.91 -17.00 36.52
N GLN L 179 -33.76 -16.43 37.71
CA GLN L 179 -33.80 -14.98 37.85
C GLN L 179 -32.52 -14.36 37.30
N SER L 180 -32.57 -13.04 37.10
CA SER L 180 -31.41 -12.33 36.58
C SER L 180 -30.23 -12.36 37.55
N SER L 181 -30.47 -12.72 38.81
CA SER L 181 -29.41 -12.85 39.79
C SER L 181 -28.58 -14.11 39.62
N GLY L 182 -28.91 -14.96 38.65
CA GLY L 182 -28.24 -16.24 38.48
C GLY L 182 -28.77 -17.36 39.35
N LEU L 183 -29.61 -17.04 40.34
CA LEU L 183 -30.20 -18.04 41.22
C LEU L 183 -31.61 -18.39 40.74
N TYR L 184 -32.09 -19.55 41.19
CA TYR L 184 -33.41 -20.02 40.82
C TYR L 184 -34.44 -19.63 41.87
N SER L 185 -35.71 -19.77 41.49
CA SER L 185 -36.81 -19.47 42.39
C SER L 185 -38.06 -20.16 41.87
N LEU L 186 -38.73 -20.92 42.74
CA LEU L 186 -39.98 -21.57 42.40
C LEU L 186 -40.99 -21.36 43.52
N SER L 187 -42.26 -21.55 43.19
CA SER L 187 -43.36 -21.46 44.14
C SER L 187 -44.12 -22.77 44.14
N SER L 188 -44.70 -23.10 45.29
CA SER L 188 -45.54 -24.28 45.45
C SER L 188 -46.80 -23.86 46.19
N VAL L 189 -47.95 -24.00 45.55
CA VAL L 189 -49.22 -23.57 46.11
C VAL L 189 -50.13 -24.77 46.29
N VAL L 190 -51.16 -24.59 47.12
CA VAL L 190 -52.17 -25.61 47.34
C VAL L 190 -53.49 -24.92 47.66
N THR L 191 -54.59 -25.49 47.19
CA THR L 191 -55.92 -25.00 47.49
C THR L 191 -56.58 -25.89 48.53
N VAL L 192 -57.22 -25.27 49.52
CA VAL L 192 -57.85 -26.00 50.62
C VAL L 192 -59.18 -25.34 50.94
N PRO L 193 -60.09 -26.08 51.60
CA PRO L 193 -61.34 -25.47 52.04
C PRO L 193 -61.08 -24.32 53.00
N SER L 194 -61.89 -23.26 52.86
CA SER L 194 -61.71 -22.07 53.70
C SER L 194 -62.01 -22.36 55.17
N SER L 195 -62.85 -23.37 55.44
CA SER L 195 -63.20 -23.75 56.80
C SER L 195 -62.12 -24.55 57.51
N SER L 196 -60.88 -24.49 57.03
CA SER L 196 -59.79 -25.23 57.64
C SER L 196 -58.59 -24.36 58.02
N LEU L 197 -58.59 -23.07 57.68
CA LEU L 197 -57.44 -22.22 57.99
C LEU L 197 -57.23 -22.08 59.48
N GLY L 198 -58.31 -22.15 60.26
CA GLY L 198 -58.24 -22.09 61.71
C GLY L 198 -58.28 -23.42 62.41
N THR L 199 -58.24 -24.53 61.67
CA THR L 199 -58.32 -25.86 62.27
C THR L 199 -57.22 -26.82 61.84
N GLN L 200 -56.49 -26.55 60.76
CA GLN L 200 -55.49 -27.46 60.23
C GLN L 200 -54.17 -26.73 60.02
N THR L 201 -53.07 -27.41 60.32
CA THR L 201 -51.73 -26.87 60.13
C THR L 201 -51.21 -27.25 58.75
N TYR L 202 -50.71 -26.26 58.01
CA TYR L 202 -50.10 -26.47 56.71
C TYR L 202 -48.63 -26.09 56.79
N ILE L 203 -47.75 -27.05 56.54
CA ILE L 203 -46.31 -26.86 56.61
C ILE L 203 -45.68 -27.45 55.36
N CYS L 204 -44.90 -26.64 54.66
CA CYS L 204 -44.25 -27.08 53.43
C CYS L 204 -42.83 -27.56 53.72
N ASN L 205 -42.45 -28.65 53.07
CA ASN L 205 -41.15 -29.28 53.27
C ASN L 205 -40.30 -29.00 52.04
N VAL L 206 -39.23 -28.25 52.21
CA VAL L 206 -38.33 -27.88 51.12
C VAL L 206 -36.98 -28.55 51.37
N ASN L 207 -36.54 -29.34 50.39
CA ASN L 207 -35.25 -30.03 50.45
C ASN L 207 -34.41 -29.60 49.26
N HIS L 208 -33.17 -29.19 49.52
CA HIS L 208 -32.20 -28.85 48.48
C HIS L 208 -30.98 -29.74 48.71
N LYS L 209 -30.84 -30.77 47.87
CA LYS L 209 -29.79 -31.77 48.10
C LYS L 209 -28.38 -31.21 47.90
N PRO L 210 -28.06 -30.51 46.80
CA PRO L 210 -26.67 -30.07 46.60
C PRO L 210 -26.14 -29.17 47.71
N SER L 211 -27.00 -28.61 48.55
CA SER L 211 -26.57 -27.77 49.66
C SER L 211 -26.92 -28.34 51.02
N ASN L 212 -27.57 -29.51 51.08
CA ASN L 212 -27.97 -30.14 52.34
C ASN L 212 -28.81 -29.21 53.20
N THR L 213 -29.71 -28.47 52.56
CA THR L 213 -30.61 -27.54 53.23
C THR L 213 -32.01 -28.13 53.26
N LYS L 214 -32.51 -28.40 54.46
CA LYS L 214 -33.87 -28.86 54.65
C LYS L 214 -34.62 -27.84 55.49
N VAL L 215 -35.79 -27.43 55.01
CA VAL L 215 -36.58 -26.39 55.66
C VAL L 215 -38.04 -26.83 55.70
N ASP L 216 -38.68 -26.62 56.85
CA ASP L 216 -40.09 -26.92 57.05
C ASP L 216 -40.78 -25.63 57.52
N LYS L 217 -41.20 -24.80 56.56
CA LYS L 217 -41.88 -23.56 56.88
C LYS L 217 -43.36 -23.83 57.12
N ARG L 218 -43.88 -23.34 58.24
CA ARG L 218 -45.27 -23.48 58.60
C ARG L 218 -45.98 -22.18 58.28
N VAL L 219 -46.89 -22.22 57.29
CA VAL L 219 -47.61 -21.05 56.84
C VAL L 219 -48.95 -20.97 57.54
N GLU L 220 -49.41 -19.75 57.80
CA GLU L 220 -50.64 -19.51 58.55
C GLU L 220 -51.09 -18.08 58.28
N PRO L 221 -52.41 -17.82 58.30
CA PRO L 221 -52.97 -16.47 58.11
C PRO L 221 -52.33 -15.42 59.01
N GLU M 1 -19.61 21.01 -23.44
CA GLU M 1 -18.31 21.12 -22.79
C GLU M 1 -17.44 22.16 -23.49
N VAL M 2 -16.13 22.09 -23.22
CA VAL M 2 -15.19 23.00 -23.86
C VAL M 2 -15.21 22.80 -25.37
N GLN M 3 -15.32 23.89 -26.11
CA GLN M 3 -15.40 23.84 -27.56
C GLN M 3 -14.55 24.95 -28.16
N LEU M 4 -13.70 24.59 -29.12
CA LEU M 4 -12.88 25.55 -29.85
C LEU M 4 -13.03 25.28 -31.34
N VAL M 5 -13.54 26.24 -32.08
CA VAL M 5 -13.86 26.07 -33.50
C VAL M 5 -13.06 27.12 -34.29
N GLU M 6 -12.16 26.65 -35.13
CA GLU M 6 -11.37 27.54 -35.97
C GLU M 6 -12.05 27.78 -37.30
N SER M 7 -11.67 28.87 -37.95
CA SER M 7 -12.23 29.25 -39.24
C SER M 7 -11.35 30.33 -39.83
N GLY M 8 -11.61 30.66 -41.09
CA GLY M 8 -10.84 31.66 -41.80
C GLY M 8 -9.77 31.10 -42.71
N GLY M 9 -9.48 29.80 -42.61
CA GLY M 9 -8.48 29.20 -43.46
C GLY M 9 -8.97 28.98 -44.87
N GLY M 10 -8.05 28.53 -45.73
CA GLY M 10 -8.40 28.26 -47.11
C GLY M 10 -7.22 28.33 -48.06
N LEU M 11 -7.45 28.85 -49.26
CA LEU M 11 -6.45 28.95 -50.31
C LEU M 11 -6.01 30.40 -50.46
N VAL M 12 -4.70 30.63 -50.53
CA VAL M 12 -4.17 31.98 -50.61
C VAL M 12 -2.83 31.92 -51.34
N LYS M 13 -2.63 32.86 -52.27
CA LYS M 13 -1.38 32.91 -53.02
C LYS M 13 -0.22 33.30 -52.11
N PRO M 14 1.01 32.89 -52.45
CA PRO M 14 2.16 33.19 -51.58
C PRO M 14 2.41 34.68 -51.42
N GLY M 15 2.13 35.20 -50.24
CA GLY M 15 2.25 36.61 -49.94
C GLY M 15 0.95 37.30 -49.62
N GLY M 16 -0.19 36.62 -49.76
CA GLY M 16 -1.46 37.18 -49.38
C GLY M 16 -1.66 37.14 -47.87
N SER M 17 -2.89 37.40 -47.47
CA SER M 17 -3.24 37.55 -46.06
C SER M 17 -4.47 36.74 -45.72
N LEU M 18 -4.44 36.13 -44.54
CA LEU M 18 -5.59 35.45 -43.96
C LEU M 18 -5.80 35.98 -42.55
N ARG M 19 -7.03 35.83 -42.06
CA ARG M 19 -7.36 36.17 -40.67
C ARG M 19 -8.12 34.98 -40.09
N LEU M 20 -7.43 34.17 -39.31
CA LEU M 20 -8.06 33.03 -38.66
C LEU M 20 -8.88 33.50 -37.46
N SER M 21 -10.01 32.83 -37.26
CA SER M 21 -10.85 33.06 -36.09
C SER M 21 -10.98 31.77 -35.30
N CYS M 22 -11.10 31.90 -33.98
CA CYS M 22 -11.34 30.77 -33.09
C CYS M 22 -12.44 31.14 -32.12
N ALA M 23 -13.56 30.44 -32.19
CA ALA M 23 -14.71 30.71 -31.33
C ALA M 23 -14.76 29.68 -30.21
N ALA M 24 -14.74 30.16 -28.97
CA ALA M 24 -14.71 29.31 -27.79
C ALA M 24 -16.06 29.32 -27.09
N SER M 25 -16.36 28.21 -26.42
CA SER M 25 -17.59 28.07 -25.66
C SER M 25 -17.41 26.96 -24.64
N GLY M 26 -18.24 27.00 -23.60
CA GLY M 26 -18.19 26.00 -22.56
C GLY M 26 -17.19 26.24 -21.46
N PHE M 27 -16.58 27.42 -21.42
CA PHE M 27 -15.66 27.79 -20.35
C PHE M 27 -15.53 29.30 -20.33
N THR M 28 -15.00 29.82 -19.23
CA THR M 28 -14.78 31.26 -19.08
C THR M 28 -13.58 31.66 -19.92
N PHE M 29 -13.86 32.19 -21.11
CA PHE M 29 -12.79 32.47 -22.08
C PHE M 29 -11.83 33.53 -21.57
N SER M 30 -12.32 34.50 -20.79
CA SER M 30 -11.49 35.61 -20.34
C SER M 30 -10.49 35.22 -19.25
N SER M 31 -10.47 33.96 -18.83
CA SER M 31 -9.61 33.53 -17.73
C SER M 31 -8.44 32.66 -18.17
N TYR M 32 -8.35 32.33 -19.45
CA TYR M 32 -7.32 31.42 -19.95
C TYR M 32 -6.47 32.11 -21.00
N SER M 33 -5.23 31.62 -21.14
CA SER M 33 -4.33 32.08 -22.18
C SER M 33 -4.50 31.20 -23.42
N MET M 34 -4.64 31.84 -24.57
CA MET M 34 -4.91 31.15 -25.83
C MET M 34 -3.63 30.98 -26.65
N ASN M 35 -3.63 29.97 -27.51
CA ASN M 35 -2.48 29.68 -28.34
C ASN M 35 -2.92 29.27 -29.73
N TRP M 36 -2.05 29.52 -30.70
CA TRP M 36 -2.17 28.95 -32.04
C TRP M 36 -1.02 27.98 -32.25
N VAL M 37 -1.35 26.73 -32.56
CA VAL M 37 -0.38 25.71 -32.90
C VAL M 37 -0.70 25.21 -34.30
N ARG M 38 0.31 25.20 -35.17
CA ARG M 38 0.12 24.79 -36.55
C ARG M 38 0.84 23.47 -36.82
N GLN M 39 0.43 22.81 -37.89
CA GLN M 39 0.97 21.49 -38.24
C GLN M 39 0.98 21.36 -39.75
N ALA M 40 2.17 21.33 -40.34
CA ALA M 40 2.30 21.14 -41.78
C ALA M 40 1.87 19.73 -42.16
N PRO M 41 1.24 19.56 -43.32
CA PRO M 41 0.79 18.22 -43.73
C PRO M 41 1.91 17.20 -43.73
N GLY M 42 1.81 16.22 -42.84
CA GLY M 42 2.80 15.18 -42.71
C GLY M 42 3.92 15.46 -41.73
N LYS M 43 3.95 16.64 -41.13
CA LYS M 43 5.00 17.05 -40.22
C LYS M 43 4.48 17.07 -38.79
N GLY M 44 5.32 17.51 -37.86
CA GLY M 44 4.98 17.57 -36.46
C GLY M 44 4.15 18.78 -36.09
N LEU M 45 4.35 19.28 -34.88
CA LEU M 45 3.64 20.44 -34.38
C LEU M 45 4.63 21.56 -34.10
N GLU M 46 4.20 22.79 -34.39
CA GLU M 46 5.03 23.97 -34.14
C GLU M 46 4.19 25.06 -33.51
N TRP M 47 4.52 25.42 -32.27
CA TRP M 47 3.83 26.54 -31.62
C TRP M 47 4.10 27.83 -32.38
N VAL M 48 3.07 28.63 -32.56
CA VAL M 48 3.12 29.81 -33.41
C VAL M 48 3.04 31.10 -32.59
N SER M 49 2.02 31.21 -31.74
CA SER M 49 1.78 32.46 -31.04
C SER M 49 0.90 32.19 -29.83
N SER M 50 0.95 33.12 -28.87
CA SER M 50 0.16 33.02 -27.66
C SER M 50 -0.21 34.41 -27.18
N ILE M 51 -1.34 34.51 -26.49
CA ILE M 51 -1.82 35.78 -25.95
C ILE M 51 -2.37 35.52 -24.55
N SER M 52 -2.12 36.45 -23.64
CA SER M 52 -2.53 36.29 -22.25
C SER M 52 -4.02 36.62 -22.10
N SER M 53 -4.54 36.42 -20.89
CA SER M 53 -5.95 36.66 -20.64
C SER M 53 -6.33 38.12 -20.83
N SER M 54 -5.42 39.04 -20.49
CA SER M 54 -5.68 40.46 -20.62
C SER M 54 -5.20 41.06 -21.93
N SER M 55 -4.61 40.24 -22.81
CA SER M 55 -4.05 40.65 -24.09
C SER M 55 -2.84 41.57 -23.94
N SER M 56 -2.26 41.67 -22.75
CA SER M 56 -1.12 42.55 -22.51
C SER M 56 0.22 41.83 -22.63
N TYR M 57 0.22 40.51 -22.76
CA TYR M 57 1.44 39.71 -22.86
C TYR M 57 1.29 38.79 -24.06
N ILE M 58 2.06 39.07 -25.12
CA ILE M 58 1.92 38.41 -26.41
C ILE M 58 3.27 37.83 -26.81
N TYR M 59 3.25 36.63 -27.40
CA TYR M 59 4.46 35.98 -27.87
C TYR M 59 4.25 35.43 -29.28
N TYR M 60 5.33 35.44 -30.07
CA TYR M 60 5.35 34.85 -31.40
C TYR M 60 6.59 33.98 -31.56
N ALA M 61 6.46 32.92 -32.36
CA ALA M 61 7.62 32.17 -32.77
C ALA M 61 8.44 32.98 -33.77
N ASP M 62 9.75 32.68 -33.85
CA ASP M 62 10.63 33.46 -34.71
C ASP M 62 10.22 33.36 -36.17
N SER M 63 9.77 32.17 -36.61
CA SER M 63 9.44 31.97 -38.00
C SER M 63 8.25 32.81 -38.46
N VAL M 64 7.45 33.33 -37.54
CA VAL M 64 6.29 34.13 -37.89
C VAL M 64 6.35 35.55 -37.32
N LYS M 65 7.33 35.85 -36.47
CA LYS M 65 7.48 37.20 -35.94
C LYS M 65 7.68 38.18 -37.09
N GLY M 66 6.98 39.31 -37.05
CA GLY M 66 7.05 40.31 -38.08
C GLY M 66 5.95 40.22 -39.12
N ARG M 67 5.34 39.05 -39.29
CA ARG M 67 4.25 38.87 -40.22
C ARG M 67 2.92 38.54 -39.56
N PHE M 68 2.91 38.05 -38.32
CA PHE M 68 1.71 37.59 -37.66
C PHE M 68 1.32 38.54 -36.53
N THR M 69 0.03 38.58 -36.23
CA THR M 69 -0.49 39.35 -35.11
C THR M 69 -1.63 38.56 -34.48
N ILE M 70 -1.50 38.27 -33.19
CA ILE M 70 -2.53 37.58 -32.43
C ILE M 70 -3.33 38.61 -31.65
N SER M 71 -4.60 38.33 -31.46
CA SER M 71 -5.48 39.20 -30.69
C SER M 71 -6.70 38.39 -30.26
N ARG M 72 -7.50 39.00 -29.39
CA ARG M 72 -8.68 38.32 -28.86
C ARG M 72 -9.74 39.34 -28.50
N ASP M 73 -10.99 38.92 -28.60
CA ASP M 73 -12.14 39.68 -28.12
C ASP M 73 -12.78 38.85 -27.02
N ASN M 74 -12.47 39.18 -25.76
CA ASN M 74 -13.02 38.43 -24.64
C ASN M 74 -14.55 38.55 -24.59
N ALA M 75 -15.09 39.68 -25.06
CA ALA M 75 -16.54 39.82 -25.11
C ALA M 75 -17.16 38.86 -26.11
N LYS M 76 -16.56 38.72 -27.28
CA LYS M 76 -17.06 37.83 -28.33
C LYS M 76 -16.54 36.41 -28.21
N ASN M 77 -15.81 36.09 -27.13
CA ASN M 77 -15.29 34.74 -26.90
C ASN M 77 -14.45 34.25 -28.07
N SER M 78 -13.65 35.14 -28.66
CA SER M 78 -12.98 34.86 -29.92
C SER M 78 -11.49 35.18 -29.81
N LEU M 79 -10.70 34.41 -30.57
CA LEU M 79 -9.27 34.61 -30.70
C LEU M 79 -8.92 34.69 -32.17
N TYR M 80 -8.05 35.65 -32.52
CA TYR M 80 -7.74 35.96 -33.91
C TYR M 80 -6.24 35.85 -34.16
N LEU M 81 -5.91 35.53 -35.41
CA LEU M 81 -4.51 35.49 -35.87
C LEU M 81 -4.45 36.11 -37.25
N GLN M 82 -3.86 37.30 -37.35
CA GLN M 82 -3.62 37.94 -38.63
C GLN M 82 -2.30 37.43 -39.21
N MET M 83 -2.33 37.01 -40.47
CA MET M 83 -1.15 36.47 -41.15
C MET M 83 -0.90 37.27 -42.42
N ASN M 84 0.33 37.77 -42.57
CA ASN M 84 0.72 38.52 -43.74
C ASN M 84 1.94 37.88 -44.40
N SER M 85 2.08 38.16 -45.70
CA SER M 85 3.23 37.70 -46.50
C SER M 85 3.46 36.20 -46.34
N LEU M 86 2.41 35.43 -46.63
CA LEU M 86 2.44 34.00 -46.39
C LEU M 86 3.36 33.29 -47.38
N ARG M 87 4.23 32.43 -46.86
CA ARG M 87 5.08 31.58 -47.66
C ARG M 87 4.49 30.18 -47.75
N ALA M 88 5.07 29.37 -48.65
CA ALA M 88 4.60 28.00 -48.81
C ALA M 88 4.83 27.16 -47.56
N GLU M 89 5.85 27.50 -46.78
CA GLU M 89 6.12 26.78 -45.54
C GLU M 89 5.18 27.19 -44.41
N ASP M 90 4.25 28.10 -44.67
CA ASP M 90 3.18 28.41 -43.73
C ASP M 90 1.94 27.55 -43.98
N THR M 91 1.95 26.73 -45.02
CA THR M 91 0.84 25.82 -45.29
C THR M 91 0.75 24.78 -44.18
N ALA M 92 -0.37 24.80 -43.45
CA ALA M 92 -0.51 23.95 -42.27
C ALA M 92 -1.96 24.02 -41.80
N VAL M 93 -2.34 23.00 -41.04
CA VAL M 93 -3.57 23.08 -40.25
C VAL M 93 -3.25 23.86 -38.98
N TYR M 94 -4.02 24.91 -38.73
CA TYR M 94 -3.80 25.79 -37.59
C TYR M 94 -4.77 25.42 -36.48
N TYR M 95 -4.23 25.09 -35.30
CA TYR M 95 -5.04 24.65 -34.17
C TYR M 95 -5.19 25.75 -33.14
N CYS M 96 -6.40 25.89 -32.61
CA CYS M 96 -6.66 26.74 -31.46
C CYS M 96 -6.44 25.93 -30.19
N ALA M 97 -5.56 26.42 -29.31
CA ALA M 97 -5.18 25.68 -28.11
C ALA M 97 -5.33 26.55 -26.88
N ARG M 98 -5.89 25.96 -25.82
CA ARG M 98 -6.09 26.65 -24.55
C ARG M 98 -5.03 26.19 -23.55
N LEU M 99 -4.34 27.15 -22.94
CA LEU M 99 -3.36 26.84 -21.90
C LEU M 99 -4.10 26.49 -20.62
N GLY M 100 -3.97 25.24 -20.18
CA GLY M 100 -4.63 24.81 -18.98
C GLY M 100 -3.96 25.33 -17.73
N TYR M 101 -4.61 25.08 -16.60
CA TYR M 101 -4.09 25.48 -15.30
C TYR M 101 -3.16 24.42 -14.75
N CYS M 102 -2.11 24.86 -14.06
CA CYS M 102 -1.17 23.98 -13.39
C CYS M 102 -0.45 24.80 -12.33
N SER M 103 0.44 24.13 -11.59
CA SER M 103 1.21 24.83 -10.56
C SER M 103 2.21 25.79 -11.20
N GLY M 104 3.27 25.24 -11.78
CA GLY M 104 4.28 26.05 -12.43
C GLY M 104 5.27 25.20 -13.18
N GLY M 105 5.99 25.84 -14.09
CA GLY M 105 6.95 25.16 -14.93
C GLY M 105 6.40 24.83 -16.30
N SER M 106 5.73 25.82 -16.92
CA SER M 106 5.04 25.67 -18.19
C SER M 106 3.85 24.71 -18.06
N CYS M 107 2.64 25.25 -18.19
CA CYS M 107 1.46 24.41 -18.21
C CYS M 107 1.32 23.73 -19.57
N HIS M 108 0.29 22.91 -19.71
CA HIS M 108 0.04 22.15 -20.92
C HIS M 108 -1.09 22.78 -21.73
N PHE M 109 -1.27 22.27 -22.95
CA PHE M 109 -2.39 22.66 -23.81
C PHE M 109 -3.52 21.66 -23.59
N ASP M 110 -4.46 22.01 -22.70
CA ASP M 110 -5.43 21.03 -22.23
C ASP M 110 -6.60 20.83 -23.19
N TYR M 111 -6.82 21.73 -24.15
CA TYR M 111 -7.93 21.58 -25.08
C TYR M 111 -7.54 22.15 -26.43
N TRP M 112 -7.81 21.39 -27.49
CA TRP M 112 -7.47 21.77 -28.85
C TRP M 112 -8.71 21.81 -29.71
N GLY M 113 -8.77 22.78 -30.62
CA GLY M 113 -9.82 22.80 -31.62
C GLY M 113 -9.52 21.83 -32.75
N GLN M 114 -10.51 21.66 -33.63
CA GLN M 114 -10.34 20.72 -34.74
C GLN M 114 -9.40 21.25 -35.81
N GLY M 115 -9.14 22.54 -35.82
CA GLY M 115 -8.16 23.11 -36.76
C GLY M 115 -8.78 23.50 -38.08
N THR M 116 -8.19 24.52 -38.70
CA THR M 116 -8.56 24.98 -40.03
C THR M 116 -7.34 24.89 -40.93
N LEU M 117 -7.58 24.54 -42.20
CA LEU M 117 -6.50 24.30 -43.15
C LEU M 117 -6.13 25.58 -43.88
N VAL M 118 -4.84 25.87 -43.95
CA VAL M 118 -4.31 27.00 -44.70
C VAL M 118 -3.40 26.44 -45.77
N THR M 119 -3.80 26.58 -47.03
CA THR M 119 -3.03 26.12 -48.17
C THR M 119 -2.49 27.34 -48.91
N VAL M 120 -1.19 27.56 -48.82
CA VAL M 120 -0.53 28.65 -49.51
C VAL M 120 0.04 28.10 -50.82
N SER M 121 -0.54 28.51 -51.95
CA SER M 121 -0.12 28.00 -53.24
C SER M 121 -0.57 28.94 -54.34
N SER M 122 0.27 29.07 -55.38
CA SER M 122 -0.07 29.80 -56.59
C SER M 122 -0.23 28.88 -57.79
N ALA M 123 -0.37 27.58 -57.55
CA ALA M 123 -0.46 26.63 -58.65
C ALA M 123 -1.76 26.79 -59.42
N SER M 124 -1.65 26.75 -60.74
CA SER M 124 -2.79 26.80 -61.64
C SER M 124 -2.85 25.51 -62.46
N THR M 125 -3.89 25.39 -63.28
CA THR M 125 -4.07 24.18 -64.09
C THR M 125 -2.90 24.01 -65.04
N LYS M 126 -2.34 22.79 -65.08
CA LYS M 126 -1.20 22.49 -65.92
C LYS M 126 -1.16 21.00 -66.18
N GLY M 127 -0.98 20.62 -67.44
CA GLY M 127 -0.90 19.22 -67.82
C GLY M 127 0.43 18.62 -67.42
N PRO M 128 0.46 17.30 -67.30
CA PRO M 128 1.70 16.61 -66.89
C PRO M 128 2.62 16.35 -68.07
N SER M 129 3.88 16.08 -67.74
CA SER M 129 4.91 15.71 -68.72
C SER M 129 5.33 14.27 -68.42
N VAL M 130 5.00 13.36 -69.32
CA VAL M 130 5.23 11.93 -69.11
C VAL M 130 6.60 11.55 -69.64
N PHE M 131 7.33 10.75 -68.86
CA PHE M 131 8.65 10.26 -69.22
C PHE M 131 8.72 8.76 -68.91
N PRO M 132 9.50 8.01 -69.69
CA PRO M 132 9.58 6.56 -69.48
C PRO M 132 10.75 6.15 -68.61
N LEU M 133 10.48 5.35 -67.59
CA LEU M 133 11.52 4.77 -66.74
C LEU M 133 11.81 3.37 -67.28
N ALA M 134 12.86 3.26 -68.08
CA ALA M 134 13.16 2.02 -68.78
C ALA M 134 13.80 0.99 -67.84
N PRO M 135 13.54 -0.29 -68.07
CA PRO M 135 14.15 -1.32 -67.24
C PRO M 135 15.58 -1.62 -67.68
N SER M 136 16.39 -2.01 -66.69
CA SER M 136 17.79 -2.34 -66.95
C SER M 136 17.93 -3.78 -67.45
N THR M 144 12.97 -11.17 -63.00
CA THR M 144 12.01 -10.19 -63.49
C THR M 144 12.57 -8.77 -63.38
N ALA M 145 11.97 -7.84 -64.13
CA ALA M 145 12.42 -6.46 -64.17
C ALA M 145 11.26 -5.52 -63.89
N ALA M 146 11.59 -4.28 -63.55
CA ALA M 146 10.62 -3.25 -63.22
C ALA M 146 10.77 -2.07 -64.16
N LEU M 147 9.67 -1.66 -64.78
CA LEU M 147 9.64 -0.50 -65.66
C LEU M 147 8.40 0.32 -65.35
N GLY M 148 8.45 1.60 -65.69
CA GLY M 148 7.31 2.44 -65.41
C GLY M 148 7.41 3.80 -66.09
N CYS M 149 6.48 4.66 -65.72
CA CYS M 149 6.38 6.00 -66.26
C CYS M 149 6.52 7.03 -65.15
N LEU M 150 6.93 8.22 -65.54
CA LEU M 150 7.11 9.35 -64.63
C LEU M 150 6.16 10.46 -65.07
N VAL M 151 5.29 10.90 -64.17
CA VAL M 151 4.28 11.90 -64.46
C VAL M 151 4.65 13.14 -63.65
N LYS M 152 5.22 14.15 -64.33
CA LYS M 152 5.79 15.32 -63.67
C LYS M 152 4.97 16.58 -63.90
N ASP M 153 4.92 17.42 -62.87
CA ASP M 153 4.44 18.80 -62.93
C ASP M 153 3.03 18.91 -63.51
N TYR M 154 2.03 18.57 -62.70
CA TYR M 154 0.64 18.73 -63.10
C TYR M 154 -0.15 19.28 -61.92
N PHE M 155 -1.33 19.82 -62.22
CA PHE M 155 -2.21 20.41 -61.21
C PHE M 155 -3.58 20.59 -61.85
N PRO M 156 -4.66 20.25 -61.14
CA PRO M 156 -4.60 19.65 -59.80
C PRO M 156 -4.68 18.13 -59.85
N GLU M 157 -4.82 17.52 -58.68
CA GLU M 157 -5.03 16.08 -58.62
C GLU M 157 -6.47 15.76 -59.02
N PRO M 158 -6.73 14.54 -59.53
CA PRO M 158 -5.76 13.46 -59.72
C PRO M 158 -5.31 13.28 -61.16
N VAL M 159 -4.54 12.23 -61.40
CA VAL M 159 -4.24 11.75 -62.73
C VAL M 159 -4.43 10.24 -62.74
N THR M 160 -4.96 9.72 -63.82
CA THR M 160 -5.28 8.30 -63.94
C THR M 160 -4.28 7.65 -64.90
N VAL M 161 -3.70 6.54 -64.48
CA VAL M 161 -2.68 5.85 -65.26
C VAL M 161 -3.10 4.40 -65.45
N SER M 162 -3.01 3.92 -66.69
CA SER M 162 -3.22 2.52 -67.02
C SER M 162 -1.98 2.00 -67.76
N TRP M 163 -2.06 0.75 -68.20
CA TRP M 163 -0.94 0.15 -68.92
C TRP M 163 -1.48 -0.72 -70.06
N ASN M 164 -0.97 -0.47 -71.27
CA ASN M 164 -1.38 -1.19 -72.47
C ASN M 164 -2.90 -1.09 -72.68
N SER M 165 -3.44 0.11 -72.43
CA SER M 165 -4.86 0.41 -72.67
C SER M 165 -5.78 -0.48 -71.85
N GLY M 166 -5.38 -0.77 -70.61
CA GLY M 166 -6.21 -1.49 -69.68
C GLY M 166 -6.07 -3.00 -69.70
N ALA M 167 -5.18 -3.55 -70.54
CA ALA M 167 -5.01 -4.99 -70.58
C ALA M 167 -4.04 -5.50 -69.52
N LEU M 168 -3.05 -4.68 -69.15
CA LEU M 168 -2.03 -5.06 -68.18
C LEU M 168 -2.45 -4.53 -66.80
N THR M 169 -2.92 -5.44 -65.95
CA THR M 169 -3.31 -5.09 -64.59
C THR M 169 -2.44 -5.72 -63.51
N SER M 170 -1.89 -6.90 -63.76
CA SER M 170 -1.04 -7.55 -62.77
C SER M 170 0.32 -6.86 -62.70
N GLY M 171 0.85 -6.76 -61.47
CA GLY M 171 2.11 -6.09 -61.25
C GLY M 171 2.07 -4.58 -61.35
N VAL M 172 0.92 -3.99 -61.63
CA VAL M 172 0.79 -2.55 -61.74
C VAL M 172 0.80 -1.93 -60.35
N HIS M 173 1.60 -0.89 -60.16
CA HIS M 173 1.63 -0.16 -58.89
C HIS M 173 1.80 1.32 -59.19
N THR M 174 0.69 2.05 -59.23
CA THR M 174 0.74 3.49 -59.31
C THR M 174 0.91 4.07 -57.91
N PHE M 175 1.90 4.94 -57.74
CA PHE M 175 2.22 5.46 -56.42
C PHE M 175 1.54 6.80 -56.17
N PRO M 176 1.14 7.07 -54.93
CA PRO M 176 0.58 8.38 -54.62
C PRO M 176 1.57 9.50 -54.92
N ALA M 177 1.03 10.64 -55.33
CA ALA M 177 1.84 11.72 -55.87
C ALA M 177 2.59 12.46 -54.77
N VAL M 178 3.69 13.10 -55.18
CA VAL M 178 4.42 14.01 -54.30
C VAL M 178 3.88 15.42 -54.52
N LEU M 179 4.07 16.27 -53.52
CA LEU M 179 3.66 17.67 -53.58
C LEU M 179 4.94 18.50 -53.66
N GLN M 180 5.35 18.86 -54.88
CA GLN M 180 6.56 19.63 -55.06
C GLN M 180 6.42 21.00 -54.39
N SER M 181 7.57 21.61 -54.09
CA SER M 181 7.56 22.94 -53.49
C SER M 181 6.96 23.97 -54.42
N SER M 182 7.01 23.73 -55.74
CA SER M 182 6.42 24.62 -56.72
C SER M 182 4.90 24.56 -56.76
N GLY M 183 4.27 23.75 -55.92
CA GLY M 183 2.83 23.61 -55.93
C GLY M 183 2.30 22.59 -56.92
N LEU M 184 3.15 22.01 -57.76
CA LEU M 184 2.74 21.04 -58.75
C LEU M 184 2.93 19.62 -58.21
N TYR M 185 2.12 18.70 -58.71
CA TYR M 185 2.19 17.30 -58.30
C TYR M 185 3.06 16.51 -59.28
N SER M 186 3.57 15.38 -58.79
CA SER M 186 4.32 14.44 -59.63
C SER M 186 4.22 13.07 -58.99
N LEU M 187 3.72 12.10 -59.74
CA LEU M 187 3.67 10.71 -59.29
C LEU M 187 4.41 9.82 -60.28
N SER M 188 4.46 8.53 -59.97
CA SER M 188 5.06 7.54 -60.84
C SER M 188 4.21 6.28 -60.80
N SER M 189 4.18 5.58 -61.94
CA SER M 189 3.52 4.29 -62.06
C SER M 189 4.55 3.28 -62.55
N VAL M 190 4.59 2.11 -61.93
CA VAL M 190 5.59 1.11 -62.23
C VAL M 190 4.91 -0.26 -62.32
N VAL M 191 5.44 -1.10 -63.22
CA VAL M 191 4.93 -2.44 -63.46
C VAL M 191 6.09 -3.41 -63.47
N THR M 192 5.93 -4.54 -62.78
CA THR M 192 6.93 -5.60 -62.75
C THR M 192 6.56 -6.64 -63.80
N VAL M 193 7.47 -6.89 -64.74
CA VAL M 193 7.21 -7.77 -65.86
C VAL M 193 8.31 -8.82 -65.97
N PRO M 194 8.04 -10.00 -66.55
CA PRO M 194 9.11 -10.96 -66.80
C PRO M 194 10.10 -10.41 -67.82
N SER M 195 11.39 -10.55 -67.50
CA SER M 195 12.44 -10.07 -68.40
C SER M 195 12.81 -11.14 -69.43
N GLN M 201 7.85 -7.78 -76.58
CA GLN M 201 6.66 -7.16 -75.99
C GLN M 201 6.88 -5.67 -75.74
N THR M 202 5.87 -4.86 -76.07
CA THR M 202 5.93 -3.41 -75.90
C THR M 202 4.97 -2.99 -74.79
N TYR M 203 5.46 -2.21 -73.84
CA TYR M 203 4.69 -1.75 -72.69
C TYR M 203 4.37 -0.27 -72.86
N ILE M 204 3.08 0.06 -72.81
CA ILE M 204 2.58 1.41 -72.98
C ILE M 204 1.87 1.82 -71.70
N CYS M 205 2.21 3.01 -71.19
CA CYS M 205 1.46 3.60 -70.09
C CYS M 205 0.59 4.72 -70.64
N ASN M 206 -0.67 4.77 -70.17
CA ASN M 206 -1.65 5.73 -70.65
C ASN M 206 -1.97 6.68 -69.48
N VAL M 207 -1.56 7.93 -69.61
CA VAL M 207 -1.75 8.95 -68.59
C VAL M 207 -2.82 9.91 -69.07
N ASN M 208 -3.91 10.03 -68.31
CA ASN M 208 -4.99 10.95 -68.63
C ASN M 208 -5.16 11.92 -67.48
N HIS M 209 -5.08 13.22 -67.80
CA HIS M 209 -5.24 14.30 -66.83
C HIS M 209 -6.45 15.12 -67.26
N LYS M 210 -7.60 14.86 -66.61
CA LYS M 210 -8.85 15.49 -67.03
C LYS M 210 -8.88 17.01 -66.88
N PRO M 211 -8.44 17.63 -65.79
CA PRO M 211 -8.66 19.09 -65.65
C PRO M 211 -7.87 19.93 -66.63
N SER M 212 -6.92 19.33 -67.37
CA SER M 212 -6.28 19.98 -68.50
C SER M 212 -6.58 19.30 -69.82
N ASN M 213 -7.30 18.17 -69.81
CA ASN M 213 -7.70 17.44 -71.02
C ASN M 213 -6.49 17.04 -71.86
N THR M 214 -5.51 16.39 -71.22
CA THR M 214 -4.32 15.90 -71.88
C THR M 214 -4.24 14.39 -71.69
N LYS M 215 -4.33 13.65 -72.79
CA LYS M 215 -4.18 12.20 -72.80
C LYS M 215 -2.86 11.85 -73.47
N VAL M 216 -2.01 11.11 -72.78
CA VAL M 216 -0.68 10.78 -73.25
C VAL M 216 -0.48 9.27 -73.19
N ASP M 217 0.13 8.71 -74.23
CA ASP M 217 0.52 7.31 -74.27
C ASP M 217 2.01 7.25 -74.59
N LYS M 218 2.79 6.71 -73.66
CA LYS M 218 4.24 6.69 -73.78
C LYS M 218 4.74 5.25 -73.89
N ARG M 219 5.71 5.05 -74.79
CA ARG M 219 6.30 3.72 -74.99
C ARG M 219 7.54 3.59 -74.11
N VAL M 220 7.54 2.57 -73.29
CA VAL M 220 8.67 2.28 -72.40
C VAL M 220 9.44 1.10 -72.97
N GLU M 221 10.68 1.35 -73.36
CA GLU M 221 11.54 0.35 -74.00
C GLU M 221 12.96 0.50 -73.48
N PRO M 222 13.76 -0.57 -73.50
CA PRO M 222 15.13 -0.48 -73.00
C PRO M 222 16.10 0.12 -74.01
N PRO N 2 15.57 24.55 -31.99
CA PRO N 2 15.68 23.54 -30.93
C PRO N 2 14.35 22.77 -30.88
N VAL N 3 14.41 21.45 -30.90
CA VAL N 3 13.19 20.60 -30.90
C VAL N 3 13.38 19.52 -29.85
N LEU N 4 12.36 18.70 -29.62
CA LEU N 4 12.49 17.55 -28.75
C LEU N 4 12.55 16.31 -29.62
N THR N 5 13.70 15.64 -29.63
CA THR N 5 13.93 14.53 -30.54
C THR N 5 13.17 13.29 -30.09
N GLN N 6 12.39 12.71 -31.01
CA GLN N 6 11.62 11.51 -30.81
C GLN N 6 11.91 10.51 -31.92
N PRO N 7 11.77 9.22 -31.66
CA PRO N 7 11.90 8.23 -32.73
C PRO N 7 10.70 8.28 -33.65
N PRO N 8 10.91 8.20 -34.96
CA PRO N 8 9.77 8.30 -35.89
C PRO N 8 8.81 7.12 -35.81
N SER N 9 9.27 5.95 -35.39
CA SER N 9 8.45 4.75 -35.40
C SER N 9 8.67 3.92 -34.15
N VAL N 10 7.57 3.46 -33.56
CA VAL N 10 7.58 2.56 -32.41
C VAL N 10 6.45 1.57 -32.62
N SER N 11 6.73 0.27 -32.46
CA SER N 11 5.74 -0.74 -32.81
C SER N 11 5.76 -1.87 -31.78
N GLY N 12 4.66 -2.62 -31.77
CA GLY N 12 4.50 -3.76 -30.88
C GLY N 12 3.23 -4.52 -31.17
N ALA N 13 3.21 -5.82 -30.88
CA ALA N 13 2.02 -6.62 -31.08
C ALA N 13 1.00 -6.31 -30.00
N PRO N 14 -0.28 -6.60 -30.24
CA PRO N 14 -1.30 -6.37 -29.21
C PRO N 14 -0.94 -7.06 -27.90
N GLY N 15 -0.92 -6.27 -26.83
CA GLY N 15 -0.57 -6.75 -25.51
C GLY N 15 0.85 -6.44 -25.08
N GLN N 16 1.74 -6.14 -26.03
CA GLN N 16 3.11 -5.83 -25.69
C GLN N 16 3.20 -4.45 -25.03
N ARG N 17 4.42 -4.09 -24.62
CA ARG N 17 4.68 -2.82 -23.97
C ARG N 17 5.78 -2.10 -24.72
N VAL N 18 5.59 -0.80 -24.97
CA VAL N 18 6.57 0.01 -25.69
C VAL N 18 6.80 1.30 -24.94
N THR N 19 7.96 1.91 -25.20
CA THR N 19 8.31 3.20 -24.61
C THR N 19 8.71 4.16 -25.71
N ILE N 20 8.30 5.41 -25.56
CA ILE N 20 8.56 6.47 -26.53
C ILE N 20 9.46 7.49 -25.84
N SER N 21 10.72 7.55 -26.26
CA SER N 21 11.65 8.50 -25.67
C SER N 21 11.39 9.91 -26.21
N CYS N 22 11.72 10.90 -25.39
CA CYS N 22 11.58 12.31 -25.74
C CYS N 22 12.84 13.02 -25.24
N THR N 23 13.79 13.22 -26.14
CA THR N 23 15.10 13.76 -25.77
C THR N 23 15.13 15.27 -25.95
N GLY N 24 15.73 15.96 -24.98
CA GLY N 24 15.78 17.40 -24.96
C GLY N 24 17.20 17.89 -24.73
N SER N 25 17.31 18.96 -23.95
CA SER N 25 18.58 19.62 -23.70
C SER N 25 18.60 20.16 -22.29
N SER N 26 19.70 20.84 -21.95
CA SER N 26 19.86 21.43 -20.63
C SER N 26 19.02 22.69 -20.43
N SER N 27 18.40 23.22 -21.48
CA SER N 27 17.59 24.43 -21.39
C SER N 27 16.10 24.17 -21.46
N ASN N 28 15.66 22.93 -21.67
CA ASN N 28 14.25 22.61 -21.63
C ASN N 28 13.98 21.60 -20.51
N ILE N 29 13.98 20.30 -20.84
CA ILE N 29 13.77 19.27 -19.84
C ILE N 29 14.84 19.36 -18.74
N GLY N 30 16.10 19.50 -19.15
CA GLY N 30 17.19 19.60 -18.20
C GLY N 30 17.14 20.83 -17.32
N ALA N 31 16.47 21.89 -17.79
CA ALA N 31 16.36 23.10 -16.98
C ALA N 31 15.37 22.93 -15.84
N GLY N 32 14.44 22.01 -15.97
CA GLY N 32 13.43 21.78 -14.95
C GLY N 32 12.00 21.98 -15.42
N TYR N 33 11.77 22.32 -16.68
CA TYR N 33 10.41 22.51 -17.17
C TYR N 33 9.71 21.16 -17.33
N ASP N 34 8.40 21.17 -17.13
CA ASP N 34 7.62 19.94 -17.17
C ASP N 34 7.42 19.48 -18.61
N VAL N 35 7.18 18.18 -18.76
CA VAL N 35 6.98 17.55 -20.05
C VAL N 35 5.54 17.04 -20.13
N HIS N 36 4.87 17.35 -21.24
CA HIS N 36 3.50 16.92 -21.46
C HIS N 36 3.43 16.11 -22.74
N TRP N 37 2.33 15.37 -22.89
CA TRP N 37 2.16 14.47 -24.02
C TRP N 37 0.77 14.63 -24.62
N TYR N 38 0.70 14.49 -25.94
CA TYR N 38 -0.55 14.58 -26.68
C TYR N 38 -0.65 13.42 -27.65
N GLN N 39 -1.88 12.96 -27.88
CA GLN N 39 -2.15 11.85 -28.78
C GLN N 39 -2.97 12.35 -29.96
N GLN N 40 -2.52 12.04 -31.17
CA GLN N 40 -3.19 12.48 -32.40
C GLN N 40 -3.63 11.25 -33.17
N LEU N 41 -4.95 11.04 -33.25
CA LEU N 41 -5.52 9.99 -34.07
C LEU N 41 -5.57 10.45 -35.52
N PRO N 42 -5.58 9.50 -36.47
CA PRO N 42 -5.61 9.89 -37.89
C PRO N 42 -6.80 10.78 -38.21
N GLY N 43 -6.51 11.94 -38.81
CA GLY N 43 -7.54 12.89 -39.19
C GLY N 43 -8.04 13.78 -38.07
N THR N 44 -7.63 13.53 -36.82
CA THR N 44 -8.10 14.29 -35.67
C THR N 44 -7.01 15.25 -35.18
N ALA N 45 -7.41 16.11 -34.26
CA ALA N 45 -6.51 17.05 -33.63
C ALA N 45 -5.81 16.41 -32.43
N PRO N 46 -4.67 16.94 -32.01
CA PRO N 46 -4.02 16.41 -30.81
C PRO N 46 -4.92 16.52 -29.60
N LYS N 47 -4.81 15.52 -28.72
CA LYS N 47 -5.61 15.45 -27.50
C LYS N 47 -4.67 15.22 -26.32
N LEU N 48 -4.94 15.90 -25.22
CA LEU N 48 -4.10 15.79 -24.03
C LEU N 48 -4.08 14.36 -23.52
N LEU N 49 -2.87 13.81 -23.37
CA LEU N 49 -2.69 12.44 -22.92
C LEU N 49 -1.93 12.33 -21.60
N ILE N 50 -0.91 13.15 -21.40
CA ILE N 50 -0.17 13.21 -20.14
C ILE N 50 0.20 14.66 -19.88
N TYR N 51 -0.07 15.15 -18.67
CA TYR N 51 0.33 16.48 -18.26
C TYR N 51 1.17 16.40 -17.00
N GLY N 52 2.04 17.40 -16.82
CA GLY N 52 2.90 17.45 -15.66
C GLY N 52 3.75 16.21 -15.49
N ASN N 53 4.51 15.87 -16.53
CA ASN N 53 5.42 14.73 -16.53
C ASN N 53 4.70 13.39 -16.41
N SER N 54 3.93 13.19 -15.34
CA SER N 54 3.38 11.89 -15.02
C SER N 54 1.87 11.83 -14.83
N ASN N 55 1.16 12.96 -14.80
CA ASN N 55 -0.26 12.95 -14.48
C ASN N 55 -1.08 12.53 -15.70
N ARG N 56 -2.14 11.76 -15.44
CA ARG N 56 -3.06 11.30 -16.47
C ARG N 56 -4.37 12.06 -16.37
N PRO N 57 -4.84 12.69 -17.44
CA PRO N 57 -6.14 13.36 -17.38
C PRO N 57 -7.26 12.33 -17.23
N SER N 58 -8.42 12.83 -16.81
CA SER N 58 -9.59 11.97 -16.66
C SER N 58 -10.06 11.48 -18.02
N GLY N 59 -10.09 10.17 -18.19
CA GLY N 59 -10.48 9.55 -19.45
C GLY N 59 -9.38 8.75 -20.14
N VAL N 60 -8.12 8.92 -19.74
CA VAL N 60 -7.01 8.19 -20.37
C VAL N 60 -6.82 6.87 -19.65
N PRO N 61 -6.80 5.74 -20.37
CA PRO N 61 -6.63 4.44 -19.72
C PRO N 61 -5.34 4.36 -18.91
N ASP N 62 -5.33 3.42 -17.97
CA ASP N 62 -4.20 3.23 -17.06
C ASP N 62 -2.94 2.77 -17.76
N ARG N 63 -3.05 2.29 -19.00
CA ARG N 63 -1.89 1.73 -19.69
C ARG N 63 -0.87 2.79 -20.09
N PHE N 64 -1.28 4.05 -20.17
CA PHE N 64 -0.37 5.15 -20.47
C PHE N 64 0.25 5.68 -19.19
N SER N 65 1.54 6.04 -19.27
CA SER N 65 2.26 6.58 -18.13
C SER N 65 3.52 7.27 -18.62
N GLY N 66 3.87 8.35 -17.96
CA GLY N 66 5.03 9.14 -18.37
C GLY N 66 5.97 9.42 -17.22
N SER N 67 7.27 9.44 -17.52
CA SER N 67 8.30 9.78 -16.57
C SER N 67 9.30 10.72 -17.22
N LYS N 68 10.25 11.20 -16.43
CA LYS N 68 11.32 12.05 -16.92
C LYS N 68 12.52 11.93 -16.01
N SER N 69 13.70 12.18 -16.57
CA SER N 69 14.95 12.07 -15.82
C SER N 69 16.04 12.77 -16.61
N GLY N 70 16.69 13.75 -15.98
CA GLY N 70 17.74 14.49 -16.65
C GLY N 70 17.17 15.29 -17.81
N THR N 71 17.72 15.07 -19.00
CA THR N 71 17.28 15.77 -20.21
C THR N 71 16.35 14.92 -21.06
N SER N 72 15.87 13.79 -20.55
CA SER N 72 15.07 12.84 -21.31
C SER N 72 13.70 12.65 -20.66
N ALA N 73 12.70 12.45 -21.50
CA ALA N 73 11.37 12.08 -21.06
C ALA N 73 10.95 10.80 -21.77
N SER N 74 9.97 10.11 -21.19
CA SER N 74 9.57 8.81 -21.72
C SER N 74 8.08 8.61 -21.49
N LEU N 75 7.40 8.10 -22.51
CA LEU N 75 6.00 7.71 -22.43
C LEU N 75 5.91 6.20 -22.60
N ALA N 76 5.29 5.52 -21.64
CA ALA N 76 5.21 4.07 -21.65
C ALA N 76 3.75 3.65 -21.88
N ILE N 77 3.56 2.70 -22.80
CA ILE N 77 2.24 2.15 -23.09
C ILE N 77 2.34 0.63 -22.93
N THR N 78 1.60 0.08 -21.98
CA THR N 78 1.55 -1.35 -21.74
C THR N 78 0.27 -1.93 -22.33
N GLY N 79 0.35 -3.19 -22.76
CA GLY N 79 -0.80 -3.87 -23.33
C GLY N 79 -1.42 -3.11 -24.48
N LEU N 80 -0.69 -3.02 -25.60
CA LEU N 80 -1.14 -2.22 -26.73
C LEU N 80 -2.43 -2.76 -27.31
N GLN N 81 -3.30 -1.86 -27.76
CA GLN N 81 -4.52 -2.21 -28.46
C GLN N 81 -4.58 -1.41 -29.76
N ALA N 82 -5.46 -1.85 -30.66
CA ALA N 82 -5.50 -1.28 -32.01
C ALA N 82 -5.87 0.20 -31.98
N GLU N 83 -6.67 0.63 -31.01
CA GLU N 83 -7.07 2.03 -30.93
C GLU N 83 -5.93 2.94 -30.52
N ASP N 84 -4.78 2.40 -30.11
CA ASP N 84 -3.60 3.20 -29.82
C ASP N 84 -2.84 3.61 -31.06
N GLU N 85 -3.28 3.18 -32.24
CA GLU N 85 -2.70 3.65 -33.50
C GLU N 85 -2.84 5.16 -33.58
N ALA N 86 -1.75 5.88 -33.32
CA ALA N 86 -1.79 7.33 -33.26
C ALA N 86 -0.38 7.87 -33.37
N ASP N 87 -0.26 9.20 -33.41
CA ASP N 87 1.01 9.88 -33.29
C ASP N 87 1.10 10.51 -31.91
N TYR N 88 2.28 10.45 -31.30
CA TYR N 88 2.47 10.91 -29.94
C TYR N 88 3.54 11.99 -29.92
N TYR N 89 3.18 13.17 -29.42
CA TYR N 89 4.08 14.30 -29.32
C TYR N 89 4.31 14.64 -27.86
N CYS N 90 5.59 14.79 -27.49
CA CYS N 90 5.92 15.38 -26.21
C CYS N 90 6.10 16.89 -26.38
N GLN N 91 6.04 17.60 -25.26
CA GLN N 91 6.03 19.06 -25.30
C GLN N 91 6.59 19.60 -23.98
N SER N 92 7.33 20.70 -24.08
CA SER N 92 7.89 21.36 -22.91
C SER N 92 8.11 22.82 -23.25
N TYR N 93 8.95 23.50 -22.46
CA TYR N 93 9.33 24.88 -22.70
C TYR N 93 10.84 24.97 -22.76
N ASP N 94 11.35 25.85 -23.63
CA ASP N 94 12.78 26.06 -23.79
C ASP N 94 13.10 27.52 -23.51
N SER N 95 14.07 27.75 -22.61
CA SER N 95 14.46 29.09 -22.21
C SER N 95 15.50 29.70 -23.13
N SER N 96 15.97 28.97 -24.14
CA SER N 96 16.92 29.52 -25.09
C SER N 96 16.24 30.57 -25.96
N LEU N 97 17.04 31.47 -26.51
CA LEU N 97 16.57 32.49 -27.47
C LEU N 97 15.58 33.40 -26.72
N SER N 98 14.46 33.77 -27.31
CA SER N 98 13.44 34.58 -26.67
C SER N 98 12.46 33.75 -25.84
N GLY N 99 12.74 32.46 -25.65
CA GLY N 99 11.83 31.59 -24.94
C GLY N 99 10.64 31.18 -25.78
N PHE N 100 10.26 29.92 -25.71
CA PHE N 100 9.22 29.40 -26.60
C PHE N 100 8.80 28.01 -26.12
N TYR N 101 7.54 27.69 -26.38
CA TYR N 101 7.09 26.31 -26.26
C TYR N 101 7.79 25.47 -27.32
N VAL N 102 8.26 24.29 -26.91
CA VAL N 102 8.97 23.38 -27.79
C VAL N 102 8.18 22.08 -27.88
N PHE N 103 8.01 21.56 -29.08
CA PHE N 103 7.29 20.32 -29.33
C PHE N 103 8.25 19.21 -29.72
N GLY N 104 7.83 17.98 -29.47
CA GLY N 104 8.59 16.84 -29.92
C GLY N 104 8.43 16.59 -31.41
N THR N 105 9.42 15.90 -31.99
CA THR N 105 9.37 15.62 -33.41
C THR N 105 8.21 14.70 -33.78
N GLY N 106 7.69 13.93 -32.84
CA GLY N 106 6.57 13.05 -33.09
C GLY N 106 7.01 11.61 -33.26
N THR N 107 6.11 10.70 -32.88
CA THR N 107 6.36 9.26 -32.98
C THR N 107 5.09 8.57 -33.42
N LYS N 108 5.19 7.74 -34.45
CA LYS N 108 4.05 6.99 -34.96
C LYS N 108 4.06 5.60 -34.32
N LEU N 109 3.06 5.33 -33.48
CA LEU N 109 2.90 4.01 -32.87
C LEU N 109 2.01 3.15 -33.75
N THR N 110 2.48 1.94 -34.05
CA THR N 110 1.75 0.99 -34.87
C THR N 110 1.56 -0.30 -34.09
N VAL N 111 0.33 -0.78 -34.01
CA VAL N 111 0.01 -2.05 -33.40
C VAL N 111 -0.17 -3.07 -34.52
N LEU N 112 0.61 -4.14 -34.48
CA LEU N 112 0.69 -5.06 -35.60
C LEU N 112 -0.65 -5.76 -35.84
N GLY N 113 -0.91 -6.03 -37.11
CA GLY N 113 -1.98 -6.93 -37.53
C GLY N 113 -1.41 -7.80 -38.64
N GLN N 114 -0.09 -7.75 -38.75
CA GLN N 114 0.68 -8.33 -39.85
C GLN N 114 2.15 -8.36 -39.46
N PRO N 115 2.91 -9.37 -39.86
CA PRO N 115 4.35 -9.38 -39.55
C PRO N 115 5.07 -8.20 -40.18
N LYS N 116 6.19 -7.82 -39.57
CA LYS N 116 7.02 -6.75 -40.10
C LYS N 116 7.56 -7.12 -41.47
N ALA N 117 7.69 -6.13 -42.34
CA ALA N 117 8.17 -6.35 -43.71
C ALA N 117 9.15 -5.26 -44.09
N ALA N 118 10.30 -5.66 -44.64
CA ALA N 118 11.28 -4.70 -45.11
C ALA N 118 10.81 -4.11 -46.45
N PRO N 119 11.22 -2.88 -46.76
CA PRO N 119 10.72 -2.23 -47.98
C PRO N 119 11.38 -2.78 -49.24
N SER N 120 10.63 -2.69 -50.33
CA SER N 120 11.13 -2.98 -51.67
C SER N 120 11.44 -1.67 -52.37
N VAL N 121 12.71 -1.47 -52.72
CA VAL N 121 13.20 -0.22 -53.28
C VAL N 121 13.58 -0.43 -54.74
N THR N 122 13.13 0.47 -55.60
CA THR N 122 13.54 0.52 -57.00
C THR N 122 13.96 1.94 -57.33
N LEU N 123 15.16 2.11 -57.85
CA LEU N 123 15.71 3.41 -58.20
C LEU N 123 15.85 3.53 -59.71
N PHE N 124 15.25 4.58 -60.28
CA PHE N 124 15.32 4.80 -61.71
C PHE N 124 16.22 5.99 -62.04
N PRO N 125 17.05 5.87 -63.06
CA PRO N 125 17.85 7.01 -63.51
C PRO N 125 16.97 7.99 -64.28
N PRO N 126 17.45 9.21 -64.52
CA PRO N 126 16.67 10.14 -65.34
C PRO N 126 16.54 9.62 -66.76
N SER N 127 15.34 9.71 -67.30
CA SER N 127 15.11 9.30 -68.69
C SER N 127 15.83 10.24 -69.64
N SER N 128 16.36 9.68 -70.73
CA SER N 128 17.06 10.50 -71.72
C SER N 128 16.14 11.55 -72.32
N GLU N 129 14.85 11.23 -72.47
CA GLU N 129 13.89 12.23 -72.93
C GLU N 129 13.81 13.40 -71.98
N GLU N 130 13.92 13.14 -70.67
CA GLU N 130 13.91 14.22 -69.69
C GLU N 130 15.22 15.00 -69.73
N LEU N 131 16.35 14.29 -69.90
CA LEU N 131 17.64 14.96 -70.00
C LEU N 131 17.71 15.84 -71.25
N GLN N 132 17.03 15.45 -72.32
CA GLN N 132 16.97 16.29 -73.51
C GLN N 132 16.24 17.60 -73.24
N ALA N 133 15.37 17.64 -72.23
CA ALA N 133 14.66 18.85 -71.84
C ALA N 133 15.39 19.63 -70.75
N ASN N 134 16.70 19.40 -70.58
CA ASN N 134 17.52 20.13 -69.62
C ASN N 134 17.02 19.93 -68.18
N LYS N 135 16.46 18.76 -67.89
CA LYS N 135 15.98 18.45 -66.55
C LYS N 135 16.32 17.00 -66.21
N ALA N 136 16.58 16.76 -64.93
CA ALA N 136 16.90 15.43 -64.44
C ALA N 136 16.13 15.17 -63.16
N THR N 137 15.58 13.96 -63.05
CA THR N 137 14.79 13.57 -61.89
C THR N 137 15.15 12.14 -61.51
N LEU N 138 15.61 11.96 -60.28
CA LEU N 138 15.83 10.63 -59.72
C LEU N 138 14.57 10.18 -58.99
N VAL N 139 14.11 8.97 -59.27
CA VAL N 139 12.83 8.48 -58.77
C VAL N 139 13.08 7.22 -57.94
N CYS N 140 12.73 7.29 -56.66
CA CYS N 140 12.90 6.19 -55.71
C CYS N 140 11.53 5.75 -55.23
N LEU N 141 11.09 4.56 -55.64
CA LEU N 141 9.80 4.03 -55.24
C LEU N 141 9.99 3.00 -54.14
N ILE N 142 9.24 3.16 -53.05
CA ILE N 142 9.33 2.31 -51.88
C ILE N 142 7.97 1.66 -51.66
N SER N 143 7.94 0.33 -51.54
CA SER N 143 6.69 -0.39 -51.47
C SER N 143 6.80 -1.57 -50.50
N ASP N 144 5.64 -2.01 -50.02
CA ASP N 144 5.49 -3.27 -49.29
C ASP N 144 6.30 -3.29 -47.99
N PHE N 145 6.22 -2.20 -47.23
CA PHE N 145 6.89 -2.13 -45.93
C PHE N 145 5.87 -1.86 -44.83
N TYR N 146 6.10 -2.48 -43.66
CA TYR N 146 5.23 -2.40 -42.51
C TYR N 146 6.09 -2.60 -41.27
N PRO N 147 6.04 -1.70 -40.28
CA PRO N 147 5.15 -0.52 -40.16
C PRO N 147 5.44 0.59 -41.17
N GLY N 148 4.48 1.49 -41.34
CA GLY N 148 4.59 2.54 -42.32
C GLY N 148 5.33 3.77 -41.85
N ALA N 149 6.66 3.70 -41.87
CA ALA N 149 7.50 4.82 -41.47
C ALA N 149 8.90 4.57 -42.01
N VAL N 150 9.36 5.43 -42.92
CA VAL N 150 10.66 5.28 -43.55
C VAL N 150 11.36 6.63 -43.58
N THR N 151 12.70 6.58 -43.56
CA THR N 151 13.53 7.76 -43.71
C THR N 151 14.37 7.59 -44.96
N VAL N 152 14.29 8.56 -45.87
CA VAL N 152 14.98 8.51 -47.15
C VAL N 152 16.18 9.46 -47.09
N ALA N 153 17.36 8.95 -47.41
CA ALA N 153 18.58 9.74 -47.50
C ALA N 153 19.18 9.56 -48.89
N TRP N 154 19.50 10.67 -49.54
CA TRP N 154 20.10 10.65 -50.86
C TRP N 154 21.59 10.95 -50.77
N LYS N 155 22.38 10.30 -51.61
CA LYS N 155 23.83 10.44 -51.59
C LYS N 155 24.36 10.63 -53.00
N ALA N 156 25.23 11.62 -53.18
CA ALA N 156 25.99 11.80 -54.42
C ALA N 156 27.38 11.22 -54.17
N ASP N 157 27.71 10.15 -54.89
CA ASP N 157 28.88 9.33 -54.62
C ASP N 157 28.85 8.83 -53.18
N SER N 158 29.58 9.48 -52.28
CA SER N 158 29.57 9.13 -50.88
C SER N 158 29.13 10.27 -49.97
N SER N 159 28.88 11.47 -50.53
CA SER N 159 28.48 12.64 -49.78
C SER N 159 26.95 12.76 -49.74
N PRO N 160 26.39 13.28 -48.66
CA PRO N 160 24.94 13.40 -48.55
C PRO N 160 24.39 14.54 -49.39
N VAL N 161 23.14 14.37 -49.82
CA VAL N 161 22.41 15.37 -50.59
C VAL N 161 21.09 15.66 -49.87
N LYS N 162 20.93 16.91 -49.43
CA LYS N 162 19.67 17.35 -48.85
C LYS N 162 19.00 18.45 -49.65
N ALA N 163 19.66 18.98 -50.68
CA ALA N 163 19.06 20.00 -51.54
C ALA N 163 18.39 19.32 -52.74
N GLY N 164 17.12 19.68 -52.97
CA GLY N 164 16.38 19.12 -54.08
C GLY N 164 15.74 17.78 -53.82
N VAL N 165 15.61 17.38 -52.56
CA VAL N 165 15.00 16.11 -52.19
C VAL N 165 13.55 16.36 -51.83
N GLU N 166 12.64 15.52 -52.34
CA GLU N 166 11.22 15.64 -52.06
C GLU N 166 10.66 14.24 -51.86
N THR N 167 10.23 13.94 -50.64
CA THR N 167 9.73 12.62 -50.26
C THR N 167 8.25 12.74 -49.87
N THR N 168 7.46 11.74 -50.25
CA THR N 168 6.05 11.73 -49.89
C THR N 168 5.86 11.16 -48.50
N THR N 169 4.66 11.37 -47.96
CA THR N 169 4.27 10.69 -46.75
C THR N 169 3.91 9.24 -47.07
N PRO N 170 4.15 8.31 -46.14
CA PRO N 170 3.74 6.93 -46.38
C PRO N 170 2.24 6.80 -46.53
N SER N 171 1.82 5.85 -47.37
CA SER N 171 0.43 5.65 -47.69
C SER N 171 0.10 4.17 -47.65
N LYS N 172 -1.14 3.85 -47.26
CA LYS N 172 -1.56 2.47 -47.16
C LYS N 172 -1.76 1.85 -48.54
N GLN N 173 -1.15 0.70 -48.76
CA GLN N 173 -1.38 -0.07 -49.98
C GLN N 173 -2.69 -0.85 -49.83
N SER N 174 -2.95 -1.76 -50.77
CA SER N 174 -4.12 -2.63 -50.64
C SER N 174 -3.88 -3.70 -49.57
N ASN N 175 -2.69 -4.33 -49.60
CA ASN N 175 -2.39 -5.43 -48.68
C ASN N 175 -2.00 -4.93 -47.29
N ASN N 176 -2.48 -3.74 -46.92
CA ASN N 176 -2.26 -3.12 -45.62
C ASN N 176 -0.80 -2.82 -45.34
N LYS N 177 0.09 -3.02 -46.31
CA LYS N 177 1.44 -2.51 -46.22
C LYS N 177 1.49 -1.07 -46.71
N TYR N 178 2.64 -0.43 -46.56
CA TYR N 178 2.76 0.98 -46.88
C TYR N 178 3.68 1.17 -48.08
N ALA N 179 3.47 2.30 -48.77
CA ALA N 179 4.25 2.65 -49.95
C ALA N 179 4.50 4.15 -49.93
N ALA N 180 5.68 4.54 -50.43
CA ALA N 180 6.06 5.94 -50.51
C ALA N 180 6.95 6.13 -51.73
N SER N 181 7.42 7.37 -51.90
CA SER N 181 8.32 7.68 -52.99
C SER N 181 9.08 8.96 -52.66
N SER N 182 10.32 9.04 -53.16
CA SER N 182 11.17 10.19 -52.96
C SER N 182 11.79 10.58 -54.31
N TYR N 183 11.80 11.88 -54.58
CA TYR N 183 12.27 12.41 -55.86
C TYR N 183 13.43 13.36 -55.63
N LEU N 184 14.55 13.11 -56.30
CA LEU N 184 15.71 13.98 -56.27
C LEU N 184 15.80 14.72 -57.60
N SER N 185 15.80 16.04 -57.55
CA SER N 185 15.88 16.88 -58.74
C SER N 185 17.31 17.40 -58.90
N LEU N 186 17.89 17.18 -60.08
CA LEU N 186 19.23 17.63 -60.39
C LEU N 186 19.24 18.33 -61.73
N THR N 187 20.28 19.11 -61.96
CA THR N 187 20.54 19.58 -63.31
C THR N 187 21.28 18.48 -64.09
N PRO N 188 21.07 18.38 -65.39
CA PRO N 188 21.74 17.33 -66.17
C PRO N 188 23.25 17.31 -66.00
N GLU N 189 23.88 18.45 -65.73
CA GLU N 189 25.32 18.45 -65.54
C GLU N 189 25.71 17.78 -64.22
N GLN N 190 24.94 18.03 -63.15
CA GLN N 190 25.21 17.38 -61.87
C GLN N 190 25.06 15.87 -61.98
N TRP N 191 24.07 15.41 -62.75
CA TRP N 191 23.81 13.98 -62.85
C TRP N 191 24.98 13.25 -63.50
N LYS N 192 25.65 13.88 -64.46
CA LYS N 192 26.76 13.27 -65.16
C LYS N 192 28.11 13.52 -64.50
N SER N 193 28.22 14.58 -63.69
CA SER N 193 29.49 14.90 -63.05
C SER N 193 29.86 13.92 -61.95
N HIS N 194 28.89 13.24 -61.37
CA HIS N 194 29.14 12.26 -60.32
C HIS N 194 29.18 10.85 -60.91
N ARG N 195 29.85 9.95 -60.19
CA ARG N 195 29.97 8.58 -60.65
C ARG N 195 28.71 7.77 -60.39
N SER N 196 27.96 8.12 -59.34
CA SER N 196 26.74 7.40 -58.99
C SER N 196 25.97 8.20 -57.94
N TYR N 197 24.66 8.04 -57.96
CA TYR N 197 23.79 8.52 -56.91
C TYR N 197 23.16 7.32 -56.20
N SER N 198 22.70 7.56 -54.98
CA SER N 198 22.21 6.47 -54.14
C SER N 198 20.97 6.91 -53.37
N CYS N 199 19.99 6.02 -53.31
CA CYS N 199 18.77 6.22 -52.53
C CYS N 199 18.78 5.24 -51.37
N GLN N 200 18.98 5.75 -50.16
CA GLN N 200 19.06 4.91 -48.96
C GLN N 200 17.74 5.00 -48.20
N VAL N 201 17.02 3.90 -48.13
CA VAL N 201 15.73 3.83 -47.44
C VAL N 201 15.94 3.10 -46.13
N THR N 202 15.87 3.85 -45.03
CA THR N 202 16.02 3.28 -43.69
C THR N 202 14.63 2.99 -43.11
N HIS N 203 14.35 1.72 -42.87
CA HIS N 203 13.07 1.28 -42.33
C HIS N 203 13.32 0.49 -41.06
N GLU N 204 12.57 0.82 -40.01
CA GLU N 204 12.76 0.23 -38.68
C GLU N 204 14.21 0.38 -38.25
N GLY N 205 15.00 -0.69 -38.36
CA GLY N 205 16.40 -0.62 -38.00
C GLY N 205 17.33 -0.70 -39.19
N SER N 206 16.92 -1.42 -40.22
CA SER N 206 17.79 -1.71 -41.36
C SER N 206 17.60 -0.70 -42.48
N THR N 207 18.60 -0.62 -43.36
CA THR N 207 18.60 0.27 -44.51
C THR N 207 18.72 -0.55 -45.78
N VAL N 208 17.85 -0.27 -46.75
CA VAL N 208 17.92 -0.85 -48.09
C VAL N 208 18.41 0.22 -49.03
N GLU N 209 19.47 -0.08 -49.79
CA GLU N 209 20.14 0.91 -50.63
C GLU N 209 20.21 0.42 -52.06
N LYS N 210 19.81 1.28 -52.99
CA LYS N 210 19.96 1.04 -54.42
C LYS N 210 20.74 2.18 -55.04
N THR N 211 21.49 1.87 -56.10
CA THR N 211 22.40 2.82 -56.72
C THR N 211 22.19 2.84 -58.22
N VAL N 212 22.32 4.03 -58.81
CA VAL N 212 22.25 4.22 -60.25
C VAL N 212 23.45 5.03 -60.70
N ALA N 213 23.98 4.71 -61.87
CA ALA N 213 25.17 5.37 -62.41
C ALA N 213 24.92 5.80 -63.84
N PRO N 214 25.49 6.94 -64.26
CA PRO N 214 25.39 7.41 -65.65
C PRO N 214 26.27 6.60 -66.60
N ASP O 1 -6.39 54.83 -14.85
CA ASP O 1 -6.19 53.93 -13.72
C ASP O 1 -7.51 53.31 -13.27
N ILE O 2 -7.53 51.98 -13.19
CA ILE O 2 -8.71 51.28 -12.70
C ILE O 2 -8.70 51.30 -11.17
N LEU O 3 -9.80 51.74 -10.58
CA LEU O 3 -9.92 51.89 -9.14
C LEU O 3 -10.87 50.84 -8.59
N LEU O 4 -10.45 50.13 -7.56
CA LEU O 4 -11.27 49.11 -6.91
C LEU O 4 -11.63 49.60 -5.51
N THR O 5 -12.93 49.81 -5.29
CA THR O 5 -13.46 50.15 -3.97
C THR O 5 -13.96 48.89 -3.29
N GLN O 6 -13.67 48.76 -2.00
CA GLN O 6 -14.02 47.57 -1.22
C GLN O 6 -15.01 47.94 -0.12
N SER O 7 -16.12 47.21 -0.06
CA SER O 7 -17.14 47.42 0.96
C SER O 7 -17.39 46.12 1.72
N PRO O 8 -17.43 46.15 3.05
CA PRO O 8 -17.19 47.35 3.85
C PRO O 8 -15.72 47.44 4.27
N ALA O 9 -15.32 48.57 4.86
CA ALA O 9 -13.96 48.68 5.36
C ALA O 9 -13.72 47.74 6.53
N ILE O 10 -14.74 47.49 7.35
CA ILE O 10 -14.66 46.62 8.51
C ILE O 10 -15.86 45.70 8.52
N LEU O 11 -15.64 44.41 8.75
CA LEU O 11 -16.70 43.42 8.84
C LEU O 11 -16.52 42.63 10.13
N SER O 12 -17.58 42.58 10.94
CA SER O 12 -17.55 41.90 12.22
C SER O 12 -18.12 40.50 12.07
N VAL O 13 -17.33 39.49 12.44
CA VAL O 13 -17.71 38.09 12.23
C VAL O 13 -17.63 37.35 13.56
N SER O 14 -18.33 36.22 13.60
CA SER O 14 -18.27 35.26 14.70
C SER O 14 -17.97 33.89 14.14
N PRO O 15 -17.27 33.05 14.88
CA PRO O 15 -16.90 31.72 14.37
C PRO O 15 -18.09 30.94 13.84
N GLY O 16 -17.93 30.37 12.64
CA GLY O 16 -18.98 29.60 12.00
C GLY O 16 -19.87 30.41 11.07
N GLU O 17 -19.79 31.74 11.11
CA GLU O 17 -20.63 32.58 10.27
C GLU O 17 -20.23 32.46 8.80
N ARG O 18 -21.11 32.95 7.94
CA ARG O 18 -20.85 33.07 6.50
C ARG O 18 -20.90 34.54 6.14
N VAL O 19 -19.81 35.05 5.53
CA VAL O 19 -19.67 36.46 5.24
C VAL O 19 -19.29 36.63 3.77
N SER O 20 -19.34 37.88 3.31
CA SER O 20 -19.04 38.21 1.92
C SER O 20 -18.37 39.56 1.85
N PHE O 21 -17.48 39.70 0.87
CA PHE O 21 -16.76 40.93 0.58
C PHE O 21 -17.20 41.47 -0.77
N SER O 22 -17.09 42.78 -0.94
CA SER O 22 -17.45 43.43 -2.19
C SER O 22 -16.23 44.16 -2.74
N CYS O 23 -15.85 43.80 -3.98
CA CYS O 23 -14.80 44.49 -4.71
C CYS O 23 -15.43 45.00 -6.01
N ARG O 24 -15.54 46.31 -6.15
CA ARG O 24 -16.20 46.94 -7.29
C ARG O 24 -15.16 47.68 -8.13
N ALA O 25 -15.14 47.39 -9.43
CA ALA O 25 -14.18 47.98 -10.35
C ALA O 25 -14.79 49.17 -11.06
N SER O 26 -13.96 50.19 -11.31
CA SER O 26 -14.43 51.39 -11.99
C SER O 26 -14.82 51.13 -13.44
N GLN O 27 -14.40 50.01 -14.02
CA GLN O 27 -14.78 49.65 -15.38
C GLN O 27 -14.77 48.13 -15.50
N ASN O 28 -15.19 47.65 -16.66
CA ASN O 28 -15.25 46.21 -16.91
C ASN O 28 -13.84 45.63 -16.94
N ILE O 29 -13.59 44.62 -16.10
CA ILE O 29 -12.26 44.00 -16.04
C ILE O 29 -12.38 42.49 -16.20
N ASP O 30 -13.49 42.03 -16.78
CA ASP O 30 -13.70 40.61 -17.14
C ASP O 30 -13.61 39.80 -15.85
N THR O 31 -12.85 38.70 -15.83
CA THR O 31 -12.65 37.91 -14.62
C THR O 31 -11.26 38.12 -14.03
N HIS O 32 -10.58 39.19 -14.44
CA HIS O 32 -9.20 39.46 -14.01
C HIS O 32 -9.20 40.10 -12.61
N ILE O 33 -9.55 39.27 -11.63
CA ILE O 33 -9.54 39.66 -10.23
C ILE O 33 -8.88 38.57 -9.42
N HIS O 34 -7.95 38.95 -8.56
CA HIS O 34 -7.27 38.02 -7.66
C HIS O 34 -7.47 38.50 -6.23
N TRP O 35 -7.75 37.56 -5.33
CA TRP O 35 -7.98 37.87 -3.92
C TRP O 35 -6.76 37.49 -3.10
N TYR O 36 -6.47 38.29 -2.08
CA TYR O 36 -5.32 38.04 -1.22
C TYR O 36 -5.72 38.25 0.24
N GLN O 37 -5.04 37.53 1.12
CA GLN O 37 -5.25 37.63 2.56
C GLN O 37 -3.96 38.10 3.22
N GLN O 38 -4.07 39.03 4.16
CA GLN O 38 -2.93 39.53 4.92
C GLN O 38 -3.27 39.50 6.41
N ARG O 39 -2.73 38.52 7.11
CA ARG O 39 -2.82 38.50 8.57
C ARG O 39 -1.89 39.55 9.16
N THR O 40 -2.08 39.84 10.45
CA THR O 40 -1.26 40.83 11.12
C THR O 40 0.21 40.42 11.09
N ASN O 41 1.07 41.36 10.71
CA ASN O 41 2.51 41.16 10.61
C ASN O 41 2.89 40.10 9.58
N GLY O 42 2.00 39.81 8.63
CA GLY O 42 2.23 38.78 7.64
C GLY O 42 2.22 39.35 6.22
N SER O 43 2.66 38.51 5.28
CA SER O 43 2.67 38.87 3.88
C SER O 43 1.36 38.45 3.21
N PRO O 44 0.95 39.15 2.16
CA PRO O 44 -0.26 38.73 1.44
C PRO O 44 -0.15 37.30 0.95
N ARG O 45 -1.29 36.61 0.96
CA ARG O 45 -1.37 35.21 0.55
C ARG O 45 -2.49 35.06 -0.48
N LEU O 46 -2.21 34.33 -1.56
CA LEU O 46 -3.16 34.17 -2.65
C LEU O 46 -4.24 33.17 -2.24
N LEU O 47 -5.50 33.61 -2.28
CA LEU O 47 -6.64 32.76 -1.94
C LEU O 47 -7.37 32.24 -3.17
N ILE O 48 -7.70 33.11 -4.10
CA ILE O 48 -8.46 32.77 -5.31
C ILE O 48 -7.97 33.61 -6.47
N LYS O 49 -7.84 32.98 -7.64
CA LYS O 49 -7.38 33.65 -8.84
C LYS O 49 -8.49 33.69 -9.89
N TYR O 50 -8.42 34.70 -10.75
CA TYR O 50 -9.33 34.84 -11.88
C TYR O 50 -10.79 34.76 -11.43
N ALA O 51 -11.13 35.60 -10.46
CA ALA O 51 -12.49 35.80 -9.95
C ALA O 51 -13.01 34.63 -9.14
N SER O 52 -12.75 33.39 -9.57
CA SER O 52 -13.38 32.26 -8.90
C SER O 52 -12.61 30.95 -8.96
N GLU O 53 -11.38 30.93 -9.47
CA GLU O 53 -10.64 29.68 -9.57
C GLU O 53 -9.97 29.33 -8.25
N SER O 54 -10.12 28.09 -7.81
CA SER O 54 -9.54 27.63 -6.57
C SER O 54 -8.01 27.63 -6.65
N ILE O 55 -7.38 27.66 -5.48
CA ILE O 55 -5.93 27.67 -5.36
C ILE O 55 -5.51 26.50 -4.48
N SER O 56 -4.44 25.82 -4.87
CA SER O 56 -3.93 24.70 -4.10
C SER O 56 -3.45 25.17 -2.73
N GLY O 57 -3.74 24.36 -1.70
CA GLY O 57 -3.40 24.69 -0.34
C GLY O 57 -4.38 25.60 0.36
N ILE O 58 -5.34 26.18 -0.36
CA ILE O 58 -6.32 27.07 0.22
C ILE O 58 -7.54 26.25 0.63
N PRO O 59 -8.09 26.46 1.83
CA PRO O 59 -9.28 25.69 2.24
C PRO O 59 -10.46 25.97 1.34
N SER O 60 -11.35 24.98 1.23
CA SER O 60 -12.52 25.08 0.36
C SER O 60 -13.54 26.09 0.85
N ARG O 61 -13.34 26.67 2.03
CA ARG O 61 -14.29 27.63 2.58
C ARG O 61 -14.23 28.99 1.88
N PHE O 62 -13.27 29.21 0.99
CA PHE O 62 -13.15 30.45 0.23
C PHE O 62 -13.67 30.22 -1.19
N SER O 63 -14.50 31.14 -1.67
CA SER O 63 -15.08 31.02 -3.00
C SER O 63 -15.35 32.42 -3.55
N GLY O 64 -15.08 32.61 -4.85
CA GLY O 64 -15.37 33.84 -5.54
C GLY O 64 -16.48 33.65 -6.57
N SER O 65 -17.05 34.77 -7.03
CA SER O 65 -18.21 34.67 -7.91
C SER O 65 -18.33 35.81 -8.91
N GLY O 66 -17.63 36.92 -8.67
CA GLY O 66 -17.84 38.12 -9.45
C GLY O 66 -17.45 37.98 -10.92
N SER O 67 -17.96 38.94 -11.70
CA SER O 67 -17.63 39.05 -13.12
C SER O 67 -18.07 40.40 -13.68
N GLY O 68 -17.16 41.11 -14.34
CA GLY O 68 -17.47 42.39 -14.92
C GLY O 68 -16.96 43.56 -14.10
N THR O 69 -17.81 44.11 -13.24
CA THR O 69 -17.43 45.22 -12.37
C THR O 69 -17.73 44.97 -10.90
N ASP O 70 -18.38 43.86 -10.56
CA ASP O 70 -18.80 43.56 -9.19
C ASP O 70 -18.31 42.17 -8.82
N PHE O 71 -17.35 42.11 -7.88
CA PHE O 71 -16.74 40.85 -7.47
C PHE O 71 -16.98 40.61 -5.98
N THR O 72 -17.03 39.32 -5.62
CA THR O 72 -17.39 38.92 -4.26
C THR O 72 -16.54 37.75 -3.82
N LEU O 73 -15.96 37.87 -2.62
CA LEU O 73 -15.31 36.77 -1.94
C LEU O 73 -16.17 36.37 -0.74
N THR O 74 -16.31 35.07 -0.52
CA THR O 74 -17.15 34.58 0.57
C THR O 74 -16.42 33.53 1.38
N ILE O 75 -16.60 33.58 2.70
CA ILE O 75 -16.16 32.54 3.62
C ILE O 75 -17.41 32.01 4.29
N ASN O 76 -17.78 30.76 3.97
CA ASN O 76 -19.04 30.21 4.45
C ASN O 76 -18.99 29.78 5.92
N SER O 77 -17.80 29.47 6.44
CA SER O 77 -17.64 29.09 7.85
C SER O 77 -16.31 29.68 8.31
N VAL O 78 -16.36 30.93 8.80
CA VAL O 78 -15.14 31.61 9.21
C VAL O 78 -14.53 30.88 10.41
N GLU O 79 -13.21 30.82 10.43
CA GLU O 79 -12.47 30.24 11.54
C GLU O 79 -11.57 31.31 12.15
N SER O 80 -10.88 30.95 13.23
CA SER O 80 -10.08 31.93 13.95
C SER O 80 -8.97 32.49 13.06
N GLU O 81 -8.33 31.63 12.25
CA GLU O 81 -7.26 32.08 11.39
C GLU O 81 -7.72 32.99 10.26
N ASP O 82 -9.03 33.16 10.07
CA ASP O 82 -9.56 34.02 9.03
C ASP O 82 -9.55 35.50 9.40
N ILE O 83 -9.31 35.84 10.66
CA ILE O 83 -9.24 37.23 11.07
C ILE O 83 -8.00 37.85 10.44
N ALA O 84 -8.21 38.65 9.40
CA ALA O 84 -7.13 39.25 8.62
C ALA O 84 -7.74 40.25 7.66
N ASP O 85 -6.89 40.92 6.89
CA ASP O 85 -7.32 41.81 5.83
C ASP O 85 -7.41 41.03 4.52
N TYR O 86 -8.30 41.48 3.65
CA TYR O 86 -8.54 40.82 2.37
C TYR O 86 -8.54 41.88 1.26
N TYR O 87 -7.54 41.79 0.37
CA TYR O 87 -7.39 42.72 -0.75
C TYR O 87 -7.78 42.03 -2.05
N CYS O 88 -8.40 42.78 -2.94
CA CYS O 88 -8.64 42.33 -4.30
C CYS O 88 -7.70 43.07 -5.25
N GLN O 89 -7.33 42.39 -6.33
CA GLN O 89 -6.35 42.91 -7.28
C GLN O 89 -6.82 42.65 -8.69
N GLN O 90 -6.75 43.67 -9.54
CA GLN O 90 -7.13 43.55 -10.94
C GLN O 90 -5.89 43.36 -11.80
N SER O 91 -6.01 42.50 -12.81
CA SER O 91 -4.92 42.23 -13.74
C SER O 91 -5.34 42.52 -15.18
N ASN O 92 -6.33 43.41 -15.33
CA ASN O 92 -6.88 43.69 -16.65
C ASN O 92 -6.02 44.68 -17.43
N SER O 93 -5.55 45.74 -16.78
CA SER O 93 -4.79 46.77 -17.45
C SER O 93 -3.69 47.29 -16.54
N TRP O 94 -2.62 47.79 -17.16
CA TRP O 94 -1.57 48.44 -16.39
C TRP O 94 -2.01 49.86 -16.02
N PRO O 95 -1.71 50.33 -14.81
CA PRO O 95 -1.00 49.55 -13.78
C PRO O 95 -1.94 48.66 -12.99
N PHE O 96 -1.43 47.54 -12.48
CA PHE O 96 -2.20 46.71 -11.56
C PHE O 96 -2.52 47.51 -10.31
N THR O 97 -3.75 47.37 -9.81
CA THR O 97 -4.20 48.13 -8.67
C THR O 97 -4.86 47.21 -7.64
N PHE O 98 -4.73 47.58 -6.38
CA PHE O 98 -5.31 46.84 -5.27
C PHE O 98 -6.48 47.63 -4.68
N GLY O 99 -7.43 46.91 -4.11
CA GLY O 99 -8.53 47.54 -3.41
C GLY O 99 -8.10 48.15 -2.10
N SER O 100 -9.02 48.93 -1.51
CA SER O 100 -8.74 49.56 -0.22
C SER O 100 -8.58 48.52 0.89
N GLY O 101 -9.23 47.37 0.74
CA GLY O 101 -9.09 46.30 1.71
C GLY O 101 -10.23 46.24 2.71
N THR O 102 -10.63 45.02 3.07
CA THR O 102 -11.67 44.78 4.07
C THR O 102 -11.05 44.06 5.26
N LYS O 103 -11.20 44.64 6.45
CA LYS O 103 -10.63 44.10 7.67
C LYS O 103 -11.67 43.25 8.39
N LEU O 104 -11.28 42.02 8.75
CA LEU O 104 -12.12 41.14 9.54
C LEU O 104 -11.78 41.26 11.01
N GLU O 105 -12.80 41.45 11.84
CA GLU O 105 -12.62 41.54 13.28
C GLU O 105 -13.71 40.73 13.96
N ILE O 106 -13.38 40.20 15.13
CA ILE O 106 -14.31 39.37 15.89
C ILE O 106 -15.34 40.26 16.57
N LYS O 107 -16.61 39.85 16.49
CA LYS O 107 -17.71 40.62 17.05
C LYS O 107 -18.01 40.16 18.47
N ARG O 108 -18.34 41.13 19.32
CA ARG O 108 -18.66 40.86 20.72
C ARG O 108 -19.69 41.87 21.19
N THR O 109 -20.11 41.73 22.44
CA THR O 109 -21.02 42.70 23.03
C THR O 109 -20.33 44.05 23.20
N VAL O 110 -21.14 45.11 23.24
CA VAL O 110 -20.60 46.46 23.38
C VAL O 110 -20.00 46.62 24.77
N ALA O 111 -18.87 47.34 24.85
CA ALA O 111 -18.20 47.62 26.11
C ALA O 111 -17.69 49.05 26.09
N ALA O 112 -18.06 49.82 27.11
CA ALA O 112 -17.66 51.22 27.16
C ALA O 112 -16.23 51.35 27.68
N PRO O 113 -15.51 52.38 27.23
CA PRO O 113 -14.12 52.54 27.67
C PRO O 113 -14.00 53.17 29.05
N SER O 114 -13.01 52.69 29.81
CA SER O 114 -12.60 53.32 31.06
C SER O 114 -11.59 54.41 30.73
N VAL O 115 -11.96 55.66 30.96
CA VAL O 115 -11.15 56.81 30.57
C VAL O 115 -10.31 57.25 31.74
N PHE O 116 -9.02 57.50 31.49
CA PHE O 116 -8.11 58.01 32.49
C PHE O 116 -7.36 59.20 31.92
N ILE O 117 -6.97 60.12 32.81
CA ILE O 117 -6.17 61.28 32.45
C ILE O 117 -4.83 61.17 33.16
N PHE O 118 -3.76 61.62 32.49
CA PHE O 118 -2.40 61.48 33.01
C PHE O 118 -1.69 62.81 32.95
N PRO O 119 -1.41 63.45 34.08
CA PRO O 119 -0.70 64.73 34.06
C PRO O 119 0.72 64.55 33.54
N PRO O 120 1.26 65.56 32.86
CA PRO O 120 2.68 65.50 32.49
C PRO O 120 3.56 65.40 33.73
N SER O 121 4.62 64.62 33.62
CA SER O 121 5.52 64.40 34.73
C SER O 121 6.34 65.66 35.02
N ASP O 122 6.79 65.77 36.27
CA ASP O 122 7.67 66.88 36.63
C ASP O 122 9.02 66.76 35.94
N GLU O 123 9.49 65.54 35.69
CA GLU O 123 10.77 65.36 35.02
C GLU O 123 10.70 65.83 33.56
N GLN O 124 9.61 65.49 32.87
CA GLN O 124 9.47 65.94 31.48
C GLN O 124 9.28 67.45 31.40
N LEU O 125 8.69 68.05 32.43
CA LEU O 125 8.50 69.50 32.43
C LEU O 125 9.83 70.25 32.55
N LYS O 126 10.86 69.62 33.10
CA LYS O 126 12.18 70.24 33.13
C LYS O 126 12.80 70.33 31.75
N SER O 127 12.39 69.48 30.82
CA SER O 127 12.94 69.46 29.47
C SER O 127 12.19 70.35 28.49
N GLY O 128 11.26 71.16 28.98
CA GLY O 128 10.57 72.11 28.13
C GLY O 128 9.42 71.57 27.31
N THR O 129 8.89 70.41 27.68
CA THR O 129 7.78 69.81 26.94
C THR O 129 6.81 69.17 27.92
N ALA O 130 5.52 69.35 27.65
CA ALA O 130 4.46 68.74 28.45
C ALA O 130 3.68 67.76 27.59
N SER O 131 3.40 66.58 28.13
CA SER O 131 2.67 65.54 27.42
C SER O 131 1.52 65.06 28.30
N VAL O 132 0.31 65.44 27.92
CA VAL O 132 -0.90 64.95 28.58
C VAL O 132 -1.41 63.73 27.83
N VAL O 133 -1.79 62.70 28.56
CA VAL O 133 -2.19 61.42 27.98
C VAL O 133 -3.59 61.08 28.46
N CYS O 134 -4.49 60.86 27.52
CA CYS O 134 -5.84 60.37 27.79
C CYS O 134 -5.93 58.93 27.30
N LEU O 135 -6.27 58.01 28.21
CA LEU O 135 -6.26 56.58 27.92
C LEU O 135 -7.69 56.05 27.86
N LEU O 136 -7.97 55.27 26.81
CA LEU O 136 -9.25 54.59 26.63
C LEU O 136 -8.97 53.09 26.68
N ASN O 137 -9.41 52.43 27.75
CA ASN O 137 -9.01 51.07 28.05
C ASN O 137 -10.18 50.11 27.84
N ASN O 138 -9.94 49.08 27.03
CA ASN O 138 -10.82 47.91 26.90
C ASN O 138 -12.25 48.31 26.55
N PHE O 139 -12.41 48.80 25.33
CA PHE O 139 -13.70 49.16 24.79
C PHE O 139 -13.97 48.39 23.50
N TYR O 140 -15.23 48.44 23.07
CA TYR O 140 -15.67 47.84 21.83
C TYR O 140 -16.97 48.54 21.43
N PRO O 141 -17.17 48.87 20.15
CA PRO O 141 -16.25 48.66 19.01
C PRO O 141 -15.09 49.65 18.95
N ARG O 142 -14.37 49.64 17.83
CA ARG O 142 -13.20 50.49 17.69
C ARG O 142 -13.56 51.96 17.50
N GLU O 143 -14.75 52.23 16.96
CA GLU O 143 -15.16 53.60 16.68
C GLU O 143 -15.24 54.40 17.98
N ALA O 144 -14.37 55.41 18.10
CA ALA O 144 -14.34 56.25 19.29
C ALA O 144 -13.73 57.60 18.92
N LYS O 145 -14.29 58.67 19.49
CA LYS O 145 -13.81 60.03 19.24
C LYS O 145 -13.31 60.63 20.54
N VAL O 146 -12.12 61.22 20.49
CA VAL O 146 -11.50 61.84 21.65
C VAL O 146 -11.26 63.31 21.34
N GLN O 147 -11.78 64.19 22.19
CA GLN O 147 -11.68 65.63 22.00
C GLN O 147 -10.95 66.24 23.19
N TRP O 148 -9.85 66.92 22.92
CA TRP O 148 -9.11 67.61 23.96
C TRP O 148 -9.73 68.97 24.25
N LYS O 149 -9.66 69.38 25.51
CA LYS O 149 -10.22 70.66 25.95
C LYS O 149 -9.27 71.32 26.93
N VAL O 150 -8.85 72.54 26.62
CA VAL O 150 -7.93 73.31 27.44
C VAL O 150 -8.67 74.58 27.87
N ASP O 151 -8.97 74.68 29.15
CA ASP O 151 -9.75 75.80 29.69
C ASP O 151 -11.08 75.94 28.95
N ASN O 152 -11.74 74.81 28.75
CA ASN O 152 -13.00 74.67 28.00
C ASN O 152 -12.87 75.05 26.53
N ALA O 153 -11.66 75.31 26.06
CA ALA O 153 -11.41 75.60 24.65
C ALA O 153 -10.92 74.33 23.97
N LEU O 154 -11.70 73.82 23.03
CA LEU O 154 -11.35 72.57 22.36
C LEU O 154 -10.14 72.77 21.46
N GLN O 155 -9.24 71.79 21.48
CA GLN O 155 -7.97 71.86 20.75
C GLN O 155 -8.07 71.06 19.45
N SER O 156 -7.21 71.43 18.51
CA SER O 156 -7.15 70.76 17.21
C SER O 156 -5.77 70.94 16.62
N GLY O 157 -5.07 69.84 16.35
CA GLY O 157 -3.79 69.87 15.68
C GLY O 157 -2.58 69.61 16.55
N ASN O 158 -2.76 69.36 17.85
CA ASN O 158 -1.64 69.09 18.75
C ASN O 158 -1.89 67.83 19.56
N SER O 159 -2.48 66.82 18.92
CA SER O 159 -2.77 65.55 19.58
C SER O 159 -2.56 64.42 18.59
N GLN O 160 -1.98 63.32 19.07
CA GLN O 160 -1.73 62.14 18.25
C GLN O 160 -2.38 60.92 18.89
N GLU O 161 -3.03 60.12 18.04
CA GLU O 161 -3.82 58.99 18.47
C GLU O 161 -3.10 57.68 18.16
N SER O 162 -3.45 56.64 18.91
CA SER O 162 -2.86 55.32 18.72
C SER O 162 -3.82 54.27 19.27
N VAL O 163 -3.97 53.17 18.54
CA VAL O 163 -4.91 52.12 18.88
C VAL O 163 -4.18 50.77 18.83
N THR O 164 -4.49 49.91 19.80
CA THR O 164 -3.94 48.56 19.82
C THR O 164 -4.74 47.65 18.89
N GLU O 165 -4.14 46.49 18.60
CA GLU O 165 -4.87 45.44 17.89
C GLU O 165 -6.04 44.95 18.75
N GLN O 166 -6.97 44.24 18.10
CA GLN O 166 -8.07 43.64 18.84
C GLN O 166 -7.54 42.58 19.79
N ASP O 167 -7.96 42.65 21.05
CA ASP O 167 -7.51 41.69 22.05
C ASP O 167 -7.89 40.28 21.64
N SER O 168 -7.03 39.32 21.97
CA SER O 168 -7.26 37.93 21.62
C SER O 168 -8.04 37.17 22.69
N LYS O 169 -8.38 37.83 23.80
CA LYS O 169 -9.13 37.19 24.88
C LYS O 169 -10.53 37.77 25.02
N ASP O 170 -10.65 39.07 25.28
CA ASP O 170 -11.95 39.72 25.38
C ASP O 170 -12.37 40.45 24.11
N SER O 171 -11.51 40.46 23.08
CA SER O 171 -11.83 41.05 21.78
C SER O 171 -12.16 42.53 21.88
N THR O 172 -11.53 43.24 22.81
CA THR O 172 -11.73 44.67 22.96
C THR O 172 -10.56 45.44 22.37
N TYR O 173 -10.72 46.75 22.29
CA TYR O 173 -9.70 47.66 21.78
C TYR O 173 -9.27 48.62 22.87
N SER O 174 -8.16 49.30 22.61
CA SER O 174 -7.63 50.30 23.53
C SER O 174 -7.08 51.47 22.72
N LEU O 175 -7.20 52.66 23.27
CA LEU O 175 -6.84 53.88 22.56
C LEU O 175 -6.10 54.82 23.50
N SER O 176 -5.19 55.61 22.94
CA SER O 176 -4.41 56.56 23.71
C SER O 176 -4.22 57.83 22.89
N SER O 177 -4.74 58.95 23.40
CA SER O 177 -4.56 60.24 22.78
C SER O 177 -3.56 61.06 23.60
N THR O 178 -2.56 61.61 22.92
CA THR O 178 -1.47 62.32 23.59
C THR O 178 -1.49 63.78 23.12
N LEU O 179 -1.82 64.68 24.03
CA LEU O 179 -1.81 66.11 23.75
C LEU O 179 -0.44 66.67 24.19
N THR O 180 0.33 67.15 23.22
CA THR O 180 1.71 67.57 23.45
C THR O 180 1.81 69.08 23.34
N LEU O 181 2.27 69.73 24.42
CA LEU O 181 2.48 71.17 24.47
C LEU O 181 3.88 71.46 24.99
N SER O 182 4.38 72.63 24.64
CA SER O 182 5.62 73.12 25.23
C SER O 182 5.37 73.51 26.68
N LYS O 183 6.42 73.44 27.50
CA LYS O 183 6.30 73.82 28.90
C LYS O 183 5.90 75.28 29.05
N ALA O 184 6.32 76.14 28.11
CA ALA O 184 5.90 77.54 28.13
C ALA O 184 4.39 77.66 27.97
N ASP O 185 3.84 77.00 26.95
CA ASP O 185 2.40 77.06 26.73
C ASP O 185 1.61 76.28 27.77
N TYR O 186 2.24 75.30 28.43
CA TYR O 186 1.52 74.48 29.40
C TYR O 186 1.14 75.27 30.63
N GLU O 187 2.00 76.19 31.07
CA GLU O 187 1.76 76.95 32.28
C GLU O 187 0.84 78.15 32.06
N LYS O 188 0.47 78.45 30.81
CA LYS O 188 -0.44 79.56 30.56
C LYS O 188 -1.86 79.23 31.01
N HIS O 189 -2.36 78.06 30.61
CA HIS O 189 -3.73 77.65 30.90
C HIS O 189 -3.76 76.76 32.14
N LYS O 190 -4.98 76.52 32.63
CA LYS O 190 -5.18 75.89 33.94
C LYS O 190 -5.81 74.52 33.84
N VAL O 191 -6.97 74.39 33.20
CA VAL O 191 -7.73 73.15 33.17
C VAL O 191 -7.44 72.41 31.87
N TYR O 192 -7.12 71.13 31.96
CA TYR O 192 -6.90 70.26 30.82
C TYR O 192 -7.85 69.07 30.92
N ALA O 193 -8.55 68.77 29.82
CA ALA O 193 -9.56 67.72 29.85
C ALA O 193 -9.62 67.04 28.49
N CYS O 194 -10.03 65.78 28.50
CA CYS O 194 -10.31 65.03 27.28
C CYS O 194 -11.74 64.51 27.34
N GLU O 195 -12.55 64.89 26.35
CA GLU O 195 -13.92 64.41 26.23
C GLU O 195 -13.92 63.19 25.32
N VAL O 196 -14.63 62.14 25.73
CA VAL O 196 -14.60 60.86 25.04
C VAL O 196 -16.04 60.47 24.70
N THR O 197 -16.34 60.44 23.41
CA THR O 197 -17.63 59.97 22.92
C THR O 197 -17.49 58.54 22.41
N HIS O 198 -18.47 57.71 22.75
CA HIS O 198 -18.43 56.31 22.35
C HIS O 198 -19.85 55.75 22.41
N GLN O 199 -20.05 54.66 21.65
CA GLN O 199 -21.38 54.04 21.61
C GLN O 199 -21.77 53.44 22.95
N GLY O 200 -20.80 52.93 23.70
CA GLY O 200 -21.10 52.30 24.98
C GLY O 200 -21.41 53.27 26.10
N LEU O 201 -21.18 54.57 25.89
CA LEU O 201 -21.44 55.58 26.89
C LEU O 201 -22.74 56.31 26.57
N SER O 202 -23.65 56.34 27.56
CA SER O 202 -24.91 57.06 27.37
C SER O 202 -24.68 58.51 27.00
N SER O 203 -23.70 59.14 27.64
CA SER O 203 -23.32 60.51 27.36
C SER O 203 -21.81 60.61 27.37
N PRO O 204 -21.23 61.51 26.58
CA PRO O 204 -19.77 61.64 26.53
C PRO O 204 -19.16 61.80 27.91
N VAL O 205 -18.14 60.99 28.19
CA VAL O 205 -17.45 61.00 29.48
C VAL O 205 -16.24 61.93 29.38
N THR O 206 -16.11 62.81 30.36
CA THR O 206 -15.00 63.75 30.44
C THR O 206 -14.18 63.47 31.69
N LYS O 207 -12.86 63.34 31.51
CA LYS O 207 -11.92 63.21 32.61
C LYS O 207 -10.95 64.38 32.55
N SER O 208 -10.75 65.04 33.70
CA SER O 208 -10.00 66.28 33.73
C SER O 208 -9.14 66.35 34.98
N PHE O 209 -8.39 67.44 35.09
CA PHE O 209 -7.50 67.71 36.20
C PHE O 209 -7.03 69.15 36.08
N ASN O 210 -6.88 69.83 37.21
CA ASN O 210 -6.36 71.19 37.23
C ASN O 210 -4.85 71.17 37.37
N ARG O 211 -4.18 72.04 36.62
CA ARG O 211 -2.73 72.05 36.62
C ARG O 211 -2.20 72.34 38.01
N GLY O 212 -1.29 71.49 38.48
CA GLY O 212 -0.68 71.69 39.78
C GLY O 212 -1.56 71.19 40.90
N GLU O 213 -2.82 71.62 40.89
CA GLU O 213 -3.78 71.23 41.92
C GLU O 213 -3.98 69.72 41.92
N CYS O 214 -3.35 69.03 42.87
CA CYS O 214 -3.45 67.58 42.96
C CYS O 214 -4.46 67.16 44.02
N VAL P 2 8.81 26.38 -3.35
CA VAL P 2 9.15 27.75 -3.84
C VAL P 2 9.45 28.61 -2.62
N GLN P 3 10.63 29.21 -2.60
CA GLN P 3 11.03 30.08 -1.49
C GLN P 3 11.41 31.46 -2.03
N ILE P 4 10.77 32.50 -1.51
CA ILE P 4 11.02 33.89 -1.92
C ILE P 4 11.62 34.61 -0.73
N GLN P 5 12.92 34.92 -0.80
CA GLN P 5 13.66 35.52 0.31
C GLN P 5 14.10 36.91 -0.08
N GLN P 6 13.67 37.91 0.69
CA GLN P 6 14.03 39.30 0.46
C GLN P 6 15.15 39.74 1.39
N SER P 7 15.77 40.86 1.05
CA SER P 7 16.91 41.36 1.81
C SER P 7 16.46 41.92 3.15
N GLY P 8 17.43 42.14 4.03
CA GLY P 8 17.15 42.65 5.36
C GLY P 8 16.65 44.09 5.34
N ALA P 9 16.26 44.55 6.52
CA ALA P 9 15.73 45.90 6.68
C ALA P 9 16.83 46.93 6.46
N GLU P 10 16.44 48.07 5.88
CA GLU P 10 17.36 49.17 5.61
C GLU P 10 16.92 50.42 6.36
N LEU P 11 17.90 51.24 6.73
CA LEU P 11 17.65 52.51 7.40
C LEU P 11 18.55 53.55 6.73
N MET P 12 17.96 54.38 5.87
CA MET P 12 18.70 55.30 5.04
C MET P 12 18.30 56.75 5.32
N ARG P 13 19.17 57.65 4.95
CA ARG P 13 18.97 59.09 5.00
C ARG P 13 18.39 59.59 3.68
N PRO P 14 17.66 60.71 3.70
CA PRO P 14 17.13 61.25 2.45
C PRO P 14 18.24 61.59 1.48
N GLY P 15 18.01 61.26 0.20
CA GLY P 15 18.95 61.53 -0.87
C GLY P 15 19.72 60.32 -1.33
N ALA P 16 19.90 59.32 -0.48
CA ALA P 16 20.69 58.16 -0.83
C ALA P 16 19.87 57.22 -1.72
N SER P 17 20.50 56.11 -2.13
CA SER P 17 19.85 55.08 -2.92
C SER P 17 20.08 53.73 -2.26
N VAL P 18 19.08 52.86 -2.37
CA VAL P 18 19.10 51.55 -1.75
C VAL P 18 18.65 50.51 -2.76
N LYS P 19 19.25 49.32 -2.70
CA LYS P 19 18.95 48.22 -3.61
C LYS P 19 18.42 47.04 -2.81
N LEU P 20 17.17 46.67 -3.05
CA LEU P 20 16.52 45.58 -2.35
C LEU P 20 16.55 44.32 -3.22
N SER P 21 16.97 43.20 -2.65
CA SER P 21 17.07 41.96 -3.39
C SER P 21 15.90 41.04 -3.09
N CYS P 22 15.72 40.03 -3.95
CA CYS P 22 14.59 39.11 -3.87
C CYS P 22 15.04 37.78 -4.46
N LYS P 23 15.49 36.87 -3.59
CA LYS P 23 15.97 35.57 -4.02
C LYS P 23 14.80 34.63 -4.27
N ALA P 24 14.80 33.98 -5.42
CA ALA P 24 13.73 33.08 -5.83
C ALA P 24 14.31 31.70 -6.08
N THR P 25 13.90 30.72 -5.27
CA THR P 25 14.42 29.36 -5.34
C THR P 25 13.26 28.37 -5.33
N GLY P 26 13.57 27.12 -5.69
CA GLY P 26 12.60 26.06 -5.70
C GLY P 26 11.87 25.87 -7.00
N TYR P 27 12.26 26.57 -8.06
CA TYR P 27 11.58 26.47 -9.35
C TYR P 27 12.51 27.02 -10.42
N THR P 28 12.10 26.84 -11.67
CA THR P 28 12.88 27.35 -12.81
C THR P 28 12.75 28.86 -12.87
N PHE P 29 13.87 29.57 -12.64
CA PHE P 29 13.84 31.02 -12.53
C PHE P 29 13.34 31.68 -13.82
N THR P 30 13.95 31.33 -14.95
CA THR P 30 13.69 32.03 -16.20
C THR P 30 12.27 31.75 -16.69
N GLY P 31 11.49 32.81 -16.90
CA GLY P 31 10.15 32.72 -17.44
C GLY P 31 9.09 33.34 -16.57
N TYR P 32 9.35 33.56 -15.29
CA TYR P 32 8.35 34.09 -14.38
C TYR P 32 8.53 35.59 -14.20
N TRP P 33 7.41 36.30 -14.09
CA TRP P 33 7.45 37.69 -13.69
C TRP P 33 7.59 37.80 -12.19
N ILE P 34 8.44 38.71 -11.73
CA ILE P 34 8.61 38.99 -10.31
C ILE P 34 8.04 40.38 -10.05
N GLU P 35 7.05 40.45 -9.17
CA GLU P 35 6.31 41.68 -8.92
C GLU P 35 6.80 42.36 -7.65
N TRP P 36 6.55 43.67 -7.58
CA TRP P 36 7.02 44.50 -6.48
C TRP P 36 5.87 45.36 -5.98
N VAL P 37 5.55 45.24 -4.70
CA VAL P 37 4.43 45.95 -4.09
C VAL P 37 4.94 46.74 -2.90
N LYS P 38 4.41 47.95 -2.71
CA LYS P 38 4.76 48.81 -1.60
C LYS P 38 3.55 48.96 -0.68
N GLN P 39 3.79 48.89 0.63
CA GLN P 39 2.73 48.99 1.62
C GLN P 39 3.18 49.90 2.76
N ARG P 40 2.58 51.10 2.84
CA ARG P 40 2.82 51.98 3.96
C ARG P 40 2.18 51.39 5.21
N PRO P 41 2.67 51.77 6.40
CA PRO P 41 2.11 51.20 7.64
C PRO P 41 0.64 51.56 7.77
N GLY P 42 -0.19 50.54 8.03
CA GLY P 42 -1.62 50.71 8.16
C GLY P 42 -2.38 50.95 6.87
N HIS P 43 -1.69 51.24 5.77
CA HIS P 43 -2.34 51.50 4.50
C HIS P 43 -2.41 50.20 3.69
N GLY P 44 -2.72 50.31 2.40
CA GLY P 44 -2.93 49.17 1.54
C GLY P 44 -1.71 48.78 0.73
N LEU P 45 -1.96 48.10 -0.38
CA LEU P 45 -0.91 47.59 -1.26
C LEU P 45 -0.89 48.41 -2.54
N GLU P 46 0.30 48.86 -2.93
CA GLU P 46 0.51 49.64 -4.16
C GLU P 46 1.46 48.88 -5.06
N TRP P 47 1.04 48.66 -6.31
CA TRP P 47 1.86 47.95 -7.28
C TRP P 47 2.95 48.87 -7.83
N ILE P 48 4.20 48.47 -7.66
CA ILE P 48 5.32 49.23 -8.20
C ILE P 48 5.60 48.84 -9.66
N GLY P 49 5.77 47.55 -9.91
CA GLY P 49 6.06 47.11 -11.26
C GLY P 49 6.36 45.63 -11.30
N GLU P 50 7.02 45.23 -12.37
CA GLU P 50 7.34 43.82 -12.60
C GLU P 50 8.50 43.72 -13.57
N ILE P 51 9.28 42.66 -13.41
CA ILE P 51 10.39 42.36 -14.31
C ILE P 51 10.32 40.88 -14.66
N LEU P 52 10.60 40.55 -15.93
CA LEU P 52 10.55 39.18 -16.41
C LEU P 52 11.87 38.48 -16.09
N SER P 53 11.83 37.50 -15.19
CA SER P 53 13.04 36.78 -14.83
C SER P 53 13.58 36.03 -16.05
N GLY P 54 14.82 36.34 -16.42
CA GLY P 54 15.43 35.71 -17.58
C GLY P 54 15.58 36.65 -18.76
N ARG P 55 14.48 37.29 -19.16
CA ARG P 55 14.50 38.21 -20.29
C ARG P 55 14.79 39.64 -19.89
N GLY P 56 14.39 40.06 -18.70
CA GLY P 56 14.75 41.37 -18.20
C GLY P 56 13.84 42.52 -18.62
N THR P 57 12.73 42.24 -19.28
CA THR P 57 11.81 43.32 -19.65
C THR P 57 11.04 43.78 -18.41
N THR P 58 10.70 45.07 -18.39
CA THR P 58 10.10 45.68 -17.21
C THR P 58 8.82 46.42 -17.57
N ASN P 59 7.97 46.60 -16.56
CA ASN P 59 6.78 47.44 -16.65
C ASN P 59 6.64 48.16 -15.32
N TYR P 60 6.48 49.48 -15.35
CA TYR P 60 6.45 50.29 -14.15
C TYR P 60 5.10 50.98 -14.00
N ASN P 61 4.63 51.07 -12.76
CA ASN P 61 3.49 51.92 -12.45
C ASN P 61 3.86 53.37 -12.75
N GLU P 62 2.89 54.12 -13.26
CA GLU P 62 3.08 55.54 -13.48
C GLU P 62 3.58 56.24 -12.22
N LYS P 63 3.08 55.81 -11.06
CA LYS P 63 3.41 56.47 -9.80
C LYS P 63 4.84 56.19 -9.32
N PHE P 64 5.56 55.28 -9.98
CA PHE P 64 6.92 54.94 -9.56
C PHE P 64 7.94 55.04 -10.69
N LYS P 65 7.57 55.58 -11.84
CA LYS P 65 8.50 55.75 -12.95
C LYS P 65 9.58 56.76 -12.55
N GLY P 66 10.85 56.34 -12.65
CA GLY P 66 11.96 57.16 -12.25
C GLY P 66 12.38 57.01 -10.80
N LYS P 67 11.60 56.30 -9.98
CA LYS P 67 11.94 56.02 -8.59
C LYS P 67 12.46 54.61 -8.38
N ALA P 68 11.83 53.63 -9.00
CA ALA P 68 12.24 52.23 -8.92
C ALA P 68 12.96 51.81 -10.20
N THR P 69 13.92 50.91 -10.04
CA THR P 69 14.67 50.36 -11.17
C THR P 69 14.89 48.88 -10.90
N PHE P 70 14.23 48.01 -11.67
CA PHE P 70 14.37 46.57 -11.49
C PHE P 70 15.52 46.04 -12.33
N THR P 71 16.30 45.15 -11.73
CA THR P 71 17.27 44.33 -12.45
C THR P 71 17.14 42.90 -11.97
N ALA P 72 17.65 41.97 -12.77
CA ALA P 72 17.54 40.55 -12.45
C ALA P 72 18.81 39.83 -12.87
N ASP P 73 19.26 38.92 -12.01
CA ASP P 73 20.48 38.14 -12.23
C ASP P 73 20.08 36.66 -12.29
N THR P 74 20.04 36.12 -13.51
CA THR P 74 19.67 34.71 -13.66
C THR P 74 20.69 33.78 -13.00
N TYR P 75 21.95 34.24 -12.86
CA TYR P 75 22.98 33.41 -12.27
C TYR P 75 22.68 33.12 -10.81
N SER P 76 22.29 34.14 -10.04
CA SER P 76 22.05 34.01 -8.62
C SER P 76 20.58 33.88 -8.27
N ASN P 77 19.70 33.76 -9.27
CA ASN P 77 18.26 33.61 -9.05
C ASN P 77 17.68 34.76 -8.23
N THR P 78 18.24 35.95 -8.38
CA THR P 78 17.90 37.10 -7.54
C THR P 78 17.40 38.25 -8.41
N ALA P 79 16.31 38.87 -7.97
CA ALA P 79 15.78 40.08 -8.57
C ALA P 79 16.01 41.26 -7.63
N TYR P 80 16.29 42.43 -8.20
CA TYR P 80 16.62 43.61 -7.42
C TYR P 80 15.69 44.76 -7.79
N MET P 81 15.48 45.67 -6.83
CA MET P 81 14.74 46.91 -7.06
C MET P 81 15.52 48.05 -6.43
N GLN P 82 15.99 48.96 -7.27
CA GLN P 82 16.76 50.11 -6.81
C GLN P 82 15.81 51.27 -6.53
N LEU P 83 15.80 51.76 -5.30
CA LEU P 83 15.03 52.93 -4.91
C LEU P 83 15.96 54.13 -4.86
N SER P 84 15.73 55.09 -5.75
CA SER P 84 16.53 56.30 -5.81
C SER P 84 15.76 57.49 -5.24
N SER P 85 16.51 58.51 -4.82
CA SER P 85 15.94 59.75 -4.30
C SER P 85 14.99 59.48 -3.14
N LEU P 86 15.52 58.80 -2.12
CA LEU P 86 14.73 58.47 -0.94
C LEU P 86 14.24 59.73 -0.25
N THR P 87 12.99 59.71 0.20
CA THR P 87 12.30 60.95 0.52
C THR P 87 11.23 60.75 1.59
N THR P 88 11.54 59.96 2.62
CA THR P 88 10.64 59.77 3.76
C THR P 88 9.31 59.15 3.36
N GLY P 89 8.66 59.68 2.32
CA GLY P 89 7.49 59.03 1.76
C GLY P 89 7.79 57.64 1.21
N ASP P 90 9.06 57.35 0.91
CA ASP P 90 9.46 56.03 0.48
C ASP P 90 9.53 55.03 1.63
N SER P 91 9.28 55.46 2.86
CA SER P 91 9.30 54.56 4.00
C SER P 91 8.06 53.68 3.98
N ALA P 92 8.26 52.38 3.81
CA ALA P 92 7.16 51.41 3.75
C ALA P 92 7.76 50.01 3.82
N ILE P 93 6.88 49.02 3.80
CA ILE P 93 7.27 47.62 3.66
C ILE P 93 7.11 47.24 2.20
N TYR P 94 8.19 46.74 1.60
CA TYR P 94 8.21 46.41 0.19
C TYR P 94 8.20 44.90 0.02
N TYR P 95 7.23 44.40 -0.73
CA TYR P 95 7.10 42.98 -1.01
C TYR P 95 7.56 42.67 -2.43
N CYS P 96 8.18 41.52 -2.60
CA CYS P 96 8.39 40.94 -3.92
C CYS P 96 7.64 39.64 -3.99
N ALA P 97 7.00 39.38 -5.13
CA ALA P 97 6.17 38.20 -5.26
C ALA P 97 6.36 37.59 -6.64
N ARG P 98 6.28 36.27 -6.70
CA ARG P 98 6.33 35.57 -7.98
C ARG P 98 5.01 35.76 -8.70
N GLY P 99 5.08 36.31 -9.92
CA GLY P 99 3.91 36.47 -10.76
C GLY P 99 3.68 35.26 -11.63
N GLY P 100 2.88 35.46 -12.68
CA GLY P 100 2.58 34.37 -13.58
C GLY P 100 3.76 33.95 -14.42
N PHE P 101 3.67 32.74 -14.96
CA PHE P 101 4.67 32.24 -15.89
C PHE P 101 4.37 32.80 -17.28
N LEU P 102 5.35 33.51 -17.85
CA LEU P 102 5.25 34.16 -19.15
C LEU P 102 4.30 35.36 -19.14
N TYR P 103 3.17 35.23 -18.45
CA TYR P 103 2.10 36.23 -18.49
C TYR P 103 2.00 36.91 -17.13
N GLY P 104 2.28 38.21 -17.10
CA GLY P 104 2.27 38.99 -15.87
C GLY P 104 0.91 39.33 -15.33
N ASP P 105 -0.16 38.96 -16.06
CA ASP P 105 -1.58 39.20 -15.69
C ASP P 105 -2.09 38.02 -14.89
N GLY P 106 -1.19 37.12 -14.51
CA GLY P 106 -1.57 35.97 -13.69
C GLY P 106 -1.47 36.31 -12.23
N PRO P 107 -1.90 35.42 -11.32
CA PRO P 107 -1.89 35.73 -9.92
C PRO P 107 -0.50 35.79 -9.28
N PHE P 108 -0.36 36.57 -8.21
CA PHE P 108 0.92 36.62 -7.46
C PHE P 108 0.86 35.43 -6.52
N ASP P 109 1.46 34.30 -6.89
CA ASP P 109 1.29 33.04 -6.14
C ASP P 109 2.17 32.93 -4.90
N TYR P 110 3.35 33.52 -4.93
CA TYR P 110 4.27 33.35 -3.81
C TYR P 110 4.92 34.69 -3.49
N TRP P 111 4.79 35.12 -2.23
CA TRP P 111 5.31 36.40 -1.79
C TRP P 111 6.48 36.21 -0.83
N GLY P 112 7.41 37.16 -0.85
CA GLY P 112 8.47 37.19 0.11
C GLY P 112 7.99 37.68 1.47
N GLN P 113 8.91 37.68 2.43
CA GLN P 113 8.58 38.11 3.79
C GLN P 113 8.49 39.62 3.92
N GLY P 114 8.92 40.37 2.93
CA GLY P 114 8.86 41.82 3.01
C GLY P 114 10.13 42.43 3.55
N THR P 115 10.39 43.67 3.12
CA THR P 115 11.57 44.42 3.55
C THR P 115 11.12 45.79 4.01
N THR P 116 11.50 46.15 5.23
CA THR P 116 11.13 47.45 5.79
C THR P 116 12.22 48.46 5.45
N LEU P 117 11.86 49.49 4.69
CA LEU P 117 12.75 50.59 4.38
C LEU P 117 12.30 51.81 5.17
N THR P 118 13.25 52.46 5.84
CA THR P 118 12.97 53.64 6.65
C THR P 118 13.90 54.76 6.19
N VAL P 119 13.34 55.85 5.70
CA VAL P 119 14.10 57.00 5.24
C VAL P 119 13.86 58.15 6.22
N SER P 120 14.93 58.61 6.86
CA SER P 120 14.82 59.64 7.86
C SER P 120 16.16 60.32 8.03
N SER P 121 16.13 61.60 8.40
CA SER P 121 17.33 62.36 8.70
C SER P 121 17.65 62.35 10.19
N ALA P 122 16.85 61.67 11.00
CA ALA P 122 17.09 61.58 12.43
C ALA P 122 18.24 60.63 12.72
N SER P 123 19.07 61.01 13.68
CA SER P 123 20.08 60.10 14.21
C SER P 123 19.44 59.17 15.24
N THR P 124 20.01 57.98 15.39
CA THR P 124 19.47 57.04 16.36
C THR P 124 19.62 57.60 17.76
N LYS P 125 18.52 57.57 18.52
CA LYS P 125 18.49 58.17 19.85
C LYS P 125 17.67 57.28 20.77
N GLY P 126 18.19 57.05 21.97
CA GLY P 126 17.48 56.30 22.97
C GLY P 126 16.35 57.12 23.57
N PRO P 127 15.32 56.44 24.06
CA PRO P 127 14.13 57.14 24.54
C PRO P 127 14.29 57.66 25.96
N SER P 128 13.51 58.69 26.27
CA SER P 128 13.34 59.17 27.63
C SER P 128 12.01 58.63 28.15
N VAL P 129 12.03 57.93 29.27
CA VAL P 129 10.86 57.30 29.84
C VAL P 129 10.33 58.17 30.97
N PHE P 130 9.03 58.44 30.95
CA PHE P 130 8.38 59.25 31.96
C PHE P 130 7.23 58.48 32.58
N PRO P 131 6.97 58.67 33.87
CA PRO P 131 5.88 57.92 34.52
C PRO P 131 4.52 58.50 34.21
N LEU P 132 3.52 57.62 34.17
CA LEU P 132 2.12 57.98 34.09
C LEU P 132 1.49 57.56 35.41
N ALA P 133 1.67 58.40 36.42
CA ALA P 133 1.35 58.02 37.79
C ALA P 133 -0.15 57.78 37.94
N PRO P 134 -0.56 56.77 38.71
CA PRO P 134 -1.98 56.52 38.91
C PRO P 134 -2.62 57.61 39.77
N SER P 135 -3.81 58.02 39.37
CA SER P 135 -4.52 59.07 40.09
C SER P 135 -4.95 58.57 41.47
N SER P 136 -4.89 59.47 42.45
CA SER P 136 -5.25 59.12 43.82
C SER P 136 -6.76 59.04 44.03
N LYS P 137 -7.55 59.59 43.10
CA LYS P 137 -9.01 59.56 43.22
C LYS P 137 -9.56 58.20 42.80
N GLY P 142 -12.76 49.61 41.26
CA GLY P 142 -11.63 49.47 42.17
C GLY P 142 -10.31 49.26 41.45
N THR P 143 -10.30 49.54 40.16
CA THR P 143 -9.12 49.38 39.33
C THR P 143 -8.54 50.76 38.99
N ALA P 144 -7.21 50.87 39.05
CA ALA P 144 -6.50 52.07 38.68
C ALA P 144 -5.51 51.76 37.57
N ALA P 145 -5.22 52.76 36.75
CA ALA P 145 -4.38 52.60 35.58
C ALA P 145 -3.13 53.46 35.70
N LEU P 146 -1.96 52.84 35.48
CA LEU P 146 -0.69 53.54 35.39
C LEU P 146 0.02 53.12 34.11
N GLY P 147 1.13 53.77 33.82
CA GLY P 147 1.86 53.44 32.61
C GLY P 147 3.17 54.18 32.53
N CYS P 148 3.85 54.00 31.39
CA CYS P 148 5.13 54.62 31.11
C CYS P 148 5.09 55.23 29.73
N LEU P 149 5.54 56.48 29.63
CA LEU P 149 5.55 57.21 28.36
C LEU P 149 6.94 57.11 27.75
N VAL P 150 7.06 56.34 26.66
CA VAL P 150 8.32 56.18 25.94
C VAL P 150 8.35 57.26 24.85
N LYS P 151 9.24 58.24 25.02
CA LYS P 151 9.18 59.45 24.22
C LYS P 151 10.52 59.73 23.54
N ASP P 152 10.46 60.14 22.27
CA ASP P 152 11.61 60.64 21.54
C ASP P 152 12.71 59.60 21.34
N TYR P 153 12.43 58.57 20.55
CA TYR P 153 13.43 57.58 20.17
C TYR P 153 13.40 57.36 18.67
N PHE P 154 14.53 56.90 18.13
CA PHE P 154 14.64 56.60 16.72
C PHE P 154 15.77 55.60 16.56
N PRO P 155 15.61 54.57 15.72
CA PRO P 155 14.37 54.27 15.01
C PRO P 155 13.51 53.28 15.78
N GLU P 156 12.67 52.55 15.07
CA GLU P 156 11.94 51.46 15.67
C GLU P 156 12.82 50.22 15.77
N PRO P 157 12.55 49.31 16.73
CA PRO P 157 11.45 49.35 17.70
C PRO P 157 11.90 49.57 19.14
N VAL P 158 10.92 49.62 20.04
CA VAL P 158 11.14 49.67 21.48
C VAL P 158 10.36 48.53 22.12
N THR P 159 11.01 47.82 23.03
CA THR P 159 10.34 46.76 23.80
C THR P 159 10.12 47.24 25.23
N VAL P 160 8.92 46.96 25.75
CA VAL P 160 8.55 47.36 27.10
C VAL P 160 8.01 46.14 27.85
N SER P 161 8.52 45.93 29.06
CA SER P 161 8.02 44.91 29.96
C SER P 161 7.71 45.55 31.31
N TRP P 162 7.09 44.78 32.19
CA TRP P 162 6.65 45.29 33.49
C TRP P 162 7.13 44.37 34.59
N ASN P 163 7.81 44.94 35.59
CA ASN P 163 8.38 44.19 36.72
C ASN P 163 9.24 43.04 36.22
N SER P 164 10.12 43.35 35.26
CA SER P 164 11.00 42.35 34.63
C SER P 164 10.19 41.21 34.02
N GLY P 165 9.01 41.51 33.50
CA GLY P 165 8.16 40.52 32.88
C GLY P 165 7.17 39.85 33.79
N ALA P 166 7.20 40.14 35.09
CA ALA P 166 6.30 39.47 36.03
C ALA P 166 4.85 39.93 35.89
N LEU P 167 4.61 41.03 35.20
CA LEU P 167 3.26 41.58 35.05
C LEU P 167 2.94 41.66 33.56
N THR P 168 2.16 40.69 33.07
CA THR P 168 1.66 40.73 31.70
C THR P 168 0.16 40.91 31.61
N SER P 169 -0.58 40.63 32.68
CA SER P 169 -2.02 40.81 32.66
C SER P 169 -2.37 42.29 32.69
N GLY P 170 -3.29 42.69 31.81
CA GLY P 170 -3.74 44.07 31.74
C GLY P 170 -2.80 45.03 31.06
N VAL P 171 -1.64 44.55 30.57
CA VAL P 171 -0.69 45.43 29.90
C VAL P 171 -1.22 45.80 28.52
N HIS P 172 -0.98 47.04 28.11
CA HIS P 172 -1.35 47.52 26.78
C HIS P 172 -0.23 48.42 26.28
N THR P 173 0.59 47.90 25.37
CA THR P 173 1.68 48.65 24.76
C THR P 173 1.22 49.09 23.37
N PHE P 174 0.97 50.39 23.23
CA PHE P 174 0.40 50.94 22.01
C PHE P 174 1.44 51.00 20.89
N PRO P 175 1.00 50.90 19.64
CA PRO P 175 1.93 51.15 18.52
C PRO P 175 2.47 52.56 18.58
N ALA P 176 3.69 52.72 18.07
CA ALA P 176 4.36 54.01 18.11
C ALA P 176 3.74 54.98 17.12
N VAL P 177 3.99 56.27 17.35
CA VAL P 177 3.60 57.33 16.44
C VAL P 177 4.83 58.15 16.10
N LEU P 178 4.87 58.66 14.87
CA LEU P 178 5.99 59.46 14.39
C LEU P 178 5.64 60.94 14.52
N GLN P 179 6.20 61.58 15.55
CA GLN P 179 5.95 62.99 15.78
C GLN P 179 6.61 63.84 14.70
N SER P 180 6.20 65.10 14.64
CA SER P 180 6.73 66.01 13.63
C SER P 180 8.22 66.26 13.79
N SER P 181 8.76 66.03 14.99
CA SER P 181 10.20 66.17 15.21
C SER P 181 10.99 65.01 14.63
N GLY P 182 10.34 64.03 14.01
CA GLY P 182 11.01 62.89 13.43
C GLY P 182 11.27 61.74 14.39
N LEU P 183 10.97 61.91 15.66
CA LEU P 183 11.21 60.89 16.67
C LEU P 183 9.91 60.16 17.01
N TYR P 184 10.03 58.90 17.41
CA TYR P 184 8.88 58.07 17.71
C TYR P 184 8.50 58.20 19.18
N SER P 185 7.19 58.13 19.44
CA SER P 185 6.65 58.17 20.78
C SER P 185 5.73 56.98 21.00
N LEU P 186 5.66 56.52 22.25
CA LEU P 186 4.96 55.28 22.56
C LEU P 186 4.55 55.29 24.03
N SER P 187 3.47 54.59 24.34
CA SER P 187 2.98 54.49 25.71
C SER P 187 2.60 53.05 26.00
N SER P 188 2.98 52.58 27.19
CA SER P 188 2.62 51.25 27.68
C SER P 188 1.92 51.41 29.01
N VAL P 189 0.70 50.88 29.10
CA VAL P 189 -0.15 51.06 30.28
C VAL P 189 -0.64 49.71 30.76
N VAL P 190 -0.98 49.64 32.05
CA VAL P 190 -1.53 48.45 32.66
C VAL P 190 -2.44 48.88 33.80
N THR P 191 -3.58 48.21 33.90
CA THR P 191 -4.57 48.49 34.95
C THR P 191 -4.40 47.48 36.07
N VAL P 192 -4.23 47.98 37.30
CA VAL P 192 -4.00 47.15 38.46
C VAL P 192 -5.04 47.48 39.52
N PRO P 193 -5.25 46.58 40.49
CA PRO P 193 -6.16 46.92 41.59
C PRO P 193 -5.68 48.13 42.38
N SER P 194 -6.62 48.95 42.82
CA SER P 194 -6.29 50.13 43.59
C SER P 194 -5.82 49.79 45.00
N SER P 195 -6.20 48.64 45.53
CA SER P 195 -5.77 48.23 46.86
C SER P 195 -4.27 47.96 46.93
N SER P 196 -3.62 47.65 45.81
CA SER P 196 -2.20 47.39 45.76
C SER P 196 -1.41 48.55 45.17
N LEU P 197 -1.85 49.79 45.42
CA LEU P 197 -1.16 50.96 44.90
C LEU P 197 -0.11 51.51 45.86
N GLY P 198 -0.22 51.21 47.15
CA GLY P 198 0.77 51.65 48.11
C GLY P 198 1.65 50.51 48.60
N THR P 199 1.33 49.29 48.17
CA THR P 199 2.07 48.10 48.57
C THR P 199 2.95 47.55 47.45
N GLN P 200 2.39 47.33 46.27
CA GLN P 200 3.14 46.75 45.16
C GLN P 200 3.96 47.82 44.45
N THR P 201 5.14 47.42 43.97
CA THR P 201 6.03 48.28 43.22
C THR P 201 5.86 48.02 41.72
N TYR P 202 5.78 49.10 40.94
CA TYR P 202 5.60 49.01 39.50
C TYR P 202 6.76 49.72 38.81
N ILE P 203 7.54 48.96 38.04
CA ILE P 203 8.67 49.49 37.28
C ILE P 203 8.54 49.01 35.84
N CYS P 204 8.66 49.93 34.89
CA CYS P 204 8.59 49.60 33.48
C CYS P 204 10.01 49.45 32.94
N ASN P 205 10.23 48.40 32.15
CA ASN P 205 11.54 48.09 31.57
C ASN P 205 11.49 48.41 30.09
N VAL P 206 12.18 49.48 29.69
CA VAL P 206 12.17 49.97 28.32
C VAL P 206 13.53 49.69 27.70
N ASN P 207 13.54 48.87 26.65
CA ASN P 207 14.76 48.52 25.94
C ASN P 207 14.65 49.01 24.50
N HIS P 208 15.63 49.81 24.08
CA HIS P 208 15.72 50.30 22.71
C HIS P 208 16.98 49.70 22.10
N LYS P 209 16.81 48.55 21.44
CA LYS P 209 17.96 47.85 20.86
C LYS P 209 18.76 48.68 19.86
N PRO P 210 18.17 49.51 18.99
CA PRO P 210 19.01 50.25 18.03
C PRO P 210 20.05 51.16 18.66
N SER P 211 19.83 51.64 19.88
CA SER P 211 20.77 52.54 20.53
C SER P 211 21.48 51.90 21.72
N ASN P 212 21.25 50.61 21.97
CA ASN P 212 21.84 49.90 23.11
C ASN P 212 21.51 50.60 24.42
N THR P 213 20.21 50.80 24.64
CA THR P 213 19.70 51.62 25.73
C THR P 213 18.73 50.80 26.56
N LYS P 214 18.87 50.89 27.88
CA LYS P 214 17.96 50.25 28.82
C LYS P 214 17.60 51.29 29.89
N VAL P 215 16.31 51.44 30.16
CA VAL P 215 15.82 52.38 31.16
C VAL P 215 14.79 51.67 32.04
N ASP P 216 14.96 51.77 33.35
CA ASP P 216 13.98 51.31 34.31
C ASP P 216 13.40 52.51 35.03
N LYS P 217 12.07 52.63 35.05
CA LYS P 217 11.39 53.76 35.64
C LYS P 217 10.31 53.28 36.60
N ARG P 218 10.27 53.88 37.78
CA ARG P 218 9.29 53.55 38.81
C ARG P 218 8.07 54.45 38.67
N VAL P 219 6.89 53.84 38.62
CA VAL P 219 5.63 54.56 38.54
C VAL P 219 4.96 54.47 39.90
N GLU P 220 4.79 55.60 40.55
CA GLU P 220 4.28 55.68 41.91
C GLU P 220 3.41 56.93 42.03
N PRO P 221 2.35 56.88 42.86
CA PRO P 221 1.50 58.05 43.08
C PRO P 221 2.27 59.24 43.65
N GLU Q 1 56.98 24.92 58.61
CA GLU Q 1 55.61 25.17 59.06
C GLU Q 1 54.63 25.03 57.90
N VAL Q 2 53.41 24.60 58.22
CA VAL Q 2 52.35 24.52 57.22
C VAL Q 2 52.02 25.93 56.73
N GLN Q 3 52.11 26.14 55.42
CA GLN Q 3 51.92 27.46 54.83
C GLN Q 3 50.97 27.35 53.66
N LEU Q 4 49.86 28.08 53.71
CA LEU Q 4 48.91 28.18 52.61
C LEU Q 4 48.81 29.63 52.20
N VAL Q 5 49.10 29.91 50.92
CA VAL Q 5 49.15 31.27 50.41
C VAL Q 5 48.18 31.37 49.24
N GLU Q 6 47.09 32.10 49.43
CA GLU Q 6 46.13 32.32 48.36
C GLU Q 6 46.60 33.43 47.43
N SER Q 7 46.07 33.42 46.21
CA SER Q 7 46.41 34.41 45.20
C SER Q 7 45.36 34.36 44.10
N GLY Q 8 45.35 35.40 43.27
CA GLY Q 8 44.49 35.45 42.12
C GLY Q 8 43.22 36.26 42.28
N GLY Q 9 42.96 36.82 43.46
CA GLY Q 9 41.77 37.63 43.65
C GLY Q 9 41.92 39.04 43.14
N GLY Q 10 40.83 39.78 43.21
CA GLY Q 10 40.86 41.17 42.78
C GLY Q 10 39.46 41.69 42.49
N LEU Q 11 39.42 42.77 41.71
CA LEU Q 11 38.18 43.42 41.32
C LEU Q 11 37.71 42.87 39.97
N VAL Q 12 36.40 42.71 39.84
CA VAL Q 12 35.83 42.16 38.62
C VAL Q 12 34.37 42.57 38.54
N LYS Q 13 33.93 42.90 37.32
CA LYS Q 13 32.54 43.29 37.11
C LYS Q 13 31.61 42.09 37.26
N PRO Q 14 30.35 42.31 37.63
CA PRO Q 14 29.41 41.18 37.78
C PRO Q 14 29.28 40.37 36.50
N GLY Q 15 29.54 39.07 36.62
CA GLY Q 15 29.52 38.17 35.48
C GLY Q 15 30.89 37.78 34.98
N GLY Q 16 31.96 38.31 35.56
CA GLY Q 16 33.30 37.99 35.13
C GLY Q 16 33.79 36.68 35.74
N SER Q 17 35.08 36.44 35.58
CA SER Q 17 35.68 35.18 36.00
C SER Q 17 37.03 35.44 36.66
N LEU Q 18 37.30 34.69 37.73
CA LEU Q 18 38.60 34.68 38.38
C LEU Q 18 39.07 33.24 38.53
N ARG Q 19 40.37 33.08 38.78
CA ARG Q 19 40.97 31.78 39.02
C ARG Q 19 42.00 31.93 40.14
N LEU Q 20 41.64 31.51 41.34
CA LEU Q 20 42.54 31.63 42.47
C LEU Q 20 43.51 30.45 42.54
N SER Q 21 44.68 30.71 43.10
CA SER Q 21 45.66 29.69 43.42
C SER Q 21 45.89 29.66 44.92
N CYS Q 22 46.21 28.49 45.44
CA CYS Q 22 46.63 28.32 46.83
C CYS Q 22 47.88 27.46 46.83
N ALA Q 23 49.03 28.08 47.06
CA ALA Q 23 50.31 27.38 47.08
C ALA Q 23 50.58 26.86 48.48
N ALA Q 24 50.62 25.54 48.61
CA ALA Q 24 50.88 24.88 49.88
C ALA Q 24 52.36 24.57 50.03
N SER Q 25 52.83 24.60 51.28
CA SER Q 25 54.23 24.31 51.57
C SER Q 25 54.33 23.82 53.01
N GLY Q 26 55.33 22.99 53.27
CA GLY Q 26 55.59 22.51 54.61
C GLY Q 26 54.84 21.26 55.00
N PHE Q 27 54.26 20.55 54.04
CA PHE Q 27 53.60 19.28 54.32
C PHE Q 27 53.39 18.53 53.01
N THR Q 28 53.17 17.23 53.12
CA THR Q 28 52.88 16.39 51.97
C THR Q 28 51.51 16.77 51.42
N PHE Q 29 51.50 17.59 50.36
CA PHE Q 29 50.26 18.12 49.83
C PHE Q 29 49.35 17.03 49.27
N SER Q 30 49.94 15.99 48.69
CA SER Q 30 49.13 14.93 48.07
C SER Q 30 48.43 14.05 49.08
N SER Q 31 48.71 14.21 50.38
CA SER Q 31 48.15 13.34 51.40
C SER Q 31 46.95 13.95 52.12
N TYR Q 32 46.51 15.15 51.73
CA TYR Q 32 45.44 15.84 52.43
C TYR Q 32 44.36 16.28 51.46
N SER Q 33 43.13 16.29 51.96
CA SER Q 33 42.02 16.91 51.23
C SER Q 33 42.02 18.40 51.50
N MET Q 34 41.72 19.18 50.45
CA MET Q 34 41.77 20.64 50.54
C MET Q 34 40.36 21.21 50.43
N ASN Q 35 40.23 22.49 50.80
CA ASN Q 35 38.94 23.16 50.85
C ASN Q 35 39.07 24.62 50.43
N TRP Q 36 37.92 25.22 50.12
CA TRP Q 36 37.79 26.67 49.93
C TRP Q 36 36.68 27.16 50.84
N VAL Q 37 37.00 28.16 51.66
CA VAL Q 37 36.02 28.78 52.56
C VAL Q 37 36.05 30.28 52.32
N ARG Q 38 34.88 30.88 52.20
CA ARG Q 38 34.80 32.32 51.92
C ARG Q 38 34.07 33.02 53.06
N GLN Q 39 34.34 34.32 53.17
CA GLN Q 39 33.81 35.15 54.25
C GLN Q 39 33.48 36.52 53.68
N ALA Q 40 32.20 36.83 53.54
CA ALA Q 40 31.78 38.14 53.09
C ALA Q 40 32.12 39.19 54.15
N PRO Q 41 32.47 40.42 53.73
CA PRO Q 41 32.94 41.42 54.69
C PRO Q 41 31.92 41.71 55.78
N GLY Q 42 32.35 41.51 57.02
CA GLY Q 42 31.48 41.72 58.17
C GLY Q 42 30.42 40.66 58.37
N LYS Q 43 30.51 39.53 57.67
CA LYS Q 43 29.54 38.45 57.75
C LYS Q 43 30.23 37.17 58.21
N GLY Q 44 29.49 36.07 58.17
CA GLY Q 44 29.97 34.80 58.68
C GLY Q 44 30.82 34.05 57.67
N LEU Q 45 31.10 32.79 58.02
CA LEU Q 45 31.89 31.90 57.18
C LEU Q 45 30.96 30.90 56.51
N GLU Q 46 31.23 30.60 55.24
CA GLU Q 46 30.48 29.60 54.49
C GLU Q 46 31.45 28.73 53.71
N TRP Q 47 31.22 27.42 53.76
CA TRP Q 47 32.05 26.47 53.03
C TRP Q 47 31.68 26.49 51.55
N VAL Q 48 32.68 26.52 50.69
CA VAL Q 48 32.45 26.65 49.26
C VAL Q 48 32.60 25.30 48.56
N SER Q 49 33.80 24.72 48.63
CA SER Q 49 34.10 23.52 47.87
C SER Q 49 35.26 22.79 48.51
N SER Q 50 35.40 21.51 48.17
CA SER Q 50 36.51 20.70 48.66
C SER Q 50 36.90 19.70 47.58
N ILE Q 51 38.17 19.28 47.61
CA ILE Q 51 38.69 18.28 46.68
C ILE Q 51 39.50 17.27 47.47
N SER Q 52 39.36 15.99 47.12
CA SER Q 52 40.03 14.92 47.83
C SER Q 52 41.52 14.91 47.49
N SER Q 53 42.24 13.95 48.07
CA SER Q 53 43.69 13.90 47.88
C SER Q 53 44.07 13.55 46.45
N SER Q 54 43.29 12.67 45.81
CA SER Q 54 43.56 12.25 44.44
C SER Q 54 42.62 12.89 43.44
N SER Q 55 41.90 13.93 43.84
CA SER Q 55 40.96 14.68 42.99
C SER Q 55 39.78 13.84 42.53
N SER Q 56 39.65 12.61 43.01
CA SER Q 56 38.58 11.73 42.57
C SER Q 56 37.24 12.02 43.22
N TYR Q 57 37.21 12.81 44.30
CA TYR Q 57 35.98 13.12 45.01
C TYR Q 57 35.92 14.63 45.22
N ILE Q 58 34.87 15.26 44.71
CA ILE Q 58 34.76 16.71 44.66
C ILE Q 58 33.37 17.12 45.13
N TYR Q 59 33.30 18.19 45.92
CA TYR Q 59 32.03 18.70 46.44
C TYR Q 59 31.97 20.20 46.28
N TYR Q 60 30.75 20.72 46.20
CA TYR Q 60 30.50 22.15 46.08
C TYR Q 60 29.31 22.53 46.94
N ALA Q 61 29.29 23.80 47.37
CA ALA Q 61 28.08 24.34 47.97
C ALA Q 61 27.03 24.60 46.90
N ASP Q 62 25.77 24.61 47.32
CA ASP Q 62 24.68 24.75 46.36
C ASP Q 62 24.69 26.10 45.67
N SER Q 63 25.23 27.13 46.32
CA SER Q 63 25.25 28.47 45.75
C SER Q 63 26.32 28.65 44.68
N VAL Q 64 27.26 27.72 44.55
CA VAL Q 64 28.36 27.86 43.60
C VAL Q 64 28.48 26.63 42.72
N LYS Q 65 27.50 25.73 42.82
CA LYS Q 65 27.63 24.40 42.20
C LYS Q 65 27.80 24.49 40.69
N GLY Q 66 26.98 25.32 40.03
CA GLY Q 66 26.96 25.35 38.58
C GLY Q 66 27.96 26.27 37.91
N ARG Q 67 28.72 27.05 38.68
CA ARG Q 67 29.66 28.00 38.10
C ARG Q 67 31.10 27.78 38.52
N PHE Q 68 31.35 27.02 39.58
CA PHE Q 68 32.69 26.89 40.14
C PHE Q 68 33.30 25.53 39.81
N THR Q 69 34.62 25.51 39.69
CA THR Q 69 35.37 24.29 39.47
C THR Q 69 36.61 24.31 40.35
N ILE Q 70 36.79 23.23 41.12
CA ILE Q 70 37.94 23.08 41.99
C ILE Q 70 38.87 22.02 41.40
N SER Q 71 40.17 22.24 41.53
CA SER Q 71 41.15 21.32 40.99
C SER Q 71 42.47 21.54 41.71
N ARG Q 72 43.32 20.52 41.67
CA ARG Q 72 44.61 20.56 42.35
C ARG Q 72 45.68 19.93 41.47
N ASP Q 73 46.91 20.41 41.65
CA ASP Q 73 48.09 19.85 41.00
C ASP Q 73 49.01 19.38 42.12
N ASN Q 74 48.99 18.08 42.41
CA ASN Q 74 49.81 17.54 43.48
C ASN Q 74 51.29 17.77 43.24
N ALA Q 75 51.72 17.77 41.97
CA ALA Q 75 53.13 17.96 41.67
C ALA Q 75 53.60 19.37 41.96
N LYS Q 76 52.70 20.35 41.95
CA LYS Q 76 53.05 21.73 42.20
C LYS Q 76 52.58 22.22 43.57
N ASN Q 77 52.04 21.34 44.40
CA ASN Q 77 51.52 21.71 45.72
C ASN Q 77 50.53 22.87 45.62
N SER Q 78 49.72 22.85 44.58
CA SER Q 78 48.86 23.97 44.23
C SER Q 78 47.40 23.58 44.34
N LEU Q 79 46.57 24.55 44.73
CA LEU Q 79 45.12 24.42 44.73
C LEU Q 79 44.54 25.50 43.82
N TYR Q 80 43.44 25.16 43.14
CA TYR Q 80 42.83 26.08 42.18
C TYR Q 80 41.32 26.13 42.40
N LEU Q 81 40.76 27.31 42.14
CA LEU Q 81 39.30 27.50 42.17
C LEU Q 81 38.93 28.41 41.00
N GLN Q 82 38.18 27.86 40.04
CA GLN Q 82 37.74 28.61 38.87
C GLN Q 82 36.30 29.08 39.10
N MET Q 83 36.11 30.40 39.14
CA MET Q 83 34.80 31.00 39.31
C MET Q 83 34.38 31.70 38.03
N ASN Q 84 33.15 31.46 37.61
CA ASN Q 84 32.57 32.11 36.44
C ASN Q 84 31.21 32.69 36.81
N SER Q 85 30.77 33.65 36.00
CA SER Q 85 29.48 34.31 36.17
C SER Q 85 29.32 34.85 37.59
N LEU Q 86 30.34 35.60 38.02
CA LEU Q 86 30.36 36.13 39.38
C LEU Q 86 29.27 37.17 39.59
N ARG Q 87 28.60 37.09 40.72
CA ARG Q 87 27.55 38.03 41.10
C ARG Q 87 27.97 38.74 42.38
N ALA Q 88 27.06 39.59 42.89
CA ALA Q 88 27.38 40.41 44.04
C ALA Q 88 27.67 39.57 45.28
N GLU Q 89 26.84 38.56 45.54
CA GLU Q 89 26.96 37.74 46.74
C GLU Q 89 28.25 36.92 46.77
N ASP Q 90 29.01 36.88 45.67
CA ASP Q 90 30.30 36.20 45.66
C ASP Q 90 31.43 37.05 46.24
N THR Q 91 31.13 38.30 46.61
CA THR Q 91 32.14 39.16 47.22
C THR Q 91 32.50 38.63 48.61
N ALA Q 92 33.76 38.26 48.79
CA ALA Q 92 34.20 37.66 50.05
C ALA Q 92 35.72 37.54 50.03
N VAL Q 93 36.28 37.26 51.21
CA VAL Q 93 37.66 36.82 51.35
C VAL Q 93 37.66 35.30 51.24
N TYR Q 94 38.40 34.78 50.26
CA TYR Q 94 38.38 33.36 49.94
C TYR Q 94 39.58 32.68 50.60
N TYR Q 95 39.31 31.83 51.60
CA TYR Q 95 40.34 31.16 52.36
C TYR Q 95 40.57 29.75 51.81
N CYS Q 96 41.83 29.33 51.83
CA CYS Q 96 42.23 27.99 51.42
C CYS Q 96 42.61 27.21 52.68
N ALA Q 97 41.76 26.27 53.08
CA ALA Q 97 41.91 25.55 54.33
C ALA Q 97 42.14 24.06 54.08
N ARG Q 98 43.03 23.48 54.87
CA ARG Q 98 43.34 22.06 54.79
C ARG Q 98 42.43 21.26 55.71
N LEU Q 99 42.01 20.08 55.25
CA LEU Q 99 41.27 19.16 56.10
C LEU Q 99 42.26 18.40 56.97
N GLY Q 100 42.04 18.43 58.28
CA GLY Q 100 42.94 17.77 59.20
C GLY Q 100 42.64 16.29 59.35
N TYR Q 101 43.57 15.59 59.99
CA TYR Q 101 43.37 14.19 60.31
C TYR Q 101 42.59 14.04 61.60
N CYS Q 102 41.76 13.00 61.67
CA CYS Q 102 40.96 12.72 62.86
C CYS Q 102 40.43 11.29 62.73
N SER Q 103 39.82 10.81 63.81
CA SER Q 103 39.24 9.47 63.80
C SER Q 103 38.06 9.39 62.84
N GLY Q 104 37.05 10.22 63.06
CA GLY Q 104 35.88 10.25 62.21
C GLY Q 104 34.93 11.37 62.56
N GLY Q 105 33.63 11.16 62.33
CA GLY Q 105 32.63 12.17 62.64
C GLY Q 105 32.88 13.51 62.00
N SER Q 106 33.43 13.52 60.77
CA SER Q 106 33.85 14.72 60.05
C SER Q 106 35.00 15.41 60.77
N CYS Q 107 36.14 15.52 60.09
CA CYS Q 107 37.31 16.16 60.67
C CYS Q 107 37.16 17.68 60.58
N HIS Q 108 38.23 18.40 60.89
CA HIS Q 108 38.21 19.84 61.02
C HIS Q 108 39.16 20.48 60.02
N PHE Q 109 38.96 21.77 59.79
CA PHE Q 109 39.91 22.58 59.01
C PHE Q 109 41.00 23.05 59.96
N ASP Q 110 42.17 22.41 59.88
CA ASP Q 110 43.22 22.65 60.87
C ASP Q 110 44.11 23.84 60.52
N TYR Q 111 44.40 24.06 59.25
CA TYR Q 111 45.30 25.14 58.84
C TYR Q 111 44.64 25.98 57.75
N TRP Q 112 44.74 27.30 57.90
CA TRP Q 112 44.12 28.24 56.98
C TRP Q 112 45.17 29.17 56.39
N GLY Q 113 44.92 29.63 55.17
CA GLY Q 113 45.72 30.67 54.57
C GLY Q 113 45.19 32.05 54.88
N GLN Q 114 46.02 33.07 54.63
CA GLN Q 114 45.64 34.45 54.94
C GLN Q 114 44.43 34.90 54.13
N GLY Q 115 44.17 34.29 52.98
CA GLY Q 115 43.01 34.60 52.18
C GLY Q 115 43.33 35.60 51.08
N THR Q 116 42.44 35.64 50.09
CA THR Q 116 42.52 36.62 49.01
C THR Q 116 41.15 37.27 48.85
N LEU Q 117 41.16 38.58 48.63
CA LEU Q 117 39.92 39.35 48.58
C LEU Q 117 39.37 39.35 47.16
N VAL Q 118 38.11 38.95 47.02
CA VAL Q 118 37.41 38.93 45.74
C VAL Q 118 36.27 39.93 45.85
N THR Q 119 36.28 40.93 44.97
CA THR Q 119 35.25 41.97 44.94
C THR Q 119 34.54 41.95 43.61
N VAL Q 120 33.22 41.80 43.64
CA VAL Q 120 32.39 41.82 42.44
C VAL Q 120 31.52 43.06 42.52
N SER Q 121 31.77 44.03 41.63
CA SER Q 121 31.05 45.30 41.68
C SER Q 121 31.07 45.94 40.30
N SER Q 122 29.98 46.65 39.98
CA SER Q 122 29.89 47.39 38.73
C SER Q 122 30.85 48.58 38.74
N ALA Q 123 30.74 49.44 39.76
CA ALA Q 123 31.69 50.50 40.05
C ALA Q 123 31.78 51.55 38.94
N SER Q 124 32.70 52.50 39.10
CA SER Q 124 32.95 53.57 38.15
C SER Q 124 34.22 54.31 38.55
N THR Q 125 34.13 55.63 38.70
CA THR Q 125 35.24 56.43 39.23
C THR Q 125 34.72 57.54 40.13
N PRO R 2 21.01 26.36 55.71
CA PRO R 2 21.01 26.09 57.15
C PRO R 2 22.35 26.44 57.80
N VAL R 3 22.29 26.92 59.05
CA VAL R 3 23.47 27.32 59.80
C VAL R 3 23.34 26.80 61.23
N LEU R 4 24.36 27.06 62.03
CA LEU R 4 24.32 26.82 63.47
C LEU R 4 24.11 28.15 64.17
N THR R 5 23.11 28.20 65.04
CA THR R 5 22.70 29.47 65.65
C THR R 5 23.61 29.81 66.83
N GLN R 6 24.19 31.00 66.78
CA GLN R 6 25.12 31.50 67.79
C GLN R 6 24.66 32.86 68.28
N PRO R 7 24.89 33.17 69.54
CA PRO R 7 24.60 34.53 70.05
C PRO R 7 25.42 35.56 69.31
N PRO R 8 24.80 36.63 68.83
CA PRO R 8 25.56 37.63 68.04
C PRO R 8 26.69 38.28 68.82
N SER R 9 26.48 38.55 70.11
CA SER R 9 27.50 39.18 70.94
C SER R 9 27.45 38.60 72.34
N VAL R 10 28.62 38.49 72.94
CA VAL R 10 28.77 38.10 74.34
C VAL R 10 29.94 38.88 74.91
N SER R 11 29.84 39.27 76.18
CA SER R 11 30.75 40.22 76.78
C SER R 11 31.26 39.71 78.12
N GLY R 12 32.25 40.42 78.66
CA GLY R 12 32.85 40.09 79.94
C GLY R 12 34.19 40.77 80.13
N ALA R 13 34.42 41.31 81.33
CA ALA R 13 35.66 41.97 81.72
C ALA R 13 36.82 40.97 81.72
N PRO R 14 38.03 41.35 82.11
CA PRO R 14 39.07 40.34 82.36
C PRO R 14 38.84 39.63 83.67
N GLY R 15 39.07 38.32 83.67
CA GLY R 15 39.15 37.52 84.88
C GLY R 15 38.09 36.42 84.99
N GLN R 16 36.88 36.67 84.50
CA GLN R 16 35.77 35.77 84.74
C GLN R 16 35.62 34.80 83.56
N ARG R 17 34.44 34.19 83.43
CA ARG R 17 34.18 33.12 82.47
C ARG R 17 32.88 33.38 81.73
N VAL R 18 32.93 33.27 80.41
CA VAL R 18 31.75 33.39 79.57
C VAL R 18 31.59 32.11 78.75
N THR R 19 30.38 31.91 78.24
CA THR R 19 30.07 30.74 77.42
C THR R 19 29.42 31.20 76.11
N ILE R 20 29.70 30.46 75.05
CA ILE R 20 29.19 30.75 73.71
C ILE R 20 28.44 29.51 73.23
N SER R 21 27.11 29.58 73.25
CA SER R 21 26.31 28.44 72.82
C SER R 21 26.32 28.32 71.30
N CYS R 22 26.14 27.09 70.81
CA CYS R 22 26.11 26.79 69.38
C CYS R 22 25.00 25.77 69.15
N THR R 23 23.82 26.27 68.81
CA THR R 23 22.65 25.42 68.62
C THR R 23 22.56 24.95 67.17
N GLY R 24 22.19 23.68 67.00
CA GLY R 24 22.03 23.08 65.69
C GLY R 24 20.70 22.37 65.56
N SER R 25 20.69 21.35 64.72
CA SER R 25 19.49 20.57 64.43
C SER R 25 19.81 19.09 64.60
N SER R 26 18.81 18.24 64.33
CA SER R 26 18.97 16.81 64.38
C SER R 26 19.72 16.25 63.17
N SER R 27 20.09 17.10 62.22
CA SER R 27 20.84 16.69 61.04
C SER R 27 22.31 17.08 61.10
N ASN R 28 22.73 17.78 62.16
CA ASN R 28 24.14 18.11 62.34
C ASN R 28 24.64 17.66 63.71
N ILE R 29 24.52 18.53 64.71
CA ILE R 29 24.98 18.19 66.05
C ILE R 29 24.18 17.02 66.61
N GLY R 30 22.86 17.06 66.46
CA GLY R 30 22.01 15.99 66.97
C GLY R 30 22.14 14.66 66.26
N ALA R 31 22.90 14.62 65.16
CA ALA R 31 23.11 13.38 64.44
C ALA R 31 24.35 12.63 64.88
N GLY R 32 25.29 13.29 65.55
CA GLY R 32 26.51 12.66 66.01
C GLY R 32 27.78 13.23 65.42
N TYR R 33 27.70 14.16 64.48
CA TYR R 33 28.90 14.74 63.88
C TYR R 33 29.64 15.60 64.90
N ASP R 34 30.97 15.61 64.77
CA ASP R 34 31.80 16.38 65.69
C ASP R 34 31.61 17.87 65.46
N VAL R 35 31.86 18.65 66.51
CA VAL R 35 31.79 20.11 66.45
C VAL R 35 33.18 20.66 66.68
N HIS R 36 33.56 21.66 65.89
CA HIS R 36 34.87 22.29 65.98
C HIS R 36 34.70 23.79 66.11
N TRP R 37 35.68 24.44 66.73
CA TRP R 37 35.64 25.86 66.98
C TRP R 37 36.84 26.54 66.35
N TYR R 38 36.63 27.77 65.88
CA TYR R 38 37.68 28.57 65.28
C TYR R 38 37.66 29.97 65.87
N GLN R 39 38.84 30.51 66.14
CA GLN R 39 39.01 31.85 66.71
C GLN R 39 39.59 32.76 65.64
N GLN R 40 38.90 33.86 65.35
CA GLN R 40 39.30 34.80 64.30
C GLN R 40 39.57 36.16 64.92
N LEU R 41 40.85 36.48 65.10
CA LEU R 41 41.22 37.83 65.51
C LEU R 41 40.94 38.80 64.36
N PRO R 42 40.58 40.05 64.65
CA PRO R 42 40.19 40.98 63.60
C PRO R 42 41.29 41.16 62.55
N GLY R 43 40.92 40.95 61.29
CA GLY R 43 41.83 41.15 60.18
C GLY R 43 42.73 39.99 59.87
N THR R 44 42.42 38.79 60.38
CA THR R 44 43.23 37.60 60.13
C THR R 44 42.33 36.43 59.75
N ALA R 45 42.95 35.34 59.34
CA ALA R 45 42.24 34.13 59.00
C ALA R 45 41.81 33.40 60.28
N PRO R 46 40.68 32.70 60.24
CA PRO R 46 40.28 31.90 61.41
C PRO R 46 41.28 30.77 61.65
N LYS R 47 41.70 30.62 62.89
CA LYS R 47 42.62 29.55 63.28
C LYS R 47 41.92 28.60 64.23
N LEU R 48 42.34 27.33 64.18
CA LEU R 48 41.69 26.29 64.96
C LEU R 48 41.86 26.57 66.45
N LEU R 49 40.79 26.36 67.19
CA LEU R 49 40.77 26.58 68.64
C LEU R 49 40.26 25.38 69.42
N ILE R 50 39.28 24.66 68.88
CA ILE R 50 38.81 23.40 69.46
C ILE R 50 38.48 22.45 68.32
N TYR R 51 38.98 21.22 68.40
CA TYR R 51 38.64 20.16 67.46
C TYR R 51 38.17 18.95 68.24
N GLY R 52 37.38 18.11 67.57
CA GLY R 52 36.87 16.91 68.22
C GLY R 52 36.03 17.19 69.45
N ASN R 53 35.17 18.21 69.37
CA ASN R 53 34.19 18.55 70.40
C ASN R 53 34.83 19.16 71.65
N SER R 54 36.03 18.74 72.03
CA SER R 54 36.61 19.20 73.28
C SER R 54 38.13 19.28 73.25
N ASN R 55 38.77 18.65 72.27
CA ASN R 55 40.23 18.62 72.23
C ASN R 55 40.79 19.97 71.81
N ARG R 56 41.99 20.30 72.32
CA ARG R 56 42.61 21.58 72.08
C ARG R 56 43.88 21.43 71.24
N PRO R 57 44.07 22.28 70.24
CA PRO R 57 45.29 22.19 69.40
C PRO R 57 46.48 22.88 70.02
N SER R 58 47.62 22.84 69.32
CA SER R 58 48.87 23.36 69.86
C SER R 58 48.79 24.87 70.07
N GLY R 59 48.93 25.31 71.32
CA GLY R 59 49.00 26.71 71.65
C GLY R 59 47.76 27.31 72.28
N VAL R 60 46.68 26.53 72.41
CA VAL R 60 45.44 27.03 73.00
C VAL R 60 45.49 26.73 74.50
N PRO R 61 45.37 27.73 75.37
CA PRO R 61 45.43 27.47 76.81
C PRO R 61 44.22 26.71 77.31
N ASP R 62 44.35 26.14 78.50
CA ASP R 62 43.28 25.36 79.10
C ASP R 62 42.08 26.21 79.53
N ARG R 63 42.16 27.53 79.39
CA ARG R 63 41.00 28.38 79.62
C ARG R 63 39.89 28.11 78.61
N PHE R 64 40.24 27.59 77.44
CA PHE R 64 39.27 27.22 76.42
C PHE R 64 38.85 25.77 76.61
N SER R 65 37.54 25.52 76.53
CA SER R 65 37.04 24.16 76.61
C SER R 65 35.76 24.07 75.79
N GLY R 66 35.50 22.87 75.25
CA GLY R 66 34.32 22.65 74.45
C GLY R 66 33.57 21.42 74.92
N SER R 67 32.28 21.40 74.59
CA SER R 67 31.41 20.28 74.94
C SER R 67 30.14 20.39 74.11
N LYS R 68 29.54 19.24 73.83
CA LYS R 68 28.27 19.17 73.11
C LYS R 68 27.29 18.31 73.91
N SER R 69 26.00 18.56 73.69
CA SER R 69 24.95 17.83 74.38
C SER R 69 23.69 17.88 73.55
N GLY R 70 23.16 16.72 73.17
CA GLY R 70 21.95 16.65 72.39
C GLY R 70 22.09 17.29 71.02
N THR R 71 21.50 18.47 70.84
CA THR R 71 21.57 19.20 69.58
C THR R 71 22.30 20.54 69.74
N SER R 72 23.09 20.69 70.79
CA SER R 72 23.76 21.96 71.06
C SER R 72 25.19 21.70 71.51
N ALA R 73 26.04 22.72 71.31
CA ALA R 73 27.43 22.68 71.74
C ALA R 73 27.77 24.02 72.38
N SER R 74 28.80 24.01 73.21
CA SER R 74 29.18 25.20 73.96
C SER R 74 30.69 25.34 73.99
N LEU R 75 31.15 26.59 73.96
CA LEU R 75 32.56 26.94 74.13
C LEU R 75 32.69 27.81 75.37
N ALA R 76 33.39 27.31 76.38
CA ALA R 76 33.57 28.01 77.64
C ALA R 76 34.97 28.62 77.71
N ILE R 77 35.04 29.87 78.15
CA ILE R 77 36.29 30.62 78.22
C ILE R 77 36.40 31.20 79.63
N THR R 78 37.19 30.54 80.48
CA THR R 78 37.46 31.06 81.82
C THR R 78 38.68 31.97 81.78
N GLY R 79 38.79 32.81 82.81
CA GLY R 79 39.90 33.74 82.93
C GLY R 79 40.13 34.58 81.69
N LEU R 80 39.20 35.50 81.43
CA LEU R 80 39.25 36.29 80.20
C LEU R 80 40.44 37.23 80.20
N GLN R 81 41.06 37.39 79.04
CA GLN R 81 42.19 38.28 78.86
C GLN R 81 41.95 39.17 77.64
N ALA R 82 42.85 40.13 77.43
CA ALA R 82 42.69 41.08 76.34
C ALA R 82 42.81 40.40 74.99
N GLU R 83 43.74 39.46 74.86
CA GLU R 83 43.95 38.74 73.61
C GLU R 83 42.75 37.88 73.21
N ASP R 84 41.78 37.70 74.10
CA ASP R 84 40.63 36.85 73.83
C ASP R 84 39.50 37.55 73.09
N GLU R 85 39.61 38.86 72.88
CA GLU R 85 38.60 39.60 72.11
C GLU R 85 38.74 39.23 70.64
N ALA R 86 37.74 38.56 70.09
CA ALA R 86 37.78 38.10 68.70
C ALA R 86 36.38 37.62 68.31
N ASP R 87 36.28 37.05 67.11
CA ASP R 87 35.08 36.38 66.65
C ASP R 87 35.25 34.87 66.80
N TYR R 88 34.16 34.19 67.12
CA TYR R 88 34.20 32.75 67.41
C TYR R 88 33.14 32.03 66.60
N TYR R 89 33.56 31.00 65.87
CA TYR R 89 32.69 30.24 64.98
C TYR R 89 32.75 28.76 65.35
N CYS R 90 31.59 28.14 65.49
CA CYS R 90 31.49 26.69 65.59
C CYS R 90 31.19 26.09 64.23
N GLN R 91 31.66 24.86 64.02
CA GLN R 91 31.53 24.21 62.72
C GLN R 91 31.25 22.73 62.90
N SER R 92 30.32 22.21 62.12
CA SER R 92 29.96 20.80 62.14
C SER R 92 29.66 20.38 60.71
N TYR R 93 29.00 19.22 60.56
CA TYR R 93 28.58 18.72 59.27
C TYR R 93 27.08 18.43 59.32
N ASP R 94 26.38 18.78 58.23
CA ASP R 94 24.94 18.62 58.14
C ASP R 94 24.63 17.60 57.05
N SER R 95 23.81 16.60 57.39
CA SER R 95 23.52 15.51 56.46
C SER R 95 22.48 15.89 55.40
N SER R 96 21.72 16.96 55.61
CA SER R 96 20.68 17.34 54.66
C SER R 96 21.18 18.34 53.63
N SER R 98 21.96 18.07 50.52
CA SER R 98 22.78 17.03 49.94
C SER R 98 24.14 16.95 50.63
N GLY R 99 24.18 17.31 51.91
CA GLY R 99 25.40 17.21 52.69
C GLY R 99 26.38 18.34 52.44
N PHE R 100 26.93 18.90 53.52
CA PHE R 100 27.83 20.04 53.44
C PHE R 100 28.43 20.28 54.81
N TYR R 101 29.53 21.03 54.84
CA TYR R 101 30.04 21.57 56.08
C TYR R 101 29.18 22.76 56.50
N VAL R 102 28.88 22.83 57.80
CA VAL R 102 28.02 23.88 58.34
C VAL R 102 28.82 24.70 59.34
N PHE R 103 28.55 26.01 59.38
CA PHE R 103 29.23 26.94 60.26
C PHE R 103 28.22 27.65 61.15
N GLY R 104 28.72 28.20 62.26
CA GLY R 104 27.91 29.03 63.10
C GLY R 104 27.85 30.46 62.60
N THR R 105 26.84 31.19 63.09
CA THR R 105 26.68 32.58 62.68
C THR R 105 27.80 33.47 63.19
N GLY R 106 28.48 33.07 64.25
CA GLY R 106 29.57 33.85 64.79
C GLY R 106 29.18 34.59 66.05
N THR R 107 30.18 34.85 66.89
CA THR R 107 29.97 35.53 68.16
C THR R 107 31.11 36.51 68.40
N LYS R 108 30.77 37.77 68.66
CA LYS R 108 31.77 38.79 68.98
C LYS R 108 31.98 38.78 70.49
N LEU R 109 33.09 38.21 70.92
CA LEU R 109 33.48 38.22 72.32
C LEU R 109 34.24 39.52 72.61
N THR R 110 33.71 40.32 73.53
CA THR R 110 34.31 41.59 73.91
C THR R 110 34.83 41.48 75.34
N VAL R 111 36.11 41.80 75.53
CA VAL R 111 36.68 41.86 76.86
C VAL R 111 36.56 43.29 77.36
N LEU R 112 36.02 43.44 78.57
CA LEU R 112 35.69 44.75 79.10
C LEU R 112 36.77 45.25 80.06
N ASP S 1 44.29 -0.51 34.85
CA ASP S 1 44.41 -0.37 36.30
C ASP S 1 45.86 -0.22 36.72
N ILE S 2 46.08 0.38 37.88
CA ILE S 2 47.42 0.48 38.44
C ILE S 2 47.78 -0.86 39.07
N LEU S 3 48.94 -1.39 38.68
CA LEU S 3 49.42 -2.66 39.19
C LEU S 3 50.42 -2.42 40.32
N LEU S 4 50.16 -3.07 41.46
CA LEU S 4 51.03 -2.98 42.62
C LEU S 4 51.72 -4.33 42.77
N THR S 5 53.02 -4.36 42.49
CA THR S 5 53.83 -5.57 42.59
C THR S 5 54.57 -5.55 43.93
N GLN S 6 54.39 -6.61 44.72
CA GLN S 6 54.94 -6.71 46.06
C GLN S 6 56.06 -7.75 46.07
N SER S 7 57.27 -7.31 46.37
CA SER S 7 58.44 -8.17 46.52
C SER S 7 59.12 -7.81 47.84
N PRO S 8 59.49 -8.80 48.68
CA PRO S 8 59.37 -10.24 48.43
C PRO S 8 57.96 -10.82 48.64
N ALA S 9 57.71 -12.01 48.09
CA ALA S 9 56.43 -12.67 48.30
C ALA S 9 56.40 -13.40 49.64
N ILE S 10 57.52 -14.02 50.01
CA ILE S 10 57.67 -14.69 51.30
C ILE S 10 59.02 -14.27 51.88
N LEU S 11 59.01 -13.79 53.11
CA LEU S 11 60.23 -13.38 53.80
C LEU S 11 60.33 -14.14 55.12
N SER S 12 61.40 -14.90 55.28
CA SER S 12 61.65 -15.63 56.52
C SER S 12 62.29 -14.69 57.53
N VAL S 13 61.59 -14.43 58.63
CA VAL S 13 62.05 -13.47 59.64
C VAL S 13 62.24 -14.20 60.96
N SER S 14 62.94 -13.53 61.88
CA SER S 14 63.20 -14.03 63.21
C SER S 14 62.81 -12.97 64.22
N PRO S 15 62.37 -13.39 65.42
CA PRO S 15 61.94 -12.41 66.43
C PRO S 15 63.04 -11.40 66.75
N GLY S 16 62.68 -10.13 66.76
CA GLY S 16 63.61 -9.06 67.02
C GLY S 16 64.27 -8.48 65.79
N GLU S 17 64.11 -9.12 64.63
CA GLU S 17 64.73 -8.64 63.40
C GLU S 17 64.09 -7.33 62.95
N ARG S 18 64.81 -6.64 62.06
CA ARG S 18 64.29 -5.50 61.35
C ARG S 18 64.01 -5.92 59.92
N VAL S 19 62.74 -5.84 59.50
CA VAL S 19 62.32 -6.35 58.21
C VAL S 19 61.61 -5.25 57.43
N SER S 20 61.64 -5.36 56.11
CA SER S 20 61.01 -4.38 55.23
C SER S 20 60.56 -5.08 53.95
N PHE S 21 59.37 -4.75 53.49
CA PHE S 21 58.84 -5.23 52.22
C PHE S 21 58.50 -4.05 51.31
N SER S 22 58.54 -4.30 50.00
CA SER S 22 58.37 -3.27 49.00
C SER S 22 57.03 -3.43 48.27
N CYS S 23 56.52 -2.31 47.78
CA CYS S 23 55.27 -2.26 47.01
C CYS S 23 55.52 -1.28 45.86
N ARG S 24 55.94 -1.81 44.72
CA ARG S 24 56.22 -0.99 43.54
C ARG S 24 54.95 -0.80 42.72
N ALA S 25 54.67 0.45 42.36
CA ALA S 25 53.51 0.80 41.55
C ALA S 25 53.90 0.87 40.08
N SER S 26 52.90 0.68 39.22
CA SER S 26 53.12 0.73 37.78
C SER S 26 53.16 2.15 37.24
N GLN S 27 52.68 3.13 37.98
CA GLN S 27 52.77 4.53 37.60
C GLN S 27 52.90 5.37 38.85
N ASN S 28 53.07 6.68 38.67
CA ASN S 28 53.15 7.58 39.81
C ASN S 28 51.81 7.64 40.52
N ILE S 29 51.78 7.24 41.78
CA ILE S 29 50.57 7.27 42.59
C ILE S 29 50.73 8.21 43.80
N ASP S 30 51.71 9.11 43.73
CA ASP S 30 51.94 10.16 44.72
C ASP S 30 52.18 9.50 46.08
N THR S 31 51.35 9.77 47.10
CA THR S 31 51.47 9.13 48.41
C THR S 31 50.22 8.33 48.73
N HIS S 32 49.55 7.80 47.69
CA HIS S 32 48.25 7.17 47.85
C HIS S 32 48.40 5.65 48.01
N ILE S 33 49.13 5.27 49.05
CA ILE S 33 49.32 3.88 49.44
C ILE S 33 48.87 3.72 50.88
N HIS S 34 48.06 2.70 51.13
CA HIS S 34 47.67 2.30 52.47
C HIS S 34 48.09 0.86 52.71
N TRP S 35 48.47 0.57 53.94
CA TRP S 35 49.01 -0.74 54.30
C TRP S 35 48.06 -1.46 55.24
N TYR S 36 47.85 -2.76 54.97
CA TYR S 36 46.95 -3.58 55.76
C TYR S 36 47.65 -4.88 56.17
N GLN S 37 47.25 -5.39 57.32
CA GLN S 37 47.79 -6.62 57.88
C GLN S 37 46.66 -7.61 58.05
N GLN S 38 46.85 -8.83 57.55
CA GLN S 38 45.87 -9.91 57.66
C GLN S 38 46.53 -11.10 58.33
N ARG S 39 46.24 -11.30 59.61
CA ARG S 39 46.67 -12.50 60.29
C ARG S 39 45.83 -13.68 59.83
N THR S 40 46.34 -14.89 60.07
CA THR S 40 45.67 -16.09 59.62
C THR S 40 44.27 -16.18 60.21
N ASN S 41 43.29 -16.49 59.35
CA ASN S 41 41.88 -16.60 59.71
C ASN S 41 41.34 -15.29 60.30
N GLY S 42 41.94 -14.17 59.92
CA GLY S 42 41.49 -12.86 60.37
C GLY S 42 41.21 -11.93 59.20
N SER S 43 40.76 -10.72 59.55
CA SER S 43 40.45 -9.68 58.59
C SER S 43 41.63 -8.72 58.46
N PRO S 44 41.76 -8.04 57.31
CA PRO S 44 42.81 -7.04 57.17
C PRO S 44 42.63 -5.90 58.15
N ARG S 45 43.75 -5.33 58.59
CA ARG S 45 43.75 -4.27 59.58
C ARG S 45 44.69 -3.17 59.12
N LEU S 46 44.18 -1.94 59.12
CA LEU S 46 44.96 -0.79 58.68
C LEU S 46 46.19 -0.59 59.55
N LEU S 47 47.35 -0.38 58.92
CA LEU S 47 48.60 -0.12 59.61
C LEU S 47 49.12 1.29 59.36
N ILE S 48 49.23 1.67 58.08
CA ILE S 48 49.78 2.95 57.67
C ILE S 48 48.86 3.54 56.62
N LYS S 49 48.54 4.82 56.75
CA LYS S 49 47.75 5.53 55.75
C LYS S 49 48.63 6.55 55.03
N TYR S 50 48.31 6.78 53.76
CA TYR S 50 48.99 7.76 52.92
C TYR S 50 50.52 7.59 53.00
N ALA S 51 50.95 6.34 52.82
CA ALA S 51 52.35 5.96 52.63
C ALA S 51 53.19 6.08 53.91
N SER S 52 52.99 7.14 54.69
CA SER S 52 53.86 7.35 55.85
C SER S 52 53.12 7.77 57.12
N GLU S 53 51.82 8.02 57.10
CA GLU S 53 51.12 8.52 58.26
C GLU S 53 50.62 7.37 59.13
N SER S 54 50.80 7.52 60.44
CA SER S 54 50.44 6.48 61.39
C SER S 54 48.95 6.54 61.74
N ILE S 55 48.44 5.42 62.23
CA ILE S 55 47.06 5.33 62.70
C ILE S 55 47.08 4.81 64.13
N SER S 56 46.05 5.16 64.89
CA SER S 56 46.05 4.92 66.32
C SER S 56 45.88 3.44 66.64
N GLY S 57 46.50 3.02 67.74
CA GLY S 57 46.42 1.65 68.19
C GLY S 57 47.39 0.70 67.55
N ILE S 58 48.14 1.15 66.55
CA ILE S 58 49.12 0.31 65.85
C ILE S 58 50.50 0.57 66.45
N PRO S 59 51.26 -0.46 66.81
CA PRO S 59 52.56 -0.24 67.46
C PRO S 59 53.51 0.60 66.61
N SER S 60 54.49 1.19 67.30
CA SER S 60 55.43 2.11 66.65
C SER S 60 56.41 1.42 65.72
N ARG S 61 56.56 0.10 65.83
CA ARG S 61 57.46 -0.62 64.94
C ARG S 61 57.05 -0.50 63.48
N PHE S 62 55.74 -0.42 63.22
CA PHE S 62 55.23 -0.33 61.87
C PHE S 62 55.39 1.09 61.35
N SER S 63 56.03 1.23 60.19
CA SER S 63 56.30 2.54 59.60
C SER S 63 56.49 2.40 58.09
N GLY S 64 55.91 3.33 57.34
CA GLY S 64 56.06 3.38 55.90
C GLY S 64 56.93 4.54 55.46
N SER S 65 57.40 4.52 54.21
CA SER S 65 58.40 5.51 53.80
C SER S 65 58.37 5.86 52.32
N GLY S 66 57.45 5.35 51.52
CA GLY S 66 57.53 5.53 50.08
C GLY S 66 56.87 6.82 49.59
N SER S 67 57.15 7.13 48.32
CA SER S 67 56.53 8.25 47.62
C SER S 67 56.84 8.18 46.13
N GLY S 68 55.80 8.21 45.29
CA GLY S 68 55.99 8.12 43.85
C GLY S 68 55.56 6.79 43.27
N THR S 69 56.51 5.87 43.11
CA THR S 69 56.19 4.53 42.63
C THR S 69 56.65 3.42 43.57
N ASP S 70 57.76 3.61 44.28
CA ASP S 70 58.32 2.60 45.16
C ASP S 70 57.98 2.93 46.61
N PHE S 71 57.28 2.01 47.27
CA PHE S 71 56.85 2.18 48.65
C PHE S 71 57.35 1.00 49.47
N THR S 72 57.53 1.23 50.77
CA THR S 72 58.14 0.22 51.62
C THR S 72 57.62 0.35 53.05
N LEU S 73 57.15 -0.77 53.60
CA LEU S 73 56.75 -0.88 54.98
C LEU S 73 57.84 -1.60 55.77
N THR S 74 58.17 -1.08 56.95
CA THR S 74 59.29 -1.56 57.73
C THR S 74 58.85 -1.82 59.16
N ILE S 75 59.20 -3.00 59.68
CA ILE S 75 58.96 -3.38 61.07
C ILE S 75 60.31 -3.39 61.78
N ASN S 76 60.44 -2.56 62.82
CA ASN S 76 61.73 -2.41 63.49
C ASN S 76 62.10 -3.67 64.27
N SER S 77 61.20 -4.14 65.13
CA SER S 77 61.41 -5.35 65.90
C SER S 77 60.25 -6.29 65.60
N VAL S 78 60.50 -7.29 64.75
CA VAL S 78 59.46 -8.23 64.35
C VAL S 78 59.07 -9.05 65.58
N GLU S 79 57.89 -8.79 66.11
CA GLU S 79 57.36 -9.65 67.16
C GLU S 79 56.57 -10.80 66.55
N SER S 80 56.19 -11.75 67.39
CA SER S 80 55.53 -12.96 66.89
C SER S 80 54.12 -12.70 66.38
N GLU S 81 53.48 -11.62 66.81
CA GLU S 81 52.18 -11.26 66.28
C GLU S 81 52.26 -10.56 64.93
N ASP S 82 53.46 -10.19 64.48
CA ASP S 82 53.64 -9.62 63.16
C ASP S 82 53.76 -10.68 62.07
N ILE S 83 53.62 -11.95 62.44
CA ILE S 83 53.68 -13.05 61.47
C ILE S 83 52.30 -13.13 60.82
N ALA S 84 52.20 -12.62 59.60
CA ALA S 84 50.92 -12.52 58.91
C ALA S 84 51.21 -12.16 57.45
N ASP S 85 50.14 -11.86 56.71
CA ASP S 85 50.25 -11.33 55.35
C ASP S 85 50.07 -9.82 55.37
N TYR S 86 50.74 -9.14 54.44
CA TYR S 86 50.76 -7.68 54.38
C TYR S 86 50.42 -7.25 52.97
N TYR S 87 49.44 -6.34 52.84
CA TYR S 87 48.96 -5.88 51.55
C TYR S 87 49.05 -4.36 51.47
N CYS S 88 49.45 -3.85 50.31
CA CYS S 88 49.38 -2.43 50.00
C CYS S 88 48.20 -2.20 49.07
N GLN S 89 47.50 -1.09 49.27
CA GLN S 89 46.35 -0.72 48.47
C GLN S 89 46.58 0.67 47.89
N GLN S 90 46.35 0.80 46.59
CA GLN S 90 46.45 2.10 45.92
C GLN S 90 45.14 2.85 46.06
N SER S 91 45.25 4.18 46.13
CA SER S 91 44.08 5.05 46.24
C SER S 91 44.20 6.24 45.31
N ASN S 92 44.93 6.09 44.20
CA ASN S 92 45.12 7.19 43.28
C ASN S 92 44.03 7.22 42.22
N SER S 93 43.70 6.08 41.64
CA SER S 93 42.73 6.01 40.56
C SER S 93 41.83 4.80 40.76
N TRP S 94 40.71 4.79 40.04
CA TRP S 94 39.76 3.69 40.00
C TRP S 94 40.10 2.73 38.87
N PRO S 95 40.07 1.41 39.11
CA PRO S 95 39.68 0.79 40.38
C PRO S 95 40.81 0.74 41.39
N PHE S 96 40.48 0.80 42.68
CA PHE S 96 41.46 0.56 43.73
C PHE S 96 41.99 -0.87 43.59
N THR S 97 43.30 -1.02 43.69
CA THR S 97 43.92 -2.33 43.52
C THR S 97 44.86 -2.61 44.68
N PHE S 98 44.97 -3.89 45.03
CA PHE S 98 45.84 -4.35 46.10
C PHE S 98 47.10 -4.98 45.53
N GLY S 99 48.10 -5.13 46.39
CA GLY S 99 49.29 -5.86 46.03
C GLY S 99 49.08 -7.36 46.10
N SER S 100 50.04 -8.09 45.53
CA SER S 100 49.95 -9.54 45.53
C SER S 100 50.06 -10.11 46.95
N GLY S 101 50.71 -9.40 47.84
CA GLY S 101 50.82 -9.83 49.22
C GLY S 101 52.24 -10.24 49.57
N THR S 102 52.60 -10.02 50.83
CA THR S 102 53.91 -10.41 51.37
C THR S 102 53.67 -11.22 52.63
N LYS S 103 54.00 -12.51 52.59
CA LYS S 103 53.80 -13.39 53.73
C LYS S 103 55.06 -13.43 54.59
N LEU S 104 54.89 -13.28 55.89
CA LEU S 104 55.98 -13.39 56.85
C LEU S 104 55.93 -14.76 57.52
N GLU S 105 57.07 -15.45 57.54
CA GLU S 105 57.18 -16.75 58.18
C GLU S 105 58.38 -16.75 59.13
N ILE S 106 58.32 -17.63 60.12
CA ILE S 106 59.36 -17.70 61.14
C ILE S 106 60.52 -18.55 60.62
N LYS S 107 61.73 -18.01 60.70
CA LYS S 107 62.92 -18.70 60.21
C LYS S 107 63.33 -19.81 61.17
N ARG S 108 64.01 -20.81 60.63
CA ARG S 108 64.34 -22.02 61.40
C ARG S 108 65.49 -22.74 60.72
N THR S 109 66.14 -23.61 61.49
CA THR S 109 67.17 -24.48 60.94
C THR S 109 66.55 -25.44 59.93
N VAL S 110 67.32 -25.80 58.90
CA VAL S 110 66.86 -26.73 57.89
C VAL S 110 66.57 -28.07 58.54
N ALA S 111 65.33 -28.54 58.40
CA ALA S 111 64.87 -29.80 58.97
C ALA S 111 64.32 -30.68 57.87
N ALA S 112 64.84 -31.91 57.78
CA ALA S 112 64.45 -32.83 56.73
C ALA S 112 63.06 -33.43 57.01
N PRO S 113 62.31 -33.78 55.97
CA PRO S 113 60.97 -34.35 56.18
C PRO S 113 60.96 -35.85 56.36
N SER S 114 60.36 -36.33 57.45
CA SER S 114 60.09 -37.75 57.59
C SER S 114 59.01 -38.16 56.61
N VAL S 115 59.27 -39.21 55.83
CA VAL S 115 58.38 -39.62 54.75
C VAL S 115 57.68 -40.91 55.14
N PHE S 116 56.38 -40.97 54.88
CA PHE S 116 55.57 -42.16 55.12
C PHE S 116 54.63 -42.36 53.94
N ILE S 117 54.41 -43.62 53.56
CA ILE S 117 53.55 -43.98 52.45
C ILE S 117 52.44 -44.88 52.97
N PHE S 118 51.21 -44.61 52.55
CA PHE S 118 50.04 -45.36 53.01
C PHE S 118 49.31 -45.95 51.82
N PRO S 119 49.29 -47.28 51.67
CA PRO S 119 48.46 -47.89 50.63
C PRO S 119 46.99 -47.69 50.94
N PRO S 120 46.11 -47.85 49.95
CA PRO S 120 44.67 -47.69 50.23
C PRO S 120 44.16 -48.83 51.11
N SER S 121 43.11 -48.54 51.85
CA SER S 121 42.50 -49.56 52.68
C SER S 121 41.70 -50.52 51.82
N ASP S 122 41.49 -51.73 52.36
CA ASP S 122 40.67 -52.70 51.65
C ASP S 122 39.22 -52.25 51.56
N GLU S 123 38.77 -51.41 52.50
CA GLU S 123 37.39 -50.94 52.48
C GLU S 123 37.15 -49.95 51.34
N GLN S 124 38.09 -49.03 51.13
CA GLN S 124 37.90 -48.05 50.06
C GLN S 124 38.00 -48.68 48.68
N LEU S 125 38.84 -49.71 48.53
CA LEU S 125 38.95 -50.38 47.24
C LEU S 125 37.62 -50.98 46.82
N LYS S 126 36.78 -51.38 47.77
CA LYS S 126 35.47 -51.95 47.46
C LYS S 126 34.53 -50.94 46.84
N SER S 127 34.85 -49.64 46.89
CA SER S 127 34.02 -48.61 46.29
C SER S 127 34.47 -48.24 44.88
N GLY S 128 35.56 -48.83 44.39
CA GLY S 128 36.00 -48.59 43.03
C GLY S 128 36.97 -47.44 42.85
N THR S 129 37.63 -47.00 43.91
CA THR S 129 38.59 -45.90 43.82
C THR S 129 39.66 -46.11 44.88
N ALA S 130 40.93 -45.99 44.48
CA ALA S 130 42.05 -46.12 45.39
C ALA S 130 42.66 -44.77 45.68
N SER S 131 43.04 -44.54 46.93
CA SER S 131 43.65 -43.30 47.37
C SER S 131 44.96 -43.62 48.07
N VAL S 132 46.08 -43.28 47.43
CA VAL S 132 47.41 -43.48 48.01
C VAL S 132 47.87 -42.15 48.57
N VAL S 133 48.48 -42.18 49.76
CA VAL S 133 48.78 -40.98 50.53
C VAL S 133 50.25 -41.01 50.93
N CYS S 134 50.98 -39.96 50.56
CA CYS S 134 52.35 -39.75 50.98
C CYS S 134 52.38 -38.60 51.99
N LEU S 135 53.08 -38.80 53.10
CA LEU S 135 53.07 -37.86 54.21
C LEU S 135 54.50 -37.35 54.45
N LEU S 136 54.68 -36.05 54.31
CA LEU S 136 55.95 -35.38 54.63
C LEU S 136 55.74 -34.63 55.93
N ASN S 137 56.45 -35.04 56.98
CA ASN S 137 56.15 -34.62 58.34
C ASN S 137 57.24 -33.72 58.89
N ASN S 138 56.83 -32.57 59.42
CA ASN S 138 57.69 -31.65 60.19
C ASN S 138 59.01 -31.35 59.49
N PHE S 139 58.98 -30.43 58.52
CA PHE S 139 60.19 -30.07 57.79
C PHE S 139 60.25 -28.56 57.60
N TYR S 140 61.40 -28.10 57.13
CA TYR S 140 61.67 -26.69 56.86
C TYR S 140 62.85 -26.60 55.93
N PRO S 141 62.83 -25.73 54.91
CA PRO S 141 61.75 -24.79 54.57
C PRO S 141 60.53 -25.46 53.92
N ARG S 142 59.51 -24.65 53.63
CA ARG S 142 58.25 -25.17 53.10
C ARG S 142 58.44 -25.79 51.72
N GLU S 143 59.43 -25.34 50.97
CA GLU S 143 59.60 -25.78 49.59
C GLU S 143 59.94 -27.27 49.55
N ALA S 144 59.14 -28.03 48.80
CA ALA S 144 59.36 -29.46 48.65
C ALA S 144 58.62 -29.92 47.40
N LYS S 145 59.11 -31.02 46.81
CA LYS S 145 58.49 -31.60 45.62
C LYS S 145 58.26 -33.08 45.84
N VAL S 146 57.09 -33.55 45.42
CA VAL S 146 56.68 -34.95 45.57
C VAL S 146 56.39 -35.50 44.18
N GLN S 147 57.00 -36.64 43.86
CA GLN S 147 56.82 -37.30 42.58
C GLN S 147 56.19 -38.67 42.80
N TRP S 148 55.15 -38.98 42.03
CA TRP S 148 54.41 -40.23 42.18
C TRP S 148 54.87 -41.21 41.09
N LYS S 149 55.37 -42.36 41.52
CA LYS S 149 55.89 -43.40 40.63
C LYS S 149 54.99 -44.62 40.74
N VAL S 150 54.22 -44.89 39.68
CA VAL S 150 53.38 -46.08 39.59
C VAL S 150 54.03 -46.99 38.55
N ASP S 151 54.83 -47.94 39.02
CA ASP S 151 55.56 -48.88 38.17
C ASP S 151 56.51 -48.14 37.22
N ASN S 152 57.44 -47.40 37.83
CA ASN S 152 58.50 -46.70 37.11
C ASN S 152 57.94 -45.71 36.09
N ALA S 153 56.83 -45.05 36.44
CA ALA S 153 56.19 -44.11 35.54
C ALA S 153 55.79 -42.85 36.29
N LEU S 154 55.96 -41.70 35.64
CA LEU S 154 55.55 -40.44 36.22
C LEU S 154 54.03 -40.28 36.09
N GLN S 155 53.41 -39.84 37.17
CA GLN S 155 51.97 -39.57 37.19
C GLN S 155 51.75 -38.05 37.21
N SER S 156 50.80 -37.59 36.39
CA SER S 156 50.46 -36.18 36.31
C SER S 156 48.97 -36.03 36.09
N GLY S 157 48.36 -35.12 36.83
CA GLY S 157 46.94 -34.88 36.72
C GLY S 157 46.06 -35.75 37.59
N ASN S 158 46.65 -36.54 38.50
CA ASN S 158 45.90 -37.39 39.41
C ASN S 158 46.45 -37.29 40.83
N SER S 159 47.05 -36.15 41.16
CA SER S 159 47.68 -35.95 42.46
C SER S 159 47.30 -34.58 43.00
N GLN S 160 46.84 -34.56 44.25
CA GLN S 160 46.55 -33.32 44.97
C GLN S 160 47.29 -33.34 46.29
N GLU S 161 47.88 -32.21 46.67
CA GLU S 161 48.60 -32.10 47.92
C GLU S 161 48.07 -30.90 48.71
N SER S 162 48.47 -30.85 49.98
CA SER S 162 48.01 -29.81 50.89
C SER S 162 49.06 -29.63 51.98
N VAL S 163 49.18 -28.40 52.46
CA VAL S 163 50.21 -28.04 53.43
C VAL S 163 49.54 -27.45 54.67
N THR S 164 50.04 -27.86 55.83
CA THR S 164 49.59 -27.27 57.08
C THR S 164 50.22 -25.90 57.29
N GLU S 165 49.62 -25.12 58.18
CA GLU S 165 50.22 -23.86 58.58
C GLU S 165 51.48 -24.14 59.39
N GLN S 166 52.35 -23.12 59.45
CA GLN S 166 53.59 -23.26 60.21
C GLN S 166 53.28 -23.56 61.66
N ASP S 167 53.93 -24.61 62.18
CA ASP S 167 53.69 -25.02 63.56
C ASP S 167 54.08 -23.90 64.53
N SER S 168 53.24 -23.69 65.54
CA SER S 168 53.48 -22.65 66.53
C SER S 168 54.52 -23.05 67.57
N LYS S 169 55.07 -24.26 67.51
CA LYS S 169 56.09 -24.72 68.44
C LYS S 169 57.44 -24.81 67.74
N ASP S 170 57.61 -25.76 66.82
CA ASP S 170 58.89 -25.97 66.15
C ASP S 170 59.03 -25.21 64.84
N SER S 171 57.96 -24.55 64.39
CA SER S 171 57.98 -23.75 63.16
C SER S 171 58.34 -24.59 61.94
N THR S 172 57.79 -25.80 61.87
CA THR S 172 57.98 -26.69 60.74
C THR S 172 56.65 -26.90 60.00
N TYR S 173 56.76 -27.38 58.78
CA TYR S 173 55.61 -27.60 57.91
C TYR S 173 55.40 -29.09 57.70
N SER S 174 54.17 -29.45 57.33
CA SER S 174 53.82 -30.83 57.02
C SER S 174 52.98 -30.85 55.75
N LEU S 175 53.31 -31.76 54.84
CA LEU S 175 52.67 -31.86 53.55
C LEU S 175 52.08 -33.25 53.35
N SER S 176 51.02 -33.33 52.57
CA SER S 176 50.33 -34.60 52.30
C SER S 176 49.88 -34.61 50.85
N SER S 177 50.55 -35.41 50.03
CA SER S 177 50.19 -35.58 48.63
C SER S 177 49.35 -36.84 48.47
N THR S 178 48.22 -36.72 47.78
CA THR S 178 47.28 -37.82 47.62
C THR S 178 47.15 -38.16 46.14
N LEU S 179 47.49 -39.39 45.79
CA LEU S 179 47.31 -39.91 44.44
C LEU S 179 46.01 -40.70 44.38
N THR S 180 45.12 -40.31 43.49
CA THR S 180 43.80 -40.93 43.37
C THR S 180 43.72 -41.70 42.06
N LEU S 181 43.34 -42.98 42.16
CA LEU S 181 43.25 -43.85 41.00
C LEU S 181 41.96 -44.65 41.07
N SER S 182 41.47 -45.07 39.91
CA SER S 182 40.36 -46.00 39.86
C SER S 182 40.84 -47.40 40.26
N LYS S 183 39.92 -48.21 40.78
CA LYS S 183 40.28 -49.57 41.18
C LYS S 183 40.76 -50.39 39.98
N ALA S 184 40.23 -50.10 38.80
CA ALA S 184 40.72 -50.78 37.60
C ALA S 184 42.16 -50.39 37.29
N ASP S 185 42.46 -49.08 37.29
CA ASP S 185 43.81 -48.63 37.00
C ASP S 185 44.76 -48.85 38.18
N TYR S 186 44.24 -49.11 39.38
CA TYR S 186 45.10 -49.38 40.51
C TYR S 186 45.62 -50.80 40.51
N GLU S 187 44.82 -51.76 40.05
CA GLU S 187 45.18 -53.17 40.09
C GLU S 187 45.87 -53.64 38.81
N LYS S 188 46.22 -52.72 37.90
CA LYS S 188 47.02 -53.07 36.75
C LYS S 188 48.52 -53.03 37.04
N HIS S 189 48.93 -52.34 38.08
CA HIS S 189 50.34 -52.15 38.43
C HIS S 189 50.61 -52.77 39.79
N LYS S 190 51.86 -52.68 40.22
CA LYS S 190 52.27 -53.35 41.46
C LYS S 190 53.11 -52.47 42.38
N VAL S 191 54.01 -51.67 41.83
CA VAL S 191 54.93 -50.86 42.63
C VAL S 191 54.44 -49.43 42.66
N TYR S 192 54.20 -48.91 43.88
CA TYR S 192 53.80 -47.53 44.09
C TYR S 192 54.83 -46.87 45.01
N ALA S 193 55.22 -45.64 44.66
CA ALA S 193 56.25 -44.95 45.43
C ALA S 193 56.09 -43.45 45.26
N CYS S 194 56.33 -42.71 46.34
CA CYS S 194 56.44 -41.26 46.31
C CYS S 194 57.88 -40.87 46.61
N GLU S 195 58.42 -39.96 45.81
CA GLU S 195 59.80 -39.52 45.92
C GLU S 195 59.82 -38.07 46.41
N VAL S 196 60.53 -37.84 47.51
CA VAL S 196 60.55 -36.54 48.18
C VAL S 196 61.90 -35.88 47.92
N THR S 197 61.88 -34.72 47.26
CA THR S 197 63.07 -33.92 47.01
C THR S 197 62.96 -32.65 47.84
N HIS S 198 63.76 -32.56 48.89
CA HIS S 198 63.72 -31.44 49.82
C HIS S 198 65.14 -31.00 50.15
N GLN S 199 65.29 -29.72 50.49
CA GLN S 199 66.61 -29.16 50.74
C GLN S 199 67.32 -29.87 51.89
N GLY S 200 66.57 -30.28 52.91
CA GLY S 200 67.14 -30.96 54.06
C GLY S 200 67.61 -32.38 53.82
N LEU S 201 67.46 -32.90 52.60
CA LEU S 201 67.88 -34.24 52.26
C LEU S 201 69.13 -34.18 51.39
N SER S 202 70.11 -35.02 51.70
CA SER S 202 71.33 -35.09 50.89
C SER S 202 71.01 -35.56 49.47
N SER S 203 70.16 -36.58 49.36
CA SER S 203 69.70 -37.11 48.09
C SER S 203 68.22 -37.44 48.23
N PRO S 204 67.44 -37.36 47.14
CA PRO S 204 66.01 -37.65 47.22
C PRO S 204 65.72 -38.98 47.90
N VAL S 205 64.75 -38.95 48.83
CA VAL S 205 64.35 -40.12 49.60
C VAL S 205 63.03 -40.63 49.04
N THR S 206 62.95 -41.95 48.83
CA THR S 206 61.79 -42.58 48.21
C THR S 206 61.19 -43.62 49.16
N LYS S 207 59.89 -43.53 49.39
CA LYS S 207 59.15 -44.52 50.15
C LYS S 207 58.23 -45.28 49.20
N SER S 208 58.17 -46.60 49.36
CA SER S 208 57.47 -47.44 48.39
C SER S 208 56.75 -48.58 49.09
N PHE S 209 55.83 -49.19 48.35
CA PHE S 209 55.17 -50.43 48.76
C PHE S 209 54.78 -51.20 47.51
N ASN S 210 54.38 -52.45 47.70
CA ASN S 210 53.97 -53.33 46.62
C ASN S 210 52.53 -53.75 46.84
N ARG S 211 51.71 -53.60 45.80
CA ARG S 211 50.28 -53.91 45.89
C ARG S 211 50.03 -55.37 46.23
N GLY S 212 49.60 -55.63 47.47
CA GLY S 212 49.30 -56.97 47.91
C GLY S 212 50.37 -57.62 48.75
N GLU S 213 51.54 -56.99 48.88
CA GLU S 213 52.65 -57.55 49.65
C GLU S 213 52.66 -56.92 51.03
N CYS S 214 52.49 -57.74 52.06
CA CYS S 214 52.45 -57.27 53.43
C CYS S 214 53.59 -57.86 54.25
N VAL T 2 33.09 1.40 67.37
CA VAL T 2 32.81 1.27 65.92
C VAL T 2 32.74 -0.21 65.61
N GLN T 3 31.60 -0.70 65.14
CA GLN T 3 31.43 -2.15 64.94
C GLN T 3 30.92 -2.43 63.53
N ILE T 4 31.60 -3.32 62.79
CA ILE T 4 31.21 -3.70 61.44
C ILE T 4 30.91 -5.19 61.47
N GLN T 5 29.64 -5.55 61.63
CA GLN T 5 29.21 -6.94 61.70
C GLN T 5 28.55 -7.33 60.39
N GLN T 6 29.05 -8.39 59.77
CA GLN T 6 28.56 -8.86 58.49
C GLN T 6 27.59 -10.03 58.66
N SER T 7 26.87 -10.33 57.59
CA SER T 7 25.90 -11.41 57.61
C SER T 7 26.59 -12.76 57.73
N GLY T 8 25.79 -13.80 57.94
CA GLY T 8 26.33 -15.14 58.11
C GLY T 8 26.81 -15.76 56.82
N ALA T 9 27.47 -16.91 56.96
CA ALA T 9 27.97 -17.63 55.80
C ALA T 9 26.83 -18.10 54.92
N GLU T 10 27.10 -18.16 53.61
CA GLU T 10 26.09 -18.46 52.61
C GLU T 10 26.52 -19.65 51.77
N LEU T 11 25.56 -20.54 51.49
CA LEU T 11 25.77 -21.71 50.63
C LEU T 11 24.68 -21.69 49.56
N MET T 12 25.07 -21.40 48.32
CA MET T 12 24.12 -21.22 47.23
C MET T 12 24.44 -22.14 46.07
N ARG T 13 23.44 -22.30 45.19
CA ARG T 13 23.49 -23.06 43.96
C ARG T 13 23.79 -22.14 42.77
N PRO T 14 24.45 -22.66 41.73
CA PRO T 14 24.76 -21.81 40.58
C PRO T 14 23.49 -21.26 39.95
N GLY T 15 23.57 -19.99 39.53
CA GLY T 15 22.45 -19.30 38.92
C GLY T 15 21.56 -18.55 39.89
N ALA T 16 21.76 -18.72 41.19
CA ALA T 16 20.93 -18.06 42.18
C ALA T 16 21.53 -16.70 42.56
N SER T 17 20.81 -15.96 43.39
CA SER T 17 21.24 -14.66 43.87
C SER T 17 21.32 -14.67 45.39
N VAL T 18 22.15 -13.80 45.94
CA VAL T 18 22.33 -13.69 47.38
C VAL T 18 22.66 -12.24 47.72
N LYS T 19 22.20 -11.80 48.90
CA LYS T 19 22.42 -10.44 49.38
C LYS T 19 23.18 -10.51 50.70
N LEU T 20 24.33 -9.84 50.74
CA LEU T 20 25.19 -9.84 51.92
C LEU T 20 24.99 -8.55 52.71
N SER T 21 24.98 -8.67 54.03
CA SER T 21 24.70 -7.54 54.90
C SER T 21 25.99 -7.01 55.53
N CYS T 22 25.96 -5.72 55.88
CA CYS T 22 27.12 -5.05 56.47
C CYS T 22 26.57 -3.97 57.41
N LYS T 23 26.32 -4.35 58.66
CA LYS T 23 25.79 -3.42 59.65
C LYS T 23 26.93 -2.65 60.29
N ALA T 24 26.82 -1.32 60.29
CA ALA T 24 27.84 -0.43 60.82
C ALA T 24 27.23 0.41 61.94
N THR T 25 27.81 0.31 63.13
CA THR T 25 27.31 1.02 64.29
C THR T 25 28.46 1.71 65.02
N GLY T 26 28.10 2.63 65.91
CA GLY T 26 29.08 3.38 66.68
C GLY T 26 29.50 4.70 66.08
N TYR T 27 28.81 5.18 65.06
CA TYR T 27 29.15 6.43 64.39
C TYR T 27 27.97 6.87 63.55
N THR T 28 28.02 8.12 63.10
CA THR T 28 26.98 8.65 62.23
C THR T 28 27.13 8.01 60.85
N PHE T 29 26.12 7.21 60.46
CA PHE T 29 26.24 6.37 59.28
C PHE T 29 26.40 7.18 58.00
N THR T 30 25.67 8.29 57.88
CA THR T 30 25.65 9.05 56.64
C THR T 30 26.96 9.81 56.43
N GLY T 31 27.53 9.69 55.24
CA GLY T 31 28.73 10.42 54.86
C GLY T 31 29.96 9.57 54.65
N TYR T 32 29.90 8.28 54.99
CA TYR T 32 31.05 7.40 54.91
C TYR T 32 30.90 6.45 53.72
N TRP T 33 31.96 6.26 52.96
CA TRP T 33 31.98 5.27 51.90
C TRP T 33 32.24 3.90 52.52
N ILE T 34 31.36 2.94 52.26
CA ILE T 34 31.58 1.56 52.67
C ILE T 34 32.10 0.79 51.47
N GLU T 35 33.26 0.17 51.62
CA GLU T 35 33.92 -0.54 50.54
C GLU T 35 33.70 -2.04 50.67
N TRP T 36 33.76 -2.73 49.54
CA TRP T 36 33.56 -4.17 49.48
C TRP T 36 34.76 -4.82 48.82
N VAL T 37 35.28 -5.88 49.44
CA VAL T 37 36.51 -6.54 49.01
C VAL T 37 36.23 -8.03 48.87
N LYS T 38 36.69 -8.62 47.75
CA LYS T 38 36.59 -10.05 47.51
C LYS T 38 37.96 -10.69 47.66
N GLN T 39 38.01 -11.84 48.34
CA GLN T 39 39.24 -12.57 48.56
C GLN T 39 38.98 -14.06 48.42
N ARG T 40 39.48 -14.65 47.34
CA ARG T 40 39.41 -16.10 47.19
C ARG T 40 40.42 -16.76 48.13
N PRO T 41 40.13 -17.98 48.59
CA PRO T 41 40.99 -18.63 49.58
C PRO T 41 42.41 -18.82 49.06
N GLY T 42 43.38 -18.26 49.77
CA GLY T 42 44.77 -18.35 49.43
C GLY T 42 45.28 -17.25 48.50
N HIS T 43 44.39 -16.51 47.85
CA HIS T 43 44.77 -15.47 46.92
C HIS T 43 44.71 -14.11 47.61
N GLY T 44 44.94 -13.04 46.84
CA GLY T 44 44.98 -11.69 47.36
C GLY T 44 43.60 -11.07 47.46
N LEU T 45 43.60 -9.76 47.76
CA LEU T 45 42.37 -9.00 47.89
C LEU T 45 42.01 -8.33 46.57
N GLU T 46 40.72 -8.33 46.25
CA GLU T 46 40.19 -7.70 45.05
C GLU T 46 39.12 -6.69 45.45
N TRP T 47 39.23 -5.47 44.92
CA TRP T 47 38.26 -4.43 45.23
C TRP T 47 37.02 -4.61 44.37
N ILE T 48 35.85 -4.51 45.00
CA ILE T 48 34.58 -4.63 44.30
C ILE T 48 33.98 -3.26 44.01
N GLY T 49 33.91 -2.39 45.01
CA GLY T 49 33.39 -1.05 44.79
C GLY T 49 33.09 -0.34 46.10
N GLU T 50 32.21 0.66 46.00
CA GLU T 50 31.84 1.49 47.15
C GLU T 50 30.40 1.96 46.98
N ILE T 51 29.82 2.45 48.08
CA ILE T 51 28.39 2.71 48.14
C ILE T 51 28.04 4.07 48.73
N LEU T 52 28.93 4.73 49.47
CA LEU T 52 28.59 5.90 50.29
C LEU T 52 27.58 5.42 51.34
N SER T 53 26.62 6.26 51.73
CA SER T 53 25.71 5.83 52.78
C SER T 53 24.37 6.54 52.71
N GLY T 54 24.32 7.77 53.24
CA GLY T 54 23.09 8.55 53.14
C GLY T 54 22.65 8.74 51.70
N ARG T 55 23.61 8.99 50.82
CA ARG T 55 23.39 8.97 49.38
C ARG T 55 23.88 7.64 48.82
N GLY T 56 23.18 7.15 47.81
CA GLY T 56 23.49 5.84 47.27
C GLY T 56 24.49 5.83 46.13
N THR T 57 25.42 6.78 46.14
CA THR T 57 26.40 6.89 45.06
C THR T 57 27.28 5.65 45.01
N THR T 58 27.35 5.02 43.84
CA THR T 58 28.09 3.79 43.67
C THR T 58 29.23 3.97 42.66
N ASN T 59 30.35 3.31 42.95
CA ASN T 59 31.44 3.17 41.99
C ASN T 59 31.85 1.70 42.00
N TYR T 60 31.94 1.10 40.82
CA TYR T 60 32.16 -0.34 40.69
C TYR T 60 33.46 -0.63 39.96
N ASN T 61 34.15 -1.67 40.41
CA ASN T 61 35.22 -2.27 39.62
C ASN T 61 34.62 -2.88 38.36
N GLU T 62 35.28 -2.65 37.23
CA GLU T 62 34.78 -3.19 35.97
C GLU T 62 34.74 -4.71 35.97
N LYS T 63 35.57 -5.36 36.79
CA LYS T 63 35.53 -6.82 36.91
C LYS T 63 34.28 -7.32 37.63
N PHE T 64 33.52 -6.43 38.27
CA PHE T 64 32.33 -6.81 39.00
C PHE T 64 31.09 -6.04 38.56
N LYS T 65 31.19 -5.20 37.53
CA LYS T 65 30.03 -4.48 37.03
C LYS T 65 28.97 -5.45 36.52
N GLY T 66 27.75 -5.32 37.04
CA GLY T 66 26.68 -6.23 36.71
C GLY T 66 26.66 -7.51 37.51
N LYS T 67 27.71 -7.81 38.28
CA LYS T 67 27.73 -8.96 39.17
C LYS T 67 27.40 -8.58 40.61
N ALA T 68 27.93 -7.47 41.10
CA ALA T 68 27.64 -6.97 42.43
C ALA T 68 26.80 -5.71 42.33
N THR T 69 25.79 -5.61 43.20
CA THR T 69 24.94 -4.43 43.28
C THR T 69 24.89 -3.97 44.72
N PHE T 70 25.26 -2.70 44.96
CA PHE T 70 25.30 -2.15 46.30
C PHE T 70 24.00 -1.42 46.61
N THR T 71 23.55 -1.53 47.86
CA THR T 71 22.46 -0.72 48.39
C THR T 71 22.84 -0.30 49.80
N ALA T 72 22.02 0.58 50.38
CA ALA T 72 22.28 1.08 51.72
C ALA T 72 20.97 1.50 52.37
N ASP T 73 20.81 1.15 53.64
CA ASP T 73 19.63 1.50 54.42
C ASP T 73 20.07 2.41 55.56
N THR T 74 19.74 3.70 55.45
CA THR T 74 20.19 4.67 56.44
C THR T 74 19.48 4.45 57.78
N TYR T 75 18.21 4.06 57.75
CA TYR T 75 17.44 3.91 58.98
C TYR T 75 17.87 2.70 59.80
N SER T 76 18.57 1.75 59.18
CA SER T 76 19.05 0.57 59.90
C SER T 76 20.56 0.45 59.94
N ASN T 77 21.29 1.43 59.40
CA ASN T 77 22.75 1.46 59.45
C ASN T 77 23.36 0.22 58.81
N THR T 78 22.82 -0.17 57.66
CA THR T 78 23.22 -1.41 56.99
C THR T 78 23.45 -1.16 55.51
N ALA T 79 24.56 -1.68 55.00
CA ALA T 79 24.87 -1.68 53.57
C ALA T 79 24.79 -3.10 53.04
N TYR T 80 24.19 -3.27 51.86
CA TYR T 80 23.98 -4.59 51.27
C TYR T 80 24.76 -4.72 49.98
N MET T 81 25.17 -5.96 49.67
CA MET T 81 25.77 -6.29 48.38
C MET T 81 25.07 -7.52 47.83
N GLN T 82 24.45 -7.37 46.66
CA GLN T 82 23.77 -8.48 46.00
C GLN T 82 24.68 -9.07 44.93
N LEU T 83 24.84 -10.39 44.98
CA LEU T 83 25.57 -11.14 43.95
C LEU T 83 24.53 -11.85 43.10
N SER T 84 24.49 -11.51 41.80
CA SER T 84 23.29 -11.76 41.01
C SER T 84 23.26 -13.18 40.43
N SER T 85 24.25 -13.53 39.60
CA SER T 85 24.28 -14.82 38.92
C SER T 85 25.47 -15.60 39.44
N LEU T 86 25.25 -16.40 40.49
CA LEU T 86 26.34 -17.03 41.20
C LEU T 86 26.96 -18.16 40.39
N THR T 87 28.29 -18.12 40.25
CA THR T 87 29.07 -19.21 39.69
C THR T 87 29.98 -19.78 40.78
N THR T 88 30.58 -20.93 40.46
CA THR T 88 31.56 -21.51 41.38
C THR T 88 32.74 -20.56 41.59
N GLY T 89 33.07 -19.74 40.59
CA GLY T 89 34.12 -18.76 40.74
C GLY T 89 33.76 -17.61 41.67
N ASP T 90 32.47 -17.45 41.98
CA ASP T 90 32.04 -16.47 42.95
C ASP T 90 32.22 -16.95 44.39
N SER T 91 32.75 -18.14 44.59
CA SER T 91 33.03 -18.63 45.94
C SER T 91 34.29 -17.96 46.46
N ALA T 92 34.17 -17.23 47.56
CA ALA T 92 35.28 -16.49 48.16
C ALA T 92 34.83 -15.96 49.51
N ILE T 93 35.72 -15.20 50.15
CA ILE T 93 35.41 -14.47 51.37
C ILE T 93 35.20 -13.01 50.99
N TYR T 94 34.06 -12.45 51.36
CA TYR T 94 33.69 -11.08 51.01
C TYR T 94 33.75 -10.21 52.25
N TYR T 95 34.60 -9.19 52.21
CA TYR T 95 34.77 -8.24 53.29
C TYR T 95 34.07 -6.93 52.95
N CYS T 96 33.44 -6.34 53.95
CA CYS T 96 32.99 -4.96 53.87
C CYS T 96 33.76 -4.15 54.89
N ALA T 97 34.10 -2.91 54.54
CA ALA T 97 34.96 -2.11 55.38
C ALA T 97 34.52 -0.65 55.35
N ARG T 98 34.66 0.01 56.49
CA ARG T 98 34.40 1.44 56.57
C ARG T 98 35.51 2.21 55.87
N GLY T 99 35.14 3.13 54.99
CA GLY T 99 36.08 3.94 54.26
C GLY T 99 36.13 5.37 54.75
N GLY T 100 36.63 6.26 53.90
CA GLY T 100 36.77 7.65 54.28
C GLY T 100 35.45 8.36 54.38
N PHE T 101 35.40 9.35 55.26
CA PHE T 101 34.25 10.24 55.33
C PHE T 101 34.26 11.18 54.13
N LEU T 102 33.17 11.17 53.36
CA LEU T 102 33.01 11.97 52.15
C LEU T 102 33.92 11.52 51.01
N TYR T 103 35.18 11.24 51.31
CA TYR T 103 36.18 10.90 50.28
C TYR T 103 36.63 9.45 50.43
N GLY T 104 36.38 8.63 49.42
CA GLY T 104 36.76 7.21 49.44
C GLY T 104 38.21 7.01 49.04
N ASP T 105 38.96 8.11 48.95
CA ASP T 105 40.40 8.06 48.61
C ASP T 105 41.15 7.76 49.90
N GLY T 106 40.43 7.79 51.02
CA GLY T 106 41.07 7.56 52.31
C GLY T 106 41.27 6.09 52.59
N PRO T 107 41.81 5.74 53.76
CA PRO T 107 42.08 4.36 54.07
C PRO T 107 40.84 3.57 54.51
N PHE T 108 40.92 2.24 54.43
CA PHE T 108 39.81 1.38 54.90
C PHE T 108 39.98 1.26 56.42
N ASP T 109 39.41 2.22 57.15
CA ASP T 109 39.55 2.31 58.63
C ASP T 109 39.14 1.03 59.33
N TYR T 110 37.86 0.67 59.24
CA TYR T 110 37.42 -0.47 60.03
C TYR T 110 36.85 -1.54 59.11
N TRP T 111 37.35 -2.76 59.24
CA TRP T 111 36.90 -3.89 58.44
C TRP T 111 35.94 -4.78 59.23
N GLY T 112 35.14 -5.54 58.48
CA GLY T 112 34.24 -6.51 59.08
C GLY T 112 34.90 -7.86 59.25
N GLN T 113 34.15 -8.78 59.87
CA GLN T 113 34.68 -10.10 60.13
C GLN T 113 34.74 -10.96 58.87
N GLY T 114 33.91 -10.67 57.88
CA GLY T 114 33.96 -11.41 56.64
C GLY T 114 32.77 -12.35 56.50
N THR T 115 32.38 -12.59 55.24
CA THR T 115 31.29 -13.50 54.91
C THR T 115 31.78 -14.47 53.86
N THR T 116 31.74 -15.77 54.18
CA THR T 116 32.16 -16.80 53.25
C THR T 116 30.97 -17.23 52.40
N LEU T 117 31.13 -17.16 51.08
CA LEU T 117 30.12 -17.60 50.13
C LEU T 117 30.66 -18.79 49.38
N THR T 118 29.96 -19.93 49.51
CA THR T 118 30.28 -21.13 48.75
C THR T 118 29.17 -21.35 47.73
N VAL T 119 29.53 -21.42 46.45
CA VAL T 119 28.59 -21.67 45.38
C VAL T 119 28.97 -22.99 44.73
N SER T 120 28.03 -23.94 44.73
CA SER T 120 28.30 -25.25 44.15
C SER T 120 26.97 -25.92 43.85
N SER T 121 27.02 -26.87 42.92
CA SER T 121 25.85 -27.67 42.57
C SER T 121 25.70 -28.89 43.46
N ALA T 122 26.70 -29.21 44.25
CA ALA T 122 26.67 -30.40 45.10
C ALA T 122 25.66 -30.23 46.22
N SER T 123 25.05 -31.34 46.63
CA SER T 123 24.20 -31.38 47.79
C SER T 123 25.01 -31.85 49.00
N THR T 124 24.49 -31.53 50.19
CA THR T 124 25.18 -31.89 51.42
C THR T 124 25.37 -33.39 51.51
N LYS T 125 26.58 -33.81 51.88
CA LYS T 125 26.90 -35.23 51.94
C LYS T 125 27.96 -35.45 53.01
N GLY T 126 27.76 -36.48 53.83
CA GLY T 126 28.72 -36.86 54.84
C GLY T 126 29.90 -37.59 54.26
N PRO T 127 31.04 -37.54 54.95
CA PRO T 127 32.27 -38.10 54.41
C PRO T 127 32.39 -39.60 54.64
N SER T 128 33.22 -40.22 53.83
CA SER T 128 33.66 -41.60 54.02
C SER T 128 35.03 -41.58 54.67
N VAL T 129 35.17 -42.32 55.77
CA VAL T 129 36.41 -42.36 56.55
C VAL T 129 37.08 -43.70 56.30
N PHE T 130 38.32 -43.66 55.85
CA PHE T 130 39.11 -44.87 55.63
C PHE T 130 40.42 -44.76 56.40
N PRO T 131 40.88 -45.83 57.03
CA PRO T 131 42.07 -45.74 57.87
C PRO T 131 43.35 -45.71 57.04
N LEU T 132 44.33 -44.97 57.54
CA LEU T 132 45.68 -44.95 57.01
C LEU T 132 46.54 -45.75 57.99
N ALA T 133 46.65 -47.05 57.73
CA ALA T 133 47.24 -47.95 58.70
C ALA T 133 48.76 -47.82 58.70
N PRO T 134 49.40 -47.89 59.88
CA PRO T 134 50.85 -47.82 60.01
C PRO T 134 51.55 -49.08 59.51
N GLY T 142 62.27 -43.99 65.39
CA GLY T 142 61.52 -44.81 66.32
C GLY T 142 60.09 -44.35 66.48
N THR T 143 59.53 -43.75 65.43
CA THR T 143 58.16 -43.27 65.44
C THR T 143 57.40 -43.84 64.25
N ALA T 144 56.11 -44.08 64.44
CA ALA T 144 55.22 -44.58 63.40
C ALA T 144 54.19 -43.52 63.05
N ALA T 145 53.61 -43.66 61.86
CA ALA T 145 52.62 -42.72 61.34
C ALA T 145 51.35 -43.47 60.99
N LEU T 146 50.21 -42.96 61.47
CA LEU T 146 48.90 -43.49 61.16
C LEU T 146 47.92 -42.33 61.03
N GLY T 147 46.77 -42.60 60.42
CA GLY T 147 45.83 -41.52 60.22
C GLY T 147 44.51 -41.98 59.64
N CYS T 148 43.67 -41.00 59.32
CA CYS T 148 42.35 -41.21 58.73
C CYS T 148 42.22 -40.37 57.48
N LEU T 149 41.53 -40.92 56.49
CA LEU T 149 41.26 -40.23 55.23
C LEU T 149 39.79 -39.83 55.22
N VAL T 150 39.52 -38.57 55.53
CA VAL T 150 38.17 -38.03 55.47
C VAL T 150 37.89 -37.64 54.03
N LYS T 151 36.91 -38.29 53.41
CA LYS T 151 36.89 -38.37 51.96
C LYS T 151 35.46 -38.28 51.45
N ASP T 152 35.27 -37.46 50.40
CA ASP T 152 33.98 -37.24 49.75
C ASP T 152 32.89 -36.65 50.64
N TYR T 153 33.05 -35.38 51.04
CA TYR T 153 32.07 -34.67 51.83
C TYR T 153 31.84 -33.28 51.27
N PHE T 154 30.64 -32.76 51.49
CA PHE T 154 30.25 -31.42 51.08
C PHE T 154 29.13 -30.97 52.01
N PRO T 155 29.15 -29.73 52.48
CA PRO T 155 30.22 -28.76 52.23
C PRO T 155 31.28 -28.74 53.32
N GLU T 156 32.01 -27.64 53.43
CA GLU T 156 32.97 -27.47 54.50
C GLU T 156 32.26 -27.06 55.78
N PRO T 157 32.84 -27.37 56.96
CA PRO T 157 34.07 -28.12 57.14
C PRO T 157 33.86 -29.48 57.80
N VAL T 158 34.96 -30.11 58.21
CA VAL T 158 34.91 -31.28 59.07
C VAL T 158 35.86 -31.05 60.23
N THR T 159 35.49 -31.57 61.40
CA THR T 159 36.36 -31.58 62.56
C THR T 159 36.84 -33.00 62.80
N VAL T 160 38.11 -33.15 63.16
CA VAL T 160 38.71 -34.44 63.39
C VAL T 160 39.44 -34.41 64.73
N SER T 161 39.02 -35.30 65.64
CA SER T 161 39.68 -35.49 66.92
C SER T 161 40.20 -36.92 66.99
N TRP T 162 41.27 -37.11 67.75
CA TRP T 162 41.92 -38.40 67.87
C TRP T 162 41.73 -38.94 69.28
N ASN T 163 41.13 -40.12 69.38
CA ASN T 163 40.87 -40.77 70.66
C ASN T 163 40.05 -39.87 71.59
N SER T 164 38.96 -39.33 71.06
CA SER T 164 38.01 -38.51 71.81
C SER T 164 38.68 -37.30 72.46
N GLY T 165 39.74 -36.78 71.84
CA GLY T 165 40.42 -35.60 72.33
C GLY T 165 41.60 -35.87 73.23
N ALA T 166 41.86 -37.12 73.60
CA ALA T 166 43.00 -37.42 74.46
C ALA T 166 44.31 -37.21 73.72
N LEU T 167 44.36 -37.54 72.42
CA LEU T 167 45.56 -37.41 71.62
C LEU T 167 45.54 -36.07 70.90
N THR T 168 46.53 -35.22 71.19
CA THR T 168 46.73 -33.96 70.48
C THR T 168 48.15 -33.78 69.98
N SER T 169 49.14 -34.25 70.74
CA SER T 169 50.54 -34.04 70.37
C SER T 169 50.91 -34.88 69.15
N GLY T 170 51.45 -34.24 68.13
CA GLY T 170 51.86 -34.91 66.91
C GLY T 170 50.79 -35.01 65.84
N VAL T 171 49.57 -34.55 66.12
CA VAL T 171 48.48 -34.63 65.16
C VAL T 171 48.65 -33.55 64.10
N HIS T 172 48.42 -33.92 62.84
CA HIS T 172 48.45 -33.00 61.72
C HIS T 172 47.18 -33.21 60.90
N THR T 173 46.26 -32.27 60.98
CA THR T 173 45.04 -32.27 60.16
C THR T 173 45.23 -31.26 59.04
N PHE T 174 45.24 -31.75 57.81
CA PHE T 174 45.57 -30.93 56.66
C PHE T 174 44.36 -30.14 56.17
N PRO T 175 44.59 -28.98 55.53
CA PRO T 175 43.48 -28.27 54.89
C PRO T 175 42.84 -29.11 53.80
N ALA T 176 41.52 -29.03 53.71
CA ALA T 176 40.78 -29.79 52.72
C ALA T 176 41.12 -29.30 51.31
N VAL T 177 41.00 -30.21 50.35
CA VAL T 177 41.16 -29.89 48.94
C VAL T 177 39.87 -30.26 48.22
N LEU T 178 39.56 -29.51 47.16
CA LEU T 178 38.35 -29.72 46.38
C LEU T 178 38.70 -30.59 45.17
N GLN T 179 37.98 -31.70 45.03
CA GLN T 179 38.20 -32.61 43.91
C GLN T 179 37.30 -32.23 42.74
N SER T 180 37.56 -32.84 41.59
CA SER T 180 36.79 -32.55 40.39
C SER T 180 35.32 -32.93 40.53
N SER T 181 34.99 -33.85 41.45
CA SER T 181 33.61 -34.24 41.66
C SER T 181 32.80 -33.17 42.38
N GLY T 182 33.44 -32.13 42.89
CA GLY T 182 32.75 -31.14 43.69
C GLY T 182 32.69 -31.45 45.17
N LEU T 183 33.19 -32.60 45.60
CA LEU T 183 33.23 -32.98 47.00
C LEU T 183 34.62 -32.71 47.56
N TYR T 184 34.67 -32.50 48.87
CA TYR T 184 35.93 -32.21 49.53
C TYR T 184 36.55 -33.49 50.10
N SER T 185 37.84 -33.40 50.41
CA SER T 185 38.58 -34.52 50.96
C SER T 185 39.66 -33.98 51.89
N LEU T 186 40.05 -34.81 52.86
CA LEU T 186 40.94 -34.36 53.91
C LEU T 186 41.61 -35.56 54.54
N SER T 187 42.80 -35.35 55.10
CA SER T 187 43.54 -36.41 55.77
C SER T 187 44.04 -35.88 57.11
N SER T 188 43.84 -36.67 58.16
CA SER T 188 44.40 -36.40 59.47
C SER T 188 45.42 -37.47 59.79
N VAL T 189 46.60 -37.05 60.25
CA VAL T 189 47.68 -37.98 60.56
C VAL T 189 48.24 -37.64 61.94
N VAL T 190 48.94 -38.61 62.52
CA VAL T 190 49.56 -38.45 63.83
C VAL T 190 50.81 -39.33 63.89
N THR T 191 51.87 -38.77 64.45
CA THR T 191 53.12 -39.50 64.69
C THR T 191 53.16 -39.99 66.13
N VAL T 192 53.37 -41.28 66.30
CA VAL T 192 53.34 -41.92 67.61
C VAL T 192 54.59 -42.78 67.76
N PRO T 193 54.99 -43.09 68.99
CA PRO T 193 56.14 -44.00 69.17
C PRO T 193 55.79 -45.41 68.74
N SER T 194 56.73 -46.04 68.01
CA SER T 194 56.46 -47.35 67.42
C SER T 194 56.27 -48.44 68.46
N SER T 195 56.72 -48.22 69.70
CA SER T 195 56.54 -49.20 70.77
C SER T 195 55.16 -49.11 71.42
N SER T 196 54.11 -48.87 70.64
CA SER T 196 52.77 -48.76 71.18
C SER T 196 51.68 -49.21 70.23
N LEU T 197 52.02 -49.68 69.03
CA LEU T 197 50.99 -50.09 68.07
C LEU T 197 50.21 -51.31 68.54
N GLY T 198 50.78 -52.10 69.45
CA GLY T 198 50.11 -53.29 69.93
C GLY T 198 49.43 -53.11 71.27
N THR T 199 49.74 -52.01 71.95
CA THR T 199 49.17 -51.72 73.27
C THR T 199 48.05 -50.68 73.21
N GLN T 200 48.30 -49.54 72.59
CA GLN T 200 47.32 -48.47 72.53
C GLN T 200 46.40 -48.64 71.31
N THR T 201 45.17 -48.17 71.47
CA THR T 201 44.18 -48.15 70.39
C THR T 201 44.06 -46.72 69.87
N TYR T 202 43.95 -46.59 68.55
CA TYR T 202 43.93 -45.28 67.90
C TYR T 202 42.62 -45.12 67.14
N ILE T 203 41.72 -44.31 67.71
CA ILE T 203 40.42 -44.02 67.11
C ILE T 203 40.42 -42.56 66.67
N CYS T 204 40.08 -42.33 65.41
CA CYS T 204 39.85 -40.98 64.90
C CYS T 204 38.36 -40.70 64.88
N ASN T 205 37.97 -39.52 65.35
CA ASN T 205 36.58 -39.10 65.39
C ASN T 205 36.38 -37.99 64.39
N VAL T 206 35.45 -38.19 63.46
CA VAL T 206 35.23 -37.28 62.35
C VAL T 206 33.80 -36.79 62.42
N ASN T 207 33.63 -35.48 62.63
CA ASN T 207 32.33 -34.85 62.65
C ASN T 207 32.18 -33.98 61.40
N HIS T 208 31.08 -34.16 60.69
CA HIS T 208 30.70 -33.29 59.58
C HIS T 208 29.37 -32.66 59.95
N LYS T 209 29.45 -31.47 60.55
CA LYS T 209 28.26 -30.80 61.08
C LYS T 209 27.14 -30.62 60.05
N PRO T 210 27.37 -30.11 58.83
CA PRO T 210 26.23 -29.86 57.93
C PRO T 210 25.43 -31.10 57.57
N SER T 211 26.02 -32.28 57.62
CA SER T 211 25.26 -33.51 57.39
C SER T 211 24.74 -34.14 58.67
N ASN T 212 25.11 -33.58 59.83
CA ASN T 212 24.79 -34.17 61.13
C ASN T 212 25.26 -35.62 61.20
N THR T 213 26.45 -35.87 60.68
CA THR T 213 27.03 -37.21 60.66
C THR T 213 28.30 -37.24 61.50
N LYS T 214 28.62 -38.42 62.02
CA LYS T 214 29.82 -38.61 62.81
C LYS T 214 30.32 -40.03 62.61
N VAL T 215 31.62 -40.19 62.43
CA VAL T 215 32.24 -41.48 62.19
C VAL T 215 33.38 -41.68 63.18
N ASP T 216 33.35 -42.79 63.90
CA ASP T 216 34.47 -43.25 64.71
C ASP T 216 35.12 -44.43 64.00
N LYS T 217 36.43 -44.34 63.76
CA LYS T 217 37.14 -45.34 62.98
C LYS T 217 38.42 -45.75 63.67
N ARG T 218 38.63 -47.05 63.80
CA ARG T 218 39.87 -47.59 64.34
C ARG T 218 40.93 -47.68 63.25
N VAL T 219 42.18 -47.41 63.62
CA VAL T 219 43.31 -47.52 62.70
C VAL T 219 44.29 -48.52 63.31
N GLU T 220 44.49 -49.64 62.62
CA GLU T 220 45.33 -50.73 63.10
C GLU T 220 46.09 -51.34 61.94
N PRO T 221 47.32 -51.82 62.17
CA PRO T 221 48.14 -52.51 61.18
C PRO T 221 47.40 -53.67 60.50
N GLU U 1 52.87 -2.10 -16.27
CA GLU U 1 51.97 -1.00 -16.57
C GLU U 1 51.83 -0.81 -18.07
N VAL U 2 50.65 -0.37 -18.49
CA VAL U 2 50.37 -0.18 -19.91
C VAL U 2 51.00 1.13 -20.38
N GLN U 3 51.82 1.05 -21.41
CA GLN U 3 52.50 2.22 -21.97
C GLN U 3 52.22 2.31 -23.46
N LEU U 4 51.79 3.48 -23.92
CA LEU U 4 51.50 3.73 -25.32
C LEU U 4 52.22 5.02 -25.72
N VAL U 5 53.26 4.88 -26.55
CA VAL U 5 54.05 6.01 -27.01
C VAL U 5 53.79 6.23 -28.49
N GLU U 6 53.41 7.46 -28.84
CA GLU U 6 53.08 7.81 -30.21
C GLU U 6 54.19 8.67 -30.81
N SER U 7 54.52 8.39 -32.07
CA SER U 7 55.54 9.13 -32.78
C SER U 7 55.16 9.22 -34.26
N GLY U 8 55.80 10.14 -34.96
CA GLY U 8 55.56 10.35 -36.37
C GLY U 8 54.86 11.65 -36.71
N GLY U 9 54.41 12.41 -35.71
CA GLY U 9 53.73 13.66 -35.98
C GLY U 9 54.69 14.78 -36.35
N GLY U 10 54.14 15.79 -37.02
CA GLY U 10 54.94 16.92 -37.42
C GLY U 10 54.15 17.84 -38.34
N LEU U 11 54.88 18.71 -39.03
CA LEU U 11 54.28 19.64 -39.98
C LEU U 11 54.33 19.06 -41.39
N VAL U 12 53.30 19.38 -42.17
CA VAL U 12 53.19 18.90 -43.54
C VAL U 12 52.12 19.73 -44.25
N LYS U 13 52.31 19.96 -45.54
CA LYS U 13 51.41 20.78 -46.32
C LYS U 13 50.20 19.99 -46.77
N PRO U 14 49.10 20.66 -47.09
CA PRO U 14 47.90 19.95 -47.57
C PRO U 14 48.22 19.12 -48.81
N GLY U 15 47.69 17.90 -48.82
CA GLY U 15 48.01 16.93 -49.84
C GLY U 15 49.17 16.02 -49.50
N GLY U 16 49.88 16.29 -48.40
CA GLY U 16 51.01 15.48 -47.99
C GLY U 16 50.59 14.17 -47.36
N SER U 17 51.53 13.54 -46.65
CA SER U 17 51.29 12.24 -46.06
C SER U 17 52.31 11.98 -44.96
N LEU U 18 51.83 11.40 -43.85
CA LEU U 18 52.67 10.93 -42.76
C LEU U 18 52.28 9.51 -42.39
N ARG U 19 53.02 8.94 -41.44
CA ARG U 19 52.71 7.61 -40.92
C ARG U 19 53.08 7.60 -39.44
N LEU U 20 52.07 7.54 -38.57
CA LEU U 20 52.31 7.52 -37.13
C LEU U 20 52.55 6.10 -36.64
N SER U 21 53.19 6.00 -35.49
CA SER U 21 53.44 4.74 -34.83
C SER U 21 53.02 4.85 -33.37
N CYS U 22 52.45 3.76 -32.85
CA CYS U 22 52.12 3.66 -31.43
C CYS U 22 52.89 2.48 -30.85
N ALA U 23 53.92 2.78 -30.06
CA ALA U 23 54.69 1.74 -29.39
C ALA U 23 53.95 1.29 -28.15
N ALA U 24 53.59 0.01 -28.10
CA ALA U 24 52.83 -0.56 -27.00
C ALA U 24 53.71 -1.50 -26.18
N SER U 25 53.57 -1.41 -24.86
CA SER U 25 54.31 -2.26 -23.94
C SER U 25 53.53 -2.37 -22.64
N GLY U 26 53.79 -3.46 -21.92
CA GLY U 26 53.14 -3.72 -20.65
C GLY U 26 51.95 -4.64 -20.72
N PHE U 27 51.58 -5.11 -21.90
CA PHE U 27 50.43 -5.99 -22.06
C PHE U 27 50.61 -6.81 -23.32
N THR U 28 49.91 -7.94 -23.37
CA THR U 28 49.88 -8.77 -24.57
C THR U 28 49.17 -8.00 -25.69
N PHE U 29 49.96 -7.36 -26.55
CA PHE U 29 49.41 -6.47 -27.56
C PHE U 29 48.54 -7.23 -28.56
N SER U 30 48.88 -8.47 -28.87
CA SER U 30 48.11 -9.25 -29.84
C SER U 30 46.75 -9.73 -29.30
N SER U 31 46.33 -9.26 -28.14
CA SER U 31 45.07 -9.70 -27.54
C SER U 31 44.04 -8.58 -27.42
N TYR U 32 44.35 -7.39 -27.94
CA TYR U 32 43.46 -6.24 -27.82
C TYR U 32 43.25 -5.59 -29.17
N SER U 33 42.11 -4.91 -29.31
CA SER U 33 41.84 -4.08 -30.48
C SER U 33 42.23 -2.65 -30.16
N MET U 34 42.94 -2.02 -31.08
CA MET U 34 43.44 -0.66 -30.88
C MET U 34 42.62 0.33 -31.71
N ASN U 35 42.72 1.60 -31.31
CA ASN U 35 42.00 2.68 -31.97
C ASN U 35 42.89 3.91 -32.06
N TRP U 36 42.55 4.78 -32.99
CA TRP U 36 43.13 6.11 -33.10
C TRP U 36 42.04 7.14 -32.83
N VAL U 37 42.29 8.07 -31.91
CA VAL U 37 41.36 9.13 -31.58
C VAL U 37 42.10 10.46 -31.69
N ARG U 38 41.48 11.43 -32.34
CA ARG U 38 42.10 12.72 -32.59
C ARG U 38 41.34 13.82 -31.87
N GLN U 39 42.08 14.88 -31.51
CA GLN U 39 41.51 16.06 -30.87
C GLN U 39 42.14 17.28 -31.51
N ALA U 40 41.33 18.07 -32.22
CA ALA U 40 41.81 19.31 -32.80
C ALA U 40 42.10 20.33 -31.71
N PRO U 41 42.99 21.29 -31.99
CA PRO U 41 43.30 22.32 -30.99
C PRO U 41 42.06 23.06 -30.49
N GLY U 42 41.88 23.07 -29.17
CA GLY U 42 40.76 23.74 -28.56
C GLY U 42 39.41 23.11 -28.83
N LYS U 43 39.37 21.90 -29.39
CA LYS U 43 38.12 21.24 -29.76
C LYS U 43 37.95 19.96 -28.93
N GLY U 44 37.00 19.13 -29.35
CA GLY U 44 36.68 17.91 -28.63
C GLY U 44 37.38 16.69 -29.21
N LEU U 45 36.90 15.52 -28.79
CA LEU U 45 37.48 14.25 -29.16
C LEU U 45 36.73 13.64 -30.33
N GLU U 46 37.46 13.00 -31.24
CA GLU U 46 36.88 12.41 -32.44
C GLU U 46 37.57 11.08 -32.71
N TRP U 47 36.81 9.99 -32.68
CA TRP U 47 37.33 8.68 -33.03
C TRP U 47 37.60 8.63 -34.54
N VAL U 48 38.77 8.11 -34.92
CA VAL U 48 39.22 8.10 -36.30
C VAL U 48 39.15 6.71 -36.91
N SER U 49 39.85 5.75 -36.31
CA SER U 49 39.95 4.42 -36.89
C SER U 49 40.11 3.39 -35.78
N SER U 50 39.84 2.14 -36.13
CA SER U 50 39.95 1.02 -35.20
C SER U 50 40.38 -0.22 -35.97
N ILE U 51 41.22 -1.03 -35.34
CA ILE U 51 41.65 -2.30 -35.89
C ILE U 51 41.54 -3.37 -34.80
N SER U 52 41.21 -4.58 -35.22
CA SER U 52 41.00 -5.68 -34.31
C SER U 52 42.33 -6.37 -33.99
N SER U 53 42.27 -7.36 -33.10
CA SER U 53 43.48 -8.04 -32.64
C SER U 53 44.19 -8.82 -33.74
N SER U 54 43.48 -9.18 -34.81
CA SER U 54 44.08 -9.92 -35.91
C SER U 54 44.00 -9.18 -37.24
N SER U 55 43.72 -7.87 -37.20
CA SER U 55 43.66 -6.98 -38.36
C SER U 55 42.56 -7.32 -39.35
N SER U 56 41.79 -8.38 -39.12
CA SER U 56 40.77 -8.84 -40.05
C SER U 56 39.53 -7.96 -40.05
N TYR U 57 39.40 -7.04 -39.11
CA TYR U 57 38.22 -6.17 -39.01
C TYR U 57 38.68 -4.75 -38.75
N ILE U 58 38.37 -3.85 -39.67
CA ILE U 58 38.87 -2.48 -39.64
C ILE U 58 37.70 -1.53 -39.88
N TYR U 59 37.67 -0.44 -39.10
CA TYR U 59 36.64 0.58 -39.23
C TYR U 59 37.28 1.94 -39.35
N TYR U 60 36.68 2.81 -40.17
CA TYR U 60 37.12 4.18 -40.34
C TYR U 60 35.94 5.12 -40.15
N ALA U 61 36.19 6.27 -39.55
CA ALA U 61 35.18 7.32 -39.52
C ALA U 61 34.91 7.82 -40.93
N ASP U 62 33.66 8.26 -41.16
CA ASP U 62 33.30 8.78 -42.47
C ASP U 62 34.16 9.96 -42.89
N SER U 63 34.76 10.66 -41.93
CA SER U 63 35.57 11.84 -42.22
C SER U 63 36.99 11.50 -42.65
N VAL U 64 37.42 10.25 -42.53
CA VAL U 64 38.76 9.84 -42.95
C VAL U 64 38.74 8.63 -43.88
N LYS U 65 37.57 8.12 -44.25
CA LYS U 65 37.50 6.94 -45.10
C LYS U 65 38.08 7.25 -46.48
N GLY U 66 38.89 6.31 -46.97
CA GLY U 66 39.52 6.45 -48.27
C GLY U 66 40.85 7.19 -48.26
N ARG U 67 41.19 7.88 -47.18
CA ARG U 67 42.44 8.62 -47.08
C ARG U 67 43.36 8.08 -46.00
N PHE U 68 42.83 7.63 -44.87
CA PHE U 68 43.62 7.07 -43.79
C PHE U 68 43.56 5.56 -43.83
N THR U 69 44.60 4.92 -43.29
CA THR U 69 44.67 3.46 -43.25
C THR U 69 45.29 3.05 -41.92
N ILE U 70 44.58 2.21 -41.18
CA ILE U 70 45.09 1.69 -39.91
C ILE U 70 45.70 0.31 -40.15
N SER U 71 46.76 0.03 -39.41
CA SER U 71 47.45 -1.25 -39.50
C SER U 71 48.29 -1.43 -38.25
N ARG U 72 48.62 -2.68 -37.96
CA ARG U 72 49.34 -3.02 -36.74
C ARG U 72 50.35 -4.11 -37.04
N ASP U 73 51.45 -4.10 -36.29
CA ASP U 73 52.48 -5.14 -36.33
C ASP U 73 52.51 -5.79 -34.95
N ASN U 74 51.95 -7.00 -34.87
CA ASN U 74 51.85 -7.69 -33.58
C ASN U 74 53.22 -8.04 -33.03
N ALA U 75 54.10 -8.61 -33.87
CA ALA U 75 55.43 -8.99 -33.42
C ALA U 75 56.25 -7.78 -32.99
N LYS U 76 55.93 -6.59 -33.49
CA LYS U 76 56.62 -5.37 -33.12
C LYS U 76 55.89 -4.57 -32.05
N ASN U 77 54.69 -5.01 -31.64
CA ASN U 77 53.90 -4.33 -30.61
C ASN U 77 53.65 -2.87 -31.00
N SER U 78 53.28 -2.66 -32.25
CA SER U 78 53.14 -1.32 -32.81
C SER U 78 51.83 -1.19 -33.57
N LEU U 79 51.33 0.04 -33.66
CA LEU U 79 50.10 0.36 -34.38
C LEU U 79 50.36 1.58 -35.25
N TYR U 80 49.96 1.50 -36.52
CA TYR U 80 50.27 2.53 -37.49
C TYR U 80 49.00 3.12 -38.10
N LEU U 81 49.08 4.40 -38.43
CA LEU U 81 48.02 5.09 -39.16
C LEU U 81 48.66 5.82 -40.33
N GLN U 82 48.27 5.46 -41.54
CA GLN U 82 48.84 6.02 -42.77
C GLN U 82 47.89 7.10 -43.29
N MET U 83 48.24 8.35 -43.04
CA MET U 83 47.44 9.48 -43.51
C MET U 83 47.85 9.88 -44.92
N ASN U 84 46.86 10.10 -45.78
CA ASN U 84 47.08 10.55 -47.15
C ASN U 84 46.06 11.64 -47.47
N SER U 85 46.43 12.48 -48.43
CA SER U 85 45.55 13.56 -48.91
C SER U 85 45.05 14.41 -47.75
N LEU U 86 46.01 14.97 -47.01
CA LEU U 86 45.68 15.69 -45.80
C LEU U 86 44.99 17.02 -46.09
N ARG U 87 44.00 17.36 -45.27
CA ARG U 87 43.31 18.63 -45.35
C ARG U 87 43.53 19.39 -44.04
N ALA U 88 43.36 20.71 -44.10
CA ALA U 88 43.57 21.56 -42.93
C ALA U 88 42.73 21.14 -41.74
N GLU U 89 41.65 20.39 -41.96
CA GLU U 89 40.82 19.90 -40.87
C GLU U 89 41.46 18.76 -40.10
N ASP U 90 42.49 18.12 -40.65
CA ASP U 90 43.18 17.03 -39.97
C ASP U 90 44.17 17.51 -38.93
N THR U 91 44.30 18.83 -38.73
CA THR U 91 45.16 19.39 -37.69
C THR U 91 44.64 18.97 -36.32
N ALA U 92 45.35 18.06 -35.64
CA ALA U 92 44.88 17.55 -34.37
C ALA U 92 46.01 16.77 -33.70
N VAL U 93 45.88 16.60 -32.38
CA VAL U 93 46.69 15.63 -31.66
C VAL U 93 46.05 14.27 -31.86
N TYR U 94 46.86 13.27 -32.23
CA TYR U 94 46.36 11.95 -32.58
C TYR U 94 46.71 10.98 -31.45
N TYR U 95 45.70 10.61 -30.66
CA TYR U 95 45.89 9.71 -29.54
C TYR U 95 45.75 8.26 -29.99
N CYS U 96 46.47 7.38 -29.31
CA CYS U 96 46.41 5.94 -29.54
C CYS U 96 45.80 5.30 -28.30
N ALA U 97 44.69 4.59 -28.49
CA ALA U 97 43.88 4.11 -27.37
C ALA U 97 43.60 2.62 -27.52
N ARG U 98 43.76 1.89 -26.42
CA ARG U 98 43.45 0.47 -26.37
C ARG U 98 41.99 0.27 -25.95
N LEU U 99 41.31 -0.66 -26.61
CA LEU U 99 39.94 -1.01 -26.24
C LEU U 99 39.97 -2.07 -25.16
N GLY U 100 39.40 -1.74 -24.00
CA GLY U 100 39.40 -2.65 -22.87
C GLY U 100 38.40 -3.78 -23.01
N TYR U 101 38.44 -4.68 -22.04
CA TYR U 101 37.51 -5.79 -21.99
C TYR U 101 36.26 -5.39 -21.23
N CYS U 102 35.11 -5.88 -21.69
CA CYS U 102 33.83 -5.61 -21.04
C CYS U 102 32.84 -6.68 -21.46
N SER U 103 31.76 -6.80 -20.69
CA SER U 103 30.80 -7.88 -20.86
C SER U 103 29.68 -7.54 -21.85
N GLY U 104 29.63 -6.34 -22.38
CA GLY U 104 28.63 -6.01 -23.38
C GLY U 104 28.40 -4.52 -23.48
N GLY U 105 27.68 -4.14 -24.54
CA GLY U 105 27.28 -2.76 -24.75
C GLY U 105 28.41 -1.81 -25.12
N SER U 106 29.35 -2.27 -25.96
CA SER U 106 30.50 -1.49 -26.40
C SER U 106 31.43 -1.16 -25.24
N CYS U 107 32.69 -1.60 -25.34
CA CYS U 107 33.65 -1.40 -24.27
C CYS U 107 34.24 0.02 -24.35
N HIS U 108 35.06 0.33 -23.36
CA HIS U 108 35.67 1.65 -23.21
C HIS U 108 37.10 1.63 -23.74
N PHE U 109 37.70 2.82 -23.81
CA PHE U 109 39.11 2.98 -24.15
C PHE U 109 39.87 3.12 -22.83
N ASP U 110 40.38 1.99 -22.33
CA ASP U 110 40.89 1.92 -20.95
C ASP U 110 42.28 2.51 -20.79
N TYR U 111 43.00 2.77 -21.87
CA TYR U 111 44.36 3.29 -21.76
C TYR U 111 44.68 4.12 -23.00
N TRP U 112 45.22 5.31 -22.79
CA TRP U 112 45.52 6.24 -23.87
C TRP U 112 47.01 6.59 -23.85
N GLY U 113 47.57 6.80 -25.05
CA GLY U 113 48.91 7.32 -25.15
C GLY U 113 48.94 8.83 -25.02
N GLN U 114 50.15 9.38 -24.85
CA GLN U 114 50.28 10.81 -24.63
C GLN U 114 50.01 11.63 -25.88
N GLY U 115 49.87 11.00 -27.05
CA GLY U 115 49.46 11.69 -28.25
C GLY U 115 50.55 12.47 -28.95
N THR U 116 50.57 12.41 -30.28
CA THR U 116 51.51 13.16 -31.09
C THR U 116 50.75 14.15 -31.96
N LEU U 117 51.29 15.36 -32.08
CA LEU U 117 50.61 16.46 -32.76
C LEU U 117 50.90 16.43 -34.26
N VAL U 118 49.86 16.63 -35.05
CA VAL U 118 49.96 16.71 -36.52
C VAL U 118 49.35 18.04 -36.94
N THR U 119 50.16 18.89 -37.56
CA THR U 119 49.71 20.17 -38.09
C THR U 119 49.76 20.14 -39.61
N VAL U 120 48.63 20.55 -40.23
CA VAL U 120 48.53 20.66 -41.71
C VAL U 120 48.23 22.15 -41.97
N SER U 121 48.95 22.81 -42.90
CA SER U 121 48.78 24.29 -43.05
C SER U 121 48.44 24.79 -44.45
N SER U 122 49.44 25.11 -45.31
CA SER U 122 49.32 25.71 -46.67
C SER U 122 49.78 27.17 -46.59
N ALA U 123 50.29 27.58 -45.44
CA ALA U 123 50.66 28.99 -45.27
C ALA U 123 52.18 29.13 -45.28
N SER U 124 52.66 30.29 -45.73
CA SER U 124 54.12 30.52 -45.84
C SER U 124 54.50 31.70 -44.94
N THR U 125 55.77 31.76 -44.56
CA THR U 125 56.26 32.87 -43.74
C THR U 125 55.84 34.20 -44.35
N LYS U 126 55.01 34.96 -43.62
CA LYS U 126 54.48 36.21 -44.10
C LYS U 126 54.50 37.24 -42.98
N GLY U 127 54.95 38.45 -43.30
CA GLY U 127 54.98 39.53 -42.35
C GLY U 127 53.60 40.05 -42.02
N PRO U 128 53.45 40.64 -40.84
CA PRO U 128 52.15 41.15 -40.41
C PRO U 128 51.86 42.52 -41.01
N SER U 129 50.65 43.00 -40.74
CA SER U 129 50.19 44.33 -41.14
C SER U 129 49.50 44.96 -39.94
N VAL U 130 50.03 46.09 -39.47
CA VAL U 130 49.64 46.70 -38.20
C VAL U 130 48.64 47.81 -38.47
N PHE U 131 47.54 47.80 -37.73
CA PHE U 131 46.43 48.74 -37.84
C PHE U 131 46.08 49.25 -36.45
N PRO U 132 45.51 50.47 -36.36
CA PRO U 132 45.13 50.99 -35.03
C PRO U 132 43.93 50.27 -34.42
N GLY U 148 43.84 50.63 -29.57
CA GLY U 148 44.97 49.73 -29.48
C GLY U 148 45.64 49.47 -30.82
N CYS U 149 45.94 48.20 -31.09
CA CYS U 149 46.59 47.80 -32.33
C CYS U 149 46.04 46.46 -32.79
N LEU U 150 46.08 46.25 -34.11
CA LEU U 150 45.61 45.00 -34.72
C LEU U 150 46.72 44.47 -35.61
N VAL U 151 47.37 43.38 -35.16
CA VAL U 151 48.44 42.74 -35.91
C VAL U 151 47.78 41.63 -36.74
N LYS U 152 47.47 41.93 -37.99
CA LYS U 152 46.63 41.07 -38.83
C LYS U 152 47.48 40.33 -39.86
N ASP U 153 47.17 39.05 -40.05
CA ASP U 153 47.71 38.22 -41.11
C ASP U 153 49.23 38.11 -41.05
N TYR U 154 49.72 37.17 -40.24
CA TYR U 154 51.15 36.87 -40.17
C TYR U 154 51.34 35.38 -40.00
N PHE U 155 52.60 34.94 -40.11
CA PHE U 155 52.98 33.54 -39.95
C PHE U 155 54.49 33.42 -39.98
N PRO U 156 55.08 32.61 -39.09
CA PRO U 156 54.39 31.91 -38.00
C PRO U 156 54.49 32.66 -36.68
N GLU U 157 54.19 31.96 -35.58
CA GLU U 157 54.32 32.53 -34.26
C GLU U 157 55.79 32.59 -33.87
N PRO U 158 56.16 33.47 -32.91
CA PRO U 158 55.34 34.43 -32.17
C PRO U 158 55.44 35.84 -32.71
N VAL U 159 54.83 36.79 -31.98
CA VAL U 159 54.91 38.22 -32.29
C VAL U 159 55.00 38.98 -30.98
N THR U 160 55.96 39.90 -30.90
CA THR U 160 56.18 40.71 -29.71
C THR U 160 55.75 42.14 -30.00
N VAL U 161 54.83 42.66 -29.19
CA VAL U 161 54.34 44.02 -29.36
C VAL U 161 54.42 44.80 -28.05
N THR U 174 46.48 43.05 -25.27
CA THR U 174 47.58 42.10 -25.13
C THR U 174 47.07 40.66 -25.25
N PHE U 175 46.20 40.43 -26.24
CA PHE U 175 45.46 39.18 -26.38
C PHE U 175 46.20 38.21 -27.29
N PRO U 176 45.95 36.91 -27.14
CA PRO U 176 46.52 35.93 -28.07
C PRO U 176 45.89 36.04 -29.45
N ALA U 177 46.49 35.33 -30.40
CA ALA U 177 46.09 35.40 -31.80
C ALA U 177 45.12 34.27 -32.14
N VAL U 178 44.41 34.46 -33.26
CA VAL U 178 43.47 33.47 -33.77
C VAL U 178 44.05 32.88 -35.05
N LEU U 179 43.91 31.56 -35.20
CA LEU U 179 44.33 30.86 -36.41
C LEU U 179 43.16 30.89 -37.39
N GLN U 180 43.30 31.70 -38.44
CA GLN U 180 42.23 31.83 -39.43
C GLN U 180 42.17 30.60 -40.32
N SER U 181 41.05 30.48 -41.05
CA SER U 181 40.92 29.39 -42.02
C SER U 181 41.93 29.53 -43.15
N SER U 182 42.40 30.74 -43.42
CA SER U 182 43.45 30.94 -44.41
C SER U 182 44.81 30.46 -43.94
N GLY U 183 44.94 30.07 -42.66
CA GLY U 183 46.20 29.60 -42.13
C GLY U 183 47.09 30.65 -41.50
N LEU U 184 46.61 31.90 -41.42
CA LEU U 184 47.41 33.00 -40.87
C LEU U 184 46.89 33.38 -39.49
N TYR U 185 47.78 33.95 -38.68
CA TYR U 185 47.47 34.36 -37.32
C TYR U 185 47.18 35.86 -37.28
N SER U 186 46.37 36.27 -36.30
CA SER U 186 46.04 37.68 -36.12
C SER U 186 45.68 37.91 -34.66
N LEU U 187 46.38 38.85 -34.02
CA LEU U 187 46.13 39.23 -32.64
C LEU U 187 45.77 40.71 -32.57
N SER U 188 45.34 41.13 -31.38
CA SER U 188 45.08 42.54 -31.08
C SER U 188 45.56 42.83 -29.67
N SER U 189 46.25 43.96 -29.51
CA SER U 189 46.80 44.37 -28.22
C SER U 189 46.24 45.72 -27.81
N VAL U 190 45.91 45.84 -26.52
CA VAL U 190 45.42 47.10 -25.96
C VAL U 190 46.13 47.41 -24.65
N CYS U 205 52.81 50.56 -29.16
CA CYS U 205 52.57 49.54 -30.18
C CYS U 205 53.81 49.33 -31.03
N ASN U 206 54.79 48.62 -30.49
CA ASN U 206 56.05 48.32 -31.18
C ASN U 206 55.98 46.89 -31.68
N VAL U 207 55.52 46.72 -32.91
CA VAL U 207 55.29 45.40 -33.47
C VAL U 207 56.59 44.83 -34.01
N ASN U 208 56.89 43.58 -33.65
CA ASN U 208 58.06 42.87 -34.12
C ASN U 208 57.67 41.47 -34.55
N HIS U 209 58.31 40.98 -35.62
CA HIS U 209 58.03 39.65 -36.15
C HIS U 209 59.36 39.07 -36.67
N LYS U 210 60.02 38.29 -35.83
CA LYS U 210 61.35 37.77 -36.17
C LYS U 210 61.38 36.85 -37.40
N PRO U 211 60.47 35.89 -37.57
CA PRO U 211 60.60 34.96 -38.72
C PRO U 211 60.59 35.65 -40.07
N SER U 212 60.15 36.92 -40.15
CA SER U 212 60.25 37.70 -41.38
C SER U 212 60.90 39.05 -41.15
N ASN U 213 61.55 39.24 -39.99
CA ASN U 213 62.13 40.51 -39.54
C ASN U 213 61.31 41.71 -40.00
N THR U 214 60.01 41.71 -39.71
CA THR U 214 59.12 42.80 -40.05
C THR U 214 58.90 43.64 -38.79
N LYS U 215 59.63 44.76 -38.70
CA LYS U 215 59.53 45.67 -37.56
C LYS U 215 58.68 46.86 -37.96
N VAL U 216 57.54 47.02 -37.30
CA VAL U 216 56.61 48.11 -37.55
C VAL U 216 56.42 48.90 -36.27
N ASP U 217 56.29 50.22 -36.40
CA ASP U 217 56.17 51.13 -35.26
C ASP U 217 54.96 52.03 -35.47
N LYS U 218 54.02 51.98 -34.53
CA LYS U 218 52.85 52.85 -34.54
C LYS U 218 52.47 53.19 -33.11
N ARG U 219 51.85 54.34 -32.92
CA ARG U 219 51.35 54.75 -31.61
C ARG U 219 50.02 55.48 -31.72
N PRO V 2 26.84 13.19 -35.81
CA PRO V 2 26.13 12.78 -34.59
C PRO V 2 27.05 12.84 -33.36
N VAL V 3 26.63 13.55 -32.30
CA VAL V 3 27.48 13.75 -31.10
C VAL V 3 26.65 13.65 -29.82
N LEU V 4 27.30 13.47 -28.67
CA LEU V 4 26.62 13.49 -27.39
C LEU V 4 26.74 14.91 -26.82
N THR V 5 25.61 15.56 -26.60
CA THR V 5 25.61 16.96 -26.20
C THR V 5 25.91 17.07 -24.70
N GLN V 6 26.98 17.79 -24.38
CA GLN V 6 27.36 18.10 -23.01
C GLN V 6 27.30 19.60 -22.80
N PRO V 7 27.01 20.07 -21.58
CA PRO V 7 27.09 21.50 -21.29
C PRO V 7 28.52 21.98 -21.41
N PRO V 8 28.74 23.18 -21.95
CA PRO V 8 30.11 23.67 -22.10
C PRO V 8 30.82 23.96 -20.78
N SER V 9 30.09 24.35 -19.74
CA SER V 9 30.71 24.75 -18.48
C SER V 9 29.85 24.34 -17.29
N VAL V 10 30.48 23.71 -16.30
CA VAL V 10 29.90 23.49 -14.98
C VAL V 10 30.91 23.97 -13.95
N SER V 11 30.42 24.34 -12.78
CA SER V 11 31.29 24.94 -11.78
C SER V 11 30.69 24.76 -10.39
N GLY V 12 31.56 24.85 -9.38
CA GLY V 12 31.14 24.75 -8.00
C GLY V 12 32.27 25.14 -7.08
N ALA V 13 31.89 25.49 -5.84
CA ALA V 13 32.86 25.85 -4.81
C ALA V 13 33.57 24.61 -4.28
N PRO V 14 34.79 24.78 -3.75
CA PRO V 14 35.51 23.62 -3.20
C PRO V 14 34.71 22.93 -2.09
N GLY V 15 34.59 21.61 -2.20
CA GLY V 15 33.83 20.83 -1.25
C GLY V 15 32.38 20.63 -1.61
N GLN V 16 31.92 21.13 -2.76
CA GLN V 16 30.53 21.02 -3.16
C GLN V 16 30.36 19.92 -4.21
N ARG V 17 29.12 19.75 -4.68
CA ARG V 17 28.77 18.69 -5.60
C ARG V 17 28.26 19.29 -6.90
N VAL V 18 28.77 18.79 -8.03
CA VAL V 18 28.40 19.26 -9.36
C VAL V 18 28.06 18.06 -10.22
N THR V 19 27.31 18.33 -11.30
CA THR V 19 26.89 17.30 -12.23
C THR V 19 27.13 17.76 -13.67
N ILE V 20 27.40 16.79 -14.54
CA ILE V 20 27.60 17.04 -15.97
C ILE V 20 26.67 16.10 -16.72
N SER V 21 25.76 16.67 -17.51
CA SER V 21 24.81 15.88 -18.29
C SER V 21 25.43 15.47 -19.62
N CYS V 22 24.92 14.36 -20.15
CA CYS V 22 25.42 13.81 -21.42
C CYS V 22 24.21 13.18 -22.13
N THR V 23 23.55 13.98 -22.97
CA THR V 23 22.35 13.52 -23.66
C THR V 23 22.70 12.92 -25.01
N GLY V 24 22.00 11.84 -25.37
CA GLY V 24 22.24 11.16 -26.62
C GLY V 24 20.99 11.06 -27.47
N SER V 25 20.77 9.89 -28.07
CA SER V 25 19.61 9.68 -28.93
C SER V 25 19.15 8.23 -28.78
N SER V 26 18.10 7.89 -29.51
CA SER V 26 17.56 6.54 -29.49
C SER V 26 18.49 5.52 -30.15
N SER V 27 19.52 5.96 -30.87
CA SER V 27 20.44 5.06 -31.55
C SER V 27 21.77 4.91 -30.83
N ASN V 28 21.96 5.57 -29.70
CA ASN V 28 23.17 5.37 -28.91
C ASN V 28 22.82 5.00 -27.47
N ILE V 29 22.72 6.00 -26.59
CA ILE V 29 22.41 5.73 -25.18
C ILE V 29 21.07 5.03 -25.05
N GLY V 30 20.07 5.49 -25.78
CA GLY V 30 18.75 4.87 -25.74
C GLY V 30 18.68 3.49 -26.38
N ALA V 31 19.71 3.10 -27.12
CA ALA V 31 19.73 1.80 -27.77
C ALA V 31 20.26 0.68 -26.88
N GLY V 32 20.83 1.02 -25.72
CA GLY V 32 21.38 0.03 -24.82
C GLY V 32 22.89 0.02 -24.76
N TYR V 33 23.57 0.88 -25.51
CA TYR V 33 25.02 0.95 -25.47
C TYR V 33 25.45 1.71 -24.22
N ASP V 34 26.45 1.17 -23.54
CA ASP V 34 26.91 1.77 -22.29
C ASP V 34 27.55 3.13 -22.56
N VAL V 35 27.62 3.93 -21.50
CA VAL V 35 28.27 5.24 -21.53
C VAL V 35 29.54 5.15 -20.70
N HIS V 36 30.63 5.67 -21.24
CA HIS V 36 31.90 5.76 -20.52
C HIS V 36 32.29 7.23 -20.42
N TRP V 37 33.16 7.53 -19.46
CA TRP V 37 33.58 8.90 -19.20
C TRP V 37 35.10 8.98 -19.17
N TYR V 38 35.63 10.10 -19.64
CA TYR V 38 37.05 10.35 -19.64
C TYR V 38 37.31 11.75 -19.09
N GLN V 39 38.42 11.89 -18.38
CA GLN V 39 38.84 13.17 -17.82
C GLN V 39 40.16 13.58 -18.44
N GLN V 40 40.24 14.82 -18.92
CA GLN V 40 41.41 15.34 -19.61
C GLN V 40 41.90 16.58 -18.87
N LEU V 41 42.96 16.43 -18.08
CA LEU V 41 43.60 17.57 -17.46
C LEU V 41 44.29 18.43 -18.52
N PRO V 42 44.42 19.74 -18.28
CA PRO V 42 45.05 20.62 -19.29
C PRO V 42 46.44 20.16 -19.70
N GLY V 43 46.59 19.74 -20.95
CA GLY V 43 47.88 19.36 -21.48
C GLY V 43 48.21 17.88 -21.41
N THR V 44 47.26 17.04 -21.02
CA THR V 44 47.46 15.61 -20.92
C THR V 44 46.44 14.87 -21.78
N ALA V 45 46.65 13.57 -21.91
CA ALA V 45 45.75 12.73 -22.67
C ALA V 45 44.50 12.42 -21.85
N PRO V 46 43.39 12.10 -22.52
CA PRO V 46 42.18 11.70 -21.78
C PRO V 46 42.44 10.42 -21.01
N LYS V 47 42.12 10.44 -19.71
CA LYS V 47 42.27 9.29 -18.83
C LYS V 47 40.91 8.73 -18.49
N LEU V 48 40.83 7.40 -18.39
CA LEU V 48 39.55 6.74 -18.11
C LEU V 48 39.04 7.13 -16.72
N LEU V 49 37.77 7.51 -16.66
CA LEU V 49 37.16 7.95 -15.41
C LEU V 49 35.99 7.07 -14.99
N ILE V 50 35.08 6.75 -15.91
CA ILE V 50 33.93 5.90 -15.63
C ILE V 50 33.75 4.93 -16.79
N TYR V 51 33.57 3.65 -16.48
CA TYR V 51 33.30 2.64 -17.50
C TYR V 51 32.03 1.88 -17.13
N GLY V 52 31.32 1.41 -18.15
CA GLY V 52 30.10 0.66 -17.93
C GLY V 52 29.07 1.44 -17.15
N ASN V 53 28.84 2.69 -17.55
CA ASN V 53 27.81 3.56 -17.01
C ASN V 53 28.12 4.08 -15.60
N SER V 54 28.53 3.19 -14.70
CA SER V 54 28.65 3.57 -13.29
C SER V 54 29.89 3.06 -12.58
N ASN V 55 30.73 2.27 -13.22
CA ASN V 55 31.87 1.67 -12.54
C ASN V 55 33.08 2.60 -12.54
N ARG V 56 33.98 2.37 -11.58
CA ARG V 56 35.15 3.20 -11.36
C ARG V 56 36.42 2.35 -11.49
N PRO V 57 37.41 2.81 -12.25
CA PRO V 57 38.67 2.06 -12.34
C PRO V 57 39.59 2.36 -11.17
N SER V 58 40.63 1.54 -11.05
CA SER V 58 41.57 1.66 -9.94
C SER V 58 42.29 3.00 -9.99
N GLY V 59 42.21 3.76 -8.90
CA GLY V 59 42.84 5.05 -8.80
C GLY V 59 41.91 6.24 -8.92
N VAL V 60 40.63 6.01 -9.20
CA VAL V 60 39.64 7.09 -9.31
C VAL V 60 38.86 7.14 -8.00
N PRO V 61 38.80 8.29 -7.32
CA PRO V 61 38.17 8.35 -6.01
C PRO V 61 36.66 8.16 -6.11
N ASP V 62 36.07 7.74 -4.98
CA ASP V 62 34.64 7.47 -4.94
C ASP V 62 33.78 8.73 -5.05
N ARG V 63 34.40 9.91 -5.02
CA ARG V 63 33.66 11.15 -5.23
C ARG V 63 33.09 11.26 -6.63
N PHE V 64 33.60 10.47 -7.58
CA PHE V 64 33.07 10.41 -8.94
C PHE V 64 32.06 9.28 -9.04
N SER V 65 30.92 9.56 -9.67
CA SER V 65 29.91 8.55 -9.91
C SER V 65 29.20 8.84 -11.23
N GLY V 66 28.80 7.78 -11.92
CA GLY V 66 28.10 7.92 -13.18
C GLY V 66 26.79 7.18 -13.17
N SER V 67 25.86 7.67 -13.98
CA SER V 67 24.53 7.06 -14.08
C SER V 67 23.91 7.43 -15.41
N LYS V 68 22.91 6.65 -15.80
CA LYS V 68 22.22 6.86 -17.07
C LYS V 68 20.81 6.31 -16.96
N SER V 69 19.93 6.86 -17.81
CA SER V 69 18.55 6.38 -17.93
C SER V 69 17.95 7.02 -19.17
N GLY V 70 17.21 6.23 -19.94
CA GLY V 70 16.65 6.76 -21.17
C GLY V 70 17.77 7.06 -22.17
N THR V 71 17.77 8.28 -22.70
CA THR V 71 18.75 8.71 -23.67
C THR V 71 19.76 9.68 -23.07
N SER V 72 19.88 9.72 -21.75
CA SER V 72 20.76 10.65 -21.07
C SER V 72 21.66 9.91 -20.10
N ALA V 73 22.81 10.51 -19.83
CA ALA V 73 23.74 10.03 -18.82
C ALA V 73 24.18 11.21 -17.96
N SER V 74 24.75 10.90 -16.80
CA SER V 74 25.15 11.96 -15.88
C SER V 74 26.40 11.55 -15.13
N LEU V 75 27.37 12.46 -15.08
CA LEU V 75 28.54 12.32 -14.22
C LEU V 75 28.40 13.28 -13.05
N ALA V 76 28.59 12.76 -11.84
CA ALA V 76 28.47 13.54 -10.62
C ALA V 76 29.82 13.58 -9.92
N ILE V 77 30.16 14.75 -9.37
CA ILE V 77 31.41 14.95 -8.65
C ILE V 77 31.07 15.59 -7.31
N THR V 78 31.39 14.88 -6.22
CA THR V 78 31.18 15.38 -4.87
C THR V 78 32.51 15.78 -4.25
N GLY V 79 32.46 16.72 -3.30
CA GLY V 79 33.65 17.18 -2.62
C GLY V 79 34.74 17.65 -3.56
N LEU V 80 34.50 18.76 -4.24
CA LEU V 80 35.43 19.25 -5.25
C LEU V 80 36.76 19.66 -4.63
N GLN V 81 37.86 19.30 -5.30
CA GLN V 81 39.19 19.81 -4.99
C GLN V 81 39.69 20.61 -6.18
N ALA V 82 40.85 21.25 -5.99
CA ALA V 82 41.48 21.96 -7.09
C ALA V 82 41.95 21.01 -8.18
N GLU V 83 42.24 19.75 -7.82
CA GLU V 83 42.74 18.77 -8.77
C GLU V 83 41.65 18.25 -9.71
N ASP V 84 40.43 18.72 -9.59
CA ASP V 84 39.33 18.28 -10.45
C ASP V 84 39.10 19.21 -11.64
N GLU V 85 39.72 20.39 -11.65
CA GLU V 85 39.56 21.33 -12.76
C GLU V 85 40.18 20.73 -14.02
N ALA V 86 39.34 20.30 -14.95
CA ALA V 86 39.78 19.67 -16.18
C ALA V 86 38.59 19.59 -17.14
N ASP V 87 38.78 18.90 -18.26
CA ASP V 87 37.73 18.65 -19.22
C ASP V 87 37.20 17.23 -19.04
N TYR V 88 35.89 17.07 -19.22
CA TYR V 88 35.24 15.78 -19.03
C TYR V 88 34.44 15.43 -20.27
N TYR V 89 34.66 14.22 -20.79
CA TYR V 89 33.99 13.73 -21.99
C TYR V 89 33.28 12.43 -21.68
N CYS V 90 32.07 12.28 -22.20
CA CYS V 90 31.38 11.00 -22.23
C CYS V 90 31.58 10.36 -23.60
N GLN V 91 31.27 9.06 -23.67
CA GLN V 91 31.47 8.32 -24.91
C GLN V 91 30.57 7.10 -24.92
N SER V 92 30.02 6.78 -26.09
CA SER V 92 29.18 5.61 -26.26
C SER V 92 29.36 5.10 -27.69
N TYR V 93 28.42 4.31 -28.16
CA TYR V 93 28.41 3.80 -29.52
C TYR V 93 27.07 4.11 -30.16
N ASP V 94 27.09 4.47 -31.44
CA ASP V 94 25.90 4.84 -32.20
C ASP V 94 25.74 3.87 -33.37
N SER V 95 24.58 3.21 -33.43
CA SER V 95 24.31 2.19 -34.44
C SER V 95 23.89 2.76 -35.78
N SER V 96 23.95 4.08 -35.95
CA SER V 96 23.56 4.73 -37.19
C SER V 96 24.79 5.22 -37.94
N LEU V 97 24.55 5.69 -39.16
CA LEU V 97 25.55 6.36 -40.00
C LEU V 97 26.84 5.55 -40.11
N SER V 98 26.70 4.33 -40.65
CA SER V 98 27.79 3.41 -40.96
C SER V 98 28.54 2.91 -39.73
N GLY V 99 28.04 3.18 -38.52
CA GLY V 99 28.59 2.58 -37.32
C GLY V 99 29.86 3.25 -36.82
N PHE V 100 29.84 3.72 -35.58
CA PHE V 100 30.95 4.52 -35.07
C PHE V 100 30.80 4.69 -33.57
N TYR V 101 31.93 4.84 -32.89
CA TYR V 101 31.92 5.37 -31.53
C TYR V 101 31.55 6.84 -31.56
N VAL V 102 30.76 7.27 -30.58
CA VAL V 102 30.33 8.66 -30.49
C VAL V 102 30.91 9.26 -29.21
N PHE V 103 31.46 10.47 -29.33
CA PHE V 103 32.03 11.20 -28.21
C PHE V 103 31.12 12.35 -27.82
N GLY V 104 31.26 12.77 -26.56
CA GLY V 104 30.56 13.95 -26.09
C GLY V 104 31.27 15.23 -26.48
N THR V 105 30.51 16.33 -26.48
CA THR V 105 31.08 17.61 -26.87
C THR V 105 32.09 18.15 -25.85
N GLY V 106 32.17 17.53 -24.68
CA GLY V 106 33.12 17.98 -23.68
C GLY V 106 32.53 19.00 -22.73
N THR V 107 33.04 19.00 -21.50
CA THR V 107 32.61 19.94 -20.48
C THR V 107 33.81 20.37 -19.65
N LYS V 108 34.01 21.69 -19.56
CA LYS V 108 35.06 22.24 -18.72
C LYS V 108 34.49 22.49 -17.33
N LEU V 109 35.06 21.82 -16.32
CA LEU V 109 34.66 22.01 -14.93
C LEU V 109 35.64 22.94 -14.24
N THR V 110 35.12 24.00 -13.65
CA THR V 110 35.92 24.98 -12.93
C THR V 110 35.59 24.92 -11.45
N VAL V 111 36.63 24.78 -10.62
CA VAL V 111 36.48 24.82 -9.17
C VAL V 111 36.66 26.27 -8.74
N LEU V 112 35.57 26.92 -8.35
CA LEU V 112 35.54 28.36 -8.11
C LEU V 112 36.50 28.79 -7.01
N GLY V 113 37.59 29.46 -7.40
CA GLY V 113 38.55 29.98 -6.45
C GLY V 113 38.43 31.48 -6.27
N GLN V 114 37.58 32.10 -7.09
CA GLN V 114 37.28 33.52 -7.01
C GLN V 114 35.83 33.71 -7.41
N PRO V 115 35.21 34.83 -7.03
CA PRO V 115 33.81 35.04 -7.41
C PRO V 115 33.64 35.13 -8.92
N LYS V 116 32.39 34.94 -9.36
CA LYS V 116 32.08 35.02 -10.78
C LYS V 116 32.30 36.44 -11.28
N ALA V 117 33.14 36.59 -12.30
CA ALA V 117 33.47 37.89 -12.87
C ALA V 117 32.89 37.97 -14.28
N ALA V 118 32.04 38.98 -14.50
CA ALA V 118 31.51 39.21 -15.83
C ALA V 118 32.61 39.67 -16.78
N PRO V 119 32.49 39.37 -18.07
CA PRO V 119 33.54 39.75 -19.02
C PRO V 119 33.51 41.22 -19.37
N SER V 120 34.69 41.81 -19.50
CA SER V 120 34.83 43.21 -19.91
C SER V 120 34.97 43.25 -21.43
N VAL V 121 33.86 43.43 -22.10
CA VAL V 121 33.79 43.38 -23.56
C VAL V 121 34.13 44.74 -24.14
N THR V 122 35.04 44.78 -25.10
CA THR V 122 35.40 45.99 -25.82
C THR V 122 35.40 45.68 -27.31
N LEU V 123 34.70 46.50 -28.09
CA LEU V 123 34.55 46.32 -29.52
C LEU V 123 35.17 47.49 -30.28
N PHE V 124 35.78 47.19 -31.42
CA PHE V 124 36.45 48.19 -32.24
C PHE V 124 35.90 48.15 -33.65
N PRO V 125 35.86 49.30 -34.34
CA PRO V 125 35.43 49.32 -35.73
C PRO V 125 36.60 49.07 -36.66
N PRO V 126 36.35 48.82 -37.95
CA PRO V 126 37.46 48.74 -38.91
C PRO V 126 38.17 50.08 -39.00
N SER V 127 39.51 50.03 -39.02
CA SER V 127 40.33 51.21 -38.90
C SER V 127 40.35 52.00 -40.22
N SER V 128 41.09 53.12 -40.20
CA SER V 128 41.14 53.98 -41.38
C SER V 128 41.91 53.32 -42.52
N GLU V 129 43.14 52.87 -42.26
CA GLU V 129 43.94 52.26 -43.30
C GLU V 129 43.34 50.95 -43.79
N GLU V 130 42.57 50.26 -42.95
CA GLU V 130 41.93 49.03 -43.40
C GLU V 130 40.91 49.31 -44.49
N LEU V 131 40.13 50.39 -44.35
CA LEU V 131 39.14 50.72 -45.35
C LEU V 131 39.78 51.08 -46.69
N GLN V 132 40.93 51.75 -46.64
CA GLN V 132 41.63 52.11 -47.87
C GLN V 132 42.29 50.90 -48.53
N ALA V 133 42.49 49.80 -47.80
CA ALA V 133 43.11 48.60 -48.32
C ALA V 133 42.09 47.56 -48.76
N ASN V 134 40.82 47.96 -48.92
CA ASN V 134 39.75 47.08 -49.38
C ASN V 134 39.57 45.87 -48.47
N LYS V 135 39.73 46.09 -47.16
CA LYS V 135 39.51 45.06 -46.16
C LYS V 135 38.81 45.67 -44.96
N ALA V 136 38.25 44.81 -44.11
CA ALA V 136 37.51 45.28 -42.95
C ALA V 136 37.41 44.13 -41.94
N THR V 137 37.89 44.36 -40.73
CA THR V 137 37.80 43.37 -39.66
C THR V 137 37.44 44.08 -38.36
N LEU V 138 36.31 43.72 -37.77
CA LEU V 138 35.91 44.22 -36.47
C LEU V 138 36.52 43.37 -35.36
N VAL V 139 36.94 44.03 -34.29
CA VAL V 139 37.72 43.42 -33.23
C VAL V 139 36.90 43.44 -31.94
N CYS V 140 36.63 42.26 -31.39
CA CYS V 140 35.90 42.11 -30.14
C CYS V 140 36.84 41.50 -29.11
N LEU V 141 37.21 42.28 -28.10
CA LEU V 141 38.13 41.84 -27.07
C LEU V 141 37.37 41.56 -25.78
N ILE V 142 37.44 40.32 -25.33
CA ILE V 142 36.74 39.85 -24.13
C ILE V 142 37.78 39.43 -23.11
N SER V 143 37.69 39.98 -21.90
CA SER V 143 38.70 39.73 -20.88
C SER V 143 38.08 39.84 -19.50
N ASP V 144 38.87 39.41 -18.49
CA ASP V 144 38.55 39.57 -17.08
C ASP V 144 37.31 38.78 -16.65
N PHE V 145 37.07 37.63 -17.25
CA PHE V 145 35.91 36.81 -16.90
C PHE V 145 36.35 35.50 -16.26
N TYR V 146 35.50 34.99 -15.37
CA TYR V 146 35.72 33.75 -14.64
C TYR V 146 34.36 33.17 -14.30
N PRO V 147 34.11 31.88 -14.58
CA PRO V 147 35.06 30.92 -15.16
C PRO V 147 35.33 31.14 -16.64
N GLY V 148 36.41 30.55 -17.15
CA GLY V 148 36.85 30.81 -18.50
C GLY V 148 36.11 30.05 -19.58
N ALA V 149 34.87 30.43 -19.83
CA ALA V 149 34.06 29.82 -20.88
C ALA V 149 33.00 30.82 -21.32
N VAL V 150 33.04 31.20 -22.59
CA VAL V 150 32.11 32.18 -23.15
C VAL V 150 31.67 31.71 -24.52
N THR V 151 30.65 32.37 -25.06
CA THR V 151 30.19 32.15 -26.42
C THR V 151 29.89 33.51 -27.06
N VAL V 152 30.31 33.67 -28.31
CA VAL V 152 30.23 34.94 -29.01
C VAL V 152 29.24 34.83 -30.16
N ALA V 153 28.48 35.91 -30.38
CA ALA V 153 27.57 36.02 -31.51
C ALA V 153 27.61 37.45 -32.03
N TRP V 154 27.25 37.61 -33.30
CA TRP V 154 27.30 38.91 -33.96
C TRP V 154 25.92 39.28 -34.50
N LYS V 155 25.68 40.58 -34.58
CA LYS V 155 24.42 41.10 -35.10
C LYS V 155 24.65 42.33 -35.97
N GLY V 164 31.78 34.92 -41.77
CA GLY V 164 33.18 35.24 -41.55
C GLY V 164 33.50 35.56 -40.11
N VAL V 165 33.45 34.55 -39.24
CA VAL V 165 33.68 34.71 -37.81
C VAL V 165 34.76 33.74 -37.39
N GLU V 166 35.72 34.22 -36.62
CA GLU V 166 36.81 33.38 -36.10
C GLU V 166 37.04 33.76 -34.64
N THR V 167 36.74 32.83 -33.73
CA THR V 167 36.87 33.04 -32.30
C THR V 167 38.05 32.24 -31.75
N THR V 168 38.53 32.67 -30.59
CA THR V 168 39.66 32.03 -29.93
C THR V 168 39.18 31.24 -28.72
N THR V 169 40.09 30.43 -28.18
CA THR V 169 39.81 29.74 -26.93
C THR V 169 40.08 30.67 -25.76
N PRO V 170 39.30 30.56 -24.68
CA PRO V 170 39.59 31.35 -23.48
C PRO V 170 40.95 30.99 -22.91
N SER V 171 41.72 32.02 -22.55
CA SER V 171 43.09 31.85 -22.09
C SER V 171 43.27 32.50 -20.73
N LYS V 172 44.05 31.85 -19.86
CA LYS V 172 44.29 32.36 -18.53
C LYS V 172 45.12 33.64 -18.59
N GLN V 173 44.63 34.68 -17.92
CA GLN V 173 45.35 35.95 -17.83
C GLN V 173 46.43 35.86 -16.76
N SER V 174 46.96 37.01 -16.34
CA SER V 174 47.99 37.04 -15.31
C SER V 174 47.45 36.87 -13.90
N ASN V 175 46.13 36.94 -13.71
CA ASN V 175 45.51 36.77 -12.41
C ASN V 175 44.34 35.80 -12.49
N ASN V 176 44.52 34.72 -13.25
CA ASN V 176 43.65 33.54 -13.21
C ASN V 176 42.26 33.78 -13.79
N LYS V 177 41.91 35.02 -14.10
CA LYS V 177 40.74 35.23 -14.94
C LYS V 177 41.12 35.01 -16.40
N TYR V 178 40.12 34.97 -17.26
CA TYR V 178 40.34 34.52 -18.64
C TYR V 178 40.05 35.63 -19.63
N ALA V 179 40.59 35.47 -20.84
CA ALA V 179 40.45 36.44 -21.91
C ALA V 179 40.42 35.71 -23.25
N ALA V 180 39.55 36.17 -24.13
CA ALA V 180 39.43 35.61 -25.47
C ALA V 180 39.02 36.71 -26.45
N SER V 181 39.24 36.47 -27.73
CA SER V 181 38.94 37.45 -28.76
C SER V 181 38.17 36.80 -29.90
N SER V 182 37.38 37.61 -30.59
CA SER V 182 36.61 37.17 -31.75
C SER V 182 36.71 38.22 -32.84
N TYR V 183 36.83 37.77 -34.09
CA TYR V 183 37.04 38.64 -35.24
C TYR V 183 35.94 38.41 -36.27
N LEU V 184 35.41 39.51 -36.81
CA LEU V 184 34.42 39.45 -37.88
C LEU V 184 34.98 40.18 -39.10
N SER V 185 35.14 39.44 -40.20
CA SER V 185 35.73 39.98 -41.41
C SER V 185 34.68 40.61 -42.32
N THR V 187 33.72 43.06 -46.87
CA THR V 187 34.01 44.15 -47.79
C THR V 187 34.02 45.49 -47.04
N PRO V 188 34.93 46.39 -47.42
CA PRO V 188 35.15 47.67 -46.74
C PRO V 188 33.89 48.51 -46.60
N GLN V 190 28.76 46.31 -46.49
CA GLN V 190 28.48 45.66 -45.21
C GLN V 190 28.74 46.60 -44.04
N TRP V 191 29.97 47.11 -43.95
CA TRP V 191 30.27 48.12 -42.93
C TRP V 191 29.60 49.45 -43.27
N LYS V 192 29.33 49.70 -44.55
CA LYS V 192 28.56 50.87 -44.94
C LYS V 192 27.07 50.65 -44.67
N SER V 193 26.56 49.47 -45.01
CA SER V 193 25.17 49.12 -44.74
C SER V 193 25.02 48.62 -43.30
N HIS V 194 24.12 47.67 -43.09
CA HIS V 194 23.90 47.10 -41.76
C HIS V 194 23.86 45.58 -41.83
N SER V 198 27.25 45.04 -33.57
CA SER V 198 27.22 44.66 -32.16
C SER V 198 27.92 43.32 -31.97
N CYS V 199 28.61 43.18 -30.83
CA CYS V 199 29.27 41.94 -30.44
C CYS V 199 28.58 41.41 -29.20
N GLN V 200 28.10 40.17 -29.27
CA GLN V 200 27.26 39.57 -28.24
C GLN V 200 28.05 38.43 -27.57
N VAL V 201 28.41 38.64 -26.31
CA VAL V 201 29.17 37.66 -25.53
C VAL V 201 28.31 37.21 -24.35
N THR V 202 28.15 35.90 -24.21
CA THR V 202 27.33 35.33 -23.14
C THR V 202 28.25 34.64 -22.14
N HIS V 203 28.11 35.02 -20.86
CA HIS V 203 28.90 34.46 -19.77
C HIS V 203 27.95 33.84 -18.76
N GLU V 204 28.02 32.52 -18.60
CA GLU V 204 27.15 31.76 -17.71
C GLU V 204 25.68 31.91 -18.10
N GLY V 205 25.16 33.13 -18.04
CA GLY V 205 23.78 33.39 -18.44
C GLY V 205 23.58 34.80 -18.96
N SER V 206 24.19 35.78 -18.29
CA SER V 206 24.05 37.17 -18.69
C SER V 206 24.86 37.46 -19.95
N THR V 207 24.33 38.36 -20.78
CA THR V 207 24.92 38.69 -22.07
C THR V 207 25.40 40.14 -22.06
N VAL V 208 26.67 40.33 -22.40
CA VAL V 208 27.26 41.66 -22.52
C VAL V 208 27.35 42.01 -24.01
N GLU V 209 26.81 43.16 -24.38
CA GLU V 209 26.76 43.58 -25.77
C GLU V 209 27.36 44.97 -25.90
N LYS V 210 28.36 45.10 -26.78
CA LYS V 210 28.99 46.38 -27.09
C LYS V 210 28.81 46.68 -28.57
N THR V 211 28.48 47.93 -28.89
CA THR V 211 28.16 48.22 -30.31
C THR V 211 29.03 49.38 -30.80
N VAL V 212 29.46 49.31 -32.06
CA VAL V 212 30.25 50.43 -32.64
C VAL V 212 29.51 50.93 -33.89
N ALA V 213 29.70 52.21 -34.26
CA ALA V 213 28.89 52.78 -35.36
C ALA V 213 29.74 53.19 -36.57
N PRO V 214 29.28 52.94 -37.81
CA PRO V 214 30.00 53.40 -39.01
C PRO V 214 30.07 54.93 -39.06
N ASP W 1 44.20 -23.15 -45.28
CA ASP W 1 43.57 -23.08 -43.97
C ASP W 1 44.59 -23.41 -42.87
N ILE W 2 44.48 -22.73 -41.74
CA ILE W 2 45.32 -23.04 -40.59
C ILE W 2 44.89 -24.38 -40.01
N LEU W 3 45.87 -25.19 -39.60
CA LEU W 3 45.63 -26.52 -39.09
C LEU W 3 45.92 -26.55 -37.59
N LEU W 4 44.94 -26.99 -36.81
CA LEU W 4 45.07 -27.09 -35.36
C LEU W 4 44.99 -28.56 -34.96
N THR W 5 46.07 -29.06 -34.39
CA THR W 5 46.16 -30.44 -33.92
C THR W 5 46.14 -30.46 -32.40
N GLN W 6 45.26 -31.28 -31.83
CA GLN W 6 45.14 -31.43 -30.39
C GLN W 6 45.67 -32.79 -29.97
N SER W 7 46.51 -32.81 -28.94
CA SER W 7 47.16 -34.03 -28.48
C SER W 7 47.16 -34.07 -26.96
N PRO W 8 46.85 -35.24 -26.36
CA PRO W 8 46.38 -36.42 -27.11
C PRO W 8 44.89 -36.35 -27.41
N ALA W 9 44.39 -37.31 -28.20
CA ALA W 9 42.97 -37.30 -28.55
C ALA W 9 42.11 -37.71 -27.35
N ILE W 10 42.52 -38.75 -26.63
CA ILE W 10 41.83 -39.20 -25.43
C ILE W 10 42.79 -39.00 -24.26
N LEU W 11 42.22 -38.76 -23.07
CA LEU W 11 43.03 -38.47 -21.90
C LEU W 11 42.19 -38.79 -20.67
N SER W 12 42.68 -39.71 -19.83
CA SER W 12 41.93 -40.22 -18.70
C SER W 12 42.40 -39.55 -17.41
N VAL W 13 41.45 -39.02 -16.63
CA VAL W 13 41.74 -38.33 -15.39
C VAL W 13 41.07 -39.06 -14.23
N SER W 14 41.45 -38.64 -13.02
CA SER W 14 40.79 -38.96 -11.78
C SER W 14 40.53 -37.67 -11.02
N PRO W 15 39.47 -37.61 -10.23
CA PRO W 15 39.17 -36.38 -9.48
C PRO W 15 40.38 -35.88 -8.69
N GLY W 16 40.63 -34.57 -8.80
CA GLY W 16 41.74 -33.95 -8.09
C GLY W 16 43.02 -33.82 -8.90
N GLU W 17 43.11 -34.46 -10.06
CA GLU W 17 44.33 -34.45 -10.84
C GLU W 17 44.58 -33.07 -11.46
N ARG W 18 45.85 -32.76 -11.65
CA ARG W 18 46.28 -31.59 -12.41
C ARG W 18 46.50 -32.03 -13.85
N VAL W 19 45.66 -31.56 -14.76
CA VAL W 19 45.61 -32.07 -16.12
C VAL W 19 45.75 -30.93 -17.12
N SER W 20 46.36 -31.23 -18.26
CA SER W 20 46.50 -30.27 -19.34
C SER W 20 46.59 -30.99 -20.67
N PHE W 21 46.04 -30.38 -21.71
CA PHE W 21 46.12 -30.88 -23.07
C PHE W 21 46.70 -29.79 -23.98
N SER W 22 47.08 -30.19 -25.19
CA SER W 22 47.83 -29.33 -26.09
C SER W 22 47.04 -29.00 -27.34
N CYS W 23 47.26 -27.80 -27.87
CA CYS W 23 46.72 -27.36 -29.15
C CYS W 23 47.86 -26.74 -29.93
N ARG W 24 48.16 -27.32 -31.09
CA ARG W 24 49.30 -26.91 -31.90
C ARG W 24 48.82 -26.36 -33.23
N ALA W 25 49.34 -25.20 -33.61
CA ALA W 25 48.94 -24.52 -34.84
C ALA W 25 49.95 -24.80 -35.96
N SER W 26 49.43 -24.85 -37.19
CA SER W 26 50.27 -25.09 -38.35
C SER W 26 51.12 -23.88 -38.74
N GLN W 27 50.94 -22.75 -38.07
CA GLN W 27 51.70 -21.55 -38.38
C GLN W 27 51.65 -20.62 -37.18
N ASN W 28 52.54 -19.62 -37.18
CA ASN W 28 52.53 -18.61 -36.13
C ASN W 28 51.16 -17.93 -36.08
N ILE W 29 50.61 -17.83 -34.88
CA ILE W 29 49.17 -17.61 -34.72
C ILE W 29 48.92 -16.61 -33.60
N ASP W 30 49.99 -16.06 -33.03
CA ASP W 30 49.91 -15.00 -31.99
C ASP W 30 49.19 -15.59 -30.78
N THR W 31 48.36 -14.81 -30.09
CA THR W 31 47.56 -15.30 -28.97
C THR W 31 46.11 -15.58 -29.37
N HIS W 32 45.84 -15.67 -30.67
CA HIS W 32 44.48 -15.78 -31.18
C HIS W 32 44.00 -17.24 -31.10
N ILE W 33 43.71 -17.65 -29.87
CA ILE W 33 43.22 -19.01 -29.60
C ILE W 33 42.17 -18.92 -28.50
N HIS W 34 41.01 -19.53 -28.73
CA HIS W 34 39.94 -19.60 -27.75
C HIS W 34 39.60 -21.05 -27.49
N TRP W 35 39.33 -21.37 -26.22
CA TRP W 35 39.04 -22.73 -25.80
C TRP W 35 37.55 -22.89 -25.53
N TYR W 36 37.04 -24.09 -25.80
CA TYR W 36 35.62 -24.38 -25.64
C TYR W 36 35.45 -25.77 -25.05
N GLN W 37 34.56 -25.87 -24.07
CA GLN W 37 34.17 -27.14 -23.47
C GLN W 37 32.81 -27.55 -24.00
N GLN W 38 32.65 -28.85 -24.29
CA GLN W 38 31.40 -29.36 -24.84
C GLN W 38 31.09 -30.70 -24.19
N ARG W 39 30.15 -30.70 -23.25
CA ARG W 39 29.70 -31.93 -22.62
C ARG W 39 28.77 -32.69 -23.57
N THR W 40 28.48 -33.94 -23.22
CA THR W 40 27.71 -34.81 -24.09
C THR W 40 26.30 -34.26 -24.30
N ASN W 41 25.86 -34.25 -25.56
CA ASN W 41 24.55 -33.73 -25.95
C ASN W 41 24.36 -32.28 -25.56
N GLY W 42 25.46 -31.53 -25.45
CA GLY W 42 25.44 -30.14 -25.06
C GLY W 42 26.09 -29.24 -26.10
N SER W 43 26.08 -27.96 -25.81
CA SER W 43 26.66 -26.97 -26.71
C SER W 43 28.07 -26.60 -26.24
N PRO W 44 28.94 -26.20 -27.18
CA PRO W 44 30.26 -25.71 -26.79
C PRO W 44 30.15 -24.50 -25.88
N ARG W 45 31.05 -24.43 -24.91
CA ARG W 45 31.02 -23.39 -23.88
C ARG W 45 32.39 -22.75 -23.78
N LEU W 46 32.43 -21.43 -23.91
CA LEU W 46 33.69 -20.70 -23.88
C LEU W 46 34.38 -20.87 -22.53
N LEU W 47 35.68 -21.19 -22.58
CA LEU W 47 36.51 -21.36 -21.39
C LEU W 47 37.55 -20.26 -21.26
N ILE W 48 38.44 -20.13 -22.24
CA ILE W 48 39.53 -19.18 -22.21
C ILE W 48 39.49 -18.36 -23.49
N LYS W 49 39.72 -17.05 -23.37
CA LYS W 49 39.77 -16.16 -24.51
C LYS W 49 41.18 -15.61 -24.68
N TYR W 50 41.62 -15.50 -25.93
CA TYR W 50 42.93 -14.95 -26.28
C TYR W 50 44.05 -15.62 -25.49
N ALA W 51 44.15 -16.93 -25.66
CA ALA W 51 45.23 -17.77 -25.14
C ALA W 51 45.16 -17.95 -23.62
N SER W 52 45.11 -16.86 -22.86
CA SER W 52 45.26 -16.97 -21.42
C SER W 52 44.26 -16.17 -20.59
N GLU W 53 43.41 -15.34 -21.18
CA GLU W 53 42.58 -14.44 -20.38
C GLU W 53 41.35 -15.16 -19.85
N SER W 54 40.98 -14.83 -18.62
CA SER W 54 39.81 -15.40 -17.99
C SER W 54 38.54 -14.72 -18.48
N ILE W 55 37.46 -15.50 -18.55
CA ILE W 55 36.14 -14.98 -18.90
C ILE W 55 35.22 -15.20 -17.70
N SER W 56 34.32 -14.24 -17.49
CA SER W 56 33.51 -14.24 -16.27
C SER W 56 32.62 -15.47 -16.21
N GLY W 57 32.41 -15.98 -14.99
CA GLY W 57 31.54 -17.10 -14.76
C GLY W 57 32.19 -18.47 -14.90
N ILE W 58 33.49 -18.52 -15.14
CA ILE W 58 34.22 -19.78 -15.31
C ILE W 58 35.09 -19.99 -14.07
N PRO W 59 35.11 -21.19 -13.49
CA PRO W 59 35.92 -21.40 -12.27
C PRO W 59 37.39 -21.11 -12.51
N SER W 60 38.05 -20.60 -11.47
CA SER W 60 39.48 -20.31 -11.55
C SER W 60 40.32 -21.55 -11.81
N ARG W 61 39.73 -22.74 -11.70
CA ARG W 61 40.45 -23.98 -11.96
C ARG W 61 40.93 -24.10 -13.40
N PHE W 62 40.34 -23.34 -14.32
CA PHE W 62 40.74 -23.35 -15.72
C PHE W 62 41.75 -22.23 -16.00
N SER W 63 42.71 -22.51 -16.88
CA SER W 63 43.71 -21.53 -17.26
C SER W 63 44.41 -21.96 -18.53
N GLY W 64 44.82 -20.97 -19.32
CA GLY W 64 45.63 -21.20 -20.51
C GLY W 64 46.94 -20.45 -20.44
N SER W 65 47.92 -20.80 -21.29
CA SER W 65 49.25 -20.21 -21.14
C SER W 65 50.01 -20.08 -22.46
N GLY W 66 49.63 -20.85 -23.47
CA GLY W 66 50.42 -20.93 -24.69
C GLY W 66 50.48 -19.62 -25.46
N SER W 67 51.32 -19.64 -26.50
CA SER W 67 51.48 -18.51 -27.41
C SER W 67 52.28 -18.97 -28.60
N GLY W 68 52.24 -18.16 -29.67
CA GLY W 68 53.04 -18.43 -30.86
C GLY W 68 52.51 -19.53 -31.75
N THR W 69 52.56 -20.77 -31.26
CA THR W 69 52.16 -21.92 -32.07
C THR W 69 51.78 -23.11 -31.19
N ASP W 70 52.26 -23.10 -29.94
CA ASP W 70 51.97 -24.17 -28.98
C ASP W 70 51.11 -23.62 -27.86
N PHE W 71 49.98 -24.27 -27.61
CA PHE W 71 49.01 -23.81 -26.63
C PHE W 71 48.63 -24.94 -25.70
N THR W 72 48.23 -24.57 -24.48
CA THR W 72 47.93 -25.55 -23.44
C THR W 72 46.85 -25.00 -22.53
N LEU W 73 45.75 -25.75 -22.39
CA LEU W 73 44.74 -25.49 -21.38
C LEU W 73 45.03 -26.42 -20.20
N THR W 74 45.08 -25.85 -18.99
CA THR W 74 45.38 -26.61 -17.79
C THR W 74 44.22 -26.50 -16.82
N ILE W 75 43.75 -27.65 -16.35
CA ILE W 75 42.76 -27.73 -15.29
C ILE W 75 43.49 -28.07 -14.00
N ASN W 76 43.44 -27.17 -13.02
CA ASN W 76 44.22 -27.33 -11.79
C ASN W 76 43.78 -28.58 -11.04
N SER W 77 42.48 -28.79 -10.88
CA SER W 77 41.96 -29.94 -10.16
C SER W 77 40.64 -30.34 -10.84
N VAL W 78 40.70 -31.39 -11.68
CA VAL W 78 39.52 -31.79 -12.43
C VAL W 78 38.41 -32.19 -11.47
N GLU W 79 37.20 -31.68 -11.72
CA GLU W 79 36.11 -31.83 -10.76
C GLU W 79 34.90 -32.53 -11.37
N SER W 80 35.08 -33.75 -11.85
CA SER W 80 33.99 -34.62 -12.30
C SER W 80 33.16 -34.00 -13.42
N GLU W 81 32.56 -32.83 -13.16
CA GLU W 81 31.79 -32.14 -14.18
C GLU W 81 32.63 -31.70 -15.38
N ASP W 82 33.95 -31.78 -15.28
CA ASP W 82 34.84 -31.38 -16.37
C ASP W 82 35.01 -32.46 -17.43
N ILE W 83 34.37 -33.62 -17.26
CA ILE W 83 34.47 -34.69 -18.24
C ILE W 83 33.69 -34.26 -19.49
N ALA W 84 34.41 -33.91 -20.55
CA ALA W 84 33.81 -33.42 -21.78
C ALA W 84 34.90 -33.35 -22.85
N ASP W 85 34.48 -33.01 -24.07
CA ASP W 85 35.41 -32.72 -25.14
C ASP W 85 35.83 -31.25 -25.07
N TYR W 86 37.08 -30.98 -25.42
CA TYR W 86 37.66 -29.66 -25.32
C TYR W 86 38.24 -29.26 -26.66
N TYR W 87 37.75 -28.16 -27.22
CA TYR W 87 38.15 -27.70 -28.55
C TYR W 87 38.86 -26.37 -28.44
N CYS W 88 39.97 -26.23 -29.18
CA CYS W 88 40.62 -24.95 -29.36
C CYS W 88 40.21 -24.37 -30.72
N GLN W 89 40.13 -23.05 -30.78
CA GLN W 89 39.72 -22.37 -32.01
C GLN W 89 40.65 -21.20 -32.27
N GLN W 90 41.09 -21.07 -33.51
CA GLN W 90 41.95 -19.96 -33.91
C GLN W 90 41.12 -18.83 -34.50
N SER W 91 41.52 -17.60 -34.17
CA SER W 91 40.87 -16.40 -34.67
C SER W 91 41.83 -15.50 -35.43
N ASN W 92 42.92 -16.07 -35.94
CA ASN W 92 43.96 -15.28 -36.58
C ASN W 92 43.60 -14.97 -38.03
N SER W 93 43.15 -15.96 -38.79
CA SER W 93 42.92 -15.80 -40.21
C SER W 93 41.64 -16.53 -40.62
N TRP W 94 40.98 -16.00 -41.65
CA TRP W 94 39.83 -16.68 -42.22
C TRP W 94 40.29 -17.82 -43.12
N PRO W 95 39.65 -18.99 -43.03
CA PRO W 95 38.50 -19.23 -42.14
C PRO W 95 38.94 -19.63 -40.74
N PHE W 96 38.10 -19.30 -39.76
CA PHE W 96 38.33 -19.79 -38.40
C PHE W 96 38.21 -21.31 -38.39
N THR W 97 39.06 -21.96 -37.60
CA THR W 97 39.11 -23.41 -37.58
C THR W 97 39.25 -23.91 -36.15
N PHE W 98 38.71 -25.09 -35.90
CA PHE W 98 38.79 -25.75 -34.61
C PHE W 98 39.73 -26.95 -34.71
N GLY W 99 40.11 -27.47 -33.54
CA GLY W 99 40.93 -28.66 -33.48
C GLY W 99 40.11 -29.94 -33.56
N SER W 100 40.82 -31.07 -33.65
CA SER W 100 40.15 -32.36 -33.74
C SER W 100 39.42 -32.71 -32.45
N GLY W 101 39.83 -32.16 -31.33
CA GLY W 101 39.15 -32.38 -30.06
C GLY W 101 39.95 -33.27 -29.13
N THR W 102 39.87 -32.97 -27.83
CA THR W 102 40.47 -33.77 -26.77
C THR W 102 39.38 -34.17 -25.79
N LYS W 103 39.18 -35.47 -25.61
CA LYS W 103 38.11 -35.98 -24.78
C LYS W 103 38.65 -36.39 -23.41
N LEU W 104 38.05 -35.83 -22.35
CA LEU W 104 38.42 -36.20 -20.99
C LEU W 104 37.67 -37.45 -20.56
N GLU W 105 38.38 -38.36 -19.92
CA GLU W 105 37.83 -39.65 -19.53
C GLU W 105 38.16 -39.93 -18.07
N ILE W 106 37.37 -40.82 -17.47
CA ILE W 106 37.55 -41.21 -16.08
C ILE W 106 38.53 -42.38 -16.01
N LYS W 107 39.54 -42.26 -15.16
CA LYS W 107 40.48 -43.35 -14.93
C LYS W 107 39.88 -44.40 -14.01
N ARG W 108 40.27 -45.65 -14.23
CA ARG W 108 39.62 -46.78 -13.59
C ARG W 108 40.53 -48.00 -13.77
N THR W 109 40.22 -49.07 -13.04
CA THR W 109 41.04 -50.27 -13.06
C THR W 109 40.66 -51.16 -14.24
N VAL W 110 41.66 -51.79 -14.86
CA VAL W 110 41.43 -52.59 -16.05
C VAL W 110 40.37 -53.65 -15.79
N ALA W 111 39.33 -53.67 -16.62
CA ALA W 111 38.22 -54.59 -16.49
C ALA W 111 38.14 -55.50 -17.72
N ALA W 112 37.53 -56.67 -17.52
CA ALA W 112 37.43 -57.67 -18.58
C ALA W 112 36.03 -57.68 -19.19
N PRO W 113 35.92 -57.80 -20.51
CA PRO W 113 34.61 -57.79 -21.17
C PRO W 113 33.96 -59.18 -21.12
N SER W 114 32.82 -59.25 -20.47
CA SER W 114 32.01 -60.47 -20.47
C SER W 114 31.38 -60.64 -21.85
N VAL W 115 32.00 -61.45 -22.69
CA VAL W 115 31.64 -61.53 -24.11
C VAL W 115 30.50 -62.52 -24.28
N PHE W 116 29.48 -62.11 -25.04
CA PHE W 116 28.35 -62.95 -25.41
C PHE W 116 28.20 -62.95 -26.92
N ILE W 117 27.40 -63.88 -27.43
CA ILE W 117 27.14 -64.00 -28.86
C ILE W 117 25.71 -64.44 -29.08
N PHE W 118 25.04 -63.81 -30.04
CA PHE W 118 23.64 -64.05 -30.31
C PHE W 118 23.44 -64.51 -31.74
N PRO W 119 22.66 -65.56 -31.97
CA PRO W 119 22.40 -66.02 -33.34
C PRO W 119 21.24 -65.26 -33.96
N PRO W 120 21.11 -65.27 -35.28
CA PRO W 120 19.93 -64.64 -35.91
C PRO W 120 18.67 -65.43 -35.63
N SER W 121 17.58 -64.72 -35.38
CA SER W 121 16.30 -65.36 -35.14
C SER W 121 15.70 -65.85 -36.46
N ASP W 122 14.82 -66.85 -36.34
CA ASP W 122 14.12 -67.36 -37.51
C ASP W 122 13.24 -66.30 -38.15
N GLU W 123 12.82 -65.29 -37.40
CA GLU W 123 12.05 -64.19 -37.96
C GLU W 123 12.90 -63.36 -38.94
N GLN W 124 14.11 -62.99 -38.52
CA GLN W 124 14.99 -62.22 -39.39
C GLN W 124 15.38 -63.01 -40.63
N LEU W 125 15.55 -64.34 -40.48
CA LEU W 125 15.91 -65.16 -41.64
C LEU W 125 14.81 -65.17 -42.68
N LYS W 126 13.56 -65.27 -42.25
CA LYS W 126 12.44 -65.30 -43.18
C LYS W 126 12.35 -64.03 -44.03
N SER W 127 13.00 -62.96 -43.61
CA SER W 127 12.97 -61.71 -44.37
C SER W 127 14.00 -61.66 -45.48
N GLY W 128 15.07 -62.45 -45.39
CA GLY W 128 16.11 -62.47 -46.39
C GLY W 128 17.44 -61.89 -45.96
N THR W 129 17.61 -61.57 -44.68
CA THR W 129 18.86 -61.03 -44.17
C THR W 129 19.16 -61.66 -42.81
N ALA W 130 20.43 -61.63 -42.43
CA ALA W 130 20.87 -62.25 -41.18
C ALA W 130 21.91 -61.36 -40.52
N SER W 131 21.70 -61.10 -39.23
CA SER W 131 22.63 -60.30 -38.43
C SER W 131 23.04 -61.11 -37.21
N VAL W 132 24.35 -61.20 -36.98
CA VAL W 132 24.91 -61.90 -35.82
C VAL W 132 25.48 -60.85 -34.89
N VAL W 133 25.20 -60.99 -33.59
CA VAL W 133 25.51 -59.98 -32.60
C VAL W 133 26.64 -60.49 -31.71
N CYS W 134 27.67 -59.65 -31.54
CA CYS W 134 28.78 -59.91 -30.61
C CYS W 134 28.80 -58.77 -29.60
N LEU W 135 28.53 -59.08 -28.34
CA LEU W 135 28.35 -58.08 -27.30
C LEU W 135 29.56 -58.04 -26.38
N LEU W 136 30.17 -56.88 -26.25
CA LEU W 136 31.21 -56.63 -25.26
C LEU W 136 30.61 -55.84 -24.12
N ASN W 137 30.75 -56.34 -22.89
CA ASN W 137 30.02 -55.82 -21.75
C ASN W 137 30.97 -55.39 -20.64
N ASN W 138 30.89 -54.12 -20.25
CA ASN W 138 31.53 -53.57 -19.06
C ASN W 138 33.03 -53.83 -19.07
N PHE W 139 33.70 -53.20 -20.04
CA PHE W 139 35.14 -53.31 -20.17
C PHE W 139 35.78 -51.93 -20.09
N TYR W 140 37.07 -51.92 -19.75
CA TYR W 140 37.90 -50.73 -19.69
C TYR W 140 39.35 -51.17 -19.83
N PRO W 141 40.17 -50.49 -20.67
CA PRO W 141 39.84 -49.26 -21.40
C PRO W 141 39.06 -49.47 -22.71
N ARG W 142 38.97 -48.38 -23.48
CA ARG W 142 38.10 -48.34 -24.66
C ARG W 142 38.66 -49.16 -25.82
N GLU W 143 39.97 -49.11 -26.02
CA GLU W 143 40.59 -49.75 -27.17
C GLU W 143 40.47 -51.28 -27.11
N ALA W 144 39.36 -51.79 -27.62
CA ALA W 144 39.14 -53.22 -27.76
C ALA W 144 38.67 -53.51 -29.17
N LYS W 145 39.34 -54.43 -29.85
CA LYS W 145 39.08 -54.71 -31.26
C LYS W 145 38.43 -56.07 -31.42
N VAL W 146 37.43 -56.13 -32.31
CA VAL W 146 36.71 -57.36 -32.60
C VAL W 146 36.88 -57.69 -34.08
N GLN W 147 36.98 -58.98 -34.38
CA GLN W 147 37.09 -59.47 -35.74
C GLN W 147 36.19 -60.68 -35.91
N TRP W 148 35.56 -60.79 -37.08
CA TRP W 148 34.64 -61.88 -37.36
C TRP W 148 35.32 -62.98 -38.18
N GLN W 155 36.30 -61.42 -41.88
CA GLN W 155 35.82 -60.71 -43.06
C GLN W 155 35.98 -59.20 -42.89
N SER W 156 35.64 -58.45 -43.92
CA SER W 156 35.73 -56.99 -43.89
C SER W 156 34.62 -56.40 -44.74
N GLY W 157 34.10 -55.26 -44.31
CA GLY W 157 33.07 -54.55 -45.05
C GLY W 157 31.66 -54.80 -44.55
N ASN W 158 31.37 -56.04 -44.17
CA ASN W 158 30.04 -56.43 -43.71
C ASN W 158 29.94 -56.48 -42.20
N SER W 159 30.56 -55.52 -41.51
CA SER W 159 30.52 -55.47 -40.06
C SER W 159 30.42 -54.04 -39.60
N GLN W 160 29.57 -53.80 -38.60
CA GLN W 160 29.39 -52.49 -38.00
C GLN W 160 29.43 -52.63 -36.49
N GLU W 161 30.03 -51.65 -35.82
CA GLU W 161 30.16 -51.69 -34.37
C GLU W 161 29.73 -50.36 -33.77
N SER W 162 29.27 -50.42 -32.52
CA SER W 162 28.80 -49.25 -31.80
C SER W 162 29.24 -49.35 -30.35
N VAL W 163 29.63 -48.21 -29.77
CA VAL W 163 30.15 -48.15 -28.40
C VAL W 163 29.25 -47.23 -27.58
N THR W 164 28.88 -47.70 -26.39
CA THR W 164 28.23 -46.81 -25.44
C THR W 164 29.24 -45.85 -24.85
N GLU W 165 28.73 -44.86 -24.11
CA GLU W 165 29.59 -43.93 -23.41
C GLU W 165 30.00 -44.50 -22.06
N GLN W 166 30.89 -43.79 -21.38
CA GLN W 166 31.36 -44.24 -20.08
C GLN W 166 30.23 -44.27 -19.07
N ASP W 167 30.02 -45.42 -18.44
CA ASP W 167 28.93 -45.58 -17.49
C ASP W 167 29.15 -44.68 -16.28
N SER W 168 28.05 -44.16 -15.74
CA SER W 168 28.16 -43.22 -14.63
C SER W 168 28.68 -43.88 -13.36
N LYS W 169 28.49 -45.19 -13.22
CA LYS W 169 28.90 -45.88 -12.00
C LYS W 169 30.25 -46.57 -12.17
N ASP W 170 30.27 -47.72 -12.85
CA ASP W 170 31.49 -48.50 -12.95
C ASP W 170 32.53 -47.89 -13.88
N SER W 171 32.16 -46.86 -14.65
CA SER W 171 33.08 -46.17 -15.56
C SER W 171 33.66 -47.11 -16.62
N THR W 172 32.91 -48.14 -16.98
CA THR W 172 33.32 -49.09 -18.00
C THR W 172 32.66 -48.75 -19.33
N TYR W 173 33.01 -49.50 -20.36
CA TYR W 173 32.44 -49.34 -21.69
C TYR W 173 31.76 -50.63 -22.13
N SER W 174 30.87 -50.51 -23.09
CA SER W 174 30.20 -51.66 -23.69
C SER W 174 30.16 -51.47 -25.20
N LEU W 175 30.58 -52.50 -25.94
CA LEU W 175 30.67 -52.43 -27.38
C LEU W 175 29.90 -53.60 -27.99
N SER W 176 29.29 -53.34 -29.15
CA SER W 176 28.56 -54.36 -29.89
C SER W 176 28.94 -54.26 -31.36
N SER W 177 29.30 -55.40 -31.95
CA SER W 177 29.61 -55.48 -33.37
C SER W 177 28.66 -56.48 -34.02
N THR W 178 27.99 -56.04 -35.08
CA THR W 178 26.97 -56.85 -35.74
C THR W 178 27.46 -57.22 -37.14
N LEU W 179 27.43 -58.53 -37.43
CA LEU W 179 27.81 -59.05 -38.74
C LEU W 179 26.54 -59.26 -39.55
N THR W 180 26.39 -58.49 -40.64
CA THR W 180 25.19 -58.51 -41.46
C THR W 180 25.48 -59.20 -42.78
N LEU W 181 24.79 -60.30 -43.04
CA LEU W 181 24.89 -61.05 -44.29
C LEU W 181 23.49 -61.32 -44.83
N SER W 182 23.44 -61.70 -46.11
CA SER W 182 22.20 -62.13 -46.71
C SER W 182 21.86 -63.56 -46.24
N LYS W 183 20.60 -63.96 -46.47
CA LYS W 183 20.19 -65.31 -46.12
C LYS W 183 20.91 -66.35 -46.96
N ALA W 184 21.25 -66.01 -48.20
CA ALA W 184 21.96 -66.96 -49.05
C ALA W 184 23.36 -67.23 -48.52
N ASP W 185 24.07 -66.19 -48.09
CA ASP W 185 25.45 -66.35 -47.63
C ASP W 185 25.55 -66.88 -46.21
N TYR W 186 24.50 -66.73 -45.40
CA TYR W 186 24.56 -67.23 -44.03
C TYR W 186 24.45 -68.75 -43.99
N GLU W 187 23.77 -69.35 -44.97
CA GLU W 187 23.64 -70.80 -45.05
C GLU W 187 24.77 -71.45 -45.84
N LYS W 188 25.73 -70.67 -46.32
CA LYS W 188 26.87 -71.19 -47.07
C LYS W 188 28.07 -71.50 -46.19
N HIS W 189 27.95 -71.36 -44.87
CA HIS W 189 29.05 -71.60 -43.96
C HIS W 189 28.51 -72.28 -42.70
N LYS W 190 29.41 -72.57 -41.77
CA LYS W 190 29.05 -73.27 -40.54
C LYS W 190 29.56 -72.53 -39.30
N CYS W 194 32.75 -64.38 -33.01
CA CYS W 194 33.67 -63.26 -32.94
C CYS W 194 34.84 -63.56 -32.02
N GLU W 195 35.97 -62.90 -32.26
CA GLU W 195 37.13 -62.96 -31.38
C GLU W 195 37.38 -61.58 -30.80
N VAL W 196 37.64 -61.54 -29.50
CA VAL W 196 37.70 -60.30 -28.74
C VAL W 196 39.10 -60.16 -28.15
N THR W 197 39.83 -59.13 -28.59
CA THR W 197 41.17 -58.84 -28.08
C THR W 197 41.09 -57.64 -27.15
N HIS W 198 41.25 -57.88 -25.85
CA HIS W 198 41.23 -56.82 -24.87
C HIS W 198 42.38 -57.02 -23.88
N GLN W 199 42.76 -55.92 -23.23
CA GLN W 199 43.91 -55.94 -22.33
C GLN W 199 43.60 -56.67 -21.02
N GLY W 200 42.33 -56.69 -20.62
CA GLY W 200 41.92 -57.34 -19.39
C GLY W 200 41.77 -58.84 -19.45
N LEU W 201 41.99 -59.43 -20.62
CA LEU W 201 41.91 -60.88 -20.80
C LEU W 201 43.30 -61.47 -20.94
N SER W 202 43.44 -62.73 -20.52
CA SER W 202 44.70 -63.44 -20.70
C SER W 202 45.04 -63.59 -22.18
N SER W 203 44.18 -64.30 -22.92
CA SER W 203 44.27 -64.43 -24.36
C SER W 203 42.98 -63.94 -25.00
N PRO W 204 43.04 -63.47 -26.26
CA PRO W 204 41.82 -63.02 -26.95
C PRO W 204 40.70 -64.06 -26.91
N VAL W 205 39.64 -63.76 -26.17
CA VAL W 205 38.56 -64.72 -25.94
C VAL W 205 37.77 -64.93 -27.23
N THR W 206 37.41 -66.18 -27.50
CA THR W 206 36.66 -66.55 -28.69
C THR W 206 35.39 -67.29 -28.26
N LYS W 207 34.25 -66.74 -28.65
CA LYS W 207 32.96 -67.41 -28.52
C LYS W 207 32.39 -67.65 -29.91
N SER W 208 31.44 -68.58 -30.01
CA SER W 208 30.75 -68.86 -31.26
C SER W 208 29.63 -69.88 -31.07
N PHE W 209 28.97 -70.26 -32.16
CA PHE W 209 27.97 -71.30 -32.14
C PHE W 209 27.95 -72.05 -33.47
N VAL X 2 21.81 -13.23 -21.52
CA VAL X 2 21.89 -13.38 -23.01
C VAL X 2 21.33 -14.75 -23.40
N GLN X 3 20.34 -14.76 -24.28
CA GLN X 3 19.69 -16.02 -24.67
C GLN X 3 19.80 -16.22 -26.18
N ILE X 4 20.21 -17.42 -26.61
CA ILE X 4 20.34 -17.76 -28.02
C ILE X 4 19.42 -18.95 -28.26
N GLN X 5 18.31 -18.72 -28.96
CA GLN X 5 17.32 -19.74 -29.23
C GLN X 5 17.31 -20.06 -30.72
N GLN X 6 17.49 -21.33 -31.06
CA GLN X 6 17.55 -21.78 -32.43
C GLN X 6 16.27 -22.51 -32.82
N SER X 7 16.08 -22.69 -34.12
CA SER X 7 14.91 -23.36 -34.64
C SER X 7 14.98 -24.86 -34.38
N GLY X 8 13.90 -25.56 -34.71
CA GLY X 8 13.77 -26.96 -34.39
C GLY X 8 14.42 -27.87 -35.42
N ALA X 9 14.34 -29.16 -35.14
CA ALA X 9 14.97 -30.16 -35.99
C ALA X 9 14.31 -30.21 -37.35
N GLU X 10 15.12 -30.29 -38.40
CA GLU X 10 14.65 -30.34 -39.77
C GLU X 10 14.95 -31.72 -40.37
N LEU X 11 14.03 -32.19 -41.20
CA LEU X 11 14.15 -33.48 -41.89
C LEU X 11 13.88 -33.23 -43.37
N MET X 12 14.94 -33.00 -44.13
CA MET X 12 14.83 -32.59 -45.52
C MET X 12 15.25 -33.72 -46.46
N ARG X 13 14.83 -33.58 -47.71
CA ARG X 13 15.13 -34.44 -48.85
C ARG X 13 16.33 -33.90 -49.63
N PRO X 14 17.09 -34.77 -50.28
CA PRO X 14 18.18 -34.29 -51.14
C PRO X 14 17.64 -33.44 -52.27
N GLY X 15 18.23 -32.26 -52.44
CA GLY X 15 17.79 -31.30 -53.42
C GLY X 15 16.98 -30.16 -52.86
N ALA X 16 16.47 -30.30 -51.63
CA ALA X 16 15.62 -29.29 -51.03
C ALA X 16 16.47 -28.15 -50.45
N SER X 17 15.79 -27.20 -49.81
CA SER X 17 16.43 -26.08 -49.15
C SER X 17 15.77 -25.85 -47.80
N VAL X 18 16.57 -25.45 -46.82
CA VAL X 18 16.08 -25.25 -45.45
C VAL X 18 16.64 -23.94 -44.92
N LYS X 19 15.85 -23.31 -44.05
CA LYS X 19 16.21 -22.03 -43.44
C LYS X 19 16.28 -22.22 -41.93
N LEU X 20 17.43 -21.92 -41.35
CA LEU X 20 17.66 -22.07 -39.91
C LEU X 20 17.69 -20.69 -39.26
N SER X 21 16.98 -20.54 -38.15
CA SER X 21 16.88 -19.26 -37.47
C SER X 21 17.66 -19.28 -36.15
N CYS X 22 18.03 -18.07 -35.72
CA CYS X 22 18.85 -17.88 -34.53
C CYS X 22 18.39 -16.59 -33.85
N LYS X 23 17.63 -16.73 -32.78
CA LYS X 23 17.07 -15.59 -32.06
C LYS X 23 17.95 -15.26 -30.86
N ALA X 24 18.52 -14.06 -30.86
CA ALA X 24 19.44 -13.61 -29.82
C ALA X 24 18.83 -12.42 -29.09
N THR X 25 18.59 -12.59 -27.78
CA THR X 25 17.98 -11.56 -26.95
C THR X 25 18.81 -11.34 -25.70
N GLY X 26 18.48 -10.27 -24.99
CA GLY X 26 19.17 -9.92 -23.76
C GLY X 26 20.31 -8.95 -23.90
N TYR X 27 20.47 -8.32 -25.06
CA TYR X 27 21.55 -7.38 -25.29
C TYR X 27 21.20 -6.54 -26.50
N THR X 28 22.04 -5.53 -26.76
CA THR X 28 21.86 -4.71 -27.95
C THR X 28 22.24 -5.52 -29.18
N PHE X 29 21.25 -5.87 -29.99
CA PHE X 29 21.46 -6.77 -31.13
C PHE X 29 22.51 -6.22 -32.09
N THR X 30 22.36 -4.96 -32.50
CA THR X 30 23.21 -4.39 -33.53
C THR X 30 24.64 -4.26 -33.07
N GLY X 31 25.58 -4.75 -33.87
CA GLY X 31 27.00 -4.62 -33.62
C GLY X 31 27.73 -5.92 -33.36
N TYR X 32 27.00 -6.98 -33.02
CA TYR X 32 27.61 -8.26 -32.66
C TYR X 32 27.59 -9.20 -33.86
N TRP X 33 28.76 -9.77 -34.18
CA TRP X 33 28.81 -10.82 -35.18
C TRP X 33 28.15 -12.09 -34.65
N ILE X 34 27.36 -12.74 -35.50
CA ILE X 34 26.76 -14.03 -35.19
C ILE X 34 27.47 -15.09 -36.03
N GLU X 35 27.93 -16.15 -35.37
CA GLU X 35 28.71 -17.19 -36.02
C GLU X 35 27.86 -18.44 -36.22
N TRP X 36 28.18 -19.18 -37.29
CA TRP X 36 27.50 -20.43 -37.60
C TRP X 36 28.53 -21.54 -37.71
N VAL X 37 28.24 -22.68 -37.10
CA VAL X 37 29.20 -23.78 -36.98
C VAL X 37 28.49 -25.09 -37.28
N LYS X 38 29.14 -25.94 -38.07
CA LYS X 38 28.63 -27.26 -38.41
C LYS X 38 29.40 -28.33 -37.63
N GLN X 39 28.67 -29.33 -37.14
CA GLN X 39 29.28 -30.43 -36.39
C GLN X 39 28.57 -31.72 -36.76
N ARG X 40 29.32 -32.65 -37.34
CA ARG X 40 28.79 -33.94 -37.75
C ARG X 40 28.89 -34.95 -36.61
N PRO X 41 28.12 -36.05 -36.68
CA PRO X 41 28.18 -37.06 -35.60
C PRO X 41 29.58 -37.58 -35.32
N GLY X 42 30.07 -37.35 -34.10
CA GLY X 42 31.35 -37.83 -33.66
C GLY X 42 32.54 -36.96 -34.04
N HIS X 43 32.45 -36.22 -35.14
CA HIS X 43 33.55 -35.41 -35.60
C HIS X 43 33.60 -34.10 -34.81
N GLY X 44 34.51 -33.21 -35.20
CA GLY X 44 34.72 -31.96 -34.52
C GLY X 44 33.87 -30.83 -35.07
N LEU X 45 34.26 -29.60 -34.73
CA LEU X 45 33.52 -28.41 -35.10
C LEU X 45 34.08 -27.81 -36.39
N GLU X 46 33.18 -27.35 -37.26
CA GLU X 46 33.54 -26.73 -38.52
C GLU X 46 32.85 -25.37 -38.62
N TRP X 47 33.63 -24.33 -38.91
CA TRP X 47 33.12 -22.97 -38.96
C TRP X 47 32.54 -22.68 -40.33
N ILE X 48 31.26 -22.32 -40.36
CA ILE X 48 30.58 -22.02 -41.63
C ILE X 48 30.79 -20.57 -42.04
N GLY X 49 30.55 -19.63 -41.15
CA GLY X 49 30.73 -18.23 -41.48
C GLY X 49 30.11 -17.34 -40.41
N GLU X 50 29.93 -16.06 -40.76
CA GLU X 50 29.42 -15.09 -39.81
C GLU X 50 28.64 -14.02 -40.55
N ILE X 51 27.85 -13.26 -39.79
CA ILE X 51 27.06 -12.15 -40.30
C ILE X 51 26.98 -11.09 -39.22
N LEU X 52 27.25 -9.83 -39.59
CA LEU X 52 27.12 -8.73 -38.65
C LEU X 52 25.64 -8.42 -38.41
N SER X 53 25.26 -8.30 -37.14
CA SER X 53 23.83 -8.25 -36.79
C SER X 53 23.15 -7.03 -37.40
N GLY X 54 23.74 -5.85 -37.20
CA GLY X 54 23.12 -4.63 -37.67
C GLY X 54 23.38 -4.30 -39.13
N ARG X 55 24.61 -4.54 -39.58
CA ARG X 55 25.05 -4.09 -40.90
C ARG X 55 24.78 -5.12 -42.00
N GLY X 56 24.68 -6.40 -41.65
CA GLY X 56 24.37 -7.42 -42.63
C GLY X 56 25.54 -7.90 -43.46
N THR X 57 26.75 -7.40 -43.22
CA THR X 57 27.92 -7.90 -43.94
C THR X 57 28.15 -9.37 -43.62
N THR X 58 28.86 -10.05 -44.51
CA THR X 58 29.07 -11.48 -44.37
C THR X 58 30.53 -11.83 -44.64
N ASN X 59 30.99 -12.87 -43.95
CA ASN X 59 32.27 -13.52 -44.23
C ASN X 59 32.01 -15.02 -44.26
N TYR X 60 32.34 -15.66 -45.38
CA TYR X 60 32.04 -17.06 -45.58
C TYR X 60 33.31 -17.88 -45.63
N ASN X 61 33.28 -19.06 -45.02
CA ASN X 61 34.29 -20.07 -45.29
C ASN X 61 34.11 -20.57 -46.73
N GLU X 62 35.23 -20.92 -47.37
CA GLU X 62 35.20 -21.21 -48.79
C GLU X 62 34.39 -22.47 -49.11
N LYS X 63 34.58 -23.54 -48.32
CA LYS X 63 33.86 -24.78 -48.62
C LYS X 63 32.36 -24.67 -48.38
N PHE X 64 31.89 -23.54 -47.82
CA PHE X 64 30.47 -23.33 -47.60
C PHE X 64 29.93 -22.13 -48.38
N LYS X 65 30.69 -21.63 -49.37
CA LYS X 65 30.30 -20.40 -50.04
C LYS X 65 28.98 -20.57 -50.78
N GLY X 66 28.84 -21.64 -51.56
CA GLY X 66 27.60 -21.90 -52.25
C GLY X 66 26.55 -22.63 -51.45
N LYS X 67 26.90 -23.06 -50.24
CA LYS X 67 25.98 -23.85 -49.41
C LYS X 67 25.16 -22.99 -48.45
N ALA X 68 25.78 -21.99 -47.83
CA ALA X 68 25.14 -21.21 -46.78
C ALA X 68 24.96 -19.77 -47.23
N THR X 69 23.81 -19.19 -46.90
CA THR X 69 23.51 -17.79 -47.15
C THR X 69 22.95 -17.19 -45.86
N PHE X 70 23.63 -16.18 -45.34
CA PHE X 70 23.29 -15.60 -44.05
C PHE X 70 22.41 -14.37 -44.23
N THR X 71 21.32 -14.30 -43.48
CA THR X 71 20.48 -13.13 -43.39
C THR X 71 20.18 -12.85 -41.92
N ALA X 72 19.65 -11.65 -41.66
CA ALA X 72 19.34 -11.25 -40.29
C ALA X 72 18.33 -10.13 -40.31
N ASP X 73 17.34 -10.21 -39.40
CA ASP X 73 16.31 -9.19 -39.24
C ASP X 73 16.61 -8.44 -37.95
N THR X 74 17.04 -7.18 -38.07
CA THR X 74 17.34 -6.38 -36.89
C THR X 74 16.10 -6.17 -36.02
N TYR X 75 14.93 -6.06 -36.65
CA TYR X 75 13.70 -5.77 -35.92
C TYR X 75 13.31 -6.90 -34.97
N SER X 76 13.56 -8.15 -35.37
CA SER X 76 13.16 -9.31 -34.60
C SER X 76 14.32 -10.00 -33.90
N ASN X 77 15.51 -9.39 -33.88
CA ASN X 77 16.67 -9.91 -33.15
C ASN X 77 17.05 -11.31 -33.61
N THR X 78 16.81 -11.64 -34.88
CA THR X 78 17.02 -12.98 -35.40
C THR X 78 18.00 -12.96 -36.56
N ALA X 79 18.95 -13.88 -36.54
CA ALA X 79 19.82 -14.15 -37.68
C ALA X 79 19.42 -15.47 -38.30
N TYR X 80 19.48 -15.55 -39.62
CA TYR X 80 19.07 -16.74 -40.35
C TYR X 80 20.22 -17.26 -41.21
N MET X 81 20.25 -18.58 -41.37
CA MET X 81 21.16 -19.24 -42.30
C MET X 81 20.34 -20.17 -43.19
N GLN X 82 20.43 -19.97 -44.50
CA GLN X 82 19.78 -20.84 -45.46
C GLN X 82 20.81 -21.79 -46.06
N LEU X 83 20.53 -23.09 -46.01
CA LEU X 83 21.37 -24.11 -46.62
C LEU X 83 20.68 -24.61 -47.88
N SER X 84 21.29 -24.38 -49.04
CA SER X 84 20.71 -24.74 -50.32
C SER X 84 21.21 -26.12 -50.74
N SER X 85 20.72 -26.59 -51.89
CA SER X 85 21.11 -27.87 -52.46
C SER X 85 20.81 -29.03 -51.53
N LEU X 86 21.50 -29.08 -50.39
CA LEU X 86 21.26 -30.07 -49.34
C LEU X 86 21.50 -31.50 -49.82
N THR X 87 22.67 -32.04 -49.51
CA THR X 87 22.99 -33.44 -49.74
C THR X 87 23.07 -34.17 -48.40
N THR X 88 23.21 -35.50 -48.47
CA THR X 88 23.32 -36.29 -47.26
C THR X 88 24.52 -35.89 -46.41
N GLY X 89 25.54 -35.29 -47.02
CA GLY X 89 26.67 -34.79 -46.29
C GLY X 89 26.42 -33.55 -45.47
N ASP X 90 25.24 -32.92 -45.63
CA ASP X 90 24.87 -31.78 -44.82
C ASP X 90 24.02 -32.16 -43.62
N SER X 91 23.87 -33.45 -43.37
CA SER X 91 23.24 -33.92 -42.13
C SER X 91 24.21 -33.70 -40.99
N ALA X 92 23.86 -32.78 -40.08
CA ALA X 92 24.73 -32.43 -38.97
C ALA X 92 23.95 -31.58 -37.98
N ILE X 93 24.56 -31.34 -36.83
CA ILE X 93 24.08 -30.34 -35.87
C ILE X 93 24.68 -29.00 -36.26
N TYR X 94 23.85 -27.96 -36.27
CA TYR X 94 24.29 -26.64 -36.70
C TYR X 94 24.11 -25.66 -35.54
N TYR X 95 25.22 -25.05 -35.12
CA TYR X 95 25.22 -24.10 -34.02
C TYR X 95 25.30 -22.68 -34.54
N CYS X 96 24.58 -21.78 -33.89
CA CYS X 96 24.81 -20.35 -34.02
C CYS X 96 25.30 -19.82 -32.68
N ALA X 97 26.20 -18.85 -32.73
CA ALA X 97 26.82 -18.35 -31.51
C ALA X 97 27.03 -16.85 -31.60
N ARG X 98 26.93 -16.19 -30.45
CA ARG X 98 27.21 -14.76 -30.34
C ARG X 98 28.71 -14.53 -30.40
N GLY X 99 29.17 -13.83 -31.43
CA GLY X 99 30.57 -13.49 -31.57
C GLY X 99 30.92 -12.18 -30.93
N GLY X 100 31.98 -11.55 -31.44
CA GLY X 100 32.45 -10.33 -30.86
C GLY X 100 31.70 -9.10 -31.34
N PHE X 101 31.76 -8.05 -30.53
CA PHE X 101 31.19 -6.77 -30.90
C PHE X 101 32.14 -6.07 -31.88
N LEU X 102 31.65 -5.77 -33.07
CA LEU X 102 32.38 -5.08 -34.12
C LEU X 102 33.50 -5.92 -34.72
N TYR X 103 34.10 -6.80 -33.93
CA TYR X 103 35.26 -7.58 -34.36
C TYR X 103 34.98 -9.07 -34.17
N GLY X 104 34.98 -9.81 -35.26
CA GLY X 104 34.77 -11.24 -35.22
C GLY X 104 35.93 -12.05 -34.68
N ASP X 105 37.04 -11.41 -34.32
CA ASP X 105 38.18 -12.12 -33.73
C ASP X 105 37.90 -12.55 -32.30
N GLY X 106 36.87 -12.01 -31.66
CA GLY X 106 36.58 -12.34 -30.30
C GLY X 106 36.13 -13.78 -30.14
N PRO X 107 36.07 -14.24 -28.90
CA PRO X 107 35.56 -15.59 -28.64
C PRO X 107 34.07 -15.67 -28.94
N PHE X 108 33.60 -16.90 -29.12
CA PHE X 108 32.18 -17.14 -29.35
C PHE X 108 31.50 -17.17 -27.99
N ASP X 109 31.03 -15.99 -27.56
CA ASP X 109 30.51 -15.76 -26.22
C ASP X 109 29.46 -16.77 -25.79
N TYR X 110 28.29 -16.70 -26.41
CA TYR X 110 27.15 -17.53 -26.03
C TYR X 110 26.73 -18.37 -27.23
N TRP X 111 26.48 -19.65 -26.99
CA TRP X 111 26.13 -20.60 -28.03
C TRP X 111 24.67 -20.98 -27.95
N GLY X 112 24.06 -21.22 -29.11
CA GLY X 112 22.74 -21.79 -29.17
C GLY X 112 22.76 -23.26 -28.76
N GLN X 113 21.58 -23.86 -28.78
CA GLN X 113 21.42 -25.24 -28.38
C GLN X 113 21.60 -26.23 -29.54
N GLY X 114 21.81 -25.73 -30.74
CA GLY X 114 22.01 -26.63 -31.87
C GLY X 114 20.70 -26.94 -32.59
N THR X 115 20.81 -27.10 -33.91
CA THR X 115 19.69 -27.45 -34.75
C THR X 115 20.07 -28.70 -35.55
N THR X 116 19.41 -29.82 -35.26
CA THR X 116 19.71 -31.07 -35.92
C THR X 116 19.02 -31.11 -37.28
N LEU X 117 19.81 -31.21 -38.35
CA LEU X 117 19.29 -31.32 -39.70
C LEU X 117 19.69 -32.68 -40.27
N THR X 118 18.71 -33.42 -40.76
CA THR X 118 18.94 -34.73 -41.36
C THR X 118 18.46 -34.70 -42.80
N VAL X 119 19.40 -34.89 -43.72
CA VAL X 119 19.11 -34.93 -45.16
C VAL X 119 19.21 -36.38 -45.59
N SER X 120 18.10 -36.94 -46.09
CA SER X 120 18.08 -38.31 -46.56
C SER X 120 16.92 -38.47 -47.53
N SER X 121 17.06 -39.44 -48.42
CA SER X 121 16.02 -39.76 -49.39
C SER X 121 15.05 -40.82 -48.89
N ALA X 122 15.28 -41.37 -47.70
CA ALA X 122 14.41 -42.40 -47.15
C ALA X 122 13.13 -41.79 -46.61
N SER X 123 12.04 -42.54 -46.75
CA SER X 123 10.79 -42.18 -46.11
C SER X 123 10.71 -42.81 -44.74
N THR X 124 9.96 -42.17 -43.84
CA THR X 124 9.89 -42.65 -42.46
C THR X 124 9.34 -44.07 -42.41
N LYS X 125 9.95 -44.90 -41.57
CA LYS X 125 9.64 -46.31 -41.53
C LYS X 125 9.85 -46.83 -40.12
N GLY X 126 8.88 -47.59 -39.61
CA GLY X 126 9.00 -48.21 -38.31
C GLY X 126 9.97 -49.37 -38.35
N PRO X 127 10.56 -49.71 -37.19
CA PRO X 127 11.58 -50.75 -37.15
C PRO X 127 11.01 -52.15 -37.00
N SER X 128 11.79 -53.11 -37.48
CA SER X 128 11.54 -54.53 -37.21
C SER X 128 12.37 -54.93 -36.00
N VAL X 129 11.72 -55.52 -35.00
CA VAL X 129 12.37 -55.88 -33.75
C VAL X 129 12.51 -57.41 -33.71
N PHE X 130 13.76 -57.87 -33.66
CA PHE X 130 14.07 -59.29 -33.61
C PHE X 130 14.74 -59.64 -32.30
N PRO X 131 14.35 -60.76 -31.68
CA PRO X 131 14.88 -61.10 -30.36
C PRO X 131 16.30 -61.64 -30.43
N LEU X 132 17.05 -61.41 -29.35
CA LEU X 132 18.40 -61.92 -29.17
C LEU X 132 18.35 -62.89 -27.99
N ALA X 133 18.27 -64.18 -28.29
CA ALA X 133 18.06 -65.21 -27.27
C ALA X 133 19.38 -65.52 -26.55
N PRO X 134 19.33 -65.76 -25.23
CA PRO X 134 20.52 -66.11 -24.45
C PRO X 134 21.13 -67.45 -24.87
N SER X 138 25.05 -72.14 -21.08
CA SER X 138 24.91 -70.71 -20.88
C SER X 138 25.48 -70.27 -19.54
N THR X 139 26.55 -70.94 -19.11
CA THR X 139 27.25 -70.58 -17.87
C THR X 139 28.33 -69.54 -18.13
N SER X 140 27.95 -68.44 -18.77
CA SER X 140 28.88 -67.38 -19.12
C SER X 140 28.74 -66.18 -18.19
N GLY X 142 26.95 -67.56 -14.32
CA GLY X 142 26.02 -67.05 -13.33
C GLY X 142 25.15 -65.91 -13.85
N THR X 143 25.65 -65.21 -14.87
CA THR X 143 24.94 -64.11 -15.49
C THR X 143 24.81 -64.38 -16.98
N ALA X 144 23.61 -64.18 -17.51
CA ALA X 144 23.34 -64.33 -18.94
C ALA X 144 22.79 -63.01 -19.49
N ALA X 145 22.95 -62.83 -20.80
CA ALA X 145 22.51 -61.61 -21.47
C ALA X 145 21.45 -61.93 -22.51
N LEU X 146 20.38 -61.14 -22.52
CA LEU X 146 19.35 -61.20 -23.55
C LEU X 146 19.13 -59.80 -24.09
N GLY X 147 18.80 -59.72 -25.39
CA GLY X 147 18.71 -58.44 -26.05
C GLY X 147 17.63 -58.40 -27.10
N CYS X 148 17.52 -57.23 -27.74
CA CYS X 148 16.60 -56.97 -28.83
C CYS X 148 17.35 -56.26 -29.95
N LEU X 149 16.99 -56.59 -31.19
CA LEU X 149 17.61 -55.98 -32.37
C LEU X 149 16.59 -55.07 -33.04
N VAL X 150 16.87 -53.77 -33.04
CA VAL X 150 15.99 -52.78 -33.64
C VAL X 150 16.63 -52.36 -34.97
N LYS X 151 16.07 -52.82 -36.08
CA LYS X 151 16.70 -52.68 -37.38
C LYS X 151 15.75 -52.05 -38.39
N ASP X 152 16.33 -51.28 -39.31
CA ASP X 152 15.65 -50.75 -40.49
C ASP X 152 14.52 -49.79 -40.09
N TYR X 153 14.89 -48.68 -39.47
CA TYR X 153 13.95 -47.61 -39.16
C TYR X 153 14.52 -46.29 -39.62
N PHE X 154 13.62 -45.34 -39.87
CA PHE X 154 14.00 -43.99 -40.25
C PHE X 154 12.91 -43.04 -39.79
N PRO X 155 13.27 -41.89 -39.19
CA PRO X 155 14.65 -41.57 -38.83
C PRO X 155 14.89 -41.80 -37.35
N GLU X 156 15.99 -41.25 -36.83
CA GLU X 156 16.25 -41.28 -35.41
C GLU X 156 15.20 -40.44 -34.68
N PRO X 157 14.97 -40.72 -33.38
CA PRO X 157 15.57 -41.76 -32.57
C PRO X 157 14.61 -42.92 -32.26
N VAL X 158 15.05 -43.81 -31.38
CA VAL X 158 14.25 -44.94 -30.91
C VAL X 158 14.54 -45.13 -29.43
N THR X 159 13.47 -45.24 -28.63
CA THR X 159 13.60 -45.48 -27.20
C THR X 159 13.33 -46.96 -26.92
N VAL X 160 14.19 -47.56 -26.10
CA VAL X 160 14.06 -48.96 -25.72
C VAL X 160 14.03 -49.06 -24.20
N SER X 161 12.99 -49.68 -23.67
CA SER X 161 12.90 -50.02 -22.26
C SER X 161 12.63 -51.51 -22.12
N TRP X 162 12.88 -52.04 -20.93
CA TRP X 162 12.76 -53.47 -20.67
C TRP X 162 11.70 -53.70 -19.61
N ASN X 163 10.77 -54.62 -19.90
CA ASN X 163 9.67 -54.97 -19.00
C ASN X 163 8.85 -53.74 -18.63
N SER X 164 8.59 -52.89 -19.63
CA SER X 164 7.78 -51.68 -19.47
C SER X 164 8.36 -50.74 -18.42
N GLY X 165 9.68 -50.74 -18.25
CA GLY X 165 10.36 -49.85 -17.34
C GLY X 165 10.80 -50.46 -16.04
N ALA X 166 10.34 -51.68 -15.71
CA ALA X 166 10.70 -52.32 -14.46
C ALA X 166 12.15 -52.80 -14.43
N LEU X 167 12.74 -53.06 -15.60
CA LEU X 167 14.12 -53.52 -15.71
C LEU X 167 14.96 -52.35 -16.20
N THR X 168 15.78 -51.80 -15.32
CA THR X 168 16.62 -50.65 -15.67
C THR X 168 18.10 -50.89 -15.46
N SER X 169 18.49 -51.62 -14.42
CA SER X 169 19.90 -51.81 -14.12
C SER X 169 20.49 -52.90 -15.01
N GLY X 170 21.64 -52.62 -15.60
CA GLY X 170 22.31 -53.56 -16.48
C GLY X 170 21.96 -53.43 -17.95
N VAL X 171 21.10 -52.47 -18.31
CA VAL X 171 20.70 -52.29 -19.70
C VAL X 171 21.76 -51.50 -20.44
N HIS X 172 21.97 -51.83 -21.71
CA HIS X 172 22.91 -51.11 -22.58
C HIS X 172 22.23 -50.92 -23.93
N THR X 173 21.75 -49.71 -24.20
CA THR X 173 21.17 -49.36 -25.48
C THR X 173 22.24 -48.61 -26.28
N PHE X 174 22.77 -49.27 -27.31
CA PHE X 174 23.90 -48.73 -28.04
C PHE X 174 23.45 -47.61 -28.97
N PRO X 175 24.32 -46.65 -29.25
CA PRO X 175 24.01 -45.65 -30.29
C PRO X 175 23.79 -46.34 -31.63
N ALA X 176 22.71 -45.94 -32.31
CA ALA X 176 22.36 -46.56 -33.57
C ALA X 176 23.40 -46.26 -34.64
N VAL X 177 23.47 -47.14 -35.64
CA VAL X 177 24.40 -46.99 -36.75
C VAL X 177 23.61 -46.80 -38.03
N LEU X 178 24.18 -46.03 -38.95
CA LEU X 178 23.58 -45.79 -40.25
C LEU X 178 24.06 -46.84 -41.23
N GLN X 179 23.14 -47.60 -41.81
CA GLN X 179 23.48 -48.61 -42.80
C GLN X 179 23.55 -48.00 -44.19
N SER X 180 24.04 -48.80 -45.14
CA SER X 180 24.14 -48.34 -46.52
C SER X 180 22.76 -48.17 -47.17
N SER X 181 21.73 -48.81 -46.63
CA SER X 181 20.38 -48.67 -47.17
C SER X 181 19.75 -47.32 -46.83
N GLY X 182 20.36 -46.53 -45.98
CA GLY X 182 19.78 -45.29 -45.53
C GLY X 182 18.92 -45.40 -44.29
N LEU X 183 18.85 -46.59 -43.68
CA LEU X 183 18.06 -46.83 -42.48
C LEU X 183 18.98 -47.08 -41.30
N TYR X 184 18.43 -46.89 -40.09
CA TYR X 184 19.19 -47.01 -38.86
C TYR X 184 18.95 -48.37 -38.21
N SER X 185 19.99 -48.89 -37.57
CA SER X 185 19.91 -50.13 -36.81
C SER X 185 20.48 -49.90 -35.42
N LEU X 186 19.90 -50.60 -34.44
CA LEU X 186 20.26 -50.39 -33.04
C LEU X 186 20.08 -51.70 -32.29
N SER X 187 20.92 -51.91 -31.29
CA SER X 187 20.87 -53.08 -30.42
C SER X 187 20.74 -52.63 -28.97
N SER X 188 19.87 -53.32 -28.22
CA SER X 188 19.68 -53.07 -26.80
C SER X 188 19.76 -54.40 -26.07
N VAL X 189 20.60 -54.45 -25.02
CA VAL X 189 20.88 -55.68 -24.30
C VAL X 189 20.93 -55.40 -22.81
N VAL X 190 20.84 -56.48 -22.03
CA VAL X 190 20.88 -56.38 -20.57
C VAL X 190 21.28 -57.74 -20.02
N THR X 191 22.15 -57.72 -19.00
CA THR X 191 22.54 -58.95 -18.31
C THR X 191 21.56 -59.26 -17.20
N VAL X 192 21.10 -60.51 -17.18
CA VAL X 192 20.15 -61.00 -16.19
C VAL X 192 20.80 -62.20 -15.50
N PRO X 193 20.64 -62.37 -14.19
CA PRO X 193 21.16 -63.59 -13.53
C PRO X 193 20.67 -64.84 -14.25
N SER X 194 21.61 -65.68 -14.66
CA SER X 194 21.28 -66.90 -15.39
C SER X 194 20.41 -67.84 -14.58
N SER X 195 20.30 -67.65 -13.27
CA SER X 195 19.44 -68.47 -12.42
C SER X 195 18.00 -67.98 -12.43
N SER X 196 17.58 -67.33 -13.52
CA SER X 196 16.22 -66.81 -13.62
C SER X 196 15.67 -66.89 -15.04
N LEU X 197 16.37 -67.56 -15.97
CA LEU X 197 15.87 -67.70 -17.33
C LEU X 197 14.64 -68.58 -17.43
N GLY X 198 14.15 -69.12 -16.31
CA GLY X 198 12.93 -69.91 -16.32
C GLY X 198 11.80 -69.23 -15.59
N THR X 199 12.07 -68.71 -14.40
CA THR X 199 11.07 -68.02 -13.61
C THR X 199 10.78 -66.64 -14.19
N THR X 201 10.20 -63.90 -17.23
CA THR X 201 9.79 -63.40 -18.53
C THR X 201 10.37 -62.02 -18.78
N TYR X 202 10.80 -61.76 -20.02
CA TYR X 202 11.47 -60.51 -20.36
C TYR X 202 10.98 -60.02 -21.71
N ILE X 203 10.54 -58.76 -21.75
CA ILE X 203 9.99 -58.15 -22.96
C ILE X 203 10.63 -56.77 -23.11
N CYS X 204 11.09 -56.47 -24.32
CA CYS X 204 11.65 -55.16 -24.64
C CYS X 204 10.58 -54.31 -25.34
N ASN X 205 10.49 -53.04 -24.93
CA ASN X 205 9.52 -52.11 -25.47
C ASN X 205 10.24 -51.11 -26.37
N VAL X 206 9.99 -51.23 -27.67
CA VAL X 206 10.63 -50.38 -28.67
C VAL X 206 9.62 -49.33 -29.13
N ASN X 207 10.00 -48.07 -29.03
CA ASN X 207 9.15 -46.96 -29.43
C ASN X 207 9.85 -46.15 -30.52
N HIS X 208 9.20 -46.00 -31.67
CA HIS X 208 9.68 -45.14 -32.74
C HIS X 208 8.63 -44.04 -32.95
N LYS X 209 8.85 -42.90 -32.30
CA LYS X 209 7.90 -41.80 -32.39
C LYS X 209 7.64 -41.32 -33.82
N PRO X 210 8.64 -41.16 -34.70
CA PRO X 210 8.33 -40.63 -36.04
C PRO X 210 7.33 -41.47 -36.82
N SER X 211 7.36 -42.79 -36.69
CA SER X 211 6.43 -43.65 -37.40
C SER X 211 5.19 -43.97 -36.59
N ASN X 212 5.12 -43.52 -35.33
CA ASN X 212 4.00 -43.83 -34.45
C ASN X 212 3.83 -45.33 -34.27
N THR X 213 4.93 -45.99 -33.88
CA THR X 213 4.96 -47.44 -33.78
C THR X 213 5.51 -47.87 -32.43
N LYS X 214 4.82 -48.79 -31.78
CA LYS X 214 5.31 -49.46 -30.59
C LYS X 214 5.30 -50.96 -30.82
N VAL X 215 6.36 -51.64 -30.37
CA VAL X 215 6.49 -53.09 -30.54
C VAL X 215 7.07 -53.66 -29.26
N ASP X 216 6.33 -54.59 -28.65
CA ASP X 216 6.79 -55.33 -27.47
C ASP X 216 7.27 -56.69 -27.93
N LYS X 217 8.58 -56.93 -27.84
CA LYS X 217 9.19 -58.19 -28.27
C LYS X 217 9.62 -58.97 -27.04
N ARG X 218 9.09 -60.19 -26.90
CA ARG X 218 9.44 -61.07 -25.80
C ARG X 218 10.61 -61.95 -26.18
N VAL X 219 11.57 -62.10 -25.26
CA VAL X 219 12.77 -62.88 -25.49
C VAL X 219 12.75 -64.12 -24.62
N GLU X 220 13.22 -65.24 -25.18
CA GLU X 220 13.26 -66.52 -24.49
C GLU X 220 14.42 -67.32 -25.07
N PRO X 221 15.01 -68.24 -24.29
CA PRO X 221 16.13 -69.05 -24.77
C PRO X 221 15.78 -69.93 -25.97
N GLU Y 1 -15.66 81.53 -23.30
CA GLU Y 1 -14.24 81.74 -23.52
C GLU Y 1 -13.42 80.56 -23.00
N VAL Y 2 -12.23 80.38 -23.56
CA VAL Y 2 -11.39 79.25 -23.18
C VAL Y 2 -10.78 79.52 -21.80
N GLN Y 3 -10.85 78.52 -20.92
CA GLN Y 3 -10.34 78.63 -19.56
C GLN Y 3 -9.47 77.42 -19.24
N LEU Y 4 -8.34 77.66 -18.57
CA LEU Y 4 -7.42 76.61 -18.16
C LEU Y 4 -7.01 76.86 -16.72
N VAL Y 5 -7.37 75.94 -15.83
CA VAL Y 5 -7.15 76.09 -14.38
C VAL Y 5 -6.24 74.97 -13.93
N GLU Y 6 -5.03 75.32 -13.49
CA GLU Y 6 -4.11 74.35 -12.93
C GLU Y 6 -4.31 74.22 -11.42
N SER Y 7 -3.93 73.05 -10.89
CA SER Y 7 -4.01 72.80 -9.47
C SER Y 7 -3.16 71.58 -9.14
N GLY Y 8 -2.95 71.36 -7.84
CA GLY Y 8 -2.22 70.20 -7.37
C GLY Y 8 -0.79 70.46 -6.97
N GLY Y 9 -0.30 71.69 -7.11
CA GLY Y 9 1.05 72.02 -6.69
C GLY Y 9 1.15 72.23 -5.19
N GLY Y 10 2.34 72.62 -4.77
CA GLY Y 10 2.58 72.92 -3.37
C GLY Y 10 3.99 72.53 -2.97
N LEU Y 11 4.18 72.41 -1.66
CA LEU Y 11 5.48 72.06 -1.12
C LEU Y 11 5.68 70.55 -1.16
N VAL Y 12 6.89 70.13 -1.56
CA VAL Y 12 7.22 68.71 -1.62
C VAL Y 12 8.71 68.55 -1.31
N LYS Y 13 9.07 67.41 -0.76
CA LYS Y 13 10.45 67.09 -0.42
C LYS Y 13 11.17 66.54 -1.65
N PRO Y 14 12.45 66.88 -1.84
CA PRO Y 14 13.19 66.33 -2.98
C PRO Y 14 13.17 64.82 -2.99
N GLY Y 15 12.73 64.24 -4.11
CA GLY Y 15 12.50 62.83 -4.24
C GLY Y 15 11.03 62.43 -4.16
N GLY Y 16 10.19 63.29 -3.61
CA GLY Y 16 8.78 63.01 -3.49
C GLY Y 16 8.06 63.10 -4.82
N SER Y 17 6.73 63.12 -4.73
CA SER Y 17 5.89 63.08 -5.91
C SER Y 17 4.75 64.09 -5.80
N LEU Y 18 4.33 64.59 -6.95
CA LEU Y 18 3.14 65.42 -7.08
C LEU Y 18 2.41 65.05 -8.37
N ARG Y 19 1.11 65.32 -8.39
CA ARG Y 19 0.30 65.11 -9.59
C ARG Y 19 -0.51 66.37 -9.86
N LEU Y 20 -0.26 66.99 -11.00
CA LEU Y 20 -0.91 68.24 -11.37
C LEU Y 20 -2.14 67.97 -12.23
N SER Y 21 -3.10 68.90 -12.18
CA SER Y 21 -4.30 68.83 -12.97
C SER Y 21 -4.51 70.14 -13.71
N CYS Y 22 -5.17 70.07 -14.86
CA CYS Y 22 -5.55 71.25 -15.62
C CYS Y 22 -6.99 71.08 -16.06
N ALA Y 23 -7.89 71.89 -15.51
CA ALA Y 23 -9.30 71.84 -15.86
C ALA Y 23 -9.55 72.79 -17.03
N ALA Y 24 -10.12 72.26 -18.10
CA ALA Y 24 -10.38 73.03 -19.32
C ALA Y 24 -11.87 73.23 -19.50
N SER Y 25 -12.24 74.39 -20.04
CA SER Y 25 -13.63 74.72 -20.30
C SER Y 25 -13.70 75.75 -21.42
N GLY Y 26 -14.85 75.76 -22.09
CA GLY Y 26 -15.10 76.73 -23.14
C GLY Y 26 -14.61 76.33 -24.52
N PHE Y 27 -14.25 75.07 -24.74
CA PHE Y 27 -13.77 74.60 -26.04
C PHE Y 27 -13.75 73.08 -26.03
N THR Y 28 -13.91 72.49 -27.21
CA THR Y 28 -13.84 71.04 -27.36
C THR Y 28 -12.46 70.54 -27.00
N PHE Y 29 -12.31 69.98 -25.80
CA PHE Y 29 -11.01 69.57 -25.30
C PHE Y 29 -10.39 68.47 -26.16
N SER Y 30 -11.21 67.61 -26.75
CA SER Y 30 -10.71 66.46 -27.51
C SER Y 30 -10.15 66.84 -28.87
N SER Y 31 -10.19 68.11 -29.27
CA SER Y 31 -9.74 68.52 -30.59
C SER Y 31 -8.42 69.26 -30.56
N TYR Y 32 -7.79 69.43 -29.40
CA TYR Y 32 -6.55 70.19 -29.29
C TYR Y 32 -5.51 69.38 -28.56
N SER Y 33 -4.25 69.63 -28.89
CA SER Y 33 -3.11 69.07 -28.17
C SER Y 33 -2.78 69.97 -26.99
N MET Y 34 -2.48 69.36 -25.84
CA MET Y 34 -2.19 70.10 -24.63
C MET Y 34 -0.71 69.95 -24.26
N ASN Y 35 -0.19 70.95 -23.57
CA ASN Y 35 1.22 71.02 -23.21
C ASN Y 35 1.37 71.36 -21.74
N TRP Y 36 2.59 71.12 -21.24
CA TRP Y 36 3.01 71.59 -19.93
C TRP Y 36 4.28 72.41 -20.11
N VAL Y 37 4.26 73.63 -19.60
CA VAL Y 37 5.41 74.53 -19.65
C VAL Y 37 5.61 75.11 -18.27
N ARG Y 38 6.82 74.99 -17.73
CA ARG Y 38 7.13 75.45 -16.39
C ARG Y 38 8.06 76.65 -16.44
N GLN Y 39 8.00 77.46 -15.39
CA GLN Y 39 8.78 78.69 -15.27
C GLN Y 39 9.41 78.73 -13.89
N ALA Y 40 10.72 78.50 -13.83
CA ALA Y 40 11.44 78.66 -12.58
C ALA Y 40 11.34 80.13 -12.14
N PRO Y 41 11.18 80.38 -10.84
CA PRO Y 41 11.00 81.77 -10.38
C PRO Y 41 12.19 82.64 -10.78
N GLY Y 42 11.92 83.62 -11.63
CA GLY Y 42 12.93 84.54 -12.12
C GLY Y 42 13.56 84.14 -13.44
N LYS Y 43 13.43 82.88 -13.85
CA LYS Y 43 14.06 82.39 -15.07
C LYS Y 43 13.05 82.36 -16.21
N GLY Y 44 13.50 81.88 -17.37
CA GLY Y 44 12.71 81.87 -18.57
C GLY Y 44 11.66 80.77 -18.58
N LEU Y 45 11.19 80.45 -19.78
CA LEU Y 45 10.18 79.43 -19.98
C LEU Y 45 10.82 78.16 -20.52
N GLU Y 46 10.34 77.01 -20.02
CA GLU Y 46 10.85 75.71 -20.44
C GLU Y 46 9.67 74.79 -20.75
N TRP Y 47 9.68 74.23 -21.96
CA TRP Y 47 8.69 73.22 -22.31
C TRP Y 47 9.00 71.91 -21.60
N VAL Y 48 7.95 71.22 -21.15
CA VAL Y 48 8.11 70.04 -20.32
C VAL Y 48 7.60 68.81 -21.06
N SER Y 49 6.32 68.81 -21.39
CA SER Y 49 5.70 67.64 -22.00
C SER Y 49 4.48 68.09 -22.80
N SER Y 50 4.02 67.20 -23.68
CA SER Y 50 2.87 67.46 -24.51
C SER Y 50 2.18 66.14 -24.85
N ILE Y 51 0.85 66.15 -24.85
CA ILE Y 51 0.07 64.99 -25.24
C ILE Y 51 -0.88 65.40 -26.35
N SER Y 52 -1.15 64.47 -27.25
CA SER Y 52 -1.92 64.75 -28.46
C SER Y 52 -3.41 64.59 -28.20
N SER Y 53 -4.22 64.69 -29.25
CA SER Y 53 -5.66 64.62 -29.11
C SER Y 53 -6.11 63.25 -28.63
N SER Y 54 -5.69 62.20 -29.34
CA SER Y 54 -6.07 60.84 -29.01
C SER Y 54 -5.18 60.20 -27.96
N SER Y 55 -4.22 60.96 -27.40
CA SER Y 55 -3.23 60.50 -26.43
C SER Y 55 -2.26 59.49 -27.01
N SER Y 56 -2.30 59.23 -28.32
CA SER Y 56 -1.43 58.24 -28.93
C SER Y 56 -0.03 58.78 -29.20
N TYR Y 57 0.19 60.07 -29.01
CA TYR Y 57 1.48 60.70 -29.29
C TYR Y 57 1.86 61.57 -28.11
N ILE Y 58 2.95 61.21 -27.44
CA ILE Y 58 3.38 61.86 -26.20
C ILE Y 58 4.84 62.26 -26.36
N TYR Y 59 5.18 63.43 -25.82
CA TYR Y 59 6.54 63.94 -25.88
C TYR Y 59 6.96 64.47 -24.53
N TYR Y 60 8.27 64.39 -24.26
CA TYR Y 60 8.85 64.85 -23.01
C TYR Y 60 10.16 65.58 -23.28
N ALA Y 61 10.46 66.55 -22.43
CA ALA Y 61 11.78 67.15 -22.41
C ALA Y 61 12.76 66.20 -21.72
N ASP Y 62 14.01 66.20 -22.20
CA ASP Y 62 14.99 65.23 -21.71
C ASP Y 62 15.27 65.41 -20.23
N SER Y 63 15.08 66.62 -19.69
CA SER Y 63 15.29 66.84 -18.27
C SER Y 63 14.26 66.11 -17.42
N VAL Y 64 13.10 65.77 -17.99
CA VAL Y 64 12.03 65.11 -17.25
C VAL Y 64 11.61 63.79 -17.88
N LYS Y 65 12.19 63.42 -19.02
CA LYS Y 65 11.90 62.12 -19.63
C LYS Y 65 12.45 61.01 -18.74
N GLY Y 66 11.58 60.14 -18.26
CA GLY Y 66 11.95 59.10 -17.33
C GLY Y 66 11.48 59.35 -15.92
N ARG Y 67 11.01 60.56 -15.61
CA ARG Y 67 10.45 60.88 -14.31
C ARG Y 67 9.00 61.33 -14.39
N PHE Y 68 8.61 62.03 -15.45
CA PHE Y 68 7.27 62.58 -15.58
C PHE Y 68 6.42 61.71 -16.49
N THR Y 69 5.10 61.82 -16.34
CA THR Y 69 4.16 61.11 -17.19
C THR Y 69 2.93 61.99 -17.42
N ILE Y 70 2.66 62.31 -18.67
CA ILE Y 70 1.51 63.12 -19.05
C ILE Y 70 0.37 62.20 -19.44
N SER Y 71 -0.86 62.59 -19.13
CA SER Y 71 -2.05 61.86 -19.51
C SER Y 71 -3.21 62.84 -19.57
N ARG Y 72 -4.34 62.37 -20.09
CA ARG Y 72 -5.51 63.23 -20.24
C ARG Y 72 -6.77 62.39 -20.19
N ASP Y 73 -7.87 63.03 -19.79
CA ASP Y 73 -9.20 62.44 -19.75
C ASP Y 73 -10.14 63.38 -20.48
N ASN Y 74 -10.48 63.04 -21.73
CA ASN Y 74 -11.29 63.93 -22.55
C ASN Y 74 -12.69 64.12 -21.97
N ALA Y 75 -13.25 63.05 -21.39
CA ALA Y 75 -14.60 63.15 -20.84
C ALA Y 75 -14.66 64.13 -19.68
N LYS Y 76 -13.61 64.18 -18.87
CA LYS Y 76 -13.55 65.08 -17.73
C LYS Y 76 -12.88 66.42 -18.05
N ASN Y 77 -12.47 66.63 -19.30
CA ASN Y 77 -11.85 67.89 -19.74
C ASN Y 77 -10.64 68.23 -18.89
N SER Y 78 -9.79 67.23 -18.65
CA SER Y 78 -8.69 67.36 -17.70
C SER Y 78 -7.39 66.84 -18.31
N LEU Y 79 -6.30 67.51 -17.96
CA LEU Y 79 -4.96 67.12 -18.36
C LEU Y 79 -4.10 66.99 -17.11
N TYR Y 80 -3.38 65.89 -16.99
CA TYR Y 80 -2.61 65.59 -15.79
C TYR Y 80 -1.13 65.53 -16.12
N LEU Y 81 -0.31 65.40 -15.07
CA LEU Y 81 1.14 65.38 -15.23
C LEU Y 81 1.74 64.82 -13.94
N GLN Y 82 2.18 63.57 -13.99
CA GLN Y 82 2.80 62.91 -12.84
C GLN Y 82 4.25 63.34 -12.71
N MET Y 83 4.69 63.57 -11.47
CA MET Y 83 6.06 64.01 -11.19
C MET Y 83 6.64 63.11 -10.11
N ASN Y 84 7.71 62.39 -10.44
CA ASN Y 84 8.41 61.55 -9.48
C ASN Y 84 9.86 61.98 -9.38
N SER Y 85 10.47 61.65 -8.24
CA SER Y 85 11.90 61.91 -7.99
C SER Y 85 12.24 63.37 -8.25
N LEU Y 86 11.45 64.26 -7.66
CA LEU Y 86 11.59 65.69 -7.93
C LEU Y 86 12.91 66.23 -7.38
N ARG Y 87 13.46 67.21 -8.08
CA ARG Y 87 14.69 67.87 -7.72
C ARG Y 87 14.44 69.35 -7.46
N ALA Y 88 15.49 70.03 -6.99
CA ALA Y 88 15.39 71.48 -6.80
C ALA Y 88 15.25 72.21 -8.12
N GLU Y 89 15.81 71.67 -9.20
CA GLU Y 89 15.68 72.25 -10.53
C GLU Y 89 14.27 72.07 -11.10
N ASP Y 90 13.38 71.39 -10.39
CA ASP Y 90 11.98 71.28 -10.79
C ASP Y 90 11.09 72.32 -10.11
N THR Y 91 11.63 73.08 -9.17
CA THR Y 91 10.90 74.18 -8.55
C THR Y 91 10.53 75.21 -9.60
N ALA Y 92 9.23 75.35 -9.88
CA ALA Y 92 8.79 76.25 -10.95
C ALA Y 92 7.28 76.41 -10.86
N VAL Y 93 6.79 77.44 -11.56
CA VAL Y 93 5.37 77.61 -11.80
C VAL Y 93 5.02 76.83 -13.06
N TYR Y 94 4.13 75.85 -12.93
CA TYR Y 94 3.81 74.93 -14.01
C TYR Y 94 2.54 75.42 -14.72
N TYR Y 95 2.69 75.86 -15.96
CA TYR Y 95 1.57 76.30 -16.78
C TYR Y 95 1.08 75.17 -17.66
N CYS Y 96 -0.23 75.10 -17.85
CA CYS Y 96 -0.86 74.19 -18.79
C CYS Y 96 -1.37 75.00 -19.97
N ALA Y 97 -0.86 74.69 -21.16
CA ALA Y 97 -1.08 75.51 -22.34
C ALA Y 97 -1.66 74.69 -23.48
N ARG Y 98 -2.51 75.33 -24.28
CA ARG Y 98 -3.12 74.72 -25.45
C ARG Y 98 -2.27 74.98 -26.69
N LEU Y 99 -2.25 73.99 -27.57
CA LEU Y 99 -1.59 74.13 -28.87
C LEU Y 99 -2.62 74.61 -29.89
N GLY Y 100 -2.40 75.81 -30.43
CA GLY Y 100 -3.35 76.39 -31.35
C GLY Y 100 -3.24 75.81 -32.74
N TYR Y 101 -4.36 75.88 -33.46
CA TYR Y 101 -4.36 75.51 -34.88
C TYR Y 101 -3.54 76.50 -35.68
N CYS Y 102 -2.87 75.99 -36.71
CA CYS Y 102 -2.04 76.84 -37.56
C CYS Y 102 -1.90 76.15 -38.91
N SER Y 103 -1.04 76.70 -39.76
CA SER Y 103 -0.77 76.08 -41.05
C SER Y 103 -0.09 74.72 -40.86
N GLY Y 104 0.99 74.70 -40.08
CA GLY Y 104 1.69 73.46 -39.81
C GLY Y 104 3.05 73.65 -39.17
N GLY Y 105 3.94 74.38 -39.86
CA GLY Y 105 5.32 74.53 -39.46
C GLY Y 105 5.55 74.96 -38.03
N SER Y 106 5.30 74.03 -37.09
CA SER Y 106 5.37 74.28 -35.65
C SER Y 106 4.39 75.38 -35.25
N CYS Y 107 3.23 74.99 -34.71
CA CYS Y 107 2.24 75.96 -34.26
C CYS Y 107 2.68 76.67 -32.99
N HIS Y 108 1.73 77.29 -32.30
CA HIS Y 108 2.01 78.12 -31.14
C HIS Y 108 1.12 77.71 -29.98
N PHE Y 109 1.45 78.21 -28.79
CA PHE Y 109 0.61 78.03 -27.60
C PHE Y 109 -0.33 79.23 -27.52
N ASP Y 110 -1.58 79.03 -27.93
CA ASP Y 110 -2.49 80.16 -28.05
C ASP Y 110 -3.10 80.56 -26.71
N TYR Y 111 -3.53 79.59 -25.90
CA TYR Y 111 -4.19 79.86 -24.64
C TYR Y 111 -3.43 79.19 -23.51
N TRP Y 112 -3.21 79.93 -22.42
CA TRP Y 112 -2.45 79.45 -21.28
C TRP Y 112 -3.31 79.50 -20.02
N GLY Y 113 -2.98 78.64 -19.06
CA GLY Y 113 -3.59 78.71 -17.75
C GLY Y 113 -2.83 79.63 -16.81
N GLN Y 114 -3.44 79.91 -15.66
CA GLN Y 114 -2.81 80.82 -14.71
C GLN Y 114 -1.60 80.18 -14.04
N GLY Y 115 -1.64 78.87 -13.80
CA GLY Y 115 -0.47 78.16 -13.32
C GLY Y 115 -0.64 77.73 -11.86
N THR Y 116 0.21 76.78 -11.48
CA THR Y 116 0.30 76.29 -10.11
C THR Y 116 1.75 76.29 -9.68
N LEU Y 117 1.98 76.40 -8.37
CA LEU Y 117 3.32 76.51 -7.82
C LEU Y 117 3.77 75.16 -7.27
N VAL Y 118 4.96 74.72 -7.69
CA VAL Y 118 5.57 73.50 -7.20
C VAL Y 118 6.91 73.88 -6.59
N THR Y 119 7.03 73.69 -5.27
CA THR Y 119 8.24 74.04 -4.53
C THR Y 119 8.88 72.78 -3.99
N VAL Y 120 10.16 72.59 -4.29
CA VAL Y 120 10.92 71.42 -3.85
C VAL Y 120 11.93 71.90 -2.81
N SER Y 121 11.68 71.59 -1.55
CA SER Y 121 12.57 71.99 -0.46
C SER Y 121 12.86 70.84 0.50
N PRO Z 2 19.88 74.15 -24.82
CA PRO Z 2 19.60 74.87 -26.07
C PRO Z 2 18.42 75.84 -25.94
N VAL Z 3 18.69 77.13 -26.13
CA VAL Z 3 17.67 78.16 -26.04
C VAL Z 3 17.92 79.20 -27.12
N LEU Z 4 16.88 79.98 -27.42
CA LEU Z 4 17.01 81.11 -28.33
C LEU Z 4 17.58 82.31 -27.58
N THR Z 5 18.58 82.94 -28.18
CA THR Z 5 19.26 84.06 -27.52
C THR Z 5 18.41 85.32 -27.62
N GLN Z 6 18.15 85.94 -26.46
CA GLN Z 6 17.40 87.18 -26.37
C GLN Z 6 18.17 88.16 -25.49
N PRO Z 7 18.05 89.46 -25.75
CA PRO Z 7 18.71 90.45 -24.90
C PRO Z 7 18.08 90.48 -23.52
N PRO Z 8 18.89 90.61 -22.47
CA PRO Z 8 18.32 90.60 -21.11
C PRO Z 8 17.33 91.72 -20.84
N SER Z 9 17.61 92.93 -21.33
CA SER Z 9 16.71 94.05 -21.11
C SER Z 9 16.79 95.00 -22.29
N VAL Z 10 15.63 95.50 -22.72
CA VAL Z 10 15.55 96.47 -23.81
C VAL Z 10 14.64 97.63 -23.41
N ALA Z 13 12.00 105.17 -22.99
CA ALA Z 13 11.20 106.36 -23.24
C ALA Z 13 9.93 106.02 -24.00
N PRO Z 14 8.78 106.43 -23.48
CA PRO Z 14 7.52 106.16 -24.18
C PRO Z 14 7.47 106.83 -25.54
N GLY Z 15 6.72 106.24 -26.45
CA GLY Z 15 6.48 106.80 -27.77
C GLY Z 15 7.52 106.48 -28.82
N GLN Z 16 8.60 105.78 -28.46
CA GLN Z 16 9.65 105.44 -29.41
C GLN Z 16 9.48 104.01 -29.91
N ARG Z 17 10.47 103.52 -30.62
CA ARG Z 17 10.46 102.17 -31.19
C ARG Z 17 11.69 101.42 -30.69
N VAL Z 18 11.45 100.29 -30.01
CA VAL Z 18 12.51 99.42 -29.55
C VAL Z 18 12.38 98.06 -30.24
N THR Z 19 13.51 97.38 -30.40
CA THR Z 19 13.56 96.10 -31.10
C THR Z 19 14.14 95.05 -30.17
N ILE Z 20 13.38 94.00 -29.92
CA ILE Z 20 13.83 92.86 -29.13
C ILE Z 20 14.23 91.76 -30.11
N SER Z 21 15.52 91.53 -30.24
CA SER Z 21 16.03 90.54 -31.18
C SER Z 21 15.84 89.12 -30.61
N CYS Z 22 15.78 88.15 -31.51
CA CYS Z 22 15.66 86.74 -31.14
C CYS Z 22 16.63 85.94 -32.02
N THR Z 23 17.79 85.62 -31.47
CA THR Z 23 18.81 84.87 -32.19
C THR Z 23 18.57 83.38 -32.03
N GLY Z 24 18.71 82.64 -33.13
CA GLY Z 24 18.52 81.20 -33.15
C GLY Z 24 19.71 80.51 -33.76
N SER Z 25 19.45 79.33 -34.33
CA SER Z 25 20.48 78.51 -34.94
C SER Z 25 19.93 77.92 -36.23
N SER Z 26 20.73 77.07 -36.87
CA SER Z 26 20.30 76.40 -38.09
C SER Z 26 19.34 75.24 -37.81
N SER Z 27 19.28 74.76 -36.57
CA SER Z 27 18.42 73.64 -36.21
C SER Z 27 17.03 74.08 -35.79
N ASN Z 28 16.76 75.39 -35.71
CA ASN Z 28 15.43 75.87 -35.35
C ASN Z 28 14.94 76.89 -36.37
N ILE Z 29 15.19 78.18 -36.11
CA ILE Z 29 14.74 79.23 -37.02
C ILE Z 29 15.44 79.11 -38.37
N GLY Z 30 16.70 78.67 -38.38
CA GLY Z 30 17.43 78.46 -39.62
C GLY Z 30 17.00 77.25 -40.43
N ALA Z 31 16.01 76.50 -39.94
CA ALA Z 31 15.48 75.35 -40.67
C ALA Z 31 14.11 75.61 -41.27
N GLY Z 32 13.46 76.71 -40.93
CA GLY Z 32 12.15 77.06 -41.48
C GLY Z 32 11.02 77.05 -40.48
N TYR Z 33 11.24 76.61 -39.25
CA TYR Z 33 10.16 76.54 -38.27
C TYR Z 33 9.67 77.93 -37.91
N ASP Z 34 8.36 78.04 -37.68
CA ASP Z 34 7.76 79.34 -37.38
C ASP Z 34 8.19 79.82 -36.00
N VAL Z 35 8.29 81.14 -35.87
CA VAL Z 35 8.66 81.79 -34.61
C VAL Z 35 7.43 82.46 -34.03
N HIS Z 36 7.27 82.37 -32.72
CA HIS Z 36 6.14 82.98 -32.03
C HIS Z 36 6.65 83.78 -30.85
N TRP Z 37 5.84 84.75 -30.42
CA TRP Z 37 6.19 85.64 -29.32
C TRP Z 37 5.10 85.60 -28.25
N TYR Z 38 5.52 85.77 -27.00
CA TYR Z 38 4.61 85.76 -25.86
C TYR Z 38 4.95 86.90 -24.93
N GLN Z 39 3.94 87.63 -24.49
CA GLN Z 39 4.08 88.73 -23.55
C GLN Z 39 3.57 88.28 -22.18
N GLN Z 40 4.40 88.45 -21.15
CA GLN Z 40 4.04 88.03 -19.80
C GLN Z 40 4.13 89.24 -18.88
N LEU Z 41 2.98 89.64 -18.34
CA LEU Z 41 2.92 90.72 -17.36
C LEU Z 41 3.39 90.21 -16.00
N PRO Z 42 3.95 91.09 -15.17
CA PRO Z 42 4.42 90.66 -13.84
C PRO Z 42 3.29 90.06 -13.01
N GLY Z 43 3.52 88.84 -12.53
CA GLY Z 43 2.54 88.17 -11.69
C GLY Z 43 1.45 87.45 -12.43
N THR Z 44 1.54 87.32 -13.76
CA THR Z 44 0.53 86.65 -14.56
C THR Z 44 1.19 85.65 -15.50
N ALA Z 45 0.35 84.87 -16.17
CA ALA Z 45 0.82 83.89 -17.14
C ALA Z 45 1.22 84.58 -18.44
N PRO Z 46 2.06 83.93 -19.25
CA PRO Z 46 2.40 84.51 -20.56
C PRO Z 46 1.20 84.53 -21.49
N LYS Z 47 1.05 85.64 -22.20
CA LYS Z 47 -0.05 85.84 -23.14
C LYS Z 47 0.48 85.80 -24.57
N LEU Z 48 -0.35 85.29 -25.48
CA LEU Z 48 0.04 85.21 -26.88
C LEU Z 48 0.10 86.61 -27.49
N LEU Z 49 1.28 86.99 -27.98
CA LEU Z 49 1.49 88.30 -28.59
C LEU Z 49 1.65 88.22 -30.10
N ILE Z 50 2.53 87.36 -30.59
CA ILE Z 50 2.77 87.19 -32.01
C ILE Z 50 2.80 85.71 -32.33
N TYR Z 51 2.05 85.31 -33.36
CA TYR Z 51 2.07 83.95 -33.86
C TYR Z 51 2.35 83.96 -35.34
N GLY Z 52 2.92 82.86 -35.84
CA GLY Z 52 3.24 82.74 -37.25
C GLY Z 52 4.18 83.81 -37.74
N ASN Z 53 5.32 83.97 -37.05
CA ASN Z 53 6.36 84.94 -37.40
C ASN Z 53 5.89 86.38 -37.28
N SER Z 54 4.76 86.72 -37.89
CA SER Z 54 4.34 88.12 -37.95
C SER Z 54 2.85 88.36 -37.72
N ASN Z 55 2.01 87.33 -37.66
CA ASN Z 55 0.59 87.55 -37.47
C ASN Z 55 0.30 88.12 -36.09
N ARG Z 56 -0.90 88.71 -35.95
CA ARG Z 56 -1.32 89.36 -34.73
C ARG Z 56 -2.70 88.86 -34.33
N PRO Z 57 -2.89 88.45 -33.09
CA PRO Z 57 -4.21 87.95 -32.66
C PRO Z 57 -5.15 89.10 -32.32
N SER Z 58 -6.39 88.73 -32.03
CA SER Z 58 -7.42 89.71 -31.70
C SER Z 58 -7.13 90.36 -30.36
N GLY Z 59 -7.21 91.68 -30.31
CA GLY Z 59 -6.99 92.44 -29.10
C GLY Z 59 -5.60 93.04 -28.96
N VAL Z 60 -4.67 92.69 -29.83
CA VAL Z 60 -3.30 93.20 -29.79
C VAL Z 60 -3.22 94.37 -30.76
N PRO Z 61 -2.86 95.57 -30.30
CA PRO Z 61 -2.77 96.71 -31.22
C PRO Z 61 -1.69 96.49 -32.27
N ASP Z 62 -1.83 97.21 -33.39
CA ASP Z 62 -0.91 97.12 -34.52
C ASP Z 62 0.47 97.69 -34.22
N ARG Z 63 0.76 98.09 -32.98
CA ARG Z 63 2.09 98.57 -32.65
C ARG Z 63 3.11 97.43 -32.64
N PHE Z 64 2.65 96.21 -32.41
CA PHE Z 64 3.53 95.04 -32.34
C PHE Z 64 3.65 94.41 -33.73
N SER Z 65 4.88 94.08 -34.11
CA SER Z 65 5.14 93.46 -35.40
C SER Z 65 6.29 92.47 -35.27
N GLY Z 66 6.26 91.44 -36.10
CA GLY Z 66 7.27 90.40 -36.07
C GLY Z 66 7.94 90.24 -37.42
N SER Z 67 9.20 89.81 -37.40
CA SER Z 67 9.97 89.60 -38.61
C SER Z 67 10.96 88.46 -38.38
N LYS Z 68 11.18 87.67 -39.43
CA LYS Z 68 12.12 86.55 -39.37
C LYS Z 68 12.97 86.56 -40.63
N SER Z 69 14.28 86.48 -40.45
CA SER Z 69 15.23 86.49 -41.55
C SER Z 69 16.38 85.54 -41.24
N GLY Z 70 16.63 84.61 -42.16
CA GLY Z 70 17.72 83.66 -41.99
C GLY Z 70 17.55 82.77 -40.79
N THR Z 71 18.44 82.90 -39.80
CA THR Z 71 18.40 82.11 -38.58
C THR Z 71 18.11 82.96 -37.35
N SER Z 72 17.52 84.14 -37.53
CA SER Z 72 17.20 85.03 -36.42
C SER Z 72 15.84 85.67 -36.65
N ALA Z 73 15.33 86.32 -35.62
CA ALA Z 73 14.05 87.01 -35.68
C ALA Z 73 14.14 88.29 -34.85
N SER Z 74 13.06 89.05 -34.81
CA SER Z 74 13.05 90.32 -34.09
C SER Z 74 11.63 90.78 -33.88
N LEU Z 75 11.34 91.23 -32.67
CA LEU Z 75 10.07 91.87 -32.34
C LEU Z 75 10.22 93.38 -32.40
N ALA Z 76 9.17 94.06 -32.85
CA ALA Z 76 9.18 95.51 -32.99
C ALA Z 76 7.99 96.09 -32.23
N ILE Z 77 8.25 97.06 -31.36
CA ILE Z 77 7.22 97.71 -30.57
C ILE Z 77 7.33 99.22 -30.78
N THR Z 78 6.41 99.77 -31.55
CA THR Z 78 6.31 101.21 -31.75
C THR Z 78 5.20 101.80 -30.89
N GLY Z 79 5.20 103.13 -30.79
CA GLY Z 79 4.24 103.82 -29.94
C GLY Z 79 4.28 103.30 -28.52
N LEU Z 80 5.47 103.34 -27.91
CA LEU Z 80 5.69 102.72 -26.62
C LEU Z 80 4.75 103.30 -25.56
N GLN Z 81 4.34 102.45 -24.62
CA GLN Z 81 3.38 102.82 -23.60
C GLN Z 81 3.84 102.23 -22.27
N ALA Z 82 3.14 102.61 -21.20
CA ALA Z 82 3.57 102.22 -19.85
C ALA Z 82 3.29 100.74 -19.59
N GLU Z 83 2.10 100.27 -19.95
CA GLU Z 83 1.75 98.87 -19.71
C GLU Z 83 2.57 97.91 -20.56
N ASP Z 84 3.28 98.40 -21.58
CA ASP Z 84 4.16 97.54 -22.36
C ASP Z 84 5.32 96.98 -21.55
N GLU Z 85 5.44 97.35 -20.28
CA GLU Z 85 6.46 96.79 -19.39
C GLU Z 85 6.09 95.35 -19.04
N ALA Z 86 6.80 94.39 -19.60
CA ALA Z 86 6.51 92.97 -19.40
C ALA Z 86 7.72 92.17 -19.88
N ASP Z 87 7.64 90.85 -19.69
CA ASP Z 87 8.64 89.94 -20.23
C ASP Z 87 8.17 89.41 -21.58
N TYR Z 88 9.08 89.40 -22.55
CA TYR Z 88 8.77 88.99 -23.92
C TYR Z 88 9.64 87.80 -24.29
N TYR Z 89 8.99 86.70 -24.69
CA TYR Z 89 9.68 85.47 -25.04
C TYR Z 89 9.41 85.15 -26.51
N CYS Z 90 10.45 84.77 -27.24
CA CYS Z 90 10.32 84.24 -28.59
C CYS Z 90 10.43 82.73 -28.54
N GLN Z 91 9.52 82.04 -29.22
CA GLN Z 91 9.43 80.59 -29.17
C GLN Z 91 9.38 80.02 -30.58
N SER Z 92 10.16 78.97 -30.82
CA SER Z 92 10.13 78.27 -32.09
C SER Z 92 10.10 76.76 -31.85
N TYR Z 93 10.84 76.01 -32.66
CA TYR Z 93 10.96 74.57 -32.47
C TYR Z 93 12.31 74.13 -33.03
N ASP Z 94 13.04 73.37 -32.23
CA ASP Z 94 14.37 72.90 -32.58
C ASP Z 94 14.31 71.42 -32.90
N SER Z 95 14.88 71.05 -34.06
CA SER Z 95 14.86 69.68 -34.53
C SER Z 95 16.14 68.91 -34.19
N SER Z 96 17.05 69.52 -33.43
CA SER Z 96 18.35 68.91 -33.21
C SER Z 96 18.25 67.67 -32.33
N LEU Z 97 17.43 67.71 -31.29
CA LEU Z 97 17.34 66.64 -30.31
C LEU Z 97 16.00 65.90 -30.44
N SER Z 98 15.54 65.31 -29.33
CA SER Z 98 14.34 64.48 -29.34
C SER Z 98 13.12 65.17 -29.92
N GLY Z 99 13.09 66.51 -29.91
CA GLY Z 99 11.95 67.23 -30.44
C GLY Z 99 11.31 68.11 -29.41
N PHE Z 100 11.98 69.19 -29.05
CA PHE Z 100 11.55 70.06 -27.98
C PHE Z 100 11.18 71.43 -28.54
N TYR Z 101 10.00 71.93 -28.14
CA TYR Z 101 9.72 73.34 -28.30
C TYR Z 101 10.82 74.14 -27.62
N VAL Z 102 11.38 75.11 -28.32
CA VAL Z 102 12.45 75.94 -27.77
C VAL Z 102 11.87 77.29 -27.40
N PHE Z 103 12.46 77.92 -26.38
CA PHE Z 103 12.03 79.21 -25.89
C PHE Z 103 13.22 80.16 -25.81
N GLY Z 104 12.93 81.46 -25.89
CA GLY Z 104 13.98 82.44 -25.75
C GLY Z 104 14.34 82.70 -24.30
N THR Z 105 15.52 83.28 -24.11
CA THR Z 105 15.98 83.57 -22.75
C THR Z 105 15.07 84.57 -22.05
N GLY Z 106 14.57 85.56 -22.80
CA GLY Z 106 13.65 86.53 -22.23
C GLY Z 106 14.16 87.95 -22.29
N THR Z 107 13.24 88.92 -22.32
CA THR Z 107 13.59 90.32 -22.37
C THR Z 107 12.58 91.12 -21.56
N LYS Z 108 13.07 91.94 -20.64
CA LYS Z 108 12.22 92.78 -19.80
C LYS Z 108 12.19 94.19 -20.39
N LEU Z 109 10.99 94.68 -20.68
CA LEU Z 109 10.81 96.02 -21.21
C LEU Z 109 10.62 97.01 -20.06
N THR Z 110 11.47 98.04 -20.02
CA THR Z 110 11.41 99.07 -19.00
C THR Z 110 11.14 100.41 -19.67
N VAL Z 111 10.16 101.13 -19.16
CA VAL Z 111 9.83 102.46 -19.67
C VAL Z 111 10.02 103.51 -18.59
N ASP AA 1 -10.39 47.72 -33.59
CA ASP AA 1 -10.56 48.30 -34.91
C ASP AA 1 -11.87 49.07 -35.02
N ILE AA 2 -11.78 50.39 -34.98
CA ILE AA 2 -12.96 51.23 -35.12
C ILE AA 2 -13.44 51.16 -36.57
N LEU AA 3 -14.69 50.74 -36.75
CA LEU AA 3 -15.30 50.62 -38.06
C LEU AA 3 -16.16 51.85 -38.34
N LEU AA 4 -15.97 52.46 -39.51
CA LEU AA 4 -16.69 53.65 -39.91
C LEU AA 4 -17.68 53.27 -41.02
N THR AA 5 -18.97 53.35 -40.71
CA THR AA 5 -20.03 53.09 -41.68
C THR AA 5 -20.55 54.41 -42.23
N GLN AA 6 -20.62 54.52 -43.54
CA GLN AA 6 -21.07 55.74 -44.21
C GLN AA 6 -22.39 55.47 -44.92
N SER AA 7 -23.38 56.33 -44.64
CA SER AA 7 -24.69 56.22 -45.25
C SER AA 7 -25.08 57.56 -45.88
N PRO AA 8 -25.62 57.54 -47.10
CA PRO AA 8 -25.80 56.32 -47.88
C PRO AA 8 -24.57 55.99 -48.70
N ALA AA 9 -24.58 54.84 -49.38
CA ALA AA 9 -23.46 54.50 -50.25
C ALA AA 9 -23.37 55.46 -51.43
N ILE AA 10 -24.44 55.53 -52.23
CA ILE AA 10 -24.52 56.45 -53.37
C ILE AA 10 -25.68 57.39 -53.12
N LEU AA 11 -25.47 58.68 -53.41
CA LEU AA 11 -26.50 59.69 -53.23
C LEU AA 11 -26.51 60.60 -54.45
N SER AA 12 -27.70 60.97 -54.90
CA SER AA 12 -27.90 61.77 -56.11
C SER AA 12 -28.28 63.19 -55.73
N VAL AA 13 -27.60 64.16 -56.34
CA VAL AA 13 -27.78 65.58 -56.03
C VAL AA 13 -28.22 66.32 -57.29
N SER AA 14 -28.61 67.58 -57.09
CA SER AA 14 -28.90 68.52 -58.15
C SER AA 14 -28.24 69.84 -57.75
N PRO AA 15 -27.69 70.59 -58.71
CA PRO AA 15 -26.94 71.80 -58.36
C PRO AA 15 -27.77 72.77 -57.52
N GLY AA 16 -27.23 73.14 -56.36
CA GLY AA 16 -27.90 74.01 -55.42
C GLY AA 16 -28.56 73.30 -54.26
N GLU AA 17 -28.58 71.97 -54.26
CA GLU AA 17 -29.22 71.21 -53.20
C GLU AA 17 -28.43 71.30 -51.89
N ARG AA 18 -29.16 71.20 -50.78
CA ARG AA 18 -28.54 71.04 -49.47
C ARG AA 18 -28.35 69.55 -49.22
N VAL AA 19 -27.10 69.11 -49.15
CA VAL AA 19 -26.77 67.69 -49.08
C VAL AA 19 -26.06 67.40 -47.77
N SER AA 20 -26.17 66.15 -47.32
CA SER AA 20 -25.51 65.70 -46.11
C SER AA 20 -25.43 64.18 -46.13
N PHE AA 21 -24.28 63.65 -45.72
CA PHE AA 21 -24.09 62.21 -45.55
C PHE AA 21 -23.45 61.93 -44.20
N SER AA 22 -23.71 60.75 -43.67
CA SER AA 22 -23.38 60.41 -42.29
C SER AA 22 -22.13 59.53 -42.22
N CYS AA 23 -21.45 59.61 -41.08
CA CYS AA 23 -20.33 58.73 -40.75
C CYS AA 23 -20.54 58.25 -39.32
N ARG AA 24 -20.75 56.95 -39.15
CA ARG AA 24 -21.09 56.36 -37.87
C ARG AA 24 -19.94 55.48 -37.39
N ALA AA 25 -19.35 55.85 -36.26
CA ALA AA 25 -18.27 55.07 -35.66
C ALA AA 25 -18.84 53.98 -34.76
N SER AA 26 -18.15 52.83 -34.74
CA SER AA 26 -18.58 51.70 -33.93
C SER AA 26 -18.29 51.89 -32.45
N GLN AA 27 -17.55 52.94 -32.08
CA GLN AA 27 -17.28 53.25 -30.68
C GLN AA 27 -17.06 54.74 -30.56
N ASN AA 28 -16.92 55.21 -29.32
CA ASN AA 28 -16.72 56.63 -29.08
C ASN AA 28 -15.34 57.06 -29.58
N ILE AA 29 -15.30 58.11 -30.39
CA ILE AA 29 -14.05 58.62 -30.94
C ILE AA 29 -13.91 60.11 -30.67
N ASP AA 30 -14.83 60.66 -29.86
CA ASP AA 30 -14.83 62.08 -29.49
C ASP AA 30 -14.97 62.91 -30.76
N THR AA 31 -14.07 63.84 -31.06
CA THR AA 31 -14.12 64.65 -32.27
C THR AA 31 -12.99 64.30 -33.23
N HIS AA 32 -12.52 63.05 -33.19
CA HIS AA 32 -11.33 62.66 -33.95
C HIS AA 32 -11.69 62.07 -35.31
N ILE AA 33 -12.50 62.79 -36.08
CA ILE AA 33 -12.85 62.39 -37.43
C ILE AA 33 -12.19 63.37 -38.40
N HIS AA 34 -12.08 62.96 -39.65
CA HIS AA 34 -11.56 63.83 -40.70
C HIS AA 34 -12.30 63.50 -41.99
N TRP AA 35 -12.51 64.51 -42.82
CA TRP AA 35 -13.29 64.38 -44.04
C TRP AA 35 -12.42 64.66 -45.25
N TYR AA 36 -12.53 63.80 -46.27
CA TYR AA 36 -11.77 63.93 -47.49
C TYR AA 36 -12.69 63.78 -48.69
N GLN AA 37 -12.38 64.52 -49.75
CA GLN AA 37 -13.06 64.42 -51.03
C GLN AA 37 -12.09 63.87 -52.07
N GLN AA 38 -12.56 62.93 -52.89
CA GLN AA 38 -11.75 62.35 -53.96
C GLN AA 38 -12.55 62.41 -55.26
N ARG AA 39 -12.13 63.28 -56.17
CA ARG AA 39 -12.74 63.34 -57.49
C ARG AA 39 -12.28 62.15 -58.33
N THR AA 40 -12.91 61.99 -59.49
CA THR AA 40 -12.56 60.89 -60.38
C THR AA 40 -11.13 61.04 -60.86
N ASN AA 41 -10.37 59.94 -60.77
CA ASN AA 41 -8.97 59.84 -61.21
C ASN AA 41 -8.04 60.78 -60.45
N GLY AA 42 -8.49 61.35 -59.33
CA GLY AA 42 -7.68 62.26 -58.54
C GLY AA 42 -7.40 61.70 -57.16
N SER AA 43 -6.59 62.45 -56.42
CA SER AA 43 -6.22 62.06 -55.06
C SER AA 43 -7.16 62.69 -54.04
N PRO AA 44 -7.34 62.05 -52.88
CA PRO AA 44 -8.18 62.65 -51.84
C PRO AA 44 -7.68 64.03 -51.45
N ARG AA 45 -8.62 64.87 -50.98
CA ARG AA 45 -8.30 66.21 -50.52
C ARG AA 45 -9.05 66.48 -49.22
N LEU AA 46 -8.34 67.06 -48.26
CA LEU AA 46 -8.92 67.29 -46.94
C LEU AA 46 -9.93 68.43 -46.98
N LEU AA 47 -11.10 68.21 -46.38
CA LEU AA 47 -12.16 69.21 -46.32
C LEU AA 47 -12.43 69.72 -44.91
N ILE AA 48 -12.45 68.84 -43.91
CA ILE AA 48 -12.77 69.20 -42.54
C ILE AA 48 -11.83 68.44 -41.61
N LYS AA 49 -11.09 69.18 -40.78
CA LYS AA 49 -10.26 68.56 -39.76
C LYS AA 49 -11.03 68.46 -38.44
N TYR AA 50 -10.81 67.37 -37.73
CA TYR AA 50 -11.53 67.05 -36.49
C TYR AA 50 -13.03 67.04 -36.80
N ALA AA 51 -13.88 67.40 -35.83
CA ALA AA 51 -15.31 67.26 -36.04
C ALA AA 51 -15.84 68.29 -37.03
N SER AA 52 -15.39 69.54 -36.91
CA SER AA 52 -16.00 70.61 -37.69
C SER AA 52 -15.07 71.77 -38.01
N GLU AA 53 -13.78 71.68 -37.68
CA GLU AA 53 -12.88 72.81 -37.88
C GLU AA 53 -12.55 72.98 -39.36
N SER AA 54 -12.64 74.22 -39.85
CA SER AA 54 -12.53 74.49 -41.28
C SER AA 54 -11.07 74.45 -41.74
N ILE AA 55 -10.91 74.26 -43.05
CA ILE AA 55 -9.60 74.24 -43.71
C ILE AA 55 -9.52 75.43 -44.65
N SER AA 56 -8.41 76.17 -44.59
CA SER AA 56 -8.21 77.28 -45.50
C SER AA 56 -8.08 76.78 -46.93
N GLY AA 57 -8.62 77.55 -47.87
CA GLY AA 57 -8.67 77.14 -49.26
C GLY AA 57 -9.83 76.23 -49.59
N ILE AA 58 -10.68 75.90 -48.63
CA ILE AA 58 -11.86 75.06 -48.84
C ILE AA 58 -13.08 75.96 -48.83
N PRO AA 59 -14.00 75.82 -49.79
CA PRO AA 59 -15.17 76.70 -49.83
C PRO AA 59 -16.00 76.61 -48.54
N SER AA 60 -16.75 77.68 -48.27
CA SER AA 60 -17.54 77.76 -47.05
C SER AA 60 -18.77 76.85 -47.08
N ARG AA 61 -19.15 76.32 -48.24
CA ARG AA 61 -20.31 75.43 -48.29
C ARG AA 61 -20.02 74.08 -47.61
N PHE AA 62 -18.76 73.78 -47.30
CA PHE AA 62 -18.40 72.57 -46.59
C PHE AA 62 -18.43 72.82 -45.08
N SER AA 63 -18.98 71.87 -44.34
CA SER AA 63 -19.05 72.00 -42.88
C SER AA 63 -19.30 70.62 -42.26
N GLY AA 64 -18.62 70.36 -41.15
CA GLY AA 64 -18.88 69.19 -40.35
C GLY AA 64 -19.71 69.54 -39.13
N SER AA 65 -20.27 68.53 -38.48
CA SER AA 65 -21.24 68.76 -37.41
C SER AA 65 -21.20 67.76 -36.27
N GLY AA 66 -20.65 66.57 -36.45
CA GLY AA 66 -20.81 65.52 -35.46
C GLY AA 66 -19.93 65.69 -34.23
N SER AA 67 -20.18 64.80 -33.26
CA SER AA 67 -19.42 64.71 -32.02
C SER AA 67 -19.85 63.47 -31.24
N GLY AA 68 -18.89 62.63 -30.87
CA GLY AA 68 -19.21 61.39 -30.16
C GLY AA 68 -19.08 60.16 -31.03
N THR AA 69 -20.17 59.76 -31.68
CA THR AA 69 -20.14 58.67 -32.65
C THR AA 69 -20.78 59.02 -33.99
N ASP AA 70 -21.67 60.01 -34.04
CA ASP AA 70 -22.31 60.45 -35.28
C ASP AA 70 -21.55 61.64 -35.86
N PHE AA 71 -21.39 61.65 -37.18
CA PHE AA 71 -20.72 62.74 -37.86
C PHE AA 71 -21.36 62.93 -39.23
N THR AA 72 -21.45 64.19 -39.66
CA THR AA 72 -22.16 64.53 -40.89
C THR AA 72 -21.44 65.67 -41.60
N LEU AA 73 -21.08 65.44 -42.86
CA LEU AA 73 -20.55 66.49 -43.73
C LEU AA 73 -21.68 67.08 -44.56
N THR AA 74 -21.77 68.40 -44.58
CA THR AA 74 -22.88 69.09 -45.22
C THR AA 74 -22.36 70.06 -46.28
N ILE AA 75 -23.04 70.10 -47.41
CA ILE AA 75 -22.83 71.09 -48.46
C ILE AA 75 -24.17 71.78 -48.69
N ASN AA 76 -24.29 73.04 -48.27
CA ASN AA 76 -25.58 73.71 -48.33
C ASN AA 76 -26.03 74.00 -49.76
N SER AA 77 -25.11 74.00 -50.73
CA SER AA 77 -25.47 74.25 -52.12
C SER AA 77 -24.38 73.60 -52.98
N VAL AA 78 -24.67 72.41 -53.50
CA VAL AA 78 -23.66 71.65 -54.24
C VAL AA 78 -23.40 72.31 -55.58
N GLU AA 79 -22.12 72.41 -55.93
CA GLU AA 79 -21.70 72.82 -57.26
C GLU AA 79 -21.25 71.60 -58.05
N SER AA 80 -21.08 71.79 -59.37
CA SER AA 80 -20.73 70.65 -60.22
C SER AA 80 -19.39 70.06 -59.84
N GLU AA 81 -18.44 70.90 -59.38
CA GLU AA 81 -17.12 70.42 -58.99
C GLU AA 81 -17.14 69.58 -57.72
N ASP AA 82 -18.27 69.55 -57.00
CA ASP AA 82 -18.39 68.76 -55.79
C ASP AA 82 -18.78 67.31 -56.04
N ILE AA 83 -19.06 66.95 -57.30
CA ILE AA 83 -19.41 65.58 -57.65
C ILE AA 83 -18.19 64.70 -57.49
N ALA AA 84 -18.12 63.98 -56.38
CA ALA AA 84 -16.97 63.15 -56.07
C ALA AA 84 -17.35 62.16 -54.99
N ASP AA 85 -16.39 61.33 -54.60
CA ASP AA 85 -16.55 60.45 -53.44
C ASP AA 85 -16.09 61.19 -52.19
N TYR AA 86 -16.67 60.82 -51.06
CA TYR AA 86 -16.36 61.49 -49.80
C TYR AA 86 -16.11 60.43 -48.73
N TYR AA 87 -14.95 60.53 -48.08
CA TYR AA 87 -14.53 59.57 -47.06
C TYR AA 87 -14.34 60.27 -45.72
N CYS AA 88 -14.69 59.58 -44.65
CA CYS AA 88 -14.40 60.02 -43.29
C CYS AA 88 -13.33 59.12 -42.71
N GLN AA 89 -12.42 59.71 -41.93
CA GLN AA 89 -11.32 58.98 -41.30
C GLN AA 89 -11.28 59.29 -39.82
N GLN AA 90 -11.32 58.25 -38.99
CA GLN AA 90 -11.11 58.42 -37.56
C GLN AA 90 -9.61 58.43 -37.25
N SER AA 91 -9.25 59.17 -36.20
CA SER AA 91 -7.87 59.27 -35.76
C SER AA 91 -7.77 59.04 -34.25
N ASN AA 92 -8.68 58.24 -33.70
CA ASN AA 92 -8.73 58.02 -32.26
C ASN AA 92 -7.80 56.88 -31.82
N SER AA 93 -7.82 55.76 -32.53
CA SER AA 93 -7.05 54.59 -32.13
C SER AA 93 -6.45 53.90 -33.35
N TRP AA 94 -5.23 53.42 -33.20
CA TRP AA 94 -4.60 52.66 -34.28
C TRP AA 94 -5.31 51.32 -34.44
N PRO AA 95 -5.51 50.86 -35.69
CA PRO AA 95 -5.14 51.61 -36.90
C PRO AA 95 -6.18 52.66 -37.28
N PHE AA 96 -5.74 53.73 -37.90
CA PHE AA 96 -6.68 54.67 -38.51
C PHE AA 96 -7.49 53.94 -39.57
N THR AA 97 -8.79 54.21 -39.62
CA THR AA 97 -9.68 53.56 -40.56
C THR AA 97 -10.50 54.61 -41.30
N PHE AA 98 -10.93 54.24 -42.51
CA PHE AA 98 -11.74 55.09 -43.36
C PHE AA 98 -13.14 54.51 -43.49
N GLY AA 99 -14.09 55.39 -43.80
CA GLY AA 99 -15.42 54.92 -44.14
C GLY AA 99 -15.44 54.28 -45.52
N SER AA 100 -16.53 53.54 -45.79
CA SER AA 100 -16.68 52.89 -47.07
C SER AA 100 -16.90 53.87 -48.22
N GLY AA 101 -17.13 55.14 -47.92
CA GLY AA 101 -17.26 56.17 -48.93
C GLY AA 101 -18.71 56.51 -49.24
N THR AA 102 -18.92 57.72 -49.75
CA THR AA 102 -20.23 58.17 -50.21
C THR AA 102 -20.05 58.83 -51.57
N LYS AA 103 -20.73 58.29 -52.58
CA LYS AA 103 -20.60 58.75 -53.95
C LYS AA 103 -21.72 59.74 -54.28
N LEU AA 104 -21.36 60.84 -54.91
CA LEU AA 104 -22.31 61.90 -55.28
C LEU AA 104 -22.67 61.75 -56.75
N GLU AA 105 -23.95 61.58 -57.02
CA GLU AA 105 -24.48 61.42 -58.37
C GLU AA 105 -25.07 62.75 -58.86
N ILE AA 106 -25.68 62.73 -60.03
CA ILE AA 106 -26.38 63.88 -60.59
C ILE AA 106 -27.75 63.41 -61.05
N LYS AA 107 -28.80 63.98 -60.47
CA LYS AA 107 -30.16 63.54 -60.75
C LYS AA 107 -30.65 64.09 -62.09
N ARG AA 108 -31.38 63.25 -62.82
CA ARG AA 108 -31.97 63.64 -64.09
C ARG AA 108 -33.18 62.74 -64.34
N THR AA 109 -33.85 62.97 -65.47
CA THR AA 109 -35.00 62.17 -65.84
C THR AA 109 -34.59 60.72 -66.08
N VAL AA 110 -35.47 59.79 -65.71
CA VAL AA 110 -35.19 58.37 -65.89
C VAL AA 110 -35.15 58.06 -67.39
N ALA AA 111 -34.04 57.50 -67.85
CA ALA AA 111 -33.84 57.18 -69.26
C ALA AA 111 -33.72 55.67 -69.42
N ALA AA 112 -34.31 55.16 -70.50
CA ALA AA 112 -34.27 53.72 -70.76
C ALA AA 112 -33.06 53.37 -71.64
N PRO AA 113 -32.39 52.26 -71.35
CA PRO AA 113 -31.22 51.89 -72.15
C PRO AA 113 -31.60 51.45 -73.56
N SER AA 114 -30.86 51.93 -74.54
CA SER AA 114 -30.96 51.42 -75.91
C SER AA 114 -30.10 50.17 -76.00
N VAL AA 115 -30.73 49.02 -76.18
CA VAL AA 115 -30.04 47.74 -76.11
C VAL AA 115 -29.62 47.31 -77.52
N PHE AA 116 -28.37 46.87 -77.65
CA PHE AA 116 -27.85 46.32 -78.89
C PHE AA 116 -27.09 45.03 -78.58
N ILE AA 117 -27.23 44.04 -79.45
CA ILE AA 117 -26.60 42.74 -79.27
C ILE AA 117 -25.62 42.51 -80.41
N PHE AA 118 -24.43 42.03 -80.07
CA PHE AA 118 -23.35 41.82 -81.04
C PHE AA 118 -22.94 40.36 -81.07
N PRO AA 119 -23.00 39.69 -82.21
CA PRO AA 119 -22.57 38.29 -82.29
C PRO AA 119 -21.06 38.20 -82.31
N PRO AA 120 -20.49 37.01 -82.08
CA PRO AA 120 -19.04 36.85 -82.22
C PRO AA 120 -18.57 37.17 -83.62
N SER AA 121 -17.27 37.39 -83.74
CA SER AA 121 -16.67 37.84 -84.99
C SER AA 121 -16.29 36.65 -85.87
N ASP AA 122 -16.30 36.88 -87.18
CA ASP AA 122 -15.77 35.89 -88.11
C ASP AA 122 -14.30 35.62 -87.85
N GLU AA 123 -13.58 36.59 -87.29
CA GLU AA 123 -12.16 36.45 -87.01
C GLU AA 123 -11.93 35.74 -85.67
N GLN AA 124 -12.75 36.04 -84.66
CA GLN AA 124 -12.49 35.52 -83.32
C GLN AA 124 -12.77 34.03 -83.22
N LEU AA 125 -13.74 33.52 -83.96
CA LEU AA 125 -14.09 32.10 -83.86
C LEU AA 125 -12.96 31.20 -84.33
N LYS AA 126 -12.13 31.68 -85.28
CA LYS AA 126 -10.99 30.90 -85.72
C LYS AA 126 -9.94 30.74 -84.62
N SER AA 127 -10.02 31.56 -83.57
CA SER AA 127 -9.07 31.48 -82.47
C SER AA 127 -9.49 30.52 -81.36
N GLY AA 128 -10.70 29.97 -81.44
CA GLY AA 128 -11.17 29.00 -80.48
C GLY AA 128 -12.00 29.54 -79.34
N THR AA 129 -12.39 30.81 -79.39
CA THR AA 129 -13.18 31.42 -78.33
C THR AA 129 -14.12 32.44 -78.97
N ALA AA 130 -15.35 32.49 -78.49
CA ALA AA 130 -16.36 33.41 -78.99
C ALA AA 130 -16.83 34.35 -77.88
N SER AA 131 -16.96 35.64 -78.22
CA SER AA 131 -17.44 36.65 -77.29
C SER AA 131 -18.71 37.28 -77.82
N VAL AA 132 -19.76 37.26 -77.01
CA VAL AA 132 -21.05 37.85 -77.35
C VAL AA 132 -21.26 39.06 -76.44
N VAL AA 133 -21.47 40.23 -77.06
CA VAL AA 133 -21.53 41.50 -76.35
C VAL AA 133 -22.96 42.01 -76.36
N CYS AA 134 -23.44 42.45 -75.19
CA CYS AA 134 -24.72 43.12 -75.04
C CYS AA 134 -24.46 44.53 -74.53
N LEU AA 135 -24.95 45.54 -75.25
CA LEU AA 135 -24.64 46.93 -74.97
C LEU AA 135 -25.89 47.65 -74.48
N LEU AA 136 -25.77 48.31 -73.33
CA LEU AA 136 -26.82 49.16 -72.76
C LEU AA 136 -26.34 50.60 -72.85
N ASN AA 137 -27.06 51.43 -73.61
CA ASN AA 137 -26.58 52.74 -74.01
C ASN AA 137 -27.39 53.85 -73.33
N ASN AA 138 -26.67 54.76 -72.68
CA ASN AA 138 -27.21 56.01 -72.15
C ASN AA 138 -28.51 55.85 -71.38
N PHE AA 139 -28.42 55.38 -70.14
CA PHE AA 139 -29.60 55.20 -69.30
C PHE AA 139 -29.35 55.78 -67.92
N TYR AA 140 -30.46 56.05 -67.23
CA TYR AA 140 -30.47 56.53 -65.86
C TYR AA 140 -31.70 55.89 -65.23
N PRO AA 141 -31.59 55.32 -64.03
CA PRO AA 141 -30.35 55.29 -63.26
C PRO AA 141 -29.45 54.08 -63.58
N ARG AA 142 -28.29 54.01 -62.93
CA ARG AA 142 -27.27 53.04 -63.31
C ARG AA 142 -27.71 51.60 -63.05
N GLU AA 143 -28.48 51.38 -61.99
CA GLU AA 143 -28.87 50.03 -61.59
C GLU AA 143 -29.65 49.36 -62.71
N ALA AA 144 -29.10 48.26 -63.23
CA ALA AA 144 -29.76 47.48 -64.28
C ALA AA 144 -29.38 46.02 -64.10
N LYS AA 145 -30.20 45.15 -64.68
CA LYS AA 145 -30.00 43.71 -64.55
C LYS AA 145 -29.94 43.10 -65.94
N VAL AA 146 -28.79 42.51 -66.28
CA VAL AA 146 -28.56 41.87 -67.57
C VAL AA 146 -28.54 40.37 -67.37
N GLN AA 147 -29.37 39.66 -68.12
CA GLN AA 147 -29.48 38.21 -68.04
C GLN AA 147 -29.16 37.59 -69.39
N TRP AA 148 -28.28 36.61 -69.40
CA TRP AA 148 -27.89 35.91 -70.62
C TRP AA 148 -28.59 34.57 -70.67
N LYS AA 149 -29.40 34.35 -71.71
CA LYS AA 149 -30.13 33.11 -71.90
C LYS AA 149 -29.77 32.53 -73.25
N VAL AA 150 -29.39 31.25 -73.27
CA VAL AA 150 -28.98 30.56 -74.48
C VAL AA 150 -29.84 29.32 -74.61
N ASP AA 151 -30.63 29.24 -75.69
CA ASP AA 151 -31.70 28.24 -75.81
C ASP AA 151 -32.61 28.29 -74.58
N ASN AA 152 -32.95 29.52 -74.17
CA ASN AA 152 -33.74 29.82 -72.98
C ASN AA 152 -33.00 29.49 -71.68
N ALA AA 153 -32.07 28.54 -71.73
CA ALA AA 153 -31.32 28.14 -70.55
C ALA AA 153 -30.32 29.25 -70.18
N LEU AA 154 -30.63 29.99 -69.12
CA LEU AA 154 -29.72 31.04 -68.68
C LEU AA 154 -28.44 30.44 -68.09
N GLN AA 155 -27.41 31.27 -68.04
CA GLN AA 155 -26.10 30.85 -67.55
C GLN AA 155 -25.61 31.83 -66.50
N SER AA 156 -24.54 31.43 -65.80
CA SER AA 156 -23.92 32.26 -64.77
C SER AA 156 -22.45 31.92 -64.70
N GLY AA 157 -21.68 32.85 -64.12
CA GLY AA 157 -20.26 32.63 -63.93
C GLY AA 157 -19.44 32.61 -65.20
N ASN AA 158 -19.98 33.11 -66.32
CA ASN AA 158 -19.24 33.15 -67.57
C ASN AA 158 -19.54 34.42 -68.34
N SER AA 159 -19.91 35.49 -67.65
CA SER AA 159 -20.25 36.77 -68.27
C SER AA 159 -19.74 37.89 -67.39
N GLN AA 160 -18.88 38.74 -67.94
CA GLN AA 160 -18.30 39.86 -67.22
C GLN AA 160 -19.03 41.16 -67.59
N GLU AA 161 -19.00 42.11 -66.67
CA GLU AA 161 -19.75 43.36 -66.80
C GLU AA 161 -18.82 44.55 -66.62
N SER AA 162 -19.19 45.66 -67.25
CA SER AA 162 -18.41 46.90 -67.15
C SER AA 162 -19.34 48.08 -67.41
N VAL AA 163 -19.19 49.13 -66.62
CA VAL AA 163 -20.02 50.33 -66.70
C VAL AA 163 -19.13 51.56 -66.81
N THR AA 164 -19.52 52.50 -67.66
CA THR AA 164 -18.80 53.76 -67.77
C THR AA 164 -19.15 54.69 -66.62
N GLU AA 165 -18.33 55.72 -66.45
CA GLU AA 165 -18.64 56.77 -65.50
C GLU AA 165 -19.85 57.58 -65.98
N GLN AA 166 -20.38 58.41 -65.10
CA GLN AA 166 -21.53 59.24 -65.46
C GLN AA 166 -21.11 60.29 -66.49
N ASP AA 167 -21.88 60.37 -67.58
CA ASP AA 167 -21.59 61.34 -68.63
C ASP AA 167 -21.67 62.76 -68.07
N SER AA 168 -20.72 63.60 -68.49
CA SER AA 168 -20.72 64.98 -68.02
C SER AA 168 -21.80 65.82 -68.68
N LYS AA 169 -22.35 65.37 -69.80
CA LYS AA 169 -23.35 66.14 -70.54
C LYS AA 169 -24.76 65.75 -70.11
N ASP AA 170 -25.15 64.52 -70.43
CA ASP AA 170 -26.54 64.04 -70.19
C ASP AA 170 -26.68 63.19 -68.92
N SER AA 171 -25.68 63.19 -68.04
CA SER AA 171 -25.75 62.46 -66.75
C SER AA 171 -26.20 61.02 -66.93
N THR AA 172 -25.80 60.36 -68.01
CA THR AA 172 -26.31 59.02 -68.31
C THR AA 172 -25.23 57.96 -68.10
N TYR AA 173 -25.61 56.69 -68.10
CA TYR AA 173 -24.69 55.59 -67.90
C TYR AA 173 -24.76 54.63 -69.08
N SER AA 174 -23.65 53.96 -69.37
CA SER AA 174 -23.58 52.95 -70.41
C SER AA 174 -22.96 51.69 -69.84
N LEU AA 175 -23.59 50.54 -70.09
CA LEU AA 175 -23.15 49.27 -69.54
C LEU AA 175 -22.86 48.29 -70.67
N SER AA 176 -21.90 47.40 -70.43
CA SER AA 176 -21.57 46.33 -71.36
C SER AA 176 -21.52 45.01 -70.60
N SER AA 177 -21.93 43.95 -71.29
CA SER AA 177 -21.89 42.60 -70.73
C SER AA 177 -21.39 41.66 -71.82
N THR AA 178 -20.32 40.93 -71.51
CA THR AA 178 -19.66 40.06 -72.48
C THR AA 178 -19.76 38.62 -72.01
N LEU AA 179 -20.43 37.79 -72.81
CA LEU AA 179 -20.58 36.37 -72.55
C LEU AA 179 -19.53 35.60 -73.36
N THR AA 180 -18.66 34.88 -72.67
CA THR AA 180 -17.50 34.24 -73.28
C THR AA 180 -17.61 32.72 -73.17
N LEU AA 181 -17.41 32.04 -74.30
CA LEU AA 181 -17.31 30.58 -74.32
C LEU AA 181 -16.24 30.18 -75.31
N SER AA 182 -16.02 28.86 -75.42
CA SER AA 182 -15.18 28.30 -76.46
C SER AA 182 -15.96 28.18 -77.76
N LYS AA 183 -15.23 27.94 -78.86
CA LYS AA 183 -15.88 27.70 -80.14
C LYS AA 183 -16.74 26.45 -80.09
N ALA AA 184 -16.35 25.46 -79.28
CA ALA AA 184 -17.15 24.25 -79.15
C ALA AA 184 -18.46 24.53 -78.42
N ASP AA 185 -18.39 25.21 -77.27
CA ASP AA 185 -19.61 25.54 -76.52
C ASP AA 185 -20.50 26.50 -77.30
N TYR AA 186 -19.92 27.36 -78.13
CA TYR AA 186 -20.72 28.30 -78.90
C TYR AA 186 -21.53 27.60 -79.99
N GLU AA 187 -21.01 26.51 -80.53
CA GLU AA 187 -21.67 25.80 -81.62
C GLU AA 187 -22.62 24.70 -81.13
N LYS AA 188 -22.67 24.43 -79.83
CA LYS AA 188 -23.57 23.42 -79.30
C LYS AA 188 -25.00 23.90 -79.19
N HIS AA 189 -25.22 25.22 -79.24
CA HIS AA 189 -26.54 25.81 -79.03
C HIS AA 189 -26.93 26.65 -80.26
N LYS AA 190 -28.00 27.43 -80.13
CA LYS AA 190 -28.54 28.14 -81.28
C LYS AA 190 -28.85 29.61 -81.00
N VAL AA 191 -29.88 29.88 -80.20
CA VAL AA 191 -30.36 31.25 -79.99
C VAL AA 191 -29.63 31.86 -78.80
N TYR AA 192 -29.09 33.06 -79.00
CA TYR AA 192 -28.35 33.79 -77.98
C TYR AA 192 -29.08 35.10 -77.69
N ALA AA 193 -29.48 35.28 -76.44
CA ALA AA 193 -30.28 36.44 -76.05
C ALA AA 193 -29.77 37.02 -74.74
N CYS AA 194 -29.77 38.35 -74.67
CA CYS AA 194 -29.51 39.07 -73.43
C CYS AA 194 -30.76 39.85 -73.04
N GLU AA 195 -31.21 39.65 -71.81
CA GLU AA 195 -32.41 40.30 -71.30
C GLU AA 195 -32.03 41.44 -70.37
N VAL AA 196 -32.73 42.57 -70.52
CA VAL AA 196 -32.40 43.79 -69.80
C VAL AA 196 -33.66 44.27 -69.07
N THR AA 197 -33.56 44.39 -67.75
CA THR AA 197 -34.65 44.91 -66.93
C THR AA 197 -34.16 46.19 -66.25
N HIS AA 198 -34.80 47.31 -66.56
CA HIS AA 198 -34.37 48.60 -66.06
C HIS AA 198 -35.59 49.39 -65.59
N GLN AA 199 -35.33 50.41 -64.76
CA GLN AA 199 -36.40 51.25 -64.22
C GLN AA 199 -37.13 52.02 -65.32
N GLY AA 200 -36.50 52.27 -66.45
CA GLY AA 200 -37.11 52.99 -67.55
C GLY AA 200 -37.89 52.14 -68.53
N LEU AA 201 -37.94 50.82 -68.32
CA LEU AA 201 -38.67 49.91 -69.20
C LEU AA 201 -39.93 49.44 -68.51
N SER AA 202 -41.05 49.45 -69.23
CA SER AA 202 -42.29 48.93 -68.68
C SER AA 202 -42.20 47.43 -68.44
N SER AA 203 -41.45 46.72 -69.26
CA SER AA 203 -41.26 45.28 -69.14
C SER AA 203 -39.83 44.96 -69.57
N PRO AA 204 -39.31 43.81 -69.14
CA PRO AA 204 -37.97 43.40 -69.59
C PRO AA 204 -37.90 43.29 -71.11
N VAL AA 205 -36.80 43.77 -71.67
CA VAL AA 205 -36.58 43.81 -73.12
C VAL AA 205 -35.53 42.79 -73.49
N THR AA 206 -35.80 42.01 -74.53
CA THR AA 206 -34.87 41.00 -75.02
C THR AA 206 -34.39 41.38 -76.42
N LYS AA 207 -33.10 41.16 -76.66
CA LYS AA 207 -32.51 41.30 -77.99
C LYS AA 207 -31.68 40.05 -78.25
N SER AA 208 -31.89 39.44 -79.41
CA SER AA 208 -31.32 38.12 -79.66
C SER AA 208 -30.95 37.97 -81.13
N PHE AA 209 -30.20 36.90 -81.40
CA PHE AA 209 -29.85 36.49 -82.75
C PHE AA 209 -29.70 34.97 -82.74
N ASN AA 210 -29.72 34.38 -83.93
CA ASN AA 210 -29.52 32.96 -84.09
C ASN AA 210 -28.16 32.70 -84.74
N ARG AA 211 -27.44 31.72 -84.21
CA ARG AA 211 -26.09 31.43 -84.68
C ARG AA 211 -26.11 31.05 -86.15
N GLY AA 212 -25.30 31.75 -86.96
CA GLY AA 212 -25.23 31.48 -88.38
C GLY AA 212 -26.47 31.81 -89.16
N GLU AA 213 -27.38 32.61 -88.58
CA GLU AA 213 -28.63 32.98 -89.22
C GLU AA 213 -28.58 34.47 -89.53
N CYS AA 214 -28.23 34.82 -90.76
CA CYS AA 214 -28.14 36.21 -91.19
C CYS AA 214 -29.54 36.80 -91.37
N VAL BA 2 4.00 73.78 -51.36
CA VAL BA 2 4.13 72.43 -50.76
C VAL BA 2 3.81 71.35 -51.80
N GLN BA 3 4.79 70.53 -52.16
CA GLN BA 3 4.62 69.46 -53.12
C GLN BA 3 4.84 68.10 -52.47
N ILE BA 4 4.08 67.10 -52.94
CA ILE BA 4 4.22 65.72 -52.50
C ILE BA 4 4.35 64.88 -53.77
N GLN BA 5 5.59 64.63 -54.20
CA GLN BA 5 5.87 63.92 -55.44
C GLN BA 5 6.12 62.45 -55.14
N GLN BA 6 5.34 61.58 -55.80
CA GLN BA 6 5.48 60.14 -55.67
C GLN BA 6 6.12 59.56 -56.93
N SER BA 7 6.68 58.36 -56.79
CA SER BA 7 7.37 57.72 -57.89
C SER BA 7 6.37 57.22 -58.94
N GLY BA 8 6.91 56.89 -60.11
CA GLY BA 8 6.08 56.44 -61.22
C GLY BA 8 5.50 55.06 -60.99
N ALA BA 9 4.60 54.69 -61.89
CA ALA BA 9 3.88 53.42 -61.78
C ALA BA 9 4.85 52.24 -61.83
N GLU BA 10 4.40 51.12 -61.30
CA GLU BA 10 5.25 49.94 -61.14
C GLU BA 10 4.53 48.70 -61.64
N LEU BA 11 5.26 47.84 -62.33
CA LEU BA 11 4.76 46.57 -62.83
C LEU BA 11 5.71 45.48 -62.32
N MET BA 12 5.21 44.61 -61.45
CA MET BA 12 6.05 43.67 -60.73
C MET BA 12 5.51 42.27 -60.86
N ARG BA 13 6.37 41.30 -60.62
CA ARG BA 13 6.03 39.89 -60.62
C ARG BA 13 5.85 39.38 -59.20
N PRO BA 14 5.07 38.32 -59.00
CA PRO BA 14 4.93 37.74 -57.66
C PRO BA 14 6.28 37.33 -57.08
N GLY BA 15 6.40 37.47 -55.76
CA GLY BA 15 7.60 37.11 -55.06
C GLY BA 15 8.66 38.18 -54.99
N ALA BA 16 8.58 39.19 -55.85
CA ALA BA 16 9.55 40.27 -55.86
C ALA BA 16 9.18 41.30 -54.79
N SER BA 17 9.95 42.39 -54.74
CA SER BA 17 9.69 43.48 -53.80
C SER BA 17 10.00 44.79 -54.50
N VAL BA 18 9.20 45.81 -54.21
CA VAL BA 18 9.30 47.11 -54.87
C VAL BA 18 9.33 48.19 -53.81
N LYS BA 19 10.12 49.24 -54.06
CA LYS BA 19 10.27 50.36 -53.14
C LYS BA 19 9.62 51.59 -53.75
N LEU BA 20 8.61 52.12 -53.08
CA LEU BA 20 7.89 53.30 -53.53
C LEU BA 20 8.44 54.53 -52.81
N SER BA 21 8.53 55.65 -53.55
CA SER BA 21 9.12 56.88 -53.04
C SER BA 21 8.06 57.94 -52.80
N CYS BA 22 8.41 58.93 -51.99
CA CYS BA 22 7.46 59.98 -51.61
C CYS BA 22 8.27 61.24 -51.24
N LYS BA 23 8.52 62.08 -52.23
CA LYS BA 23 9.27 63.31 -52.01
C LYS BA 23 8.34 64.40 -51.49
N ALA BA 24 8.70 64.99 -50.35
CA ALA BA 24 7.90 66.02 -49.70
C ALA BA 24 8.75 67.28 -49.55
N THR BA 25 8.46 68.28 -50.36
CA THR BA 25 9.21 69.52 -50.39
C THR BA 25 8.30 70.72 -50.14
N GLY BA 26 8.91 71.88 -49.93
CA GLY BA 26 8.17 73.09 -49.67
C GLY BA 26 7.89 73.37 -48.22
N TYR BA 27 8.42 72.58 -47.31
CA TYR BA 27 8.24 72.79 -45.88
C TYR BA 27 9.38 72.10 -45.15
N THR BA 28 9.51 72.40 -43.86
CA THR BA 28 10.54 71.76 -43.05
C THR BA 28 10.21 70.29 -42.87
N PHE BA 29 11.09 69.42 -43.38
CA PHE BA 29 10.79 67.99 -43.43
C PHE BA 29 10.67 67.39 -42.04
N THR BA 30 11.70 67.56 -41.21
CA THR BA 30 11.77 66.88 -39.92
C THR BA 30 10.61 67.28 -39.00
N GLY BA 31 9.99 66.29 -38.38
CA GLY BA 31 8.92 66.51 -37.43
C GLY BA 31 7.52 66.18 -37.94
N TYR BA 32 7.38 65.78 -39.20
CA TYR BA 32 6.08 65.54 -39.81
C TYR BA 32 5.88 64.05 -40.04
N TRP BA 33 4.72 63.55 -39.63
CA TRP BA 33 4.35 62.18 -39.96
C TRP BA 33 3.93 62.10 -41.42
N ILE BA 34 4.38 61.04 -42.10
CA ILE BA 34 3.98 60.76 -43.47
C ILE BA 34 3.13 59.50 -43.46
N GLU BA 35 1.92 59.60 -44.01
CA GLU BA 35 0.96 58.51 -43.99
C GLU BA 35 0.96 57.77 -45.33
N TRP BA 36 0.58 56.49 -45.27
CA TRP BA 36 0.53 55.64 -46.45
C TRP BA 36 -0.83 54.98 -46.53
N VAL BA 37 -1.51 55.13 -47.67
CA VAL BA 37 -2.88 54.66 -47.85
C VAL BA 37 -2.93 53.84 -49.13
N LYS BA 38 -3.55 52.67 -49.04
CA LYS BA 38 -3.77 51.79 -50.19
C LYS BA 38 -5.23 51.86 -50.63
N GLN BA 39 -5.44 51.86 -51.94
CA GLN BA 39 -6.79 51.91 -52.51
C GLN BA 39 -6.82 51.03 -53.74
N ARG BA 40 -7.49 49.88 -53.64
CA ARG BA 40 -7.68 49.01 -54.78
C ARG BA 40 -8.77 49.57 -55.70
N PRO BA 41 -8.66 49.32 -57.02
CA PRO BA 41 -9.58 49.96 -57.97
C PRO BA 41 -11.05 49.78 -57.65
N GLY BA 42 -11.77 50.90 -57.51
CA GLY BA 42 -13.18 50.87 -57.20
C GLY BA 42 -13.51 50.65 -55.73
N HIS BA 43 -12.52 50.47 -54.87
CA HIS BA 43 -12.72 50.20 -53.47
C HIS BA 43 -12.30 51.42 -52.64
N GLY BA 44 -12.41 51.28 -51.32
CA GLY BA 44 -12.17 52.40 -50.42
C GLY BA 44 -10.71 52.55 -50.02
N LEU BA 45 -10.47 53.54 -49.17
CA LEU BA 45 -9.12 53.81 -48.67
C LEU BA 45 -8.79 52.91 -47.50
N GLU BA 46 -7.52 52.53 -47.40
CA GLU BA 46 -7.05 51.61 -46.37
C GLU BA 46 -5.72 52.11 -45.83
N TRP BA 47 -5.69 52.43 -44.55
CA TRP BA 47 -4.49 52.97 -43.92
C TRP BA 47 -3.44 51.88 -43.77
N ILE BA 48 -2.25 52.13 -44.30
CA ILE BA 48 -1.13 51.20 -44.17
C ILE BA 48 -0.32 51.50 -42.92
N GLY BA 49 0.07 52.75 -42.73
CA GLY BA 49 0.87 53.12 -41.58
C GLY BA 49 1.42 54.52 -41.74
N GLU BA 50 2.40 54.82 -40.89
CA GLU BA 50 3.00 56.15 -40.86
C GLU BA 50 4.44 56.06 -40.40
N ILE BA 51 5.21 57.10 -40.71
CA ILE BA 51 6.61 57.20 -40.35
C ILE BA 51 6.93 58.66 -40.04
N LEU BA 52 7.67 58.87 -38.94
CA LEU BA 52 8.10 60.22 -38.58
C LEU BA 52 9.30 60.61 -39.45
N SER BA 53 9.25 61.82 -40.00
CA SER BA 53 10.17 62.19 -41.07
C SER BA 53 11.60 62.30 -40.58
N GLY BA 54 11.82 62.96 -39.44
CA GLY BA 54 13.14 63.21 -38.94
C GLY BA 54 13.67 62.26 -37.88
N ARG BA 55 12.89 61.27 -37.46
CA ARG BA 55 13.32 60.39 -36.38
C ARG BA 55 13.20 58.92 -36.77
N GLY BA 56 12.31 58.62 -37.72
CA GLY BA 56 12.20 57.29 -38.26
C GLY BA 56 11.30 56.34 -37.52
N THR BA 57 10.64 56.78 -36.45
CA THR BA 57 9.70 55.93 -35.74
C THR BA 57 8.50 55.62 -36.63
N THR BA 58 8.08 54.36 -36.61
CA THR BA 58 7.05 53.86 -37.51
C THR BA 58 5.88 53.26 -36.73
N ASN BA 59 4.70 53.31 -37.35
CA ASN BA 59 3.49 52.69 -36.82
C ASN BA 59 2.81 51.98 -37.98
N TYR BA 60 2.60 50.67 -37.84
CA TYR BA 60 2.06 49.85 -38.93
C TYR BA 60 0.66 49.35 -38.57
N ASN BA 61 -0.23 49.40 -39.56
CA ASN BA 61 -1.50 48.71 -39.46
C ASN BA 61 -1.24 47.21 -39.27
N GLU BA 62 -2.05 46.58 -38.43
CA GLU BA 62 -1.92 45.14 -38.20
C GLU BA 62 -2.03 44.35 -39.50
N LYS BA 63 -2.88 44.81 -40.42
CA LYS BA 63 -3.12 44.10 -41.67
C LYS BA 63 -1.97 44.21 -42.67
N PHE BA 64 -0.97 45.05 -42.41
CA PHE BA 64 0.10 45.27 -43.36
C PHE BA 64 1.50 45.05 -42.79
N LYS BA 65 1.63 44.71 -41.51
CA LYS BA 65 2.95 44.42 -40.96
C LYS BA 65 3.52 43.17 -41.62
N GLY BA 66 4.81 43.22 -41.94
CA GLY BA 66 5.43 42.18 -42.74
C GLY BA 66 5.27 42.36 -44.23
N LYS BA 67 4.46 43.32 -44.67
CA LYS BA 67 4.31 43.65 -46.07
C LYS BA 67 4.91 45.01 -46.42
N ALA BA 68 4.56 46.04 -45.65
CA ALA BA 68 5.08 47.38 -45.86
C ALA BA 68 6.20 47.67 -44.88
N THR BA 69 7.23 48.37 -45.35
CA THR BA 69 8.35 48.79 -44.51
C THR BA 69 8.68 50.24 -44.84
N PHE BA 70 8.51 51.13 -43.87
CA PHE BA 70 8.72 52.54 -44.08
C PHE BA 70 10.14 52.94 -43.73
N THR BA 71 10.75 53.76 -44.59
CA THR BA 71 12.03 54.39 -44.32
C THR BA 71 11.95 55.86 -44.72
N ALA BA 72 12.92 56.65 -44.27
CA ALA BA 72 12.91 58.08 -44.52
C ALA BA 72 14.35 58.58 -44.65
N ASP BA 73 14.56 59.45 -45.64
CA ASP BA 73 15.85 60.10 -45.86
C ASP BA 73 15.68 61.59 -45.60
N THR BA 74 16.38 62.09 -44.57
CA THR BA 74 16.20 63.49 -44.17
C THR BA 74 16.82 64.44 -45.19
N TYR BA 75 17.99 64.09 -45.73
CA TYR BA 75 18.66 65.00 -46.65
C TYR BA 75 17.91 65.13 -47.97
N SER BA 76 17.35 64.03 -48.47
CA SER BA 76 16.65 64.03 -49.75
C SER BA 76 15.16 64.33 -49.61
N ASN BA 77 14.67 64.56 -48.39
CA ASN BA 77 13.27 64.93 -48.15
C ASN BA 77 12.31 63.92 -48.76
N THR BA 78 12.62 62.64 -48.60
CA THR BA 78 11.87 61.56 -49.23
C THR BA 78 11.60 60.45 -48.24
N ALA BA 79 10.34 60.01 -48.20
CA ALA BA 79 9.94 58.82 -47.45
C ALA BA 79 9.70 57.67 -48.42
N TYR BA 80 10.00 56.46 -47.95
CA TYR BA 80 9.93 55.28 -48.79
C TYR BA 80 9.00 54.25 -48.18
N MET BA 81 8.51 53.34 -49.03
CA MET BA 81 7.71 52.20 -48.59
C MET BA 81 8.05 51.00 -49.47
N GLN BA 82 8.63 49.98 -48.87
CA GLN BA 82 8.98 48.75 -49.58
C GLN BA 82 7.88 47.72 -49.36
N LEU BA 83 7.28 47.25 -50.44
CA LEU BA 83 6.25 46.23 -50.39
C LEU BA 83 6.88 44.89 -50.74
N SER BA 84 6.89 43.96 -49.78
CA SER BA 84 7.61 42.71 -49.88
C SER BA 84 6.67 41.54 -50.14
N SER BA 85 7.20 40.50 -50.77
CA SER BA 85 6.45 39.28 -51.09
C SER BA 85 5.14 39.63 -51.81
N LEU BA 86 5.32 40.12 -53.03
CA LEU BA 86 4.20 40.72 -53.76
C LEU BA 86 3.23 39.67 -54.27
N THR BA 87 1.95 40.05 -54.33
CA THR BA 87 0.89 39.20 -54.82
C THR BA 87 -0.05 40.00 -55.71
N THR BA 88 -0.93 39.27 -56.38
CA THR BA 88 -1.99 39.91 -57.17
C THR BA 88 -2.78 40.90 -56.32
N GLY BA 89 -3.12 40.51 -55.08
CA GLY BA 89 -3.88 41.36 -54.20
C GLY BA 89 -3.19 42.65 -53.80
N ASP BA 90 -1.88 42.74 -54.01
CA ASP BA 90 -1.15 43.98 -53.76
C ASP BA 90 -1.36 45.01 -54.87
N SER BA 91 -2.08 44.65 -55.93
CA SER BA 91 -2.36 45.61 -57.00
C SER BA 91 -3.35 46.66 -56.52
N ALA BA 92 -2.91 47.92 -56.49
CA ALA BA 92 -3.73 49.03 -56.02
C ALA BA 92 -3.03 50.33 -56.35
N ILE BA 93 -3.64 51.43 -55.93
CA ILE BA 93 -3.02 52.76 -55.96
C ILE BA 93 -2.58 53.10 -54.55
N TYR BA 94 -1.34 53.53 -54.39
CA TYR BA 94 -0.75 53.81 -53.09
C TYR BA 94 -0.45 55.30 -52.98
N TYR BA 95 -1.12 55.96 -52.04
CA TYR BA 95 -0.88 57.37 -51.77
C TYR BA 95 0.05 57.53 -50.58
N CYS BA 96 0.80 58.63 -50.58
CA CYS BA 96 1.49 59.09 -49.39
C CYS BA 96 0.98 60.49 -49.08
N ALA BA 97 0.78 60.77 -47.80
CA ALA BA 97 0.12 62.02 -47.40
C ALA BA 97 0.86 62.66 -46.24
N ARG BA 98 1.00 63.98 -46.30
CA ARG BA 98 1.57 64.76 -45.21
C ARG BA 98 0.64 64.70 -44.00
N GLY BA 99 1.05 64.00 -42.96
CA GLY BA 99 0.27 63.92 -41.74
C GLY BA 99 0.49 65.12 -40.85
N GLY BA 100 0.07 64.98 -39.60
CA GLY BA 100 0.19 66.05 -38.64
C GLY BA 100 1.62 66.28 -38.21
N PHE BA 101 1.84 67.45 -37.62
CA PHE BA 101 3.15 67.80 -37.07
C PHE BA 101 3.26 67.27 -35.65
N LEU BA 102 4.31 66.49 -35.39
CA LEU BA 102 4.59 65.87 -34.09
C LEU BA 102 3.57 64.80 -33.73
N TYR BA 103 2.30 65.03 -34.07
CA TYR BA 103 1.22 64.12 -33.70
C TYR BA 103 0.54 63.60 -34.97
N GLY BA 104 0.58 62.28 -35.14
CA GLY BA 104 -0.03 61.56 -36.25
C GLY BA 104 -1.54 61.51 -36.27
N ASP BA 105 -2.23 62.15 -35.32
CA ASP BA 105 -3.69 62.23 -35.36
C ASP BA 105 -4.20 63.35 -36.26
N GLY BA 106 -3.31 64.02 -36.99
CA GLY BA 106 -3.67 65.11 -37.86
C GLY BA 106 -4.60 64.71 -38.98
N PRO BA 107 -5.00 65.68 -39.79
CA PRO BA 107 -6.05 65.43 -40.78
C PRO BA 107 -5.53 65.14 -42.19
N PHE BA 108 -4.29 64.66 -42.32
CA PHE BA 108 -3.72 64.35 -43.62
C PHE BA 108 -3.77 65.57 -44.53
N ASP BA 109 -2.87 66.53 -44.29
CA ASP BA 109 -2.91 67.84 -44.94
C ASP BA 109 -2.79 67.75 -46.46
N TYR BA 110 -1.61 67.38 -46.94
CA TYR BA 110 -1.30 67.38 -48.37
C TYR BA 110 -1.04 65.95 -48.83
N TRP BA 111 -1.72 65.55 -49.90
CA TRP BA 111 -1.60 64.21 -50.46
C TRP BA 111 -0.71 64.23 -51.69
N GLY BA 112 -0.32 63.03 -52.13
CA GLY BA 112 0.44 62.86 -53.35
C GLY BA 112 -0.45 62.40 -54.50
N GLN BA 113 0.12 62.42 -55.70
CA GLN BA 113 -0.65 62.05 -56.89
C GLN BA 113 -0.93 60.55 -56.96
N GLY BA 114 -0.31 59.75 -56.10
CA GLY BA 114 -0.57 58.33 -56.06
C GLY BA 114 0.33 57.55 -57.02
N THR BA 115 0.50 56.27 -56.70
CA THR BA 115 1.31 55.36 -57.50
C THR BA 115 0.50 54.09 -57.77
N THR BA 116 0.36 53.74 -59.04
CA THR BA 116 -0.32 52.50 -59.41
C THR BA 116 0.70 51.37 -59.43
N LEU BA 117 0.37 50.27 -58.76
CA LEU BA 117 1.23 49.09 -58.71
C LEU BA 117 0.43 47.90 -59.23
N THR BA 118 0.91 47.27 -60.28
CA THR BA 118 0.29 46.08 -60.84
C THR BA 118 1.24 44.91 -60.64
N VAL BA 119 0.76 43.87 -59.96
CA VAL BA 119 1.54 42.67 -59.71
C VAL BA 119 0.87 41.51 -60.43
N SER BA 120 1.60 40.85 -61.30
CA SER BA 120 1.06 39.74 -62.08
C SER BA 120 2.20 38.91 -62.63
N SER BA 121 1.90 37.66 -62.95
CA SER BA 121 2.86 36.77 -63.58
C SER BA 121 2.74 36.75 -65.10
N ALA BA 122 1.75 37.46 -65.67
CA ALA BA 122 1.58 37.50 -67.11
C ALA BA 122 2.66 38.35 -67.76
N SER BA 123 2.96 38.03 -69.02
CA SER BA 123 3.91 38.79 -69.81
C SER BA 123 3.18 39.83 -70.64
N THR BA 124 3.91 40.89 -70.99
CA THR BA 124 3.33 41.96 -71.82
C THR BA 124 2.88 41.39 -73.15
N LYS BA 125 1.68 41.78 -73.56
CA LYS BA 125 1.07 41.23 -74.78
C LYS BA 125 0.09 42.24 -75.34
N GLY BA 126 0.23 42.54 -76.63
CA GLY BA 126 -0.69 43.41 -77.30
C GLY BA 126 -2.05 42.76 -77.46
N PRO BA 127 -3.06 43.55 -77.84
CA PRO BA 127 -4.41 42.99 -77.94
C PRO BA 127 -4.78 42.55 -79.35
N SER BA 128 -5.70 41.59 -79.43
CA SER BA 128 -6.39 41.26 -80.67
C SER BA 128 -7.69 42.04 -80.73
N VAL BA 129 -7.93 42.72 -81.84
CA VAL BA 129 -9.07 43.62 -81.99
C VAL BA 129 -10.07 43.00 -82.96
N PHE BA 130 -11.28 42.74 -82.47
CA PHE BA 130 -12.35 42.16 -83.27
C PHE BA 130 -13.49 43.16 -83.43
N PRO BA 131 -14.13 43.20 -84.60
CA PRO BA 131 -15.20 44.17 -84.82
C PRO BA 131 -16.51 43.75 -84.19
N LEU BA 132 -17.28 44.76 -83.77
CA LEU BA 132 -18.65 44.59 -83.29
C LEU BA 132 -19.57 45.11 -84.39
N ALA BA 133 -19.94 44.22 -85.31
CA ALA BA 133 -20.66 44.64 -86.51
C ALA BA 133 -22.09 45.04 -86.15
N PRO BA 134 -22.62 46.08 -86.79
CA PRO BA 134 -24.02 46.46 -86.57
C PRO BA 134 -24.96 45.63 -87.43
N SER BA 135 -26.16 45.40 -86.89
CA SER BA 135 -27.16 44.57 -87.56
C SER BA 135 -27.79 45.27 -88.75
N THR BA 139 -31.53 49.94 -87.29
CA THR BA 139 -32.77 50.70 -87.46
C THR BA 139 -33.52 50.84 -86.14
N SER BA 140 -32.80 51.20 -85.09
CA SER BA 140 -33.40 51.39 -83.77
C SER BA 140 -34.36 52.57 -83.79
N GLY BA 141 -33.84 53.76 -83.99
CA GLY BA 141 -34.63 54.97 -84.13
C GLY BA 141 -33.91 55.99 -84.97
N GLY BA 142 -33.35 55.54 -86.09
CA GLY BA 142 -32.46 56.36 -86.90
C GLY BA 142 -31.00 56.27 -86.51
N THR BA 143 -30.68 55.52 -85.47
CA THR BA 143 -29.30 55.38 -85.00
C THR BA 143 -28.91 53.90 -84.96
N ALA BA 144 -27.63 53.66 -85.20
CA ALA BA 144 -27.03 52.34 -85.09
C ALA BA 144 -25.95 52.36 -84.02
N ALA BA 145 -25.26 51.23 -83.85
CA ALA BA 145 -24.21 51.14 -82.83
C ALA BA 145 -23.21 50.07 -83.24
N LEU BA 146 -21.97 50.48 -83.47
CA LEU BA 146 -20.88 49.57 -83.76
C LEU BA 146 -19.74 49.80 -82.78
N GLY BA 147 -18.74 48.94 -82.84
CA GLY BA 147 -17.61 49.09 -81.93
C GLY BA 147 -16.54 48.05 -82.19
N CYS BA 148 -15.54 48.05 -81.32
CA CYS BA 148 -14.43 47.13 -81.39
C CYS BA 148 -14.24 46.45 -80.03
N LEU BA 149 -13.95 45.16 -80.06
CA LEU BA 149 -13.68 44.38 -78.85
C LEU BA 149 -12.17 44.18 -78.75
N VAL BA 150 -11.57 44.78 -77.73
CA VAL BA 150 -10.13 44.72 -77.49
C VAL BA 150 -9.88 43.62 -76.47
N LYS BA 151 -9.26 42.52 -76.92
CA LYS BA 151 -9.24 41.28 -76.17
C LYS BA 151 -7.81 40.78 -75.97
N ASP BA 152 -7.52 40.32 -74.75
CA ASP BA 152 -6.31 39.59 -74.39
C ASP BA 152 -5.07 40.49 -74.51
N TYR BA 153 -5.00 41.47 -73.61
CA TYR BA 153 -3.83 42.33 -73.53
C TYR BA 153 -3.41 42.51 -72.09
N PHE BA 154 -2.12 42.81 -71.91
CA PHE BA 154 -1.51 43.06 -70.62
C PHE BA 154 -0.23 43.84 -70.84
N PRO BA 155 0.07 44.86 -70.03
CA PRO BA 155 -0.82 45.34 -68.96
C PRO BA 155 -1.70 46.51 -69.40
N GLU BA 156 -2.32 47.18 -68.44
CA GLU BA 156 -3.07 48.38 -68.74
C GLU BA 156 -2.11 49.54 -69.06
N PRO BA 157 -2.55 50.54 -69.83
CA PRO BA 157 -3.88 50.69 -70.43
C PRO BA 157 -3.91 50.49 -71.93
N VAL BA 158 -5.02 50.89 -72.53
CA VAL BA 158 -5.22 50.88 -73.97
C VAL BA 158 -5.98 52.15 -74.34
N THR BA 159 -5.51 52.86 -75.37
CA THR BA 159 -6.21 54.01 -75.89
C THR BA 159 -6.94 53.63 -77.17
N VAL BA 160 -8.20 54.04 -77.28
CA VAL BA 160 -9.03 53.74 -78.44
C VAL BA 160 -9.60 55.05 -78.97
N SER BA 161 -9.27 55.38 -80.21
CA SER BA 161 -9.83 56.53 -80.91
C SER BA 161 -10.50 56.06 -82.18
N TRP BA 162 -11.51 56.78 -82.62
CA TRP BA 162 -12.30 56.41 -83.80
C TRP BA 162 -12.00 57.36 -84.95
N ASN BA 163 -11.73 56.79 -86.13
CA ASN BA 163 -11.42 57.54 -87.34
C ASN BA 163 -10.26 58.50 -87.11
N SER BA 164 -9.21 58.02 -86.43
CA SER BA 164 -7.99 58.78 -86.17
C SER BA 164 -8.28 60.09 -85.44
N GLY BA 165 -9.35 60.13 -84.65
CA GLY BA 165 -9.72 61.31 -83.91
C GLY BA 165 -10.88 62.09 -84.49
N ALA BA 166 -11.35 61.72 -85.68
CA ALA BA 166 -12.43 62.46 -86.34
C ALA BA 166 -13.81 62.17 -85.75
N LEU BA 167 -13.95 61.13 -84.95
CA LEU BA 167 -15.22 60.76 -84.33
C LEU BA 167 -15.04 60.75 -82.82
N THR BA 168 -15.88 61.51 -82.11
CA THR BA 168 -15.85 61.55 -80.65
C THR BA 168 -17.23 61.55 -80.00
N SER BA 169 -18.26 62.07 -80.64
CA SER BA 169 -19.58 62.11 -80.04
C SER BA 169 -20.19 60.70 -79.99
N GLY BA 170 -20.88 60.41 -78.90
CA GLY BA 170 -21.50 59.12 -78.72
C GLY BA 170 -20.54 57.95 -78.55
N VAL BA 171 -19.28 58.22 -78.26
CA VAL BA 171 -18.29 57.17 -78.06
C VAL BA 171 -18.27 56.77 -76.59
N HIS BA 172 -18.32 55.48 -76.33
CA HIS BA 172 -18.26 54.93 -74.97
C HIS BA 172 -17.18 53.86 -74.93
N THR BA 173 -16.06 54.18 -74.29
CA THR BA 173 -14.96 53.23 -74.09
C THR BA 173 -15.07 52.70 -72.66
N PHE BA 174 -15.40 51.42 -72.54
CA PHE BA 174 -15.69 50.83 -71.23
C PHE BA 174 -14.41 50.55 -70.46
N PRO BA 175 -14.46 50.66 -69.13
CA PRO BA 175 -13.30 50.27 -68.32
C PRO BA 175 -12.95 48.80 -68.52
N ALA BA 176 -11.65 48.53 -68.58
CA ALA BA 176 -11.19 47.18 -68.81
C ALA BA 176 -11.52 46.28 -67.63
N VAL BA 177 -11.81 45.01 -67.94
CA VAL BA 177 -12.04 44.01 -66.91
C VAL BA 177 -10.90 42.99 -66.97
N LEU BA 178 -10.59 42.42 -65.82
CA LEU BA 178 -9.52 41.42 -65.71
C LEU BA 178 -10.13 40.03 -65.91
N GLN BA 179 -9.80 39.38 -67.02
CA GLN BA 179 -10.28 38.04 -67.27
C GLN BA 179 -9.50 37.03 -66.40
N SER BA 180 -10.04 35.81 -66.33
CA SER BA 180 -9.42 34.77 -65.51
C SER BA 180 -8.03 34.40 -65.99
N SER BA 181 -7.72 34.60 -67.27
CA SER BA 181 -6.42 34.24 -67.81
C SER BA 181 -5.30 35.17 -67.37
N GLY BA 182 -5.63 36.29 -66.73
CA GLY BA 182 -4.64 37.28 -66.36
C GLY BA 182 -4.47 38.40 -67.34
N LEU BA 183 -5.06 38.30 -68.53
CA LEU BA 183 -5.02 39.34 -69.54
C LEU BA 183 -6.28 40.20 -69.45
N TYR BA 184 -6.21 41.40 -69.99
CA TYR BA 184 -7.29 42.36 -69.91
C TYR BA 184 -8.14 42.32 -71.17
N SER BA 185 -9.38 42.80 -71.04
CA SER BA 185 -10.31 42.88 -72.17
C SER BA 185 -11.14 44.14 -72.04
N LEU BA 186 -11.45 44.75 -73.18
CA LEU BA 186 -12.13 46.04 -73.20
C LEU BA 186 -12.98 46.11 -74.46
N SER BA 187 -14.06 46.88 -74.38
CA SER BA 187 -14.92 47.16 -75.54
C SER BA 187 -15.09 48.66 -75.69
N SER BA 188 -15.03 49.12 -76.93
CA SER BA 188 -15.30 50.51 -77.29
C SER BA 188 -16.44 50.53 -78.29
N VAL BA 189 -17.48 51.30 -78.00
CA VAL BA 189 -18.66 51.38 -78.85
C VAL BA 189 -18.91 52.84 -79.21
N VAL BA 190 -19.76 53.05 -80.20
CA VAL BA 190 -20.14 54.39 -80.63
C VAL BA 190 -21.45 54.29 -81.40
N THR BA 191 -22.34 55.26 -81.15
CA THR BA 191 -23.62 55.35 -81.84
C THR BA 191 -23.54 56.35 -82.98
N VAL BA 192 -24.11 55.99 -84.12
CA VAL BA 192 -24.00 56.77 -85.34
C VAL BA 192 -25.38 56.88 -85.98
N PRO BA 193 -25.59 57.76 -86.96
CA PRO BA 193 -26.84 57.71 -87.73
C PRO BA 193 -26.86 56.49 -88.63
N SER BA 194 -27.97 55.74 -88.59
CA SER BA 194 -28.06 54.50 -89.36
C SER BA 194 -27.99 54.75 -90.85
N SER BA 195 -28.24 55.97 -91.30
CA SER BA 195 -28.18 56.31 -92.72
C SER BA 195 -26.75 56.36 -93.26
N SER BA 196 -25.75 56.28 -92.39
CA SER BA 196 -24.35 56.43 -92.78
C SER BA 196 -23.58 55.13 -92.82
N LEU BA 197 -24.20 54.00 -92.44
CA LEU BA 197 -23.47 52.74 -92.38
C LEU BA 197 -22.96 52.32 -93.74
N GLY BA 198 -23.60 52.79 -94.82
CA GLY BA 198 -23.22 52.38 -96.16
C GLY BA 198 -22.22 53.32 -96.81
N THR BA 199 -22.20 54.58 -96.36
CA THR BA 199 -21.37 55.62 -96.99
C THR BA 199 -20.14 55.97 -96.17
N GLN BA 200 -20.26 56.09 -94.85
CA GLN BA 200 -19.17 56.55 -94.01
C GLN BA 200 -18.33 55.38 -93.51
N THR BA 201 -17.02 55.59 -93.45
CA THR BA 201 -16.08 54.58 -92.98
C THR BA 201 -15.83 54.75 -91.49
N TYR BA 202 -15.66 53.62 -90.80
CA TYR BA 202 -15.47 53.61 -89.35
C TYR BA 202 -14.29 52.71 -89.01
N ILE BA 203 -13.19 53.33 -88.59
CA ILE BA 203 -11.97 52.63 -88.18
C ILE BA 203 -11.72 52.97 -86.72
N CYS BA 204 -11.59 51.94 -85.88
CA CYS BA 204 -11.19 52.14 -84.49
C CYS BA 204 -9.68 51.99 -84.39
N ASN BA 205 -9.04 52.95 -83.73
CA ASN BA 205 -7.59 52.98 -83.59
C ASN BA 205 -7.23 52.53 -82.19
N VAL BA 206 -6.74 51.30 -82.07
CA VAL BA 206 -6.42 50.71 -80.78
C VAL BA 206 -4.91 50.75 -80.59
N ASN BA 207 -4.47 51.50 -79.59
CA ASN BA 207 -3.06 51.59 -79.23
C ASN BA 207 -2.83 50.88 -77.91
N HIS BA 208 -1.75 50.09 -77.85
CA HIS BA 208 -1.30 49.42 -76.63
C HIS BA 208 0.17 49.81 -76.45
N LYS BA 209 0.40 50.93 -75.77
CA LYS BA 209 1.76 51.45 -75.64
C LYS BA 209 2.74 50.48 -74.99
N PRO BA 210 2.40 49.76 -73.91
CA PRO BA 210 3.41 48.86 -73.30
C PRO BA 210 3.96 47.81 -74.23
N SER BA 211 3.25 47.44 -75.30
CA SER BA 211 3.75 46.49 -76.27
C SER BA 211 4.23 47.12 -77.57
N ASN BA 212 4.08 48.44 -77.70
CA ASN BA 212 4.47 49.17 -78.91
C ASN BA 212 3.74 48.62 -80.14
N THR BA 213 2.48 48.27 -79.96
CA THR BA 213 1.65 47.73 -81.04
C THR BA 213 0.49 48.68 -81.32
N LYS BA 214 -0.03 48.61 -82.55
CA LYS BA 214 -1.17 49.40 -82.95
C LYS BA 214 -2.00 48.60 -83.93
N VAL BA 215 -3.32 48.65 -83.77
CA VAL BA 215 -4.25 47.94 -84.63
C VAL BA 215 -5.37 48.89 -85.03
N ASP BA 216 -5.60 49.01 -86.33
CA ASP BA 216 -6.72 49.77 -86.87
C ASP BA 216 -7.66 48.75 -87.52
N LYS BA 217 -8.84 48.57 -86.92
CA LYS BA 217 -9.80 47.57 -87.37
C LYS BA 217 -11.00 48.26 -87.99
N ARG BA 218 -11.44 47.74 -89.13
CA ARG BA 218 -12.56 48.31 -89.87
C ARG BA 218 -13.84 47.58 -89.49
N VAL BA 219 -14.80 48.31 -88.93
CA VAL BA 219 -16.08 47.75 -88.53
C VAL BA 219 -17.11 48.08 -89.61
N GLU BA 220 -17.93 47.09 -89.96
CA GLU BA 220 -18.86 47.23 -91.07
C GLU BA 220 -19.94 46.17 -90.92
N PRO BA 221 -21.19 46.47 -91.33
CA PRO BA 221 -22.25 45.47 -91.37
C PRO BA 221 -21.95 44.36 -92.37
N VAL CA 2 -56.83 -73.87 45.32
CA VAL CA 2 -56.15 -73.11 44.28
C VAL CA 2 -54.64 -73.32 44.36
N GLN CA 3 -54.06 -73.79 43.26
CA GLN CA 3 -52.63 -74.03 43.19
C GLN CA 3 -52.03 -73.19 42.07
N LEU CA 4 -50.88 -72.59 42.34
CA LEU CA 4 -50.13 -71.82 41.34
C LEU CA 4 -48.65 -72.15 41.52
N VAL CA 5 -48.10 -72.96 40.62
CA VAL CA 5 -46.69 -73.33 40.66
C VAL CA 5 -46.00 -72.74 39.45
N GLU CA 6 -44.78 -72.23 39.66
CA GLU CA 6 -43.98 -71.64 38.61
C GLU CA 6 -42.80 -72.55 38.26
N SER CA 7 -42.19 -72.27 37.12
CA SER CA 7 -41.07 -73.07 36.63
C SER CA 7 -40.32 -72.25 35.59
N GLY CA 8 -39.13 -72.72 35.26
CA GLY CA 8 -38.30 -72.12 34.24
C GLY CA 8 -37.26 -71.15 34.76
N GLY CA 9 -37.40 -70.67 36.00
CA GLY CA 9 -36.45 -69.72 36.53
C GLY CA 9 -35.08 -70.35 36.73
N GLY CA 10 -34.04 -69.59 36.42
CA GLY CA 10 -32.70 -70.10 36.57
C GLY CA 10 -31.65 -69.02 36.33
N LEU CA 11 -30.42 -69.47 36.09
CA LEU CA 11 -29.30 -68.58 35.85
C LEU CA 11 -29.11 -68.37 34.35
N VAL CA 12 -28.84 -67.12 33.97
CA VAL CA 12 -28.67 -66.76 32.57
C VAL CA 12 -27.78 -65.53 32.50
N LYS CA 13 -27.08 -65.37 31.39
CA LYS CA 13 -26.21 -64.24 31.17
C LYS CA 13 -26.99 -63.04 30.63
N PRO CA 14 -26.47 -61.83 30.80
CA PRO CA 14 -27.15 -60.66 30.24
C PRO CA 14 -27.30 -60.76 28.74
N GLY CA 15 -28.51 -60.45 28.26
CA GLY CA 15 -28.82 -60.53 26.84
C GLY CA 15 -29.63 -61.76 26.46
N ARG CA 19 -37.86 -68.19 29.43
CA ARG CA 19 -39.29 -68.44 29.40
C ARG CA 19 -39.79 -68.93 30.76
N LEU CA 20 -40.47 -68.04 31.48
CA LEU CA 20 -41.06 -68.40 32.76
C LEU CA 20 -42.41 -69.06 32.53
N SER CA 21 -42.58 -70.28 33.07
CA SER CA 21 -43.80 -71.05 32.91
C SER CA 21 -44.51 -71.18 34.24
N CYS CA 22 -45.83 -70.96 34.24
CA CYS CA 22 -46.65 -71.03 35.44
C CYS CA 22 -47.80 -71.99 35.18
N ALA CA 23 -47.81 -73.11 35.88
CA ALA CA 23 -48.86 -74.11 35.77
C ALA CA 23 -49.88 -73.93 36.89
N ALA CA 24 -51.14 -74.21 36.57
CA ALA CA 24 -52.23 -73.98 37.52
C ALA CA 24 -53.26 -75.09 37.42
N SER CA 25 -53.97 -75.30 38.52
CA SER CA 25 -55.09 -76.24 38.60
C SER CA 25 -55.85 -75.93 39.88
N GLY CA 26 -57.08 -76.42 39.95
CA GLY CA 26 -57.97 -76.14 41.06
C GLY CA 26 -58.99 -75.05 40.81
N PHE CA 27 -58.99 -74.45 39.62
CA PHE CA 27 -59.97 -73.45 39.25
C PHE CA 27 -60.05 -73.38 37.73
N THR CA 28 -61.21 -72.97 37.23
CA THR CA 28 -61.39 -72.79 35.79
C THR CA 28 -60.43 -71.72 35.28
N PHE CA 29 -59.31 -72.14 34.69
CA PHE CA 29 -58.25 -71.21 34.34
C PHE CA 29 -58.70 -70.20 33.29
N SER CA 30 -59.64 -70.57 32.43
CA SER CA 30 -60.05 -69.69 31.34
C SER CA 30 -60.92 -68.53 31.79
N SER CA 31 -61.23 -68.41 33.08
CA SER CA 31 -62.11 -67.37 33.58
C SER CA 31 -61.38 -66.29 34.37
N TYR CA 32 -60.04 -66.32 34.38
CA TYR CA 32 -59.28 -65.37 35.17
C TYR CA 32 -58.20 -64.70 34.33
N ASN CA 35 -51.33 -62.45 36.22
CA ASN CA 35 -50.26 -61.47 36.39
C ASN CA 35 -48.91 -62.12 36.62
N TRP CA 36 -47.87 -61.30 36.62
CA TRP CA 36 -46.52 -61.73 36.96
C TRP CA 36 -45.90 -60.65 37.83
N VAL CA 37 -45.78 -60.91 39.12
CA VAL CA 37 -45.22 -59.97 40.09
C VAL CA 37 -43.85 -60.47 40.50
N ARG CA 38 -42.85 -59.59 40.45
CA ARG CA 38 -41.48 -59.95 40.78
C ARG CA 38 -40.98 -59.08 41.92
N GLN CA 39 -40.02 -59.62 42.67
CA GLN CA 39 -39.45 -58.94 43.83
C GLN CA 39 -37.94 -59.09 43.79
N ALA CA 40 -37.24 -57.98 43.57
CA ALA CA 40 -35.78 -57.98 43.62
C ALA CA 40 -35.32 -58.30 45.03
N PRO CA 41 -34.14 -58.92 45.18
CA PRO CA 41 -33.65 -59.28 46.51
C PRO CA 41 -33.53 -58.05 47.41
N GLY CA 42 -34.18 -58.14 48.58
CA GLY CA 42 -34.21 -57.03 49.52
C GLY CA 42 -35.35 -56.08 49.29
N GLY CA 44 -38.83 -54.75 47.80
CA GLY CA 44 -40.24 -54.48 47.55
C GLY CA 44 -40.82 -55.33 46.42
N LEU CA 45 -42.13 -55.24 46.25
CA LEU CA 45 -42.84 -55.96 45.20
C LEU CA 45 -43.05 -55.04 44.00
N GLU CA 46 -42.92 -55.61 42.80
CA GLU CA 46 -43.06 -54.85 41.57
C GLU CA 46 -43.87 -55.64 40.56
N TRP CA 47 -44.90 -55.01 40.00
CA TRP CA 47 -45.69 -55.62 38.94
C TRP CA 47 -44.93 -55.57 37.62
N VAL CA 48 -45.20 -56.56 36.76
CA VAL CA 48 -44.47 -56.69 35.50
C VAL CA 48 -45.42 -56.73 34.32
N SER CA 49 -46.35 -57.69 34.33
CA SER CA 49 -47.23 -57.90 33.18
C SER CA 49 -48.46 -58.65 33.62
N SER CA 50 -49.43 -58.75 32.71
CA SER CA 50 -50.66 -59.49 32.95
C SER CA 50 -51.29 -59.85 31.60
N ILE CA 51 -52.23 -60.79 31.66
CA ILE CA 51 -52.97 -61.22 30.48
C ILE CA 51 -54.40 -61.55 30.92
N SER CA 52 -55.37 -61.23 30.06
CA SER CA 52 -56.77 -61.41 30.39
C SER CA 52 -57.18 -62.88 30.25
N SER CA 53 -58.48 -63.12 30.13
CA SER CA 53 -59.00 -64.47 29.96
C SER CA 53 -58.99 -64.94 28.52
N SER CA 54 -59.10 -64.01 27.56
CA SER CA 54 -59.09 -64.35 26.15
C SER CA 54 -57.78 -64.01 25.47
N SER CA 55 -56.77 -63.58 26.23
CA SER CA 55 -55.46 -63.21 25.69
C SER CA 55 -55.57 -62.10 24.65
N SER CA 56 -56.52 -61.18 24.83
CA SER CA 56 -56.75 -60.11 23.90
C SER CA 56 -56.50 -58.73 24.49
N TYR CA 57 -56.15 -58.63 25.77
CA TYR CA 57 -55.91 -57.35 26.44
C TYR CA 57 -54.61 -57.50 27.25
N ILE CA 58 -53.48 -57.25 26.59
CA ILE CA 58 -52.17 -57.46 27.18
C ILE CA 58 -51.68 -56.16 27.81
N TYR CA 59 -51.06 -56.28 28.99
CA TYR CA 59 -50.54 -55.14 29.74
C TYR CA 59 -49.15 -55.47 30.23
N TYR CA 60 -48.22 -54.53 30.07
CA TYR CA 60 -46.83 -54.69 30.51
C TYR CA 60 -46.48 -53.60 31.50
N ALA CA 61 -45.19 -53.54 31.86
CA ALA CA 61 -44.63 -52.47 32.66
C ALA CA 61 -43.58 -51.73 31.84
N ASP CA 62 -43.24 -50.52 32.28
CA ASP CA 62 -42.31 -49.70 31.52
C ASP CA 62 -40.88 -50.22 31.58
N SER CA 63 -40.51 -50.88 32.68
CA SER CA 63 -39.16 -51.40 32.83
C SER CA 63 -38.92 -52.64 31.97
N VAL CA 64 -39.96 -53.20 31.36
CA VAL CA 64 -39.82 -54.45 30.62
C VAL CA 64 -40.58 -54.36 29.30
N LYS CA 65 -40.99 -53.14 28.94
CA LYS CA 65 -41.77 -52.95 27.72
C LYS CA 65 -40.94 -53.31 26.49
N GLY CA 66 -41.60 -53.93 25.52
CA GLY CA 66 -40.93 -54.37 24.30
C GLY CA 66 -39.89 -55.46 24.48
N ARG CA 67 -39.65 -55.91 25.70
CA ARG CA 67 -38.63 -56.92 25.97
C ARG CA 67 -39.24 -58.26 26.35
N PHE CA 68 -39.96 -58.32 27.47
CA PHE CA 68 -40.53 -59.57 27.94
C PHE CA 68 -41.76 -59.97 27.15
N ILE CA 70 -45.64 -61.96 27.25
CA ILE CA 70 -46.56 -62.79 28.00
C ILE CA 70 -47.52 -63.50 27.03
N SER CA 71 -47.89 -64.73 27.38
CA SER CA 71 -48.81 -65.52 26.55
C SER CA 71 -49.45 -66.64 27.36
N LYS CA 76 -54.66 -76.11 28.23
CA LYS CA 76 -53.33 -76.43 28.75
C LYS CA 76 -53.20 -75.96 30.19
N ASN CA 77 -53.88 -74.86 30.51
CA ASN CA 77 -53.91 -74.29 31.86
C ASN CA 77 -52.50 -73.95 32.34
N SER CA 78 -51.84 -73.08 31.58
CA SER CA 78 -50.47 -72.68 31.89
C SER CA 78 -50.25 -71.25 31.42
N LEU CA 79 -49.70 -70.42 32.31
CA LEU CA 79 -49.36 -69.04 31.99
C LEU CA 79 -47.87 -68.93 31.70
N TYR CA 80 -47.52 -68.14 30.69
CA TYR CA 80 -46.15 -68.02 30.23
C TYR CA 80 -45.70 -66.57 30.25
N LEU CA 81 -44.37 -66.39 30.33
CA LEU CA 81 -43.74 -65.10 30.17
C LEU CA 81 -42.40 -65.31 29.50
N GLN CA 82 -42.23 -64.75 28.30
CA GLN CA 82 -41.00 -64.92 27.52
C GLN CA 82 -40.06 -63.77 27.83
N MET CA 83 -39.06 -64.01 28.68
CA MET CA 83 -38.08 -62.99 29.03
C MET CA 83 -37.02 -62.90 27.95
N ASN CA 84 -36.84 -61.70 27.39
CA ASN CA 84 -35.86 -61.44 26.35
C ASN CA 84 -35.06 -60.19 26.70
N SER CA 85 -33.81 -60.16 26.24
CA SER CA 85 -32.90 -59.03 26.44
C SER CA 85 -32.81 -58.66 27.92
N LEU CA 86 -32.26 -59.61 28.71
CA LEU CA 86 -32.23 -59.49 30.19
C LEU CA 86 -31.07 -58.65 30.71
N ARG CA 87 -31.32 -57.91 31.78
CA ARG CA 87 -30.27 -57.11 32.43
C ARG CA 87 -30.21 -57.61 33.87
N ALA CA 88 -29.28 -57.12 34.69
CA ALA CA 88 -29.15 -57.66 36.06
C ALA CA 88 -30.21 -57.06 36.98
N GLU CA 89 -30.97 -56.07 36.49
CA GLU CA 89 -32.08 -55.45 37.27
C GLU CA 89 -33.29 -56.37 37.12
N ASP CA 90 -33.14 -57.43 36.33
CA ASP CA 90 -34.23 -58.40 36.13
C ASP CA 90 -34.05 -59.56 37.10
N THR CA 91 -33.10 -59.46 38.05
CA THR CA 91 -32.98 -60.52 39.03
C THR CA 91 -34.06 -60.37 40.09
N ALA CA 92 -35.00 -61.31 40.13
CA ALA CA 92 -36.10 -61.26 41.08
C ALA CA 92 -36.72 -62.64 41.27
N TYR CA 95 -43.10 -64.18 40.99
CA TYR CA 95 -44.32 -64.76 41.55
C TYR CA 95 -45.45 -64.82 40.53
N CYS CA 96 -46.16 -65.93 40.51
CA CYS CA 96 -47.40 -66.02 39.75
C CYS CA 96 -48.55 -65.47 40.60
N ALA CA 97 -49.37 -64.62 40.01
CA ALA CA 97 -50.44 -63.95 40.73
C ALA CA 97 -51.74 -64.05 39.95
N ARG CA 98 -52.81 -64.42 40.64
CA ARG CA 98 -54.15 -64.47 40.06
C ARG CA 98 -54.92 -63.23 40.46
N LEU CA 99 -55.69 -62.67 39.52
CA LEU CA 99 -56.53 -61.51 39.76
C LEU CA 99 -57.95 -61.99 40.03
N GLY CA 100 -58.34 -62.00 41.29
CA GLY CA 100 -59.67 -62.41 41.68
C GLY CA 100 -60.72 -61.39 41.27
N TYR CA 101 -61.97 -61.71 41.60
CA TYR CA 101 -63.10 -60.86 41.27
C TYR CA 101 -63.37 -59.90 42.42
N CYS CA 102 -63.78 -58.68 42.08
CA CYS CA 102 -64.03 -57.65 43.08
C CYS CA 102 -65.15 -56.70 42.67
N SER CA 106 -60.06 -51.35 41.21
CA SER CA 106 -59.14 -52.43 40.84
C SER CA 106 -59.29 -53.61 41.79
N CYS CA 107 -59.01 -54.81 41.28
CA CYS CA 107 -59.10 -56.02 42.09
C CYS CA 107 -57.77 -56.33 42.75
N TYR CA 111 -54.77 -64.98 45.21
CA TYR CA 111 -53.92 -66.16 45.33
C TYR CA 111 -52.61 -65.99 44.57
N TRP CA 112 -51.51 -66.28 45.24
CA TRP CA 112 -50.18 -66.14 44.66
C TRP CA 112 -49.53 -67.50 44.45
N GLY CA 113 -48.46 -67.50 43.65
CA GLY CA 113 -47.57 -68.63 43.59
C GLY CA 113 -46.40 -68.46 44.54
N GLN CA 114 -45.65 -69.56 44.73
CA GLN CA 114 -44.57 -69.54 45.71
C GLN CA 114 -43.29 -68.93 45.17
N GLY CA 115 -43.13 -68.84 43.86
CA GLY CA 115 -41.94 -68.24 43.28
C GLY CA 115 -41.45 -68.93 42.02
N VAL CA 118 -35.23 -65.95 39.28
CA VAL CA 118 -34.52 -65.50 38.10
C VAL CA 118 -33.29 -64.68 38.51
N THR CA 119 -32.13 -65.09 38.01
CA THR CA 119 -30.87 -64.40 38.29
C THR CA 119 -30.13 -64.20 36.98
N VAL CA 120 -29.85 -62.94 36.66
CA VAL CA 120 -29.14 -62.60 35.42
C VAL CA 120 -27.75 -62.07 35.74
N VAL DA 3 -44.21 -44.94 43.32
CA VAL DA 3 -44.67 -45.96 44.26
C VAL DA 3 -45.44 -45.31 45.40
N LEU DA 4 -45.71 -46.11 46.43
CA LEU DA 4 -46.47 -45.67 47.59
C LEU DA 4 -45.58 -45.58 48.82
N THR DA 5 -45.74 -44.50 49.58
CA THR DA 5 -44.90 -44.25 50.74
C THR DA 5 -45.33 -45.15 51.90
N GLN DA 6 -44.44 -46.02 52.34
CA GLN DA 6 -44.76 -46.92 53.47
C GLN DA 6 -43.63 -46.79 54.48
N PRO DA 7 -43.91 -46.53 55.77
CA PRO DA 7 -42.90 -46.48 56.81
C PRO DA 7 -41.79 -47.49 56.56
N PRO DA 8 -40.54 -47.04 56.33
CA PRO DA 8 -39.42 -47.96 56.16
C PRO DA 8 -39.34 -48.89 57.38
N ARG DA 17 -51.88 -52.19 69.98
CA ARG DA 17 -52.50 -51.77 68.73
C ARG DA 17 -51.52 -50.97 67.88
N VAL DA 18 -51.05 -51.56 66.79
CA VAL DA 18 -50.09 -50.92 65.89
C VAL DA 18 -50.83 -50.53 64.61
N THR DA 19 -50.34 -49.47 63.97
CA THR DA 19 -50.87 -49.01 62.70
C THR DA 19 -49.72 -48.81 61.73
N ILE DA 20 -49.98 -49.13 60.46
CA ILE DA 20 -49.03 -48.89 59.37
C ILE DA 20 -49.76 -48.12 58.27
N SER DA 21 -49.09 -47.13 57.70
CA SER DA 21 -49.70 -46.22 56.76
C SER DA 21 -49.22 -46.50 55.35
N CYS DA 22 -50.08 -46.19 54.37
CA CYS DA 22 -49.77 -46.30 52.94
C CYS DA 22 -50.27 -45.02 52.27
N THR DA 23 -49.46 -43.98 52.34
CA THR DA 23 -49.82 -42.70 51.76
C THR DA 23 -49.59 -42.72 50.25
N GLY DA 24 -50.51 -42.11 49.51
CA GLY DA 24 -50.39 -42.04 48.07
C GLY DA 24 -50.59 -40.65 47.51
N SER DA 25 -50.80 -40.55 46.21
CA SER DA 25 -51.04 -39.28 45.52
C SER DA 25 -52.45 -39.27 44.94
N SER DA 26 -52.78 -38.17 44.26
CA SER DA 26 -54.07 -38.08 43.60
C SER DA 26 -54.19 -39.04 42.43
N SER DA 27 -53.08 -39.52 41.89
CA SER DA 27 -53.11 -40.44 40.76
C SER DA 27 -53.43 -41.87 41.14
N ASN DA 28 -53.35 -42.23 42.42
CA ASN DA 28 -53.71 -43.57 42.85
C ASN DA 28 -54.87 -43.55 43.85
N ILE DA 29 -54.56 -43.46 45.15
CA ILE DA 29 -55.62 -43.52 46.16
C ILE DA 29 -56.50 -42.28 46.09
N GLY DA 30 -55.91 -41.14 45.75
CA GLY DA 30 -56.68 -39.92 45.68
C GLY DA 30 -57.72 -39.97 44.57
N ALA DA 31 -57.41 -40.67 43.49
CA ALA DA 31 -58.35 -40.83 42.39
C ALA DA 31 -59.53 -41.72 42.76
N GLY DA 32 -59.47 -42.40 43.90
CA GLY DA 32 -60.52 -43.29 44.33
C GLY DA 32 -60.22 -44.77 44.16
N TYR DA 33 -58.99 -45.14 43.83
CA TYR DA 33 -58.66 -46.52 43.58
C TYR DA 33 -58.59 -47.30 44.89
N ASP DA 34 -58.93 -48.59 44.83
CA ASP DA 34 -58.98 -49.41 46.02
C ASP DA 34 -57.58 -49.75 46.52
N VAL DA 35 -57.47 -49.99 47.81
CA VAL DA 35 -56.20 -50.31 48.44
C VAL DA 35 -56.14 -51.78 48.85
N TRP DA 37 -53.63 -54.76 50.70
CA TRP DA 37 -52.62 -55.14 51.69
C TRP DA 37 -52.25 -56.62 51.56
N TYR DA 38 -50.96 -56.92 51.70
CA TYR DA 38 -50.45 -58.28 51.59
C TYR DA 38 -49.49 -58.55 52.73
N GLN DA 39 -49.45 -59.81 53.17
CA GLN DA 39 -48.58 -60.24 54.26
C GLN DA 39 -47.51 -61.18 53.72
N GLN DA 40 -46.27 -60.98 54.18
CA GLN DA 40 -45.15 -61.80 53.76
C GLN DA 40 -44.30 -62.21 54.96
N PRO DA 42 -41.34 -64.30 56.42
CA PRO DA 42 -40.01 -64.33 55.80
C PRO DA 42 -39.79 -65.57 54.92
N GLY DA 43 -39.37 -65.35 53.68
CA GLY DA 43 -39.04 -66.44 52.77
C GLY DA 43 -40.21 -66.98 51.98
N THR DA 44 -41.43 -66.58 52.28
CA THR DA 44 -42.63 -67.09 51.60
C THR DA 44 -43.21 -65.99 50.70
N ALA DA 45 -44.31 -66.35 50.04
CA ALA DA 45 -44.97 -65.47 49.08
C ALA DA 45 -45.99 -64.59 49.78
N PRO DA 46 -46.35 -63.45 49.16
CA PRO DA 46 -47.41 -62.61 49.72
C PRO DA 46 -48.73 -63.37 49.83
N LYS DA 47 -49.56 -62.94 50.78
CA LYS DA 47 -50.87 -63.54 51.02
C LYS DA 47 -51.85 -62.41 51.30
N LEU DA 48 -52.94 -62.39 50.53
CA LEU DA 48 -53.90 -61.29 50.60
C LEU DA 48 -54.47 -61.12 52.00
N LEU DA 49 -54.04 -60.05 52.69
CA LEU DA 49 -54.48 -59.77 54.05
C LEU DA 49 -55.79 -58.99 54.07
N ILE DA 50 -55.88 -57.90 53.32
CA ILE DA 50 -57.06 -57.05 53.28
C ILE DA 50 -57.35 -56.71 51.82
N TYR DA 51 -58.55 -57.02 51.35
CA TYR DA 51 -58.99 -56.67 50.02
C TYR DA 51 -60.11 -55.64 50.09
N GLY DA 52 -60.18 -54.80 49.06
CA GLY DA 52 -61.23 -53.79 48.98
C GLY DA 52 -61.24 -52.83 50.16
N ASN DA 53 -60.10 -52.17 50.37
CA ASN DA 53 -59.93 -51.14 51.40
C ASN DA 53 -59.97 -51.70 52.82
N SER DA 54 -61.00 -52.49 53.16
CA SER DA 54 -61.17 -52.91 54.55
C SER DA 54 -61.70 -54.32 54.73
N ASN DA 55 -61.97 -55.08 53.66
CA ASN DA 55 -62.57 -56.39 53.82
C ASN DA 55 -61.49 -57.44 54.16
N ARG DA 56 -61.95 -58.55 54.73
CA ARG DA 56 -61.08 -59.61 55.21
C ARG DA 56 -61.44 -60.94 54.56
N PRO DA 57 -60.47 -61.70 54.04
CA PRO DA 57 -60.79 -63.02 53.50
C PRO DA 57 -60.85 -64.11 54.56
N SER DA 58 -60.83 -65.36 54.13
CA SER DA 58 -60.88 -66.48 55.07
C SER DA 58 -59.48 -66.81 55.56
N GLY DA 59 -59.34 -66.91 56.88
CA GLY DA 59 -58.07 -67.24 57.50
C GLY DA 59 -57.26 -66.07 58.01
N VAL DA 60 -57.87 -64.90 58.15
CA VAL DA 60 -57.21 -63.72 58.70
C VAL DA 60 -57.98 -63.27 59.94
N PRO DA 61 -57.30 -62.99 61.07
CA PRO DA 61 -57.96 -62.57 62.31
C PRO DA 61 -58.68 -61.23 62.17
N PHE DA 64 -57.10 -57.84 62.43
CA PHE DA 64 -56.59 -57.08 61.30
C PHE DA 64 -57.69 -56.24 60.67
N SER DA 65 -57.37 -55.00 60.32
CA SER DA 65 -58.33 -54.10 59.70
C SER DA 65 -57.59 -53.12 58.80
N GLY DA 66 -58.34 -52.53 57.87
CA GLY DA 66 -57.78 -51.58 56.94
C GLY DA 66 -58.33 -50.18 57.11
N GLY DA 70 -58.82 -39.66 52.19
CA GLY DA 70 -58.08 -38.83 51.26
C GLY DA 70 -57.09 -39.60 50.41
N THR DA 71 -55.86 -39.10 50.34
CA THR DA 71 -54.80 -39.71 49.55
C THR DA 71 -54.00 -40.74 50.33
N SER DA 72 -54.49 -41.19 51.48
CA SER DA 72 -53.74 -42.10 52.33
C SER DA 72 -54.67 -43.20 52.85
N ALA DA 73 -54.12 -44.41 52.96
CA ALA DA 73 -54.79 -45.55 53.57
C ALA DA 73 -54.05 -45.95 54.83
N SER DA 74 -54.54 -47.00 55.49
CA SER DA 74 -53.92 -47.45 56.73
C SER DA 74 -54.34 -48.88 57.03
N LEU DA 75 -53.48 -49.59 57.76
CA LEU DA 75 -53.76 -50.92 58.26
C LEU DA 75 -53.56 -50.94 59.77
N ALA DA 76 -54.39 -51.71 60.47
CA ALA DA 76 -54.35 -51.77 61.92
C ALA DA 76 -54.36 -53.22 62.39
N ILE DA 77 -53.77 -53.46 63.55
CA ILE DA 77 -53.70 -54.79 64.13
C ILE DA 77 -54.23 -54.77 65.56
N LEU DA 80 -51.77 -57.53 69.08
CA LEU DA 80 -50.51 -57.78 68.40
C LEU DA 80 -49.85 -59.06 68.89
N GLN DA 81 -49.77 -60.06 68.03
CA GLN DA 81 -49.13 -61.33 68.34
C GLN DA 81 -47.69 -61.33 67.85
N ALA DA 82 -46.88 -62.21 68.46
CA ALA DA 82 -45.48 -62.33 68.05
C ALA DA 82 -45.34 -62.92 66.65
N GLU DA 83 -46.27 -63.79 66.26
CA GLU DA 83 -46.24 -64.38 64.93
C GLU DA 83 -46.69 -63.42 63.84
N ASP DA 84 -47.16 -62.23 64.20
CA ASP DA 84 -47.52 -61.19 63.24
C ASP DA 84 -46.31 -60.47 62.68
N GLU DA 85 -45.10 -60.93 62.98
CA GLU DA 85 -43.87 -60.32 62.48
C GLU DA 85 -43.67 -60.63 61.00
N TYR DA 88 -45.32 -56.36 55.59
CA TYR DA 88 -46.65 -55.81 55.33
C TYR DA 88 -46.62 -54.83 54.15
N TYR DA 89 -47.20 -55.25 53.02
CA TYR DA 89 -47.24 -54.45 51.81
C TYR DA 89 -48.63 -53.85 51.60
N CYS DA 90 -48.68 -52.77 50.82
CA CYS DA 90 -49.91 -52.18 50.35
C CYS DA 90 -49.90 -52.10 48.83
N GLN DA 91 -51.08 -52.02 48.24
CA GLN DA 91 -51.20 -52.11 46.78
C GLN DA 91 -52.41 -51.30 46.32
N SER DA 92 -52.29 -50.74 45.12
CA SER DA 92 -53.38 -50.05 44.45
C SER DA 92 -53.08 -50.06 42.96
N TYR DA 93 -53.69 -49.14 42.22
CA TYR DA 93 -53.39 -48.95 40.80
C TYR DA 93 -53.08 -47.47 40.57
N ASP DA 94 -52.31 -47.20 39.51
CA ASP DA 94 -51.92 -45.85 39.15
C ASP DA 94 -52.16 -45.64 37.67
N SER DA 95 -52.93 -44.60 37.33
CA SER DA 95 -53.30 -44.33 35.95
C SER DA 95 -52.21 -43.59 35.17
N SER DA 96 -51.07 -43.31 35.79
CA SER DA 96 -49.98 -42.62 35.11
C SER DA 96 -49.06 -43.62 34.39
N TYR DA 101 -50.42 -51.58 38.04
CA TYR DA 101 -50.54 -51.80 39.47
C TYR DA 101 -49.33 -51.25 40.20
N VAL DA 102 -49.58 -50.40 41.20
CA VAL DA 102 -48.52 -49.77 41.99
C VAL DA 102 -48.49 -50.43 43.36
N PHE DA 103 -47.29 -50.67 43.88
CA PHE DA 103 -47.09 -51.39 45.13
C PHE DA 103 -46.47 -50.45 46.16
N GLY DA 104 -46.51 -50.90 47.43
CA GLY DA 104 -45.87 -50.18 48.50
C GLY DA 104 -44.44 -50.63 48.73
N THR DA 105 -43.64 -49.73 49.31
CA THR DA 105 -42.22 -50.03 49.53
C THR DA 105 -42.03 -51.13 50.56
N GLY DA 106 -42.97 -51.30 51.49
CA GLY DA 106 -42.87 -52.32 52.51
C GLY DA 106 -42.44 -51.76 53.87
N ASP EA 1 -68.00 -62.52 13.26
CA ASP EA 1 -67.74 -63.85 12.74
C ASP EA 1 -68.43 -64.92 13.58
N ILE EA 2 -68.26 -64.83 14.90
CA ILE EA 2 -68.86 -65.81 15.81
C ILE EA 2 -70.37 -65.62 15.83
N LEU EA 3 -71.11 -66.73 15.75
CA LEU EA 3 -72.56 -66.72 15.74
C LEU EA 3 -73.08 -67.47 16.96
N LEU EA 4 -74.06 -66.87 17.64
CA LEU EA 4 -74.69 -67.46 18.82
C LEU EA 4 -76.16 -67.67 18.54
N THR EA 5 -76.60 -68.92 18.56
CA THR EA 5 -78.00 -69.26 18.33
C THR EA 5 -78.65 -69.63 19.66
N GLN EA 6 -79.85 -69.10 19.88
CA GLN EA 6 -80.64 -69.39 21.07
C GLN EA 6 -81.91 -70.11 20.63
N SER EA 7 -82.02 -71.39 20.98
CA SER EA 7 -83.17 -72.21 20.60
C SER EA 7 -83.86 -72.74 21.85
N PRO EA 8 -85.19 -72.57 21.98
CA PRO EA 8 -86.01 -71.86 20.99
C PRO EA 8 -86.11 -70.37 21.28
N ALA EA 9 -86.85 -69.65 20.43
CA ALA EA 9 -87.00 -68.21 20.62
C ALA EA 9 -87.90 -67.88 21.81
N ILE EA 10 -88.87 -68.75 22.09
CA ILE EA 10 -89.85 -68.49 23.16
C ILE EA 10 -89.92 -69.72 24.06
N LEU EA 11 -90.14 -69.47 25.36
CA LEU EA 11 -90.36 -70.52 26.33
C LEU EA 11 -91.53 -70.13 27.22
N SER EA 12 -92.40 -71.10 27.50
CA SER EA 12 -93.59 -70.89 28.33
C SER EA 12 -93.50 -71.84 29.53
N VAL EA 13 -93.30 -71.27 30.72
CA VAL EA 13 -93.15 -72.04 31.95
C VAL EA 13 -94.14 -71.50 32.98
N SER EA 14 -94.32 -72.27 34.06
CA SER EA 14 -95.19 -71.84 35.15
C SER EA 14 -94.35 -71.53 36.40
N PRO EA 15 -94.82 -70.63 37.26
CA PRO EA 15 -94.09 -70.32 38.49
C PRO EA 15 -93.81 -71.59 39.31
N GLY EA 16 -92.55 -71.75 39.71
CA GLY EA 16 -92.12 -72.95 40.40
C GLY EA 16 -91.50 -74.01 39.53
N GLU EA 17 -91.29 -73.73 38.25
CA GLU EA 17 -90.71 -74.68 37.31
C GLU EA 17 -89.21 -74.42 37.14
N ARG EA 18 -88.53 -75.42 36.58
CA ARG EA 18 -87.11 -75.32 36.26
C ARG EA 18 -87.00 -75.10 34.75
N VAL EA 19 -86.53 -73.91 34.36
CA VAL EA 19 -86.41 -73.54 32.95
C VAL EA 19 -84.94 -73.37 32.64
N SER EA 20 -84.55 -73.72 31.41
CA SER EA 20 -83.16 -73.61 30.99
C SER EA 20 -83.12 -73.05 29.57
N PHE EA 21 -82.46 -71.91 29.40
CA PHE EA 21 -82.20 -71.35 28.09
C PHE EA 21 -80.90 -71.93 27.53
N SER EA 22 -80.83 -72.06 26.20
CA SER EA 22 -79.71 -72.68 25.54
C SER EA 22 -79.02 -71.68 24.64
N CYS EA 23 -77.70 -71.56 24.78
CA CYS EA 23 -76.85 -70.74 23.92
C CYS EA 23 -75.79 -71.64 23.32
N ARG EA 24 -75.74 -71.69 21.98
CA ARG EA 24 -74.80 -72.55 21.27
C ARG EA 24 -73.90 -71.69 20.39
N ALA EA 25 -72.59 -71.87 20.55
CA ALA EA 25 -71.62 -71.13 19.76
C ALA EA 25 -71.18 -71.95 18.55
N SER EA 26 -70.59 -71.26 17.57
CA SER EA 26 -70.17 -71.89 16.33
C SER EA 26 -68.74 -72.41 16.36
N GLN EA 27 -68.01 -72.18 17.45
CA GLN EA 27 -66.65 -72.67 17.60
C GLN EA 27 -66.34 -72.81 19.08
N ASN EA 28 -65.15 -73.35 19.38
CA ASN EA 28 -64.71 -73.45 20.76
C ASN EA 28 -64.49 -72.06 21.34
N ILE EA 29 -65.16 -71.76 22.45
CA ILE EA 29 -65.22 -70.42 22.99
C ILE EA 29 -64.81 -70.35 24.45
N ASP EA 30 -64.52 -71.48 25.09
CA ASP EA 30 -64.13 -71.58 26.49
C ASP EA 30 -65.27 -71.03 27.35
N THR EA 31 -64.97 -70.53 28.54
CA THR EA 31 -65.98 -69.95 29.42
C THR EA 31 -66.16 -68.46 29.18
N HIS EA 32 -66.09 -68.01 27.92
CA HIS EA 32 -66.14 -66.59 27.60
C HIS EA 32 -67.54 -66.24 27.07
N ILE EA 33 -68.52 -66.37 27.95
CA ILE EA 33 -69.90 -66.00 27.64
C ILE EA 33 -70.56 -65.46 28.89
N HIS EA 34 -71.28 -64.34 28.74
CA HIS EA 34 -72.02 -63.72 29.81
C HIS EA 34 -73.50 -63.68 29.45
N TRP EA 35 -74.34 -63.68 30.48
CA TRP EA 35 -75.79 -63.70 30.31
C TRP EA 35 -76.40 -62.40 30.82
N TYR EA 36 -77.42 -61.92 30.13
CA TYR EA 36 -78.09 -60.67 30.48
C TYR EA 36 -79.60 -60.86 30.42
N GLN EA 37 -80.31 -60.06 31.21
CA GLN EA 37 -81.76 -60.07 31.28
C GLN EA 37 -82.26 -58.67 30.96
N GLN EA 38 -83.06 -58.55 29.90
CA GLN EA 38 -83.63 -57.27 29.47
C GLN EA 38 -85.14 -57.33 29.67
N ARG EA 39 -85.62 -56.70 30.73
CA ARG EA 39 -87.05 -56.62 30.98
C ARG EA 39 -87.70 -55.67 29.97
N THR EA 40 -89.04 -55.66 29.98
CA THR EA 40 -89.78 -54.82 29.05
C THR EA 40 -89.49 -53.35 29.33
N ASN EA 41 -89.10 -52.62 28.26
CA ASN EA 41 -88.77 -51.20 28.35
C ASN EA 41 -87.65 -50.94 29.36
N GLY EA 42 -86.69 -51.87 29.41
CA GLY EA 42 -85.56 -51.72 30.29
C GLY EA 42 -84.26 -52.05 29.57
N SER EA 43 -83.16 -51.72 30.23
CA SER EA 43 -81.85 -52.03 29.71
C SER EA 43 -81.40 -53.39 30.21
N PRO EA 44 -80.59 -54.13 29.43
CA PRO EA 44 -80.13 -55.44 29.89
C PRO EA 44 -79.20 -55.29 31.09
N ARG EA 45 -79.51 -56.00 32.16
CA ARG EA 45 -78.61 -56.09 33.30
C ARG EA 45 -77.92 -57.44 33.29
N LEU EA 46 -76.78 -57.50 33.96
CA LEU EA 46 -75.86 -58.62 33.82
C LEU EA 46 -76.22 -59.74 34.80
N LEU EA 47 -76.29 -60.97 34.28
CA LEU EA 47 -76.77 -62.12 35.04
C LEU EA 47 -75.63 -63.00 35.54
N ILE EA 48 -75.02 -63.75 34.64
CA ILE EA 48 -73.96 -64.70 34.97
C ILE EA 48 -72.67 -64.25 34.30
N LYS EA 49 -71.59 -64.23 35.06
CA LYS EA 49 -70.26 -63.87 34.56
C LYS EA 49 -69.48 -65.15 34.25
N TYR EA 50 -68.90 -65.20 33.04
CA TYR EA 50 -67.98 -66.27 32.65
C TYR EA 50 -68.62 -67.65 32.78
N ALA EA 51 -69.86 -67.77 32.30
CA ALA EA 51 -70.62 -69.01 32.15
C ALA EA 51 -70.89 -69.74 33.46
N SER EA 52 -70.58 -69.15 34.62
CA SER EA 52 -70.83 -69.84 35.87
C SER EA 52 -70.86 -68.90 37.07
N GLU EA 53 -69.99 -67.90 37.09
CA GLU EA 53 -69.82 -67.07 38.28
C GLU EA 53 -70.98 -66.10 38.45
N SER EA 54 -71.41 -65.93 39.71
CA SER EA 54 -72.54 -65.09 40.05
C SER EA 54 -72.08 -63.73 40.54
N ILE EA 55 -73.05 -62.86 40.86
CA ILE EA 55 -72.81 -61.46 41.16
C ILE EA 55 -73.64 -61.04 42.36
N SER EA 56 -73.23 -59.94 42.99
CA SER EA 56 -73.97 -59.38 44.10
C SER EA 56 -75.33 -58.86 43.64
N GLY EA 57 -76.29 -58.86 44.55
CA GLY EA 57 -77.63 -58.38 44.27
C GLY EA 57 -78.46 -59.27 43.37
N ILE EA 58 -77.90 -60.33 42.82
CA ILE EA 58 -78.64 -61.24 41.96
C ILE EA 58 -79.18 -62.39 42.79
N PRO EA 59 -80.38 -62.90 42.49
CA PRO EA 59 -80.90 -64.04 43.26
C PRO EA 59 -80.20 -65.33 42.89
N SER EA 60 -80.10 -66.23 43.87
CA SER EA 60 -79.45 -67.52 43.67
C SER EA 60 -80.26 -68.46 42.80
N ARG EA 61 -81.52 -68.13 42.48
CA ARG EA 61 -82.30 -68.95 41.58
C ARG EA 61 -81.65 -69.02 40.20
N PHE EA 62 -80.93 -67.97 39.80
CA PHE EA 62 -80.24 -67.96 38.52
C PHE EA 62 -78.96 -68.78 38.62
N SER EA 63 -78.70 -69.56 37.57
CA SER EA 63 -77.54 -70.43 37.53
C SER EA 63 -77.04 -70.57 36.11
N GLY EA 64 -75.73 -70.56 35.94
CA GLY EA 64 -75.13 -70.73 34.64
C GLY EA 64 -74.10 -71.85 34.66
N SER EA 65 -74.03 -72.58 33.55
CA SER EA 65 -73.08 -73.68 33.42
C SER EA 65 -72.86 -73.98 31.95
N GLY EA 66 -71.66 -74.47 31.64
CA GLY EA 66 -71.31 -74.78 30.27
C GLY EA 66 -69.87 -74.49 29.92
N SER EA 67 -69.42 -75.02 28.78
CA SER EA 67 -68.07 -74.80 28.29
C SER EA 67 -68.02 -75.22 26.82
N GLY EA 68 -66.92 -74.89 26.18
CA GLY EA 68 -66.74 -75.26 24.78
C GLY EA 68 -67.66 -74.51 23.83
N THR EA 69 -68.81 -75.09 23.53
CA THR EA 69 -69.71 -74.50 22.53
C THR EA 69 -71.15 -74.38 23.04
N ASP EA 70 -71.60 -75.34 23.85
CA ASP EA 70 -72.96 -75.35 24.36
C ASP EA 70 -72.99 -74.81 25.78
N PHE EA 71 -73.94 -73.91 26.06
CA PHE EA 71 -74.06 -73.25 27.35
C PHE EA 71 -75.53 -73.21 27.75
N THR EA 72 -75.76 -73.12 29.06
CA THR EA 72 -77.12 -73.19 29.60
C THR EA 72 -77.26 -72.27 30.79
N LEU EA 73 -78.29 -71.42 30.75
CA LEU EA 73 -78.70 -70.60 31.89
C LEU EA 73 -80.00 -71.16 32.43
N THR EA 74 -80.03 -71.44 33.74
CA THR EA 74 -81.14 -72.16 34.35
C THR EA 74 -81.66 -71.41 35.56
N ILE EA 75 -82.99 -71.29 35.66
CA ILE EA 75 -83.67 -70.80 36.85
C ILE EA 75 -84.41 -71.98 37.46
N ASN EA 76 -84.05 -72.34 38.69
CA ASN EA 76 -84.62 -73.53 39.30
C ASN EA 76 -86.11 -73.35 39.62
N SER EA 77 -86.51 -72.13 40.01
CA SER EA 77 -87.90 -71.87 40.36
C SER EA 77 -88.20 -70.41 39.99
N VAL EA 78 -88.77 -70.23 38.80
CA VAL EA 78 -89.04 -68.88 38.31
C VAL EA 78 -90.09 -68.21 39.20
N GLU EA 79 -89.82 -66.96 39.58
CA GLU EA 79 -90.68 -66.25 40.50
C GLU EA 79 -91.36 -65.04 39.86
N SER EA 80 -92.17 -65.30 38.84
CA SER EA 80 -93.04 -64.28 38.23
C SER EA 80 -92.26 -63.11 37.63
N GLU EA 81 -91.47 -62.42 38.45
CA GLU EA 81 -90.74 -61.24 38.02
C GLU EA 81 -89.62 -61.53 37.03
N ASP EA 82 -89.45 -62.78 36.60
CA ASP EA 82 -88.42 -63.14 35.64
C ASP EA 82 -88.89 -63.01 34.19
N ILE EA 83 -90.02 -62.33 33.95
CA ILE EA 83 -90.50 -62.10 32.60
C ILE EA 83 -89.56 -61.10 31.93
N ALA EA 84 -88.87 -61.54 30.88
CA ALA EA 84 -87.91 -60.72 30.14
C ALA EA 84 -87.35 -61.54 28.99
N ASP EA 85 -86.59 -60.86 28.13
CA ASP EA 85 -85.74 -61.53 27.17
C ASP EA 85 -84.43 -61.93 27.84
N TYR EA 86 -83.79 -62.96 27.28
CA TYR EA 86 -82.55 -63.48 27.84
C TYR EA 86 -81.52 -63.60 26.73
N TYR EA 87 -80.41 -62.90 26.88
CA TYR EA 87 -79.37 -62.83 25.86
C TYR EA 87 -78.07 -63.41 26.40
N CYS EA 88 -77.41 -64.23 25.57
CA CYS EA 88 -76.05 -64.67 25.83
C CYS EA 88 -75.11 -63.87 24.94
N GLN EA 89 -73.97 -63.46 25.51
CA GLN EA 89 -72.99 -62.65 24.79
C GLN EA 89 -71.62 -63.29 24.93
N GLN EA 90 -70.92 -63.45 23.81
CA GLN EA 90 -69.58 -63.99 23.81
C GLN EA 90 -68.56 -62.87 23.97
N SER EA 91 -67.43 -63.20 24.59
CA SER EA 91 -66.35 -62.25 24.84
C SER EA 91 -65.01 -62.89 24.56
N ASN EA 92 -64.92 -63.66 23.47
CA ASN EA 92 -63.72 -64.40 23.13
C ASN EA 92 -62.94 -63.76 22.00
N SER EA 93 -63.60 -63.40 20.90
CA SER EA 93 -62.94 -62.82 19.74
C SER EA 93 -63.77 -61.66 19.22
N TRP EA 94 -63.07 -60.67 18.66
CA TRP EA 94 -63.75 -59.53 18.06
C TRP EA 94 -64.28 -59.92 16.68
N PRO EA 95 -65.49 -59.46 16.31
CA PRO EA 95 -66.34 -58.58 17.13
C PRO EA 95 -67.15 -59.33 18.19
N PHE EA 96 -67.43 -58.67 19.31
CA PHE EA 96 -68.32 -59.24 20.32
C PHE EA 96 -69.71 -59.40 19.74
N THR EA 97 -70.33 -60.55 20.00
CA THR EA 97 -71.65 -60.85 19.48
C THR EA 97 -72.58 -61.30 20.60
N PHE EA 98 -73.87 -61.08 20.38
CA PHE EA 98 -74.92 -61.50 21.30
C PHE EA 98 -75.74 -62.61 20.65
N GLY EA 99 -76.45 -63.36 21.50
CA GLY EA 99 -77.41 -64.32 21.01
C GLY EA 99 -78.66 -63.63 20.45
N SER EA 100 -79.45 -64.41 19.70
CA SER EA 100 -80.65 -63.86 19.09
C SER EA 100 -81.71 -63.49 20.14
N GLY EA 101 -81.57 -63.98 21.37
CA GLY EA 101 -82.51 -63.66 22.42
C GLY EA 101 -83.59 -64.72 22.57
N THR EA 102 -83.97 -65.02 23.81
CA THR EA 102 -84.99 -66.02 24.10
C THR EA 102 -85.99 -65.41 25.05
N LYS EA 103 -87.23 -65.22 24.58
CA LYS EA 103 -88.27 -64.61 25.40
C LYS EA 103 -88.88 -65.65 26.35
N LEU EA 104 -89.12 -65.21 27.58
CA LEU EA 104 -89.81 -66.02 28.57
C LEU EA 104 -91.26 -65.57 28.69
N GLU EA 105 -92.18 -66.54 28.71
CA GLU EA 105 -93.57 -66.31 29.06
C GLU EA 105 -93.92 -67.18 30.26
N ILE EA 106 -94.94 -66.76 31.00
CA ILE EA 106 -95.31 -67.42 32.24
C ILE EA 106 -96.80 -67.78 32.18
N LYS EA 107 -97.19 -69.01 32.52
CA LYS EA 107 -98.65 -69.35 32.54
C LYS EA 107 -99.33 -68.97 33.87
N ARG EA 108 -100.66 -68.69 33.84
CA ARG EA 108 -101.44 -68.02 34.93
C ARG EA 108 -102.91 -68.50 34.95
N THR EA 109 -103.64 -68.36 36.08
CA THR EA 109 -105.06 -68.71 36.02
C THR EA 109 -105.78 -67.74 35.10
N VAL EA 110 -106.62 -68.29 34.22
CA VAL EA 110 -107.27 -67.46 33.20
C VAL EA 110 -108.13 -66.41 33.87
N ALA EA 111 -107.83 -65.14 33.59
CA ALA EA 111 -108.51 -64.01 34.20
C ALA EA 111 -109.29 -63.24 33.14
N ALA EA 112 -110.49 -62.79 33.52
CA ALA EA 112 -111.32 -62.01 32.62
C ALA EA 112 -110.90 -60.54 32.64
N PRO EA 113 -110.93 -59.86 31.49
CA PRO EA 113 -110.50 -58.45 31.46
C PRO EA 113 -111.56 -57.53 32.06
N SER EA 114 -111.14 -56.72 33.02
CA SER EA 114 -111.99 -55.63 33.50
C SER EA 114 -112.03 -54.53 32.44
N VAL EA 115 -113.22 -54.26 31.92
CA VAL EA 115 -113.39 -53.40 30.75
C VAL EA 115 -113.89 -52.04 31.21
N PHE EA 116 -113.17 -50.98 30.81
CA PHE EA 116 -113.57 -49.60 31.03
C PHE EA 116 -113.61 -48.87 29.70
N ILE EA 117 -114.51 -47.89 29.60
CA ILE EA 117 -114.61 -47.04 28.42
C ILE EA 117 -114.41 -45.60 28.84
N PHE EA 118 -113.73 -44.83 27.99
CA PHE EA 118 -113.43 -43.43 28.27
C PHE EA 118 -113.95 -42.57 27.13
N PRO EA 119 -114.80 -41.59 27.40
CA PRO EA 119 -115.24 -40.67 26.34
C PRO EA 119 -114.13 -39.70 26.00
N PRO EA 120 -114.23 -39.00 24.87
CA PRO EA 120 -113.25 -37.95 24.58
C PRO EA 120 -113.50 -36.72 25.43
N SER EA 121 -112.40 -36.13 25.91
CA SER EA 121 -112.50 -34.91 26.71
C SER EA 121 -112.96 -33.75 25.83
N ASP EA 122 -113.57 -32.75 26.49
CA ASP EA 122 -114.01 -31.56 25.78
C ASP EA 122 -112.84 -30.75 25.24
N GLU EA 123 -111.65 -30.91 25.81
CA GLU EA 123 -110.48 -30.21 25.32
C GLU EA 123 -109.99 -30.76 23.99
N GLN EA 124 -110.14 -32.07 23.78
CA GLN EA 124 -109.80 -32.66 22.49
C GLN EA 124 -110.87 -32.40 21.45
N LEU EA 125 -112.14 -32.30 21.87
CA LEU EA 125 -113.22 -32.01 20.94
C LEU EA 125 -113.10 -30.60 20.35
N LYS EA 126 -112.51 -29.67 21.11
CA LYS EA 126 -112.31 -28.32 20.58
C LYS EA 126 -111.28 -28.31 19.47
N SER EA 127 -110.29 -29.22 19.52
CA SER EA 127 -109.30 -29.30 18.46
C SER EA 127 -109.84 -29.94 17.19
N GLY EA 128 -110.94 -30.69 17.29
CA GLY EA 128 -111.58 -31.27 16.14
C GLY EA 128 -111.45 -32.78 15.97
N THR EA 129 -111.19 -33.52 17.04
CA THR EA 129 -111.01 -34.97 16.95
C THR EA 129 -111.54 -35.59 18.24
N ALA EA 130 -112.18 -36.75 18.11
CA ALA EA 130 -112.66 -37.52 19.24
C ALA EA 130 -111.90 -38.84 19.33
N SER EA 131 -111.42 -39.16 20.52
CA SER EA 131 -110.68 -40.39 20.79
C SER EA 131 -111.38 -41.14 21.91
N VAL EA 132 -112.06 -42.23 21.57
CA VAL EA 132 -112.73 -43.09 22.53
C VAL EA 132 -111.82 -44.28 22.82
N VAL EA 133 -111.61 -44.58 24.09
CA VAL EA 133 -110.68 -45.62 24.52
C VAL EA 133 -111.43 -46.70 25.28
N CYS EA 134 -111.21 -47.95 24.90
CA CYS EA 134 -111.75 -49.11 25.60
C CYS EA 134 -110.57 -49.83 26.26
N LEU EA 135 -110.57 -49.86 27.59
CA LEU EA 135 -109.45 -50.42 28.36
C LEU EA 135 -109.78 -51.85 28.76
N LEU EA 136 -108.93 -52.79 28.33
CA LEU EA 136 -109.03 -54.20 28.71
C LEU EA 136 -107.88 -54.46 29.69
N ASN EA 137 -108.15 -54.25 30.97
CA ASN EA 137 -107.10 -54.25 31.99
C ASN EA 137 -107.01 -55.60 32.69
N ASN EA 138 -105.79 -56.12 32.78
CA ASN EA 138 -105.47 -57.31 33.58
C ASN EA 138 -106.25 -58.54 33.13
N PHE EA 139 -105.74 -59.24 32.12
CA PHE EA 139 -106.39 -60.44 31.63
C PHE EA 139 -105.34 -61.42 31.13
N TYR EA 140 -105.75 -62.68 30.99
CA TYR EA 140 -104.93 -63.74 30.46
C TYR EA 140 -105.88 -64.77 29.86
N PRO EA 141 -105.58 -65.29 28.66
CA PRO EA 141 -104.39 -64.99 27.86
C PRO EA 141 -104.55 -63.78 26.94
N ARG EA 142 -103.50 -63.49 26.16
CA ARG EA 142 -103.47 -62.28 25.35
C ARG EA 142 -104.65 -62.21 24.38
N GLU EA 143 -105.06 -63.36 23.87
CA GLU EA 143 -106.08 -63.42 22.81
C GLU EA 143 -107.38 -62.79 23.27
N ALA EA 144 -107.67 -61.59 22.78
CA ALA EA 144 -108.90 -60.87 23.09
C ALA EA 144 -109.37 -60.16 21.84
N LYS EA 145 -110.69 -60.05 21.70
CA LYS EA 145 -111.32 -59.45 20.53
C LYS EA 145 -112.16 -58.27 20.97
N VAL EA 146 -111.82 -57.08 20.49
CA VAL EA 146 -112.54 -55.85 20.80
C VAL EA 146 -113.29 -55.40 19.54
N GLN EA 147 -114.52 -54.94 19.73
CA GLN EA 147 -115.40 -54.59 18.62
C GLN EA 147 -116.11 -53.28 18.94
N TRP EA 148 -115.85 -52.25 18.16
CA TRP EA 148 -116.46 -50.94 18.35
C TRP EA 148 -117.77 -50.86 17.58
N LYS EA 149 -118.85 -50.49 18.27
CA LYS EA 149 -120.17 -50.36 17.66
C LYS EA 149 -120.76 -49.01 18.06
N VAL EA 150 -120.77 -48.07 17.12
CA VAL EA 150 -121.35 -46.74 17.36
C VAL EA 150 -122.78 -46.76 16.85
N ASP EA 151 -123.74 -46.55 17.77
CA ASP EA 151 -125.16 -46.60 17.45
C ASP EA 151 -125.51 -47.92 16.77
N ASN EA 152 -125.06 -49.01 17.39
CA ASN EA 152 -125.26 -50.38 16.94
C ASN EA 152 -124.59 -50.70 15.61
N ALA EA 153 -123.83 -49.76 15.05
CA ALA EA 153 -123.18 -49.95 13.76
C ALA EA 153 -121.73 -50.39 13.97
N LEU EA 154 -121.41 -51.58 13.46
CA LEU EA 154 -120.06 -52.11 13.58
C LEU EA 154 -119.10 -51.28 12.73
N GLN EA 155 -117.95 -50.95 13.33
CA GLN EA 155 -116.93 -50.13 12.68
C GLN EA 155 -115.72 -50.98 12.29
N SER EA 156 -114.92 -50.44 11.38
CA SER EA 156 -113.68 -51.07 10.96
C SER EA 156 -112.83 -50.03 10.25
N GLY EA 157 -111.52 -50.06 10.51
CA GLY EA 157 -110.58 -49.13 9.92
C GLY EA 157 -110.31 -47.88 10.75
N ASN EA 158 -111.26 -47.48 11.60
CA ASN EA 158 -111.11 -46.30 12.46
C ASN EA 158 -110.62 -46.67 13.86
N SER EA 159 -110.06 -47.86 14.03
CA SER EA 159 -109.64 -48.34 15.34
C SER EA 159 -108.18 -48.75 15.30
N GLN EA 160 -107.45 -48.42 16.36
CA GLN EA 160 -106.09 -48.88 16.58
C GLN EA 160 -105.97 -49.37 18.02
N GLU EA 161 -105.27 -50.48 18.21
CA GLU EA 161 -105.14 -51.07 19.53
C GLU EA 161 -103.68 -51.32 19.88
N SER EA 162 -103.41 -51.41 21.18
CA SER EA 162 -102.06 -51.61 21.69
C SER EA 162 -102.15 -52.48 22.93
N VAL EA 163 -101.24 -53.44 23.04
CA VAL EA 163 -101.22 -54.40 24.14
C VAL EA 163 -99.87 -54.32 24.84
N THR EA 164 -99.90 -54.29 26.17
CA THR EA 164 -98.67 -54.26 26.95
C THR EA 164 -98.03 -55.65 26.99
N GLU EA 165 -96.84 -55.71 27.56
CA GLU EA 165 -96.18 -56.98 27.78
C GLU EA 165 -96.67 -57.64 29.06
N GLN EA 166 -96.24 -58.88 29.28
CA GLN EA 166 -96.66 -59.63 30.45
C GLN EA 166 -96.19 -58.92 31.72
N ASP EA 167 -97.14 -58.66 32.63
CA ASP EA 167 -96.81 -58.03 33.90
C ASP EA 167 -95.86 -58.93 34.69
N SER EA 168 -94.92 -58.29 35.39
CA SER EA 168 -93.96 -59.02 36.20
C SER EA 168 -94.49 -59.37 37.58
N LYS EA 169 -95.67 -58.87 37.95
CA LYS EA 169 -96.22 -59.09 39.29
C LYS EA 169 -97.47 -59.95 39.32
N ASP EA 170 -98.28 -59.95 38.25
CA ASP EA 170 -99.43 -60.86 38.17
C ASP EA 170 -99.58 -61.53 36.82
N SER EA 171 -98.68 -61.28 35.86
CA SER EA 171 -98.63 -61.98 34.58
C SER EA 171 -99.85 -61.73 33.72
N THR EA 172 -100.57 -60.63 33.94
CA THR EA 172 -101.76 -60.30 33.17
C THR EA 172 -101.42 -59.24 32.12
N TYR EA 173 -101.98 -59.39 30.93
CA TYR EA 173 -101.77 -58.44 29.84
C TYR EA 173 -102.80 -57.32 29.94
N SER EA 174 -102.55 -56.24 29.21
CA SER EA 174 -103.47 -55.11 29.14
C SER EA 174 -103.60 -54.64 27.70
N LEU EA 175 -104.83 -54.38 27.28
CA LEU EA 175 -105.12 -53.95 25.92
C LEU EA 175 -105.96 -52.69 25.95
N SER EA 176 -105.72 -51.81 24.98
CA SER EA 176 -106.49 -50.58 24.84
C SER EA 176 -106.87 -50.42 23.38
N SER EA 177 -108.14 -50.13 23.12
CA SER EA 177 -108.64 -49.90 21.78
C SER EA 177 -109.07 -48.44 21.67
N THR EA 178 -108.49 -47.72 20.71
CA THR EA 178 -108.71 -46.28 20.57
C THR EA 178 -109.44 -46.03 19.25
N LEU EA 179 -110.75 -45.81 19.33
CA LEU EA 179 -111.55 -45.44 18.17
C LEU EA 179 -111.39 -43.94 17.93
N THR EA 180 -110.93 -43.57 16.74
CA THR EA 180 -110.66 -42.19 16.39
C THR EA 180 -111.63 -41.72 15.31
N LEU EA 181 -112.30 -40.59 15.58
CA LEU EA 181 -113.19 -39.97 14.60
C LEU EA 181 -113.00 -38.46 14.68
N SER EA 182 -113.49 -37.76 13.67
CA SER EA 182 -113.54 -36.32 13.72
C SER EA 182 -114.66 -35.87 14.65
N LYS EA 183 -114.59 -34.61 15.07
CA LYS EA 183 -115.63 -34.06 15.93
C LYS EA 183 -116.98 -34.06 15.22
N ALA EA 184 -117.01 -33.61 13.97
CA ALA EA 184 -118.26 -33.57 13.22
C ALA EA 184 -118.84 -34.97 13.03
N ASP EA 185 -117.99 -35.98 12.88
CA ASP EA 185 -118.44 -37.35 12.75
C ASP EA 185 -118.72 -38.02 14.09
N TYR EA 186 -118.22 -37.45 15.19
CA TYR EA 186 -118.46 -37.99 16.52
C TYR EA 186 -119.77 -37.47 17.10
N GLU EA 187 -120.08 -36.19 16.88
CA GLU EA 187 -121.30 -35.59 17.39
C GLU EA 187 -122.53 -35.98 16.57
N LYS EA 188 -122.38 -36.81 15.53
CA LYS EA 188 -123.51 -37.27 14.74
C LYS EA 188 -124.24 -38.44 15.38
N HIS EA 189 -123.61 -39.13 16.33
CA HIS EA 189 -124.18 -40.33 16.96
C HIS EA 189 -124.31 -40.11 18.46
N LYS EA 190 -124.87 -41.12 19.14
CA LYS EA 190 -125.11 -41.04 20.57
C LYS EA 190 -124.45 -42.18 21.34
N VAL EA 191 -124.71 -43.42 20.96
CA VAL EA 191 -124.25 -44.58 21.72
C VAL EA 191 -122.89 -45.02 21.18
N TYR EA 192 -121.91 -45.13 22.07
CA TYR EA 192 -120.57 -45.61 21.75
C TYR EA 192 -120.28 -46.80 22.64
N ALA EA 193 -120.05 -47.96 22.03
CA ALA EA 193 -119.87 -49.20 22.77
C ALA EA 193 -118.71 -49.99 22.20
N CYS EA 194 -117.97 -50.66 23.08
CA CYS EA 194 -116.95 -51.62 22.69
C CYS EA 194 -117.32 -52.99 23.25
N GLU EA 195 -117.35 -53.99 22.37
CA GLU EA 195 -117.72 -55.35 22.74
C GLU EA 195 -116.45 -56.18 22.93
N VAL EA 196 -116.32 -56.80 24.10
CA VAL EA 196 -115.10 -57.49 24.50
C VAL EA 196 -115.41 -58.98 24.62
N THR EA 197 -114.82 -59.78 23.74
CA THR EA 197 -114.90 -61.23 23.81
C THR EA 197 -113.56 -61.78 24.27
N HIS EA 198 -113.58 -62.58 25.32
CA HIS EA 198 -112.37 -63.15 25.89
C HIS EA 198 -112.66 -64.55 26.40
N GLN EA 199 -111.62 -65.39 26.43
CA GLN EA 199 -111.77 -66.74 26.95
C GLN EA 199 -112.20 -66.73 28.41
N GLY EA 200 -111.73 -65.75 29.19
CA GLY EA 200 -112.14 -65.62 30.58
C GLY EA 200 -113.56 -65.13 30.78
N LEU EA 201 -114.25 -64.76 29.71
CA LEU EA 201 -115.65 -64.35 29.77
C LEU EA 201 -116.53 -65.44 29.17
N SER EA 202 -117.65 -65.72 29.84
CA SER EA 202 -118.61 -66.67 29.30
C SER EA 202 -119.19 -66.17 27.99
N SER EA 203 -119.71 -64.95 27.98
CA SER EA 203 -120.21 -64.29 26.78
C SER EA 203 -119.64 -62.88 26.72
N PRO EA 204 -119.47 -62.35 25.50
CA PRO EA 204 -118.90 -61.00 25.36
C PRO EA 204 -119.58 -59.97 26.25
N VAL EA 205 -118.77 -59.10 26.84
CA VAL EA 205 -119.25 -58.00 27.67
C VAL EA 205 -119.12 -56.71 26.88
N THR EA 206 -119.99 -55.74 27.18
CA THR EA 206 -120.05 -54.48 26.44
C THR EA 206 -120.13 -53.33 27.42
N LYS EA 207 -119.20 -52.39 27.31
CA LYS EA 207 -119.23 -51.14 28.07
C LYS EA 207 -119.51 -49.99 27.11
N SER EA 208 -120.35 -49.05 27.55
CA SER EA 208 -120.84 -48.02 26.65
C SER EA 208 -121.10 -46.74 27.41
N PHE EA 209 -121.30 -45.66 26.65
CA PHE EA 209 -121.73 -44.37 27.18
C PHE EA 209 -122.57 -43.68 26.13
N ASN EA 210 -123.21 -42.59 26.53
CA ASN EA 210 -124.01 -41.76 25.64
C ASN EA 210 -123.36 -40.39 25.52
N ARG EA 211 -123.14 -39.94 24.30
CA ARG EA 211 -122.39 -38.71 24.05
C ARG EA 211 -123.12 -37.50 24.64
N GLY EA 212 -122.38 -36.67 25.36
CA GLY EA 212 -122.92 -35.45 25.93
C GLY EA 212 -123.85 -35.63 27.11
N GLU EA 213 -124.13 -36.86 27.51
CA GLU EA 213 -125.03 -37.13 28.63
C GLU EA 213 -124.20 -37.59 29.83
N CYS EA 214 -124.41 -36.93 30.96
CA CYS EA 214 -123.70 -37.28 32.19
C CYS EA 214 -124.21 -38.60 32.76
N VAL FA 2 -73.27 -45.95 41.56
CA VAL FA 2 -72.51 -46.31 40.36
C VAL FA 2 -73.47 -46.21 39.18
N GLN FA 3 -73.73 -45.00 38.72
CA GLN FA 3 -74.74 -44.74 37.71
C GLN FA 3 -74.09 -44.41 36.36
N ILE FA 4 -74.82 -44.73 35.29
CA ILE FA 4 -74.36 -44.50 33.91
C ILE FA 4 -75.49 -43.80 33.18
N GLN FA 5 -75.41 -42.47 33.08
CA GLN FA 5 -76.43 -41.67 32.43
C GLN FA 5 -76.02 -41.37 31.00
N GLN FA 6 -76.95 -41.55 30.06
CA GLN FA 6 -76.70 -41.33 28.65
C GLN FA 6 -77.37 -40.03 28.19
N SER FA 7 -77.09 -39.67 26.95
CA SER FA 7 -77.66 -38.46 26.36
C SER FA 7 -79.16 -38.63 26.12
N GLY FA 8 -79.84 -37.49 25.92
CA GLY FA 8 -81.26 -37.50 25.69
C GLY FA 8 -81.63 -37.99 24.30
N ALA FA 9 -82.93 -38.10 24.08
CA ALA FA 9 -83.45 -38.56 22.79
C ALA FA 9 -83.10 -37.56 21.69
N GLU FA 10 -82.88 -38.08 20.49
CA GLU FA 10 -82.41 -37.26 19.36
C GLU FA 10 -83.25 -37.56 18.13
N LEU FA 11 -83.61 -36.49 17.41
CA LEU FA 11 -84.20 -36.58 16.08
C LEU FA 11 -83.23 -35.92 15.10
N MET FA 12 -82.85 -36.65 14.06
CA MET FA 12 -81.82 -36.19 13.14
C MET FA 12 -82.23 -36.53 11.71
N ARG FA 13 -81.79 -35.67 10.76
CA ARG FA 13 -82.09 -35.78 9.34
C ARG FA 13 -81.09 -36.71 8.64
N PRO FA 14 -81.53 -37.39 7.59
CA PRO FA 14 -80.62 -38.30 6.87
C PRO FA 14 -79.41 -37.54 6.31
N GLY FA 15 -78.23 -38.10 6.54
CA GLY FA 15 -76.98 -37.55 6.08
C GLY FA 15 -76.21 -36.78 7.15
N ALA FA 16 -76.89 -36.27 8.16
CA ALA FA 16 -76.25 -35.50 9.21
C ALA FA 16 -75.47 -36.44 10.13
N SER FA 17 -75.04 -35.92 11.28
CA SER FA 17 -74.30 -36.72 12.25
C SER FA 17 -74.70 -36.28 13.65
N VAL FA 18 -74.79 -37.25 14.56
CA VAL FA 18 -75.19 -37.01 15.94
C VAL FA 18 -74.08 -37.51 16.86
N LYS FA 19 -74.04 -36.94 18.07
CA LYS FA 19 -73.06 -37.30 19.08
C LYS FA 19 -73.80 -37.69 20.36
N LEU FA 20 -73.78 -38.99 20.68
CA LEU FA 20 -74.41 -39.50 21.89
C LEU FA 20 -73.38 -39.60 23.01
N SER FA 21 -73.77 -39.14 24.20
CA SER FA 21 -72.88 -39.06 25.35
C SER FA 21 -73.15 -40.21 26.32
N CYS FA 22 -72.25 -40.34 27.32
CA CYS FA 22 -72.28 -41.45 28.28
C CYS FA 22 -71.52 -40.99 29.53
N LYS FA 23 -72.20 -40.20 30.35
CA LYS FA 23 -71.64 -39.69 31.60
C LYS FA 23 -71.61 -40.82 32.63
N ALA FA 24 -70.41 -41.29 32.96
CA ALA FA 24 -70.21 -42.43 33.86
C ALA FA 24 -69.60 -41.93 35.16
N THR FA 25 -70.44 -41.74 36.18
CA THR FA 25 -70.00 -41.29 37.49
C THR FA 25 -70.19 -42.39 38.53
N GLY FA 26 -69.69 -42.13 39.73
CA GLY FA 26 -69.83 -43.06 40.83
C GLY FA 26 -68.69 -44.04 41.01
N TYR FA 27 -67.59 -43.86 40.29
CA TYR FA 27 -66.43 -44.73 40.42
C TYR FA 27 -65.24 -44.03 39.78
N THR FA 28 -64.13 -44.73 39.66
CA THR FA 28 -62.93 -44.20 39.02
C THR FA 28 -63.07 -44.35 37.51
N PHE FA 29 -63.20 -43.23 36.81
CA PHE FA 29 -63.57 -43.26 35.39
C PHE FA 29 -62.53 -43.98 34.55
N THR FA 30 -61.27 -43.56 34.66
CA THR FA 30 -60.23 -44.11 33.80
C THR FA 30 -59.85 -45.51 34.22
N GLY FA 31 -59.55 -46.36 33.24
CA GLY FA 31 -59.18 -47.73 33.50
C GLY FA 31 -60.18 -48.73 32.95
N TYR FA 32 -61.47 -48.40 33.08
CA TYR FA 32 -62.53 -49.27 32.60
C TYR FA 32 -62.82 -49.02 31.12
N TRP FA 33 -63.03 -50.10 30.38
CA TRP FA 33 -63.64 -49.98 29.07
C TRP FA 33 -65.11 -49.63 29.19
N ILE FA 34 -65.64 -48.95 28.18
CA ILE FA 34 -67.08 -48.74 28.05
C ILE FA 34 -67.48 -49.22 26.67
N GLU FA 35 -68.66 -49.81 26.58
CA GLU FA 35 -69.12 -50.46 25.36
C GLU FA 35 -70.34 -49.73 24.80
N TRP FA 36 -70.52 -49.85 23.49
CA TRP FA 36 -71.67 -49.28 22.80
C TRP FA 36 -72.41 -50.39 22.07
N VAL FA 37 -73.71 -50.48 22.30
CA VAL FA 37 -74.53 -51.57 21.76
C VAL FA 37 -75.74 -50.96 21.07
N LYS FA 38 -76.05 -51.47 19.88
CA LYS FA 38 -77.21 -51.04 19.10
C LYS FA 38 -78.33 -52.07 19.22
N GLN FA 39 -79.55 -51.58 19.37
CA GLN FA 39 -80.72 -52.46 19.49
C GLN FA 39 -81.85 -51.88 18.64
N ARG FA 40 -82.05 -52.44 17.46
CA ARG FA 40 -83.25 -52.12 16.69
C ARG FA 40 -84.46 -52.70 17.43
N PRO FA 41 -85.60 -51.99 17.43
CA PRO FA 41 -86.76 -52.42 18.24
C PRO FA 41 -87.13 -53.88 18.05
N GLY FA 42 -86.97 -54.67 19.12
CA GLY FA 42 -87.28 -56.08 19.06
C GLY FA 42 -86.40 -56.90 18.15
N HIS FA 43 -85.19 -56.42 17.85
CA HIS FA 43 -84.30 -57.08 16.90
C HIS FA 43 -82.96 -57.49 17.53
N GLY FA 44 -82.92 -57.65 18.84
CA GLY FA 44 -81.72 -58.15 19.50
C GLY FA 44 -80.74 -57.07 19.88
N LEU FA 45 -79.53 -57.52 20.23
CA LEU FA 45 -78.45 -56.65 20.66
C LEU FA 45 -77.25 -56.82 19.72
N GLU FA 46 -76.83 -55.72 19.12
CA GLU FA 46 -75.63 -55.69 18.28
C GLU FA 46 -74.56 -54.85 18.96
N TRP FA 47 -73.31 -55.30 18.85
CA TRP FA 47 -72.18 -54.66 19.52
C TRP FA 47 -71.41 -53.80 18.55
N ILE FA 48 -71.19 -52.54 18.93
CA ILE FA 48 -70.53 -51.56 18.07
C ILE FA 48 -69.03 -51.47 18.36
N GLY FA 49 -68.66 -51.30 19.62
CA GLY FA 49 -67.26 -51.20 19.96
C GLY FA 49 -67.06 -50.73 21.38
N GLU FA 50 -65.80 -50.44 21.69
CA GLU FA 50 -65.38 -50.10 23.04
C GLU FA 50 -64.28 -49.05 22.97
N ILE FA 51 -64.24 -48.19 23.99
CA ILE FA 51 -63.17 -47.20 24.14
C ILE FA 51 -62.66 -47.26 25.57
N LEU FA 52 -61.34 -47.37 25.71
CA LEU FA 52 -60.71 -47.41 27.03
C LEU FA 52 -60.77 -46.02 27.65
N SER FA 53 -61.56 -45.87 28.72
CA SER FA 53 -61.74 -44.57 29.34
C SER FA 53 -60.42 -44.05 29.88
N GLY FA 54 -60.06 -42.83 29.47
CA GLY FA 54 -58.82 -42.21 29.89
C GLY FA 54 -57.58 -42.70 29.18
N ARG FA 55 -57.72 -43.49 28.11
CA ARG FA 55 -56.57 -43.97 27.36
C ARG FA 55 -56.76 -44.00 25.86
N GLY FA 56 -57.95 -43.73 25.33
CA GLY FA 56 -58.16 -43.60 23.91
C GLY FA 56 -58.14 -44.89 23.11
N THR FA 57 -57.72 -46.01 23.69
CA THR FA 57 -57.69 -47.26 22.94
C THR FA 57 -59.11 -47.68 22.57
N THR FA 58 -59.30 -48.02 21.30
CA THR FA 58 -60.62 -48.33 20.77
C THR FA 58 -60.56 -49.61 19.95
N ASN FA 59 -61.62 -50.42 20.07
CA ASN FA 59 -61.79 -51.64 19.29
C ASN FA 59 -63.17 -51.58 18.64
N TYR FA 60 -63.21 -51.49 17.32
CA TYR FA 60 -64.45 -51.28 16.59
C TYR FA 60 -64.98 -52.57 15.98
N ASN FA 61 -66.30 -52.65 15.86
CA ASN FA 61 -66.92 -53.67 15.04
C ASN FA 61 -66.66 -53.37 13.58
N GLU FA 62 -66.28 -54.40 12.82
CA GLU FA 62 -66.02 -54.24 11.39
C GLU FA 62 -67.21 -53.65 10.66
N LYS FA 63 -68.43 -53.93 11.14
CA LYS FA 63 -69.63 -53.42 10.49
C LYS FA 63 -69.83 -51.93 10.73
N PHE FA 64 -69.32 -51.40 11.85
CA PHE FA 64 -69.53 -50.01 12.24
C PHE FA 64 -68.28 -49.16 12.07
N LYS FA 65 -67.42 -49.51 11.11
CA LYS FA 65 -66.14 -48.83 10.95
C LYS FA 65 -66.34 -47.35 10.59
N GLY FA 66 -66.98 -47.10 9.46
CA GLY FA 66 -67.21 -45.73 9.02
C GLY FA 66 -68.40 -45.04 9.63
N LYS FA 67 -69.14 -45.71 10.52
CA LYS FA 67 -70.37 -45.17 11.08
C LYS FA 67 -70.17 -44.54 12.45
N ALA FA 68 -69.58 -45.28 13.39
CA ALA FA 68 -69.41 -44.80 14.75
C ALA FA 68 -67.98 -44.35 14.98
N THR FA 69 -67.83 -43.33 15.85
CA THR FA 69 -66.53 -42.81 16.23
C THR FA 69 -66.53 -42.57 17.73
N PHE FA 70 -65.64 -43.25 18.44
CA PHE FA 70 -65.60 -43.18 19.90
C PHE FA 70 -64.59 -42.14 20.35
N THR FA 71 -65.01 -41.28 21.27
CA THR FA 71 -64.12 -40.40 22.02
C THR FA 71 -64.47 -40.51 23.50
N ALA FA 72 -63.55 -40.06 24.35
CA ALA FA 72 -63.76 -40.16 25.79
C ALA FA 72 -62.97 -39.05 26.47
N ASP FA 73 -63.68 -38.01 26.91
CA ASP FA 73 -63.07 -36.99 27.75
C ASP FA 73 -62.94 -37.50 29.18
N THR FA 74 -61.93 -36.98 29.89
CA THR FA 74 -61.63 -37.44 31.24
C THR FA 74 -61.91 -36.41 32.33
N TYR FA 75 -61.74 -35.12 32.04
CA TYR FA 75 -62.14 -34.10 33.01
C TYR FA 75 -63.61 -34.24 33.37
N SER FA 76 -64.48 -34.29 32.36
CA SER FA 76 -65.81 -34.81 32.54
C SER FA 76 -65.77 -36.31 32.37
N ASN FA 77 -66.52 -37.02 33.20
CA ASN FA 77 -66.52 -38.49 33.12
C ASN FA 77 -67.44 -39.01 32.03
N THR FA 78 -67.39 -38.41 30.84
CA THR FA 78 -68.30 -38.72 29.74
C THR FA 78 -67.55 -39.42 28.62
N ALA FA 79 -68.19 -40.42 28.02
CA ALA FA 79 -67.73 -41.05 26.80
C ALA FA 79 -68.73 -40.75 25.68
N TYR FA 80 -68.23 -40.72 24.45
CA TYR FA 80 -69.03 -40.30 23.31
C TYR FA 80 -68.90 -41.29 22.16
N MET FA 81 -70.02 -41.52 21.47
CA MET FA 81 -70.03 -42.23 20.20
C MET FA 81 -70.74 -41.34 19.19
N GLN FA 82 -70.07 -41.06 18.08
CA GLN FA 82 -70.60 -40.18 17.04
C GLN FA 82 -71.02 -41.03 15.85
N LEU FA 83 -72.31 -41.05 15.57
CA LEU FA 83 -72.85 -41.69 14.38
C LEU FA 83 -72.91 -40.66 13.26
N SER FA 84 -72.24 -40.95 12.15
CA SER FA 84 -72.13 -40.02 11.03
C SER FA 84 -72.88 -40.54 9.81
N SER FA 85 -73.17 -39.63 8.89
CA SER FA 85 -73.88 -39.93 7.64
C SER FA 85 -75.12 -40.77 7.93
N LEU FA 86 -76.02 -40.20 8.74
CA LEU FA 86 -77.11 -40.95 9.32
C LEU FA 86 -78.03 -41.50 8.24
N THR FA 87 -78.34 -42.79 8.36
CA THR FA 87 -79.34 -43.48 7.55
C THR FA 87 -80.47 -43.94 8.45
N THR FA 88 -81.58 -44.33 7.83
CA THR FA 88 -82.71 -44.84 8.59
C THR FA 88 -82.44 -46.20 9.21
N GLY FA 89 -81.34 -46.86 8.83
CA GLY FA 89 -80.92 -48.08 9.49
C GLY FA 89 -80.20 -47.88 10.80
N ASP FA 90 -79.91 -46.63 11.15
CA ASP FA 90 -79.33 -46.27 12.44
C ASP FA 90 -80.37 -45.85 13.46
N SER FA 91 -81.64 -45.72 13.04
CA SER FA 91 -82.72 -45.43 13.97
C SER FA 91 -82.92 -46.62 14.88
N ALA FA 92 -82.54 -46.49 16.15
CA ALA FA 92 -82.61 -47.59 17.11
C ALA FA 92 -82.36 -47.02 18.50
N ILE FA 93 -82.18 -47.93 19.47
CA ILE FA 93 -81.80 -47.57 20.83
C ILE FA 93 -80.33 -47.95 21.01
N TYR FA 94 -79.54 -47.01 21.52
CA TYR FA 94 -78.11 -47.21 21.70
C TYR FA 94 -77.78 -47.22 23.18
N TYR FA 95 -77.09 -48.27 23.61
CA TYR FA 95 -76.70 -48.45 25.01
C TYR FA 95 -75.21 -48.24 25.16
N CYS FA 96 -74.82 -47.49 26.19
CA CYS FA 96 -73.45 -47.48 26.68
C CYS FA 96 -73.43 -48.18 28.04
N ALA FA 97 -72.33 -48.88 28.31
CA ALA FA 97 -72.26 -49.69 29.52
C ALA FA 97 -70.82 -49.84 29.98
N ARG FA 98 -70.64 -49.85 31.30
CA ARG FA 98 -69.33 -50.08 31.89
C ARG FA 98 -68.86 -51.50 31.59
N GLY FA 99 -67.62 -51.62 31.11
CA GLY FA 99 -67.04 -52.88 30.75
C GLY FA 99 -66.06 -53.41 31.79
N GLY FA 100 -65.15 -54.26 31.34
CA GLY FA 100 -64.16 -54.84 32.25
C GLY FA 100 -63.02 -53.88 32.49
N PHE FA 101 -62.62 -53.79 33.76
CA PHE FA 101 -61.49 -52.96 34.15
C PHE FA 101 -60.21 -53.48 33.50
N LEU FA 102 -59.58 -52.67 32.66
CA LEU FA 102 -58.33 -53.04 31.93
C LEU FA 102 -58.59 -54.14 30.92
N TYR FA 103 -59.40 -55.13 31.27
CA TYR FA 103 -59.65 -56.26 30.36
C TYR FA 103 -61.12 -56.22 29.91
N GLY FA 104 -61.35 -55.83 28.66
CA GLY FA 104 -62.73 -55.66 28.15
C GLY FA 104 -63.38 -56.95 27.70
N ASP FA 105 -62.75 -58.09 27.91
CA ASP FA 105 -63.42 -59.38 27.63
C ASP FA 105 -64.27 -59.69 28.86
N GLY FA 106 -64.29 -58.76 29.81
CA GLY FA 106 -65.10 -58.93 31.03
C GLY FA 106 -66.56 -58.65 30.78
N PRO FA 107 -67.39 -58.71 31.83
CA PRO FA 107 -68.82 -58.53 31.67
C PRO FA 107 -69.28 -57.07 31.68
N PHE FA 108 -70.28 -56.75 30.86
CA PHE FA 108 -70.86 -55.38 30.89
C PHE FA 108 -71.68 -55.33 32.17
N ASP FA 109 -71.08 -54.86 33.27
CA ASP FA 109 -71.72 -54.94 34.58
C ASP FA 109 -72.86 -53.95 34.71
N TYR FA 110 -72.57 -52.65 34.65
CA TYR FA 110 -73.58 -51.62 34.80
C TYR FA 110 -73.92 -51.04 33.43
N TRP FA 111 -75.21 -50.87 33.17
CA TRP FA 111 -75.69 -50.39 31.88
C TRP FA 111 -76.37 -49.04 32.05
N GLY FA 112 -76.48 -48.31 30.93
CA GLY FA 112 -77.21 -47.06 30.90
C GLY FA 112 -78.66 -47.24 30.48
N GLN FA 113 -79.41 -46.14 30.54
CA GLN FA 113 -80.82 -46.15 30.20
C GLN FA 113 -81.09 -46.17 28.70
N GLY FA 114 -80.05 -46.14 27.88
CA GLY FA 114 -80.21 -46.11 26.44
C GLY FA 114 -80.57 -44.72 25.94
N THR FA 115 -80.44 -44.56 24.62
CA THR FA 115 -80.76 -43.29 23.95
C THR FA 115 -81.47 -43.61 22.65
N THR FA 116 -82.66 -43.04 22.47
CA THR FA 116 -83.47 -43.29 21.29
C THR FA 116 -83.08 -42.31 20.18
N LEU FA 117 -82.71 -42.87 19.03
CA LEU FA 117 -82.34 -42.07 17.86
C LEU FA 117 -83.33 -42.35 16.75
N THR FA 118 -83.88 -41.31 16.15
CA THR FA 118 -84.79 -41.43 15.02
C THR FA 118 -84.22 -40.66 13.85
N VAL FA 119 -83.96 -41.35 12.74
CA VAL FA 119 -83.41 -40.71 11.55
C VAL FA 119 -84.50 -40.55 10.50
N SER FA 120 -85.14 -39.38 10.48
CA SER FA 120 -86.21 -39.10 9.52
C SER FA 120 -86.34 -37.60 9.34
N SER FA 121 -86.66 -37.19 8.10
CA SER FA 121 -86.86 -35.78 7.80
C SER FA 121 -88.19 -35.23 8.31
N ALA FA 122 -89.06 -36.08 8.85
CA ALA FA 122 -90.30 -35.62 9.44
C ALA FA 122 -90.01 -34.75 10.66
N SER FA 123 -90.58 -33.55 10.68
CA SER FA 123 -90.29 -32.58 11.72
C SER FA 123 -90.81 -33.06 13.07
N THR FA 124 -90.21 -32.52 14.13
CA THR FA 124 -90.64 -32.86 15.49
C THR FA 124 -91.99 -32.23 15.79
N LYS FA 125 -92.63 -32.74 16.84
CA LYS FA 125 -93.95 -32.26 17.24
C LYS FA 125 -94.20 -32.70 18.67
N GLY FA 126 -94.42 -31.75 19.57
CA GLY FA 126 -94.76 -32.04 20.94
C GLY FA 126 -96.18 -32.55 21.07
N PRO FA 127 -96.38 -33.54 21.94
CA PRO FA 127 -97.70 -34.17 22.05
C PRO FA 127 -98.71 -33.29 22.77
N SER FA 128 -99.98 -33.55 22.48
CA SER FA 128 -101.10 -32.95 23.20
C SER FA 128 -101.64 -33.97 24.18
N VAL FA 129 -101.60 -33.64 25.46
CA VAL FA 129 -102.05 -34.54 26.51
C VAL FA 129 -103.53 -34.29 26.77
N PHE FA 130 -104.28 -35.36 27.01
CA PHE FA 130 -105.72 -35.28 27.24
C PHE FA 130 -106.09 -36.18 28.41
N PRO FA 131 -107.10 -35.78 29.18
CA PRO FA 131 -107.49 -36.59 30.34
C PRO FA 131 -108.41 -37.74 29.98
N LEU FA 132 -108.21 -38.86 30.66
CA LEU FA 132 -109.11 -40.01 30.59
C LEU FA 132 -109.75 -40.12 31.97
N ALA FA 133 -110.92 -39.48 32.13
CA ALA FA 133 -111.52 -39.30 33.43
C ALA FA 133 -112.30 -40.53 33.88
N PRO FA 134 -112.41 -40.76 35.18
CA PRO FA 134 -113.27 -41.83 35.69
C PRO FA 134 -114.74 -41.47 35.54
N SER FA 135 -115.59 -42.48 35.64
CA SER FA 135 -117.03 -42.31 35.43
C SER FA 135 -117.80 -43.07 36.51
N SER FA 136 -119.11 -42.88 36.49
CA SER FA 136 -120.06 -43.53 37.42
C SER FA 136 -119.56 -43.54 38.86
N GLY FA 142 -115.17 -52.19 42.97
CA GLY FA 142 -114.75 -50.98 43.66
C GLY FA 142 -113.46 -50.39 43.09
N THR FA 143 -113.12 -50.79 41.88
CA THR FA 143 -111.92 -50.34 41.21
C THR FA 143 -112.28 -49.31 40.15
N ALA FA 144 -111.71 -48.11 40.27
CA ALA FA 144 -111.90 -47.05 39.29
C ALA FA 144 -110.63 -46.91 38.44
N ALA FA 145 -110.82 -46.52 37.19
CA ALA FA 145 -109.72 -46.40 36.24
C ALA FA 145 -109.76 -45.03 35.58
N LEU FA 146 -108.62 -44.34 35.59
CA LEU FA 146 -108.42 -43.10 34.86
C LEU FA 146 -107.11 -43.18 34.11
N GLY FA 147 -106.79 -42.14 33.34
CA GLY FA 147 -105.58 -42.18 32.56
C GLY FA 147 -105.25 -40.85 31.91
N CYS FA 148 -104.25 -40.89 31.03
CA CYS FA 148 -103.80 -39.73 30.29
C CYS FA 148 -103.58 -40.14 28.84
N LEU FA 149 -104.16 -39.38 27.91
CA LEU FA 149 -104.03 -39.66 26.49
C LEU FA 149 -102.96 -38.75 25.90
N VAL FA 150 -101.92 -39.36 25.33
CA VAL FA 150 -100.78 -38.65 24.75
C VAL FA 150 -100.84 -38.84 23.24
N LYS FA 151 -101.42 -37.87 22.54
CA LYS FA 151 -101.73 -38.01 21.12
C LYS FA 151 -100.84 -37.11 20.26
N ASP FA 152 -100.55 -37.58 19.05
CA ASP FA 152 -99.89 -36.79 18.01
C ASP FA 152 -98.54 -36.24 18.44
N TYR FA 153 -97.48 -37.04 18.27
CA TYR FA 153 -96.13 -36.57 18.52
C TYR FA 153 -95.16 -37.33 17.64
N PHE FA 154 -93.96 -36.75 17.48
CA PHE FA 154 -92.89 -37.35 16.69
C PHE FA 154 -91.59 -36.72 17.10
N PRO FA 155 -90.51 -37.51 17.30
CA PRO FA 155 -90.56 -38.97 17.19
C PRO FA 155 -90.64 -39.64 18.56
N GLU FA 156 -90.32 -40.94 18.60
CA GLU FA 156 -90.26 -41.64 19.86
C GLU FA 156 -89.07 -41.14 20.68
N PRO FA 157 -89.12 -41.26 22.02
CA PRO FA 157 -90.22 -41.80 22.83
C PRO FA 157 -90.97 -40.73 23.62
N VAL FA 158 -91.79 -41.18 24.57
CA VAL FA 158 -92.49 -40.32 25.51
C VAL FA 158 -92.59 -41.06 26.83
N THR FA 159 -92.16 -40.41 27.91
CA THR FA 159 -92.13 -41.00 29.24
C THR FA 159 -93.24 -40.39 30.08
N VAL FA 160 -94.23 -41.19 30.44
CA VAL FA 160 -95.37 -40.76 31.23
C VAL FA 160 -95.22 -41.29 32.65
N SER FA 161 -95.34 -40.40 33.63
CA SER FA 161 -95.30 -40.76 35.04
C SER FA 161 -96.54 -40.20 35.71
N TRP FA 162 -96.86 -40.73 36.89
CA TRP FA 162 -98.06 -40.35 37.62
C TRP FA 162 -97.65 -39.83 39.00
N ASN FA 163 -98.09 -38.61 39.31
CA ASN FA 163 -97.79 -37.95 40.59
C ASN FA 163 -96.28 -37.81 40.80
N SER FA 164 -95.57 -37.49 39.72
CA SER FA 164 -94.12 -37.28 39.73
C SER FA 164 -93.34 -38.50 40.21
N GLY FA 165 -93.94 -39.69 40.15
CA GLY FA 165 -93.28 -40.92 40.55
C GLY FA 165 -93.84 -41.57 41.80
N ALA FA 166 -94.70 -40.87 42.54
CA ALA FA 166 -95.25 -41.44 43.77
C ALA FA 166 -96.21 -42.58 43.47
N LEU FA 167 -96.98 -42.47 42.39
CA LEU FA 167 -97.97 -43.48 42.01
C LEU FA 167 -97.36 -44.40 40.97
N THR FA 168 -97.09 -45.64 41.36
CA THR FA 168 -96.59 -46.66 40.44
C THR FA 168 -97.42 -47.95 40.43
N SER FA 169 -98.17 -48.24 41.49
CA SER FA 169 -98.96 -49.46 41.53
C SER FA 169 -100.19 -49.32 40.65
N GLY FA 170 -100.38 -50.28 39.75
CA GLY FA 170 -101.52 -50.28 38.86
C GLY FA 170 -101.36 -49.43 37.62
N VAL FA 171 -100.17 -48.89 37.37
CA VAL FA 171 -99.95 -48.04 36.20
C VAL FA 171 -99.68 -48.90 34.98
N HIS FA 172 -100.35 -48.59 33.87
CA HIS FA 172 -100.17 -49.29 32.61
C HIS FA 172 -100.00 -48.27 31.50
N THR FA 173 -98.78 -48.16 30.98
CA THR FA 173 -98.48 -47.28 29.86
C THR FA 173 -98.31 -48.14 28.61
N PHE FA 174 -99.26 -48.04 27.69
CA PHE FA 174 -99.27 -48.88 26.51
C PHE FA 174 -98.20 -48.41 25.52
N PRO FA 175 -97.64 -49.33 24.73
CA PRO FA 175 -96.70 -48.93 23.67
C PRO FA 175 -97.37 -48.00 22.66
N ALA FA 176 -96.59 -47.08 22.12
CA ALA FA 176 -97.12 -46.13 21.16
C ALA FA 176 -97.41 -46.81 19.82
N VAL FA 177 -98.39 -46.25 19.09
CA VAL FA 177 -98.80 -46.76 17.79
C VAL FA 177 -98.60 -45.66 16.76
N LEU FA 178 -98.21 -46.05 15.55
CA LEU FA 178 -97.95 -45.12 14.46
C LEU FA 178 -99.25 -44.85 13.71
N GLN FA 179 -99.80 -43.65 13.86
CA GLN FA 179 -101.04 -43.31 13.20
C GLN FA 179 -100.82 -43.11 11.70
N SER FA 180 -101.93 -43.01 10.96
CA SER FA 180 -101.86 -42.77 9.53
C SER FA 180 -101.31 -41.39 9.21
N SER FA 181 -101.39 -40.44 10.15
CA SER FA 181 -100.85 -39.11 9.96
C SER FA 181 -99.33 -39.06 10.06
N GLY FA 182 -98.69 -40.18 10.39
CA GLY FA 182 -97.24 -40.21 10.57
C GLY FA 182 -96.79 -39.90 11.98
N LEU FA 183 -97.69 -39.53 12.88
CA LEU FA 183 -97.34 -39.23 14.26
C LEU FA 183 -97.70 -40.41 15.16
N TYR FA 184 -97.11 -40.42 16.34
CA TYR FA 184 -97.31 -41.48 17.32
C TYR FA 184 -98.33 -41.09 18.37
N SER FA 185 -99.09 -42.07 18.82
CA SER FA 185 -100.10 -41.88 19.86
C SER FA 185 -99.91 -42.93 20.94
N LEU FA 186 -100.07 -42.51 22.20
CA LEU FA 186 -99.82 -43.37 23.34
C LEU FA 186 -100.84 -43.07 24.43
N SER FA 187 -101.13 -44.07 25.26
CA SER FA 187 -102.08 -43.94 26.35
C SER FA 187 -101.51 -44.59 27.60
N SER FA 188 -101.78 -43.97 28.75
CA SER FA 188 -101.33 -44.48 30.05
C SER FA 188 -102.51 -44.45 31.01
N VAL FA 189 -102.84 -45.61 31.57
CA VAL FA 189 -103.97 -45.74 32.48
C VAL FA 189 -103.46 -46.28 33.82
N VAL FA 190 -104.31 -46.16 34.84
CA VAL FA 190 -103.97 -46.65 36.17
C VAL FA 190 -105.27 -46.90 36.94
N THR FA 191 -105.30 -48.00 37.69
CA THR FA 191 -106.46 -48.40 38.47
C THR FA 191 -106.28 -48.01 39.94
N VAL FA 192 -107.34 -47.48 40.54
CA VAL FA 192 -107.33 -46.94 41.89
C VAL FA 192 -108.67 -47.22 42.55
N PRO FA 193 -108.72 -47.16 43.89
CA PRO FA 193 -109.99 -47.40 44.59
C PRO FA 193 -111.02 -46.33 44.28
N SER FA 194 -112.26 -46.77 44.13
CA SER FA 194 -113.35 -45.88 43.74
C SER FA 194 -113.71 -44.86 44.82
N SER FA 195 -113.10 -44.95 46.01
CA SER FA 195 -113.36 -44.02 47.08
C SER FA 195 -112.26 -42.96 47.21
N SER FA 196 -111.31 -42.93 46.28
CA SER FA 196 -110.20 -41.99 46.34
C SER FA 196 -110.35 -40.83 45.36
N LEU FA 197 -111.38 -40.84 44.51
CA LEU FA 197 -111.52 -39.80 43.50
C LEU FA 197 -111.94 -38.46 44.09
N GLY FA 198 -112.45 -38.45 45.31
CA GLY FA 198 -112.88 -37.21 45.94
C GLY FA 198 -111.95 -36.74 47.04
N THR FA 199 -110.91 -37.53 47.33
CA THR FA 199 -109.95 -37.21 48.37
C THR FA 199 -108.50 -37.18 47.91
N GLN FA 200 -108.16 -37.87 46.82
CA GLN FA 200 -106.80 -37.93 46.33
C GLN FA 200 -106.71 -37.28 44.96
N THR FA 201 -105.61 -36.57 44.72
CA THR FA 201 -105.41 -35.77 43.51
C THR FA 201 -104.44 -36.48 42.59
N TYR FA 202 -104.80 -36.57 41.30
CA TYR FA 202 -104.09 -37.39 40.34
C TYR FA 202 -103.58 -36.51 39.20
N ILE FA 203 -102.27 -36.56 38.95
CA ILE FA 203 -101.64 -35.83 37.86
C ILE FA 203 -100.71 -36.77 37.11
N CYS FA 204 -100.69 -36.66 35.78
CA CYS FA 204 -99.76 -37.39 34.94
C CYS FA 204 -98.71 -36.43 34.40
N ASN FA 205 -97.47 -36.93 34.30
CA ASN FA 205 -96.33 -36.11 33.89
C ASN FA 205 -95.80 -36.65 32.58
N VAL FA 206 -96.02 -35.90 31.50
CA VAL FA 206 -95.62 -36.29 30.16
C VAL FA 206 -94.41 -35.46 29.74
N ASN FA 207 -93.42 -36.11 29.14
CA ASN FA 207 -92.19 -35.45 28.73
C ASN FA 207 -91.77 -35.95 27.36
N HIS FA 208 -91.47 -35.02 26.45
CA HIS FA 208 -91.03 -35.32 25.10
C HIS FA 208 -89.76 -34.50 24.84
N LYS FA 209 -88.60 -35.15 24.91
CA LYS FA 209 -87.34 -34.42 24.85
C LYS FA 209 -87.06 -33.81 23.48
N PRO FA 210 -87.20 -34.54 22.35
CA PRO FA 210 -86.85 -33.95 21.05
C PRO FA 210 -87.64 -32.69 20.69
N SER FA 211 -88.65 -32.33 21.48
CA SER FA 211 -89.35 -31.06 21.30
C SER FA 211 -89.40 -30.25 22.60
N ASN FA 212 -88.73 -30.72 23.66
CA ASN FA 212 -88.67 -30.04 24.95
C ASN FA 212 -90.07 -29.76 25.49
N THR FA 213 -90.94 -30.76 25.41
CA THR FA 213 -92.33 -30.64 25.86
C THR FA 213 -92.48 -31.35 27.19
N LYS FA 214 -92.70 -30.58 28.25
CA LYS FA 214 -92.97 -31.12 29.59
C LYS FA 214 -94.33 -30.58 30.03
N VAL FA 215 -95.30 -31.48 30.16
CA VAL FA 215 -96.69 -31.10 30.44
C VAL FA 215 -97.19 -31.95 31.60
N ASP FA 216 -97.73 -31.27 32.62
CA ASP FA 216 -98.39 -31.94 33.74
C ASP FA 216 -99.88 -31.71 33.63
N LYS FA 217 -100.66 -32.80 33.60
CA LYS FA 217 -102.10 -32.74 33.38
C LYS FA 217 -102.83 -33.38 34.55
N ARG FA 218 -103.81 -32.66 35.08
CA ARG FA 218 -104.62 -33.14 36.20
C ARG FA 218 -105.88 -33.82 35.67
N VAL FA 219 -106.17 -35.00 36.21
CA VAL FA 219 -107.34 -35.78 35.83
C VAL FA 219 -108.30 -35.81 37.01
N GLU FA 220 -109.60 -35.69 36.72
CA GLU FA 220 -110.63 -35.68 37.75
C GLU FA 220 -111.96 -36.02 37.09
N PRO FA 221 -112.90 -36.62 37.84
CA PRO FA 221 -114.22 -36.96 37.30
C PRO FA 221 -115.04 -35.73 36.90
#